data_6RUV
#
_entry.id   6RUV
#
_cell.length_a   123.990
_cell.length_b   354.030
_cell.length_c   367.840
_cell.angle_alpha   90.00
_cell.angle_beta   90.00
_cell.angle_gamma   90.00
#
_symmetry.space_group_name_H-M   'P 21 21 21'
#
loop_
_entity.id
_entity.type
_entity.pdbx_description
1 polymer 'Nanobody hFPNb1'
2 polymer Properdin
3 polymer Properdin
4 polymer 'Complement C3'
5 polymer 'Complement C3'
6 polymer 'Complement factor B'
7 polymer Inhibitor
8 branched beta-D-glucopyranose-(1-3)-alpha-L-fucopyranose
9 branched 2-acetamido-2-deoxy-beta-D-glucopyranose-(1-4)-[alpha-L-fucopyranose-(1-6)]2-acetamido-2-deoxy-beta-D-glucopyranose
10 branched 2-acetamido-2-deoxy-beta-D-glucopyranose-(1-4)-2-acetamido-2-deoxy-beta-D-glucopyranose
11 non-polymer alpha-D-mannopyranose
12 non-polymer 'MAGNESIUM ION'
#
loop_
_entity_poly.entity_id
_entity_poly.type
_entity_poly.pdbx_seq_one_letter_code
_entity_poly.pdbx_strand_id
1 'polypeptide(L)'
;MQVQLVESGGGLVQAGGSLRLSCAASERTFTIYAMGWFRQAPGKEREFVAAISRSGENTDYADSVKGRFTISRDNNKNTI
SLQMNSLKPEDTAVYYCAAGRAILVHTTKKEYDHWGQGTQVTVSSHHHHHH
;
R,S
2 'polypeptide(L)'
;DPVLCFTQYEESSGKCKGLLGGGVSVEDCCLNTAFAYQKRSGGLCQPCRSPRWSLWSTWAPCSVTCSEGSQLRYRRCVGW
NGQCSGKVAPGTLEWQLQACEDQQCCPEMGGWSGWGPWEPCSVTCSKGTRTRRRACNHPAPKCGGHCPGQAQESEACDTQ
QVCPENLYFQ
;
U,X
3 'polypeptide(L)'
;GVAGGWGPWGPVSPCPVTCGLGQTMEQRTCNHPVPQHGGPFCAGDATRTHICNTAVPCPVDGEWDSWGEWSPCIRRNMKS
ISCQEIPGQQSRGRTCRGRKFDGHRCAGQQQDIRHCYSIQHCPLKGSWSEWSTWGLCMPPCGPNPTRARQRLCTPLLPKY
PPTVSMVEGQGEKNVTFWGRPLPRCEELQGQKLVVEEKRPCLHVPACKDPEEEELENLYFQ
;
V,Y
4 'polypeptide(L)'
;SPMYSIITPNILRLESEETMVLEAHDAQGDVPVTVTVHDFPGKKLVLSSEKTVLTPATNHMGNVTFTIPANREFKSEKGR
NKFVTVQATFGTQVVEKVVLVSLQSGYLFIQTDKTIYTPGSTVLYRIFTVNHKLLPVGRTVMVNIENPEGIPVKQDSLSS
QNQLGVLPLSWDIPELVNMGQWKIRAYYENSPQQVFSTEFEVKEYVLPSFEVIVEPTEKFYYIYNEKGLEVTITARFLYG
KKVEGTAFVIFGIQDGEQRISLPESLKRIPIEDGSGEVVLSRKVLLDGVQNPRAEDLVGKSLYVSATVILHSGSDMVQAE
RSGIPIVTSPYQIHFTKTPKYFKPGMPFDLMVFVTNPDGSPAYRVPVAVQGEDTVQSLTQGDGVAKLSINTHPSQKPLSI
TVRTKKQELSEAEQATRTMQALPYSTVGNSNNYLHLSVLRTELRPGETLNVNFLLRMDRAHEAKIRYYTYLIMNKGRLLK
AGRQVREPGQDLVVLPLSITTDFIPSFRLVAYYTLIGASGQREVVADSVWVDVKDSCVGSLVVKSGQSEDRQPVPGQQMT
LKIEGDHGARVVLVAVDKGVFVLNKKNKLTQSKIWDVVEKADIGCTPGSGKDYAGVFSDAGLTFTSSSGQQTAQRAELQC
PQPAA
;
A,G
5 'polypeptide(L)'
;SNLDEDIIAEENIVSRSEFPESWLWNVEDLKEPPKNGISTKLMNIFLKDSITTWEILAVSMSDKKGICVADPFEVTVMQD
FFIDLRLPYSVVRNEQVEIRAVLYNYRQNQELKVRVELLHNPAFCSLATTKRRHQQTVTIPPKSSLSVPYVIVPLKTGLQ
EVEVKAAVYHHFISDGVRKSLKVVPEGIRMNKTVAVRTLDPERLGREGVQKEDIPPADLSDQVPDTESETRILLQGTPVA
QMTEDAVDAERLKHLIVTPSGCGEQNMIGMTPTVIAVHYLDETEQWEKFGLEKRQGALELIKKGYTQQLAFRQPSSAFAA
FVKRAPSTWLTAYVVKVFSLAVNLIAIDSQVLCGAVKWLILEKQKPDGVFQEDAPVIHQEMIGGLRNNNEKDMALTAFVL
ISLQEAKDICEEQVNSLPGSITKAGDFLEANYMNLQRSYTVAIAGYALAQMGRLKGPLLNKFLTTAKDKNRWEDPGKQLY
NVEATSYALLALLQLKDFDFVPPVVRWLNEQRYYGGGYGSTQATFMVFQALAQYQKDAPDHQELNLDVSLQLPSRSSKIT
HRIHWESASLLRSEETKENEGFTVTAEGKGQGTLSVVTMYHAKAKDQLTCNKFDLKVTIKPAPETEKRPQDAKNTMILEI
CTRYRGDQDATMSILDISMMTGFAPDTDDLKQLANGVDRYISKYELDKAFSDRNTLIIYLDKVSHSEDDCLAFKVHQYFN
VELIQPGAVKVYAYYNLEESCTRFYHPEKEDGKLNKLCRDELCRCAEENCFIQKSDDKVTLEERLDKACEPGVDYVYKTR
LVKVQLSNDFDEYIMAIEQTIKSGSDEVQVGQQRTFISPIKCREALKLEEKKHYLMWGLSSDFWGEKPNLSYIIGKDTWV
EHWPEEDECQDEENQKQCQDLGAFTESMVVFGCPN
;
B,H
6 'polypeptide(L)'
;KIVLDPSGSMNIYLVLDGSGSIGASNFTGAKKCLVNLIEKVASYGVKPRYGLVTYATYPKIWVKVSEADSSNADWVTKQL
NEINYEDHKLKSGTNTKKALQAVYSMMSWPDDVPPEGWNRTRHVIILMTDGLHNMGGDPITVIDEIRDLLYIGKDRKNPR
EDYLDVYVFGVGPLVNQVNINALASKKDNEQHVFKVKDMENLEDVFYQMIDESQSLSLCGMVWEHRKGTDYHKQPWQAKI
SVIRPSKGHESCMGAVVSEYFVLTAAHCFTVDDKEHSIKVSVGGEKRDLEIEVVLFHPNYNINGKKEAGIPEFYDYDVAL
IKLKNKLKYGQTIRPICLPCTEGTTRALRLPPTTTCQQQKEELLPAQDIKALFVSEEEKKLTRKEVYIKNGDKKGSCERD
AQYAPGYDKVKDISEVVTPRFLCTGGVSPYADPNTCRGDAGGPLIVHKRSRFIQVGVISWGVVDVCKNQKRQKQVPAHAR
DFHINLFQVLPWLKEKLQDEDLGFL
;
J,L
7 'polypeptide(L)'
;GSTSLPTSNEYQNEKLANELKSLLDELNVNELATGSLNTYYKRTIKISGQKAMYALKSKDFKKMSEAKYQLQKIYNEIDE
ALKSKY
;
N,Q
#
loop_
_chem_comp.id
_chem_comp.type
_chem_comp.name
_chem_comp.formula
BGC D-saccharide, beta linking beta-D-glucopyranose 'C6 H12 O6'
FUC L-saccharide, alpha linking alpha-L-fucopyranose 'C6 H12 O5'
MAN D-saccharide, alpha linking alpha-D-mannopyranose 'C6 H12 O6'
MG non-polymer 'MAGNESIUM ION' 'Mg 2'
NAG D-saccharide, beta linking 2-acetamido-2-deoxy-beta-D-glucopyranose 'C8 H15 N O6'
#
# COMPACT_ATOMS: atom_id res chain seq x y z
N GLN A 2 -15.28 -4.66 -102.29
CA GLN A 2 -16.12 -3.66 -102.94
C GLN A 2 -16.52 -4.11 -104.35
N VAL A 3 -15.53 -4.32 -105.21
CA VAL A 3 -15.76 -4.75 -106.57
C VAL A 3 -15.48 -6.25 -106.67
N GLN A 4 -16.33 -6.97 -107.41
CA GLN A 4 -16.16 -8.39 -107.63
C GLN A 4 -15.82 -8.65 -109.09
N LEU A 5 -15.02 -9.70 -109.33
CA LEU A 5 -14.45 -9.99 -110.63
C LEU A 5 -14.69 -11.45 -110.98
N VAL A 6 -15.18 -11.70 -112.19
CA VAL A 6 -15.51 -13.04 -112.66
C VAL A 6 -14.85 -13.26 -114.01
N GLU A 7 -13.90 -14.21 -114.06
CA GLU A 7 -13.24 -14.57 -115.30
C GLU A 7 -14.00 -15.67 -116.03
N SER A 8 -13.81 -15.70 -117.35
CA SER A 8 -14.41 -16.74 -118.18
C SER A 8 -13.58 -16.88 -119.46
N GLY A 9 -13.77 -18.02 -120.14
CA GLY A 9 -13.17 -18.25 -121.43
C GLY A 9 -12.00 -19.21 -121.46
N GLY A 10 -11.55 -19.73 -120.32
CA GLY A 10 -10.46 -20.67 -120.30
C GLY A 10 -10.86 -22.05 -120.81
N GLY A 11 -9.85 -22.90 -120.95
CA GLY A 11 -10.07 -24.24 -121.42
C GLY A 11 -8.78 -24.88 -121.94
N LEU A 12 -8.96 -25.99 -122.64
CA LEU A 12 -7.84 -26.75 -123.20
C LEU A 12 -7.69 -26.41 -124.67
N VAL A 13 -6.51 -25.91 -125.04
CA VAL A 13 -6.20 -25.45 -126.39
C VAL A 13 -4.97 -26.21 -126.84
N GLN A 14 -4.90 -26.56 -128.14
CA GLN A 14 -3.68 -27.10 -128.70
C GLN A 14 -2.62 -25.99 -128.83
N ALA A 15 -1.36 -26.41 -128.97
CA ALA A 15 -0.25 -25.47 -129.11
C ALA A 15 -0.34 -24.68 -130.40
N GLY A 16 -0.17 -23.36 -130.30
CA GLY A 16 -0.35 -22.45 -131.40
C GLY A 16 -1.77 -21.91 -131.56
N GLY A 17 -2.75 -22.53 -130.89
CA GLY A 17 -4.12 -22.11 -131.02
C GLY A 17 -4.41 -20.79 -130.32
N SER A 18 -5.67 -20.36 -130.42
CA SER A 18 -6.08 -19.07 -129.88
C SER A 18 -7.16 -19.25 -128.84
N LEU A 19 -7.21 -18.31 -127.89
CA LEU A 19 -8.19 -18.30 -126.83
C LEU A 19 -8.47 -16.86 -126.44
N ARG A 20 -9.72 -16.55 -126.16
CA ARG A 20 -10.13 -15.20 -125.77
C ARG A 20 -10.77 -15.26 -124.40
N LEU A 21 -10.12 -14.65 -123.41
CA LEU A 21 -10.66 -14.56 -122.06
C LEU A 21 -11.49 -13.29 -121.91
N SER A 22 -12.44 -13.33 -120.99
CA SER A 22 -13.23 -12.15 -120.64
C SER A 22 -13.34 -12.06 -119.13
N CYS A 23 -13.49 -10.83 -118.63
CA CYS A 23 -13.58 -10.57 -117.20
C CYS A 23 -14.73 -9.61 -116.94
N ALA A 24 -15.73 -10.08 -116.20
CA ALA A 24 -16.87 -9.25 -115.83
C ALA A 24 -16.66 -8.66 -114.44
N ALA A 25 -16.87 -7.35 -114.32
CA ALA A 25 -16.72 -6.64 -113.07
C ALA A 25 -18.06 -6.02 -112.66
N SER A 26 -18.09 -5.52 -111.43
CA SER A 26 -19.28 -4.85 -110.89
C SER A 26 -19.63 -3.61 -111.72
N GLU A 27 -20.93 -3.47 -112.01
CA GLU A 27 -21.38 -2.54 -113.04
C GLU A 27 -21.30 -1.08 -112.59
N ARG A 28 -21.71 -0.79 -111.36
CA ARG A 28 -21.83 0.59 -110.90
C ARG A 28 -20.49 1.25 -110.64
N THR A 29 -19.43 0.47 -110.40
CA THR A 29 -18.11 1.01 -110.09
C THR A 29 -17.07 0.67 -111.14
N PHE A 30 -17.49 0.37 -112.38
CA PHE A 30 -16.61 -0.24 -113.38
C PHE A 30 -15.52 0.71 -113.87
N THR A 31 -15.91 1.91 -114.31
CA THR A 31 -15.01 2.89 -114.91
C THR A 31 -14.09 3.59 -113.89
N ILE A 32 -14.17 3.23 -112.60
CA ILE A 32 -13.31 3.76 -111.56
C ILE A 32 -11.96 3.05 -111.55
N TYR A 33 -11.92 1.77 -111.90
CA TYR A 33 -10.78 0.90 -111.65
C TYR A 33 -9.98 0.68 -112.93
N ALA A 34 -8.66 0.86 -112.84
CA ALA A 34 -7.76 0.32 -113.86
C ALA A 34 -7.65 -1.18 -113.67
N MET A 35 -7.56 -1.91 -114.78
CA MET A 35 -7.69 -3.36 -114.76
C MET A 35 -6.56 -4.02 -115.54
N GLY A 36 -6.38 -5.31 -115.31
CA GLY A 36 -5.30 -6.02 -115.97
C GLY A 36 -5.45 -7.51 -115.83
N TRP A 37 -4.50 -8.21 -116.44
CA TRP A 37 -4.46 -9.68 -116.41
C TRP A 37 -3.16 -10.14 -115.76
N PHE A 38 -3.26 -11.18 -114.95
CA PHE A 38 -2.13 -11.86 -114.35
C PHE A 38 -2.27 -13.36 -114.63
N ARG A 39 -1.19 -14.10 -114.39
CA ARG A 39 -1.27 -15.55 -114.48
C ARG A 39 -0.30 -16.17 -113.49
N GLN A 40 -0.61 -17.40 -113.07
CA GLN A 40 0.24 -18.14 -112.14
C GLN A 40 0.40 -19.57 -112.67
N ALA A 41 1.60 -19.89 -113.14
CA ALA A 41 1.91 -21.20 -113.69
C ALA A 41 2.16 -22.19 -112.55
N PRO A 42 2.13 -23.49 -112.84
CA PRO A 42 2.51 -24.50 -111.84
C PRO A 42 3.95 -24.34 -111.35
N GLY A 43 4.11 -24.20 -110.04
CA GLY A 43 5.41 -24.06 -109.42
C GLY A 43 6.04 -22.69 -109.49
N LYS A 44 5.32 -21.69 -110.00
CA LYS A 44 5.87 -20.37 -110.22
C LYS A 44 5.04 -19.32 -109.50
N GLU A 45 5.66 -18.17 -109.25
CA GLU A 45 4.95 -17.01 -108.72
C GLU A 45 3.97 -16.45 -109.75
N ARG A 46 3.01 -15.69 -109.26
CA ARG A 46 2.11 -14.95 -110.13
C ARG A 46 2.87 -13.85 -110.87
N GLU A 47 2.58 -13.69 -112.15
CA GLU A 47 3.32 -12.75 -112.98
C GLU A 47 2.37 -11.86 -113.77
N PHE A 48 2.82 -10.64 -114.03
CA PHE A 48 2.08 -9.67 -114.81
C PHE A 48 2.00 -10.11 -116.28
N VAL A 49 0.80 -9.95 -116.87
CA VAL A 49 0.57 -10.30 -118.27
C VAL A 49 0.28 -9.05 -119.10
N ALA A 50 -0.79 -8.35 -118.77
CA ALA A 50 -1.22 -7.18 -119.53
C ALA A 50 -1.98 -6.26 -118.60
N ALA A 51 -2.00 -4.98 -118.95
CA ALA A 51 -2.75 -3.98 -118.21
C ALA A 51 -3.46 -3.07 -119.19
N ILE A 52 -4.58 -2.52 -118.73
CA ILE A 52 -5.30 -1.52 -119.50
C ILE A 52 -5.78 -0.45 -118.54
N SER A 53 -5.82 0.78 -119.01
CA SER A 53 -6.27 1.89 -118.19
C SER A 53 -7.80 1.88 -118.08
N ARG A 54 -8.33 2.86 -117.33
CA ARG A 54 -9.77 3.08 -117.30
C ARG A 54 -10.31 3.53 -118.66
N SER A 55 -9.46 4.14 -119.49
CA SER A 55 -9.88 4.60 -120.80
C SER A 55 -10.05 3.45 -121.79
N GLY A 56 -9.27 2.39 -121.67
CA GLY A 56 -9.12 1.46 -122.76
C GLY A 56 -8.20 1.93 -123.87
N GLU A 57 -7.64 3.13 -123.77
CA GLU A 57 -6.79 3.70 -124.81
C GLU A 57 -5.31 3.45 -124.56
N ASN A 58 -4.92 3.19 -123.32
CA ASN A 58 -3.53 2.95 -122.96
C ASN A 58 -3.38 1.52 -122.46
N THR A 59 -2.40 0.80 -123.02
CA THR A 59 -2.17 -0.59 -122.68
C THR A 59 -0.69 -0.78 -122.36
N ASP A 60 -0.40 -1.84 -121.60
CA ASP A 60 0.95 -2.23 -121.27
C ASP A 60 1.00 -3.75 -121.24
N TYR A 61 2.13 -4.31 -121.65
CA TYR A 61 2.26 -5.75 -121.79
C TYR A 61 3.60 -6.22 -121.23
N ALA A 62 3.61 -7.45 -120.74
CA ALA A 62 4.85 -8.13 -120.44
C ALA A 62 5.57 -8.49 -121.73
N ASP A 63 6.91 -8.57 -121.65
CA ASP A 63 7.73 -8.89 -122.82
C ASP A 63 7.49 -10.31 -123.33
N SER A 64 7.10 -11.23 -122.46
CA SER A 64 6.85 -12.61 -122.86
C SER A 64 5.60 -12.78 -123.72
N VAL A 65 4.67 -11.81 -123.69
CA VAL A 65 3.40 -11.92 -124.37
C VAL A 65 3.17 -10.81 -125.38
N LYS A 66 4.09 -9.84 -125.48
CA LYS A 66 3.94 -8.72 -126.41
C LYS A 66 4.02 -9.20 -127.86
N GLY A 67 3.05 -8.76 -128.67
CA GLY A 67 2.90 -9.21 -130.03
C GLY A 67 2.01 -10.42 -130.20
N ARG A 68 1.81 -11.21 -129.14
CA ARG A 68 0.91 -12.35 -129.16
C ARG A 68 -0.41 -12.07 -128.46
N PHE A 69 -0.39 -11.29 -127.38
CA PHE A 69 -1.57 -11.06 -126.57
C PHE A 69 -2.04 -9.62 -126.77
N THR A 70 -3.34 -9.40 -126.66
CA THR A 70 -3.92 -8.07 -126.82
C THR A 70 -5.00 -7.86 -125.76
N ILE A 71 -4.86 -6.82 -124.95
CA ILE A 71 -5.87 -6.49 -123.94
C ILE A 71 -6.74 -5.36 -124.48
N SER A 72 -8.06 -5.50 -124.29
CA SER A 72 -9.04 -4.53 -124.75
C SER A 72 -10.04 -4.28 -123.63
N ARG A 73 -10.80 -3.20 -123.77
CA ARG A 73 -11.78 -2.82 -122.75
C ARG A 73 -13.07 -2.37 -123.42
N ASP A 74 -14.19 -2.87 -122.91
CA ASP A 74 -15.53 -2.51 -123.38
C ASP A 74 -16.20 -1.76 -122.24
N ASN A 75 -16.21 -0.43 -122.34
CA ASN A 75 -16.87 0.42 -121.35
C ASN A 75 -18.36 0.59 -121.58
N ASN A 76 -18.92 -0.12 -122.56
CA ASN A 76 -20.37 -0.25 -122.69
C ASN A 76 -20.92 -1.44 -121.91
N LYS A 77 -20.12 -2.50 -121.74
CA LYS A 77 -20.63 -3.80 -121.29
C LYS A 77 -19.91 -4.33 -120.05
N ASN A 78 -19.17 -3.46 -119.34
CA ASN A 78 -18.40 -3.73 -118.09
C ASN A 78 -17.51 -4.97 -118.18
N THR A 79 -16.82 -5.12 -119.32
CA THR A 79 -15.90 -6.24 -119.53
C THR A 79 -14.55 -5.74 -120.04
N ILE A 80 -13.52 -6.53 -119.77
CA ILE A 80 -12.24 -6.43 -120.44
C ILE A 80 -11.96 -7.79 -121.06
N SER A 81 -11.04 -7.82 -122.02
CA SER A 81 -10.75 -9.05 -122.76
C SER A 81 -9.26 -9.21 -122.96
N LEU A 82 -8.84 -10.46 -123.10
CA LEU A 82 -7.44 -10.80 -123.40
C LEU A 82 -7.44 -11.80 -124.57
N GLN A 83 -7.12 -11.31 -125.76
CA GLN A 83 -7.05 -12.15 -126.95
C GLN A 83 -5.65 -12.75 -127.04
N MET A 84 -5.54 -14.05 -126.80
CA MET A 84 -4.25 -14.74 -126.73
C MET A 84 -4.05 -15.54 -128.01
N ASN A 85 -3.10 -15.12 -128.84
CA ASN A 85 -2.78 -15.82 -130.07
C ASN A 85 -1.39 -16.46 -129.97
N SER A 86 -1.20 -17.52 -130.78
CA SER A 86 0.04 -18.32 -130.86
C SER A 86 0.44 -18.87 -129.49
N LEU A 87 -0.50 -19.58 -128.87
CA LEU A 87 -0.31 -20.09 -127.52
C LEU A 87 0.72 -21.21 -127.48
N LYS A 88 1.53 -21.20 -126.43
CA LYS A 88 2.62 -22.13 -126.22
C LYS A 88 2.36 -22.88 -124.92
N PRO A 89 2.96 -24.07 -124.74
CA PRO A 89 2.81 -24.80 -123.46
C PRO A 89 3.27 -24.05 -122.22
N GLU A 90 4.20 -23.09 -122.35
CA GLU A 90 4.58 -22.25 -121.23
C GLU A 90 3.51 -21.23 -120.85
N ASP A 91 2.46 -21.05 -121.66
CA ASP A 91 1.34 -20.17 -121.31
C ASP A 91 0.28 -20.87 -120.46
N THR A 92 0.50 -22.13 -120.08
CA THR A 92 -0.44 -22.84 -119.22
C THR A 92 -0.36 -22.30 -117.79
N ALA A 93 -1.48 -21.78 -117.29
CA ALA A 93 -1.56 -21.10 -116.00
C ALA A 93 -3.02 -20.87 -115.66
N VAL A 94 -3.27 -20.52 -114.40
CA VAL A 94 -4.54 -19.94 -113.98
C VAL A 94 -4.46 -18.45 -114.22
N TYR A 95 -5.36 -17.92 -115.06
CA TYR A 95 -5.33 -16.52 -115.44
C TYR A 95 -6.28 -15.72 -114.55
N TYR A 96 -5.77 -14.67 -113.95
CA TYR A 96 -6.50 -13.86 -112.99
C TYR A 96 -6.79 -12.49 -113.56
N CYS A 97 -8.02 -12.02 -113.35
CA CYS A 97 -8.38 -10.64 -113.63
C CYS A 97 -8.17 -9.82 -112.36
N ALA A 98 -7.71 -8.60 -112.53
CA ALA A 98 -7.35 -7.75 -111.41
C ALA A 98 -7.96 -6.37 -111.61
N ALA A 99 -8.24 -5.70 -110.51
CA ALA A 99 -8.79 -4.35 -110.54
C ALA A 99 -8.03 -3.50 -109.55
N GLY A 100 -7.78 -2.25 -109.93
CA GLY A 100 -6.98 -1.38 -109.11
C GLY A 100 -7.39 0.07 -109.31
N ARG A 101 -7.43 0.79 -108.19
CA ARG A 101 -7.87 2.17 -108.20
C ARG A 101 -6.86 3.08 -108.87
N ALA A 102 -7.32 3.83 -109.88
CA ALA A 102 -6.46 4.71 -110.64
C ALA A 102 -7.04 6.11 -110.64
N ILE A 103 -6.19 7.08 -110.28
CA ILE A 103 -6.62 8.48 -110.20
C ILE A 103 -6.82 9.04 -111.59
N LEU A 104 -5.90 8.80 -112.52
CA LEU A 104 -6.02 9.26 -113.90
C LEU A 104 -6.62 8.14 -114.75
N VAL A 105 -7.30 8.53 -115.84
CA VAL A 105 -7.99 7.53 -116.66
C VAL A 105 -7.07 6.92 -117.72
N HIS A 106 -5.87 7.46 -117.91
CA HIS A 106 -4.91 6.93 -118.87
C HIS A 106 -3.77 6.20 -118.19
N THR A 107 -3.83 6.05 -116.87
CA THR A 107 -2.77 5.36 -116.12
C THR A 107 -2.98 3.86 -116.15
N THR A 108 -1.93 3.12 -116.51
CA THR A 108 -1.90 1.68 -116.39
C THR A 108 -1.15 1.32 -115.11
N LYS A 109 -1.66 0.32 -114.40
CA LYS A 109 -1.10 -0.07 -113.12
C LYS A 109 -0.46 -1.46 -113.23
N LYS A 110 0.49 -1.71 -112.32
CA LYS A 110 1.00 -3.05 -112.09
C LYS A 110 0.71 -3.56 -110.69
N GLU A 111 0.29 -2.69 -109.78
CA GLU A 111 -0.14 -3.07 -108.44
C GLU A 111 -1.65 -3.00 -108.35
N TYR A 112 -2.27 -4.08 -107.88
CA TYR A 112 -3.72 -4.19 -107.83
C TYR A 112 -4.12 -4.80 -106.50
N ASP A 113 -5.26 -4.35 -105.97
CA ASP A 113 -5.74 -4.78 -104.66
C ASP A 113 -7.04 -5.58 -104.73
N HIS A 114 -7.58 -5.84 -105.91
CA HIS A 114 -8.75 -6.67 -106.08
C HIS A 114 -8.44 -7.76 -107.10
N TRP A 115 -8.86 -8.99 -106.79
CA TRP A 115 -8.49 -10.15 -107.59
C TRP A 115 -9.69 -11.08 -107.73
N GLY A 116 -9.84 -11.66 -108.92
CA GLY A 116 -10.84 -12.66 -109.16
C GLY A 116 -10.42 -14.04 -108.69
N GLN A 117 -11.29 -15.02 -108.94
CA GLN A 117 -10.99 -16.40 -108.55
C GLN A 117 -10.12 -17.12 -109.58
N GLY A 118 -10.18 -16.71 -110.83
CA GLY A 118 -9.27 -17.21 -111.84
C GLY A 118 -9.97 -18.09 -112.86
N THR A 119 -9.32 -18.24 -114.02
CA THR A 119 -9.74 -19.17 -115.05
C THR A 119 -8.55 -20.00 -115.50
N GLN A 120 -8.76 -21.30 -115.69
CA GLN A 120 -7.69 -22.22 -116.05
C GLN A 120 -7.51 -22.25 -117.56
N VAL A 121 -6.28 -22.02 -118.00
CA VAL A 121 -5.89 -22.16 -119.41
C VAL A 121 -4.78 -23.19 -119.48
N THR A 122 -5.01 -24.25 -120.26
CA THR A 122 -4.04 -25.32 -120.43
C THR A 122 -3.74 -25.47 -121.91
N VAL A 123 -2.46 -25.41 -122.28
CA VAL A 123 -2.03 -25.50 -123.66
C VAL A 123 -1.24 -26.78 -123.84
N SER A 124 -1.70 -27.66 -124.73
CA SER A 124 -1.09 -28.95 -124.97
C SER A 124 -0.30 -28.95 -126.27
N SER A 125 0.86 -29.62 -126.24
CA SER A 125 1.71 -29.70 -127.42
C SER A 125 1.44 -30.95 -128.24
N GLN B 2 36.98 92.82 27.70
CA GLN B 2 38.21 93.39 27.15
C GLN B 2 38.77 94.49 28.06
N VAL B 3 37.98 95.55 28.24
CA VAL B 3 38.37 96.68 29.06
C VAL B 3 37.67 96.57 30.43
N GLN B 4 38.40 96.87 31.49
CA GLN B 4 37.86 96.85 32.84
C GLN B 4 37.81 98.27 33.39
N LEU B 5 36.81 98.54 34.24
CA LEU B 5 36.50 99.88 34.71
C LEU B 5 36.34 99.86 36.22
N VAL B 6 37.00 100.79 36.90
CA VAL B 6 37.00 100.87 38.36
C VAL B 6 36.63 102.30 38.75
N GLU B 7 35.47 102.45 39.41
CA GLU B 7 35.03 103.74 39.91
C GLU B 7 35.55 104.00 41.31
N SER B 8 35.67 105.28 41.66
CA SER B 8 36.10 105.70 42.99
C SER B 8 35.60 107.11 43.25
N GLY B 9 35.59 107.49 44.53
CA GLY B 9 35.27 108.83 44.94
C GLY B 9 33.91 109.05 45.55
N GLY B 10 33.06 108.02 45.62
CA GLY B 10 31.75 108.16 46.23
C GLY B 10 31.80 108.25 47.74
N GLY B 11 30.64 108.53 48.32
CA GLY B 11 30.54 108.65 49.76
C GLY B 11 29.28 109.39 50.15
N LEU B 12 29.24 109.79 51.43
CA LEU B 12 28.11 110.50 51.99
C LEU B 12 28.42 111.99 52.03
N VAL B 13 27.57 112.79 51.37
CA VAL B 13 27.75 114.23 51.23
C VAL B 13 26.49 114.91 51.75
N GLN B 14 26.64 116.06 52.40
CA GLN B 14 25.49 116.88 52.75
C GLN B 14 24.91 117.53 51.50
N ALA B 15 23.64 117.96 51.62
CA ALA B 15 22.95 118.62 50.51
C ALA B 15 23.59 119.98 50.19
N GLY B 16 23.82 120.22 48.90
CA GLY B 16 24.55 121.38 48.45
C GLY B 16 26.04 121.19 48.32
N GLY B 17 26.59 120.13 48.91
CA GLY B 17 28.01 119.88 48.86
C GLY B 17 28.48 119.37 47.51
N SER B 18 29.79 119.14 47.43
CA SER B 18 30.43 118.71 46.19
C SER B 18 31.13 117.37 46.36
N LEU B 19 31.24 116.65 45.25
CA LEU B 19 31.91 115.35 45.21
C LEU B 19 32.51 115.17 43.83
N ARG B 20 33.70 114.58 43.77
CA ARG B 20 34.41 114.33 42.51
C ARG B 20 34.65 112.83 42.38
N LEU B 21 34.01 112.22 41.38
CA LEU B 21 34.21 110.81 41.07
C LEU B 21 35.33 110.66 40.05
N SER B 22 35.97 109.50 40.07
CA SER B 22 36.98 109.16 39.09
C SER B 22 36.77 107.73 38.62
N CYS B 23 37.17 107.47 37.38
CA CYS B 23 36.99 106.16 36.76
C CYS B 23 38.28 105.75 36.07
N ALA B 24 38.89 104.66 36.54
CA ALA B 24 40.11 104.13 35.96
C ALA B 24 39.76 103.03 34.96
N ALA B 25 40.35 103.10 33.78
CA ALA B 25 40.14 102.11 32.73
C ALA B 25 41.46 101.43 32.40
N SER B 26 41.36 100.37 31.61
CA SER B 26 42.54 99.62 31.14
C SER B 26 43.46 100.50 30.31
N GLU B 27 44.76 100.40 30.58
CA GLU B 27 45.72 101.40 30.10
C GLU B 27 46.00 101.28 28.61
N ARG B 28 46.18 100.05 28.12
CA ARG B 28 46.63 99.85 26.74
C ARG B 28 45.53 100.15 25.71
N THR B 29 44.26 100.10 26.09
CA THR B 29 43.16 100.30 25.16
C THR B 29 42.34 101.54 25.50
N PHE B 30 42.93 102.53 26.19
CA PHE B 30 42.16 103.61 26.80
C PHE B 30 41.57 104.57 25.77
N THR B 31 42.41 105.07 24.85
CA THR B 31 41.99 106.09 23.89
C THR B 31 41.10 105.55 22.77
N ILE B 32 40.80 104.25 22.75
CA ILE B 32 39.93 103.64 21.76
C ILE B 32 38.45 103.87 22.12
N TYR B 33 38.13 103.95 23.41
CA TYR B 33 36.74 103.91 23.88
C TYR B 33 36.25 105.30 24.25
N ALA B 34 35.08 105.67 23.73
CA ALA B 34 34.35 106.81 24.28
C ALA B 34 33.71 106.40 25.61
N MET B 35 33.66 107.33 26.56
CA MET B 35 33.30 107.00 27.93
C MET B 35 32.25 107.95 28.48
N GLY B 36 31.63 107.54 29.58
CA GLY B 36 30.56 108.35 30.15
C GLY B 36 30.19 107.90 31.54
N TRP B 37 29.22 108.62 32.12
CA TRP B 37 28.71 108.34 33.44
C TRP B 37 27.21 108.05 33.38
N PHE B 38 26.79 107.06 34.18
CA PHE B 38 25.39 106.72 34.38
C PHE B 38 25.12 106.66 35.87
N ARG B 39 23.84 106.61 36.24
CA ARG B 39 23.47 106.42 37.64
C ARG B 39 22.15 105.66 37.71
N GLN B 40 21.97 104.94 38.82
CA GLN B 40 20.74 104.20 39.07
C GLN B 40 20.28 104.47 40.50
N ALA B 41 19.19 105.22 40.63
CA ALA B 41 18.64 105.60 41.92
C ALA B 41 17.83 104.44 42.49
N PRO B 42 17.52 104.45 43.80
CA PRO B 42 16.63 103.43 44.37
C PRO B 42 15.23 103.45 43.76
N GLY B 43 14.83 102.29 43.23
CA GLY B 43 13.53 102.11 42.62
C GLY B 43 13.39 102.63 41.21
N LYS B 44 14.48 103.08 40.58
CA LYS B 44 14.43 103.68 39.27
C LYS B 44 15.34 102.94 38.30
N GLU B 45 15.07 103.11 37.01
CA GLU B 45 15.95 102.62 35.96
C GLU B 45 17.26 103.39 35.95
N ARG B 46 18.27 102.77 35.33
CA ARG B 46 19.53 103.46 35.09
C ARG B 46 19.34 104.58 34.06
N GLU B 47 19.96 105.72 34.33
CA GLU B 47 19.77 106.90 33.49
C GLU B 47 21.11 107.50 33.12
N PHE B 48 21.13 108.10 31.93
CA PHE B 48 22.31 108.78 31.42
C PHE B 48 22.59 110.04 32.23
N VAL B 49 23.87 110.27 32.54
CA VAL B 49 24.31 111.44 33.29
C VAL B 49 25.16 112.36 32.42
N ALA B 50 26.29 111.86 31.94
CA ALA B 50 27.21 112.65 31.15
C ALA B 50 27.97 111.72 30.23
N ALA B 51 28.46 112.28 29.12
CA ALA B 51 29.28 111.55 28.19
C ALA B 51 30.44 112.43 27.77
N ILE B 52 31.53 111.77 27.40
CA ILE B 52 32.69 112.46 26.86
C ILE B 52 33.21 111.62 25.70
N SER B 53 33.74 112.29 24.69
CA SER B 53 34.32 111.57 23.56
C SER B 53 35.68 110.99 23.94
N ARG B 54 36.31 110.32 22.97
CA ARG B 54 37.70 109.93 23.11
C ARG B 54 38.64 111.13 23.18
N SER B 55 38.22 112.29 22.64
CA SER B 55 39.06 113.48 22.64
C SER B 55 39.16 114.12 24.02
N GLY B 56 38.10 114.06 24.82
CA GLY B 56 37.96 114.97 25.94
C GLY B 56 37.51 116.37 25.56
N GLU B 57 37.33 116.65 24.28
CA GLU B 57 36.96 117.97 23.78
C GLU B 57 35.45 118.12 23.57
N ASN B 58 34.73 117.01 23.39
CA ASN B 58 33.30 117.04 23.15
C ASN B 58 32.59 116.36 24.31
N THR B 59 31.59 117.03 24.88
CA THR B 59 30.86 116.54 26.04
C THR B 59 29.37 116.64 25.76
N ASP B 60 28.61 115.82 26.50
CA ASP B 60 27.15 115.82 26.45
C ASP B 60 26.65 115.55 27.86
N TYR B 61 25.53 116.18 28.21
CA TYR B 61 25.00 116.08 29.56
C TYR B 61 23.50 115.87 29.53
N ALA B 62 22.99 115.20 30.56
CA ALA B 62 21.55 115.16 30.80
C ALA B 62 21.08 116.53 31.30
N ASP B 63 19.80 116.82 31.03
CA ASP B 63 19.21 118.09 31.44
C ASP B 63 19.11 118.24 32.95
N SER B 64 19.00 117.11 33.68
CA SER B 64 18.90 117.16 35.13
C SER B 64 20.22 117.56 35.80
N VAL B 65 21.35 117.44 35.10
CA VAL B 65 22.67 117.68 35.69
C VAL B 65 23.44 118.76 34.97
N LYS B 66 22.91 119.31 33.87
CA LYS B 66 23.60 120.35 33.11
C LYS B 66 23.73 121.65 33.91
N GLY B 67 24.94 122.20 33.96
CA GLY B 67 25.25 123.35 34.77
C GLY B 67 25.75 123.03 36.16
N ARG B 68 25.43 121.84 36.67
CA ARG B 68 25.93 121.39 37.97
C ARG B 68 27.06 120.38 37.85
N PHE B 69 27.03 119.52 36.85
CA PHE B 69 28.01 118.45 36.70
C PHE B 69 28.93 118.78 35.54
N THR B 70 30.18 118.33 35.62
CA THR B 70 31.16 118.56 34.55
C THR B 70 31.98 117.29 34.37
N ILE B 71 31.99 116.76 33.15
CA ILE B 71 32.78 115.57 32.82
C ILE B 71 34.06 116.01 32.13
N SER B 72 35.19 115.40 32.53
CA SER B 72 36.49 115.71 31.97
C SER B 72 37.23 114.42 31.69
N ARG B 73 38.31 114.52 30.91
CA ARG B 73 39.08 113.34 30.53
C ARG B 73 40.56 113.66 30.60
N ASP B 74 41.32 112.75 31.22
CA ASP B 74 42.77 112.86 31.34
C ASP B 74 43.35 111.73 30.51
N ASN B 75 43.81 112.07 29.30
CA ASN B 75 44.43 111.10 28.40
C ASN B 75 45.92 110.89 28.68
N ASN B 76 46.45 111.50 29.74
CA ASN B 76 47.76 111.16 30.26
C ASN B 76 47.72 110.03 31.28
N LYS B 77 46.62 109.90 32.02
CA LYS B 77 46.57 109.07 33.22
C LYS B 77 45.45 108.04 33.20
N ASN B 78 44.88 107.77 32.01
CA ASN B 78 43.79 106.80 31.74
C ASN B 78 42.60 106.92 32.70
N THR B 79 42.19 108.17 32.97
CA THR B 79 41.06 108.44 33.85
C THR B 79 40.08 109.41 33.20
N ILE B 80 38.82 109.31 33.62
CA ILE B 80 37.83 110.36 33.41
C ILE B 80 37.31 110.76 34.78
N SER B 81 36.68 111.94 34.84
CA SER B 81 36.21 112.48 36.10
C SER B 81 34.83 113.09 35.95
N LEU B 82 34.08 113.11 37.05
CA LEU B 82 32.76 113.74 37.10
C LEU B 82 32.73 114.65 38.33
N GLN B 83 32.86 115.94 38.12
CA GLN B 83 32.81 116.92 39.19
C GLN B 83 31.35 117.30 39.43
N MET B 84 30.79 116.86 40.56
CA MET B 84 29.38 117.03 40.86
C MET B 84 29.26 118.15 41.90
N ASN B 85 28.69 119.28 41.47
CA ASN B 85 28.46 120.41 42.36
C ASN B 85 26.97 120.59 42.59
N SER B 86 26.65 121.24 43.71
CA SER B 86 25.28 121.55 44.17
C SER B 86 24.43 120.28 44.27
N LEU B 87 24.93 119.30 45.02
CA LEU B 87 24.26 118.01 45.12
C LEU B 87 22.97 118.10 45.91
N LYS B 88 21.96 117.38 45.44
CA LYS B 88 20.61 117.34 45.98
C LYS B 88 20.32 115.91 46.39
N PRO B 89 19.34 115.69 47.30
CA PRO B 89 18.97 114.31 47.69
C PRO B 89 18.49 113.42 46.53
N GLU B 90 17.98 114.00 45.44
CA GLU B 90 17.62 113.24 44.26
C GLU B 90 18.82 112.74 43.46
N ASP B 91 20.04 113.21 43.77
CA ASP B 91 21.25 112.69 43.14
C ASP B 91 21.79 111.44 43.82
N THR B 92 21.11 110.93 44.84
CA THR B 92 21.55 109.69 45.50
C THR B 92 21.30 108.49 44.58
N ALA B 93 22.38 107.79 44.23
CA ALA B 93 22.37 106.70 43.27
C ALA B 93 23.72 105.99 43.33
N VAL B 94 23.76 104.80 42.72
CA VAL B 94 25.02 104.14 42.39
C VAL B 94 25.47 104.66 41.03
N TYR B 95 26.65 105.27 40.99
CA TYR B 95 27.15 105.89 39.77
C TYR B 95 28.07 104.94 39.04
N TYR B 96 27.78 104.71 37.77
CA TYR B 96 28.49 103.74 36.95
C TYR B 96 29.32 104.45 35.90
N CYS B 97 30.55 103.97 35.71
CA CYS B 97 31.37 104.37 34.57
C CYS B 97 31.13 103.41 33.44
N ALA B 98 31.13 103.93 32.21
CA ALA B 98 30.79 103.14 31.04
C ALA B 98 31.81 103.40 29.95
N ALA B 99 32.03 102.40 29.09
CA ALA B 99 32.96 102.50 27.98
C ALA B 99 32.31 101.93 26.74
N GLY B 100 32.57 102.56 25.60
CA GLY B 100 31.95 102.16 24.35
C GLY B 100 32.81 102.48 23.15
N ARG B 101 32.82 101.56 22.18
CA ARG B 101 33.64 101.70 20.99
C ARG B 101 33.10 102.79 20.06
N ALA B 102 33.95 103.74 19.70
CA ALA B 102 33.55 104.85 18.85
C ALA B 102 34.51 104.98 17.67
N ILE B 103 33.94 105.07 16.46
CA ILE B 103 34.76 105.21 15.26
C ILE B 103 35.39 106.59 15.20
N LEU B 104 34.60 107.64 15.44
CA LEU B 104 35.11 108.99 15.39
C LEU B 104 35.52 109.42 16.79
N VAL B 105 36.50 110.32 16.84
CA VAL B 105 37.14 110.68 18.09
C VAL B 105 36.45 111.83 18.80
N HIS B 106 35.51 112.51 18.12
CA HIS B 106 34.71 113.55 18.72
C HIS B 106 33.29 113.10 19.00
N THR B 107 33.00 111.83 18.76
CA THR B 107 31.65 111.31 18.96
C THR B 107 31.42 110.98 20.43
N THR B 108 30.34 111.52 20.97
CA THR B 108 29.86 111.15 22.30
C THR B 108 28.74 110.13 22.12
N LYS B 109 28.74 109.11 22.98
CA LYS B 109 27.79 108.02 22.88
C LYS B 109 26.79 108.06 24.02
N LYS B 110 25.63 107.45 23.79
CA LYS B 110 24.68 107.14 24.84
C LYS B 110 24.47 105.63 25.00
N GLU B 111 24.92 104.82 24.04
CA GLU B 111 24.87 103.37 24.14
C GLU B 111 26.27 102.85 24.43
N TYR B 112 26.40 102.03 25.47
CA TYR B 112 27.69 101.52 25.91
C TYR B 112 27.57 100.04 26.22
N ASP B 113 28.65 99.30 25.95
CA ASP B 113 28.66 97.85 26.12
C ASP B 113 29.62 97.37 27.20
N HIS B 114 30.32 98.28 27.88
CA HIS B 114 31.17 97.93 29.01
C HIS B 114 30.80 98.78 30.20
N TRP B 115 30.72 98.15 31.38
CA TRP B 115 30.22 98.80 32.58
C TRP B 115 31.05 98.40 33.79
N GLY B 116 31.30 99.36 34.67
CA GLY B 116 31.97 99.10 35.92
C GLY B 116 31.04 98.55 36.98
N GLN B 117 31.60 98.31 38.16
CA GLN B 117 30.80 97.79 39.27
C GLN B 117 30.04 98.88 40.02
N GLY B 118 30.53 100.11 39.99
CA GLY B 118 29.78 101.23 40.50
C GLY B 118 30.39 101.81 41.77
N THR B 119 30.02 103.06 42.05
CA THR B 119 30.36 103.72 43.30
C THR B 119 29.10 104.35 43.89
N GLN B 120 28.94 104.23 45.21
CA GLN B 120 27.75 104.71 45.88
C GLN B 120 27.91 106.17 46.27
N VAL B 121 26.93 106.98 45.88
CA VAL B 121 26.86 108.39 46.28
C VAL B 121 25.52 108.58 46.99
N THR B 122 25.58 109.04 48.24
CA THR B 122 24.40 109.29 49.05
C THR B 122 24.43 110.74 49.50
N VAL B 123 23.34 111.48 49.22
CA VAL B 123 23.24 112.89 49.57
C VAL B 123 22.15 113.04 50.62
N SER B 124 22.53 113.59 51.79
CA SER B 124 21.62 113.75 52.91
C SER B 124 21.19 115.21 53.01
N SER B 125 19.91 115.42 53.33
CA SER B 125 19.37 116.75 53.48
C SER B 125 19.42 117.21 54.94
N ASP C 1 39.05 106.78 -8.55
CA ASP C 1 38.88 108.19 -8.20
C ASP C 1 38.48 108.33 -6.74
N PRO C 2 39.16 109.23 -6.01
CA PRO C 2 38.82 109.45 -4.60
C PRO C 2 37.46 110.14 -4.45
N VAL C 3 36.94 110.07 -3.22
CA VAL C 3 35.58 110.50 -2.95
C VAL C 3 35.49 110.86 -1.46
N LEU C 4 34.50 111.67 -1.11
CA LEU C 4 34.22 111.98 0.29
C LEU C 4 33.45 110.83 0.92
N CYS C 5 33.91 110.36 2.07
CA CYS C 5 33.29 109.23 2.75
C CYS C 5 32.49 109.72 3.94
N PHE C 6 31.20 109.38 3.97
CA PHE C 6 30.30 109.74 5.04
C PHE C 6 29.86 108.49 5.79
N THR C 7 29.56 108.65 7.07
CA THR C 7 29.29 107.47 7.91
C THR C 7 27.83 107.04 7.90
N GLN C 8 26.91 107.89 7.44
CA GLN C 8 25.48 107.60 7.54
C GLN C 8 24.74 108.15 6.33
N TYR C 9 23.83 107.36 5.81
CA TYR C 9 22.89 107.77 4.77
C TYR C 9 21.52 107.94 5.41
N GLU C 10 20.94 109.13 5.28
CA GLU C 10 19.75 109.48 6.06
C GLU C 10 18.51 108.77 5.53
N GLU C 11 18.39 108.66 4.19
CA GLU C 11 17.33 108.01 3.40
C GLU C 11 15.98 108.74 3.44
N SER C 12 15.63 109.35 4.57
CA SER C 12 14.42 110.17 4.64
C SER C 12 14.55 111.45 3.82
N SER C 13 15.78 111.96 3.67
CA SER C 13 16.03 113.14 2.85
C SER C 13 17.10 112.94 1.79
N GLY C 14 17.82 111.82 1.80
CA GLY C 14 18.87 111.60 0.82
C GLY C 14 20.13 112.39 1.05
N LYS C 15 20.39 112.82 2.28
CA LYS C 15 21.57 113.60 2.59
C LYS C 15 22.67 112.71 3.17
N CYS C 16 23.90 113.19 3.03
CA CYS C 16 25.09 112.50 3.52
C CYS C 16 25.45 113.06 4.89
N LYS C 17 25.25 112.26 5.94
CA LYS C 17 25.40 112.71 7.31
C LYS C 17 26.65 112.10 7.96
N GLY C 18 27.39 112.93 8.68
CA GLY C 18 28.57 112.50 9.39
C GLY C 18 29.77 112.27 8.49
N LEU C 19 30.54 113.32 8.22
CA LEU C 19 31.67 113.23 7.29
C LEU C 19 32.85 112.59 8.01
N LEU C 20 33.21 111.39 7.56
CA LEU C 20 34.43 110.74 8.03
C LEU C 20 35.67 111.43 7.47
N GLY C 21 35.54 112.07 6.31
CA GLY C 21 36.58 112.84 5.67
C GLY C 21 36.72 112.41 4.22
N GLY C 22 37.84 112.83 3.61
CA GLY C 22 38.07 112.53 2.21
C GLY C 22 39.40 111.90 1.90
N GLY C 23 39.76 111.88 0.61
CA GLY C 23 41.02 111.31 0.18
C GLY C 23 41.06 109.80 0.24
N VAL C 24 39.99 109.13 -0.20
CA VAL C 24 39.87 107.68 -0.08
C VAL C 24 39.00 107.18 -1.22
N SER C 25 39.24 105.93 -1.63
CA SER C 25 38.56 105.37 -2.79
C SER C 25 37.13 104.97 -2.45
N VAL C 26 36.35 104.74 -3.50
CA VAL C 26 34.95 104.34 -3.34
C VAL C 26 34.86 102.89 -2.88
N GLU C 27 35.83 102.06 -3.29
CA GLU C 27 35.85 100.66 -2.84
C GLU C 27 36.11 100.56 -1.35
N ASP C 28 37.06 101.35 -0.84
CA ASP C 28 37.42 101.27 0.58
C ASP C 28 36.37 101.93 1.46
N CYS C 29 35.70 102.97 0.96
CA CYS C 29 34.65 103.62 1.74
C CYS C 29 33.40 102.75 1.81
N CYS C 30 33.10 102.03 0.74
CA CYS C 30 31.93 101.16 0.69
C CYS C 30 32.23 99.72 1.06
N LEU C 31 33.30 99.47 1.82
CA LEU C 31 33.45 98.17 2.46
C LEU C 31 32.36 98.01 3.52
N ASN C 32 32.25 98.98 4.43
CA ASN C 32 31.07 99.10 5.29
C ASN C 32 29.90 99.57 4.43
N THR C 33 28.89 98.71 4.26
CA THR C 33 27.76 99.01 3.39
C THR C 33 26.75 99.96 4.03
N ALA C 34 26.92 100.32 5.29
CA ALA C 34 26.10 101.32 5.94
C ALA C 34 26.60 102.74 5.70
N PHE C 35 27.73 102.89 5.01
CA PHE C 35 28.31 104.20 4.76
C PHE C 35 27.70 104.81 3.50
N ALA C 36 28.19 105.98 3.10
CA ALA C 36 27.72 106.67 1.91
C ALA C 36 28.82 107.57 1.36
N TYR C 37 28.71 107.93 0.09
CA TYR C 37 29.72 108.74 -0.56
C TYR C 37 29.10 109.78 -1.48
N GLN C 38 29.80 110.90 -1.64
CA GLN C 38 29.44 111.94 -2.60
C GLN C 38 30.71 112.65 -3.05
N LYS C 39 30.62 113.33 -4.20
CA LYS C 39 31.73 114.09 -4.75
C LYS C 39 31.53 115.56 -4.41
N ARG C 40 32.40 116.08 -3.55
CA ARG C 40 32.46 117.46 -3.03
C ARG C 40 31.14 117.76 -2.31
N SER C 41 30.72 119.03 -2.30
CA SER C 41 29.45 119.43 -1.73
C SER C 41 28.40 119.70 -2.79
N GLY C 42 28.53 119.08 -3.97
CA GLY C 42 27.59 119.34 -5.04
C GLY C 42 26.26 118.63 -4.84
N GLY C 43 26.30 117.44 -4.24
CA GLY C 43 25.11 116.69 -3.95
C GLY C 43 25.18 115.28 -4.50
N LEU C 44 24.00 114.68 -4.64
CA LEU C 44 23.77 113.28 -4.99
C LEU C 44 24.54 112.35 -4.05
N CYS C 45 23.97 112.10 -2.87
CA CYS C 45 24.59 111.21 -1.90
C CYS C 45 24.10 109.78 -2.15
N GLN C 46 25.03 108.88 -2.44
CA GLN C 46 24.72 107.49 -2.76
C GLN C 46 25.14 106.58 -1.62
N PRO C 47 24.24 105.77 -1.08
CA PRO C 47 24.63 104.83 -0.02
C PRO C 47 25.43 103.66 -0.58
N CYS C 48 26.20 103.04 0.32
CA CYS C 48 27.06 101.92 -0.03
C CYS C 48 26.33 100.58 -0.03
N ARG C 49 25.02 100.59 0.24
CA ARG C 49 24.19 99.40 0.15
C ARG C 49 24.06 98.96 -1.31
N SER C 50 23.69 97.68 -1.50
CA SER C 50 23.33 97.17 -2.81
C SER C 50 22.12 97.93 -3.35
N PRO C 51 22.07 98.20 -4.67
CA PRO C 51 21.13 99.19 -5.21
C PRO C 51 19.67 98.77 -5.10
N ARG C 52 18.85 99.71 -4.63
CA ARG C 52 17.45 99.49 -4.32
C ARG C 52 16.72 100.81 -4.52
N TRP C 53 15.47 100.74 -4.95
CA TRP C 53 14.67 101.93 -5.17
C TRP C 53 14.33 102.58 -3.84
N SER C 54 14.34 103.92 -3.83
CA SER C 54 14.02 104.68 -2.64
C SER C 54 12.50 104.79 -2.50
N LEU C 55 12.04 105.67 -1.62
CA LEU C 55 10.62 105.87 -1.44
C LEU C 55 10.10 106.85 -2.49
N TRP C 56 8.86 106.62 -2.94
CA TRP C 56 8.18 107.57 -3.83
C TRP C 56 8.00 108.89 -3.11
N SER C 57 8.41 109.97 -3.77
CA SER C 57 8.30 111.30 -3.19
C SER C 57 6.83 111.74 -3.14
N THR C 58 6.60 112.86 -2.47
CA THR C 58 5.25 113.40 -2.41
C THR C 58 4.83 113.93 -3.77
N TRP C 59 3.51 113.88 -4.02
CA TRP C 59 2.96 114.34 -5.30
C TRP C 59 3.20 115.83 -5.47
N ALA C 60 3.64 116.21 -6.67
CA ALA C 60 3.86 117.61 -7.01
C ALA C 60 2.51 118.35 -7.04
N PRO C 61 2.53 119.68 -6.85
CA PRO C 61 1.30 120.45 -7.01
C PRO C 61 0.72 120.33 -8.42
N CYS C 62 -0.61 120.31 -8.48
CA CYS C 62 -1.33 120.05 -9.72
C CYS C 62 -1.08 121.18 -10.72
N SER C 63 -0.99 120.81 -12.00
CA SER C 63 -0.50 121.70 -13.04
C SER C 63 -1.42 122.88 -13.30
N VAL C 64 -2.70 122.74 -12.96
CA VAL C 64 -3.64 123.85 -12.99
C VAL C 64 -4.46 123.81 -11.71
N THR C 65 -4.89 124.99 -11.26
CA THR C 65 -5.80 125.11 -10.12
C THR C 65 -7.26 124.97 -10.52
N CYS C 66 -7.54 124.63 -11.78
CA CYS C 66 -8.90 124.51 -12.29
C CYS C 66 -9.00 123.27 -13.16
N SER C 67 -10.07 122.50 -12.96
CA SER C 67 -10.50 121.33 -13.74
C SER C 67 -9.44 120.23 -13.64
N GLU C 68 -9.35 119.38 -14.66
CA GLU C 68 -8.45 118.24 -14.64
C GLU C 68 -7.05 118.65 -15.07
N GLY C 69 -6.05 118.19 -14.31
CA GLY C 69 -4.65 118.45 -14.60
C GLY C 69 -3.84 117.17 -14.56
N SER C 70 -2.56 117.32 -14.22
CA SER C 70 -1.64 116.19 -14.15
C SER C 70 -0.53 116.51 -13.15
N GLN C 71 -0.15 115.51 -12.35
CA GLN C 71 0.86 115.69 -11.31
C GLN C 71 1.86 114.53 -11.36
N LEU C 72 3.10 114.83 -10.96
CA LEU C 72 4.20 113.88 -11.02
C LEU C 72 4.75 113.59 -9.63
N ARG C 73 5.37 112.42 -9.51
CA ARG C 73 6.20 112.08 -8.35
C ARG C 73 7.36 111.21 -8.82
N TYR C 74 8.47 111.30 -8.12
CA TYR C 74 9.69 110.64 -8.57
C TYR C 74 10.11 109.52 -7.62
N ARG C 75 11.11 108.76 -8.07
CA ARG C 75 11.75 107.73 -7.27
C ARG C 75 13.15 107.53 -7.85
N ARG C 76 14.18 107.64 -7.01
CA ARG C 76 15.55 107.58 -7.46
C ARG C 76 16.21 106.29 -6.99
N CYS C 77 16.82 105.56 -7.92
CA CYS C 77 17.60 104.37 -7.59
C CYS C 77 18.89 104.79 -6.88
N VAL C 78 19.00 104.43 -5.60
CA VAL C 78 20.16 104.80 -4.79
C VAL C 78 20.94 103.54 -4.44
N GLY C 79 22.26 103.61 -4.55
CA GLY C 79 23.09 102.48 -4.22
C GLY C 79 24.43 102.54 -4.94
N TRP C 80 25.13 101.41 -4.90
CA TRP C 80 26.47 101.28 -5.48
C TRP C 80 26.71 99.81 -5.81
N ASN C 81 27.37 99.58 -6.95
CA ASN C 81 27.76 98.27 -7.49
C ASN C 81 26.57 97.34 -7.68
N GLY C 82 25.92 97.45 -8.83
CA GLY C 82 24.73 96.67 -9.14
C GLY C 82 23.72 97.52 -9.86
N GLN C 83 22.49 97.01 -9.94
CA GLN C 83 21.41 97.70 -10.60
C GLN C 83 20.12 97.53 -9.80
N CYS C 84 19.18 98.44 -10.03
CA CYS C 84 17.86 98.35 -9.43
C CYS C 84 16.98 97.43 -10.29
N SER C 85 15.70 97.35 -9.94
CA SER C 85 14.77 96.48 -10.65
C SER C 85 14.36 97.15 -11.96
N GLY C 86 14.84 96.62 -13.08
CA GLY C 86 14.46 97.13 -14.38
C GLY C 86 15.62 97.63 -15.22
N LYS C 87 16.81 97.03 -15.01
CA LYS C 87 18.06 97.38 -15.71
C LYS C 87 18.43 98.85 -15.52
N VAL C 88 18.29 99.33 -14.29
CA VAL C 88 18.38 100.76 -13.98
C VAL C 88 19.71 101.01 -13.26
N ALA C 89 20.50 101.92 -13.81
CA ALA C 89 21.76 102.32 -13.19
C ALA C 89 21.49 103.19 -11.95
N PRO C 90 22.41 103.20 -10.98
CA PRO C 90 22.26 104.09 -9.80
C PRO C 90 22.35 105.55 -10.19
N GLY C 91 21.27 106.29 -9.93
CA GLY C 91 21.15 107.69 -10.32
C GLY C 91 19.98 107.96 -11.23
N THR C 92 19.51 106.96 -11.98
CA THR C 92 18.36 107.12 -12.86
C THR C 92 17.07 107.12 -12.04
N LEU C 93 16.00 107.62 -12.67
CA LEU C 93 14.74 107.83 -11.97
C LEU C 93 13.59 107.14 -12.68
N GLU C 94 12.42 107.23 -12.05
CA GLU C 94 11.17 106.65 -12.52
C GLU C 94 10.05 107.57 -12.07
N TRP C 95 9.11 107.83 -12.95
CA TRP C 95 8.06 108.80 -12.68
C TRP C 95 6.70 108.12 -12.74
N GLN C 96 5.74 108.70 -12.02
CA GLN C 96 4.35 108.31 -12.10
C GLN C 96 3.52 109.56 -12.34
N LEU C 97 2.71 109.54 -13.38
CA LEU C 97 1.85 110.66 -13.73
C LEU C 97 0.40 110.30 -13.45
N GLN C 98 -0.28 111.16 -12.71
CA GLN C 98 -1.65 110.92 -12.27
C GLN C 98 -2.48 112.16 -12.54
N ALA C 99 -3.75 111.95 -12.87
CA ALA C 99 -4.65 113.07 -13.10
C ALA C 99 -5.18 113.60 -11.78
N CYS C 100 -5.00 114.89 -11.54
CA CYS C 100 -5.43 115.55 -10.32
C CYS C 100 -6.58 116.51 -10.61
N GLU C 101 -7.16 117.04 -9.53
CA GLU C 101 -8.29 117.96 -9.64
C GLU C 101 -8.31 118.80 -8.36
N ASP C 102 -7.71 120.00 -8.44
CA ASP C 102 -7.75 120.92 -7.29
C ASP C 102 -9.16 121.46 -7.10
N GLN C 103 -9.78 121.94 -8.16
CA GLN C 103 -11.16 122.39 -8.16
C GLN C 103 -11.86 121.79 -9.37
N GLN C 104 -13.01 121.17 -9.12
CA GLN C 104 -13.70 120.38 -10.15
C GLN C 104 -14.39 121.22 -11.21
N CYS C 105 -14.48 122.54 -11.01
CA CYS C 105 -15.13 123.41 -11.99
C CYS C 105 -14.39 124.74 -12.12
N GLY D 1 49.69 138.94 30.77
CA GLY D 1 49.91 138.81 29.33
C GLY D 1 50.98 137.82 28.98
N VAL D 2 50.64 136.53 29.00
CA VAL D 2 51.56 135.44 28.70
C VAL D 2 51.01 134.67 27.51
N ALA D 3 51.85 134.45 26.50
CA ALA D 3 51.44 133.81 25.26
C ALA D 3 51.58 132.30 25.39
N GLY D 4 50.43 131.59 25.31
CA GLY D 4 50.43 130.14 25.41
C GLY D 4 50.68 129.45 24.08
N GLY D 5 51.12 128.20 24.15
CA GLY D 5 51.46 127.43 22.98
C GLY D 5 51.22 125.95 23.17
N TRP D 6 51.34 125.21 22.07
CA TRP D 6 51.02 123.80 22.12
C TRP D 6 52.20 122.96 22.60
N GLY D 7 51.88 121.83 23.22
CA GLY D 7 52.87 120.91 23.71
C GLY D 7 53.12 119.77 22.75
N PRO D 8 53.77 118.70 23.23
CA PRO D 8 54.03 117.55 22.35
C PRO D 8 52.76 116.75 22.07
N TRP D 9 52.64 116.29 20.83
CA TRP D 9 51.54 115.41 20.47
C TRP D 9 51.71 114.05 21.13
N GLY D 10 50.62 113.49 21.65
CA GLY D 10 50.66 112.23 22.34
C GLY D 10 50.75 111.03 21.43
N PRO D 11 50.54 109.84 21.97
CA PRO D 11 50.56 108.63 21.12
C PRO D 11 49.31 108.56 20.26
N VAL D 12 49.51 108.13 19.00
CA VAL D 12 48.39 108.05 18.07
C VAL D 12 47.55 106.84 18.43
N SER D 13 46.23 106.97 18.28
CA SER D 13 45.35 105.86 18.54
C SER D 13 45.49 104.83 17.43
N PRO D 14 45.40 103.54 17.72
CA PRO D 14 45.29 102.53 16.67
C PRO D 14 43.95 102.64 15.95
N CYS D 15 43.92 102.05 14.75
CA CYS D 15 42.72 102.05 13.91
C CYS D 15 41.63 101.28 14.63
N PRO D 16 40.51 101.95 14.97
CA PRO D 16 39.51 101.31 15.86
C PRO D 16 38.81 100.12 15.24
N VAL D 17 38.52 100.19 13.97
CA VAL D 17 37.61 99.26 13.31
C VAL D 17 38.43 98.20 12.56
N THR D 18 37.85 97.02 12.41
CA THR D 18 38.49 95.91 11.71
C THR D 18 38.07 95.78 10.26
N CYS D 19 37.09 96.57 9.82
CA CYS D 19 36.62 96.57 8.44
C CYS D 19 36.49 98.01 7.99
N GLY D 20 36.61 98.23 6.68
CA GLY D 20 36.27 99.53 6.10
C GLY D 20 37.18 100.68 6.51
N LEU D 21 36.55 101.81 6.78
CA LEU D 21 37.22 103.02 7.21
C LEU D 21 36.94 103.31 8.69
N GLY D 22 37.93 103.93 9.34
CA GLY D 22 37.77 104.40 10.70
C GLY D 22 38.44 105.76 10.89
N GLN D 23 38.56 106.19 12.14
CA GLN D 23 39.19 107.47 12.42
C GLN D 23 40.04 107.37 13.67
N THR D 24 41.30 107.78 13.56
CA THR D 24 42.26 107.82 14.66
C THR D 24 42.52 109.26 15.06
N MET D 25 43.27 109.44 16.15
CA MET D 25 43.48 110.76 16.71
C MET D 25 44.83 110.85 17.41
N GLU D 26 45.24 112.10 17.63
CA GLU D 26 46.34 112.43 18.52
C GLU D 26 45.88 113.54 19.45
N GLN D 27 46.39 113.53 20.68
CA GLN D 27 46.02 114.51 21.70
C GLN D 27 47.23 115.35 22.07
N ARG D 28 47.06 116.67 22.07
CA ARG D 28 48.06 117.57 22.58
C ARG D 28 47.47 118.45 23.68
N THR D 29 48.34 118.94 24.56
CA THR D 29 47.94 119.79 25.65
C THR D 29 48.64 121.13 25.50
N CYS D 30 48.08 122.15 26.15
CA CYS D 30 48.70 123.47 26.23
C CYS D 30 49.35 123.64 27.60
N ASN D 31 50.17 122.67 27.99
CA ASN D 31 50.65 122.55 29.36
C ASN D 31 52.05 123.11 29.58
N HIS D 32 52.89 123.22 28.55
CA HIS D 32 54.24 123.73 28.79
C HIS D 32 54.25 125.25 28.95
N PRO D 33 53.68 126.12 28.02
CA PRO D 33 53.76 127.57 28.31
C PRO D 33 52.67 128.04 29.26
N VAL D 34 51.41 127.69 28.96
CA VAL D 34 50.16 128.01 29.67
C VAL D 34 49.84 129.50 29.63
N PRO D 35 48.71 129.91 29.05
CA PRO D 35 48.31 131.33 29.09
C PRO D 35 47.95 131.77 30.50
N GLN D 36 48.71 132.73 31.03
CA GLN D 36 48.54 133.24 32.37
C GLN D 36 48.21 134.72 32.32
N HIS D 37 47.23 135.11 33.15
CA HIS D 37 46.73 136.50 33.29
C HIS D 37 46.19 137.07 31.98
N GLY D 38 45.68 136.21 31.09
CA GLY D 38 45.14 136.65 29.82
C GLY D 38 45.78 135.96 28.63
N GLY D 39 46.35 136.75 27.72
CA GLY D 39 47.04 136.21 26.57
C GLY D 39 46.11 135.76 25.47
N PRO D 40 46.46 134.67 24.80
CA PRO D 40 45.60 134.13 23.74
C PRO D 40 44.87 132.88 24.19
N PHE D 41 44.87 131.86 23.33
CA PHE D 41 44.42 130.52 23.69
C PHE D 41 45.12 129.52 22.77
N CYS D 42 46.45 129.51 22.81
CA CYS D 42 47.38 128.52 22.22
C CYS D 42 47.39 128.48 20.67
N ALA D 43 46.42 129.13 20.02
CA ALA D 43 46.24 129.30 18.57
C ALA D 43 46.13 127.99 17.81
N GLY D 44 44.89 127.54 17.56
CA GLY D 44 44.65 126.35 16.78
C GLY D 44 43.66 125.37 17.37
N ASP D 45 43.93 124.08 17.25
CA ASP D 45 43.10 123.01 17.77
C ASP D 45 43.96 122.07 18.60
N ALA D 46 43.41 121.59 19.72
CA ALA D 46 44.10 120.64 20.58
C ALA D 46 43.92 119.19 20.16
N THR D 47 43.56 118.93 18.90
CA THR D 47 43.16 117.59 18.46
C THR D 47 43.29 117.53 16.94
N ARG D 48 44.05 116.55 16.45
CA ARG D 48 44.07 116.22 15.03
C ARG D 48 43.36 114.89 14.80
N THR D 49 42.66 114.79 13.66
CA THR D 49 41.93 113.59 13.27
C THR D 49 42.50 113.08 11.95
N HIS D 50 42.48 111.75 11.78
CA HIS D 50 42.99 111.13 10.56
C HIS D 50 42.21 109.87 10.25
N ILE D 51 42.06 109.58 8.96
CA ILE D 51 41.35 108.41 8.47
C ILE D 51 42.33 107.24 8.38
N CYS D 52 41.95 106.10 8.95
CA CYS D 52 42.70 104.87 8.76
C CYS D 52 41.89 103.89 7.93
N ASN D 53 42.59 103.08 7.14
CA ASN D 53 41.97 102.22 6.12
C ASN D 53 42.51 100.81 6.30
N THR D 54 41.61 99.87 6.59
CA THR D 54 42.00 98.47 6.79
C THR D 54 41.92 97.63 5.52
N ALA D 55 41.23 98.12 4.48
CA ALA D 55 41.16 97.53 3.14
C ALA D 55 40.54 96.12 3.11
N VAL D 56 39.65 95.82 4.05
CA VAL D 56 38.99 94.51 4.12
C VAL D 56 37.48 94.73 4.18
N PRO D 57 36.68 94.02 3.37
CA PRO D 57 35.23 94.26 3.35
C PRO D 57 34.51 93.75 4.60
N CYS D 58 33.30 94.29 4.80
CA CYS D 58 32.52 94.18 6.01
C CYS D 58 31.33 93.22 5.86
N PRO D 59 30.84 92.66 6.97
CA PRO D 59 29.61 91.85 6.95
C PRO D 59 28.37 92.58 6.47
N VAL D 60 27.55 91.85 5.70
CA VAL D 60 26.23 92.30 5.28
C VAL D 60 25.23 91.18 5.57
N ASP D 61 24.18 91.50 6.33
CA ASP D 61 23.17 90.50 6.67
C ASP D 61 22.27 90.22 5.48
N GLY D 62 21.88 88.96 5.33
CA GLY D 62 20.96 88.58 4.27
C GLY D 62 19.57 89.13 4.48
N GLU D 63 18.87 89.38 3.37
CA GLU D 63 17.51 89.88 3.37
C GLU D 63 16.60 88.91 2.65
N TRP D 64 15.33 88.91 3.03
CA TRP D 64 14.36 88.05 2.37
C TRP D 64 13.99 88.59 1.01
N ASP D 65 14.03 87.71 0.00
CA ASP D 65 13.38 88.01 -1.27
C ASP D 65 11.87 87.94 -1.11
N SER D 66 11.15 88.37 -2.16
CA SER D 66 9.70 88.27 -2.16
C SER D 66 9.27 86.81 -2.25
N TRP D 67 8.07 86.53 -1.74
CA TRP D 67 7.50 85.20 -1.74
C TRP D 67 7.29 84.69 -3.17
N GLY D 68 7.42 83.38 -3.34
CA GLY D 68 7.23 82.76 -4.64
C GLY D 68 5.77 82.65 -5.02
N GLU D 69 5.50 81.78 -5.98
CA GLU D 69 4.13 81.54 -6.41
C GLU D 69 3.56 80.43 -5.54
N TRP D 70 2.29 80.59 -5.17
CA TRP D 70 1.53 79.57 -4.47
C TRP D 70 1.51 78.26 -5.26
N SER D 71 1.67 77.14 -4.55
CA SER D 71 1.53 75.81 -5.13
C SER D 71 0.04 75.56 -5.47
N PRO D 72 -0.26 74.55 -6.29
CA PRO D 72 -1.68 74.26 -6.57
C PRO D 72 -2.42 73.75 -5.36
N CYS D 73 -3.72 74.08 -5.32
CA CYS D 73 -4.58 73.69 -4.22
C CYS D 73 -5.17 72.32 -4.52
N ILE D 74 -4.31 71.31 -4.41
CA ILE D 74 -4.69 69.92 -4.63
C ILE D 74 -4.34 69.15 -3.36
N ARG D 75 -4.64 67.86 -3.33
CA ARG D 75 -4.25 66.99 -2.22
C ARG D 75 -3.08 66.11 -2.67
N ARG D 76 -2.10 65.96 -1.77
CA ARG D 76 -1.00 65.04 -1.98
C ARG D 76 -1.52 63.60 -2.01
N ASN D 77 -1.06 62.84 -3.01
CA ASN D 77 -1.45 61.45 -3.29
C ASN D 77 -2.96 61.28 -3.45
N MET D 78 -3.56 62.15 -4.28
CA MET D 78 -4.98 62.06 -4.62
C MET D 78 -5.22 62.46 -6.06
N LYS D 79 -5.98 63.54 -6.26
CA LYS D 79 -6.33 64.01 -7.61
C LYS D 79 -6.39 65.53 -7.61
N SER D 80 -7.60 66.10 -7.69
CA SER D 80 -7.80 67.54 -7.62
C SER D 80 -9.14 67.79 -6.95
N ILE D 81 -9.33 69.04 -6.51
CA ILE D 81 -10.52 69.40 -5.75
C ILE D 81 -11.24 70.55 -6.45
N SER D 82 -10.91 70.74 -7.73
CA SER D 82 -11.49 71.80 -8.56
C SER D 82 -13.01 71.67 -8.69
N CYS D 83 -13.70 72.81 -8.54
CA CYS D 83 -15.17 72.96 -8.60
C CYS D 83 -15.89 72.11 -7.55
N GLN D 84 -15.31 72.01 -6.34
CA GLN D 84 -15.86 71.14 -5.31
C GLN D 84 -15.75 71.81 -3.95
N GLU D 85 -16.62 71.39 -3.03
CA GLU D 85 -16.61 71.86 -1.63
C GLU D 85 -15.55 71.14 -0.79
N ILE D 86 -14.30 71.26 -1.21
CA ILE D 86 -13.19 70.61 -0.52
C ILE D 86 -12.16 71.67 -0.16
N PRO D 87 -11.95 71.98 1.11
CA PRO D 87 -10.84 72.87 1.48
C PRO D 87 -9.51 72.11 1.43
N GLY D 88 -8.53 72.68 0.74
CA GLY D 88 -7.21 72.09 0.65
C GLY D 88 -6.13 72.98 1.22
N GLN D 89 -4.86 72.71 0.90
CA GLN D 89 -3.74 73.52 1.33
C GLN D 89 -2.82 73.82 0.14
N GLN D 90 -1.96 74.81 0.33
CA GLN D 90 -0.94 75.15 -0.66
C GLN D 90 0.21 75.86 0.02
N SER D 91 1.41 75.72 -0.55
CA SER D 91 2.63 76.20 0.05
C SER D 91 3.29 77.27 -0.81
N ARG D 92 4.22 78.01 -0.20
CA ARG D 92 4.90 79.13 -0.84
C ARG D 92 6.31 79.22 -0.26
N GLY D 93 7.26 79.67 -1.07
CA GLY D 93 8.67 79.66 -0.67
C GLY D 93 9.35 81.00 -0.83
N ARG D 94 10.26 81.28 0.11
CA ARG D 94 11.13 82.46 0.06
C ARG D 94 12.58 82.02 -0.13
N THR D 95 13.43 83.00 -0.47
CA THR D 95 14.84 82.77 -0.69
C THR D 95 15.63 83.87 0.03
N CYS D 96 16.60 83.48 0.85
CA CYS D 96 17.47 84.44 1.48
C CYS D 96 18.61 84.79 0.52
N ARG D 97 18.77 86.07 0.23
CA ARG D 97 19.74 86.54 -0.76
C ARG D 97 20.50 87.73 -0.21
N GLY D 98 21.81 87.78 -0.49
CA GLY D 98 22.63 88.91 -0.13
C GLY D 98 23.52 88.71 1.07
N ARG D 99 23.43 87.56 1.76
CA ARG D 99 24.27 87.30 2.92
C ARG D 99 25.72 87.04 2.49
N LYS D 100 26.62 87.92 2.92
CA LYS D 100 28.05 87.78 2.65
C LYS D 100 28.84 88.13 3.90
N PHE D 101 30.03 87.50 4.01
CA PHE D 101 31.07 87.81 5.00
C PHE D 101 30.60 87.62 6.45
N ASP D 102 30.17 86.38 6.76
CA ASP D 102 29.70 85.95 8.09
C ASP D 102 28.53 86.78 8.60
N GLY D 103 27.71 87.31 7.69
CA GLY D 103 26.56 88.09 8.07
C GLY D 103 25.47 87.24 8.68
N HIS D 104 24.48 87.92 9.26
CA HIS D 104 23.39 87.22 9.90
C HIS D 104 22.47 86.57 8.87
N ARG D 105 22.09 85.34 9.18
CA ARG D 105 21.15 84.57 8.38
C ARG D 105 19.77 85.19 8.51
N CYS D 106 18.93 84.96 7.50
CA CYS D 106 17.60 85.54 7.46
C CYS D 106 16.71 85.00 8.59
N ALA D 107 15.98 85.91 9.22
CA ALA D 107 15.14 85.58 10.38
C ALA D 107 13.69 85.46 9.93
N GLY D 108 13.08 84.31 10.19
CA GLY D 108 11.70 84.08 9.83
C GLY D 108 11.47 82.72 9.21
N GLN D 109 10.22 82.42 8.88
CA GLN D 109 9.90 81.16 8.23
C GLN D 109 10.09 81.30 6.72
N GLN D 110 10.86 80.39 6.13
CA GLN D 110 11.06 80.42 4.69
C GLN D 110 9.91 79.79 3.92
N GLN D 111 8.96 79.17 4.61
CA GLN D 111 7.79 78.56 3.98
C GLN D 111 6.52 79.16 4.56
N ASP D 112 5.45 79.10 3.77
CA ASP D 112 4.17 79.67 4.15
C ASP D 112 3.07 78.79 3.58
N ILE D 113 2.23 78.24 4.46
CA ILE D 113 1.13 77.38 4.06
C ILE D 113 -0.18 78.03 4.50
N ARG D 114 -1.16 78.05 3.61
CA ARG D 114 -2.49 78.56 3.91
C ARG D 114 -3.52 77.67 3.25
N HIS D 115 -4.75 77.73 3.76
CA HIS D 115 -5.81 76.85 3.31
C HIS D 115 -6.60 77.47 2.17
N CYS D 116 -7.21 76.61 1.36
CA CYS D 116 -7.69 77.06 0.06
C CYS D 116 -8.80 76.20 -0.49
N TYR D 117 -9.64 76.83 -1.32
CA TYR D 117 -10.48 76.16 -2.30
C TYR D 117 -9.84 76.30 -3.69
N SER D 118 -10.35 75.52 -4.64
CA SER D 118 -9.79 75.47 -5.98
C SER D 118 -10.87 75.80 -7.00
N ILE D 119 -10.70 76.91 -7.71
CA ILE D 119 -11.58 77.27 -8.82
C ILE D 119 -10.76 77.39 -10.10
N GLN D 120 -9.70 76.60 -10.20
CA GLN D 120 -8.83 76.61 -11.38
C GLN D 120 -9.56 76.02 -12.58
N HIS D 121 -9.76 76.86 -13.61
CA HIS D 121 -10.47 76.54 -14.87
C HIS D 121 -11.91 76.09 -14.62
N CYS D 122 -12.54 76.66 -13.59
CA CYS D 122 -13.92 76.33 -13.21
C CYS D 122 -14.90 77.29 -13.86
N PRO D 123 -15.91 76.78 -14.58
CA PRO D 123 -16.95 77.66 -15.14
C PRO D 123 -17.87 78.22 -14.06
N LEU D 124 -17.75 79.50 -13.79
CA LEU D 124 -18.53 80.18 -12.77
C LEU D 124 -19.36 81.27 -13.42
N LYS D 125 -20.59 81.44 -12.93
CA LYS D 125 -21.43 82.56 -13.36
C LYS D 125 -20.81 83.88 -12.91
N GLY D 126 -21.05 84.94 -13.71
CA GLY D 126 -20.40 86.20 -13.47
C GLY D 126 -21.34 87.38 -13.62
N SER D 127 -20.81 88.54 -13.23
CA SER D 127 -21.50 89.81 -13.36
C SER D 127 -20.44 90.86 -13.64
N TRP D 128 -20.76 91.84 -14.47
CA TRP D 128 -19.81 92.91 -14.79
C TRP D 128 -19.61 93.79 -13.58
N SER D 129 -18.36 94.07 -13.27
CA SER D 129 -18.05 95.01 -12.21
C SER D 129 -18.32 96.44 -12.70
N GLU D 130 -18.36 97.38 -11.76
CA GLU D 130 -18.45 98.79 -12.10
C GLU D 130 -17.09 99.28 -12.63
N TRP D 131 -17.07 100.54 -13.08
CA TRP D 131 -15.83 101.13 -13.60
C TRP D 131 -14.79 101.25 -12.49
N SER D 132 -13.61 100.70 -12.76
CA SER D 132 -12.50 100.77 -11.82
C SER D 132 -11.99 102.20 -11.71
N THR D 133 -11.19 102.43 -10.68
CA THR D 133 -10.52 103.72 -10.50
C THR D 133 -9.53 103.92 -11.64
N TRP D 134 -9.52 105.16 -12.16
CA TRP D 134 -8.65 105.54 -13.27
C TRP D 134 -7.19 105.33 -12.93
N GLY D 135 -6.48 104.64 -13.82
CA GLY D 135 -5.10 104.28 -13.59
C GLY D 135 -4.13 105.45 -13.75
N LEU D 136 -2.86 105.10 -13.84
CA LEU D 136 -1.84 106.12 -14.01
C LEU D 136 -1.78 106.55 -15.47
N CYS D 137 -1.33 107.78 -15.70
CA CYS D 137 -1.10 108.27 -17.05
C CYS D 137 0.15 107.61 -17.61
N MET D 138 -0.03 106.71 -18.57
CA MET D 138 1.12 106.01 -19.11
C MET D 138 1.23 106.24 -20.62
N PRO D 139 2.45 106.50 -21.13
CA PRO D 139 3.72 106.62 -20.38
C PRO D 139 3.95 108.00 -19.77
N PRO D 140 4.38 108.04 -18.51
CA PRO D 140 4.88 109.29 -17.93
C PRO D 140 6.18 109.68 -18.62
N CYS D 141 6.32 110.99 -18.87
CA CYS D 141 7.38 111.71 -19.61
C CYS D 141 7.39 111.45 -21.11
N GLY D 142 6.70 110.42 -21.58
CA GLY D 142 6.64 110.10 -22.99
C GLY D 142 5.61 110.91 -23.73
N PRO D 143 5.50 110.66 -25.03
CA PRO D 143 4.55 111.42 -25.86
C PRO D 143 3.12 110.95 -25.61
N ASN D 144 2.24 111.92 -25.28
CA ASN D 144 0.79 111.80 -25.08
C ASN D 144 0.42 110.73 -24.03
N PRO D 145 0.51 111.04 -22.74
CA PRO D 145 0.12 110.06 -21.72
C PRO D 145 -1.40 109.92 -21.64
N THR D 146 -1.84 108.68 -21.39
CA THR D 146 -3.27 108.35 -21.35
C THR D 146 -3.57 107.49 -20.12
N ARG D 147 -4.71 107.75 -19.48
CA ARG D 147 -5.21 106.91 -18.41
C ARG D 147 -5.97 105.72 -18.97
N ALA D 148 -6.41 104.83 -18.07
CA ALA D 148 -7.19 103.65 -18.45
C ALA D 148 -7.96 103.15 -17.23
N ARG D 149 -9.26 102.98 -17.39
CA ARG D 149 -10.11 102.26 -16.45
C ARG D 149 -10.83 101.14 -17.20
N GLN D 150 -11.39 100.19 -16.46
CA GLN D 150 -11.91 99.00 -17.10
C GLN D 150 -13.02 98.36 -16.26
N ARG D 151 -13.93 97.68 -16.95
CA ARG D 151 -14.90 96.77 -16.34
C ARG D 151 -14.54 95.35 -16.74
N LEU D 152 -14.55 94.43 -15.78
CA LEU D 152 -14.20 93.04 -16.04
C LEU D 152 -15.28 92.12 -15.50
N CYS D 153 -15.40 90.96 -16.13
CA CYS D 153 -16.39 89.94 -15.77
C CYS D 153 -15.96 89.29 -14.46
N THR D 154 -16.50 89.78 -13.36
CA THR D 154 -16.14 89.27 -12.04
C THR D 154 -16.92 88.01 -11.73
N PRO D 155 -16.25 86.91 -11.37
CA PRO D 155 -16.97 85.66 -11.10
C PRO D 155 -17.74 85.71 -9.79
N LEU D 156 -18.90 85.05 -9.79
CA LEU D 156 -19.68 84.89 -8.56
C LEU D 156 -19.09 83.70 -7.83
N LEU D 157 -18.33 84.00 -6.77
CA LEU D 157 -17.70 82.96 -5.97
C LEU D 157 -18.76 82.16 -5.23
N PRO D 158 -18.65 80.82 -5.20
CA PRO D 158 -19.71 80.01 -4.58
C PRO D 158 -19.70 80.12 -3.06
N LYS D 159 -20.89 80.11 -2.47
CA LYS D 159 -21.08 80.36 -1.04
C LYS D 159 -20.66 79.12 -0.25
N TYR D 160 -19.37 79.02 -0.04
CA TYR D 160 -18.74 77.95 0.70
C TYR D 160 -18.45 78.41 2.12
N PRO D 161 -18.15 77.52 3.06
CA PRO D 161 -17.71 77.96 4.39
C PRO D 161 -16.32 78.59 4.34
N PRO D 162 -16.19 79.87 4.70
CA PRO D 162 -14.86 80.51 4.71
C PRO D 162 -13.99 80.07 5.88
N THR D 163 -14.56 79.41 6.88
CA THR D 163 -13.86 78.98 8.08
C THR D 163 -14.12 77.51 8.29
N VAL D 164 -13.06 76.69 8.20
CA VAL D 164 -13.17 75.24 8.33
C VAL D 164 -12.38 74.82 9.56
N SER D 165 -13.07 74.21 10.52
CA SER D 165 -12.45 73.80 11.78
C SER D 165 -12.03 72.35 11.67
N MET D 166 -10.72 72.10 11.75
CA MET D 166 -10.22 70.76 11.80
C MET D 166 -10.10 70.33 13.27
N VAL D 167 -9.84 69.05 13.50
CA VAL D 167 -9.70 68.56 14.87
C VAL D 167 -8.21 68.50 15.19
N GLU D 168 -7.71 67.30 15.56
CA GLU D 168 -6.36 67.05 16.08
C GLU D 168 -6.02 67.97 17.25
N GLY D 169 -5.62 69.20 16.94
CA GLY D 169 -5.35 70.20 17.97
C GLY D 169 -6.34 71.35 17.93
N GLN D 170 -7.49 71.11 17.27
CA GLN D 170 -8.61 72.05 17.13
C GLN D 170 -8.17 73.36 16.46
N GLY D 171 -7.60 73.23 15.26
CA GLY D 171 -7.12 74.37 14.51
C GLY D 171 -8.08 74.80 13.42
N GLU D 172 -8.56 76.04 13.52
CA GLU D 172 -9.51 76.61 12.56
C GLU D 172 -8.75 77.49 11.57
N LYS D 173 -9.07 77.36 10.28
CA LYS D 173 -8.26 77.91 9.20
C LYS D 173 -9.06 78.92 8.39
N ASN D 174 -8.55 80.17 8.29
CA ASN D 174 -9.06 81.17 7.35
C ASN D 174 -8.84 80.68 5.91
N VAL D 175 -9.89 80.22 5.21
CA VAL D 175 -9.77 79.60 3.89
C VAL D 175 -10.09 80.63 2.79
N THR D 176 -9.20 80.76 1.81
CA THR D 176 -9.33 81.73 0.71
C THR D 176 -9.28 81.05 -0.65
N PHE D 177 -9.89 81.64 -1.66
CA PHE D 177 -9.99 80.99 -2.97
C PHE D 177 -8.72 81.16 -3.79
N TRP D 178 -8.36 80.11 -4.54
CA TRP D 178 -7.18 80.09 -5.41
C TRP D 178 -7.59 79.62 -6.80
N GLY D 179 -6.93 80.18 -7.81
CA GLY D 179 -7.11 79.73 -9.18
C GLY D 179 -7.63 80.79 -10.12
N ARG D 180 -7.52 80.53 -11.42
CA ARG D 180 -8.04 81.40 -12.45
C ARG D 180 -9.32 80.79 -13.00
N PRO D 181 -10.49 81.26 -12.60
CA PRO D 181 -11.75 80.68 -13.08
C PRO D 181 -12.07 81.14 -14.50
N LEU D 182 -13.18 80.61 -15.02
CA LEU D 182 -13.70 80.95 -16.33
C LEU D 182 -15.03 81.66 -16.13
N PRO D 183 -15.04 82.99 -15.94
CA PRO D 183 -16.29 83.69 -15.62
C PRO D 183 -17.20 83.81 -16.83
N ARG D 184 -18.44 83.33 -16.68
CA ARG D 184 -19.43 83.37 -17.74
C ARG D 184 -20.36 84.55 -17.54
N CYS D 185 -20.55 85.35 -18.59
CA CYS D 185 -21.36 86.56 -18.53
C CYS D 185 -21.77 86.93 -19.95
N GLU D 186 -22.82 87.76 -20.05
CA GLU D 186 -23.29 88.25 -21.32
C GLU D 186 -22.31 89.31 -21.85
N GLU D 187 -22.18 89.37 -23.18
CA GLU D 187 -21.32 90.36 -23.84
C GLU D 187 -21.79 91.77 -23.58
N LEU D 188 -20.84 92.70 -23.46
CA LEU D 188 -21.17 94.10 -23.25
C LEU D 188 -20.97 94.90 -24.54
N GLN D 189 -19.71 95.13 -24.91
CA GLN D 189 -19.41 95.84 -26.14
C GLN D 189 -18.56 94.98 -27.06
N GLY D 190 -19.09 93.83 -27.48
CA GLY D 190 -18.35 92.87 -28.29
C GLY D 190 -17.25 92.12 -27.56
N GLN D 191 -17.19 92.22 -26.23
CA GLN D 191 -16.14 91.60 -25.45
C GLN D 191 -16.76 90.82 -24.29
N LYS D 192 -16.13 89.70 -23.96
CA LYS D 192 -16.64 88.83 -22.89
C LYS D 192 -15.89 88.98 -21.58
N LEU D 193 -14.61 89.34 -21.60
CA LEU D 193 -13.78 89.31 -20.40
C LEU D 193 -13.57 90.70 -19.80
N VAL D 194 -13.04 91.64 -20.58
CA VAL D 194 -12.71 92.96 -20.05
C VAL D 194 -12.90 94.01 -21.15
N VAL D 195 -13.64 95.06 -20.83
CA VAL D 195 -13.84 96.19 -21.74
C VAL D 195 -13.30 97.44 -21.04
N GLU D 196 -12.32 98.09 -21.67
CA GLU D 196 -11.68 99.26 -21.11
C GLU D 196 -11.87 100.47 -22.00
N GLU D 197 -11.44 101.63 -21.51
CA GLU D 197 -11.50 102.87 -22.25
C GLU D 197 -10.36 103.77 -21.79
N LYS D 198 -9.79 104.52 -22.73
CA LYS D 198 -8.68 105.41 -22.45
C LYS D 198 -9.08 106.86 -22.68
N ARG D 199 -8.49 107.75 -21.88
CA ARG D 199 -8.66 109.18 -22.01
C ARG D 199 -7.30 109.82 -21.82
N PRO D 200 -6.94 110.80 -22.65
CA PRO D 200 -5.64 111.47 -22.49
C PRO D 200 -5.61 112.37 -21.28
N CYS D 201 -4.42 112.46 -20.66
CA CYS D 201 -4.23 113.32 -19.49
C CYS D 201 -3.92 114.73 -19.93
N LEU D 202 -4.53 115.70 -19.24
CA LEU D 202 -4.51 117.09 -19.65
C LEU D 202 -3.43 117.85 -18.89
N HIS D 203 -2.75 118.75 -19.61
CA HIS D 203 -1.71 119.67 -19.10
C HIS D 203 -0.57 118.90 -18.44
N VAL D 204 0.08 118.06 -19.25
CA VAL D 204 1.13 117.15 -18.80
C VAL D 204 2.39 117.95 -18.50
N PRO D 205 2.94 117.86 -17.28
CA PRO D 205 4.18 118.55 -16.98
C PRO D 205 5.39 117.79 -17.50
N ALA D 206 6.41 118.54 -17.86
CA ALA D 206 7.63 117.95 -18.37
C ALA D 206 8.44 117.35 -17.22
N CYS D 207 9.10 116.24 -17.50
CA CYS D 207 9.92 115.57 -16.49
C CYS D 207 11.33 116.16 -16.52
N LYS D 208 11.76 116.71 -15.39
CA LYS D 208 13.10 117.24 -15.22
C LYS D 208 13.80 116.40 -14.18
N ASP D 209 14.98 115.88 -14.53
CA ASP D 209 15.84 115.07 -13.66
C ASP D 209 16.21 115.87 -12.41
N PRO D 210 15.96 115.32 -11.20
CA PRO D 210 16.33 116.03 -9.96
C PRO D 210 17.81 116.34 -9.80
N GLU D 211 18.72 115.53 -10.34
CA GLU D 211 20.11 115.95 -10.30
C GLU D 211 20.38 117.06 -11.31
N GLU D 212 19.61 117.09 -12.41
CA GLU D 212 19.71 118.18 -13.37
C GLU D 212 18.93 119.42 -12.90
N GLU D 213 18.01 119.26 -11.94
CA GLU D 213 17.23 120.39 -11.44
C GLU D 213 17.98 121.16 -10.36
N GLU D 214 18.61 120.44 -9.41
CA GLU D 214 19.42 121.07 -8.37
C GLU D 214 20.57 121.90 -8.94
N LEU D 215 21.35 121.30 -9.84
CA LEU D 215 22.42 122.00 -10.56
C LEU D 215 21.91 123.17 -11.41
N ASP E 1 -7.45 30.79 -108.15
CA ASP E 1 -6.93 30.65 -109.50
C ASP E 1 -6.77 29.17 -109.84
N PRO E 2 -7.27 28.76 -111.02
CA PRO E 2 -7.08 27.38 -111.46
C PRO E 2 -5.62 27.07 -111.80
N VAL E 3 -5.32 25.77 -111.80
CA VAL E 3 -3.95 25.29 -111.95
C VAL E 3 -3.99 23.90 -112.59
N LEU E 4 -2.88 23.52 -113.20
CA LEU E 4 -2.72 22.15 -113.69
C LEU E 4 -2.37 21.25 -112.53
N CYS E 5 -3.13 20.18 -112.34
CA CYS E 5 -2.87 19.22 -111.28
C CYS E 5 -2.18 18.00 -111.84
N PHE E 6 -1.14 17.54 -111.15
CA PHE E 6 -0.39 16.35 -111.53
C PHE E 6 -0.49 15.33 -110.40
N THR E 7 -0.28 14.06 -110.74
CA THR E 7 -0.46 13.01 -109.74
C THR E 7 0.81 12.67 -108.97
N GLN E 8 1.98 13.06 -109.47
CA GLN E 8 3.23 12.61 -108.90
C GLN E 8 4.29 13.71 -109.02
N TYR E 9 4.99 13.97 -107.92
CA TYR E 9 6.17 14.83 -107.92
C TYR E 9 7.40 13.94 -107.91
N GLU E 10 8.30 14.15 -108.88
CA GLU E 10 9.41 13.21 -109.09
C GLU E 10 10.46 13.35 -108.00
N GLU E 11 10.71 14.59 -107.53
CA GLU E 11 11.63 15.03 -106.46
C GLU E 11 13.11 14.89 -106.84
N SER E 12 13.48 13.80 -107.54
CA SER E 12 14.84 13.64 -108.05
C SER E 12 15.16 14.68 -109.13
N SER E 13 14.15 15.15 -109.86
CA SER E 13 14.34 16.19 -110.86
C SER E 13 13.45 17.40 -110.67
N GLY E 14 12.45 17.35 -109.80
CA GLY E 14 11.55 18.47 -109.64
C GLY E 14 10.54 18.62 -110.75
N LYS E 15 10.25 17.55 -111.46
CA LYS E 15 9.31 17.58 -112.58
C LYS E 15 7.92 17.14 -112.13
N CYS E 16 6.93 17.59 -112.89
CA CYS E 16 5.53 17.26 -112.67
C CYS E 16 5.15 16.08 -113.57
N LYS E 17 4.99 14.91 -112.96
CA LYS E 17 4.73 13.67 -113.70
C LYS E 17 3.28 13.22 -113.52
N GLY E 18 2.68 12.75 -114.61
CA GLY E 18 1.34 12.22 -114.59
C GLY E 18 0.27 13.29 -114.49
N LEU E 19 -0.15 13.85 -115.62
CA LEU E 19 -1.07 14.98 -115.62
C LEU E 19 -2.49 14.53 -115.34
N LEU E 20 -3.08 15.09 -114.28
CA LEU E 20 -4.47 14.85 -113.93
C LEU E 20 -5.42 15.74 -114.72
N GLY E 21 -4.91 16.81 -115.31
CA GLY E 21 -5.66 17.73 -116.14
C GLY E 21 -5.53 19.14 -115.59
N GLY E 22 -6.49 19.98 -115.97
CA GLY E 22 -6.50 21.35 -115.50
C GLY E 22 -7.88 21.89 -115.19
N GLY E 23 -7.96 23.19 -114.90
CA GLY E 23 -9.21 23.84 -114.59
C GLY E 23 -9.74 23.50 -113.21
N VAL E 24 -8.90 23.64 -112.20
CA VAL E 24 -9.23 23.23 -110.84
C VAL E 24 -8.33 23.98 -109.88
N SER E 25 -8.86 24.29 -108.69
CA SER E 25 -8.14 25.13 -107.74
C SER E 25 -7.02 24.35 -107.05
N VAL E 26 -6.11 25.11 -106.44
CA VAL E 26 -4.92 24.54 -105.81
C VAL E 26 -5.26 23.87 -104.48
N GLU E 27 -6.26 24.40 -103.76
CA GLU E 27 -6.66 23.81 -102.48
C GLU E 27 -7.22 22.42 -102.65
N ASP E 28 -7.97 22.20 -103.73
CA ASP E 28 -8.57 20.91 -103.99
C ASP E 28 -7.56 19.90 -104.54
N CYS E 29 -6.63 20.37 -105.38
CA CYS E 29 -5.59 19.49 -105.91
C CYS E 29 -4.60 19.10 -104.82
N CYS E 30 -4.41 19.95 -103.82
CA CYS E 30 -3.46 19.67 -102.75
C CYS E 30 -4.12 19.14 -101.49
N LEU E 31 -5.34 18.63 -101.58
CA LEU E 31 -5.88 17.85 -100.47
C LEU E 31 -5.14 16.53 -100.34
N ASN E 32 -5.00 15.80 -101.45
CA ASN E 32 -4.01 14.72 -101.54
C ASN E 32 -2.63 15.36 -101.57
N THR E 33 -1.89 15.23 -100.48
CA THR E 33 -0.59 15.88 -100.34
C THR E 33 0.52 15.20 -101.13
N ALA E 34 0.26 14.03 -101.73
CA ALA E 34 1.20 13.40 -102.63
C ALA E 34 1.17 13.99 -104.04
N PHE E 35 0.25 14.90 -104.32
CA PHE E 35 0.10 15.47 -105.66
C PHE E 35 1.07 16.62 -105.85
N ALA E 36 0.97 17.30 -107.00
CA ALA E 36 1.79 18.45 -107.32
C ALA E 36 1.05 19.30 -108.34
N TYR E 37 1.49 20.56 -108.46
CA TYR E 37 0.84 21.49 -109.36
C TYR E 37 1.87 22.43 -109.99
N GLN E 38 1.50 22.97 -111.15
CA GLN E 38 2.26 24.00 -111.83
C GLN E 38 1.31 24.79 -112.72
N LYS E 39 1.72 26.02 -113.07
CA LYS E 39 0.94 26.88 -113.95
C LYS E 39 1.48 26.73 -115.37
N ARG E 40 0.65 26.14 -116.23
CA ARG E 40 0.89 25.84 -117.66
C ARG E 40 2.11 24.94 -117.79
N SER E 41 2.82 25.01 -118.92
CA SER E 41 4.04 24.27 -119.14
C SER E 41 5.28 25.14 -118.95
N GLY E 42 5.15 26.26 -118.22
CA GLY E 42 6.30 27.11 -117.98
C GLY E 42 7.29 26.54 -116.99
N GLY E 43 6.79 25.74 -116.04
CA GLY E 43 7.68 25.10 -115.09
C GLY E 43 7.34 25.40 -113.64
N LEU E 44 8.35 25.25 -112.77
CA LEU E 44 8.26 25.30 -111.30
C LEU E 44 7.16 24.37 -110.78
N CYS E 45 7.46 23.08 -110.76
CA CYS E 45 6.52 22.09 -110.24
C CYS E 45 6.64 22.06 -108.72
N GLN E 46 5.53 22.35 -108.02
CA GLN E 46 5.55 22.42 -106.58
C GLN E 46 4.70 21.31 -105.99
N PRO E 47 5.24 20.50 -105.08
CA PRO E 47 4.47 19.40 -104.51
C PRO E 47 3.46 19.89 -103.48
N CYS E 48 2.42 19.06 -103.29
CA CYS E 48 1.35 19.35 -102.35
C CYS E 48 1.69 18.96 -100.92
N ARG E 49 2.88 18.38 -100.70
CA ARG E 49 3.40 18.13 -99.37
C ARG E 49 3.67 19.45 -98.65
N SER E 50 3.71 19.38 -97.31
CA SER E 50 4.13 20.50 -96.49
C SER E 50 5.56 20.91 -96.84
N PRO E 51 5.88 22.21 -96.82
CA PRO E 51 7.14 22.69 -97.44
C PRO E 51 8.39 22.22 -96.74
N ARG E 52 9.27 21.59 -97.52
CA ARG E 52 10.52 21.04 -97.04
C ARG E 52 11.60 21.37 -98.06
N TRP E 53 12.82 21.55 -97.58
CA TRP E 53 13.94 21.80 -98.47
C TRP E 53 14.24 20.57 -99.32
N SER E 54 14.65 20.80 -100.56
CA SER E 54 14.99 19.70 -101.46
C SER E 54 16.40 19.19 -101.17
N LEU E 55 16.95 18.41 -102.09
CA LEU E 55 18.33 17.99 -101.93
C LEU E 55 19.25 19.05 -102.50
N TRP E 56 20.45 19.15 -101.92
CA TRP E 56 21.49 20.02 -102.46
C TRP E 56 21.89 19.53 -103.83
N SER E 57 21.92 20.46 -104.80
CA SER E 57 22.30 20.11 -106.16
C SER E 57 23.80 19.83 -106.23
N THR E 58 24.22 19.33 -107.38
CA THR E 58 25.64 19.10 -107.61
C THR E 58 26.37 20.43 -107.71
N TRP E 59 27.66 20.41 -107.38
CA TRP E 59 28.47 21.62 -107.46
C TRP E 59 28.61 22.05 -108.91
N ALA E 60 28.49 23.37 -109.12
CA ALA E 60 28.74 23.97 -110.41
C ALA E 60 30.23 23.81 -110.76
N PRO E 61 30.55 23.80 -112.06
CA PRO E 61 31.96 23.80 -112.47
C PRO E 61 32.71 25.01 -111.93
N CYS E 62 33.98 24.78 -111.60
CA CYS E 62 34.83 25.79 -110.98
C CYS E 62 34.99 26.97 -111.93
N SER E 63 34.92 28.19 -111.35
CA SER E 63 34.83 29.44 -112.10
C SER E 63 36.05 29.69 -112.98
N VAL E 64 37.19 29.13 -112.61
CA VAL E 64 38.39 29.11 -113.44
C VAL E 64 38.91 27.68 -113.46
N THR E 65 39.62 27.35 -114.54
CA THR E 65 40.30 26.06 -114.70
C THR E 65 41.67 26.03 -114.02
N CYS E 66 41.99 27.06 -113.23
CA CYS E 66 43.31 27.25 -112.62
C CYS E 66 43.14 27.79 -111.21
N SER E 67 44.03 27.38 -110.32
CA SER E 67 44.28 27.95 -108.99
C SER E 67 43.03 27.84 -108.12
N GLU E 68 42.92 28.72 -107.13
CA GLU E 68 41.74 28.78 -106.29
C GLU E 68 40.61 29.47 -107.04
N GLY E 69 39.47 28.78 -107.16
CA GLY E 69 38.28 29.36 -107.73
C GLY E 69 37.13 29.36 -106.76
N SER E 70 35.90 29.32 -107.26
CA SER E 70 34.73 29.26 -106.42
C SER E 70 33.61 28.53 -107.16
N GLN E 71 32.84 27.73 -106.43
CA GLN E 71 31.78 26.93 -107.02
C GLN E 71 30.53 26.99 -106.16
N LEU E 72 29.38 26.92 -106.83
CA LEU E 72 28.08 27.06 -106.18
C LEU E 72 27.28 25.77 -106.28
N ARG E 73 26.35 25.61 -105.34
CA ARG E 73 25.30 24.60 -105.44
C ARG E 73 24.05 25.17 -104.78
N TYR E 74 22.89 24.76 -105.29
CA TYR E 74 21.63 25.32 -104.83
C TYR E 74 20.79 24.29 -104.09
N ARG E 75 19.71 24.80 -103.50
CA ARG E 75 18.68 23.99 -102.87
C ARG E 75 17.40 24.82 -102.89
N ARG E 76 16.31 24.22 -103.34
CA ARG E 76 15.04 24.92 -103.51
C ARG E 76 14.03 24.44 -102.48
N CYS E 77 13.36 25.38 -101.81
CA CYS E 77 12.27 25.05 -100.91
C CYS E 77 11.04 24.66 -101.73
N VAL E 78 10.62 23.41 -101.63
CA VAL E 78 9.51 22.89 -102.41
C VAL E 78 8.38 22.47 -101.48
N GLY E 79 7.16 22.81 -101.86
CA GLY E 79 6.01 22.46 -101.05
C GLY E 79 4.85 23.42 -101.31
N TRP E 80 3.86 23.35 -100.41
CA TRP E 80 2.65 24.14 -100.51
C TRP E 80 2.07 24.34 -99.12
N ASN E 81 1.58 25.55 -98.85
CA ASN E 81 0.96 26.00 -97.59
C ASN E 81 1.89 25.81 -96.40
N GLY E 82 2.73 26.79 -96.14
CA GLY E 82 3.66 26.74 -95.03
C GLY E 82 4.98 27.35 -95.44
N GLN E 83 5.99 27.12 -94.62
CA GLN E 83 7.33 27.63 -94.88
C GLN E 83 8.37 26.56 -94.55
N CYS E 84 9.55 26.73 -95.14
CA CYS E 84 10.70 25.88 -94.83
C CYS E 84 11.39 26.40 -93.56
N SER E 85 12.52 25.81 -93.21
CA SER E 85 13.24 26.20 -92.01
C SER E 85 14.04 27.47 -92.30
N GLY E 86 13.66 28.58 -91.68
CA GLY E 86 14.40 29.82 -91.83
C GLY E 86 13.60 30.94 -92.47
N LYS E 87 12.27 30.92 -92.27
CA LYS E 87 11.30 31.91 -92.79
C LYS E 87 11.38 32.02 -94.31
N VAL E 88 11.37 30.88 -94.98
CA VAL E 88 11.59 30.78 -96.41
C VAL E 88 10.29 30.37 -97.10
N ALA E 89 9.86 31.18 -98.08
CA ALA E 89 8.69 30.93 -98.91
C ALA E 89 8.96 29.78 -99.89
N PRO E 90 7.91 29.07 -100.32
CA PRO E 90 8.09 28.06 -101.39
C PRO E 90 8.46 28.68 -102.72
N GLY E 91 9.66 28.35 -103.20
CA GLY E 91 10.21 28.90 -104.42
C GLY E 91 11.55 29.58 -104.21
N THR E 92 11.81 30.05 -102.99
CA THR E 92 13.07 30.69 -102.66
C THR E 92 14.17 29.64 -102.51
N LEU E 93 15.41 30.09 -102.64
CA LEU E 93 16.55 29.20 -102.70
C LEU E 93 17.58 29.53 -101.62
N GLU E 94 18.60 28.68 -101.56
CA GLU E 94 19.70 28.81 -100.63
C GLU E 94 20.95 28.31 -101.32
N TRP E 95 22.05 29.05 -101.22
CA TRP E 95 23.27 28.74 -101.93
C TRP E 95 24.39 28.41 -100.96
N GLN E 96 25.35 27.62 -101.43
CA GLN E 96 26.59 27.36 -100.71
C GLN E 96 27.74 27.61 -101.67
N LEU E 97 28.71 28.40 -101.25
CA LEU E 97 29.86 28.74 -102.06
C LEU E 97 31.11 28.10 -101.45
N GLN E 98 31.87 27.39 -102.28
CA GLN E 98 33.02 26.62 -101.84
C GLN E 98 34.20 26.93 -102.75
N ALA E 99 35.40 27.03 -102.16
CA ALA E 99 36.60 27.25 -102.96
C ALA E 99 37.03 25.93 -103.58
N CYS E 100 37.06 25.90 -104.91
CA CYS E 100 37.48 24.74 -105.68
C CYS E 100 38.88 24.95 -106.24
N GLU E 101 39.44 23.88 -106.79
CA GLU E 101 40.80 23.92 -107.36
C GLU E 101 40.87 22.83 -108.43
N ASP E 102 40.60 23.22 -109.67
CA ASP E 102 40.78 22.31 -110.80
C ASP E 102 42.25 22.04 -111.05
N GLN E 103 43.05 23.09 -111.21
CA GLN E 103 44.50 22.97 -111.37
C GLN E 103 45.15 24.05 -110.50
N GLN E 104 46.44 24.27 -110.69
CA GLN E 104 47.22 25.13 -109.80
C GLN E 104 47.74 26.36 -110.54
N CYS E 105 48.70 26.18 -111.44
CA CYS E 105 49.17 27.29 -112.24
C CYS E 105 48.18 27.60 -113.35
N CYS E 106 48.37 28.75 -113.98
CA CYS E 106 47.70 29.08 -115.23
C CYS E 106 48.76 29.67 -116.16
N PRO E 107 48.81 29.22 -117.46
CA PRO E 107 49.94 29.54 -118.35
C PRO E 107 50.34 31.01 -118.57
N GLU E 108 51.56 31.31 -118.16
CA GLU E 108 52.35 32.39 -118.70
C GLU E 108 53.23 31.84 -119.81
N MET E 109 53.50 32.67 -120.82
CA MET E 109 54.11 32.20 -122.04
C MET E 109 55.60 32.51 -122.07
N GLY E 110 56.28 31.91 -123.04
CA GLY E 110 57.70 32.09 -123.24
C GLY E 110 58.01 32.92 -124.49
N GLY E 111 59.28 33.26 -124.64
CA GLY E 111 59.71 33.99 -125.81
C GLY E 111 60.56 33.16 -126.74
N TRP E 112 60.65 33.58 -128.01
CA TRP E 112 61.47 32.83 -128.96
C TRP E 112 62.95 33.10 -128.74
N SER E 113 63.77 32.24 -129.34
CA SER E 113 65.21 32.39 -129.32
C SER E 113 65.70 32.93 -130.66
N GLY E 114 67.02 32.92 -130.85
CA GLY E 114 67.57 33.28 -132.14
C GLY E 114 67.25 32.23 -133.19
N TRP E 115 67.08 32.68 -134.43
CA TRP E 115 66.75 31.79 -135.52
C TRP E 115 67.91 30.85 -135.84
N GLY E 116 67.59 29.58 -136.03
CA GLY E 116 68.54 28.62 -136.53
C GLY E 116 68.93 28.93 -137.96
N PRO E 117 70.10 28.44 -138.39
CA PRO E 117 70.53 28.64 -139.78
C PRO E 117 69.60 27.95 -140.77
N TRP E 118 69.53 28.52 -141.97
CA TRP E 118 68.65 28.01 -143.01
C TRP E 118 69.13 26.63 -143.45
N GLU E 119 68.21 25.68 -143.44
CA GLU E 119 68.48 24.34 -143.93
C GLU E 119 68.70 24.40 -145.44
N PRO E 120 69.46 23.43 -146.00
CA PRO E 120 69.63 23.38 -147.46
C PRO E 120 68.31 23.09 -148.17
N CYS E 121 68.29 23.44 -149.46
CA CYS E 121 67.10 23.30 -150.28
C CYS E 121 66.74 21.83 -150.43
N SER E 122 65.44 21.53 -150.39
CA SER E 122 64.92 20.17 -150.24
C SER E 122 65.12 19.31 -151.48
N VAL E 123 65.61 19.88 -152.58
CA VAL E 123 65.84 19.18 -153.83
C VAL E 123 67.07 19.83 -154.46
N THR E 124 67.71 19.11 -155.39
CA THR E 124 68.90 19.59 -156.05
C THR E 124 68.65 20.09 -157.47
N CYS E 125 67.45 19.88 -158.02
CA CYS E 125 67.11 20.35 -159.35
C CYS E 125 65.74 21.01 -159.31
N SER E 126 65.56 22.00 -160.20
CA SER E 126 64.35 22.83 -160.34
C SER E 126 64.08 23.57 -159.03
N LYS E 127 62.92 23.37 -158.39
CA LYS E 127 62.49 24.20 -157.26
C LYS E 127 62.12 23.33 -156.07
N GLY E 128 62.35 23.84 -154.87
CA GLY E 128 62.10 23.11 -153.65
C GLY E 128 61.65 23.97 -152.47
N THR E 129 61.94 23.50 -151.25
CA THR E 129 61.45 24.14 -150.03
C THR E 129 62.62 24.35 -149.08
N ARG E 130 62.76 25.58 -148.57
CA ARG E 130 63.82 25.95 -147.63
C ARG E 130 63.19 26.18 -146.26
N THR E 131 63.55 25.34 -145.29
CA THR E 131 62.97 25.37 -143.95
C THR E 131 63.93 26.05 -142.97
N ARG E 132 63.35 26.74 -141.99
CA ARG E 132 64.10 27.55 -141.03
C ARG E 132 63.45 27.39 -139.67
N ARG E 133 64.09 26.67 -138.75
CA ARG E 133 63.48 26.33 -137.48
C ARG E 133 64.15 27.07 -136.33
N ARG E 134 63.36 27.34 -135.28
CA ARG E 134 63.88 27.88 -134.02
C ARG E 134 63.33 27.08 -132.85
N ALA E 135 63.60 27.55 -131.63
CA ALA E 135 63.14 26.88 -130.42
C ALA E 135 62.44 27.88 -129.51
N CYS E 136 61.57 27.35 -128.66
CA CYS E 136 60.84 28.13 -127.66
C CYS E 136 61.47 27.89 -126.30
N ASN E 137 62.63 28.51 -126.08
CA ASN E 137 63.35 28.34 -124.81
C ASN E 137 64.19 29.57 -124.48
N HIS E 138 63.67 30.75 -124.78
CA HIS E 138 64.32 32.01 -124.42
C HIS E 138 63.28 33.07 -124.08
N PRO E 139 62.67 32.99 -122.88
CA PRO E 139 62.78 31.98 -121.81
C PRO E 139 61.89 30.77 -122.08
N ALA E 140 62.10 29.68 -121.35
CA ALA E 140 61.32 28.47 -121.49
C ALA E 140 59.91 28.66 -120.92
N PRO E 141 58.88 28.07 -121.54
CA PRO E 141 57.53 28.20 -121.00
C PRO E 141 57.31 27.34 -119.77
N LYS E 142 56.56 27.87 -118.82
CA LYS E 142 56.23 27.16 -117.60
C LYS E 142 54.79 26.67 -117.67
N CYS E 143 54.56 25.51 -117.06
CA CYS E 143 53.26 24.83 -116.94
C CYS E 143 52.58 24.55 -118.28
N GLY E 144 51.71 25.45 -118.73
CA GLY E 144 51.00 25.21 -119.96
C GLY E 144 51.27 26.27 -121.02
N GLY E 145 52.33 27.04 -120.83
CA GLY E 145 52.62 28.14 -121.73
C GLY E 145 53.15 27.69 -123.06
N HIS E 146 53.06 28.58 -124.05
CA HIS E 146 53.51 28.30 -125.40
C HIS E 146 53.93 29.60 -126.06
N CYS E 147 54.85 29.50 -127.00
CA CYS E 147 55.30 30.70 -127.68
C CYS E 147 54.29 31.11 -128.77
N PRO E 148 54.08 32.41 -128.96
CA PRO E 148 53.14 32.86 -129.99
C PRO E 148 53.72 32.76 -131.38
N GLY E 149 52.89 32.31 -132.32
CA GLY E 149 53.32 32.16 -133.70
C GLY E 149 53.80 30.76 -134.03
N GLN E 150 54.77 30.67 -134.95
CA GLN E 150 55.26 29.40 -135.45
C GLN E 150 56.75 29.25 -135.18
N ALA E 151 57.19 28.00 -135.09
CA ALA E 151 58.59 27.69 -134.85
C ALA E 151 59.37 27.34 -136.10
N GLN E 152 58.72 27.20 -137.25
CA GLN E 152 59.45 26.86 -138.47
C GLN E 152 58.83 27.57 -139.66
N GLU E 153 59.55 28.57 -140.18
CA GLU E 153 59.18 29.20 -141.44
C GLU E 153 59.66 28.33 -142.60
N SER E 154 58.89 28.35 -143.68
CA SER E 154 59.20 27.55 -144.87
C SER E 154 59.01 28.42 -146.10
N GLU E 155 60.08 28.61 -146.87
CA GLU E 155 60.07 29.38 -148.10
C GLU E 155 60.48 28.49 -149.27
N ALA E 156 60.54 29.08 -150.47
CA ALA E 156 60.97 28.38 -151.68
C ALA E 156 62.41 28.77 -152.04
N CYS E 157 63.07 27.87 -152.75
CA CYS E 157 64.45 28.08 -153.20
C CYS E 157 64.60 27.57 -154.63
N ASP E 158 65.38 28.30 -155.43
CA ASP E 158 65.68 27.94 -156.82
C ASP E 158 67.13 27.48 -156.89
N THR E 159 67.32 26.20 -157.21
CA THR E 159 68.66 25.64 -157.32
C THR E 159 69.36 26.00 -158.63
N GLN E 160 68.58 26.43 -159.64
CA GLN E 160 69.06 26.79 -161.00
C GLN E 160 69.80 25.63 -161.65
N GLN E 161 69.23 24.43 -161.53
CA GLN E 161 69.79 23.23 -162.13
C GLN E 161 68.67 22.42 -162.77
N VAL E 162 68.98 21.84 -163.93
CA VAL E 162 68.01 21.07 -164.69
C VAL E 162 68.16 19.59 -164.32
N CYS E 163 67.03 18.88 -164.29
CA CYS E 163 67.04 17.46 -164.01
C CYS E 163 67.11 16.63 -165.29
N GLY F 1 -15.40 5.49 -149.83
CA GLY F 1 -15.39 6.84 -149.30
C GLY F 1 -16.62 7.18 -148.48
N VAL F 2 -16.64 6.71 -147.23
CA VAL F 2 -17.75 6.92 -146.32
C VAL F 2 -17.23 7.71 -145.12
N ALA F 3 -17.91 8.80 -144.78
CA ALA F 3 -17.46 9.71 -143.73
C ALA F 3 -17.99 9.23 -142.38
N GLY F 4 -17.07 8.85 -141.48
CA GLY F 4 -17.46 8.37 -140.17
C GLY F 4 -17.65 9.51 -139.17
N GLY F 5 -18.43 9.22 -138.13
CA GLY F 5 -18.75 10.22 -137.14
C GLY F 5 -18.96 9.61 -135.77
N TRP F 6 -19.09 10.47 -134.78
CA TRP F 6 -19.20 10.00 -133.41
C TRP F 6 -20.64 9.65 -133.05
N GLY F 7 -20.77 8.68 -132.14
CA GLY F 7 -22.06 8.26 -131.64
C GLY F 7 -22.38 8.95 -130.33
N PRO F 8 -23.38 8.43 -129.60
CA PRO F 8 -23.73 9.03 -128.31
C PRO F 8 -22.68 8.74 -127.24
N TRP F 9 -22.41 9.76 -126.42
CA TRP F 9 -21.51 9.60 -125.29
C TRP F 9 -22.17 8.72 -124.22
N GLY F 10 -21.37 7.84 -123.62
CA GLY F 10 -21.87 6.92 -122.63
C GLY F 10 -22.06 7.54 -121.26
N PRO F 11 -22.28 6.72 -120.24
CA PRO F 11 -22.44 7.26 -118.88
C PRO F 11 -21.12 7.74 -118.30
N VAL F 12 -21.19 8.85 -117.57
CA VAL F 12 -19.99 9.44 -116.98
C VAL F 12 -19.55 8.59 -115.79
N SER F 13 -18.24 8.49 -115.60
CA SER F 13 -17.72 7.77 -114.45
C SER F 13 -17.98 8.57 -113.19
N PRO F 14 -18.34 7.92 -112.09
CA PRO F 14 -18.34 8.61 -110.79
C PRO F 14 -16.91 8.93 -110.37
N CYS F 15 -16.81 9.89 -109.45
CA CYS F 15 -15.53 10.35 -108.94
C CYS F 15 -14.82 9.21 -108.22
N PRO F 16 -13.66 8.76 -108.70
CA PRO F 16 -13.04 7.53 -108.17
C PRO F 16 -12.59 7.65 -106.73
N VAL F 17 -12.10 8.79 -106.37
CA VAL F 17 -11.35 8.96 -105.14
C VAL F 17 -12.23 9.59 -104.07
N THR F 18 -11.92 9.29 -102.82
CA THR F 18 -12.65 9.79 -101.67
C THR F 18 -12.00 11.02 -101.04
N CYS F 19 -10.79 11.36 -101.46
CA CYS F 19 -10.06 12.54 -100.99
C CYS F 19 -9.50 13.24 -102.21
N GLY F 20 -9.31 14.55 -102.10
CA GLY F 20 -8.54 15.26 -103.12
C GLY F 20 -9.17 15.33 -104.50
N LEU F 21 -8.32 15.13 -105.50
CA LEU F 21 -8.71 15.13 -106.89
C LEU F 21 -8.62 13.76 -107.52
N GLY F 22 -9.51 13.54 -108.48
CA GLY F 22 -9.53 12.35 -109.31
C GLY F 22 -9.86 12.76 -110.72
N GLN F 23 -10.16 11.79 -111.57
CA GLN F 23 -10.47 12.07 -112.96
C GLN F 23 -11.62 11.19 -113.38
N THR F 24 -12.66 11.80 -113.92
CA THR F 24 -13.79 11.06 -114.47
C THR F 24 -13.72 11.14 -115.98
N MET F 25 -14.52 10.31 -116.63
CA MET F 25 -14.42 10.21 -118.09
C MET F 25 -15.75 9.78 -118.68
N GLU F 26 -15.87 10.00 -119.99
CA GLU F 26 -16.96 9.47 -120.79
C GLU F 26 -16.38 8.78 -122.00
N GLN F 27 -17.04 7.72 -122.45
CA GLN F 27 -16.60 6.96 -123.61
C GLN F 27 -17.63 7.03 -124.71
N ARG F 28 -17.17 7.35 -125.91
CA ARG F 28 -18.01 7.32 -127.10
C ARG F 28 -17.40 6.39 -128.14
N THR F 29 -18.26 5.92 -129.04
CA THR F 29 -17.87 5.03 -130.11
C THR F 29 -18.17 5.71 -131.45
N CYS F 30 -17.50 5.21 -132.48
CA CYS F 30 -17.74 5.60 -133.87
C CYS F 30 -18.59 4.53 -134.55
N ASN F 31 -19.70 4.17 -133.92
CA ASN F 31 -20.47 3.00 -134.30
C ASN F 31 -21.69 3.29 -135.17
N HIS F 32 -22.23 4.51 -135.14
CA HIS F 32 -23.43 4.75 -135.94
C HIS F 32 -23.10 4.96 -137.42
N PRO F 33 -22.16 5.89 -137.86
CA PRO F 33 -21.92 5.99 -139.31
C PRO F 33 -20.93 4.97 -139.84
N VAL F 34 -19.77 4.85 -139.18
CA VAL F 34 -18.63 3.97 -139.44
C VAL F 34 -17.94 4.30 -140.76
N PRO F 35 -16.64 4.65 -140.74
CA PRO F 35 -15.92 4.88 -142.00
C PRO F 35 -15.71 3.57 -142.75
N GLN F 36 -16.27 3.50 -143.96
CA GLN F 36 -16.24 2.31 -144.79
C GLN F 36 -15.50 2.60 -146.08
N HIS F 37 -14.62 1.66 -146.47
CA HIS F 37 -13.79 1.70 -147.68
C HIS F 37 -12.87 2.92 -147.71
N GLY F 38 -12.47 3.42 -146.55
CA GLY F 38 -11.60 4.58 -146.47
C GLY F 38 -12.18 5.69 -145.63
N GLY F 39 -12.33 6.87 -146.22
CA GLY F 39 -12.93 8.00 -145.54
C GLY F 39 -11.95 8.69 -144.61
N PRO F 40 -12.44 9.14 -143.46
CA PRO F 40 -11.55 9.77 -142.48
C PRO F 40 -11.28 8.84 -141.31
N PHE F 41 -11.40 9.37 -140.10
CA PHE F 41 -11.40 8.57 -138.87
C PHE F 41 -12.16 9.35 -137.81
N CYS F 42 -13.44 9.64 -138.09
CA CYS F 42 -14.47 10.17 -137.17
C CYS F 42 -14.22 11.60 -136.67
N ALA F 43 -13.02 12.15 -136.90
CA ALA F 43 -12.56 13.50 -136.59
C ALA F 43 -12.64 13.86 -135.11
N GLY F 44 -11.55 13.65 -134.38
CA GLY F 44 -11.48 14.04 -132.98
C GLY F 44 -10.91 12.98 -132.06
N ASP F 45 -11.50 12.87 -130.86
CA ASP F 45 -11.08 11.90 -129.86
C ASP F 45 -12.29 11.12 -129.37
N ALA F 46 -12.10 9.82 -129.16
CA ALA F 46 -13.13 8.94 -128.64
C ALA F 46 -13.18 8.91 -127.11
N THR F 47 -12.64 9.94 -126.46
CA THR F 47 -12.42 9.94 -125.03
C THR F 47 -12.32 11.39 -124.55
N ARG F 48 -13.18 11.77 -123.61
CA ARG F 48 -13.04 13.02 -122.89
C ARG F 48 -12.69 12.74 -121.44
N THR F 49 -11.86 13.60 -120.86
CA THR F 49 -11.44 13.50 -119.47
C THR F 49 -11.89 14.73 -118.71
N HIS F 50 -12.23 14.55 -117.44
CA HIS F 50 -12.67 15.66 -116.61
C HIS F 50 -12.22 15.41 -115.18
N ILE F 51 -11.92 16.51 -114.50
CA ILE F 51 -11.47 16.49 -113.11
C ILE F 51 -12.68 16.58 -112.18
N CYS F 52 -12.74 15.68 -111.19
CA CYS F 52 -13.75 15.74 -110.15
C CYS F 52 -13.13 16.11 -108.81
N ASN F 53 -13.93 16.77 -107.98
CA ASN F 53 -13.48 17.41 -106.75
C ASN F 53 -14.35 16.93 -105.60
N THR F 54 -13.72 16.27 -104.62
CA THR F 54 -14.43 15.76 -103.44
C THR F 54 -14.44 16.73 -102.26
N ALA F 55 -13.54 17.73 -102.27
CA ALA F 55 -13.46 18.85 -101.31
C ALA F 55 -13.21 18.39 -99.88
N VAL F 56 -12.57 17.24 -99.70
CA VAL F 56 -12.24 16.73 -98.36
C VAL F 56 -10.75 16.39 -98.35
N PRO F 57 -9.99 16.85 -97.35
CA PRO F 57 -8.55 16.58 -97.32
C PRO F 57 -8.24 15.13 -96.98
N CYS F 58 -7.00 14.76 -97.29
CA CYS F 58 -6.52 13.38 -97.32
C CYS F 58 -5.68 13.06 -96.10
N PRO F 59 -5.56 11.78 -95.74
CA PRO F 59 -4.62 11.38 -94.67
C PRO F 59 -3.19 11.73 -95.00
N VAL F 60 -2.50 12.24 -94.01
CA VAL F 60 -1.07 12.50 -94.07
C VAL F 60 -0.47 11.90 -92.81
N ASP F 61 0.49 11.00 -93.00
CA ASP F 61 1.11 10.33 -91.87
C ASP F 61 2.06 11.29 -91.16
N GLY F 62 2.10 11.19 -89.84
CA GLY F 62 3.01 12.01 -89.07
C GLY F 62 4.46 11.63 -89.31
N GLU F 63 5.33 12.61 -89.16
CA GLU F 63 6.76 12.41 -89.35
C GLU F 63 7.47 12.75 -88.05
N TRP F 64 8.61 12.11 -87.85
CA TRP F 64 9.40 12.39 -86.67
C TRP F 64 10.10 13.73 -86.81
N ASP F 65 10.00 14.56 -85.78
CA ASP F 65 10.88 15.71 -85.65
C ASP F 65 12.28 15.24 -85.27
N SER F 66 13.24 16.16 -85.31
CA SER F 66 14.58 15.85 -84.86
C SER F 66 14.60 15.62 -83.35
N TRP F 67 15.58 14.83 -82.91
CA TRP F 67 15.74 14.51 -81.49
C TRP F 67 16.02 15.76 -80.68
N GLY F 68 15.57 15.74 -79.43
CA GLY F 68 15.80 16.86 -78.53
C GLY F 68 17.22 16.92 -78.01
N GLU F 69 17.39 17.63 -76.92
CA GLU F 69 18.70 17.71 -76.29
C GLU F 69 18.81 16.55 -75.31
N TRP F 70 20.00 15.95 -75.26
CA TRP F 70 20.33 14.95 -74.26
C TRP F 70 20.14 15.54 -72.85
N SER F 71 19.58 14.73 -71.96
CA SER F 71 19.44 15.09 -70.56
C SER F 71 20.82 15.07 -69.90
N PRO F 72 20.99 15.68 -68.72
CA PRO F 72 22.29 15.61 -68.05
C PRO F 72 22.66 14.21 -67.60
N CYS F 73 23.97 13.96 -67.61
CA CYS F 73 24.50 12.65 -67.25
C CYS F 73 24.72 12.59 -65.74
N ILE F 74 23.60 12.50 -65.02
CA ILE F 74 23.61 12.37 -63.57
C ILE F 74 22.83 11.12 -63.21
N ARG F 75 22.75 10.81 -61.91
CA ARG F 75 21.95 9.71 -61.39
C ARG F 75 20.73 10.30 -60.69
N ARG F 76 19.56 9.70 -60.93
CA ARG F 76 18.36 10.08 -60.18
C ARG F 76 18.50 9.70 -58.71
N ASN F 77 18.07 10.63 -57.85
CA ASN F 77 18.13 10.53 -56.38
C ASN F 77 19.57 10.34 -55.89
N MET F 78 20.48 11.14 -56.42
CA MET F 78 21.87 11.15 -55.98
C MET F 78 22.45 12.56 -56.04
N LYS F 79 23.50 12.77 -56.83
CA LYS F 79 24.16 14.06 -56.92
C LYS F 79 24.66 14.28 -58.35
N SER F 80 25.97 14.18 -58.57
CA SER F 80 26.55 14.31 -59.90
C SER F 80 27.77 13.41 -59.97
N ILE F 81 28.21 13.15 -61.20
CA ILE F 81 29.31 12.22 -61.45
C ILE F 81 30.39 12.93 -62.25
N SER F 82 30.34 14.27 -62.23
CA SER F 82 31.30 15.13 -62.93
C SER F 82 32.73 14.89 -62.44
N CYS F 83 33.65 14.74 -63.42
CA CYS F 83 35.09 14.50 -63.21
C CYS F 83 35.35 13.21 -62.42
N GLN F 84 34.57 12.17 -62.68
CA GLN F 84 34.67 10.93 -61.90
C GLN F 84 34.52 9.72 -62.81
N GLU F 85 35.11 8.59 -62.37
CA GLU F 85 34.97 7.30 -63.06
C GLU F 85 33.65 6.60 -62.74
N ILE F 86 32.55 7.27 -63.03
CA ILE F 86 31.21 6.72 -62.80
C ILE F 86 30.45 6.84 -64.11
N PRO F 87 30.14 5.73 -64.78
CA PRO F 87 29.26 5.79 -65.96
C PRO F 87 27.81 5.98 -65.55
N GLY F 88 27.14 6.94 -66.19
CA GLY F 88 25.72 7.18 -65.94
C GLY F 88 24.88 6.99 -67.18
N GLN F 89 23.65 7.52 -67.16
CA GLN F 89 22.75 7.44 -68.30
C GLN F 89 22.16 8.82 -68.57
N GLN F 90 21.59 8.97 -69.77
CA GLN F 90 20.89 10.19 -70.14
C GLN F 90 19.88 9.87 -71.25
N SER F 91 18.81 10.66 -71.29
CA SER F 91 17.68 10.41 -72.17
C SER F 91 17.50 11.55 -73.16
N ARG F 92 16.73 11.26 -74.22
CA ARG F 92 16.47 12.20 -75.30
C ARG F 92 15.09 11.93 -75.86
N GLY F 93 14.41 12.98 -76.32
CA GLY F 93 13.02 12.87 -76.73
C GLY F 93 12.75 13.40 -78.12
N ARG F 94 11.83 12.74 -78.82
CA ARG F 94 11.32 13.14 -80.12
C ARG F 94 9.85 13.54 -80.02
N THR F 95 9.36 14.19 -81.08
CA THR F 95 7.97 14.63 -81.17
C THR F 95 7.44 14.27 -82.54
N CYS F 96 6.28 13.60 -82.58
CA CYS F 96 5.63 13.30 -83.85
C CYS F 96 4.80 14.50 -84.28
N ARG F 97 5.04 14.99 -85.49
CA ARG F 97 4.41 16.20 -86.00
C ARG F 97 3.93 15.97 -87.42
N GLY F 98 2.75 16.53 -87.74
CA GLY F 98 2.23 16.48 -89.08
C GLY F 98 1.12 15.49 -89.33
N ARG F 99 0.76 14.67 -88.34
CA ARG F 99 -0.30 13.68 -88.49
C ARG F 99 -1.67 14.36 -88.52
N LYS F 100 -2.37 14.24 -89.64
CA LYS F 100 -3.72 14.77 -89.79
C LYS F 100 -4.58 13.76 -90.55
N PHE F 101 -5.89 13.79 -90.24
CA PHE F 101 -6.96 13.09 -90.97
C PHE F 101 -6.79 11.57 -90.98
N ASP F 102 -6.76 10.99 -89.76
CA ASP F 102 -6.64 9.54 -89.52
C ASP F 102 -5.40 8.91 -90.14
N GLY F 103 -4.33 9.70 -90.28
CA GLY F 103 -3.09 9.21 -90.84
C GLY F 103 -2.37 8.27 -89.88
N HIS F 104 -1.35 7.61 -90.41
CA HIS F 104 -0.57 6.67 -89.62
C HIS F 104 0.29 7.41 -88.60
N ARG F 105 0.29 6.87 -87.40
CA ARG F 105 1.09 7.33 -86.28
C ARG F 105 2.56 7.02 -86.55
N CYS F 106 3.44 7.80 -85.91
CA CYS F 106 4.88 7.64 -86.10
C CYS F 106 5.36 6.29 -85.58
N ALA F 107 6.21 5.63 -86.36
CA ALA F 107 6.70 4.29 -86.05
C ALA F 107 8.11 4.38 -85.49
N GLY F 108 8.31 3.85 -84.29
CA GLY F 108 9.61 3.86 -83.66
C GLY F 108 9.54 4.22 -82.19
N GLN F 109 10.69 4.24 -81.53
CA GLN F 109 10.77 4.64 -80.14
C GLN F 109 10.86 6.16 -80.05
N GLN F 110 9.98 6.75 -79.24
CA GLN F 110 10.02 8.20 -79.04
C GLN F 110 11.07 8.63 -78.03
N GLN F 111 11.73 7.68 -77.36
CA GLN F 111 12.79 7.99 -76.41
C GLN F 111 14.08 7.25 -76.79
N ASP F 112 15.19 7.81 -76.31
CA ASP F 112 16.52 7.27 -76.62
C ASP F 112 17.40 7.46 -75.40
N ILE F 113 17.93 6.36 -74.88
CA ILE F 113 18.82 6.37 -73.72
C ILE F 113 20.15 5.80 -74.15
N ARG F 114 21.24 6.47 -73.76
CA ARG F 114 22.59 5.98 -74.01
C ARG F 114 23.43 6.26 -72.78
N HIS F 115 24.53 5.54 -72.66
CA HIS F 115 25.34 5.61 -71.45
C HIS F 115 26.45 6.64 -71.61
N CYS F 116 26.90 7.16 -70.47
CA CYS F 116 27.66 8.39 -70.54
C CYS F 116 28.61 8.56 -69.35
N TYR F 117 29.70 9.27 -69.61
CA TYR F 117 30.49 9.94 -68.58
C TYR F 117 30.15 11.42 -68.59
N SER F 118 30.56 12.12 -67.54
CA SER F 118 30.24 13.54 -67.37
C SER F 118 31.52 14.35 -67.20
N ILE F 119 31.78 15.23 -68.17
CA ILE F 119 32.87 16.18 -68.07
C ILE F 119 32.33 17.60 -68.13
N GLN F 120 31.12 17.80 -67.61
CA GLN F 120 30.50 19.12 -67.58
C GLN F 120 31.23 20.04 -66.62
N HIS F 121 31.82 21.11 -67.18
CA HIS F 121 32.61 22.13 -66.46
C HIS F 121 33.82 21.50 -65.76
N CYS F 122 34.40 20.47 -66.37
CA CYS F 122 35.54 19.76 -65.80
C CYS F 122 36.85 20.34 -66.31
N PRO F 123 37.76 20.75 -65.42
CA PRO F 123 39.08 21.22 -65.87
C PRO F 123 39.93 20.09 -66.39
N LEU F 124 40.12 20.06 -67.71
CA LEU F 124 40.88 19.02 -68.38
C LEU F 124 42.07 19.67 -69.08
N LYS F 125 43.21 18.98 -69.04
CA LYS F 125 44.37 19.41 -69.82
C LYS F 125 44.06 19.30 -71.31
N GLY F 126 44.67 20.20 -72.09
CA GLY F 126 44.33 20.30 -73.49
C GLY F 126 45.56 20.46 -74.36
N SER F 127 45.33 20.36 -75.67
CA SER F 127 46.35 20.56 -76.67
C SER F 127 45.71 21.21 -77.88
N TRP F 128 46.46 22.11 -78.54
CA TRP F 128 45.95 22.78 -79.73
C TRP F 128 45.80 21.78 -80.87
N SER F 129 44.64 21.78 -81.50
CA SER F 129 44.42 20.94 -82.66
C SER F 129 45.10 21.55 -83.88
N GLU F 130 45.23 20.75 -84.93
CA GLU F 130 45.72 21.25 -86.20
C GLU F 130 44.64 22.10 -86.89
N TRP F 131 45.02 22.72 -88.01
CA TRP F 131 44.10 23.58 -88.77
C TRP F 131 42.96 22.75 -89.34
N SER F 132 41.74 23.19 -89.07
CA SER F 132 40.55 22.53 -89.59
C SER F 132 40.42 22.75 -91.09
N THR F 133 39.56 21.95 -91.71
CA THR F 133 39.25 22.11 -93.12
C THR F 133 38.53 23.44 -93.33
N TRP F 134 38.92 24.13 -94.41
CA TRP F 134 38.37 25.44 -94.75
C TRP F 134 36.86 25.36 -94.95
N GLY F 135 36.15 26.27 -94.29
CA GLY F 135 34.71 26.27 -94.34
C GLY F 135 34.15 26.78 -95.65
N LEU F 136 32.87 27.09 -95.60
CA LEU F 136 32.21 27.61 -96.78
C LEU F 136 32.51 29.11 -96.93
N CYS F 137 32.46 29.58 -98.18
CA CYS F 137 32.61 31.00 -98.46
C CYS F 137 31.33 31.70 -98.02
N MET F 138 31.42 32.48 -96.96
CA MET F 138 30.24 33.15 -96.45
C MET F 138 30.44 34.66 -96.44
N PRO F 139 29.43 35.45 -96.86
CA PRO F 139 28.11 35.01 -97.34
C PRO F 139 28.08 34.62 -98.82
N PRO F 140 27.42 33.51 -99.14
CA PRO F 140 27.12 33.22 -100.55
C PRO F 140 26.11 34.24 -101.05
N CYS F 141 26.35 34.72 -102.29
CA CYS F 141 25.67 35.78 -103.04
C CYS F 141 25.87 37.20 -102.48
N GLY F 142 26.35 37.32 -101.23
CA GLY F 142 26.56 38.61 -100.62
C GLY F 142 27.88 39.23 -101.01
N PRO F 143 28.13 40.43 -100.50
CA PRO F 143 29.37 41.14 -100.83
C PRO F 143 30.57 40.55 -100.10
N ASN F 144 31.62 40.19 -100.87
CA ASN F 144 32.93 39.70 -100.46
C ASN F 144 32.83 38.46 -99.57
N PRO F 145 32.62 37.27 -100.14
CA PRO F 145 32.59 36.05 -99.32
C PRO F 145 33.98 35.65 -98.87
N THR F 146 34.06 35.13 -97.64
CA THR F 146 35.32 34.73 -97.03
C THR F 146 35.19 33.35 -96.41
N ARG F 147 36.22 32.53 -96.55
CA ARG F 147 36.30 31.26 -95.85
C ARG F 147 36.80 31.48 -94.43
N ALA F 148 36.84 30.40 -93.64
CA ALA F 148 37.33 30.45 -92.27
C ALA F 148 37.74 29.05 -91.84
N ARG F 149 38.96 28.91 -91.34
CA ARG F 149 39.41 27.70 -90.65
C ARG F 149 39.90 28.09 -89.27
N GLN F 150 40.05 27.10 -88.39
CA GLN F 150 40.31 27.41 -86.99
C GLN F 150 41.05 26.27 -86.30
N ARG F 151 41.85 26.64 -85.30
CA ARG F 151 42.42 25.72 -84.34
C ARG F 151 41.78 25.97 -82.98
N LEU F 152 41.41 24.91 -82.28
CA LEU F 152 40.75 25.03 -80.99
C LEU F 152 41.46 24.14 -79.98
N CYS F 153 41.37 24.56 -78.71
CA CYS F 153 42.00 23.86 -77.59
C CYS F 153 41.20 22.59 -77.32
N THR F 154 41.66 21.47 -77.89
CA THR F 154 40.96 20.21 -77.76
C THR F 154 41.33 19.56 -76.42
N PRO F 155 40.35 19.20 -75.60
CA PRO F 155 40.66 18.59 -74.30
C PRO F 155 41.18 17.16 -74.44
N LEU F 156 42.09 16.81 -73.54
CA LEU F 156 42.59 15.44 -73.46
C LEU F 156 41.58 14.66 -72.65
N LEU F 157 40.78 13.84 -73.33
CA LEU F 157 39.77 13.02 -72.69
C LEU F 157 40.42 11.97 -71.79
N PRO F 158 39.92 11.77 -70.57
CA PRO F 158 40.58 10.83 -69.65
C PRO F 158 40.36 9.38 -70.08
N LYS F 159 41.40 8.57 -69.88
CA LYS F 159 41.43 7.19 -70.34
C LYS F 159 40.57 6.34 -69.41
N TYR F 160 39.28 6.38 -69.66
CA TYR F 160 38.26 5.66 -68.91
C TYR F 160 37.88 4.41 -69.70
N PRO F 161 37.17 3.44 -69.08
CA PRO F 161 36.64 2.30 -69.86
C PRO F 161 35.51 2.73 -70.76
N PRO F 162 35.67 2.60 -72.09
CA PRO F 162 34.58 2.98 -73.01
C PRO F 162 33.45 1.96 -73.04
N THR F 163 33.68 0.77 -72.49
CA THR F 163 32.72 -0.33 -72.51
C THR F 163 32.54 -0.80 -71.08
N VAL F 164 31.34 -0.63 -70.54
CA VAL F 164 31.03 -0.98 -69.16
C VAL F 164 29.99 -2.09 -69.19
N SER F 165 30.35 -3.25 -68.63
CA SER F 165 29.47 -4.41 -68.63
C SER F 165 28.68 -4.44 -67.33
N MET F 166 27.37 -4.29 -67.44
CA MET F 166 26.50 -4.44 -66.29
C MET F 166 26.05 -5.90 -66.19
N VAL F 167 25.41 -6.23 -65.07
CA VAL F 167 24.92 -7.58 -64.86
C VAL F 167 23.46 -7.61 -65.28
N GLU F 168 22.57 -8.05 -64.37
CA GLU F 168 21.14 -8.31 -64.59
C GLU F 168 20.90 -9.22 -65.78
N GLY F 169 20.91 -8.64 -66.98
CA GLY F 169 20.78 -9.44 -68.19
C GLY F 169 22.05 -9.46 -69.02
N GLN F 170 23.16 -9.11 -68.36
CA GLN F 170 24.52 -9.05 -68.94
C GLN F 170 24.58 -8.11 -70.15
N GLY F 171 24.19 -6.86 -69.90
CA GLY F 171 24.16 -5.85 -70.94
C GLY F 171 25.38 -4.97 -70.88
N GLU F 172 26.15 -4.96 -71.97
CA GLU F 172 27.36 -4.19 -72.09
C GLU F 172 27.05 -2.91 -72.86
N LYS F 173 27.52 -1.78 -72.34
CA LYS F 173 27.05 -0.47 -72.79
C LYS F 173 28.19 0.36 -73.37
N ASN F 174 28.05 0.74 -74.65
CA ASN F 174 28.91 1.72 -75.32
C ASN F 174 28.76 3.10 -74.64
N VAL F 175 29.75 3.51 -73.83
CA VAL F 175 29.68 4.73 -73.03
C VAL F 175 30.43 5.86 -73.75
N THR F 176 29.78 7.02 -73.90
CA THR F 176 30.32 8.16 -74.63
C THR F 176 30.34 9.41 -73.74
N PHE F 177 31.28 10.32 -74.01
CA PHE F 177 31.43 11.47 -73.13
C PHE F 177 30.40 12.56 -73.44
N TRP F 178 29.91 13.21 -72.38
CA TRP F 178 28.91 14.27 -72.46
C TRP F 178 29.39 15.47 -71.67
N GLY F 179 29.08 16.67 -72.17
CA GLY F 179 29.36 17.89 -71.45
C GLY F 179 30.30 18.83 -72.15
N ARG F 180 30.33 20.08 -71.70
CA ARG F 180 31.24 21.09 -72.21
C ARG F 180 32.34 21.27 -71.18
N PRO F 181 33.52 20.70 -71.39
CA PRO F 181 34.61 20.83 -70.41
C PRO F 181 35.27 22.19 -70.50
N LEU F 182 36.25 22.40 -69.61
CA LEU F 182 37.04 23.62 -69.54
C LEU F 182 38.47 23.27 -69.93
N PRO F 183 38.81 23.29 -71.22
CA PRO F 183 40.15 22.83 -71.64
C PRO F 183 41.24 23.84 -71.30
N ARG F 184 42.26 23.37 -70.58
CA ARG F 184 43.39 24.19 -70.18
C ARG F 184 44.56 23.95 -71.13
N CYS F 185 45.13 25.03 -71.65
CA CYS F 185 46.22 24.97 -72.60
C CYS F 185 46.94 26.30 -72.58
N GLU F 186 48.17 26.29 -73.09
CA GLU F 186 48.95 27.53 -73.21
C GLU F 186 48.38 28.37 -74.34
N GLU F 187 48.46 29.70 -74.16
CA GLU F 187 48.02 30.66 -75.17
C GLU F 187 48.80 30.52 -76.47
N LEU F 188 48.11 30.75 -77.59
CA LEU F 188 48.76 30.69 -78.89
C LEU F 188 49.01 32.08 -79.42
N GLN F 189 47.95 32.76 -79.86
CA GLN F 189 48.06 34.13 -80.34
C GLN F 189 47.17 35.06 -79.53
N GLY F 190 47.45 35.15 -78.23
CA GLY F 190 46.62 35.93 -77.33
C GLY F 190 45.27 35.33 -77.01
N GLN F 191 45.02 34.08 -77.40
CA GLN F 191 43.73 33.44 -77.23
C GLN F 191 43.92 32.07 -76.57
N LYS F 192 42.97 31.71 -75.71
CA LYS F 192 43.04 30.44 -74.99
C LYS F 192 42.14 29.36 -75.58
N LEU F 193 41.03 29.74 -76.21
CA LEU F 193 40.03 28.77 -76.65
C LEU F 193 40.09 28.49 -78.15
N VAL F 194 39.98 29.52 -78.99
CA VAL F 194 39.92 29.29 -80.43
C VAL F 194 40.56 30.48 -81.15
N VAL F 195 41.52 30.18 -82.03
CA VAL F 195 42.15 31.18 -82.89
C VAL F 195 41.88 30.78 -84.33
N GLU F 196 41.23 31.66 -85.08
CA GLU F 196 40.82 31.39 -86.45
C GLU F 196 41.48 32.39 -87.41
N GLU F 197 41.30 32.13 -88.70
CA GLU F 197 41.79 33.03 -89.73
C GLU F 197 40.87 32.94 -90.94
N LYS F 198 40.67 34.08 -91.61
CA LYS F 198 39.81 34.16 -92.77
C LYS F 198 40.61 34.53 -94.01
N ARG F 199 40.16 34.01 -95.16
CA ARG F 199 40.73 34.34 -96.46
C ARG F 199 39.59 34.54 -97.45
N PRO F 200 39.66 35.58 -98.28
CA PRO F 200 38.58 35.79 -99.26
C PRO F 200 38.62 34.78 -100.39
N CYS F 201 37.44 34.44 -100.88
CA CYS F 201 37.30 33.49 -101.98
C CYS F 201 37.46 34.21 -103.31
N LEU F 202 38.19 33.59 -104.23
CA LEU F 202 38.61 34.22 -105.46
C LEU F 202 37.66 33.84 -106.60
N HIS F 203 37.37 34.83 -107.46
CA HIS F 203 36.54 34.70 -108.67
C HIS F 203 35.13 34.18 -108.34
N VAL F 204 34.44 34.98 -107.52
CA VAL F 204 33.12 34.59 -106.98
C VAL F 204 32.08 34.67 -108.09
N PRO F 205 31.33 33.60 -108.36
CA PRO F 205 30.27 33.67 -109.35
C PRO F 205 29.00 34.30 -108.80
N ALA F 206 28.27 34.97 -109.68
CA ALA F 206 27.03 35.62 -109.29
C ALA F 206 25.92 34.58 -109.15
N CYS F 207 25.02 34.81 -108.19
CA CYS F 207 23.90 33.93 -107.96
C CYS F 207 22.75 34.32 -108.88
N LYS F 208 22.33 33.40 -109.73
CA LYS F 208 21.18 33.58 -110.61
C LYS F 208 20.12 32.58 -110.18
N ASP F 209 18.92 33.08 -109.90
CA ASP F 209 17.75 32.30 -109.50
C ASP F 209 17.41 31.27 -110.58
N PRO F 210 17.32 29.98 -110.24
CA PRO F 210 16.97 28.96 -111.25
C PRO F 210 15.63 29.14 -111.93
N GLU F 211 14.61 29.72 -111.28
CA GLU F 211 13.40 30.02 -112.03
C GLU F 211 13.61 31.22 -112.94
N GLU F 212 14.50 32.15 -112.55
CA GLU F 212 14.85 33.26 -113.41
C GLU F 212 15.86 32.85 -114.49
N GLU F 213 16.54 31.71 -114.31
CA GLU F 213 17.51 31.25 -115.30
C GLU F 213 16.82 30.47 -116.42
N GLU F 214 15.89 29.56 -116.07
CA GLU F 214 15.13 28.80 -117.07
C GLU F 214 14.34 29.71 -118.01
N LEU F 215 13.57 30.66 -117.46
CA LEU F 215 12.85 31.66 -118.24
C LEU F 215 13.80 32.55 -119.06
N SER G 1 -29.05 -42.27 68.99
CA SER G 1 -29.82 -41.18 68.39
C SER G 1 -29.13 -40.62 67.14
N PRO G 2 -29.90 -39.95 66.29
CA PRO G 2 -29.30 -39.17 65.19
C PRO G 2 -28.34 -38.10 65.66
N MET G 3 -27.40 -37.75 64.78
CA MET G 3 -26.36 -36.77 65.04
C MET G 3 -26.61 -35.53 64.19
N TYR G 4 -26.60 -34.36 64.84
CA TYR G 4 -26.81 -33.10 64.17
C TYR G 4 -25.45 -32.47 63.85
N SER G 5 -25.40 -31.71 62.76
CA SER G 5 -24.12 -31.25 62.26
C SER G 5 -24.26 -29.85 61.66
N ILE G 6 -23.25 -29.02 61.89
CA ILE G 6 -23.20 -27.67 61.34
C ILE G 6 -21.85 -27.47 60.67
N ILE G 7 -21.86 -26.95 59.43
CA ILE G 7 -20.65 -26.69 58.65
C ILE G 7 -20.64 -25.24 58.21
N THR G 8 -19.54 -24.54 58.45
CA THR G 8 -19.33 -23.14 58.14
C THR G 8 -17.85 -22.97 57.81
N PRO G 9 -17.46 -21.85 57.18
CA PRO G 9 -16.01 -21.58 57.00
C PRO G 9 -15.30 -21.33 58.32
N ASN G 10 -13.96 -21.39 58.24
CA ASN G 10 -13.09 -21.04 59.37
C ASN G 10 -13.31 -19.61 59.82
N ILE G 11 -13.39 -18.68 58.86
CA ILE G 11 -13.31 -17.26 59.13
C ILE G 11 -14.53 -16.59 58.51
N LEU G 12 -15.17 -15.71 59.27
CA LEU G 12 -16.33 -14.95 58.81
C LEU G 12 -15.96 -13.49 58.60
N ARG G 13 -16.61 -12.87 57.61
CA ARG G 13 -16.27 -11.52 57.16
C ARG G 13 -17.40 -10.54 57.46
N LEU G 14 -17.00 -9.31 57.78
CA LEU G 14 -17.96 -8.22 57.94
C LEU G 14 -18.48 -7.75 56.59
N GLU G 15 -19.73 -7.25 56.61
CA GLU G 15 -20.39 -6.56 55.49
C GLU G 15 -20.52 -7.44 54.24
N SER G 16 -20.72 -8.73 54.43
CA SER G 16 -20.85 -9.65 53.31
C SER G 16 -21.72 -10.83 53.71
N GLU G 17 -22.24 -11.53 52.71
CA GLU G 17 -23.08 -12.70 52.95
C GLU G 17 -22.22 -13.87 53.41
N GLU G 18 -22.75 -14.64 54.36
CA GLU G 18 -22.06 -15.83 54.86
C GLU G 18 -23.00 -17.02 54.79
N THR G 19 -22.54 -18.10 54.17
CA THR G 19 -23.36 -19.29 54.01
C THR G 19 -23.28 -20.17 55.25
N MET G 20 -24.44 -20.69 55.67
CA MET G 20 -24.53 -21.58 56.82
C MET G 20 -25.23 -22.85 56.37
N VAL G 21 -24.57 -23.99 56.53
CA VAL G 21 -25.06 -25.27 56.03
C VAL G 21 -25.40 -26.17 57.22
N LEU G 22 -26.66 -26.57 57.32
CA LEU G 22 -27.16 -27.38 58.42
C LEU G 22 -27.54 -28.76 57.91
N GLU G 23 -27.10 -29.79 58.63
CA GLU G 23 -27.42 -31.17 58.28
C GLU G 23 -27.64 -32.01 59.54
N ALA G 24 -28.54 -32.97 59.44
CA ALA G 24 -28.69 -34.00 60.45
C ALA G 24 -28.38 -35.35 59.83
N HIS G 25 -27.72 -36.21 60.58
CA HIS G 25 -27.26 -37.49 60.08
C HIS G 25 -28.03 -38.62 60.77
N ASP G 26 -28.45 -39.60 59.96
CA ASP G 26 -29.24 -40.78 60.38
C ASP G 26 -30.56 -40.39 61.02
N ALA G 27 -31.17 -39.30 60.56
CA ALA G 27 -32.31 -38.71 61.26
C ALA G 27 -33.64 -39.33 60.82
N GLN G 28 -34.63 -39.23 61.71
CA GLN G 28 -35.97 -39.76 61.49
C GLN G 28 -36.99 -38.67 61.78
N GLY G 29 -37.88 -38.42 60.82
CA GLY G 29 -38.88 -37.38 60.95
C GLY G 29 -38.30 -35.97 60.81
N ASP G 30 -39.21 -35.00 60.88
CA ASP G 30 -38.82 -33.60 60.77
C ASP G 30 -38.21 -33.11 62.08
N VAL G 31 -37.26 -32.19 61.97
CA VAL G 31 -36.66 -31.55 63.14
C VAL G 31 -36.51 -30.06 62.87
N PRO G 32 -37.22 -29.21 63.62
CA PRO G 32 -37.06 -27.76 63.42
C PRO G 32 -35.73 -27.26 63.97
N VAL G 33 -35.12 -26.31 63.25
CA VAL G 33 -33.83 -25.74 63.60
C VAL G 33 -33.96 -24.22 63.68
N THR G 34 -33.63 -23.65 64.82
CA THR G 34 -33.57 -22.19 64.97
C THR G 34 -32.10 -21.76 65.03
N VAL G 35 -31.83 -20.58 64.49
CA VAL G 35 -30.48 -20.09 64.23
C VAL G 35 -30.29 -18.76 64.97
N THR G 36 -29.14 -18.58 65.64
CA THR G 36 -28.85 -17.36 66.38
C THR G 36 -27.34 -17.10 66.34
N VAL G 37 -26.93 -15.83 66.19
CA VAL G 37 -25.53 -15.42 66.27
C VAL G 37 -25.37 -14.50 67.47
N HIS G 38 -24.44 -14.84 68.38
CA HIS G 38 -24.11 -14.03 69.54
C HIS G 38 -22.70 -13.48 69.39
N ASP G 39 -22.36 -12.56 70.28
CA ASP G 39 -21.01 -12.01 70.37
C ASP G 39 -20.13 -12.88 71.27
N PHE G 40 -18.82 -12.62 71.21
CA PHE G 40 -17.86 -13.34 72.04
C PHE G 40 -16.80 -12.32 72.46
N PRO G 41 -16.48 -12.22 73.77
CA PRO G 41 -17.10 -12.90 74.91
C PRO G 41 -18.41 -12.24 75.34
N GLY G 42 -19.09 -12.85 76.32
CA GLY G 42 -20.32 -12.27 76.83
C GLY G 42 -21.50 -12.48 75.89
N LYS G 43 -22.61 -11.83 76.22
CA LYS G 43 -23.86 -11.94 75.45
C LYS G 43 -24.47 -10.55 75.29
N LYS G 44 -24.43 -10.02 74.07
CA LYS G 44 -25.16 -8.80 73.72
C LYS G 44 -26.18 -9.04 72.62
N LEU G 45 -26.13 -10.20 71.94
CA LEU G 45 -26.99 -10.66 70.84
C LEU G 45 -26.91 -9.77 69.62
N VAL G 46 -26.23 -10.25 68.57
CA VAL G 46 -25.99 -9.45 67.39
C VAL G 46 -26.90 -9.85 66.23
N LEU G 47 -27.38 -11.10 66.18
CA LEU G 47 -28.26 -11.54 65.12
C LEU G 47 -29.12 -12.68 65.62
N SER G 48 -30.43 -12.53 65.57
CA SER G 48 -31.35 -13.55 66.06
C SER G 48 -32.30 -14.05 64.97
N SER G 49 -32.01 -13.76 63.71
CA SER G 49 -32.89 -14.13 62.61
C SER G 49 -32.64 -15.56 62.19
N GLU G 50 -33.46 -16.03 61.23
CA GLU G 50 -33.39 -17.27 60.44
C GLU G 50 -33.76 -18.52 61.23
N LYS G 51 -34.56 -19.38 60.60
CA LYS G 51 -34.85 -20.72 61.09
C LYS G 51 -35.25 -21.59 59.91
N THR G 52 -35.16 -22.90 60.09
CA THR G 52 -35.50 -23.85 59.03
C THR G 52 -35.83 -25.19 59.66
N VAL G 53 -36.34 -26.12 58.84
CA VAL G 53 -36.72 -27.46 59.29
C VAL G 53 -35.98 -28.47 58.42
N LEU G 54 -35.17 -29.32 59.07
CA LEU G 54 -34.53 -30.43 58.37
C LEU G 54 -35.54 -31.55 58.14
N THR G 55 -35.75 -31.91 56.88
CA THR G 55 -36.76 -32.86 56.44
C THR G 55 -36.11 -34.09 55.83
N PRO G 56 -36.59 -35.31 56.15
CA PRO G 56 -36.11 -36.51 55.46
C PRO G 56 -36.36 -36.54 53.96
N ALA G 57 -37.35 -35.79 53.45
CA ALA G 57 -37.50 -35.60 52.01
C ALA G 57 -36.32 -34.86 51.41
N THR G 58 -35.68 -33.97 52.17
CA THR G 58 -34.50 -33.25 51.72
C THR G 58 -33.19 -33.84 52.25
N ASN G 59 -33.23 -35.11 52.72
CA ASN G 59 -32.12 -35.82 53.37
C ASN G 59 -31.56 -35.06 54.57
N HIS G 60 -32.47 -34.40 55.31
CA HIS G 60 -32.19 -33.57 56.50
C HIS G 60 -31.18 -32.46 56.20
N MET G 61 -31.32 -31.84 55.03
CA MET G 61 -30.47 -30.74 54.63
C MET G 61 -31.22 -29.42 54.75
N GLY G 62 -30.44 -28.36 54.92
CA GLY G 62 -30.99 -27.04 54.96
C GLY G 62 -29.90 -26.00 54.96
N ASN G 63 -29.85 -25.18 53.92
CA ASN G 63 -28.88 -24.11 53.84
C ASN G 63 -29.64 -22.80 54.06
N VAL G 64 -29.13 -21.98 54.96
CA VAL G 64 -29.70 -20.67 55.25
C VAL G 64 -28.56 -19.67 55.23
N THR G 65 -28.92 -18.42 54.98
CA THR G 65 -27.94 -17.35 54.84
C THR G 65 -28.16 -16.29 55.88
N PHE G 66 -27.11 -15.52 56.10
CA PHE G 66 -27.15 -14.36 56.98
C PHE G 66 -26.08 -13.39 56.51
N THR G 67 -26.04 -12.25 57.17
CA THR G 67 -25.17 -11.14 56.85
C THR G 67 -24.73 -10.61 58.19
N ILE G 68 -23.45 -10.27 58.32
CA ILE G 68 -22.89 -9.73 59.55
C ILE G 68 -22.89 -8.20 59.46
N PRO G 69 -23.67 -7.49 60.27
CA PRO G 69 -23.48 -6.05 60.35
C PRO G 69 -22.27 -5.69 61.18
N ALA G 70 -21.82 -4.45 60.98
CA ALA G 70 -20.72 -3.81 61.71
C ALA G 70 -21.19 -2.42 62.11
N ASN G 71 -20.85 -2.02 63.32
CA ASN G 71 -21.20 -0.71 63.86
C ASN G 71 -19.97 -0.18 64.58
N ARG G 72 -20.17 0.86 65.39
CA ARG G 72 -19.09 1.38 66.23
C ARG G 72 -18.67 0.40 67.32
N GLU G 73 -19.56 -0.52 67.72
CA GLU G 73 -19.23 -1.52 68.73
C GLU G 73 -18.39 -2.65 68.16
N PHE G 74 -18.61 -3.00 66.89
CA PHE G 74 -17.88 -4.07 66.23
C PHE G 74 -16.49 -3.62 65.78
N LYS G 75 -16.40 -2.41 65.23
CA LYS G 75 -15.19 -1.78 64.69
C LYS G 75 -14.22 -1.28 65.79
N SER G 76 -14.60 -1.43 67.07
CA SER G 76 -13.86 -0.90 68.21
C SER G 76 -12.43 -1.43 68.27
N GLU G 77 -12.25 -2.73 68.41
CA GLU G 77 -10.92 -3.32 68.45
C GLU G 77 -10.38 -3.47 67.02
N LYS G 78 -9.24 -2.83 66.74
CA LYS G 78 -8.67 -2.82 65.41
C LYS G 78 -7.37 -3.60 65.27
N GLY G 79 -6.73 -3.98 66.38
CA GLY G 79 -5.39 -4.52 66.27
C GLY G 79 -5.23 -5.99 66.63
N ARG G 80 -6.11 -6.52 67.48
CA ARG G 80 -6.00 -7.87 68.00
C ARG G 80 -7.28 -8.63 67.65
N ASN G 81 -7.22 -9.95 67.83
CA ASN G 81 -8.29 -10.83 67.39
C ASN G 81 -9.54 -10.70 68.26
N LYS G 82 -10.69 -10.86 67.61
CA LYS G 82 -11.96 -10.97 68.32
C LYS G 82 -12.83 -11.99 67.58
N PHE G 83 -13.83 -12.51 68.29
CA PHE G 83 -14.54 -13.70 67.87
C PHE G 83 -16.04 -13.46 68.05
N VAL G 84 -16.87 -14.35 67.47
CA VAL G 84 -18.30 -14.38 67.71
C VAL G 84 -18.73 -15.84 67.88
N THR G 85 -19.99 -16.02 68.26
CA THR G 85 -20.51 -17.34 68.60
C THR G 85 -21.77 -17.65 67.79
N VAL G 86 -21.76 -18.80 67.09
CA VAL G 86 -22.85 -19.23 66.24
C VAL G 86 -23.67 -20.27 67.00
N GLN G 87 -25.00 -20.09 67.06
CA GLN G 87 -25.90 -20.95 67.81
C GLN G 87 -26.97 -21.50 66.87
N ALA G 88 -27.14 -22.83 66.88
CA ALA G 88 -28.16 -23.49 66.09
C ALA G 88 -28.79 -24.60 66.94
N THR G 89 -30.11 -24.54 67.11
CA THR G 89 -30.83 -25.43 68.03
C THR G 89 -31.62 -26.45 67.21
N PHE G 90 -31.17 -27.70 67.24
CA PHE G 90 -31.80 -28.78 66.47
C PHE G 90 -32.83 -29.46 67.36
N GLY G 91 -34.09 -29.10 67.17
CA GLY G 91 -35.17 -29.59 68.01
C GLY G 91 -35.07 -29.13 69.45
N THR G 92 -34.57 -30.01 70.34
CA THR G 92 -34.27 -29.66 71.72
C THR G 92 -32.78 -29.72 72.02
N GLN G 93 -31.95 -30.16 71.07
CA GLN G 93 -30.51 -30.30 71.27
C GLN G 93 -29.80 -29.18 70.54
N VAL G 94 -29.04 -28.37 71.29
CA VAL G 94 -28.34 -27.20 70.76
C VAL G 94 -26.88 -27.56 70.47
N VAL G 95 -26.37 -27.06 69.34
CA VAL G 95 -24.97 -27.18 68.96
C VAL G 95 -24.42 -25.79 68.68
N GLU G 96 -23.30 -25.44 69.30
CA GLU G 96 -22.73 -24.10 69.17
C GLU G 96 -21.20 -24.18 69.12
N LYS G 97 -20.59 -23.14 68.53
CA LYS G 97 -19.16 -23.12 68.29
C LYS G 97 -18.67 -21.68 68.13
N VAL G 98 -17.49 -21.38 68.70
CA VAL G 98 -16.87 -20.05 68.62
C VAL G 98 -16.08 -19.96 67.32
N VAL G 99 -16.26 -18.86 66.58
CA VAL G 99 -15.70 -18.69 65.24
C VAL G 99 -14.76 -17.47 65.23
N LEU G 100 -13.63 -17.60 64.53
CA LEU G 100 -12.75 -16.47 64.29
C LEU G 100 -13.34 -15.53 63.24
N VAL G 101 -13.12 -14.23 63.41
CA VAL G 101 -13.69 -13.19 62.56
C VAL G 101 -12.56 -12.40 61.92
N SER G 102 -12.66 -12.16 60.61
CA SER G 102 -11.80 -11.20 59.93
C SER G 102 -12.55 -9.88 59.78
N LEU G 103 -11.80 -8.80 59.88
CA LEU G 103 -12.39 -7.46 59.82
C LEU G 103 -12.42 -6.90 58.41
N GLN G 104 -11.98 -7.68 57.41
CA GLN G 104 -12.01 -7.23 56.03
C GLN G 104 -13.44 -7.27 55.48
N SER G 105 -13.74 -6.33 54.60
CA SER G 105 -15.10 -6.18 54.07
C SER G 105 -15.20 -6.17 52.56
N GLY G 106 -14.09 -6.22 51.84
CA GLY G 106 -14.16 -6.22 50.38
C GLY G 106 -12.83 -5.92 49.75
N TYR G 107 -12.89 -5.31 48.56
CA TYR G 107 -11.69 -4.99 47.80
C TYR G 107 -11.79 -3.60 47.20
N LEU G 108 -10.63 -2.95 47.07
CA LEU G 108 -10.50 -1.66 46.42
C LEU G 108 -9.44 -1.75 45.33
N PHE G 109 -9.79 -1.32 44.13
CA PHE G 109 -8.85 -1.28 43.02
C PHE G 109 -8.79 0.14 42.48
N ILE G 110 -7.57 0.63 42.25
CA ILE G 110 -7.34 2.01 41.86
C ILE G 110 -6.68 2.00 40.49
N GLN G 111 -7.28 2.74 39.56
CA GLN G 111 -6.76 2.93 38.22
C GLN G 111 -6.33 4.38 38.09
N THR G 112 -5.14 4.62 37.53
CA THR G 112 -4.70 5.95 37.19
C THR G 112 -4.57 6.06 35.68
N ASP G 113 -4.74 7.29 35.16
CA ASP G 113 -4.66 7.51 33.72
C ASP G 113 -3.25 7.34 33.18
N LYS G 114 -2.24 7.62 34.00
CA LYS G 114 -0.85 7.40 33.65
C LYS G 114 -0.15 6.73 34.81
N THR G 115 1.02 6.16 34.52
CA THR G 115 1.87 5.59 35.57
C THR G 115 2.94 6.57 36.03
N ILE G 116 3.10 7.71 35.36
CA ILE G 116 4.12 8.70 35.69
C ILE G 116 3.62 10.06 35.19
N TYR G 117 3.87 11.10 35.98
CA TYR G 117 3.33 12.43 35.73
C TYR G 117 4.44 13.47 35.84
N THR G 118 4.16 14.71 35.29
CA THR G 118 4.98 15.92 35.33
C THR G 118 4.51 16.83 36.45
N PRO G 119 5.39 17.70 36.98
CA PRO G 119 4.92 18.78 37.85
C PRO G 119 4.04 19.77 37.08
N GLY G 120 2.94 20.17 37.71
CA GLY G 120 1.99 21.05 37.07
C GLY G 120 0.99 20.37 36.18
N SER G 121 0.73 19.08 36.39
CA SER G 121 -0.23 18.33 35.59
C SER G 121 -1.30 17.71 36.48
N THR G 122 -2.32 17.16 35.81
CA THR G 122 -3.51 16.60 36.45
C THR G 122 -3.39 15.08 36.55
N VAL G 123 -3.82 14.53 37.68
CA VAL G 123 -3.92 13.08 37.88
C VAL G 123 -5.39 12.71 37.91
N LEU G 124 -5.82 11.87 36.96
CA LEU G 124 -7.17 11.34 36.92
C LEU G 124 -7.18 9.94 37.47
N TYR G 125 -8.11 9.65 38.38
CA TYR G 125 -8.08 8.36 39.05
C TYR G 125 -9.50 7.92 39.39
N ARG G 126 -9.79 6.65 39.10
CA ARG G 126 -11.07 6.02 39.38
C ARG G 126 -10.85 4.89 40.36
N ILE G 127 -11.66 4.83 41.40
CA ILE G 127 -11.57 3.80 42.43
C ILE G 127 -12.77 2.90 42.30
N PHE G 128 -12.53 1.62 42.08
CA PHE G 128 -13.59 0.63 41.94
C PHE G 128 -13.79 -0.05 43.29
N THR G 129 -15.02 -0.02 43.79
CA THR G 129 -15.37 -0.50 45.12
C THR G 129 -16.21 -1.75 44.96
N VAL G 130 -15.65 -2.90 45.31
CA VAL G 130 -16.34 -4.17 45.19
C VAL G 130 -16.30 -4.89 46.54
N ASN G 131 -17.25 -5.81 46.72
CA ASN G 131 -17.26 -6.67 47.90
C ASN G 131 -16.33 -7.86 47.69
N HIS G 132 -16.47 -8.90 48.52
CA HIS G 132 -15.66 -10.10 48.39
C HIS G 132 -16.04 -10.93 47.16
N LYS G 133 -17.25 -10.75 46.62
CA LYS G 133 -17.71 -11.47 45.44
C LYS G 133 -17.37 -10.73 44.15
N LEU G 134 -16.55 -9.67 44.23
CA LEU G 134 -16.11 -8.80 43.13
C LEU G 134 -17.25 -8.07 42.44
N LEU G 135 -18.39 -7.90 43.13
CA LEU G 135 -19.61 -7.22 42.71
C LEU G 135 -19.63 -5.81 43.32
N PRO G 136 -20.17 -4.82 42.60
CA PRO G 136 -20.07 -3.42 43.07
C PRO G 136 -20.92 -3.16 44.32
N VAL G 137 -20.28 -2.60 45.33
CA VAL G 137 -20.88 -2.32 46.63
C VAL G 137 -20.84 -0.81 46.85
N GLY G 138 -21.82 -0.32 47.60
CA GLY G 138 -21.87 1.08 47.94
C GLY G 138 -21.47 1.36 49.37
N ARG G 139 -20.23 1.80 49.57
CA ARG G 139 -19.69 2.05 50.90
C ARG G 139 -18.89 3.35 50.87
N THR G 140 -18.55 3.84 52.05
CA THR G 140 -17.74 5.05 52.19
C THR G 140 -16.27 4.66 52.20
N VAL G 141 -15.46 5.32 51.37
CA VAL G 141 -14.05 5.01 51.21
C VAL G 141 -13.23 6.20 51.69
N MET G 142 -12.14 5.92 52.40
CA MET G 142 -11.17 6.92 52.82
C MET G 142 -9.90 6.74 52.01
N VAL G 143 -9.56 7.74 51.20
CA VAL G 143 -8.41 7.69 50.30
C VAL G 143 -7.42 8.77 50.74
N ASN G 144 -6.12 8.46 50.69
CA ASN G 144 -5.06 9.39 51.06
C ASN G 144 -3.96 9.34 50.01
N ILE G 145 -3.33 10.49 49.76
CA ILE G 145 -2.20 10.60 48.83
C ILE G 145 -0.97 11.03 49.63
N GLU G 146 0.09 10.21 49.58
CA GLU G 146 1.26 10.40 50.42
C GLU G 146 2.50 10.71 49.58
N ASN G 147 3.46 11.39 50.21
CA ASN G 147 4.66 11.92 49.56
C ASN G 147 5.71 10.80 49.51
N PRO G 148 6.94 11.04 48.96
CA PRO G 148 7.97 9.98 49.02
C PRO G 148 8.41 9.54 50.41
N GLU G 149 8.45 10.44 51.39
CA GLU G 149 8.80 10.04 52.75
C GLU G 149 7.57 9.80 53.62
N GLY G 150 6.38 9.80 53.03
CA GLY G 150 5.19 9.33 53.71
C GLY G 150 4.32 10.39 54.37
N ILE G 151 4.17 11.56 53.77
CA ILE G 151 3.39 12.64 54.34
C ILE G 151 2.11 12.77 53.54
N PRO G 152 0.94 12.61 54.16
CA PRO G 152 -0.34 12.78 53.42
C PRO G 152 -0.56 14.23 53.03
N VAL G 153 -0.74 14.46 51.73
CA VAL G 153 -0.91 15.81 51.20
C VAL G 153 -2.34 16.09 50.76
N LYS G 154 -3.14 15.08 50.45
CA LYS G 154 -4.52 15.27 50.04
C LYS G 154 -5.31 14.01 50.38
N GLN G 155 -6.50 14.21 50.96
CA GLN G 155 -7.30 13.09 51.45
C GLN G 155 -8.76 13.33 51.14
N ASP G 156 -9.50 12.24 50.93
CA ASP G 156 -10.89 12.30 50.51
C ASP G 156 -11.74 11.30 51.29
N SER G 157 -13.04 11.58 51.33
CA SER G 157 -14.01 10.68 51.94
C SER G 157 -15.31 10.80 51.16
N LEU G 158 -15.75 9.70 50.55
CA LEU G 158 -16.92 9.72 49.69
C LEU G 158 -17.52 8.32 49.64
N SER G 159 -18.84 8.26 49.49
CA SER G 159 -19.57 7.01 49.34
C SER G 159 -19.90 6.79 47.87
N SER G 160 -19.78 5.53 47.44
CA SER G 160 -20.06 5.13 46.06
C SER G 160 -21.47 4.60 45.88
N GLN G 161 -22.36 4.83 46.85
CA GLN G 161 -23.73 4.35 46.76
C GLN G 161 -24.48 5.07 45.63
N ASN G 162 -25.21 4.28 44.82
CA ASN G 162 -25.98 4.67 43.63
C ASN G 162 -25.08 5.17 42.49
N GLN G 163 -23.78 4.90 42.55
CA GLN G 163 -22.84 5.26 41.49
C GLN G 163 -22.22 4.02 40.83
N LEU G 164 -22.80 2.84 41.11
CA LEU G 164 -22.39 1.54 40.56
C LEU G 164 -20.92 1.21 40.87
N GLY G 165 -20.51 1.54 42.09
CA GLY G 165 -19.20 1.18 42.61
C GLY G 165 -18.02 1.85 41.95
N VAL G 166 -18.20 3.05 41.40
CA VAL G 166 -17.16 3.79 40.70
C VAL G 166 -17.05 5.17 41.33
N LEU G 167 -15.84 5.54 41.76
CA LEU G 167 -15.55 6.88 42.30
C LEU G 167 -14.54 7.59 41.40
N PRO G 168 -15.02 8.37 40.41
CA PRO G 168 -14.09 9.15 39.59
C PRO G 168 -13.74 10.47 40.28
N LEU G 169 -12.45 10.70 40.47
CA LEU G 169 -11.97 11.88 41.18
C LEU G 169 -10.74 12.45 40.48
N SER G 170 -10.31 13.62 40.93
CA SER G 170 -9.22 14.33 40.27
C SER G 170 -8.45 15.15 41.29
N TRP G 171 -7.21 15.49 40.92
CA TRP G 171 -6.32 16.30 41.74
C TRP G 171 -5.19 16.83 40.87
N ASP G 172 -4.74 18.05 41.15
CA ASP G 172 -3.69 18.72 40.38
C ASP G 172 -2.37 18.69 41.15
N ILE G 173 -1.30 18.34 40.46
CA ILE G 173 0.03 18.36 41.05
C ILE G 173 0.56 19.78 41.06
N PRO G 174 1.02 20.32 42.19
CA PRO G 174 1.69 21.62 42.19
C PRO G 174 3.06 21.53 41.56
N GLU G 175 3.56 22.69 41.11
CA GLU G 175 4.93 22.74 40.61
C GLU G 175 5.95 22.68 41.72
N LEU G 176 5.58 23.09 42.94
CA LEU G 176 6.45 22.95 44.10
C LEU G 176 6.23 21.55 44.66
N VAL G 177 7.18 20.66 44.39
CA VAL G 177 6.99 19.23 44.62
C VAL G 177 8.37 18.59 44.67
N ASN G 178 8.47 17.49 45.40
CA ASN G 178 9.68 16.68 45.45
C ASN G 178 9.49 15.48 44.53
N MET G 179 10.34 15.39 43.50
CA MET G 179 10.28 14.30 42.54
C MET G 179 10.64 12.96 43.19
N GLY G 180 9.99 11.90 42.71
CA GLY G 180 10.20 10.57 43.23
C GLY G 180 8.92 9.77 43.14
N GLN G 181 8.83 8.75 44.00
CA GLN G 181 7.71 7.82 44.01
C GLN G 181 6.61 8.33 44.94
N TRP G 182 5.39 8.41 44.44
CA TRP G 182 4.24 8.88 45.21
C TRP G 182 3.21 7.77 45.33
N LYS G 183 2.54 7.71 46.47
CA LYS G 183 1.70 6.58 46.83
C LYS G 183 0.28 7.04 47.14
N ILE G 184 -0.70 6.30 46.61
CA ILE G 184 -2.10 6.48 46.94
C ILE G 184 -2.53 5.30 47.79
N ARG G 185 -3.10 5.59 48.97
CA ARG G 185 -3.56 4.55 49.89
C ARG G 185 -5.04 4.74 50.15
N ALA G 186 -5.77 3.62 50.25
CA ALA G 186 -7.21 3.68 50.40
C ALA G 186 -7.69 2.55 51.29
N TYR G 187 -8.79 2.82 52.00
CA TYR G 187 -9.43 1.83 52.86
C TYR G 187 -10.89 2.19 53.02
N TYR G 188 -11.73 1.18 53.23
CA TYR G 188 -13.14 1.41 53.53
C TYR G 188 -13.28 2.03 54.92
N GLU G 189 -14.44 2.67 55.14
CA GLU G 189 -14.71 3.29 56.43
C GLU G 189 -14.92 2.25 57.53
N ASN G 190 -15.59 1.16 57.21
CA ASN G 190 -15.88 0.13 58.19
C ASN G 190 -14.79 -0.93 58.32
N SER G 191 -13.68 -0.77 57.59
CA SER G 191 -12.51 -1.64 57.73
C SER G 191 -11.25 -0.80 57.61
N PRO G 192 -10.85 -0.11 58.69
CA PRO G 192 -9.70 0.81 58.57
C PRO G 192 -8.34 0.12 58.58
N GLN G 193 -8.26 -1.11 59.08
CA GLN G 193 -7.00 -1.85 59.15
C GLN G 193 -6.64 -2.56 57.85
N GLN G 194 -7.56 -2.68 56.90
CA GLN G 194 -7.29 -3.28 55.61
C GLN G 194 -6.99 -2.16 54.61
N VAL G 195 -5.70 -1.97 54.30
CA VAL G 195 -5.23 -0.83 53.51
C VAL G 195 -4.80 -1.32 52.15
N PHE G 196 -5.35 -0.71 51.10
CA PHE G 196 -4.95 -0.96 49.72
C PHE G 196 -4.06 0.16 49.24
N SER G 197 -3.21 -0.13 48.25
CA SER G 197 -2.23 0.85 47.79
C SER G 197 -1.84 0.58 46.35
N THR G 198 -1.45 1.66 45.65
CA THR G 198 -0.82 1.60 44.34
C THR G 198 0.04 2.85 44.20
N GLU G 199 1.06 2.76 43.33
CA GLU G 199 2.09 3.78 43.27
C GLU G 199 2.19 4.41 41.88
N PHE G 200 2.81 5.59 41.85
CA PHE G 200 3.16 6.28 40.61
C PHE G 200 4.38 7.15 40.86
N GLU G 201 4.92 7.72 39.78
CA GLU G 201 6.17 8.46 39.81
C GLU G 201 5.93 9.89 39.34
N VAL G 202 6.70 10.84 39.88
CA VAL G 202 6.69 12.23 39.43
C VAL G 202 8.09 12.59 38.98
N LYS G 203 8.21 13.10 37.76
CA LYS G 203 9.52 13.38 37.17
C LYS G 203 9.35 14.47 36.12
N GLU G 204 10.47 15.01 35.66
CA GLU G 204 10.51 16.02 34.61
C GLU G 204 10.97 15.35 33.32
N TYR G 205 10.04 15.20 32.37
CA TYR G 205 10.30 14.38 31.19
C TYR G 205 9.60 14.98 29.98
N VAL G 206 10.02 14.49 28.80
CA VAL G 206 9.21 14.50 27.60
C VAL G 206 9.21 13.07 27.07
N LEU G 207 8.15 12.71 26.35
CA LEU G 207 8.01 11.34 25.89
C LEU G 207 8.98 11.04 24.75
N PRO G 208 9.59 9.86 24.73
CA PRO G 208 10.41 9.46 23.59
C PRO G 208 9.53 9.11 22.39
N SER G 209 10.20 8.93 21.25
CA SER G 209 9.51 8.59 20.00
C SER G 209 9.68 7.14 19.61
N PHE G 210 10.40 6.34 20.40
CA PHE G 210 10.64 4.95 20.06
C PHE G 210 10.81 4.13 21.34
N GLU G 211 10.68 2.82 21.20
CA GLU G 211 10.86 1.88 22.31
C GLU G 211 12.03 0.96 22.03
N VAL G 212 12.70 0.54 23.09
CA VAL G 212 13.82 -0.38 23.02
C VAL G 212 13.47 -1.63 23.82
N ILE G 213 13.59 -2.79 23.19
CA ILE G 213 13.34 -4.07 23.83
C ILE G 213 14.69 -4.77 23.98
N VAL G 214 14.95 -5.28 25.18
CA VAL G 214 16.15 -6.06 25.46
C VAL G 214 15.70 -7.49 25.70
N GLU G 215 16.09 -8.40 24.81
CA GLU G 215 15.58 -9.77 24.83
C GLU G 215 16.72 -10.75 25.05
N PRO G 216 16.84 -11.35 26.24
CA PRO G 216 17.73 -12.51 26.40
C PRO G 216 17.16 -13.70 25.65
N THR G 217 18.06 -14.48 25.04
CA THR G 217 17.67 -15.71 24.34
C THR G 217 17.01 -16.69 25.30
N GLU G 218 17.62 -16.89 26.46
CA GLU G 218 16.99 -17.60 27.57
C GLU G 218 16.96 -16.67 28.77
N LYS G 219 15.87 -16.73 29.54
CA LYS G 219 15.68 -15.87 30.72
C LYS G 219 16.42 -16.36 31.97
N PHE G 220 17.65 -16.86 31.81
CA PHE G 220 18.52 -17.38 32.85
C PHE G 220 19.90 -17.49 32.22
N TYR G 221 20.90 -17.76 33.06
CA TYR G 221 22.23 -18.08 32.56
C TYR G 221 22.73 -19.37 33.21
N TYR G 222 23.16 -20.31 32.38
CA TYR G 222 23.82 -21.53 32.82
C TYR G 222 25.32 -21.26 32.89
N ILE G 223 25.91 -21.52 34.07
CA ILE G 223 27.26 -21.04 34.41
C ILE G 223 28.33 -21.62 33.48
N TYR G 224 28.20 -22.89 33.11
CA TYR G 224 29.20 -23.57 32.30
C TYR G 224 28.99 -23.38 30.79
N ASN G 225 28.17 -22.41 30.38
CA ASN G 225 28.04 -22.06 28.98
C ASN G 225 29.29 -21.29 28.55
N GLU G 226 30.07 -21.90 27.65
CA GLU G 226 31.30 -21.28 27.16
C GLU G 226 31.02 -20.05 26.31
N LYS G 227 29.90 -20.04 25.58
CA LYS G 227 29.54 -18.89 24.77
C LYS G 227 29.11 -17.70 25.62
N GLY G 228 28.40 -17.95 26.72
CA GLY G 228 27.89 -16.89 27.55
C GLY G 228 26.45 -16.55 27.25
N LEU G 229 25.99 -15.48 27.88
CA LEU G 229 24.61 -15.02 27.76
C LEU G 229 24.46 -14.13 26.53
N GLU G 230 23.54 -14.49 25.63
CA GLU G 230 23.23 -13.71 24.45
C GLU G 230 21.98 -12.89 24.71
N VAL G 231 22.06 -11.58 24.46
CA VAL G 231 20.94 -10.66 24.64
C VAL G 231 20.68 -9.94 23.32
N THR G 232 19.53 -10.19 22.73
CA THR G 232 19.12 -9.57 21.48
C THR G 232 18.46 -8.23 21.78
N ILE G 233 18.77 -7.22 20.97
CA ILE G 233 18.19 -5.88 21.10
C ILE G 233 17.19 -5.70 19.96
N THR G 234 16.01 -5.19 20.29
CA THR G 234 15.01 -4.83 19.30
C THR G 234 14.56 -3.40 19.58
N ALA G 235 14.59 -2.56 18.56
CA ALA G 235 14.23 -1.16 18.70
C ALA G 235 13.36 -0.74 17.53
N ARG G 236 12.24 -0.10 17.84
CA ARG G 236 11.31 0.33 16.80
C ARG G 236 10.61 1.60 17.27
N PHE G 237 10.14 2.39 16.31
CA PHE G 237 9.38 3.59 16.65
C PHE G 237 8.02 3.20 17.24
N LEU G 238 7.40 4.17 17.91
CA LEU G 238 6.18 3.90 18.68
C LEU G 238 5.00 3.56 17.78
N TYR G 239 5.00 4.06 16.54
CA TYR G 239 3.98 3.70 15.57
C TYR G 239 4.31 2.41 14.81
N GLY G 240 5.45 1.80 15.09
CA GLY G 240 5.73 0.46 14.62
C GLY G 240 6.74 0.30 13.49
N LYS G 241 7.56 1.31 13.22
CA LYS G 241 8.57 1.22 12.17
C LYS G 241 9.96 1.08 12.77
N LYS G 242 10.87 0.53 11.98
CA LYS G 242 12.16 0.09 12.47
C LYS G 242 13.10 1.27 12.77
N VAL G 243 13.90 1.12 13.82
CA VAL G 243 14.78 2.18 14.32
C VAL G 243 16.21 1.91 13.82
N GLU G 244 16.84 2.94 13.26
CA GLU G 244 18.24 2.88 12.87
C GLU G 244 19.04 3.73 13.85
N GLY G 245 20.01 3.12 14.50
CA GLY G 245 20.78 3.84 15.50
C GLY G 245 21.99 3.05 15.95
N THR G 246 22.54 3.45 17.09
CA THR G 246 23.69 2.78 17.68
C THR G 246 23.44 2.63 19.17
N ALA G 247 23.64 1.42 19.69
CA ALA G 247 23.33 1.09 21.08
C ALA G 247 24.62 0.95 21.89
N PHE G 248 24.56 1.44 23.13
CA PHE G 248 25.62 1.21 24.12
C PHE G 248 25.00 0.41 25.25
N VAL G 249 25.59 -0.73 25.57
CA VAL G 249 25.00 -1.70 26.47
C VAL G 249 26.08 -2.13 27.47
N ILE G 250 25.67 -2.28 28.73
CA ILE G 250 26.58 -2.68 29.80
C ILE G 250 25.86 -3.68 30.69
N PHE G 251 26.61 -4.64 31.24
CA PHE G 251 26.08 -5.70 32.05
C PHE G 251 26.39 -5.45 33.52
N GLY G 252 25.70 -6.20 34.39
CA GLY G 252 25.97 -6.09 35.81
C GLY G 252 25.37 -7.27 36.56
N ILE G 253 25.77 -7.38 37.83
CA ILE G 253 25.38 -8.47 38.71
C ILE G 253 24.59 -7.92 39.88
N GLN G 254 23.48 -8.58 40.21
CA GLN G 254 22.66 -8.23 41.37
C GLN G 254 22.76 -9.35 42.40
N ASP G 255 23.21 -9.00 43.60
CA ASP G 255 23.32 -9.94 44.71
C ASP G 255 22.43 -9.42 45.83
N GLY G 256 21.29 -10.08 46.02
CA GLY G 256 20.31 -9.59 46.98
C GLY G 256 19.66 -8.32 46.49
N GLU G 257 19.65 -7.29 47.34
CA GLU G 257 19.16 -5.97 46.96
C GLU G 257 20.25 -5.06 46.41
N GLN G 258 21.51 -5.46 46.50
CA GLN G 258 22.63 -4.62 46.08
C GLN G 258 23.09 -5.03 44.69
N ARG G 259 23.29 -4.04 43.82
CA ARG G 259 23.73 -4.25 42.46
C ARG G 259 25.21 -3.91 42.32
N ILE G 260 25.92 -4.74 41.56
CA ILE G 260 27.33 -4.52 41.23
C ILE G 260 27.44 -4.40 39.72
N SER G 261 28.15 -3.39 39.25
CA SER G 261 28.27 -3.11 37.83
C SER G 261 29.60 -3.65 37.31
N LEU G 262 29.55 -4.27 36.13
CA LEU G 262 30.76 -4.72 35.46
C LEU G 262 31.16 -3.67 34.43
N PRO G 263 32.27 -2.96 34.62
CA PRO G 263 32.58 -1.84 33.72
C PRO G 263 33.09 -2.28 32.35
N GLU G 264 33.88 -3.35 32.29
CA GLU G 264 34.48 -3.79 31.03
C GLU G 264 33.53 -4.62 30.18
N SER G 265 32.30 -4.87 30.65
CA SER G 265 31.25 -5.52 29.87
C SER G 265 30.62 -4.61 28.82
N LEU G 266 31.05 -3.36 28.75
CA LEU G 266 30.52 -2.39 27.80
C LEU G 266 30.92 -2.75 26.37
N LYS G 267 29.93 -2.70 25.48
CA LYS G 267 30.13 -2.89 24.05
C LYS G 267 29.41 -1.77 23.32
N ARG G 268 29.72 -1.61 22.04
CA ARG G 268 29.10 -0.60 21.19
C ARG G 268 28.68 -1.26 19.88
N ILE G 269 27.37 -1.40 19.68
CA ILE G 269 26.84 -2.05 18.49
C ILE G 269 25.91 -1.09 17.76
N PRO G 270 25.99 -1.01 16.43
CA PRO G 270 24.95 -0.32 15.67
C PRO G 270 23.64 -1.10 15.69
N ILE G 271 22.54 -0.36 15.65
CA ILE G 271 21.20 -0.95 15.55
C ILE G 271 20.77 -0.81 14.10
N GLU G 272 20.73 -1.92 13.38
CA GLU G 272 20.38 -1.96 11.97
C GLU G 272 19.20 -2.89 11.78
N ASP G 273 18.30 -2.51 10.85
CA ASP G 273 17.00 -3.18 10.58
C ASP G 273 16.12 -3.24 11.83
N GLY G 274 16.24 -2.24 12.70
CA GLY G 274 15.52 -2.24 13.95
C GLY G 274 16.01 -3.23 14.99
N SER G 275 17.28 -3.63 14.93
CA SER G 275 17.74 -4.70 15.81
C SER G 275 19.25 -4.63 16.00
N GLY G 276 19.70 -5.28 17.07
CA GLY G 276 21.12 -5.50 17.32
C GLY G 276 21.28 -6.69 18.23
N GLU G 277 22.54 -7.09 18.44
CA GLU G 277 22.82 -8.24 19.29
C GLU G 277 24.18 -8.05 19.94
N VAL G 278 24.24 -8.40 21.24
CA VAL G 278 25.46 -8.28 22.03
C VAL G 278 25.59 -9.53 22.88
N VAL G 279 26.82 -10.00 23.07
CA VAL G 279 27.11 -11.19 23.86
C VAL G 279 28.09 -10.81 24.95
N LEU G 280 27.79 -11.20 26.20
CA LEU G 280 28.73 -11.15 27.30
C LEU G 280 29.35 -12.53 27.43
N SER G 281 30.65 -12.64 27.17
CA SER G 281 31.28 -13.95 27.15
C SER G 281 31.54 -14.46 28.57
N ARG G 282 31.84 -15.75 28.67
CA ARG G 282 32.11 -16.39 29.95
C ARG G 282 33.42 -15.88 30.57
N LYS G 283 34.41 -15.58 29.73
CA LYS G 283 35.71 -15.11 30.23
C LYS G 283 35.59 -13.72 30.84
N VAL G 284 34.80 -12.83 30.22
CA VAL G 284 34.67 -11.45 30.70
C VAL G 284 33.93 -11.40 32.04
N LEU G 285 32.91 -12.25 32.20
CA LEU G 285 32.17 -12.32 33.48
C LEU G 285 33.06 -12.83 34.62
N LEU G 286 33.82 -13.90 34.37
CA LEU G 286 34.76 -14.40 35.38
C LEU G 286 35.91 -13.43 35.62
N ASP G 287 36.34 -12.69 34.59
CA ASP G 287 37.34 -11.63 34.80
C ASP G 287 36.76 -10.45 35.58
N GLY G 288 35.46 -10.21 35.44
CA GLY G 288 34.82 -9.13 36.19
C GLY G 288 34.78 -9.39 37.68
N VAL G 289 34.37 -10.60 38.07
CA VAL G 289 34.36 -10.97 39.47
C VAL G 289 35.78 -11.25 39.94
N GLN G 290 36.05 -10.97 41.20
CA GLN G 290 37.35 -11.27 41.80
C GLN G 290 37.38 -12.66 42.40
N ASN G 291 36.23 -13.33 42.52
CA ASN G 291 36.17 -14.70 43.00
C ASN G 291 36.26 -15.64 41.81
N PRO G 292 37.30 -16.47 41.69
CA PRO G 292 37.43 -17.36 40.53
C PRO G 292 36.58 -18.61 40.60
N ARG G 293 35.85 -18.84 41.69
CA ARG G 293 34.95 -19.98 41.77
C ARG G 293 33.68 -19.73 40.95
N ALA G 294 33.30 -20.71 40.14
CA ALA G 294 32.01 -20.66 39.46
C ALA G 294 30.86 -21.11 40.36
N GLU G 295 31.18 -21.79 41.47
CA GLU G 295 30.14 -22.31 42.35
C GLU G 295 29.48 -21.22 43.17
N ASP G 296 30.22 -20.16 43.53
CA ASP G 296 29.65 -19.08 44.33
C ASP G 296 28.75 -18.16 43.51
N LEU G 297 28.83 -18.23 42.18
CA LEU G 297 27.99 -17.42 41.31
C LEU G 297 26.54 -17.87 41.32
N VAL G 298 26.28 -19.11 41.76
CA VAL G 298 24.92 -19.65 41.80
C VAL G 298 24.12 -18.96 42.90
N GLY G 299 22.88 -18.62 42.59
CA GLY G 299 22.01 -17.93 43.52
C GLY G 299 21.90 -16.43 43.31
N LYS G 300 22.87 -15.83 42.64
CA LYS G 300 22.82 -14.41 42.35
C LYS G 300 22.13 -14.19 41.01
N SER G 301 21.96 -12.92 40.63
CA SER G 301 21.23 -12.58 39.42
C SER G 301 21.98 -11.50 38.64
N LEU G 302 21.66 -11.41 37.35
CA LEU G 302 22.27 -10.45 36.44
C LEU G 302 21.27 -9.36 36.06
N TYR G 303 21.81 -8.26 35.52
CA TYR G 303 20.99 -7.21 34.95
C TYR G 303 21.71 -6.61 33.76
N VAL G 304 20.94 -6.09 32.81
CA VAL G 304 21.45 -5.47 31.60
C VAL G 304 20.90 -4.05 31.55
N SER G 305 21.75 -3.09 31.20
CA SER G 305 21.33 -1.71 30.96
C SER G 305 21.81 -1.26 29.60
N ALA G 306 20.90 -0.78 28.76
CA ALA G 306 21.20 -0.37 27.40
C ALA G 306 20.86 1.10 27.22
N THR G 307 21.62 1.77 26.36
CA THR G 307 21.38 3.18 26.00
C THR G 307 21.47 3.29 24.48
N VAL G 308 20.33 3.62 23.85
CA VAL G 308 20.22 3.64 22.39
C VAL G 308 19.89 5.05 21.95
N ILE G 309 20.61 5.52 20.92
CA ILE G 309 20.41 6.84 20.32
C ILE G 309 20.22 6.62 18.83
N LEU G 310 19.26 7.34 18.23
CA LEU G 310 19.05 7.31 16.79
C LEU G 310 20.26 7.88 16.05
N HIS G 311 20.38 7.51 14.77
CA HIS G 311 21.44 8.06 13.94
C HIS G 311 21.17 9.49 13.49
N SER G 312 19.97 10.02 13.73
CA SER G 312 19.76 11.46 13.68
C SER G 312 20.27 12.14 14.94
N GLY G 313 20.37 11.42 16.04
CA GLY G 313 20.92 11.96 17.27
C GLY G 313 20.00 12.91 18.02
N SER G 314 18.69 12.80 17.81
CA SER G 314 17.73 13.74 18.38
C SER G 314 16.91 13.14 19.50
N ASP G 315 17.03 11.84 19.77
CA ASP G 315 16.26 11.20 20.83
C ASP G 315 17.09 10.06 21.41
N MET G 316 16.71 9.62 22.61
CA MET G 316 17.47 8.63 23.35
C MET G 316 16.54 7.90 24.30
N VAL G 317 16.69 6.57 24.37
CA VAL G 317 15.91 5.71 25.25
C VAL G 317 16.88 4.83 26.03
N GLN G 318 16.66 4.72 27.34
CA GLN G 318 17.38 3.77 28.17
C GLN G 318 16.43 2.67 28.63
N ALA G 319 16.81 1.42 28.38
CA ALA G 319 16.01 0.26 28.73
C ALA G 319 16.79 -0.59 29.72
N GLU G 320 16.08 -1.51 30.38
CA GLU G 320 16.70 -2.35 31.39
C GLU G 320 16.00 -3.71 31.44
N ARG G 321 16.81 -4.77 31.41
CA ARG G 321 16.36 -6.11 31.76
C ARG G 321 17.10 -6.53 33.01
N SER G 322 16.37 -7.05 34.00
CA SER G 322 16.95 -7.34 35.30
C SER G 322 16.34 -8.61 35.88
N GLY G 323 17.00 -9.15 36.89
CA GLY G 323 16.52 -10.33 37.57
C GLY G 323 16.80 -11.64 36.86
N ILE G 324 17.81 -11.68 36.00
CA ILE G 324 18.17 -12.86 35.23
C ILE G 324 19.00 -13.80 36.10
N PRO G 325 18.50 -14.98 36.45
CA PRO G 325 19.17 -15.82 37.45
C PRO G 325 20.38 -16.56 36.88
N ILE G 326 21.41 -16.68 37.70
CA ILE G 326 22.57 -17.52 37.43
C ILE G 326 22.34 -18.84 38.15
N VAL G 327 22.06 -19.92 37.40
CA VAL G 327 21.59 -21.18 37.98
C VAL G 327 22.29 -22.35 37.30
N THR G 328 22.28 -23.49 38.01
CA THR G 328 22.69 -24.78 37.46
C THR G 328 21.56 -25.47 36.73
N SER G 329 20.33 -24.99 36.89
CA SER G 329 19.14 -25.71 36.46
C SER G 329 18.23 -24.79 35.64
N PRO G 330 17.88 -25.18 34.41
CA PRO G 330 16.90 -24.41 33.63
C PRO G 330 15.45 -24.59 34.06
N TYR G 331 15.16 -25.28 35.17
CA TYR G 331 13.81 -25.49 35.64
C TYR G 331 13.80 -25.49 37.16
N GLN G 332 12.62 -25.26 37.74
CA GLN G 332 12.42 -25.30 39.18
C GLN G 332 11.20 -26.17 39.48
N ILE G 333 11.41 -27.25 40.22
CA ILE G 333 10.36 -28.21 40.53
C ILE G 333 9.80 -27.90 41.91
N HIS G 334 8.47 -27.87 42.04
CA HIS G 334 7.80 -27.62 43.30
C HIS G 334 6.64 -28.58 43.48
N PHE G 335 6.48 -29.08 44.73
CA PHE G 335 5.30 -29.81 45.16
C PHE G 335 4.23 -28.89 45.73
N THR G 336 4.13 -27.66 45.24
CA THR G 336 3.23 -26.65 45.81
C THR G 336 1.76 -26.98 45.58
N LYS G 337 1.44 -27.70 44.50
CA LYS G 337 0.07 -28.14 44.24
C LYS G 337 -0.18 -29.58 44.64
N THR G 338 0.78 -30.22 45.30
CA THR G 338 0.65 -31.60 45.74
C THR G 338 0.26 -31.64 47.21
N PRO G 339 -0.75 -32.42 47.60
CA PRO G 339 -1.04 -32.62 49.03
C PRO G 339 0.09 -33.38 49.72
N LYS G 340 0.31 -33.03 50.99
CA LYS G 340 1.36 -33.63 51.79
C LYS G 340 0.87 -34.81 52.60
N TYR G 341 -0.35 -35.28 52.34
CA TYR G 341 -0.95 -36.34 53.14
C TYR G 341 -1.47 -37.44 52.23
N PHE G 342 -0.95 -38.66 52.39
CA PHE G 342 -1.36 -39.77 51.54
C PHE G 342 -2.32 -40.69 52.29
N LYS G 343 -3.00 -41.53 51.52
CA LYS G 343 -3.88 -42.56 52.06
C LYS G 343 -3.14 -43.88 52.03
N PRO G 344 -2.87 -44.50 53.18
CA PRO G 344 -2.14 -45.78 53.20
C PRO G 344 -2.95 -46.92 52.57
N GLY G 345 -2.29 -47.63 51.66
CA GLY G 345 -2.88 -48.75 50.95
C GLY G 345 -3.84 -48.39 49.85
N MET G 346 -3.90 -47.11 49.45
CA MET G 346 -4.80 -46.62 48.41
C MET G 346 -3.95 -45.69 47.56
N PRO G 347 -4.02 -45.81 46.22
CA PRO G 347 -3.16 -45.00 45.33
C PRO G 347 -3.35 -43.50 45.48
N PHE G 348 -2.29 -42.76 45.19
CA PHE G 348 -2.18 -41.35 45.52
C PHE G 348 -1.71 -40.59 44.30
N ASP G 349 -2.27 -39.41 44.09
CA ASP G 349 -1.99 -38.61 42.91
C ASP G 349 -1.02 -37.49 43.24
N LEU G 350 -0.11 -37.21 42.31
CA LEU G 350 0.90 -36.17 42.45
C LEU G 350 0.70 -35.11 41.37
N MET G 351 0.62 -33.85 41.78
CA MET G 351 0.53 -32.71 40.88
C MET G 351 1.80 -31.90 41.05
N VAL G 352 2.69 -31.96 40.06
CA VAL G 352 4.03 -31.39 40.16
C VAL G 352 4.06 -30.07 39.40
N PHE G 353 4.39 -29.00 40.09
CA PHE G 353 4.41 -27.65 39.52
C PHE G 353 5.85 -27.31 39.15
N VAL G 354 6.11 -27.16 37.85
CA VAL G 354 7.45 -26.90 37.32
C VAL G 354 7.44 -25.53 36.66
N THR G 355 8.44 -24.72 36.98
CA THR G 355 8.57 -23.36 36.45
C THR G 355 9.94 -23.17 35.79
N ASN G 356 10.02 -22.10 35.00
CA ASN G 356 11.27 -21.57 34.50
C ASN G 356 12.00 -20.84 35.64
N PRO G 357 13.31 -20.55 35.52
CA PRO G 357 14.04 -19.88 36.62
C PRO G 357 13.54 -18.49 37.01
N ASP G 358 12.95 -17.72 36.09
CA ASP G 358 12.35 -16.45 36.47
C ASP G 358 11.06 -16.65 37.29
N GLY G 359 10.35 -17.75 37.06
CA GLY G 359 9.08 -17.99 37.72
C GLY G 359 7.93 -18.27 36.78
N SER G 360 8.16 -18.08 35.48
CA SER G 360 7.15 -18.38 34.50
C SER G 360 6.99 -19.90 34.36
N PRO G 361 5.78 -20.38 34.05
CA PRO G 361 5.56 -21.84 34.00
C PRO G 361 6.24 -22.48 32.79
N ALA G 362 6.82 -23.66 33.02
CA ALA G 362 7.49 -24.42 31.98
C ALA G 362 6.47 -25.25 31.22
N TYR G 363 6.70 -25.37 29.91
CA TYR G 363 5.74 -25.99 29.00
C TYR G 363 6.34 -27.25 28.40
N ARG G 364 5.66 -28.38 28.60
CA ARG G 364 5.94 -29.68 27.95
C ARG G 364 7.34 -30.21 28.27
N VAL G 365 7.70 -30.16 29.55
CA VAL G 365 8.94 -30.75 30.05
C VAL G 365 8.61 -32.08 30.72
N PRO G 366 9.28 -33.18 30.37
CA PRO G 366 8.97 -34.47 31.00
C PRO G 366 9.67 -34.63 32.35
N VAL G 367 8.87 -34.95 33.38
CA VAL G 367 9.41 -35.27 34.69
C VAL G 367 9.04 -36.70 35.04
N ALA G 368 9.79 -37.26 35.99
CA ALA G 368 9.59 -38.64 36.41
C ALA G 368 9.87 -38.75 37.91
N VAL G 369 9.27 -39.77 38.53
CA VAL G 369 9.58 -40.10 39.91
C VAL G 369 11.00 -40.68 39.97
N GLN G 370 11.72 -40.37 41.06
CA GLN G 370 13.05 -40.93 41.28
C GLN G 370 13.01 -42.45 41.38
N GLY G 371 12.03 -42.99 42.10
CA GLY G 371 11.78 -44.42 42.07
C GLY G 371 11.10 -44.82 40.78
N GLU G 372 11.74 -45.75 40.05
CA GLU G 372 11.33 -46.34 38.77
C GLU G 372 11.23 -45.35 37.62
N ASP G 373 12.05 -45.56 36.58
CA ASP G 373 12.08 -44.69 35.42
C ASP G 373 10.88 -44.86 34.51
N THR G 374 10.03 -45.86 34.74
CA THR G 374 8.92 -46.12 33.82
C THR G 374 7.80 -45.09 33.95
N VAL G 375 7.62 -44.50 35.13
CA VAL G 375 6.51 -43.58 35.36
C VAL G 375 6.99 -42.18 35.00
N GLN G 376 6.59 -41.72 33.81
CA GLN G 376 6.96 -40.41 33.29
C GLN G 376 5.72 -39.72 32.72
N SER G 377 5.79 -38.39 32.69
CA SER G 377 4.70 -37.56 32.19
C SER G 377 5.23 -36.19 31.84
N LEU G 378 4.56 -35.53 30.91
CA LEU G 378 4.94 -34.20 30.47
C LEU G 378 3.99 -33.17 31.07
N THR G 379 4.51 -31.96 31.27
CA THR G 379 3.72 -30.89 31.87
C THR G 379 2.68 -30.37 30.88
N GLN G 380 1.56 -29.90 31.44
CA GLN G 380 0.50 -29.27 30.65
C GLN G 380 0.79 -27.80 30.43
N GLY G 381 -0.23 -27.03 30.04
CA GLY G 381 -0.01 -25.63 29.69
C GLY G 381 0.33 -24.74 30.88
N ASP G 382 -0.24 -25.02 32.04
CA ASP G 382 0.00 -24.24 33.25
C ASP G 382 1.20 -24.73 34.06
N GLY G 383 2.03 -25.60 33.49
CA GLY G 383 3.21 -26.05 34.20
C GLY G 383 2.98 -27.15 35.20
N VAL G 384 1.88 -27.90 35.09
CA VAL G 384 1.54 -28.96 36.02
C VAL G 384 1.65 -30.29 35.30
N ALA G 385 2.30 -31.27 35.94
CA ALA G 385 2.41 -32.63 35.43
C ALA G 385 1.70 -33.58 36.39
N LYS G 386 1.16 -34.67 35.83
CA LYS G 386 0.40 -35.65 36.59
C LYS G 386 1.22 -36.93 36.76
N LEU G 387 1.53 -37.26 38.00
CA LEU G 387 2.15 -38.53 38.36
C LEU G 387 1.33 -39.19 39.45
N SER G 388 1.51 -40.49 39.62
CA SER G 388 0.79 -41.22 40.66
C SER G 388 1.59 -42.43 41.09
N ILE G 389 1.33 -42.87 42.32
CA ILE G 389 1.97 -44.05 42.89
C ILE G 389 0.87 -44.99 43.38
N ASN G 390 1.26 -46.24 43.59
CA ASN G 390 0.37 -47.27 44.12
C ASN G 390 0.81 -47.54 45.56
N THR G 391 0.11 -46.93 46.51
CA THR G 391 0.58 -46.91 47.89
C THR G 391 0.35 -48.24 48.58
N HIS G 392 1.31 -48.63 49.40
CA HIS G 392 1.22 -49.73 50.34
C HIS G 392 0.62 -49.23 51.64
N PRO G 393 0.08 -50.10 52.50
CA PRO G 393 -0.45 -49.62 53.80
C PRO G 393 0.60 -49.28 54.84
N SER G 394 1.63 -48.51 54.48
CA SER G 394 2.69 -48.12 55.40
C SER G 394 2.18 -47.00 56.30
N GLN G 395 2.24 -47.21 57.61
CA GLN G 395 1.96 -46.14 58.56
C GLN G 395 3.16 -45.23 58.78
N LYS G 396 4.30 -45.55 58.16
CA LYS G 396 5.51 -44.74 58.10
C LYS G 396 5.36 -43.73 56.95
N PRO G 397 5.86 -42.51 57.14
CA PRO G 397 5.85 -41.51 56.05
C PRO G 397 6.61 -41.96 54.81
N LEU G 398 6.14 -41.47 53.65
CA LEU G 398 6.61 -41.91 52.35
C LEU G 398 7.30 -40.74 51.66
N SER G 399 8.61 -40.88 51.42
CA SER G 399 9.38 -39.85 50.75
C SER G 399 9.17 -39.93 49.24
N ILE G 400 8.94 -38.77 48.62
CA ILE G 400 8.67 -38.67 47.19
C ILE G 400 9.64 -37.68 46.58
N THR G 401 10.37 -38.13 45.55
CA THR G 401 11.35 -37.31 44.85
C THR G 401 11.07 -37.38 43.36
N VAL G 402 10.98 -36.22 42.70
CA VAL G 402 10.65 -36.11 41.29
C VAL G 402 11.80 -35.41 40.57
N ARG G 403 12.19 -35.94 39.41
CA ARG G 403 13.33 -35.46 38.65
C ARG G 403 12.96 -35.44 37.16
N THR G 404 13.35 -34.38 36.46
CA THR G 404 13.01 -34.27 35.05
C THR G 404 13.89 -35.15 34.17
N LYS G 405 13.34 -35.50 33.01
CA LYS G 405 13.97 -36.41 32.05
C LYS G 405 14.06 -35.79 30.66
N LYS G 406 14.21 -34.46 30.57
CA LYS G 406 14.25 -33.78 29.28
C LYS G 406 15.54 -34.10 28.53
N GLN G 407 15.40 -34.41 27.24
CA GLN G 407 16.49 -34.93 26.43
C GLN G 407 17.54 -33.86 26.17
N GLU G 408 18.77 -34.34 25.88
CA GLU G 408 20.02 -33.63 25.58
C GLU G 408 20.65 -32.96 26.81
N LEU G 409 19.84 -32.56 27.79
CA LEU G 409 20.33 -31.88 28.98
C LEU G 409 21.00 -32.88 29.91
N SER G 410 22.13 -32.46 30.49
CA SER G 410 22.91 -33.33 31.37
C SER G 410 22.23 -33.47 32.72
N GLU G 411 22.74 -34.41 33.52
CA GLU G 411 22.17 -34.71 34.83
C GLU G 411 22.37 -33.57 35.83
N ALA G 412 23.45 -32.79 35.65
CA ALA G 412 23.61 -31.57 36.44
C ALA G 412 22.58 -30.51 36.07
N GLU G 413 22.04 -30.55 34.85
CA GLU G 413 21.00 -29.63 34.45
C GLU G 413 19.60 -30.09 34.81
N GLN G 414 19.41 -31.37 35.12
CA GLN G 414 18.08 -31.87 35.49
C GLN G 414 17.74 -31.40 36.90
N ALA G 415 16.67 -30.63 37.02
CA ALA G 415 16.15 -30.21 38.32
C ALA G 415 15.56 -31.38 39.08
N THR G 416 15.48 -31.23 40.40
CA THR G 416 14.87 -32.22 41.26
C THR G 416 14.33 -31.52 42.51
N ARG G 417 13.39 -32.20 43.17
CA ARG G 417 12.82 -31.73 44.43
C ARG G 417 12.46 -32.94 45.27
N THR G 418 12.63 -32.82 46.58
CA THR G 418 12.42 -33.91 47.51
C THR G 418 11.48 -33.43 48.62
N MET G 419 10.43 -34.21 48.89
CA MET G 419 9.50 -33.93 49.97
C MET G 419 9.23 -35.21 50.74
N GLN G 420 8.44 -35.10 51.81
CA GLN G 420 8.00 -36.26 52.57
C GLN G 420 6.51 -36.10 52.87
N ALA G 421 5.72 -37.04 52.38
CA ALA G 421 4.29 -37.05 52.64
C ALA G 421 3.98 -37.82 53.92
N LEU G 422 2.79 -37.57 54.46
CA LEU G 422 2.41 -38.06 55.77
C LEU G 422 1.19 -38.98 55.67
N PRO G 423 1.06 -39.99 56.52
CA PRO G 423 -0.07 -40.91 56.39
C PRO G 423 -1.36 -40.35 56.98
N TYR G 424 -2.47 -40.70 56.35
CA TYR G 424 -3.78 -40.38 56.91
C TYR G 424 -4.00 -41.24 58.16
N SER G 425 -4.56 -40.61 59.18
CA SER G 425 -4.90 -41.30 60.42
C SER G 425 -6.40 -41.50 60.47
N THR G 426 -6.83 -42.77 60.44
CA THR G 426 -8.24 -43.07 60.59
C THR G 426 -8.61 -43.06 62.06
N VAL G 427 -9.91 -43.01 62.32
CA VAL G 427 -10.41 -42.97 63.69
C VAL G 427 -10.22 -44.35 64.32
N GLY G 428 -9.37 -44.42 65.34
CA GLY G 428 -9.06 -45.67 66.00
C GLY G 428 -8.26 -46.66 65.20
N ASN G 429 -7.54 -46.19 64.17
CA ASN G 429 -6.81 -47.02 63.17
C ASN G 429 -7.70 -48.09 62.57
N SER G 430 -8.92 -47.68 62.19
CA SER G 430 -9.89 -48.58 61.60
C SER G 430 -9.58 -48.95 60.15
N ASN G 431 -8.66 -48.21 59.50
CA ASN G 431 -8.25 -48.38 58.11
C ASN G 431 -9.44 -48.27 57.15
N ASN G 432 -10.36 -47.36 57.46
CA ASN G 432 -11.50 -47.06 56.61
C ASN G 432 -11.31 -45.66 56.04
N TYR G 433 -11.09 -45.56 54.73
CA TYR G 433 -10.66 -44.31 54.13
C TYR G 433 -11.69 -43.81 53.13
N LEU G 434 -11.50 -42.56 52.73
CA LEU G 434 -12.19 -41.97 51.60
C LEU G 434 -11.13 -41.45 50.64
N HIS G 435 -11.24 -41.82 49.37
CA HIS G 435 -10.29 -41.40 48.34
C HIS G 435 -11.02 -40.67 47.24
N LEU G 436 -10.54 -39.48 46.91
CA LEU G 436 -11.07 -38.68 45.83
C LEU G 436 -10.09 -38.70 44.66
N SER G 437 -10.63 -38.70 43.45
CA SER G 437 -9.82 -38.64 42.24
C SER G 437 -10.63 -37.89 41.20
N VAL G 438 -9.92 -37.15 40.35
CA VAL G 438 -10.57 -36.22 39.44
C VAL G 438 -9.64 -35.98 38.26
N LEU G 439 -10.19 -35.50 37.15
CA LEU G 439 -9.40 -35.11 35.99
C LEU G 439 -8.56 -33.88 36.32
N ARG G 440 -7.42 -33.75 35.65
CA ARG G 440 -6.55 -32.58 35.79
C ARG G 440 -6.45 -31.94 34.41
N THR G 441 -7.26 -30.91 34.18
CA THR G 441 -7.25 -30.14 32.94
C THR G 441 -7.42 -28.66 33.28
N GLU G 442 -7.15 -27.81 32.28
CA GLU G 442 -7.49 -26.39 32.39
C GLU G 442 -9.00 -26.25 32.29
N LEU G 443 -9.64 -25.71 33.32
CA LEU G 443 -11.09 -25.67 33.40
C LEU G 443 -11.61 -24.31 32.95
N ARG G 444 -12.46 -24.33 31.94
CA ARG G 444 -13.20 -23.23 31.37
C ARG G 444 -14.66 -23.30 31.82
N PRO G 445 -15.32 -22.16 31.97
CA PRO G 445 -16.76 -22.18 32.29
C PRO G 445 -17.59 -22.80 31.17
N GLY G 446 -18.48 -23.72 31.57
CA GLY G 446 -19.30 -24.46 30.63
C GLY G 446 -18.93 -25.92 30.48
N GLU G 447 -17.78 -26.34 31.01
CA GLU G 447 -17.39 -27.74 30.95
C GLU G 447 -17.90 -28.50 32.16
N THR G 448 -18.02 -29.82 32.01
CA THR G 448 -18.39 -30.68 33.12
C THR G 448 -17.16 -31.42 33.63
N LEU G 449 -17.17 -31.72 34.92
CA LEU G 449 -16.04 -32.38 35.57
C LEU G 449 -16.54 -33.56 36.39
N ASN G 450 -16.01 -34.74 36.12
CA ASN G 450 -16.45 -35.97 36.79
C ASN G 450 -15.70 -36.11 38.11
N VAL G 451 -16.45 -36.12 39.21
CA VAL G 451 -15.88 -36.29 40.54
C VAL G 451 -16.07 -37.74 40.94
N ASN G 452 -14.99 -38.38 41.39
CA ASN G 452 -15.00 -39.81 41.70
C ASN G 452 -14.80 -39.99 43.20
N PHE G 453 -15.70 -40.77 43.82
CA PHE G 453 -15.71 -41.01 45.25
C PHE G 453 -15.46 -42.50 45.44
N LEU G 454 -14.32 -42.86 46.01
CA LEU G 454 -14.00 -44.26 46.26
C LEU G 454 -14.09 -44.54 47.75
N LEU G 455 -14.87 -45.56 48.11
CA LEU G 455 -15.03 -46.00 49.49
C LEU G 455 -14.10 -47.18 49.77
N ARG G 456 -13.47 -47.14 50.93
CA ARG G 456 -12.65 -48.24 51.44
C ARG G 456 -13.07 -48.47 52.89
N MET G 457 -13.59 -49.67 53.16
CA MET G 457 -14.01 -50.16 54.47
C MET G 457 -14.34 -51.64 54.32
N ASP G 458 -14.46 -52.32 55.45
CA ASP G 458 -14.93 -53.70 55.47
C ASP G 458 -16.39 -53.76 55.07
N ARG G 459 -16.79 -54.90 54.48
CA ARG G 459 -18.13 -55.01 53.90
C ARG G 459 -19.24 -55.16 54.93
N ALA G 460 -18.91 -55.44 56.20
CA ALA G 460 -19.92 -55.46 57.25
C ALA G 460 -20.50 -54.07 57.51
N HIS G 461 -19.72 -53.02 57.27
CA HIS G 461 -20.15 -51.64 57.45
C HIS G 461 -20.41 -50.90 56.15
N GLU G 462 -20.23 -51.55 54.98
CA GLU G 462 -20.48 -50.86 53.71
C GLU G 462 -21.97 -50.65 53.47
N ALA G 463 -22.82 -51.51 54.03
CA ALA G 463 -24.27 -51.35 53.87
C ALA G 463 -24.82 -50.19 54.69
N LYS G 464 -24.06 -49.73 55.69
CA LYS G 464 -24.47 -48.60 56.51
C LYS G 464 -24.18 -47.27 55.82
N ILE G 465 -23.32 -47.26 54.81
CA ILE G 465 -22.99 -46.04 54.05
C ILE G 465 -24.01 -45.91 52.94
N ARG G 466 -24.95 -44.97 53.10
CA ARG G 466 -26.01 -44.76 52.15
C ARG G 466 -25.90 -43.44 51.40
N TYR G 467 -24.95 -42.58 51.76
CA TYR G 467 -24.82 -41.27 51.15
C TYR G 467 -23.42 -40.72 51.38
N TYR G 468 -23.06 -39.74 50.57
CA TYR G 468 -21.91 -38.88 50.81
C TYR G 468 -22.41 -37.47 51.01
N THR G 469 -21.60 -36.65 51.69
CA THR G 469 -21.90 -35.24 51.88
C THR G 469 -20.76 -34.41 51.33
N TYR G 470 -21.05 -33.54 50.37
CA TYR G 470 -20.03 -32.78 49.68
C TYR G 470 -20.31 -31.28 49.84
N LEU G 471 -19.25 -30.48 49.75
CA LEU G 471 -19.35 -29.02 49.80
C LEU G 471 -18.29 -28.41 48.90
N ILE G 472 -18.57 -27.23 48.38
CA ILE G 472 -17.65 -26.51 47.50
C ILE G 472 -17.27 -25.21 48.17
N MET G 473 -15.96 -25.01 48.38
CA MET G 473 -15.41 -23.76 48.89
C MET G 473 -14.77 -22.99 47.75
N ASN G 474 -15.20 -21.76 47.55
CA ASN G 474 -14.68 -20.90 46.49
C ASN G 474 -14.63 -19.47 47.01
N LYS G 475 -13.44 -18.86 46.96
CA LYS G 475 -13.18 -17.47 47.33
C LYS G 475 -13.54 -17.18 48.79
N GLY G 476 -13.32 -18.16 49.66
CA GLY G 476 -13.55 -17.97 51.08
C GLY G 476 -15.00 -18.03 51.52
N ARG G 477 -15.88 -18.60 50.72
CA ARG G 477 -17.26 -18.81 51.15
C ARG G 477 -17.83 -20.05 50.47
N LEU G 478 -18.85 -20.63 51.10
CA LEU G 478 -19.48 -21.84 50.60
C LEU G 478 -20.39 -21.51 49.43
N LEU G 479 -20.11 -22.12 48.27
CA LEU G 479 -20.88 -21.86 47.05
C LEU G 479 -21.99 -22.88 46.82
N LYS G 480 -21.72 -24.16 47.11
CA LYS G 480 -22.68 -25.22 46.87
C LYS G 480 -22.33 -26.40 47.76
N ALA G 481 -23.36 -27.17 48.14
CA ALA G 481 -23.27 -28.31 49.02
C ALA G 481 -24.49 -29.19 48.76
N GLY G 482 -24.36 -30.46 49.13
CA GLY G 482 -25.47 -31.37 48.91
C GLY G 482 -25.11 -32.79 49.30
N ARG G 483 -26.01 -33.71 48.95
CA ARG G 483 -25.82 -35.13 49.20
C ARG G 483 -25.75 -35.89 47.89
N GLN G 484 -24.92 -36.94 47.89
CA GLN G 484 -24.84 -37.89 46.78
C GLN G 484 -25.15 -39.26 47.36
N VAL G 485 -26.31 -39.81 46.98
CA VAL G 485 -26.78 -41.05 47.56
C VAL G 485 -26.00 -42.24 47.01
N ARG G 486 -26.00 -43.33 47.77
CA ARG G 486 -25.28 -44.54 47.39
C ARG G 486 -26.09 -45.76 47.82
N GLU G 487 -26.23 -46.72 46.88
CA GLU G 487 -26.81 -48.03 47.11
C GLU G 487 -25.71 -49.02 47.46
N PRO G 488 -26.02 -50.11 48.17
CA PRO G 488 -24.98 -51.08 48.57
C PRO G 488 -24.29 -51.76 47.39
N GLY G 489 -22.99 -52.02 47.58
CA GLY G 489 -22.14 -52.54 46.53
C GLY G 489 -21.54 -51.49 45.62
N GLN G 490 -21.96 -50.24 45.72
CA GLN G 490 -21.47 -49.17 44.85
C GLN G 490 -20.41 -48.35 45.58
N ASP G 491 -19.23 -48.96 45.72
CA ASP G 491 -18.11 -48.32 46.41
C ASP G 491 -17.60 -47.10 45.64
N LEU G 492 -17.74 -47.10 44.32
CA LEU G 492 -17.44 -45.95 43.48
C LEU G 492 -18.75 -45.39 42.96
N VAL G 493 -18.95 -44.07 43.11
CA VAL G 493 -20.03 -43.35 42.45
C VAL G 493 -19.44 -42.12 41.77
N VAL G 494 -20.15 -41.64 40.75
CA VAL G 494 -19.69 -40.52 39.93
C VAL G 494 -20.72 -39.40 40.03
N LEU G 495 -20.23 -38.17 40.22
CA LEU G 495 -21.08 -36.98 40.23
C LEU G 495 -20.57 -35.98 39.20
N PRO G 496 -21.33 -35.72 38.14
CA PRO G 496 -20.93 -34.66 37.20
C PRO G 496 -21.16 -33.29 37.82
N LEU G 497 -20.17 -32.41 37.65
CA LEU G 497 -20.25 -31.04 38.14
C LEU G 497 -20.01 -30.08 36.98
N SER G 498 -21.01 -29.24 36.71
CA SER G 498 -20.93 -28.26 35.64
C SER G 498 -20.24 -26.99 36.14
N ILE G 499 -19.28 -26.50 35.37
CA ILE G 499 -18.51 -25.31 35.73
C ILE G 499 -19.23 -24.07 35.22
N THR G 500 -19.50 -23.13 36.12
CA THR G 500 -20.00 -21.81 35.78
C THR G 500 -18.93 -20.76 36.08
N THR G 501 -19.26 -19.50 35.81
CA THR G 501 -18.34 -18.39 36.03
C THR G 501 -18.07 -18.07 37.50
N ASP G 502 -18.87 -18.62 38.42
CA ASP G 502 -18.68 -18.39 39.84
C ASP G 502 -17.47 -19.13 40.41
N PHE G 503 -16.97 -20.15 39.72
CA PHE G 503 -15.91 -21.03 40.21
C PHE G 503 -14.51 -20.48 39.98
N ILE G 504 -14.37 -19.42 39.19
CA ILE G 504 -13.09 -18.76 38.89
C ILE G 504 -12.53 -18.15 40.16
N PRO G 505 -11.20 -18.22 40.43
CA PRO G 505 -10.03 -18.83 39.76
C PRO G 505 -9.58 -20.20 40.26
N SER G 506 -10.15 -20.67 41.38
CA SER G 506 -9.74 -21.88 42.05
C SER G 506 -10.78 -22.22 43.10
N PHE G 507 -10.99 -23.51 43.34
CA PHE G 507 -11.97 -23.95 44.32
C PHE G 507 -11.50 -25.26 44.91
N ARG G 508 -11.99 -25.55 46.12
CA ARG G 508 -11.70 -26.78 46.82
C ARG G 508 -13.00 -27.55 47.00
N LEU G 509 -12.94 -28.86 46.79
CA LEU G 509 -14.05 -29.77 47.03
C LEU G 509 -13.72 -30.59 48.26
N VAL G 510 -14.65 -30.66 49.21
CA VAL G 510 -14.52 -31.54 50.36
C VAL G 510 -15.66 -32.55 50.31
N ALA G 511 -15.43 -33.71 50.89
CA ALA G 511 -16.45 -34.76 50.95
C ALA G 511 -16.18 -35.65 52.15
N TYR G 512 -17.25 -36.19 52.73
CA TYR G 512 -17.11 -37.07 53.87
C TYR G 512 -18.29 -38.04 53.92
N TYR G 513 -18.13 -39.06 54.77
CA TYR G 513 -19.20 -39.95 55.18
C TYR G 513 -19.10 -40.10 56.69
N THR G 514 -20.13 -40.70 57.27
CA THR G 514 -20.16 -40.93 58.71
C THR G 514 -21.04 -42.13 59.02
N LEU G 515 -20.75 -42.79 60.14
CA LEU G 515 -21.43 -44.01 60.57
C LEU G 515 -21.04 -44.28 62.01
N ILE G 516 -21.70 -45.27 62.60
CA ILE G 516 -21.32 -45.81 63.90
C ILE G 516 -20.72 -47.18 63.66
N GLY G 517 -19.39 -47.27 63.78
CA GLY G 517 -18.67 -48.50 63.52
C GLY G 517 -17.77 -48.90 64.65
N ALA G 518 -16.81 -49.80 64.34
CA ALA G 518 -15.89 -50.46 65.26
C ALA G 518 -16.66 -51.15 66.39
N SER G 519 -16.54 -50.66 67.63
CA SER G 519 -17.24 -51.21 68.79
C SER G 519 -18.46 -50.41 69.18
N GLY G 520 -19.09 -49.73 68.22
CA GLY G 520 -20.21 -48.86 68.50
C GLY G 520 -19.73 -47.44 68.72
N GLN G 521 -18.91 -46.94 67.81
CA GLN G 521 -18.28 -45.63 67.93
C GLN G 521 -18.50 -44.84 66.65
N ARG G 522 -18.86 -43.57 66.82
CA ARG G 522 -19.05 -42.66 65.69
C ARG G 522 -17.73 -42.35 65.01
N GLU G 523 -17.67 -42.57 63.70
CA GLU G 523 -16.47 -42.36 62.90
C GLU G 523 -16.76 -41.39 61.76
N VAL G 524 -15.88 -40.41 61.57
CA VAL G 524 -15.95 -39.46 60.47
C VAL G 524 -14.65 -39.58 59.67
N VAL G 525 -14.77 -39.80 58.36
CA VAL G 525 -13.64 -39.88 57.45
C VAL G 525 -13.89 -38.91 56.30
N ALA G 526 -12.91 -38.06 56.00
CA ALA G 526 -13.08 -37.00 55.02
C ALA G 526 -11.90 -36.97 54.05
N ASP G 527 -12.09 -36.23 52.97
CA ASP G 527 -11.06 -36.05 51.95
C ASP G 527 -11.32 -34.75 51.20
N SER G 528 -10.26 -34.16 50.66
CA SER G 528 -10.36 -32.89 49.96
C SER G 528 -9.32 -32.80 48.86
N VAL G 529 -9.55 -31.88 47.92
CA VAL G 529 -8.66 -31.68 46.78
C VAL G 529 -8.84 -30.24 46.29
N TRP G 530 -7.77 -29.64 45.78
CA TRP G 530 -7.75 -28.29 45.26
C TRP G 530 -7.63 -28.32 43.74
N VAL G 531 -8.49 -27.54 43.07
CA VAL G 531 -8.59 -27.53 41.61
C VAL G 531 -8.36 -26.10 41.13
N ASP G 532 -7.54 -25.94 40.10
CA ASP G 532 -7.28 -24.64 39.50
C ASP G 532 -8.20 -24.44 38.30
N VAL G 533 -8.70 -23.21 38.15
CA VAL G 533 -9.59 -22.81 37.06
C VAL G 533 -8.83 -21.77 36.24
N LYS G 534 -9.03 -21.80 34.91
CA LYS G 534 -8.42 -20.84 34.00
C LYS G 534 -8.85 -19.41 34.34
N ASP G 535 -7.87 -18.53 34.52
CA ASP G 535 -8.14 -17.16 34.92
C ASP G 535 -8.72 -16.38 33.74
N SER G 536 -9.95 -15.88 33.92
CA SER G 536 -10.64 -15.15 32.87
C SER G 536 -11.64 -14.23 33.55
N CYS G 537 -12.28 -13.38 32.75
CA CYS G 537 -13.34 -12.54 33.30
C CYS G 537 -14.59 -13.36 33.61
N VAL G 538 -15.31 -12.93 34.65
CA VAL G 538 -16.65 -13.45 34.89
C VAL G 538 -17.58 -13.09 33.74
N GLY G 539 -17.55 -11.82 33.33
CA GLY G 539 -18.16 -11.40 32.08
C GLY G 539 -17.24 -11.62 30.90
N SER G 540 -17.33 -10.73 29.91
CA SER G 540 -16.51 -10.78 28.71
C SER G 540 -16.53 -9.45 27.97
N LEU G 541 -15.72 -8.49 28.42
CA LEU G 541 -15.60 -7.21 27.75
C LEU G 541 -14.50 -7.26 26.69
N VAL G 542 -14.84 -6.89 25.47
CA VAL G 542 -13.92 -6.86 24.33
C VAL G 542 -14.00 -5.47 23.71
N VAL G 543 -12.85 -4.90 23.36
CA VAL G 543 -12.76 -3.62 22.66
C VAL G 543 -12.03 -3.87 21.34
N LYS G 544 -12.65 -3.47 20.23
CA LYS G 544 -12.08 -3.67 18.91
C LYS G 544 -12.40 -2.47 18.03
N SER G 545 -11.89 -2.50 16.79
CA SER G 545 -12.12 -1.42 15.84
C SER G 545 -13.45 -1.62 15.11
N GLY G 546 -14.19 -0.53 14.94
CA GLY G 546 -15.42 -0.57 14.18
C GLY G 546 -15.15 -0.61 12.68
N GLN G 547 -14.16 0.15 12.25
CA GLN G 547 -13.74 0.11 10.86
C GLN G 547 -12.96 -1.16 10.55
N SER G 548 -13.10 -1.63 9.31
CA SER G 548 -12.40 -2.82 8.85
C SER G 548 -11.32 -2.49 7.83
N GLU G 549 -11.18 -1.22 7.45
CA GLU G 549 -10.20 -0.78 6.47
C GLU G 549 -9.64 0.54 6.99
N ASP G 550 -8.93 1.28 6.12
CA ASP G 550 -8.18 2.50 6.42
C ASP G 550 -7.20 2.29 7.59
N ARG G 551 -6.31 1.31 7.39
CA ARG G 551 -5.28 1.01 8.38
C ARG G 551 -4.34 2.19 8.52
N GLN G 552 -3.91 2.42 9.78
CA GLN G 552 -3.20 3.60 10.27
C GLN G 552 -3.95 4.86 9.88
N PRO G 553 -4.99 5.27 10.63
CA PRO G 553 -5.71 6.49 10.28
C PRO G 553 -4.86 7.74 10.54
N VAL G 554 -5.36 8.85 9.99
CA VAL G 554 -4.66 10.13 9.97
C VAL G 554 -4.85 10.74 11.35
N PRO G 555 -3.93 11.58 11.86
CA PRO G 555 -4.18 12.32 13.10
C PRO G 555 -5.43 13.20 13.05
N GLY G 556 -6.27 13.04 14.07
CA GLY G 556 -7.52 13.75 14.20
C GLY G 556 -8.72 13.10 13.53
N GLN G 557 -8.53 12.02 12.78
CA GLN G 557 -9.58 11.37 12.01
C GLN G 557 -10.64 10.76 12.93
N GLN G 558 -11.88 10.77 12.48
CA GLN G 558 -12.94 10.08 13.21
C GLN G 558 -12.87 8.59 12.92
N MET G 559 -12.95 7.78 13.98
CA MET G 559 -13.04 6.34 13.85
C MET G 559 -14.11 5.83 14.81
N THR G 560 -14.57 4.62 14.55
CA THR G 560 -15.65 4.01 15.33
C THR G 560 -15.04 3.03 16.31
N LEU G 561 -15.24 3.28 17.59
CA LEU G 561 -14.85 2.34 18.63
C LEU G 561 -16.00 1.38 18.88
N LYS G 562 -15.76 0.09 18.67
CA LYS G 562 -16.76 -0.95 18.87
C LYS G 562 -16.51 -1.63 20.20
N ILE G 563 -17.53 -1.71 21.03
CA ILE G 563 -17.42 -2.28 22.38
C ILE G 563 -18.49 -3.36 22.53
N GLU G 564 -18.06 -4.61 22.60
CA GLU G 564 -18.93 -5.74 22.90
C GLU G 564 -18.74 -6.11 24.36
N GLY G 565 -19.84 -6.33 25.07
CA GLY G 565 -19.75 -6.63 26.49
C GLY G 565 -21.09 -7.09 27.03
N ASP G 566 -21.06 -7.45 28.32
CA ASP G 566 -22.25 -7.97 29.01
C ASP G 566 -23.33 -6.89 29.14
N HIS G 567 -24.58 -7.31 28.98
CA HIS G 567 -25.71 -6.38 29.06
C HIS G 567 -25.92 -5.90 30.49
N GLY G 568 -26.08 -4.59 30.66
CA GLY G 568 -26.26 -3.99 31.95
C GLY G 568 -25.00 -3.47 32.60
N ALA G 569 -23.85 -3.60 31.94
CA ALA G 569 -22.57 -3.25 32.53
C ALA G 569 -22.21 -1.79 32.25
N ARG G 570 -21.46 -1.21 33.19
CA ARG G 570 -20.90 0.13 33.05
C ARG G 570 -19.40 0.00 32.80
N VAL G 571 -18.91 0.66 31.76
CA VAL G 571 -17.53 0.55 31.30
C VAL G 571 -16.85 1.91 31.45
N VAL G 572 -15.60 1.90 31.91
CA VAL G 572 -14.78 3.11 31.99
C VAL G 572 -13.64 2.97 31.00
N LEU G 573 -13.17 4.11 30.48
CA LEU G 573 -12.18 4.15 29.41
C LEU G 573 -11.06 5.10 29.75
N VAL G 574 -9.88 4.80 29.19
CA VAL G 574 -8.74 5.70 29.16
C VAL G 574 -7.86 5.27 27.98
N ALA G 575 -7.39 6.25 27.20
CA ALA G 575 -6.53 6.00 26.05
C ALA G 575 -5.21 6.71 26.29
N VAL G 576 -4.11 5.95 26.31
CA VAL G 576 -2.80 6.43 26.73
C VAL G 576 -1.82 6.17 25.58
N ASP G 577 -0.90 7.11 25.36
CA ASP G 577 0.26 6.85 24.51
C ASP G 577 1.11 5.78 25.16
N LYS G 578 1.61 4.86 24.32
CA LYS G 578 2.48 3.78 24.80
C LYS G 578 3.85 4.27 25.26
N GLY G 579 4.27 5.47 24.83
CA GLY G 579 5.54 6.03 25.27
C GLY G 579 5.60 6.34 26.75
N VAL G 580 4.44 6.56 27.38
CA VAL G 580 4.35 6.61 28.84
C VAL G 580 4.76 5.27 29.44
N PHE G 581 4.29 4.17 28.84
CA PHE G 581 4.56 2.83 29.35
C PHE G 581 6.00 2.39 29.07
N VAL G 582 6.62 2.93 28.01
CA VAL G 582 8.04 2.68 27.77
C VAL G 582 8.88 3.37 28.83
N LEU G 583 8.40 4.50 29.34
CA LEU G 583 9.08 5.17 30.45
C LEU G 583 8.82 4.42 31.75
N ASN G 584 7.57 4.09 32.05
CA ASN G 584 7.23 3.41 33.30
C ASN G 584 5.98 2.57 33.08
N LYS G 585 6.14 1.24 33.01
CA LYS G 585 5.02 0.33 32.88
C LYS G 585 4.67 -0.39 34.17
N LYS G 586 5.20 0.08 35.31
CA LYS G 586 4.91 -0.55 36.58
C LYS G 586 3.52 -0.16 37.08
N ASN G 587 2.96 -1.03 37.93
CA ASN G 587 1.68 -0.86 38.66
C ASN G 587 0.47 -0.84 37.74
N LYS G 588 0.59 -1.35 36.51
CA LYS G 588 -0.56 -1.47 35.62
C LYS G 588 -1.50 -2.55 36.13
N LEU G 589 -2.78 -2.20 36.28
CA LEU G 589 -3.77 -3.14 36.77
C LEU G 589 -4.26 -4.04 35.65
N THR G 590 -4.45 -5.31 35.96
CA THR G 590 -5.00 -6.27 35.01
C THR G 590 -5.87 -7.27 35.75
N GLN G 591 -6.63 -8.04 34.97
CA GLN G 591 -7.55 -9.04 35.53
C GLN G 591 -6.81 -10.19 36.20
N SER G 592 -5.63 -10.55 35.68
CA SER G 592 -4.84 -11.63 36.28
C SER G 592 -4.31 -11.25 37.65
N LYS G 593 -3.93 -9.98 37.84
CA LYS G 593 -3.53 -9.53 39.17
C LYS G 593 -4.71 -9.44 40.13
N ILE G 594 -5.93 -9.24 39.63
CA ILE G 594 -7.13 -9.24 40.47
C ILE G 594 -7.36 -10.61 41.07
N TRP G 595 -7.32 -11.65 40.24
CA TRP G 595 -7.44 -13.03 40.73
C TRP G 595 -6.25 -13.42 41.60
N ASP G 596 -5.09 -12.82 41.37
CA ASP G 596 -3.92 -13.03 42.23
C ASP G 596 -4.13 -12.44 43.62
N VAL G 597 -4.80 -11.27 43.70
CA VAL G 597 -5.12 -10.65 44.99
C VAL G 597 -6.15 -11.49 45.75
N VAL G 598 -7.13 -12.06 45.02
CA VAL G 598 -8.15 -12.92 45.63
C VAL G 598 -7.53 -14.22 46.15
N GLU G 599 -6.59 -14.80 45.37
CA GLU G 599 -5.89 -16.01 45.80
C GLU G 599 -4.98 -15.74 47.00
N LYS G 600 -4.42 -14.53 47.11
CA LYS G 600 -3.68 -14.17 48.31
C LYS G 600 -4.59 -13.93 49.52
N ALA G 601 -5.88 -13.72 49.30
CA ALA G 601 -6.86 -13.58 50.38
C ALA G 601 -7.56 -14.89 50.72
N ASP G 602 -7.14 -16.00 50.12
CA ASP G 602 -7.74 -17.29 50.38
C ASP G 602 -7.41 -17.80 51.79
N ILE G 603 -8.40 -18.42 52.44
CA ILE G 603 -8.23 -18.93 53.79
C ILE G 603 -7.80 -20.39 53.84
N GLY G 604 -7.84 -21.10 52.71
CA GLY G 604 -7.32 -22.45 52.65
C GLY G 604 -5.82 -22.46 52.41
N CYS G 605 -5.14 -23.42 53.05
CA CYS G 605 -3.68 -23.40 53.10
C CYS G 605 -3.01 -24.61 52.46
N THR G 606 -3.76 -25.62 52.03
CA THR G 606 -3.18 -26.89 51.59
C THR G 606 -3.94 -27.33 50.34
N PRO G 607 -3.25 -27.96 49.36
CA PRO G 607 -3.97 -28.53 48.20
C PRO G 607 -4.81 -29.77 48.41
N GLY G 608 -5.46 -29.92 49.56
CA GLY G 608 -6.30 -31.07 49.84
C GLY G 608 -5.66 -31.99 50.86
N SER G 609 -6.40 -33.08 51.14
CA SER G 609 -6.10 -34.12 52.12
C SER G 609 -5.89 -33.56 53.52
N GLY G 610 -5.19 -34.31 54.37
CA GLY G 610 -5.00 -33.88 55.75
C GLY G 610 -4.59 -35.05 56.61
N LYS G 611 -4.23 -34.72 57.86
CA LYS G 611 -3.78 -35.75 58.79
C LYS G 611 -4.94 -36.62 59.28
N ASP G 612 -6.15 -36.08 59.28
CA ASP G 612 -7.37 -36.80 59.66
C ASP G 612 -8.53 -36.08 59.00
N TYR G 613 -9.75 -36.47 59.39
CA TYR G 613 -10.95 -35.78 58.94
C TYR G 613 -11.01 -34.33 59.41
N ALA G 614 -10.49 -34.06 60.61
CA ALA G 614 -10.45 -32.68 61.12
C ALA G 614 -9.40 -31.87 60.40
N GLY G 615 -8.24 -32.48 60.11
CA GLY G 615 -7.21 -31.81 59.34
C GLY G 615 -7.60 -31.55 57.89
N VAL G 616 -8.50 -32.36 57.34
CA VAL G 616 -9.02 -32.13 55.99
C VAL G 616 -9.80 -30.82 55.93
N PHE G 617 -10.74 -30.63 56.88
CA PHE G 617 -11.55 -29.42 56.90
C PHE G 617 -10.75 -28.18 57.28
N SER G 618 -9.84 -28.32 58.26
CA SER G 618 -9.07 -27.19 58.75
C SER G 618 -8.10 -26.66 57.71
N ASP G 619 -7.47 -27.56 56.96
CA ASP G 619 -6.58 -27.14 55.88
C ASP G 619 -7.36 -26.60 54.69
N ALA G 620 -8.58 -27.11 54.45
CA ALA G 620 -9.40 -26.57 53.37
C ALA G 620 -9.94 -25.18 53.71
N GLY G 621 -10.25 -24.95 54.98
CA GLY G 621 -10.77 -23.66 55.41
C GLY G 621 -12.15 -23.76 56.02
N LEU G 622 -12.54 -24.96 56.41
CA LEU G 622 -13.88 -25.22 56.92
C LEU G 622 -13.87 -25.60 58.40
N THR G 623 -14.98 -25.33 59.06
CA THR G 623 -15.23 -25.76 60.43
C THR G 623 -16.40 -26.74 60.44
N PHE G 624 -16.30 -27.74 61.30
CA PHE G 624 -17.33 -28.73 61.50
C PHE G 624 -17.48 -28.92 63.00
N THR G 625 -18.71 -29.19 63.42
CA THR G 625 -19.01 -29.53 64.82
C THR G 625 -20.27 -30.37 64.81
N SER G 626 -20.22 -31.51 65.50
CA SER G 626 -21.33 -32.46 65.54
C SER G 626 -21.92 -32.51 66.93
N SER G 627 -23.13 -33.07 67.02
CA SER G 627 -23.78 -33.20 68.32
C SER G 627 -23.16 -34.32 69.15
N SER G 628 -22.57 -35.32 68.49
CA SER G 628 -21.89 -36.38 69.21
C SER G 628 -20.59 -35.90 69.85
N GLY G 629 -19.90 -34.94 69.22
CA GLY G 629 -18.73 -34.36 69.84
C GLY G 629 -17.55 -34.13 68.92
N GLN G 630 -17.57 -34.74 67.74
CA GLN G 630 -16.47 -34.64 66.79
C GLN G 630 -16.50 -33.27 66.12
N GLN G 631 -15.39 -32.56 66.18
CA GLN G 631 -15.34 -31.20 65.68
C GLN G 631 -13.94 -30.89 65.19
N THR G 632 -13.83 -29.76 64.48
CA THR G 632 -12.57 -29.36 63.87
C THR G 632 -11.60 -28.82 64.90
N ALA G 633 -10.34 -28.70 64.48
CA ALA G 633 -9.32 -28.09 65.30
C ALA G 633 -9.55 -26.60 65.43
N GLN G 634 -9.13 -26.05 66.57
CA GLN G 634 -9.23 -24.62 66.82
C GLN G 634 -8.21 -23.86 65.98
N ARG G 635 -8.64 -22.73 65.41
CA ARG G 635 -7.77 -21.86 64.64
C ARG G 635 -7.99 -20.42 65.07
N ALA G 636 -6.93 -19.77 65.52
CA ALA G 636 -7.00 -18.39 65.98
C ALA G 636 -6.12 -17.45 65.16
N GLU G 637 -5.58 -17.92 64.04
CA GLU G 637 -4.74 -17.12 63.17
C GLU G 637 -5.38 -17.02 61.79
N LEU G 638 -5.51 -15.78 61.29
CA LEU G 638 -6.11 -15.54 59.98
C LEU G 638 -5.23 -16.07 58.86
N GLN G 639 -3.93 -15.84 58.96
CA GLN G 639 -3.00 -16.22 57.90
C GLN G 639 -2.75 -17.73 57.90
N CYS G 640 -2.15 -18.19 56.81
CA CYS G 640 -1.80 -19.58 56.70
C CYS G 640 -0.44 -19.81 57.37
N PRO G 641 -0.25 -21.00 57.97
CA PRO G 641 1.07 -21.35 58.51
C PRO G 641 2.13 -21.40 57.42
N GLN G 642 3.32 -20.95 57.77
CA GLN G 642 4.33 -20.84 56.73
C GLN G 642 5.04 -22.18 56.56
N PRO G 643 5.30 -22.58 55.31
CA PRO G 643 6.10 -23.79 55.07
C PRO G 643 7.54 -23.59 55.53
N ALA G 644 8.22 -24.72 55.73
CA ALA G 644 9.60 -24.69 56.22
C ALA G 644 10.56 -24.11 55.20
N ALA G 645 10.32 -24.39 53.92
CA ALA G 645 11.07 -23.88 52.75
C ALA G 645 12.58 -24.14 52.81
N LEU H 3 0.58 31.59 -3.95
CA LEU H 3 1.69 31.63 -4.90
C LEU H 3 1.46 30.64 -6.04
N ASP H 4 2.33 30.69 -7.05
CA ASP H 4 2.20 29.88 -8.24
C ASP H 4 3.10 28.65 -8.23
N GLU H 5 3.94 28.50 -7.23
CA GLU H 5 4.90 27.41 -7.22
C GLU H 5 4.26 26.13 -6.71
N ASP H 6 4.92 25.01 -6.98
CA ASP H 6 4.36 23.68 -6.73
C ASP H 6 4.48 23.25 -5.27
N ILE H 7 3.98 24.05 -4.35
CA ILE H 7 4.07 23.78 -2.92
C ILE H 7 2.87 24.45 -2.24
N ILE H 8 2.44 23.85 -1.12
CA ILE H 8 1.46 24.46 -0.23
C ILE H 8 2.02 25.76 0.33
N ALA H 9 1.25 26.85 0.20
CA ALA H 9 1.60 28.11 0.83
C ALA H 9 1.52 27.98 2.35
N GLU H 10 2.33 28.80 3.04
CA GLU H 10 2.52 28.67 4.49
C GLU H 10 1.25 28.98 5.29
N GLU H 11 0.42 29.92 4.80
CA GLU H 11 -0.70 30.43 5.59
C GLU H 11 -1.78 29.37 5.81
N ASN H 12 -2.01 28.51 4.84
CA ASN H 12 -3.03 27.47 4.96
C ASN H 12 -2.47 26.15 5.48
N ILE H 13 -1.18 26.08 5.80
CA ILE H 13 -0.67 24.93 6.54
C ILE H 13 -1.24 24.99 7.94
N VAL H 14 -1.94 23.94 8.34
CA VAL H 14 -2.57 23.91 9.66
C VAL H 14 -1.77 22.98 10.54
N SER H 15 -1.27 23.53 11.65
CA SER H 15 -0.37 22.82 12.53
C SER H 15 -1.13 21.86 13.44
N ARG H 16 -0.50 20.73 13.74
CA ARG H 16 -0.97 19.86 14.80
C ARG H 16 -0.58 20.47 16.14
N SER H 17 -1.52 20.44 17.09
CA SER H 17 -1.30 21.06 18.40
C SER H 17 -1.89 20.29 19.56
N GLU H 18 -2.88 19.44 19.34
CA GLU H 18 -3.46 18.65 20.42
C GLU H 18 -2.55 17.46 20.70
N PHE H 19 -1.56 17.67 21.57
CA PHE H 19 -0.70 16.56 21.97
C PHE H 19 -0.78 16.05 23.42
N PRO H 20 -1.95 15.86 24.08
CA PRO H 20 -1.88 15.25 25.42
C PRO H 20 -1.63 13.75 25.33
N GLU H 21 -0.99 13.23 26.38
CA GLU H 21 -0.60 11.83 26.41
C GLU H 21 -1.79 10.92 26.71
N SER H 22 -2.58 11.27 27.72
CA SER H 22 -3.73 10.47 28.14
C SER H 22 -5.01 11.26 27.91
N TRP H 23 -6.03 10.59 27.40
CA TRP H 23 -7.31 11.21 27.08
C TRP H 23 -8.37 10.10 27.06
N LEU H 24 -9.57 10.46 26.56
CA LEU H 24 -10.76 9.59 26.49
C LEU H 24 -11.14 9.04 27.88
N TRP H 25 -11.28 9.97 28.84
CA TRP H 25 -11.68 9.64 30.20
C TRP H 25 -13.20 9.70 30.26
N ASN H 26 -13.84 8.67 29.72
CA ASN H 26 -15.28 8.65 29.53
C ASN H 26 -15.89 7.44 30.24
N VAL H 27 -17.20 7.55 30.47
CA VAL H 27 -17.99 6.51 31.13
C VAL H 27 -19.20 6.23 30.25
N GLU H 28 -19.48 4.95 30.00
CA GLU H 28 -20.64 4.55 29.21
C GLU H 28 -21.23 3.27 29.78
N ASP H 29 -22.52 3.07 29.54
CA ASP H 29 -23.27 1.93 30.07
C ASP H 29 -23.77 1.07 28.91
N LEU H 30 -23.53 -0.23 29.01
CA LEU H 30 -23.97 -1.19 27.99
C LEU H 30 -25.46 -1.45 28.16
N LYS H 31 -26.28 -0.76 27.37
CA LYS H 31 -27.72 -0.97 27.36
C LYS H 31 -28.25 -1.25 25.96
N GLU H 32 -27.36 -1.44 24.97
CA GLU H 32 -27.71 -1.87 23.62
C GLU H 32 -28.36 -3.27 23.63
N PRO H 33 -29.13 -3.62 22.58
CA PRO H 33 -29.81 -4.96 22.53
C PRO H 33 -28.83 -6.13 22.63
N PRO H 34 -29.07 -7.05 23.58
CA PRO H 34 -28.12 -8.15 23.83
C PRO H 34 -28.25 -9.26 22.80
N LYS H 35 -27.24 -9.36 21.93
CA LYS H 35 -27.12 -10.47 20.99
C LYS H 35 -26.30 -11.55 21.66
N ASN H 36 -26.95 -12.69 21.98
CA ASN H 36 -26.43 -13.77 22.82
C ASN H 36 -26.00 -13.27 24.20
N GLY H 37 -26.74 -12.30 24.74
CA GLY H 37 -26.38 -11.66 25.98
C GLY H 37 -25.30 -10.60 25.88
N ILE H 38 -24.80 -10.31 24.68
CA ILE H 38 -23.70 -9.38 24.48
C ILE H 38 -24.25 -8.12 23.82
N SER H 39 -24.00 -6.97 24.45
CA SER H 39 -24.42 -5.69 23.91
C SER H 39 -23.28 -5.08 23.07
N THR H 40 -23.61 -4.63 21.87
CA THR H 40 -22.65 -4.09 20.93
C THR H 40 -22.80 -2.57 20.89
N LYS H 41 -21.83 -1.86 21.45
CA LYS H 41 -21.85 -0.41 21.52
C LYS H 41 -20.91 0.18 20.47
N LEU H 42 -21.40 1.16 19.72
CA LEU H 42 -20.63 1.86 18.70
C LEU H 42 -20.37 3.28 19.18
N MET H 43 -19.10 3.63 19.33
CA MET H 43 -18.69 4.97 19.76
C MET H 43 -17.82 5.57 18.66
N ASN H 44 -18.37 6.54 17.93
CA ASN H 44 -17.58 7.28 16.96
C ASN H 44 -16.84 8.39 17.69
N ILE H 45 -15.51 8.36 17.62
CA ILE H 45 -14.67 9.22 18.44
C ILE H 45 -13.64 9.93 17.58
N PHE H 46 -13.30 11.15 17.99
CA PHE H 46 -12.24 11.91 17.34
C PHE H 46 -10.90 11.37 17.78
N LEU H 47 -9.96 11.23 16.85
CA LEU H 47 -8.59 10.98 17.25
C LEU H 47 -7.90 12.30 17.58
N LYS H 48 -6.69 12.21 18.12
CA LYS H 48 -5.91 13.38 18.42
C LYS H 48 -4.77 13.52 17.41
N ASP H 49 -3.88 14.47 17.64
CA ASP H 49 -2.87 14.83 16.65
C ASP H 49 -1.53 14.15 16.83
N SER H 50 -1.27 13.54 17.99
CA SER H 50 0.01 12.87 18.24
C SER H 50 0.13 11.61 17.38
N ILE H 51 1.32 11.40 16.83
CA ILE H 51 1.59 10.25 15.95
C ILE H 51 2.33 9.21 16.79
N THR H 52 1.64 8.12 17.07
CA THR H 52 2.08 7.03 17.94
C THR H 52 1.05 5.90 17.83
N THR H 53 1.31 4.82 18.56
CA THR H 53 0.32 3.79 18.81
C THR H 53 -0.25 4.02 20.20
N TRP H 54 -1.56 4.20 20.28
CA TRP H 54 -2.23 4.40 21.56
C TRP H 54 -2.63 3.06 22.15
N GLU H 55 -2.56 2.95 23.47
CA GLU H 55 -3.01 1.77 24.19
C GLU H 55 -4.22 2.16 25.04
N ILE H 56 -5.36 1.55 24.74
CA ILE H 56 -6.63 1.90 25.40
C ILE H 56 -6.92 0.84 26.45
N LEU H 57 -7.01 1.26 27.71
CA LEU H 57 -7.38 0.38 28.81
C LEU H 57 -8.86 0.53 29.11
N ALA H 58 -9.57 -0.59 29.18
CA ALA H 58 -11.01 -0.61 29.43
C ALA H 58 -11.30 -1.55 30.57
N VAL H 59 -12.06 -1.07 31.55
CA VAL H 59 -12.52 -1.86 32.69
C VAL H 59 -14.03 -1.72 32.77
N SER H 60 -14.74 -2.84 32.90
CA SER H 60 -16.19 -2.81 33.01
C SER H 60 -16.62 -3.20 34.42
N MET H 61 -17.79 -2.73 34.81
CA MET H 61 -18.37 -3.02 36.12
C MET H 61 -19.81 -3.46 35.90
N SER H 62 -20.10 -4.72 36.21
CA SER H 62 -21.43 -5.29 36.06
C SER H 62 -21.99 -5.65 37.43
N ASP H 63 -23.28 -5.38 37.64
CA ASP H 63 -23.92 -5.68 38.91
C ASP H 63 -24.18 -7.17 39.13
N LYS H 64 -24.04 -7.99 38.09
CA LYS H 64 -24.18 -9.44 38.20
C LYS H 64 -22.94 -10.19 37.71
N LYS H 65 -22.17 -9.62 36.78
CA LYS H 65 -20.97 -10.27 36.26
C LYS H 65 -19.69 -9.66 36.80
N GLY H 66 -19.78 -8.76 37.79
CA GLY H 66 -18.62 -8.23 38.48
C GLY H 66 -17.71 -7.33 37.66
N ILE H 67 -16.53 -7.11 38.21
CA ILE H 67 -15.52 -6.30 37.54
C ILE H 67 -14.85 -7.15 36.46
N CYS H 68 -14.49 -6.51 35.35
CA CYS H 68 -13.75 -7.17 34.29
C CYS H 68 -12.82 -6.15 33.66
N VAL H 69 -11.52 -6.42 33.70
CA VAL H 69 -10.51 -5.59 33.07
C VAL H 69 -10.24 -6.20 31.70
N ALA H 70 -10.63 -5.49 30.64
CA ALA H 70 -10.50 -6.00 29.30
C ALA H 70 -9.05 -6.00 28.84
N ASP H 71 -8.79 -6.79 27.80
CA ASP H 71 -7.49 -6.74 27.15
C ASP H 71 -7.30 -5.40 26.46
N PRO H 72 -6.10 -4.82 26.53
CA PRO H 72 -5.89 -3.49 25.93
C PRO H 72 -5.98 -3.51 24.42
N PHE H 73 -6.59 -2.46 23.87
CA PHE H 73 -6.79 -2.33 22.44
C PHE H 73 -5.84 -1.28 21.89
N GLU H 74 -5.12 -1.62 20.83
CA GLU H 74 -4.08 -0.77 20.30
C GLU H 74 -4.53 -0.13 18.99
N VAL H 75 -4.36 1.18 18.88
CA VAL H 75 -4.67 1.95 17.67
C VAL H 75 -3.41 2.69 17.26
N THR H 76 -2.94 2.46 16.04
CA THR H 76 -1.75 3.12 15.51
C THR H 76 -2.20 4.26 14.61
N VAL H 77 -1.93 5.49 15.04
CA VAL H 77 -2.24 6.69 14.27
C VAL H 77 -0.96 7.18 13.62
N MET H 78 -1.00 7.45 12.32
CA MET H 78 0.21 7.77 11.59
C MET H 78 -0.13 8.54 10.31
N GLN H 79 0.80 9.40 9.90
CA GLN H 79 0.80 10.06 8.61
C GLN H 79 2.12 9.73 7.94
N ASP H 80 2.12 9.66 6.60
CA ASP H 80 3.30 9.26 5.83
C ASP H 80 4.42 10.28 5.95
N PHE H 81 4.09 11.57 5.98
CA PHE H 81 5.08 12.62 6.18
C PHE H 81 4.63 13.49 7.33
N PHE H 82 5.52 13.74 8.29
CA PHE H 82 5.20 14.51 9.47
C PHE H 82 6.48 15.02 10.11
N ILE H 83 6.30 15.92 11.07
CA ILE H 83 7.40 16.48 11.87
C ILE H 83 7.18 16.10 13.32
N ASP H 84 8.27 15.96 14.05
CA ASP H 84 8.23 15.81 15.51
C ASP H 84 9.26 16.77 16.10
N LEU H 85 8.78 17.84 16.74
CA LEU H 85 9.65 18.82 17.38
C LEU H 85 9.89 18.39 18.82
N ARG H 86 11.13 18.06 19.14
CA ARG H 86 11.47 17.46 20.42
C ARG H 86 12.11 18.52 21.31
N LEU H 87 11.27 19.19 22.08
CA LEU H 87 11.73 20.22 23.02
C LEU H 87 12.19 19.58 24.32
N PRO H 88 13.10 20.23 25.04
CA PRO H 88 13.29 19.91 26.45
C PRO H 88 12.08 20.33 27.27
N TYR H 89 11.99 19.74 28.48
CA TYR H 89 10.88 20.06 29.38
C TYR H 89 10.94 21.51 29.84
N SER H 90 12.14 21.99 30.17
CA SER H 90 12.31 23.36 30.62
C SER H 90 13.61 23.90 30.08
N VAL H 91 13.67 25.21 29.89
CA VAL H 91 14.84 25.89 29.34
C VAL H 91 15.19 27.07 30.23
N VAL H 92 16.48 27.37 30.30
CA VAL H 92 16.94 28.55 31.04
C VAL H 92 16.64 29.77 30.19
N ARG H 93 16.04 30.79 30.82
CA ARG H 93 15.72 32.03 30.12
C ARG H 93 17.00 32.76 29.72
N ASN H 94 16.98 33.29 28.48
CA ASN H 94 18.03 34.15 27.90
C ASN H 94 19.36 33.40 27.76
N GLU H 95 19.28 32.14 27.37
CA GLU H 95 20.42 31.34 26.95
C GLU H 95 20.06 30.60 25.67
N GLN H 96 20.90 30.76 24.64
CA GLN H 96 20.64 30.19 23.34
C GLN H 96 20.67 28.67 23.38
N VAL H 97 19.63 28.04 22.82
CA VAL H 97 19.43 26.60 22.89
C VAL H 97 19.13 26.07 21.50
N GLU H 98 19.33 24.77 21.34
CA GLU H 98 19.11 24.07 20.08
C GLU H 98 17.85 23.22 20.18
N ILE H 99 16.95 23.35 19.23
CA ILE H 99 15.77 22.51 19.13
C ILE H 99 15.99 21.52 17.98
N ARG H 100 15.39 20.35 18.11
CA ARG H 100 15.57 19.27 17.14
C ARG H 100 14.23 18.90 16.55
N ALA H 101 14.00 19.30 15.30
CA ALA H 101 12.81 18.94 14.56
C ALA H 101 13.15 17.80 13.60
N VAL H 102 12.49 16.67 13.77
CA VAL H 102 12.77 15.47 12.99
C VAL H 102 11.63 15.28 11.99
N LEU H 103 11.99 15.13 10.72
CA LEU H 103 11.02 14.96 9.65
C LEU H 103 11.16 13.57 9.07
N TYR H 104 10.03 12.90 8.85
CA TYR H 104 9.99 11.48 8.55
C TYR H 104 9.40 11.24 7.17
N ASN H 105 10.02 10.34 6.41
CA ASN H 105 9.59 9.97 5.06
C ASN H 105 9.50 8.46 5.01
N TYR H 106 8.29 7.94 4.76
CA TYR H 106 8.06 6.50 4.72
C TYR H 106 7.55 6.04 3.36
N ARG H 107 7.93 6.75 2.32
CA ARG H 107 7.79 6.21 0.97
C ARG H 107 8.82 5.11 0.77
N GLN H 108 8.47 4.12 -0.05
CA GLN H 108 9.35 2.99 -0.27
C GLN H 108 10.36 3.22 -1.38
N ASN H 109 10.15 4.24 -2.23
CA ASN H 109 11.01 4.46 -3.38
C ASN H 109 10.97 5.92 -3.85
N GLN H 110 10.72 6.85 -2.94
CA GLN H 110 10.53 8.24 -3.31
C GLN H 110 11.20 9.12 -2.28
N GLU H 111 12.23 9.85 -2.70
CA GLU H 111 12.80 10.91 -1.87
C GLU H 111 12.09 12.22 -2.15
N LEU H 112 11.99 13.06 -1.12
CA LEU H 112 11.12 14.22 -1.16
C LEU H 112 11.89 15.51 -0.90
N LYS H 113 11.60 16.54 -1.69
CA LYS H 113 12.13 17.88 -1.49
C LYS H 113 11.21 18.64 -0.55
N VAL H 114 11.74 19.09 0.57
CA VAL H 114 10.96 19.69 1.65
C VAL H 114 11.45 21.12 1.87
N ARG H 115 10.53 22.06 1.87
CA ARG H 115 10.78 23.39 2.42
C ARG H 115 10.27 23.37 3.85
N VAL H 116 11.16 23.61 4.80
CA VAL H 116 10.85 23.62 6.22
C VAL H 116 11.17 25.01 6.74
N GLU H 117 10.32 25.54 7.64
CA GLU H 117 10.44 26.92 8.07
C GLU H 117 10.13 27.04 9.55
N LEU H 118 10.98 27.78 10.27
CA LEU H 118 10.69 28.18 11.64
C LEU H 118 10.01 29.53 11.61
N LEU H 119 8.86 29.62 12.29
CA LEU H 119 8.05 30.82 12.24
C LEU H 119 8.54 31.86 13.25
N HIS H 120 8.12 33.11 13.02
CA HIS H 120 8.44 34.20 13.93
C HIS H 120 7.73 34.05 15.26
N ASN H 121 8.42 34.47 16.34
CA ASN H 121 7.91 34.33 17.67
C ASN H 121 8.22 35.63 18.43
N PRO H 122 7.23 36.28 19.03
CA PRO H 122 7.53 37.41 19.90
C PRO H 122 8.18 37.02 21.21
N ALA H 123 8.01 35.77 21.65
CA ALA H 123 8.60 35.29 22.90
C ALA H 123 9.95 34.61 22.71
N PHE H 124 10.38 34.41 21.47
CA PHE H 124 11.65 33.73 21.18
C PHE H 124 12.35 34.45 20.06
N CYS H 125 13.59 34.89 20.31
CA CYS H 125 14.36 35.59 19.29
C CYS H 125 15.10 34.57 18.44
N SER H 126 15.03 34.74 17.12
CA SER H 126 15.70 33.88 16.15
C SER H 126 15.92 34.69 14.89
N LEU H 127 16.32 34.01 13.82
CA LEU H 127 16.41 34.67 12.52
C LEU H 127 15.04 34.97 11.91
N ALA H 128 13.98 34.31 12.39
CA ALA H 128 12.63 34.54 11.88
C ALA H 128 12.07 35.84 12.43
N THR H 129 11.87 36.81 11.55
CA THR H 129 11.10 38.02 11.84
C THR H 129 9.90 38.07 10.90
N THR H 130 9.13 39.16 11.01
CA THR H 130 7.95 39.31 10.16
C THR H 130 8.33 39.60 8.71
N LYS H 131 9.41 40.36 8.50
CA LYS H 131 9.85 40.64 7.14
C LYS H 131 10.65 39.50 6.54
N ARG H 132 11.57 38.91 7.31
CA ARG H 132 12.53 37.94 6.82
C ARG H 132 12.30 36.62 7.53
N ARG H 133 11.97 35.58 6.77
CA ARG H 133 11.65 34.26 7.30
C ARG H 133 12.88 33.35 7.31
N HIS H 134 12.87 32.40 8.24
CA HIS H 134 13.96 31.44 8.41
C HIS H 134 13.51 30.12 7.82
N GLN H 135 13.89 29.87 6.56
CA GLN H 135 13.44 28.71 5.83
C GLN H 135 14.65 27.99 5.21
N GLN H 136 14.52 26.67 5.07
CA GLN H 136 15.55 25.86 4.45
C GLN H 136 14.89 24.91 3.45
N THR H 137 15.70 24.41 2.53
CA THR H 137 15.26 23.45 1.52
C THR H 137 16.13 22.20 1.66
N VAL H 138 15.51 21.08 2.06
CA VAL H 138 16.23 19.85 2.34
C VAL H 138 15.65 18.72 1.50
N THR H 139 16.33 17.58 1.54
CA THR H 139 15.95 16.38 0.81
C THR H 139 16.03 15.20 1.77
N ILE H 140 14.94 14.45 1.89
CA ILE H 140 14.88 13.30 2.79
C ILE H 140 14.86 12.04 1.95
N PRO H 141 15.83 11.13 2.12
CA PRO H 141 15.79 9.84 1.41
C PRO H 141 14.63 8.98 1.86
N PRO H 142 14.17 8.04 1.03
CA PRO H 142 13.03 7.20 1.42
C PRO H 142 13.39 6.20 2.51
N LYS H 143 12.36 5.87 3.30
CA LYS H 143 12.44 5.01 4.49
C LYS H 143 13.50 5.49 5.49
N SER H 144 13.55 6.81 5.68
CA SER H 144 14.56 7.42 6.53
C SER H 144 13.99 8.67 7.17
N SER H 145 14.71 9.19 8.15
CA SER H 145 14.32 10.41 8.85
C SER H 145 15.46 11.41 8.80
N LEU H 146 15.11 12.68 8.80
CA LEU H 146 16.08 13.77 8.77
C LEU H 146 15.75 14.76 9.87
N SER H 147 16.77 15.23 10.57
CA SER H 147 16.62 16.17 11.66
C SER H 147 17.14 17.53 11.21
N VAL H 148 16.35 18.56 11.46
CA VAL H 148 16.73 19.92 11.07
C VAL H 148 16.90 20.75 12.34
N PRO H 149 18.13 21.08 12.73
CA PRO H 149 18.32 21.91 13.92
C PRO H 149 18.00 23.37 13.66
N TYR H 150 17.48 24.02 14.69
CA TYR H 150 17.29 25.46 14.72
C TYR H 150 17.84 25.98 16.04
N VAL H 151 18.21 27.27 16.06
CA VAL H 151 18.70 27.91 17.26
C VAL H 151 17.78 29.07 17.63
N ILE H 152 17.40 29.15 18.90
CA ILE H 152 16.50 30.18 19.43
C ILE H 152 17.00 30.62 20.80
N VAL H 153 16.44 31.72 21.28
CA VAL H 153 16.73 32.28 22.60
C VAL H 153 15.41 32.56 23.30
N PRO H 154 15.18 32.04 24.52
CA PRO H 154 13.97 32.41 25.26
C PRO H 154 14.05 33.83 25.78
N LEU H 155 12.92 34.55 25.68
CA LEU H 155 12.89 35.96 26.03
C LEU H 155 12.04 36.29 27.26
N LYS H 156 11.05 35.45 27.60
CA LYS H 156 10.15 35.75 28.70
C LYS H 156 9.75 34.44 29.37
N THR H 157 9.57 34.50 30.69
CA THR H 157 9.27 33.34 31.50
C THR H 157 7.88 32.78 31.21
N GLY H 158 7.69 31.52 31.61
CA GLY H 158 6.40 30.87 31.53
C GLY H 158 6.37 29.78 30.47
N LEU H 159 5.18 29.23 30.28
CA LEU H 159 4.92 28.20 29.27
C LEU H 159 4.60 28.92 27.96
N GLN H 160 5.63 29.15 27.15
CA GLN H 160 5.51 29.94 25.93
C GLN H 160 5.48 29.06 24.68
N GLU H 161 4.99 29.64 23.59
CA GLU H 161 4.62 28.93 22.38
C GLU H 161 5.75 28.91 21.35
N VAL H 162 5.96 27.74 20.73
CA VAL H 162 6.92 27.54 19.63
C VAL H 162 6.20 26.83 18.50
N GLU H 163 6.36 27.32 17.26
CA GLU H 163 5.64 26.78 16.11
C GLU H 163 6.58 26.64 14.91
N VAL H 164 6.52 25.48 14.24
CA VAL H 164 7.27 25.20 13.02
C VAL H 164 6.34 24.56 12.00
N LYS H 165 6.72 24.69 10.72
CA LYS H 165 5.95 24.14 9.61
C LYS H 165 6.88 23.58 8.55
N ALA H 166 6.34 22.71 7.69
CA ALA H 166 7.06 22.16 6.55
C ALA H 166 6.06 21.72 5.49
N ALA H 167 6.48 21.85 4.24
CA ALA H 167 5.65 21.45 3.10
C ALA H 167 6.56 20.95 1.99
N VAL H 168 6.08 19.96 1.24
CA VAL H 168 6.89 19.32 0.21
C VAL H 168 6.56 19.89 -1.17
N TYR H 169 7.57 19.92 -2.04
CA TYR H 169 7.35 20.33 -3.42
C TYR H 169 6.85 19.14 -4.25
N HIS H 170 6.04 19.47 -5.28
CA HIS H 170 5.41 18.59 -6.27
C HIS H 170 4.35 17.64 -5.68
N HIS H 171 4.05 17.74 -4.39
CA HIS H 171 2.93 17.06 -3.77
C HIS H 171 2.32 17.99 -2.73
N PHE H 172 1.03 17.80 -2.46
CA PHE H 172 0.37 18.70 -1.52
C PHE H 172 0.12 17.99 -0.20
N ILE H 173 1.22 17.57 0.41
CA ILE H 173 1.25 16.96 1.73
C ILE H 173 2.14 17.84 2.60
N SER H 174 1.62 18.25 3.76
CA SER H 174 2.35 19.18 4.63
C SER H 174 2.07 18.82 6.08
N ASP H 175 2.89 19.40 6.96
CA ASP H 175 2.76 19.17 8.38
C ASP H 175 3.17 20.43 9.13
N GLY H 176 2.55 20.65 10.28
CA GLY H 176 2.94 21.71 11.19
C GLY H 176 2.87 21.22 12.61
N VAL H 177 3.81 21.66 13.45
CA VAL H 177 3.90 21.25 14.85
C VAL H 177 3.95 22.50 15.70
N ARG H 178 2.98 22.65 16.61
CA ARG H 178 2.96 23.74 17.57
C ARG H 178 2.92 23.15 18.98
N LYS H 179 4.01 23.34 19.72
CA LYS H 179 4.09 22.89 21.10
C LYS H 179 4.51 24.06 21.98
N SER H 180 4.35 23.87 23.29
CA SER H 180 4.76 24.84 24.29
C SER H 180 5.72 24.20 25.28
N LEU H 181 6.73 24.95 25.69
CA LEU H 181 7.72 24.49 26.64
C LEU H 181 7.96 25.58 27.69
N LYS H 182 8.39 25.15 28.87
CA LYS H 182 8.46 26.05 30.01
C LYS H 182 9.77 26.83 29.99
N VAL H 183 9.65 28.15 30.10
CA VAL H 183 10.80 29.03 30.25
C VAL H 183 10.93 29.32 31.74
N VAL H 184 11.98 28.80 32.35
CA VAL H 184 12.21 28.88 33.78
C VAL H 184 13.33 29.89 34.02
N PRO H 185 13.15 30.86 34.93
CA PRO H 185 14.27 31.73 35.30
C PRO H 185 15.34 30.95 36.06
N GLU H 186 16.57 31.46 35.97
CA GLU H 186 17.72 30.76 36.54
C GLU H 186 17.63 30.66 38.06
N GLY H 187 18.05 29.52 38.58
CA GLY H 187 17.80 29.21 39.97
C GLY H 187 17.46 27.74 40.17
N ILE H 188 17.21 27.34 41.40
CA ILE H 188 17.09 25.92 41.75
C ILE H 188 16.22 25.81 42.99
N ARG H 189 15.70 24.60 43.23
CA ARG H 189 14.85 24.34 44.38
C ARG H 189 15.67 24.24 45.66
N MET H 190 15.15 24.85 46.73
CA MET H 190 15.70 24.71 48.07
C MET H 190 14.56 24.39 49.03
N ASN H 191 14.73 23.32 49.81
CA ASN H 191 13.76 22.96 50.86
C ASN H 191 14.47 23.03 52.21
N LYS H 192 14.53 24.23 52.76
CA LYS H 192 15.11 24.45 54.08
C LYS H 192 14.05 24.33 55.17
N THR H 193 14.52 24.19 56.39
CA THR H 193 13.67 24.00 57.56
C THR H 193 13.60 25.31 58.34
N VAL H 194 12.38 25.75 58.67
CA VAL H 194 12.22 26.97 59.46
C VAL H 194 12.49 26.69 60.93
N ALA H 195 11.72 25.79 61.53
CA ALA H 195 11.86 25.48 62.95
C ALA H 195 11.31 24.09 63.22
N VAL H 196 11.91 23.42 64.20
CA VAL H 196 11.40 22.15 64.73
C VAL H 196 11.44 22.24 66.26
N ARG H 197 10.28 22.22 66.89
CA ARG H 197 10.16 22.46 68.33
C ARG H 197 9.09 21.55 68.92
N THR H 198 9.12 21.42 70.24
CA THR H 198 8.25 20.52 70.99
C THR H 198 7.05 21.30 71.54
N LEU H 199 5.87 20.69 71.47
CA LEU H 199 4.65 21.25 72.04
C LEU H 199 4.22 20.43 73.25
N ASP H 200 3.96 21.13 74.36
CA ASP H 200 3.53 20.54 75.62
C ASP H 200 2.86 21.65 76.44
N PRO H 201 1.53 21.80 76.36
CA PRO H 201 0.87 22.89 77.09
C PRO H 201 0.92 22.77 78.61
N GLU H 202 1.07 21.56 79.15
CA GLU H 202 1.29 21.41 80.58
C GLU H 202 2.68 21.87 80.98
N ARG H 203 3.67 21.61 80.12
CA ARG H 203 5.06 21.96 80.41
C ARG H 203 5.41 23.38 79.99
N LEU H 204 4.95 23.79 78.81
CA LEU H 204 5.31 25.09 78.24
C LEU H 204 4.10 26.03 78.29
N GLY H 205 4.36 27.27 78.69
CA GLY H 205 3.32 28.28 78.81
C GLY H 205 2.57 28.29 80.12
N ARG H 206 2.71 27.23 80.93
CA ARG H 206 2.18 27.00 82.29
C ARG H 206 0.66 26.87 82.34
N GLU H 207 0.19 25.81 83.04
CA GLU H 207 -1.22 25.56 83.38
C GLU H 207 -2.08 25.31 82.14
N GLY H 208 -1.63 24.39 81.29
CA GLY H 208 -2.44 23.87 80.20
C GLY H 208 -2.65 24.79 79.02
N VAL H 209 -2.04 25.97 79.00
CA VAL H 209 -2.18 26.91 77.88
C VAL H 209 -0.78 27.20 77.32
N GLN H 210 -0.65 27.11 76.01
CA GLN H 210 0.63 27.36 75.34
C GLN H 210 0.40 28.20 74.10
N LYS H 211 1.21 29.23 73.92
CA LYS H 211 1.24 30.04 72.71
C LYS H 211 2.65 30.00 72.15
N GLU H 212 2.74 29.91 70.82
CA GLU H 212 4.03 29.84 70.14
C GLU H 212 3.89 30.40 68.74
N ASP H 213 4.89 31.13 68.29
CA ASP H 213 4.87 31.74 66.97
C ASP H 213 5.82 31.03 66.03
N ILE H 214 5.58 31.22 64.73
CA ILE H 214 6.52 30.80 63.70
C ILE H 214 6.79 32.02 62.83
N PRO H 215 8.01 32.53 62.80
CA PRO H 215 8.32 33.60 61.86
C PRO H 215 8.44 33.05 60.46
N PRO H 216 8.17 33.85 59.43
CA PRO H 216 8.43 33.41 58.06
C PRO H 216 9.92 33.37 57.79
N ALA H 217 10.28 32.61 56.76
CA ALA H 217 11.68 32.47 56.38
C ALA H 217 12.18 33.78 55.81
N ASP H 218 13.44 34.11 56.12
CA ASP H 218 14.02 35.37 55.67
C ASP H 218 14.25 35.36 54.15
N LEU H 219 14.65 34.19 53.62
CA LEU H 219 14.93 33.81 52.23
C LEU H 219 15.38 34.92 51.29
N SER H 220 16.52 35.56 51.59
CA SER H 220 17.00 36.67 50.79
C SER H 220 17.51 36.22 49.42
N ASP H 221 17.78 34.93 49.24
CA ASP H 221 18.20 34.37 47.97
C ASP H 221 17.02 33.99 47.06
N GLN H 222 15.79 34.38 47.43
CA GLN H 222 14.60 34.02 46.66
C GLN H 222 14.60 34.71 45.30
N VAL H 223 14.27 33.94 44.27
CA VAL H 223 14.09 34.48 42.92
C VAL H 223 12.90 35.43 42.93
N PRO H 224 12.99 36.62 42.33
CA PRO H 224 11.87 37.57 42.35
C PRO H 224 10.66 37.07 41.59
N ASP H 225 9.49 37.22 42.23
CA ASP H 225 8.16 36.88 41.71
C ASP H 225 8.04 35.38 41.43
N THR H 226 8.40 34.58 42.44
CA THR H 226 8.25 33.13 42.38
C THR H 226 7.49 32.62 43.59
N GLU H 227 6.86 31.47 43.40
CA GLU H 227 6.08 30.82 44.45
C GLU H 227 7.00 30.23 45.51
N SER H 228 6.46 30.08 46.73
CA SER H 228 7.24 29.67 47.88
C SER H 228 6.28 29.04 48.89
N GLU H 229 6.15 27.72 48.86
CA GLU H 229 5.23 27.04 49.75
C GLU H 229 5.83 26.92 51.15
N THR H 230 4.96 26.92 52.15
CA THR H 230 5.33 26.67 53.54
C THR H 230 4.58 25.42 53.99
N ARG H 231 5.33 24.35 54.24
CA ARG H 231 4.76 23.06 54.61
C ARG H 231 4.81 22.93 56.12
N ILE H 232 3.62 22.90 56.75
CA ILE H 232 3.48 22.77 58.19
C ILE H 232 3.10 21.33 58.48
N LEU H 233 3.71 20.73 59.49
CA LEU H 233 3.42 19.34 59.83
C LEU H 233 3.26 19.19 61.33
N LEU H 234 2.28 18.39 61.73
CA LEU H 234 2.02 18.07 63.13
C LEU H 234 1.91 16.57 63.31
N GLN H 235 2.62 16.04 64.30
CA GLN H 235 2.55 14.62 64.64
C GLN H 235 2.61 14.50 66.15
N GLY H 236 1.66 13.76 66.72
CA GLY H 236 1.63 13.56 68.16
C GLY H 236 2.73 12.62 68.63
N THR H 237 2.85 12.51 69.95
CA THR H 237 3.85 11.65 70.55
C THR H 237 3.21 10.35 70.99
N PRO H 238 3.52 9.20 70.37
CA PRO H 238 2.95 7.93 70.81
C PRO H 238 3.63 7.44 72.08
N VAL H 239 2.87 7.43 73.17
CA VAL H 239 3.35 6.95 74.47
C VAL H 239 2.62 5.66 74.83
N ALA H 240 3.36 4.68 75.34
CA ALA H 240 2.82 3.35 75.60
C ALA H 240 3.45 2.81 76.88
N GLN H 241 3.30 1.49 77.08
CA GLN H 241 3.67 0.69 78.25
C GLN H 241 2.85 1.07 79.47
N MET H 242 3.47 0.99 80.67
CA MET H 242 2.87 1.01 82.01
C MET H 242 2.01 -0.23 82.27
N THR H 243 2.23 -1.30 81.49
CA THR H 243 1.54 -2.57 81.69
C THR H 243 2.54 -3.65 82.07
N GLU H 244 2.29 -4.30 83.20
CA GLU H 244 3.07 -5.46 83.59
C GLU H 244 2.51 -6.71 82.91
N ASP H 245 3.32 -7.76 82.90
CA ASP H 245 2.90 -9.03 82.33
C ASP H 245 1.82 -9.68 83.18
N ALA H 246 0.80 -10.20 82.53
CA ALA H 246 -0.21 -11.00 83.19
C ALA H 246 0.27 -12.44 83.26
N VAL H 247 -0.50 -13.27 83.98
CA VAL H 247 -0.17 -14.69 84.08
C VAL H 247 -0.46 -15.35 82.73
N ASP H 248 0.50 -16.14 82.24
CA ASP H 248 0.56 -16.68 80.87
C ASP H 248 -0.51 -17.75 80.58
N ALA H 249 -1.37 -18.09 81.55
CA ALA H 249 -2.47 -19.06 81.46
C ALA H 249 -1.99 -20.48 81.16
N GLU H 250 -0.71 -20.76 81.39
CA GLU H 250 -0.18 -22.11 81.22
C GLU H 250 -0.68 -23.03 82.32
N ARG H 251 -0.50 -22.61 83.57
CA ARG H 251 -0.89 -23.41 84.72
C ARG H 251 -2.26 -23.03 85.26
N LEU H 252 -2.97 -22.12 84.58
CA LEU H 252 -4.33 -21.76 84.96
C LEU H 252 -5.37 -22.72 84.38
N LYS H 253 -4.96 -23.75 83.66
CA LYS H 253 -5.87 -24.71 83.03
C LYS H 253 -6.52 -25.66 84.01
N HIS H 254 -6.14 -25.64 85.29
CA HIS H 254 -6.70 -26.55 86.27
C HIS H 254 -7.90 -26.00 87.02
N LEU H 255 -8.12 -24.68 87.01
CA LEU H 255 -9.15 -24.05 87.83
C LEU H 255 -10.58 -24.31 87.35
N ILE H 256 -10.77 -25.04 86.25
CA ILE H 256 -12.10 -25.43 85.79
C ILE H 256 -12.54 -26.62 86.65
N VAL H 257 -13.43 -26.38 87.61
CA VAL H 257 -13.88 -27.39 88.55
C VAL H 257 -15.40 -27.53 88.40
N THR H 258 -15.88 -28.78 88.41
CA THR H 258 -17.32 -29.02 88.34
C THR H 258 -17.94 -28.77 89.72
N PRO H 259 -18.97 -27.93 89.80
CA PRO H 259 -19.62 -27.70 91.10
C PRO H 259 -20.45 -28.90 91.53
N SER H 260 -20.37 -29.21 92.82
CA SER H 260 -21.04 -30.38 93.38
C SER H 260 -21.16 -30.22 94.88
N GLY H 261 -22.00 -31.07 95.49
CA GLY H 261 -22.12 -31.12 96.93
C GLY H 261 -23.14 -30.19 97.55
N CYS H 262 -22.91 -29.82 98.82
CA CYS H 262 -23.77 -28.91 99.55
C CYS H 262 -23.62 -27.48 99.02
N GLY H 263 -24.46 -26.57 99.58
CA GLY H 263 -24.52 -25.19 99.10
C GLY H 263 -23.23 -24.41 99.25
N GLU H 264 -22.56 -24.56 100.39
CA GLU H 264 -21.22 -24.01 100.53
C GLU H 264 -20.21 -24.75 99.65
N GLN H 265 -20.35 -26.08 99.55
CA GLN H 265 -19.46 -26.88 98.72
C GLN H 265 -19.69 -26.63 97.23
N ASN H 266 -20.94 -26.34 96.83
CA ASN H 266 -21.21 -25.90 95.47
C ASN H 266 -20.57 -24.55 95.20
N MET H 267 -20.51 -23.67 96.20
CA MET H 267 -19.83 -22.39 96.03
C MET H 267 -18.32 -22.54 95.99
N ILE H 268 -17.77 -23.56 96.66
CA ILE H 268 -16.32 -23.81 96.60
C ILE H 268 -15.91 -24.25 95.19
N GLY H 269 -16.67 -25.18 94.60
CA GLY H 269 -16.33 -25.68 93.29
C GLY H 269 -16.63 -24.68 92.18
N MET H 270 -17.63 -23.83 92.38
CA MET H 270 -17.96 -22.80 91.40
C MET H 270 -17.01 -21.61 91.47
N THR H 271 -16.34 -21.39 92.63
CA THR H 271 -15.41 -20.27 92.90
C THR H 271 -14.28 -20.12 91.87
N PRO H 272 -13.41 -21.12 91.57
CA PRO H 272 -12.34 -20.82 90.60
C PRO H 272 -12.80 -20.80 89.16
N THR H 273 -13.94 -21.42 88.84
CA THR H 273 -14.42 -21.46 87.45
C THR H 273 -14.97 -20.10 87.02
N VAL H 274 -15.64 -19.39 87.93
CA VAL H 274 -16.30 -18.13 87.59
C VAL H 274 -15.26 -17.02 87.37
N ILE H 275 -14.27 -16.93 88.27
CA ILE H 275 -13.29 -15.85 88.21
C ILE H 275 -12.30 -16.05 87.05
N ALA H 276 -12.03 -17.30 86.66
CA ALA H 276 -11.03 -17.59 85.63
C ALA H 276 -11.50 -17.17 84.24
N VAL H 277 -12.81 -17.29 83.97
CA VAL H 277 -13.35 -16.84 82.69
C VAL H 277 -13.24 -15.32 82.58
N HIS H 278 -13.54 -14.60 83.67
CA HIS H 278 -13.44 -13.14 83.67
C HIS H 278 -11.99 -12.66 83.58
N TYR H 279 -11.05 -13.40 84.16
CA TYR H 279 -9.64 -13.07 84.01
C TYR H 279 -9.17 -13.32 82.57
N LEU H 280 -9.53 -14.48 82.02
CA LEU H 280 -9.16 -14.80 80.64
C LEU H 280 -9.92 -13.97 79.61
N ASP H 281 -11.07 -13.40 79.98
CA ASP H 281 -11.74 -12.45 79.08
C ASP H 281 -10.94 -11.16 78.96
N GLU H 282 -10.54 -10.57 80.07
CA GLU H 282 -9.85 -9.29 80.06
C GLU H 282 -8.37 -9.41 79.70
N THR H 283 -7.75 -10.56 79.93
CA THR H 283 -6.37 -10.78 79.48
C THR H 283 -6.30 -11.35 78.08
N GLU H 284 -7.47 -11.62 77.44
CA GLU H 284 -7.74 -12.27 76.16
C GLU H 284 -6.78 -13.42 75.82
N GLN H 285 -6.54 -14.30 76.79
CA GLN H 285 -5.65 -15.43 76.62
C GLN H 285 -6.36 -16.70 76.20
N TRP H 286 -7.56 -16.57 75.60
CA TRP H 286 -8.29 -17.72 75.09
C TRP H 286 -7.62 -18.35 73.86
N GLU H 287 -6.70 -17.62 73.20
CA GLU H 287 -5.91 -18.19 72.11
C GLU H 287 -5.02 -19.33 72.60
N LYS H 288 -4.29 -19.11 73.70
CA LYS H 288 -3.45 -20.17 74.25
C LYS H 288 -4.27 -21.19 75.02
N PHE H 289 -5.32 -20.74 75.71
CA PHE H 289 -6.08 -21.59 76.61
C PHE H 289 -6.95 -22.58 75.84
N GLY H 290 -7.67 -22.10 74.82
CA GLY H 290 -8.65 -22.90 74.12
C GLY H 290 -10.01 -22.24 74.12
N LEU H 291 -10.48 -21.87 72.92
CA LEU H 291 -11.76 -21.20 72.76
C LEU H 291 -12.94 -22.10 73.10
N GLU H 292 -12.78 -23.42 72.89
CA GLU H 292 -13.81 -24.39 73.24
C GLU H 292 -14.05 -24.50 74.74
N LYS H 293 -13.10 -24.08 75.57
CA LYS H 293 -13.22 -24.26 77.00
C LYS H 293 -14.03 -23.15 77.69
N ARG H 294 -14.26 -22.01 77.02
CA ARG H 294 -15.15 -21.01 77.61
C ARG H 294 -16.60 -21.46 77.53
N GLN H 295 -16.98 -22.11 76.42
CA GLN H 295 -18.33 -22.66 76.32
C GLN H 295 -18.51 -23.84 77.25
N GLY H 296 -17.46 -24.65 77.42
CA GLY H 296 -17.49 -25.72 78.40
C GLY H 296 -17.55 -25.22 79.84
N ALA H 297 -16.84 -24.12 80.14
CA ALA H 297 -16.94 -23.53 81.47
C ALA H 297 -18.27 -22.84 81.67
N LEU H 298 -18.89 -22.32 80.60
CA LEU H 298 -20.20 -21.69 80.69
C LEU H 298 -21.27 -22.68 81.14
N GLU H 299 -21.15 -23.94 80.75
CA GLU H 299 -22.08 -24.96 81.22
C GLU H 299 -21.87 -25.26 82.69
N LEU H 300 -20.61 -25.22 83.16
CA LEU H 300 -20.34 -25.49 84.57
C LEU H 300 -20.74 -24.32 85.47
N ILE H 301 -20.57 -23.09 84.97
CA ILE H 301 -21.04 -21.92 85.72
C ILE H 301 -22.57 -21.89 85.77
N LYS H 302 -23.23 -22.24 84.65
CA LYS H 302 -24.69 -22.36 84.64
C LYS H 302 -25.17 -23.55 85.50
N LYS H 303 -24.39 -24.63 85.55
CA LYS H 303 -24.75 -25.77 86.41
C LYS H 303 -24.56 -25.42 87.89
N GLY H 304 -23.56 -24.59 88.19
CA GLY H 304 -23.35 -24.17 89.57
C GLY H 304 -24.45 -23.27 90.08
N TYR H 305 -24.90 -22.32 89.24
CA TYR H 305 -25.99 -21.41 89.59
C TYR H 305 -27.32 -22.15 89.75
N THR H 306 -27.56 -23.17 88.91
CA THR H 306 -28.77 -23.98 89.04
C THR H 306 -28.74 -24.80 90.32
N GLN H 307 -27.58 -25.36 90.66
CA GLN H 307 -27.44 -26.06 91.94
C GLN H 307 -27.41 -25.11 93.13
N GLN H 308 -27.00 -23.85 92.93
CA GLN H 308 -26.96 -22.90 94.05
C GLN H 308 -28.36 -22.47 94.45
N LEU H 309 -29.28 -22.35 93.48
CA LEU H 309 -30.67 -21.99 93.78
C LEU H 309 -31.44 -23.10 94.50
N ALA H 310 -30.91 -24.32 94.53
CA ALA H 310 -31.57 -25.42 95.23
C ALA H 310 -31.38 -25.34 96.75
N PHE H 311 -30.37 -24.63 97.22
CA PHE H 311 -30.13 -24.47 98.65
C PHE H 311 -30.60 -23.13 99.17
N ARG H 312 -31.43 -22.44 98.39
CA ARG H 312 -31.96 -21.14 98.76
C ARG H 312 -33.03 -21.30 99.85
N GLN H 313 -32.92 -20.47 100.90
CA GLN H 313 -33.96 -20.36 101.92
C GLN H 313 -35.14 -19.57 101.35
N PRO H 314 -36.36 -19.82 101.84
CA PRO H 314 -37.54 -19.08 101.32
C PRO H 314 -37.55 -17.59 101.62
N SER H 315 -36.75 -17.11 102.58
CA SER H 315 -36.59 -15.69 102.83
C SER H 315 -35.40 -15.08 102.11
N SER H 316 -34.93 -15.71 101.03
CA SER H 316 -33.74 -15.35 100.24
C SER H 316 -32.48 -15.30 101.11
N ALA H 317 -32.08 -16.50 101.54
CA ALA H 317 -30.88 -16.70 102.34
C ALA H 317 -30.24 -18.02 101.93
N PHE H 318 -28.99 -18.20 102.34
CA PHE H 318 -28.22 -19.37 101.94
C PHE H 318 -27.56 -20.05 103.12
N ALA H 319 -27.46 -21.38 103.02
CA ALA H 319 -26.78 -22.21 103.99
C ALA H 319 -26.33 -23.49 103.29
N ALA H 320 -25.66 -24.36 104.04
CA ALA H 320 -25.25 -25.66 103.50
C ALA H 320 -26.46 -26.54 103.20
N PHE H 321 -27.43 -26.57 104.10
CA PHE H 321 -28.70 -27.26 103.89
C PHE H 321 -29.82 -26.27 104.18
N VAL H 322 -31.04 -26.65 103.77
CA VAL H 322 -32.20 -25.86 104.12
C VAL H 322 -32.58 -26.03 105.59
N LYS H 323 -32.14 -27.11 106.23
CA LYS H 323 -32.40 -27.32 107.66
C LYS H 323 -31.52 -26.42 108.51
N ARG H 324 -30.31 -26.11 108.05
CA ARG H 324 -29.37 -25.30 108.80
C ARG H 324 -29.84 -23.85 108.89
N ALA H 325 -29.53 -23.20 110.03
CA ALA H 325 -29.77 -21.78 110.21
C ALA H 325 -28.97 -20.98 109.17
N PRO H 326 -29.53 -19.89 108.63
CA PRO H 326 -28.88 -19.22 107.49
C PRO H 326 -27.62 -18.45 107.88
N SER H 327 -26.64 -18.49 106.99
CA SER H 327 -25.33 -17.89 107.20
C SER H 327 -25.29 -16.49 106.60
N THR H 328 -24.90 -15.52 107.42
CA THR H 328 -24.80 -14.13 106.97
C THR H 328 -23.59 -13.95 106.04
N TRP H 329 -22.45 -14.56 106.39
CA TRP H 329 -21.23 -14.45 105.58
C TRP H 329 -21.39 -15.12 104.22
N LEU H 330 -22.00 -16.30 104.18
CA LEU H 330 -22.22 -17.00 102.91
C LEU H 330 -23.22 -16.26 102.03
N THR H 331 -24.20 -15.59 102.64
CA THR H 331 -25.14 -14.77 101.88
C THR H 331 -24.44 -13.57 101.25
N ALA H 332 -23.46 -12.98 101.94
CA ALA H 332 -22.70 -11.88 101.37
C ALA H 332 -21.72 -12.35 100.30
N TYR H 333 -21.18 -13.57 100.46
CA TYR H 333 -20.19 -14.09 99.51
C TYR H 333 -20.79 -14.42 98.15
N VAL H 334 -22.02 -14.97 98.13
CA VAL H 334 -22.70 -15.27 96.87
C VAL H 334 -23.04 -13.99 96.12
N VAL H 335 -23.44 -12.94 96.85
CA VAL H 335 -23.69 -11.61 96.28
C VAL H 335 -22.41 -11.02 95.68
N LYS H 336 -21.26 -11.29 96.32
CA LYS H 336 -19.96 -10.95 95.72
C LYS H 336 -19.69 -11.78 94.47
N VAL H 337 -20.06 -13.06 94.50
CA VAL H 337 -19.83 -13.94 93.34
C VAL H 337 -20.81 -13.61 92.21
N PHE H 338 -22.10 -13.47 92.54
CA PHE H 338 -23.12 -13.21 91.53
C PHE H 338 -23.02 -11.80 90.94
N SER H 339 -22.32 -10.87 91.60
CA SER H 339 -22.07 -9.55 91.01
C SER H 339 -21.16 -9.64 89.80
N LEU H 340 -20.28 -10.63 89.74
CA LEU H 340 -19.44 -10.87 88.57
C LEU H 340 -20.14 -11.74 87.53
N ALA H 341 -21.08 -12.58 87.95
CA ALA H 341 -21.74 -13.53 87.06
C ALA H 341 -22.86 -12.92 86.24
N VAL H 342 -23.28 -11.68 86.51
CA VAL H 342 -24.30 -11.03 85.69
C VAL H 342 -23.78 -10.65 84.31
N ASN H 343 -22.46 -10.55 84.14
CA ASN H 343 -21.85 -10.42 82.83
C ASN H 343 -21.68 -11.75 82.11
N LEU H 344 -22.04 -12.86 82.75
CA LEU H 344 -21.84 -14.18 82.18
C LEU H 344 -23.14 -14.95 82.02
N ILE H 345 -23.94 -15.08 83.09
CA ILE H 345 -25.18 -15.83 83.07
C ILE H 345 -26.31 -14.93 83.57
N ALA H 346 -27.53 -15.42 83.42
CA ALA H 346 -28.74 -14.65 83.79
C ALA H 346 -29.05 -14.91 85.25
N ILE H 347 -28.47 -14.09 86.12
CA ILE H 347 -28.79 -14.12 87.54
C ILE H 347 -30.12 -13.43 87.75
N ASP H 348 -31.01 -14.06 88.54
CA ASP H 348 -32.31 -13.48 88.85
C ASP H 348 -32.14 -12.25 89.74
N SER H 349 -32.65 -11.11 89.27
CA SER H 349 -32.48 -9.85 89.99
C SER H 349 -33.35 -9.78 91.24
N GLN H 350 -34.52 -10.42 91.21
CA GLN H 350 -35.43 -10.38 92.36
C GLN H 350 -34.90 -11.20 93.53
N VAL H 351 -34.19 -12.30 93.26
CA VAL H 351 -33.61 -13.13 94.31
C VAL H 351 -32.35 -12.47 94.88
N LEU H 352 -31.52 -11.90 94.01
CA LEU H 352 -30.24 -11.32 94.42
C LEU H 352 -30.41 -10.08 95.30
N CYS H 353 -31.26 -9.14 94.89
CA CYS H 353 -31.58 -8.00 95.75
C CYS H 353 -32.49 -8.39 96.91
N GLY H 354 -33.18 -9.53 96.81
CA GLY H 354 -33.85 -10.10 97.98
C GLY H 354 -32.87 -10.59 99.03
N ALA H 355 -31.72 -11.10 98.60
CA ALA H 355 -30.66 -11.45 99.56
C ALA H 355 -30.06 -10.19 100.17
N VAL H 356 -29.97 -9.10 99.39
CA VAL H 356 -29.45 -7.83 99.89
C VAL H 356 -30.41 -7.23 100.91
N LYS H 357 -31.71 -7.31 100.65
CA LYS H 357 -32.72 -6.83 101.60
C LYS H 357 -32.75 -7.69 102.86
N TRP H 358 -32.52 -8.99 102.72
CA TRP H 358 -32.47 -9.88 103.88
C TRP H 358 -31.23 -9.64 104.74
N LEU H 359 -30.12 -9.21 104.13
CA LEU H 359 -28.92 -8.89 104.90
C LEU H 359 -29.08 -7.58 105.66
N ILE H 360 -29.71 -6.58 105.05
CA ILE H 360 -29.82 -5.25 105.66
C ILE H 360 -30.78 -5.28 106.85
N LEU H 361 -31.96 -5.89 106.67
CA LEU H 361 -32.99 -5.82 107.70
C LEU H 361 -32.72 -6.79 108.86
N GLU H 362 -32.38 -8.03 108.56
CA GLU H 362 -32.27 -9.05 109.59
C GLU H 362 -30.88 -9.10 110.23
N LYS H 363 -29.82 -8.95 109.44
CA LYS H 363 -28.48 -9.31 109.87
C LYS H 363 -27.55 -8.10 110.00
N GLN H 364 -28.12 -6.89 110.11
CA GLN H 364 -27.35 -5.69 110.38
C GLN H 364 -27.88 -5.04 111.64
N LYS H 365 -26.97 -4.71 112.55
CA LYS H 365 -27.31 -3.97 113.75
C LYS H 365 -27.54 -2.50 113.38
N PRO H 366 -28.29 -1.75 114.21
CA PRO H 366 -28.55 -0.33 113.89
C PRO H 366 -27.33 0.59 113.89
N ASP H 367 -26.19 0.18 114.44
CA ASP H 367 -25.01 1.03 114.39
C ASP H 367 -24.08 0.74 113.21
N GLY H 368 -24.41 -0.27 112.39
CA GLY H 368 -23.64 -0.58 111.20
C GLY H 368 -22.94 -1.93 111.22
N VAL H 369 -22.98 -2.66 112.33
CA VAL H 369 -22.26 -3.92 112.44
C VAL H 369 -23.11 -5.04 111.85
N PHE H 370 -22.52 -5.82 110.96
CA PHE H 370 -23.13 -7.06 110.50
C PHE H 370 -22.68 -8.20 111.43
N GLN H 371 -23.60 -9.09 111.75
CA GLN H 371 -23.34 -10.18 112.68
C GLN H 371 -23.68 -11.50 112.02
N GLU H 372 -22.77 -12.47 112.13
CA GLU H 372 -22.99 -13.81 111.61
C GLU H 372 -23.65 -14.67 112.67
N ASP H 373 -24.73 -15.35 112.29
CA ASP H 373 -25.51 -16.17 113.21
C ASP H 373 -25.32 -17.66 112.98
N ALA H 374 -24.57 -18.05 111.95
CA ALA H 374 -24.27 -19.44 111.64
C ALA H 374 -22.98 -19.51 110.83
N PRO H 375 -21.82 -19.67 111.47
CA PRO H 375 -20.56 -19.81 110.73
C PRO H 375 -20.53 -21.10 109.90
N VAL H 376 -19.76 -21.05 108.82
CA VAL H 376 -19.77 -22.09 107.79
C VAL H 376 -19.20 -23.39 108.34
N ILE H 377 -19.60 -24.50 107.71
CA ILE H 377 -19.12 -25.81 108.10
C ILE H 377 -17.64 -25.96 107.77
N HIS H 378 -17.28 -25.73 106.51
CA HIS H 378 -15.89 -25.74 106.09
C HIS H 378 -15.26 -24.42 106.53
N GLN H 379 -14.62 -24.45 107.70
CA GLN H 379 -13.96 -23.26 108.28
C GLN H 379 -12.67 -22.88 107.58
N GLU H 380 -12.20 -23.68 106.63
CA GLU H 380 -10.99 -23.35 105.90
C GLU H 380 -11.25 -22.41 104.73
N MET H 381 -12.48 -22.36 104.21
CA MET H 381 -12.77 -21.57 103.02
C MET H 381 -12.93 -20.08 103.31
N ILE H 382 -12.99 -19.66 104.57
CA ILE H 382 -13.10 -18.24 104.90
C ILE H 382 -11.75 -17.57 105.01
N GLY H 383 -10.65 -18.34 104.99
CA GLY H 383 -9.31 -17.75 104.92
C GLY H 383 -8.89 -17.06 106.20
N GLY H 384 -8.39 -15.83 106.04
CA GLY H 384 -7.95 -14.99 107.15
C GLY H 384 -9.06 -14.49 108.06
N LEU H 385 -10.32 -14.63 107.66
CA LEU H 385 -11.46 -14.30 108.50
C LEU H 385 -11.70 -15.32 109.61
N ARG H 386 -11.01 -16.48 109.56
CA ARG H 386 -11.09 -17.47 110.62
C ARG H 386 -10.44 -16.96 111.90
N ASN H 387 -9.45 -16.07 111.78
CA ASN H 387 -8.81 -15.45 112.93
C ASN H 387 -9.82 -14.57 113.68
N ASN H 388 -9.95 -14.80 114.99
CA ASN H 388 -10.95 -14.11 115.79
C ASN H 388 -10.51 -12.73 116.24
N ASN H 389 -9.24 -12.37 116.03
CA ASN H 389 -8.77 -11.04 116.37
C ASN H 389 -9.29 -10.04 115.36
N GLU H 390 -9.98 -9.00 115.87
CA GLU H 390 -10.62 -7.93 115.08
C GLU H 390 -11.64 -8.48 114.10
N LYS H 391 -12.42 -9.46 114.54
CA LYS H 391 -13.32 -10.17 113.65
C LYS H 391 -14.54 -9.33 113.28
N ASP H 392 -15.03 -8.50 114.21
CA ASP H 392 -16.23 -7.71 113.95
C ASP H 392 -15.94 -6.56 112.98
N MET H 393 -14.73 -6.02 113.02
CA MET H 393 -14.35 -5.00 112.05
C MET H 393 -14.14 -5.59 110.66
N ALA H 394 -13.50 -6.77 110.59
CA ALA H 394 -13.19 -7.39 109.30
C ALA H 394 -14.43 -7.93 108.61
N LEU H 395 -15.34 -8.54 109.38
CA LEU H 395 -16.58 -9.06 108.81
C LEU H 395 -17.51 -7.95 108.33
N THR H 396 -17.51 -6.80 109.02
CA THR H 396 -18.26 -5.64 108.57
C THR H 396 -17.71 -5.11 107.25
N ALA H 397 -16.38 -5.16 107.09
CA ALA H 397 -15.76 -4.69 105.86
C ALA H 397 -16.01 -5.63 104.69
N PHE H 398 -16.10 -6.94 104.94
CA PHE H 398 -16.31 -7.92 103.86
C PHE H 398 -17.71 -7.77 103.25
N VAL H 399 -18.72 -7.62 104.10
CA VAL H 399 -20.10 -7.50 103.62
C VAL H 399 -20.32 -6.15 102.95
N LEU H 400 -19.66 -5.09 103.46
CA LEU H 400 -19.80 -3.75 102.89
C LEU H 400 -19.19 -3.67 101.49
N ILE H 401 -18.08 -4.37 101.25
CA ILE H 401 -17.49 -4.45 99.92
C ILE H 401 -18.42 -5.20 98.96
N SER H 402 -19.07 -6.27 99.46
CA SER H 402 -19.98 -7.06 98.64
C SER H 402 -21.26 -6.30 98.30
N LEU H 403 -21.75 -5.48 99.24
CA LEU H 403 -22.96 -4.71 98.98
C LEU H 403 -22.69 -3.54 98.03
N GLN H 404 -21.53 -2.91 98.15
CA GLN H 404 -21.18 -1.80 97.27
C GLN H 404 -20.90 -2.24 95.83
N GLU H 405 -20.42 -3.47 95.64
CA GLU H 405 -20.24 -3.97 94.29
C GLU H 405 -21.57 -4.37 93.64
N ALA H 406 -22.56 -4.72 94.45
CA ALA H 406 -23.91 -4.98 93.97
C ALA H 406 -24.83 -3.80 94.16
N LYS H 407 -24.27 -2.59 94.28
CA LYS H 407 -25.08 -1.40 94.52
C LYS H 407 -25.89 -1.01 93.29
N ASP H 408 -25.27 -1.09 92.10
CA ASP H 408 -25.88 -0.60 90.85
C ASP H 408 -27.14 -1.36 90.46
N ILE H 409 -27.19 -2.65 90.75
CA ILE H 409 -28.40 -3.43 90.46
C ILE H 409 -29.47 -3.18 91.51
N CYS H 410 -29.09 -3.11 92.78
CA CYS H 410 -30.05 -3.09 93.87
C CYS H 410 -30.27 -1.71 94.48
N GLU H 411 -29.76 -0.64 93.84
CA GLU H 411 -30.12 0.71 94.27
C GLU H 411 -31.57 1.02 93.94
N GLU H 412 -32.08 0.47 92.84
CA GLU H 412 -33.47 0.68 92.46
C GLU H 412 -34.43 -0.16 93.30
N GLN H 413 -34.01 -1.36 93.69
CA GLN H 413 -34.92 -2.28 94.38
C GLN H 413 -35.01 -1.98 95.87
N VAL H 414 -33.89 -1.64 96.51
CA VAL H 414 -33.86 -1.35 97.95
C VAL H 414 -33.33 0.07 98.11
N ASN H 415 -34.20 0.96 98.59
CA ASN H 415 -33.85 2.36 98.78
C ASN H 415 -33.11 2.63 100.08
N SER H 416 -33.05 1.66 101.00
CA SER H 416 -32.32 1.80 102.25
C SER H 416 -30.90 1.28 102.15
N LEU H 417 -30.43 0.95 100.93
CA LEU H 417 -29.05 0.53 100.74
C LEU H 417 -28.00 1.61 101.04
N PRO H 418 -28.09 2.87 100.53
CA PRO H 418 -27.00 3.82 100.86
C PRO H 418 -26.99 4.29 102.31
N GLY H 419 -28.14 4.33 102.98
CA GLY H 419 -28.15 4.61 104.41
C GLY H 419 -27.56 3.49 105.23
N SER H 420 -27.74 2.24 104.78
CA SER H 420 -27.05 1.10 105.39
C SER H 420 -25.54 1.15 105.18
N ILE H 421 -25.11 1.61 104.00
CA ILE H 421 -23.68 1.75 103.70
C ILE H 421 -23.05 2.84 104.56
N THR H 422 -23.78 3.94 104.78
CA THR H 422 -23.30 5.06 105.58
C THR H 422 -23.13 4.66 107.06
N LYS H 423 -24.11 3.91 107.60
CA LYS H 423 -24.02 3.43 108.98
C LYS H 423 -22.86 2.46 109.18
N ALA H 424 -22.66 1.54 108.23
CA ALA H 424 -21.51 0.64 108.31
C ALA H 424 -20.20 1.38 108.06
N GLY H 425 -20.22 2.39 107.19
CA GLY H 425 -19.01 3.16 106.93
C GLY H 425 -18.58 4.02 108.11
N ASP H 426 -19.55 4.59 108.84
CA ASP H 426 -19.23 5.36 110.04
C ASP H 426 -18.61 4.50 111.12
N PHE H 427 -19.04 3.24 111.24
CA PHE H 427 -18.48 2.33 112.23
C PHE H 427 -17.04 1.95 111.90
N LEU H 428 -16.75 1.71 110.62
CA LEU H 428 -15.40 1.31 110.22
C LEU H 428 -14.43 2.48 110.27
N GLU H 429 -14.89 3.68 109.90
CA GLU H 429 -14.02 4.86 109.91
C GLU H 429 -13.64 5.27 111.33
N ALA H 430 -14.57 5.14 112.28
CA ALA H 430 -14.32 5.57 113.66
C ALA H 430 -13.34 4.63 114.37
N ASN H 431 -13.42 3.33 114.09
CA ASN H 431 -12.55 2.35 114.72
C ASN H 431 -11.41 1.89 113.80
N TYR H 432 -11.04 2.72 112.82
CA TYR H 432 -10.01 2.32 111.86
C TYR H 432 -8.62 2.37 112.48
N MET H 433 -8.32 3.42 113.25
CA MET H 433 -6.96 3.64 113.74
C MET H 433 -6.56 2.65 114.83
N ASN H 434 -7.52 1.96 115.45
CA ASN H 434 -7.22 0.96 116.47
C ASN H 434 -6.76 -0.37 115.88
N LEU H 435 -6.87 -0.56 114.57
CA LEU H 435 -6.54 -1.85 113.96
C LEU H 435 -5.03 -2.06 113.91
N GLN H 436 -4.63 -3.33 114.05
CA GLN H 436 -3.22 -3.70 114.09
C GLN H 436 -2.82 -4.70 113.02
N ARG H 437 -3.71 -5.62 112.66
CA ARG H 437 -3.43 -6.61 111.62
C ARG H 437 -3.38 -5.93 110.24
N SER H 438 -2.41 -6.35 109.42
CA SER H 438 -2.34 -5.86 108.04
C SER H 438 -3.51 -6.37 107.21
N TYR H 439 -4.08 -7.52 107.57
CA TYR H 439 -5.26 -8.03 106.88
C TYR H 439 -6.47 -7.13 107.09
N THR H 440 -6.72 -6.73 108.33
CA THR H 440 -7.89 -5.92 108.66
C THR H 440 -7.77 -4.49 108.13
N VAL H 441 -6.54 -3.95 108.09
CA VAL H 441 -6.30 -2.62 107.54
C VAL H 441 -6.56 -2.63 106.02
N ALA H 442 -6.17 -3.72 105.35
CA ALA H 442 -6.32 -3.81 103.90
C ALA H 442 -7.78 -3.96 103.48
N ILE H 443 -8.54 -4.83 104.17
CA ILE H 443 -9.94 -5.06 103.79
C ILE H 443 -10.81 -3.85 104.15
N ALA H 444 -10.46 -3.12 105.22
CA ALA H 444 -11.16 -1.88 105.52
C ALA H 444 -10.74 -0.77 104.57
N GLY H 445 -9.51 -0.85 104.04
CA GLY H 445 -9.03 0.16 103.12
C GLY H 445 -9.79 0.19 101.80
N TYR H 446 -10.09 -1.00 101.25
CA TYR H 446 -10.87 -1.05 100.01
C TYR H 446 -12.33 -0.69 100.26
N ALA H 447 -12.84 -0.97 101.45
CA ALA H 447 -14.20 -0.57 101.78
C ALA H 447 -14.32 0.94 101.95
N LEU H 448 -13.35 1.57 102.62
CA LEU H 448 -13.36 3.01 102.78
C LEU H 448 -13.04 3.76 101.49
N ALA H 449 -12.27 3.15 100.58
CA ALA H 449 -11.89 3.83 99.35
C ALA H 449 -13.05 4.01 98.38
N GLN H 450 -14.00 3.07 98.37
CA GLN H 450 -15.17 3.19 97.50
C GLN H 450 -16.08 4.33 97.95
N MET H 451 -16.16 4.60 99.25
CA MET H 451 -16.89 5.76 99.74
C MET H 451 -16.08 7.04 99.63
N GLY H 452 -14.76 6.94 99.54
CA GLY H 452 -13.91 8.11 99.49
C GLY H 452 -13.43 8.59 100.84
N ARG H 453 -13.43 7.73 101.85
CA ARG H 453 -13.11 8.11 103.21
C ARG H 453 -11.70 7.68 103.64
N LEU H 454 -10.97 6.96 102.78
CA LEU H 454 -9.60 6.56 103.08
C LEU H 454 -8.68 7.69 102.67
N LYS H 455 -8.57 8.68 103.55
CA LYS H 455 -7.75 9.88 103.30
C LYS H 455 -7.02 10.25 104.58
N GLY H 456 -5.97 11.06 104.41
CA GLY H 456 -5.21 11.63 105.51
C GLY H 456 -4.47 10.62 106.37
N PRO H 457 -4.78 10.59 107.67
CA PRO H 457 -4.13 9.63 108.56
C PRO H 457 -4.60 8.21 108.34
N LEU H 458 -5.84 8.01 107.90
CA LEU H 458 -6.31 6.69 107.51
C LEU H 458 -5.59 6.21 106.26
N LEU H 459 -5.27 7.13 105.35
CA LEU H 459 -4.47 6.77 104.18
C LEU H 459 -3.02 6.52 104.56
N ASN H 460 -2.47 7.34 105.47
CA ASN H 460 -1.07 7.22 105.88
C ASN H 460 -0.82 5.93 106.67
N LYS H 461 -1.76 5.55 107.53
CA LYS H 461 -1.67 4.27 108.22
C LYS H 461 -1.77 3.10 107.24
N PHE H 462 -2.61 3.26 106.20
CA PHE H 462 -2.73 2.24 105.15
C PHE H 462 -1.44 2.11 104.34
N LEU H 463 -0.76 3.24 104.09
CA LEU H 463 0.51 3.22 103.36
C LEU H 463 1.62 2.62 104.20
N THR H 464 1.74 3.03 105.47
CA THR H 464 2.78 2.53 106.36
C THR H 464 2.54 1.09 106.82
N THR H 465 1.32 0.57 106.64
CA THR H 465 1.07 -0.85 106.89
C THR H 465 1.84 -1.72 105.91
N ALA H 466 2.03 -1.24 104.67
CA ALA H 466 2.83 -1.96 103.70
C ALA H 466 4.30 -2.01 104.08
N LYS H 467 4.92 -3.16 103.86
CA LYS H 467 6.33 -3.39 104.12
C LYS H 467 6.99 -3.79 102.81
N ASP H 468 8.19 -3.25 102.59
CA ASP H 468 9.01 -3.33 101.36
C ASP H 468 8.34 -2.70 100.14
N LYS H 469 7.28 -1.90 100.35
CA LYS H 469 6.52 -1.17 99.33
C LYS H 469 5.95 -2.08 98.23
N ASN H 470 5.53 -3.29 98.62
CA ASN H 470 4.96 -4.22 97.65
C ASN H 470 3.99 -5.25 98.23
N ARG H 471 3.79 -5.24 99.55
CA ARG H 471 2.93 -6.25 100.17
C ARG H 471 2.40 -5.75 101.50
N TRP H 472 1.24 -6.28 101.89
CA TRP H 472 0.65 -6.05 103.21
C TRP H 472 0.70 -7.37 103.95
N GLU H 473 1.78 -7.59 104.71
CA GLU H 473 2.04 -8.89 105.29
C GLU H 473 1.69 -8.91 106.77
N ASP H 474 1.22 -10.07 107.22
CA ASP H 474 0.96 -10.44 108.60
C ASP H 474 1.84 -11.64 108.95
N PRO H 475 2.18 -11.82 110.22
CA PRO H 475 2.94 -13.02 110.60
C PRO H 475 2.09 -14.29 110.46
N GLY H 476 2.71 -15.33 109.92
CA GLY H 476 2.01 -16.57 109.68
C GLY H 476 2.17 -17.09 108.26
N LYS H 477 1.14 -17.76 107.77
CA LYS H 477 1.16 -18.34 106.43
C LYS H 477 1.16 -17.26 105.35
N GLN H 478 1.78 -17.59 104.22
CA GLN H 478 1.80 -16.68 103.07
C GLN H 478 0.45 -16.54 102.39
N LEU H 479 -0.47 -17.49 102.62
CA LEU H 479 -1.79 -17.45 101.99
C LEU H 479 -2.62 -16.27 102.47
N TYR H 480 -2.53 -15.95 103.77
CA TYR H 480 -3.25 -14.80 104.31
C TYR H 480 -2.66 -13.48 103.83
N ASN H 481 -1.34 -13.43 103.62
CA ASN H 481 -0.69 -12.20 103.17
C ASN H 481 -1.04 -11.87 101.74
N VAL H 482 -1.07 -12.88 100.86
CA VAL H 482 -1.49 -12.68 99.47
C VAL H 482 -2.97 -12.34 99.43
N GLU H 483 -3.77 -12.96 100.32
CA GLU H 483 -5.16 -12.58 100.50
C GLU H 483 -5.31 -11.14 100.96
N ALA H 484 -4.44 -10.68 101.85
CA ALA H 484 -4.51 -9.31 102.35
C ALA H 484 -4.06 -8.31 101.29
N THR H 485 -2.97 -8.63 100.57
CA THR H 485 -2.45 -7.76 99.52
C THR H 485 -3.41 -7.64 98.34
N SER H 486 -4.26 -8.66 98.13
CA SER H 486 -5.24 -8.66 97.04
C SER H 486 -6.31 -7.60 97.24
N TYR H 487 -6.78 -7.40 98.48
CA TYR H 487 -7.74 -6.32 98.75
C TYR H 487 -7.06 -4.96 98.62
N ALA H 488 -5.80 -4.86 99.03
CA ALA H 488 -5.09 -3.58 99.00
C ALA H 488 -4.74 -3.14 97.59
N LEU H 489 -4.50 -4.10 96.68
CA LEU H 489 -4.30 -3.76 95.28
C LEU H 489 -5.59 -3.24 94.65
N LEU H 490 -6.73 -3.78 95.08
CA LEU H 490 -8.03 -3.25 94.67
C LEU H 490 -8.28 -1.86 95.22
N ALA H 491 -7.74 -1.56 96.41
CA ALA H 491 -7.86 -0.22 96.97
C ALA H 491 -7.04 0.78 96.19
N LEU H 492 -5.82 0.38 95.77
CA LEU H 492 -4.97 1.25 94.96
C LEU H 492 -5.57 1.54 93.59
N LEU H 493 -6.24 0.54 93.00
CA LEU H 493 -6.94 0.77 91.75
C LEU H 493 -8.19 1.61 91.94
N GLN H 494 -8.87 1.47 93.08
CA GLN H 494 -10.03 2.30 93.37
C GLN H 494 -9.63 3.74 93.67
N LEU H 495 -8.52 3.94 94.41
CA LEU H 495 -8.03 5.26 94.72
C LEU H 495 -7.36 5.96 93.54
N LYS H 496 -7.06 5.22 92.46
CA LYS H 496 -6.41 5.71 91.23
C LYS H 496 -5.03 6.30 91.52
N ASP H 497 -4.29 5.65 92.41
CA ASP H 497 -2.89 5.97 92.70
C ASP H 497 -2.06 4.84 92.13
N PHE H 498 -1.49 5.06 90.94
CA PHE H 498 -0.79 4.01 90.19
C PHE H 498 0.72 4.07 90.33
N ASP H 499 1.25 4.95 91.18
CA ASP H 499 2.69 4.93 91.43
C ASP H 499 3.09 3.75 92.31
N PHE H 500 2.20 3.34 93.21
CA PHE H 500 2.46 2.28 94.16
C PHE H 500 2.03 0.91 93.65
N VAL H 501 1.30 0.86 92.54
CA VAL H 501 0.77 -0.37 91.95
C VAL H 501 1.82 -1.29 91.31
N PRO H 502 2.75 -0.86 90.41
CA PRO H 502 3.63 -1.85 89.72
C PRO H 502 4.60 -2.64 90.61
N PRO H 503 5.11 -2.15 91.76
CA PRO H 503 5.78 -3.11 92.65
C PRO H 503 4.87 -4.17 93.27
N VAL H 504 3.58 -3.87 93.48
CA VAL H 504 2.68 -4.85 94.09
C VAL H 504 2.37 -5.99 93.11
N VAL H 505 2.09 -5.65 91.85
CA VAL H 505 1.76 -6.64 90.83
C VAL H 505 2.99 -7.47 90.47
N ARG H 506 4.17 -6.81 90.39
CA ARG H 506 5.43 -7.54 90.20
C ARG H 506 5.74 -8.47 91.36
N TRP H 507 5.37 -8.08 92.59
CA TRP H 507 5.53 -8.98 93.73
C TRP H 507 4.58 -10.16 93.63
N LEU H 508 3.35 -9.94 93.14
CA LEU H 508 2.38 -11.02 93.00
C LEU H 508 2.79 -12.04 91.94
N ASN H 509 3.41 -11.57 90.85
CA ASN H 509 3.91 -12.50 89.84
C ASN H 509 5.14 -13.26 90.33
N GLU H 510 5.97 -12.63 91.17
CA GLU H 510 7.17 -13.30 91.68
C GLU H 510 6.83 -14.38 92.70
N GLN H 511 5.70 -14.26 93.40
CA GLN H 511 5.30 -15.33 94.32
C GLN H 511 4.86 -16.59 93.59
N ARG H 512 4.36 -16.43 92.36
CA ARG H 512 3.90 -17.50 91.47
C ARG H 512 2.79 -18.35 92.11
N TYR H 513 1.72 -17.66 92.50
CA TYR H 513 0.58 -18.32 93.12
C TYR H 513 -0.46 -18.65 92.05
N TYR H 514 -0.88 -19.91 92.00
CA TYR H 514 -1.79 -20.39 90.97
C TYR H 514 -3.10 -20.91 91.54
N GLY H 515 -3.34 -20.70 92.83
CA GLY H 515 -4.59 -21.08 93.45
C GLY H 515 -4.77 -22.58 93.65
N GLY H 516 -5.94 -22.93 94.17
CA GLY H 516 -6.24 -24.30 94.54
C GLY H 516 -5.59 -24.71 95.85
N GLY H 517 -6.12 -25.78 96.41
CA GLY H 517 -5.61 -26.33 97.66
C GLY H 517 -6.59 -26.17 98.80
N TYR H 518 -6.28 -26.89 99.88
CA TYR H 518 -7.05 -26.86 101.12
C TYR H 518 -7.00 -25.48 101.76
N GLY H 519 -8.17 -24.87 101.94
CA GLY H 519 -8.26 -23.55 102.54
C GLY H 519 -7.75 -22.42 101.65
N SER H 520 -8.12 -22.43 100.37
CA SER H 520 -7.60 -21.47 99.40
C SER H 520 -8.68 -20.66 98.73
N THR H 521 -9.93 -20.72 99.20
CA THR H 521 -11.08 -20.19 98.47
C THR H 521 -11.06 -18.67 98.40
N GLN H 522 -10.79 -17.99 99.52
CA GLN H 522 -10.74 -16.54 99.52
C GLN H 522 -9.51 -16.01 98.80
N ALA H 523 -8.36 -16.68 98.98
CA ALA H 523 -7.10 -16.21 98.41
C ALA H 523 -7.09 -16.31 96.89
N THR H 524 -7.59 -17.42 96.34
CA THR H 524 -7.60 -17.63 94.88
C THR H 524 -8.55 -16.67 94.19
N PHE H 525 -9.73 -16.45 94.77
CA PHE H 525 -10.76 -15.63 94.14
C PHE H 525 -10.35 -14.15 94.10
N MET H 526 -9.72 -13.66 95.18
CA MET H 526 -9.39 -12.24 95.22
C MET H 526 -8.13 -11.89 94.44
N VAL H 527 -7.16 -12.80 94.34
CA VAL H 527 -5.90 -12.46 93.66
C VAL H 527 -6.11 -12.36 92.15
N PHE H 528 -7.03 -13.13 91.59
CA PHE H 528 -7.23 -13.07 90.15
C PHE H 528 -8.19 -11.94 89.76
N GLN H 529 -9.12 -11.59 90.66
CA GLN H 529 -9.94 -10.40 90.46
C GLN H 529 -9.09 -9.13 90.54
N ALA H 530 -8.08 -9.14 91.40
CA ALA H 530 -7.13 -8.03 91.47
C ALA H 530 -6.30 -7.93 90.20
N LEU H 531 -5.81 -9.08 89.71
CA LEU H 531 -5.12 -9.10 88.42
C LEU H 531 -6.07 -8.85 87.25
N ALA H 532 -7.36 -9.18 87.39
CA ALA H 532 -8.32 -8.83 86.33
C ALA H 532 -8.58 -7.33 86.32
N GLN H 533 -8.79 -6.73 87.50
CA GLN H 533 -9.01 -5.28 87.57
C GLN H 533 -7.72 -4.51 87.32
N TYR H 534 -6.54 -5.14 87.51
CA TYR H 534 -5.29 -4.54 87.05
C TYR H 534 -5.27 -4.40 85.53
N GLN H 535 -5.73 -5.43 84.81
CA GLN H 535 -6.05 -5.28 83.39
C GLN H 535 -7.44 -4.65 83.24
N LYS H 536 -8.30 -5.22 82.37
CA LYS H 536 -9.68 -4.76 82.10
C LYS H 536 -9.73 -3.29 81.68
N ASP H 537 -9.52 -2.40 82.65
CA ASP H 537 -9.22 -1.00 82.42
C ASP H 537 -7.76 -0.74 82.82
N ALA H 538 -6.85 -1.32 82.04
CA ALA H 538 -5.43 -1.30 82.37
C ALA H 538 -4.84 0.10 82.22
N PRO H 539 -3.93 0.51 83.11
CA PRO H 539 -3.24 1.80 82.94
C PRO H 539 -2.32 1.80 81.73
N ASP H 540 -2.19 2.99 81.13
CA ASP H 540 -1.45 3.18 79.90
C ASP H 540 -0.98 4.62 79.86
N HIS H 541 0.14 4.86 79.18
CA HIS H 541 0.80 6.17 79.22
C HIS H 541 0.07 7.25 78.44
N GLN H 542 -0.88 6.90 77.58
CA GLN H 542 -1.52 7.89 76.74
C GLN H 542 -2.53 8.72 77.54
N GLU H 543 -2.51 10.03 77.29
CA GLU H 543 -3.49 10.95 77.88
C GLU H 543 -3.76 12.13 76.95
N LEU H 544 -3.58 11.91 75.64
CA LEU H 544 -3.65 12.98 74.65
C LEU H 544 -5.06 13.53 74.53
N ASN H 545 -5.17 14.85 74.57
CA ASN H 545 -6.43 15.58 74.60
C ASN H 545 -6.14 16.97 74.06
N LEU H 546 -5.18 17.05 73.13
CA LEU H 546 -4.69 18.33 72.66
C LEU H 546 -5.69 19.00 71.73
N ASP H 547 -5.88 20.30 71.96
CA ASP H 547 -6.67 21.16 71.08
C ASP H 547 -5.73 22.25 70.58
N VAL H 548 -5.33 22.14 69.32
CA VAL H 548 -4.36 23.05 68.74
C VAL H 548 -5.04 23.81 67.62
N SER H 549 -4.86 25.13 67.59
CA SER H 549 -5.44 25.98 66.57
C SER H 549 -4.38 26.92 66.03
N LEU H 550 -4.54 27.31 64.76
CA LEU H 550 -3.61 28.19 64.08
C LEU H 550 -4.31 29.46 63.64
N GLN H 551 -3.58 30.56 63.67
CA GLN H 551 -4.09 31.86 63.22
C GLN H 551 -3.38 32.22 61.92
N LEU H 552 -4.12 32.19 60.82
CA LEU H 552 -3.57 32.26 59.48
C LEU H 552 -3.15 33.68 59.12
N PRO H 553 -2.25 33.85 58.15
CA PRO H 553 -2.03 35.18 57.60
C PRO H 553 -3.20 35.69 56.79
N SER H 554 -3.92 34.81 56.09
CA SER H 554 -5.15 35.21 55.43
C SER H 554 -6.27 35.45 56.45
N ARG H 555 -6.34 34.58 57.47
CA ARG H 555 -7.14 34.75 58.70
C ARG H 555 -8.65 34.78 58.44
N SER H 556 -9.11 34.19 57.33
CA SER H 556 -10.54 34.08 57.09
C SER H 556 -11.19 33.06 58.02
N SER H 557 -10.41 32.09 58.49
CA SER H 557 -10.84 31.11 59.47
C SER H 557 -9.61 30.61 60.21
N LYS H 558 -9.84 29.92 61.32
CA LYS H 558 -8.77 29.37 62.14
C LYS H 558 -8.77 27.86 61.98
N ILE H 559 -7.69 27.32 61.44
CA ILE H 559 -7.54 25.88 61.27
C ILE H 559 -7.38 25.25 62.65
N THR H 560 -8.26 24.31 62.99
CA THR H 560 -8.29 23.71 64.31
C THR H 560 -8.47 22.21 64.16
N HIS H 561 -7.63 21.44 64.84
CA HIS H 561 -7.70 19.99 64.84
C HIS H 561 -7.61 19.49 66.28
N ARG H 562 -7.79 18.18 66.45
CA ARG H 562 -7.69 17.54 67.75
C ARG H 562 -6.78 16.34 67.66
N ILE H 563 -6.07 16.06 68.75
CA ILE H 563 -5.14 14.94 68.84
C ILE H 563 -5.59 14.06 70.00
N HIS H 564 -5.88 12.80 69.71
CA HIS H 564 -6.25 11.84 70.73
C HIS H 564 -5.41 10.58 70.49
N TRP H 565 -5.86 9.44 71.00
CA TRP H 565 -5.05 8.23 70.93
C TRP H 565 -5.06 7.59 69.53
N GLU H 566 -6.22 7.61 68.86
CA GLU H 566 -6.33 7.05 67.52
C GLU H 566 -5.56 7.87 66.48
N SER H 567 -5.21 9.11 66.78
CA SER H 567 -4.43 9.96 65.89
C SER H 567 -3.08 10.31 66.49
N ALA H 568 -2.56 9.44 67.36
CA ALA H 568 -1.26 9.68 68.01
C ALA H 568 -0.11 9.65 67.01
N SER H 569 -0.08 8.63 66.15
CA SER H 569 0.92 8.54 65.10
C SER H 569 0.39 9.04 63.75
N LEU H 570 -0.73 9.77 63.75
CA LEU H 570 -1.29 10.30 62.52
C LEU H 570 -0.68 11.66 62.22
N LEU H 571 -0.34 11.87 60.95
CA LEU H 571 0.25 13.11 60.49
C LEU H 571 -0.85 14.08 60.04
N ARG H 572 -0.68 15.35 60.39
CA ARG H 572 -1.58 16.40 59.94
C ARG H 572 -0.74 17.49 59.29
N SER H 573 -1.02 17.79 58.03
CA SER H 573 -0.21 18.71 57.27
C SER H 573 -1.07 19.71 56.54
N GLU H 574 -0.53 20.93 56.36
CA GLU H 574 -1.19 21.99 55.62
C GLU H 574 -0.17 22.73 54.78
N GLU H 575 -0.61 23.25 53.64
CA GLU H 575 0.24 23.93 52.68
C GLU H 575 -0.28 25.34 52.44
N THR H 576 0.64 26.29 52.31
CA THR H 576 0.33 27.62 51.82
C THR H 576 1.07 27.85 50.51
N LYS H 577 0.77 28.99 49.87
CA LYS H 577 1.43 29.38 48.63
C LYS H 577 2.28 30.64 48.80
N GLU H 578 2.49 31.09 50.03
CA GLU H 578 3.23 32.32 50.29
C GLU H 578 3.88 32.24 51.65
N ASN H 579 5.12 32.68 51.73
CA ASN H 579 5.90 32.65 52.96
C ASN H 579 5.37 33.72 53.91
N GLU H 580 4.71 33.31 54.99
CA GLU H 580 4.21 34.25 55.97
C GLU H 580 4.21 33.61 57.35
N GLY H 581 4.22 34.46 58.37
CA GLY H 581 4.19 33.99 59.74
C GLY H 581 2.78 33.76 60.24
N PHE H 582 2.71 33.06 61.36
CA PHE H 582 1.44 32.66 61.95
C PHE H 582 1.67 32.37 63.43
N THR H 583 0.58 32.06 64.12
CA THR H 583 0.58 31.83 65.56
C THR H 583 0.04 30.43 65.82
N VAL H 584 0.71 29.70 66.72
CA VAL H 584 0.26 28.38 67.14
C VAL H 584 -0.24 28.51 68.57
N THR H 585 -1.44 27.99 68.83
CA THR H 585 -2.02 27.98 70.17
C THR H 585 -2.41 26.55 70.48
N ALA H 586 -1.83 26.00 71.55
CA ALA H 586 -2.09 24.63 71.94
C ALA H 586 -2.60 24.61 73.38
N GLU H 587 -3.61 23.78 73.62
CA GLU H 587 -4.24 23.66 74.93
C GLU H 587 -4.57 22.21 75.20
N GLY H 588 -4.27 21.76 76.41
CA GLY H 588 -4.69 20.46 76.88
C GLY H 588 -3.53 19.56 77.24
N LYS H 589 -3.88 18.42 77.82
CA LYS H 589 -2.90 17.40 78.17
C LYS H 589 -2.38 16.70 76.92
N GLY H 590 -1.13 16.25 76.98
CA GLY H 590 -0.49 15.57 75.87
C GLY H 590 0.78 16.26 75.42
N GLN H 591 1.36 15.71 74.36
CA GLN H 591 2.62 16.21 73.82
C GLN H 591 2.70 15.85 72.35
N GLY H 592 3.27 16.73 71.55
CA GLY H 592 3.41 16.49 70.12
C GLY H 592 4.61 17.18 69.51
N THR H 593 4.72 17.14 68.18
CA THR H 593 5.84 17.72 67.46
C THR H 593 5.32 18.58 66.31
N LEU H 594 5.80 19.82 66.24
CA LEU H 594 5.54 20.74 65.13
C LEU H 594 6.78 20.83 64.26
N SER H 595 6.58 20.82 62.94
CA SER H 595 7.67 20.99 62.00
C SER H 595 7.21 21.84 60.82
N VAL H 596 8.03 22.81 60.44
CA VAL H 596 7.72 23.76 59.38
C VAL H 596 8.86 23.77 58.38
N VAL H 597 8.55 23.50 57.11
CA VAL H 597 9.53 23.43 56.03
C VAL H 597 9.05 24.33 54.90
N THR H 598 9.95 25.17 54.38
CA THR H 598 9.65 26.00 53.22
C THR H 598 10.39 25.48 51.98
N MET H 599 9.69 25.47 50.85
CA MET H 599 10.26 25.06 49.58
C MET H 599 10.04 26.17 48.56
N TYR H 600 11.11 26.56 47.86
CA TYR H 600 11.04 27.73 46.98
C TYR H 600 12.14 27.64 45.93
N HIS H 601 12.09 28.57 44.98
CA HIS H 601 13.16 28.76 44.00
C HIS H 601 14.15 29.77 44.57
N ALA H 602 15.38 29.33 44.79
CA ALA H 602 16.45 30.21 45.23
C ALA H 602 17.35 30.49 44.04
N LYS H 603 17.89 31.72 43.99
CA LYS H 603 18.79 32.13 42.92
C LYS H 603 20.07 31.29 42.93
N ALA H 604 20.58 30.99 41.74
CA ALA H 604 21.71 30.08 41.58
C ALA H 604 22.98 30.65 42.20
N LYS H 605 23.84 29.76 42.68
CA LYS H 605 25.05 30.13 43.39
C LYS H 605 26.25 30.13 42.45
N ASP H 606 26.10 30.92 41.38
CA ASP H 606 27.02 31.01 40.23
C ASP H 606 27.26 29.63 39.60
N GLN H 607 26.23 28.79 39.61
CA GLN H 607 26.35 27.42 39.10
C GLN H 607 26.41 27.45 37.58
N LEU H 608 27.48 26.89 37.03
CA LEU H 608 27.65 26.81 35.59
C LEU H 608 27.02 25.52 35.12
N THR H 609 26.17 25.61 34.09
CA THR H 609 25.54 24.44 33.50
C THR H 609 26.56 23.50 32.86
N CYS H 610 27.69 24.04 32.40
CA CYS H 610 28.82 23.26 31.93
C CYS H 610 29.72 22.80 33.08
N ASN H 611 29.13 22.23 34.12
CA ASN H 611 29.91 21.64 35.21
C ASN H 611 30.59 20.38 34.73
N LYS H 612 31.83 20.19 35.18
CA LYS H 612 32.76 19.07 34.94
C LYS H 612 33.32 19.01 33.51
N PHE H 613 33.07 19.99 32.67
CA PHE H 613 33.57 19.96 31.30
C PHE H 613 34.11 21.31 30.88
N ASP H 614 35.34 21.33 30.38
CA ASP H 614 35.94 22.52 29.77
C ASP H 614 35.83 22.39 28.26
N LEU H 615 34.71 22.82 27.70
CA LEU H 615 34.43 22.65 26.28
C LEU H 615 34.76 23.93 25.52
N LYS H 616 35.60 23.80 24.49
CA LYS H 616 36.05 24.93 23.67
C LYS H 616 35.79 24.63 22.21
N VAL H 617 35.21 25.59 21.50
CA VAL H 617 34.88 25.47 20.07
C VAL H 617 35.47 26.66 19.34
N THR H 618 36.19 26.40 18.24
CA THR H 618 36.86 27.43 17.45
C THR H 618 36.59 27.19 15.98
N ILE H 619 36.05 28.21 15.29
CA ILE H 619 35.85 28.17 13.85
C ILE H 619 36.75 29.23 13.20
N LYS H 620 37.50 28.81 12.17
CA LYS H 620 38.46 29.67 11.48
C LYS H 620 38.48 29.31 10.01
N PRO H 621 38.60 30.29 9.12
CA PRO H 621 38.81 29.99 7.71
C PRO H 621 40.22 29.46 7.48
N ALA H 622 40.33 28.52 6.55
CA ALA H 622 41.64 27.95 6.22
C ALA H 622 42.47 28.99 5.45
N PRO H 623 43.78 29.11 5.78
CA PRO H 623 44.61 30.15 5.17
C PRO H 623 44.90 29.94 3.69
N GLU H 624 46.02 29.30 3.37
CA GLU H 624 46.36 28.96 1.99
C GLU H 624 46.82 27.51 1.86
N THR H 625 46.65 26.70 2.91
CA THR H 625 47.08 25.30 2.89
C THR H 625 46.31 24.47 1.87
N GLU H 626 45.04 24.78 1.65
CA GLU H 626 44.27 24.17 0.58
C GLU H 626 44.42 24.93 -0.73
N LYS H 627 44.56 26.26 -0.67
CA LYS H 627 44.54 27.09 -1.87
C LYS H 627 45.86 27.09 -2.63
N ARG H 628 46.99 26.80 -1.97
CA ARG H 628 48.27 26.76 -2.68
C ARG H 628 48.41 25.60 -3.67
N PRO H 629 48.01 24.30 -3.35
CA PRO H 629 48.07 23.29 -4.43
C PRO H 629 46.90 23.27 -5.40
N GLN H 630 46.32 24.45 -5.67
CA GLN H 630 45.29 24.70 -6.68
C GLN H 630 43.98 23.94 -6.39
N ASP H 631 43.70 23.71 -5.11
CA ASP H 631 42.44 23.18 -4.63
C ASP H 631 41.52 24.26 -4.07
N ALA H 632 41.84 25.53 -4.32
CA ALA H 632 41.21 26.72 -3.72
C ALA H 632 39.69 26.77 -3.81
N LYS H 633 39.06 27.05 -2.67
CA LYS H 633 37.62 27.20 -2.54
C LYS H 633 37.32 27.99 -1.27
N ASN H 634 36.04 28.25 -1.04
CA ASN H 634 35.60 28.83 0.24
C ASN H 634 35.72 27.77 1.33
N THR H 635 36.68 27.93 2.24
CA THR H 635 37.02 26.88 3.17
C THR H 635 37.13 27.40 4.60
N MET H 636 36.60 26.62 5.55
CA MET H 636 36.72 26.90 6.97
C MET H 636 37.01 25.59 7.70
N ILE H 637 37.66 25.69 8.86
CA ILE H 637 38.06 24.54 9.66
C ILE H 637 37.44 24.69 11.05
N LEU H 638 36.81 23.62 11.54
CA LEU H 638 36.21 23.60 12.86
C LEU H 638 37.08 22.78 13.82
N GLU H 639 37.41 23.37 14.96
CA GLU H 639 38.24 22.72 15.97
C GLU H 639 37.46 22.62 17.28
N ILE H 640 37.43 21.42 17.86
CA ILE H 640 36.70 21.14 19.09
C ILE H 640 37.68 20.55 20.10
N CYS H 641 37.60 21.00 21.35
CA CYS H 641 38.44 20.49 22.43
C CYS H 641 37.61 20.36 23.70
N THR H 642 37.92 19.37 24.52
CA THR H 642 37.26 19.23 25.82
C THR H 642 38.19 18.57 26.82
N ARG H 643 37.84 18.74 28.09
CA ARG H 643 38.56 18.16 29.22
C ARG H 643 37.57 17.93 30.35
N TYR H 644 37.70 16.79 31.03
CA TYR H 644 36.88 16.48 32.18
C TYR H 644 37.50 17.11 33.43
N ARG H 645 36.65 17.56 34.36
CA ARG H 645 37.14 18.23 35.56
C ARG H 645 37.20 17.32 36.78
N GLY H 646 36.68 16.10 36.70
CA GLY H 646 36.64 15.21 37.85
C GLY H 646 38.01 14.66 38.23
N ASP H 647 38.02 13.90 39.32
CA ASP H 647 39.26 13.38 39.88
C ASP H 647 39.85 12.22 39.08
N GLN H 648 39.06 11.62 38.17
CA GLN H 648 39.54 10.54 37.32
C GLN H 648 39.12 10.84 35.88
N ASP H 649 39.70 10.07 34.96
CA ASP H 649 39.34 10.16 33.54
C ASP H 649 37.91 9.70 33.32
N ALA H 650 37.14 10.48 32.59
CA ALA H 650 35.79 10.05 32.23
C ALA H 650 35.87 9.07 31.08
N THR H 651 34.96 8.09 31.09
CA THR H 651 35.00 7.03 30.10
C THR H 651 34.32 7.43 28.80
N MET H 652 33.45 6.57 28.27
CA MET H 652 32.92 6.78 26.93
C MET H 652 31.92 7.92 26.87
N SER H 653 32.15 8.85 25.94
CA SER H 653 31.30 10.00 25.74
C SER H 653 31.00 10.15 24.25
N ILE H 654 30.02 10.99 23.94
CA ILE H 654 29.43 11.10 22.60
C ILE H 654 29.42 12.57 22.21
N LEU H 655 29.81 12.85 20.96
CA LEU H 655 29.83 14.21 20.43
C LEU H 655 28.63 14.43 19.51
N ASP H 656 27.78 15.39 19.86
CA ASP H 656 26.65 15.80 19.04
C ASP H 656 26.99 17.13 18.39
N ILE H 657 27.23 17.11 17.08
CA ILE H 657 27.67 18.27 16.31
C ILE H 657 26.62 18.58 15.26
N SER H 658 26.28 19.87 15.11
CA SER H 658 25.39 20.34 14.07
C SER H 658 26.12 21.36 13.22
N MET H 659 26.05 21.20 11.90
CA MET H 659 26.71 22.11 10.97
C MET H 659 26.02 23.47 10.94
N MET H 660 26.79 24.48 10.54
CA MET H 660 26.19 25.72 10.04
C MET H 660 25.43 25.42 8.75
N THR H 661 24.39 26.20 8.48
CA THR H 661 23.49 25.88 7.37
C THR H 661 24.17 26.09 6.02
N GLY H 662 23.96 25.12 5.13
CA GLY H 662 24.62 25.15 3.86
C GLY H 662 26.09 24.79 3.88
N PHE H 663 26.58 24.20 4.96
CA PHE H 663 27.97 23.80 5.06
C PHE H 663 28.09 22.28 5.05
N ALA H 664 29.03 21.77 4.25
CA ALA H 664 29.25 20.34 4.11
C ALA H 664 30.69 20.01 4.51
N PRO H 665 30.90 19.04 5.38
CA PRO H 665 32.26 18.72 5.81
C PRO H 665 33.04 17.94 4.75
N ASP H 666 34.37 18.06 4.85
CA ASP H 666 35.25 17.24 4.05
C ASP H 666 35.21 15.80 4.57
N THR H 667 34.99 14.86 3.67
CA THR H 667 34.74 13.47 4.06
C THR H 667 36.01 12.81 4.56
N ASP H 668 37.12 12.98 3.84
CA ASP H 668 38.37 12.25 4.09
C ASP H 668 39.03 12.61 5.42
N ASP H 669 38.73 13.78 5.99
CA ASP H 669 39.23 14.12 7.32
C ASP H 669 38.61 13.22 8.38
N LEU H 670 37.33 12.89 8.23
CA LEU H 670 36.63 12.03 9.18
C LEU H 670 37.00 10.56 9.04
N LYS H 671 37.57 10.16 7.88
CA LYS H 671 38.07 8.79 7.72
C LYS H 671 39.23 8.49 8.67
N GLN H 672 40.12 9.46 8.87
CA GLN H 672 41.22 9.31 9.82
C GLN H 672 40.71 9.25 11.25
N LEU H 673 39.67 10.03 11.57
CA LEU H 673 39.14 10.07 12.93
C LEU H 673 38.38 8.80 13.28
N ALA H 674 37.61 8.26 12.33
CA ALA H 674 36.80 7.07 12.60
C ALA H 674 37.67 5.83 12.79
N ASN H 675 38.75 5.72 12.01
CA ASN H 675 39.65 4.57 12.11
C ASN H 675 40.67 4.70 13.24
N GLY H 676 40.76 5.87 13.86
CA GLY H 676 41.70 6.05 14.97
C GLY H 676 41.30 5.26 16.20
N VAL H 677 42.31 4.95 17.02
CA VAL H 677 42.08 4.21 18.26
C VAL H 677 41.32 5.08 19.26
N ASP H 678 40.49 4.42 20.09
CA ASP H 678 39.58 4.99 21.08
C ASP H 678 38.51 5.89 20.47
N ARG H 679 38.29 5.80 19.16
CA ARG H 679 37.36 6.66 18.41
C ARG H 679 36.64 5.82 17.38
N TYR H 680 35.39 6.16 17.12
CA TYR H 680 34.57 5.42 16.17
C TYR H 680 33.45 6.33 15.70
N ILE H 681 33.08 6.20 14.43
CA ILE H 681 31.88 6.82 13.86
C ILE H 681 31.05 5.70 13.26
N SER H 682 29.76 5.68 13.59
CA SER H 682 28.85 4.63 13.12
C SER H 682 28.71 4.64 11.60
N LYS H 683 28.57 3.43 11.03
CA LYS H 683 28.68 3.23 9.58
C LYS H 683 27.56 3.93 8.81
N TYR H 684 26.30 3.75 9.27
CA TYR H 684 25.13 4.36 8.64
C TYR H 684 25.21 5.88 8.62
N GLU H 685 25.83 6.48 9.63
CA GLU H 685 26.13 7.91 9.57
C GLU H 685 27.31 8.17 8.63
N LEU H 686 28.31 7.29 8.63
CA LEU H 686 29.60 7.57 8.00
C LEU H 686 29.52 7.55 6.47
N ASP H 687 28.87 6.54 5.88
CA ASP H 687 28.98 6.32 4.45
C ASP H 687 28.10 7.23 3.61
N LYS H 688 27.12 7.91 4.22
CA LYS H 688 26.24 8.83 3.49
C LYS H 688 27.00 10.08 3.09
N ALA H 689 27.40 10.87 4.10
CA ALA H 689 28.27 12.05 4.00
C ALA H 689 27.74 13.13 3.07
N PHE H 690 28.64 14.00 2.62
CA PHE H 690 28.47 15.03 1.57
C PHE H 690 27.41 16.04 2.01
N SER H 691 26.53 16.48 1.09
CA SER H 691 25.68 17.65 1.31
C SER H 691 24.55 17.38 2.32
N ASP H 692 24.02 16.16 2.38
CA ASP H 692 22.93 15.87 3.30
C ASP H 692 23.37 15.64 4.75
N ARG H 693 24.65 15.87 5.08
CA ARG H 693 25.15 15.75 6.45
C ARG H 693 24.92 17.07 7.17
N ASN H 694 24.01 17.07 8.14
CA ASN H 694 23.78 18.22 9.01
C ASN H 694 24.03 17.92 10.48
N THR H 695 23.63 16.75 10.97
CA THR H 695 23.90 16.33 12.34
C THR H 695 24.93 15.20 12.31
N LEU H 696 25.96 15.32 13.14
CA LEU H 696 27.06 14.36 13.19
C LEU H 696 27.18 13.79 14.59
N ILE H 697 27.38 12.47 14.67
CA ILE H 697 27.52 11.76 15.95
C ILE H 697 28.90 11.12 15.97
N ILE H 698 29.72 11.51 16.94
CA ILE H 698 31.09 11.01 17.10
C ILE H 698 31.21 10.43 18.51
N TYR H 699 31.74 9.22 18.61
CA TYR H 699 31.91 8.53 19.88
C TYR H 699 33.39 8.52 20.27
N LEU H 700 33.66 8.97 21.50
CA LEU H 700 35.00 8.93 22.08
C LEU H 700 35.00 7.94 23.24
N ASP H 701 36.04 7.11 23.31
CA ASP H 701 36.08 6.07 24.35
C ASP H 701 36.52 6.61 25.71
N LYS H 702 37.29 7.70 25.75
CA LYS H 702 37.72 8.32 27.00
C LYS H 702 38.11 9.76 26.73
N VAL H 703 38.06 10.58 27.78
CA VAL H 703 38.58 11.93 27.75
C VAL H 703 39.48 12.12 28.97
N SER H 704 40.62 12.78 28.75
CA SER H 704 41.57 13.02 29.83
C SER H 704 41.06 14.08 30.79
N HIS H 705 41.43 13.94 32.06
CA HIS H 705 41.06 14.95 33.06
C HIS H 705 42.18 15.96 33.33
N SER H 706 43.38 15.69 32.84
CA SER H 706 44.53 16.57 33.09
C SER H 706 44.72 17.60 31.98
N GLU H 707 44.49 17.22 30.73
CA GLU H 707 44.70 18.10 29.58
C GLU H 707 43.62 17.84 28.54
N ASP H 708 43.57 18.71 27.54
CA ASP H 708 42.49 18.70 26.57
C ASP H 708 42.68 17.64 25.49
N ASP H 709 41.58 17.00 25.10
CA ASP H 709 41.53 16.13 23.93
C ASP H 709 40.83 16.87 22.79
N CYS H 710 41.41 16.79 21.58
CA CYS H 710 40.96 17.63 20.49
C CYS H 710 40.86 16.85 19.19
N LEU H 711 40.13 17.44 18.23
CA LEU H 711 40.00 16.95 16.87
C LEU H 711 39.58 18.10 15.98
N ALA H 712 39.71 17.90 14.66
CA ALA H 712 39.39 18.96 13.70
C ALA H 712 39.07 18.35 12.35
N PHE H 713 38.24 19.08 11.58
CA PHE H 713 37.92 18.74 10.21
C PHE H 713 37.47 20.01 9.49
N LYS H 714 37.49 19.95 8.16
CA LYS H 714 37.16 21.09 7.31
C LYS H 714 35.66 21.14 7.02
N VAL H 715 35.17 22.34 6.72
CA VAL H 715 33.80 22.56 6.25
C VAL H 715 33.84 23.54 5.08
N HIS H 716 32.85 23.41 4.18
CA HIS H 716 32.77 24.25 3.00
C HIS H 716 31.31 24.63 2.73
N GLN H 717 31.08 25.89 2.36
CA GLN H 717 29.74 26.37 2.04
C GLN H 717 29.40 26.06 0.58
N TYR H 718 28.12 25.69 0.35
CA TYR H 718 27.61 25.46 -1.00
C TYR H 718 26.26 26.12 -1.28
N PHE H 719 25.64 26.77 -0.29
CA PHE H 719 24.26 27.19 -0.41
C PHE H 719 24.08 28.64 -0.85
N ASN H 720 25.09 29.49 -0.59
CA ASN H 720 25.15 30.91 -0.96
C ASN H 720 24.00 31.69 -0.31
N VAL H 721 24.11 31.81 1.01
CA VAL H 721 23.11 32.50 1.82
C VAL H 721 23.83 33.40 2.82
N GLU H 722 23.27 34.58 3.06
CA GLU H 722 23.75 35.46 4.11
C GLU H 722 22.95 35.20 5.38
N LEU H 723 23.49 35.68 6.51
CA LEU H 723 23.02 35.44 7.87
C LEU H 723 22.88 33.94 8.15
N ILE H 724 24.04 33.28 8.13
CA ILE H 724 24.08 31.83 8.29
C ILE H 724 23.74 31.44 9.73
N GLN H 725 23.12 30.28 9.86
CA GLN H 725 22.77 29.76 11.17
C GLN H 725 24.02 29.24 11.87
N PRO H 726 24.23 29.58 13.15
CA PRO H 726 25.37 29.03 13.88
C PRO H 726 25.22 27.54 14.13
N GLY H 727 26.36 26.87 14.28
CA GLY H 727 26.39 25.47 14.63
C GLY H 727 26.45 25.26 16.14
N ALA H 728 26.42 24.00 16.54
CA ALA H 728 26.38 23.67 17.96
C ALA H 728 27.11 22.36 18.22
N VAL H 729 27.76 22.28 19.38
CA VAL H 729 28.45 21.07 19.83
C VAL H 729 27.99 20.80 21.26
N LYS H 730 27.43 19.62 21.50
CA LYS H 730 26.98 19.20 22.82
C LYS H 730 27.76 17.96 23.24
N VAL H 731 28.15 17.91 24.51
CA VAL H 731 28.91 16.78 25.05
C VAL H 731 28.10 16.15 26.19
N TYR H 732 28.14 14.82 26.26
CA TYR H 732 27.49 14.05 27.32
C TYR H 732 28.04 12.63 27.29
N ALA H 733 27.65 11.85 28.29
CA ALA H 733 28.02 10.44 28.40
C ALA H 733 26.77 9.57 28.27
N TYR H 734 26.99 8.27 28.02
CA TYR H 734 25.88 7.36 27.78
C TYR H 734 25.11 7.03 29.06
N TYR H 735 25.74 7.15 30.23
CA TYR H 735 25.07 6.87 31.49
C TYR H 735 24.40 8.10 32.09
N ASN H 736 24.67 9.29 31.57
CA ASN H 736 24.12 10.52 32.13
C ASN H 736 24.06 11.57 31.02
N LEU H 737 22.85 11.90 30.59
CA LEU H 737 22.63 12.96 29.61
C LEU H 737 22.44 14.32 30.29
N GLU H 738 22.00 14.32 31.55
CA GLU H 738 21.62 15.54 32.26
C GLU H 738 22.80 16.47 32.50
N GLU H 739 23.89 15.94 33.08
CA GLU H 739 25.11 16.73 33.16
C GLU H 739 25.75 16.80 31.78
N SER H 740 25.84 18.01 31.24
CA SER H 740 26.22 18.20 29.84
C SER H 740 26.79 19.60 29.69
N CYS H 741 27.24 19.90 28.47
CA CYS H 741 27.79 21.20 28.14
C CYS H 741 27.59 21.44 26.65
N THR H 742 27.23 22.66 26.29
CA THR H 742 26.91 22.99 24.91
C THR H 742 27.48 24.35 24.56
N ARG H 743 28.27 24.40 23.49
CA ARG H 743 28.85 25.64 23.01
C ARG H 743 28.51 25.80 21.53
N PHE H 744 28.43 27.06 21.09
CA PHE H 744 28.08 27.42 19.73
C PHE H 744 29.27 28.10 19.05
N TYR H 745 29.12 28.35 17.76
CA TYR H 745 30.17 28.98 16.97
C TYR H 745 29.57 29.70 15.77
N HIS H 746 30.20 30.80 15.40
CA HIS H 746 29.82 31.67 14.29
C HIS H 746 31.09 32.35 13.83
N PRO H 747 31.25 32.62 12.51
CA PRO H 747 32.49 33.26 12.04
C PRO H 747 32.64 34.76 12.34
N GLU H 748 31.84 35.30 13.26
CA GLU H 748 31.91 36.70 13.67
C GLU H 748 31.79 36.78 15.19
N LYS H 749 30.91 35.95 15.75
CA LYS H 749 30.64 35.96 17.18
C LYS H 749 31.50 34.91 17.87
N GLU H 750 32.07 35.30 19.03
CA GLU H 750 33.02 34.45 19.75
C GLU H 750 32.36 33.19 20.29
N ASP H 751 31.25 33.34 21.01
CA ASP H 751 30.48 32.21 21.50
C ASP H 751 29.35 31.82 20.56
N GLY H 752 29.22 32.50 19.43
CA GLY H 752 28.20 32.16 18.45
C GLY H 752 26.77 32.41 18.87
N LYS H 753 26.55 33.32 19.82
CA LYS H 753 25.24 33.56 20.39
C LYS H 753 24.51 34.73 19.76
N LEU H 754 25.03 35.26 18.65
CA LEU H 754 24.50 36.37 17.85
C LEU H 754 24.42 37.63 18.72
N ASN H 755 23.42 38.48 18.51
CA ASN H 755 23.34 39.77 19.19
C ASN H 755 22.02 39.93 19.92
N LYS H 756 22.09 40.31 21.19
CA LYS H 756 20.91 40.62 21.99
C LYS H 756 21.15 41.88 22.80
N LEU H 757 20.06 42.55 23.15
CA LEU H 757 20.09 43.70 24.05
C LEU H 757 19.37 43.29 25.34
N CYS H 758 19.87 43.77 26.48
CA CYS H 758 19.23 43.46 27.75
C CYS H 758 19.48 44.57 28.76
N ARG H 759 18.41 44.97 29.46
CA ARG H 759 18.50 45.90 30.59
C ARG H 759 18.12 45.12 31.84
N ASP H 760 19.11 44.88 32.72
CA ASP H 760 19.01 44.08 33.94
C ASP H 760 18.51 42.66 33.61
N GLU H 761 17.23 42.40 33.84
CA GLU H 761 16.65 41.09 33.55
C GLU H 761 15.82 41.06 32.28
N LEU H 762 15.45 42.21 31.73
CA LEU H 762 14.51 42.30 30.60
C LEU H 762 15.31 42.43 29.31
N CYS H 763 15.27 41.39 28.47
CA CYS H 763 16.07 41.34 27.25
C CYS H 763 15.20 41.41 26.00
N ARG H 764 15.81 41.83 24.88
CA ARG H 764 15.11 41.98 23.61
C ARG H 764 15.97 41.39 22.49
N CYS H 765 15.28 40.90 21.45
CA CYS H 765 15.92 40.44 20.23
C CYS H 765 16.65 41.58 19.52
N ALA H 766 17.80 41.25 18.88
CA ALA H 766 18.60 42.31 18.26
C ALA H 766 19.42 41.82 17.07
N GLU H 767 18.98 40.76 16.37
CA GLU H 767 19.66 40.34 15.15
C GLU H 767 19.02 41.01 13.94
N GLU H 768 19.24 42.32 13.86
CA GLU H 768 18.54 43.20 12.93
C GLU H 768 19.55 44.21 12.41
N ASN H 769 19.10 45.02 11.46
CA ASN H 769 19.82 46.23 11.14
C ASN H 769 19.66 47.22 12.29
N CYS H 770 20.59 48.18 12.37
CA CYS H 770 20.56 49.14 13.46
C CYS H 770 19.38 50.11 13.33
N PHE H 771 19.15 50.61 12.11
CA PHE H 771 17.93 51.30 11.69
C PHE H 771 17.95 51.37 10.17
N ILE H 772 16.83 51.81 9.59
CA ILE H 772 16.72 51.93 8.14
C ILE H 772 17.49 53.16 7.67
N GLN H 773 18.82 53.05 7.64
CA GLN H 773 19.68 54.15 7.20
C GLN H 773 19.56 54.33 5.69
N LYS H 774 19.40 55.58 5.27
CA LYS H 774 19.41 55.94 3.87
C LYS H 774 20.74 56.61 3.54
N SER H 775 21.17 56.48 2.29
CA SER H 775 22.51 56.90 1.87
C SER H 775 22.55 58.31 1.33
N ASP H 776 21.63 59.19 1.80
CA ASP H 776 21.49 60.61 1.47
C ASP H 776 21.13 60.93 0.02
N ASP H 777 21.14 59.95 -0.87
CA ASP H 777 20.83 60.17 -2.27
C ASP H 777 19.34 60.35 -2.50
N LYS H 778 18.51 59.69 -1.68
CA LYS H 778 17.06 59.80 -1.79
C LYS H 778 16.63 61.05 -1.02
N VAL H 779 16.78 62.20 -1.69
CA VAL H 779 16.33 63.48 -1.16
C VAL H 779 14.89 63.72 -1.63
N THR H 780 14.30 62.72 -2.28
CA THR H 780 12.91 62.74 -2.71
C THR H 780 11.97 62.56 -1.51
N LEU H 781 11.93 63.57 -0.63
CA LEU H 781 11.18 63.50 0.61
C LEU H 781 9.68 63.43 0.35
N GLU H 782 9.22 64.06 -0.74
CA GLU H 782 7.81 64.05 -1.14
C GLU H 782 7.29 62.63 -1.40
N GLU H 783 8.14 61.75 -1.93
CA GLU H 783 7.80 60.33 -1.96
C GLU H 783 7.92 59.70 -0.58
N ARG H 784 8.98 60.03 0.16
CA ARG H 784 9.27 59.39 1.45
C ARG H 784 8.24 59.75 2.51
N LEU H 785 7.80 61.00 2.56
CA LEU H 785 6.85 61.41 3.57
C LEU H 785 5.45 60.88 3.27
N ASP H 786 5.08 60.82 1.98
CA ASP H 786 3.81 60.20 1.60
C ASP H 786 3.79 58.71 1.91
N LYS H 787 4.93 58.03 1.81
CA LYS H 787 5.06 56.64 2.24
C LYS H 787 5.13 56.47 3.75
N ALA H 788 5.28 57.55 4.52
CA ALA H 788 5.20 57.45 5.97
C ALA H 788 3.78 57.31 6.47
N CYS H 789 2.78 57.50 5.61
CA CYS H 789 1.38 57.26 5.94
C CYS H 789 0.96 55.80 5.70
N GLU H 790 1.90 54.88 5.70
CA GLU H 790 1.58 53.48 5.58
C GLU H 790 1.09 52.96 6.94
N PRO H 791 0.22 51.94 6.94
CA PRO H 791 -0.41 51.49 8.21
C PRO H 791 0.53 50.90 9.26
N GLY H 792 1.80 50.63 8.94
CA GLY H 792 2.72 50.13 9.94
C GLY H 792 3.18 51.15 10.96
N VAL H 793 3.03 52.44 10.67
CA VAL H 793 3.56 53.50 11.53
C VAL H 793 2.58 53.76 12.67
N ASP H 794 3.06 53.59 13.92
CA ASP H 794 2.24 53.74 15.11
C ASP H 794 2.52 55.03 15.88
N TYR H 795 3.56 55.79 15.52
CA TYR H 795 3.84 57.10 16.11
C TYR H 795 4.71 57.87 15.14
N VAL H 796 4.51 59.19 15.09
CA VAL H 796 5.41 60.10 14.39
C VAL H 796 5.69 61.26 15.34
N TYR H 797 6.94 61.42 15.76
CA TYR H 797 7.32 62.39 16.77
C TYR H 797 8.40 63.34 16.26
N LYS H 798 8.33 64.58 16.71
CA LYS H 798 9.42 65.56 16.56
C LYS H 798 10.08 65.73 17.93
N THR H 799 11.37 65.43 18.01
CA THR H 799 12.08 65.41 19.29
C THR H 799 13.34 66.27 19.22
N ARG H 800 13.96 66.43 20.39
CA ARG H 800 15.24 67.10 20.54
C ARG H 800 16.05 66.36 21.59
N LEU H 801 17.26 65.94 21.24
CA LEU H 801 18.10 65.16 22.14
C LEU H 801 18.75 66.07 23.18
N VAL H 802 18.79 65.60 24.43
CA VAL H 802 19.31 66.38 25.55
C VAL H 802 20.62 65.80 26.09
N LYS H 803 20.62 64.52 26.48
CA LYS H 803 21.76 63.94 27.16
C LYS H 803 21.90 62.48 26.75
N VAL H 804 23.15 62.05 26.53
CA VAL H 804 23.48 60.68 26.14
C VAL H 804 24.30 60.06 27.26
N GLN H 805 23.96 58.82 27.64
CA GLN H 805 24.70 58.06 28.64
C GLN H 805 24.91 56.63 28.13
N LEU H 806 26.18 56.20 28.14
CA LEU H 806 26.50 54.82 27.81
C LEU H 806 26.15 53.89 28.97
N SER H 807 26.07 52.59 28.68
CA SER H 807 25.78 51.60 29.70
C SER H 807 26.50 50.30 29.38
N ASN H 808 25.93 49.17 29.83
CA ASN H 808 26.51 47.85 29.68
C ASN H 808 26.58 47.42 28.21
N ASP H 809 25.49 46.88 27.69
CA ASP H 809 25.40 46.55 26.27
C ASP H 809 24.42 47.45 25.52
N PHE H 810 24.13 48.62 26.07
CA PHE H 810 23.19 49.56 25.46
C PHE H 810 23.63 50.98 25.80
N ASP H 811 22.93 51.96 25.23
CA ASP H 811 23.06 53.34 25.66
C ASP H 811 21.72 54.04 25.47
N GLU H 812 21.42 54.96 26.38
CA GLU H 812 20.14 55.64 26.41
C GLU H 812 20.31 57.09 25.96
N TYR H 813 19.28 57.60 25.28
CA TYR H 813 19.28 58.93 24.67
C TYR H 813 18.08 59.67 25.23
N ILE H 814 18.33 60.67 26.08
CA ILE H 814 17.27 61.41 26.74
C ILE H 814 16.81 62.51 25.78
N MET H 815 15.58 62.39 25.27
CA MET H 815 15.04 63.34 24.30
C MET H 815 13.79 64.01 24.83
N ALA H 816 13.51 65.21 24.32
CA ALA H 816 12.33 65.98 24.69
C ALA H 816 11.38 66.01 23.50
N ILE H 817 10.15 65.54 23.73
CA ILE H 817 9.16 65.43 22.67
C ILE H 817 8.48 66.79 22.48
N GLU H 818 8.53 67.31 21.24
CA GLU H 818 8.01 68.63 20.93
C GLU H 818 6.55 68.61 20.50
N GLN H 819 6.16 67.62 19.68
CA GLN H 819 4.78 67.50 19.21
C GLN H 819 4.52 66.08 18.73
N THR H 820 3.32 65.58 18.98
CA THR H 820 2.89 64.28 18.49
C THR H 820 2.24 64.49 17.13
N ILE H 821 2.98 64.21 16.07
CA ILE H 821 2.52 64.51 14.71
C ILE H 821 1.46 63.51 14.28
N LYS H 822 1.71 62.22 14.49
CA LYS H 822 0.74 61.18 14.16
C LYS H 822 0.71 60.15 15.27
N SER H 823 -0.51 59.80 15.72
CA SER H 823 -0.84 58.61 16.54
C SER H 823 -0.14 58.70 17.90
N GLY H 824 0.58 57.68 18.32
CA GLY H 824 1.28 57.73 19.59
C GLY H 824 1.07 56.53 20.50
N SER H 825 -0.21 56.20 20.73
CA SER H 825 -0.76 55.11 21.57
C SER H 825 -0.61 55.34 23.07
N ASP H 826 0.15 56.35 23.48
CA ASP H 826 0.25 56.78 24.86
C ASP H 826 -0.21 58.22 24.98
N GLU H 827 -0.12 58.77 26.19
CA GLU H 827 -0.48 60.17 26.41
C GLU H 827 0.53 61.10 25.76
N VAL H 828 0.03 62.25 25.29
CA VAL H 828 0.86 63.16 24.50
C VAL H 828 1.88 63.87 25.40
N GLN H 829 1.47 64.26 26.62
CA GLN H 829 2.23 65.05 27.60
C GLN H 829 2.82 66.35 27.04
N VAL H 830 3.85 66.21 26.18
CA VAL H 830 4.47 67.26 25.35
C VAL H 830 5.25 68.27 26.20
N GLY H 831 6.56 68.26 26.06
CA GLY H 831 7.43 69.17 26.75
C GLY H 831 8.22 68.60 27.92
N GLN H 832 8.48 67.30 27.94
CA GLN H 832 9.21 66.65 29.02
C GLN H 832 10.13 65.58 28.46
N GLN H 833 10.99 65.05 29.32
CA GLN H 833 12.02 64.09 28.92
C GLN H 833 11.40 62.74 28.56
N ARG H 834 11.83 62.19 27.42
CA ARG H 834 11.42 60.87 26.97
C ARG H 834 12.65 60.10 26.53
N THR H 835 12.91 58.96 27.16
CA THR H 835 14.16 58.24 27.00
C THR H 835 14.08 57.25 25.84
N PHE H 836 15.05 57.33 24.94
CA PHE H 836 15.19 56.42 23.82
C PHE H 836 16.48 55.63 23.97
N ILE H 837 16.43 54.32 23.68
CA ILE H 837 17.55 53.42 23.95
C ILE H 837 17.89 52.67 22.66
N SER H 838 19.19 52.59 22.35
CA SER H 838 19.74 51.87 21.21
C SER H 838 20.75 50.85 21.71
N PRO H 839 21.00 49.77 20.95
CA PRO H 839 22.15 48.90 21.25
C PRO H 839 23.46 49.64 21.13
N ILE H 840 24.41 49.30 22.03
CA ILE H 840 25.70 49.99 22.06
C ILE H 840 26.59 49.60 20.89
N LYS H 841 26.27 48.51 20.18
CA LYS H 841 26.95 48.16 18.95
C LYS H 841 26.44 48.94 17.74
N CYS H 842 25.43 49.79 17.91
CA CYS H 842 24.90 50.62 16.83
C CYS H 842 25.42 52.05 16.86
N ARG H 843 26.39 52.35 17.73
CA ARG H 843 27.03 53.66 17.72
C ARG H 843 27.84 53.88 16.43
N GLU H 844 28.42 52.80 15.88
CA GLU H 844 29.22 52.90 14.67
C GLU H 844 28.38 53.22 13.45
N ALA H 845 27.10 52.82 13.45
CA ALA H 845 26.22 53.06 12.31
C ALA H 845 25.85 54.53 12.17
N LEU H 846 25.44 55.16 13.27
CA LEU H 846 25.04 56.58 13.24
C LEU H 846 25.14 57.12 14.66
N LYS H 847 25.91 58.19 14.83
CA LYS H 847 26.04 58.88 16.11
C LYS H 847 25.10 60.09 16.13
N LEU H 848 24.12 60.05 17.02
CA LEU H 848 23.27 61.21 17.27
C LEU H 848 24.02 62.23 18.12
N GLU H 849 23.71 63.50 17.90
CA GLU H 849 24.35 64.60 18.61
C GLU H 849 23.30 65.34 19.44
N GLU H 850 23.71 65.76 20.64
CA GLU H 850 22.83 66.45 21.58
C GLU H 850 22.45 67.83 21.07
N LYS H 851 21.35 68.36 21.64
CA LYS H 851 20.75 69.69 21.48
C LYS H 851 20.08 69.93 20.11
N LYS H 852 20.36 69.07 19.14
CA LYS H 852 19.76 69.18 17.81
C LYS H 852 18.39 68.52 17.78
N HIS H 853 17.55 69.00 16.86
CA HIS H 853 16.22 68.42 16.68
C HIS H 853 16.29 67.19 15.76
N TYR H 854 15.35 66.27 15.97
CA TYR H 854 15.29 65.03 15.20
C TYR H 854 13.83 64.64 14.97
N LEU H 855 13.54 64.15 13.76
CA LEU H 855 12.21 63.66 13.40
C LEU H 855 12.24 62.14 13.33
N MET H 856 11.28 61.49 13.99
CA MET H 856 11.31 60.05 14.20
C MET H 856 9.94 59.43 13.94
N TRP H 857 9.94 58.14 13.56
CA TRP H 857 8.73 57.34 13.51
C TRP H 857 9.06 55.86 13.68
N GLY H 858 8.10 55.09 14.18
CA GLY H 858 8.27 53.68 14.43
C GLY H 858 6.95 52.91 14.44
N LEU H 859 6.93 51.77 15.14
CA LEU H 859 5.76 50.88 15.17
C LEU H 859 5.53 50.37 16.59
N SER H 860 4.48 49.54 16.75
CA SER H 860 3.99 49.15 18.07
C SER H 860 4.91 48.19 18.83
N SER H 861 5.84 47.53 18.14
CA SER H 861 6.81 46.69 18.83
C SER H 861 8.01 47.48 19.33
N ASP H 862 8.11 48.76 18.96
CA ASP H 862 9.26 49.55 19.40
C ASP H 862 9.11 50.01 20.84
N PHE H 863 7.95 50.52 21.24
CA PHE H 863 7.77 50.89 22.64
C PHE H 863 7.59 49.64 23.49
N TRP H 864 8.22 49.64 24.64
CA TRP H 864 8.58 48.40 25.32
C TRP H 864 8.54 48.62 26.82
N GLY H 865 8.46 47.53 27.57
CA GLY H 865 8.38 47.60 29.01
C GLY H 865 6.95 47.75 29.49
N GLU H 866 6.84 48.13 30.76
CA GLU H 866 5.55 48.26 31.43
C GLU H 866 5.31 49.71 31.79
N LYS H 867 4.04 50.13 31.76
CA LYS H 867 3.67 51.49 32.15
C LYS H 867 3.92 51.71 33.65
N PRO H 868 4.35 52.92 34.06
CA PRO H 868 4.71 54.10 33.27
C PRO H 868 6.17 54.15 32.85
N ASN H 869 6.92 53.07 33.11
CA ASN H 869 8.32 52.97 32.72
C ASN H 869 8.49 52.45 31.29
N LEU H 870 7.59 52.83 30.38
CA LEU H 870 7.68 52.43 28.98
C LEU H 870 8.94 53.01 28.34
N SER H 871 9.58 52.22 27.49
CA SER H 871 10.84 52.58 26.88
C SER H 871 10.75 52.36 25.38
N TYR H 872 11.17 53.38 24.63
CA TYR H 872 11.14 53.33 23.17
C TYR H 872 12.53 52.88 22.72
N ILE H 873 12.60 51.70 22.12
CA ILE H 873 13.88 51.10 21.73
C ILE H 873 14.10 51.31 20.24
N ILE H 874 15.33 51.68 19.88
CA ILE H 874 15.70 51.94 18.48
C ILE H 874 16.07 50.62 17.81
N GLY H 875 15.42 50.32 16.69
CA GLY H 875 15.65 49.09 15.96
C GLY H 875 15.65 49.28 14.46
N LYS H 876 15.56 48.19 13.68
CA LYS H 876 15.64 48.27 12.23
C LYS H 876 14.42 48.96 11.61
N ASP H 877 13.28 48.91 12.29
CA ASP H 877 12.07 49.55 11.80
C ASP H 877 11.95 51.00 12.22
N THR H 878 12.83 51.47 13.11
CA THR H 878 12.82 52.86 13.55
C THR H 878 13.56 53.72 12.54
N TRP H 879 13.04 54.93 12.28
CA TRP H 879 13.63 55.85 11.32
C TRP H 879 13.91 57.16 12.02
N VAL H 880 15.10 57.71 11.82
CA VAL H 880 15.54 58.95 12.46
C VAL H 880 16.19 59.84 11.39
N GLU H 881 15.82 61.12 11.36
CA GLU H 881 16.52 62.10 10.53
C GLU H 881 16.56 63.43 11.28
N HIS H 882 17.71 64.11 11.15
CA HIS H 882 17.91 65.41 11.79
C HIS H 882 17.04 66.48 11.14
N TRP H 883 16.31 67.24 11.96
CA TRP H 883 15.63 68.44 11.50
C TRP H 883 16.51 69.60 11.89
N PRO H 884 17.12 70.30 10.93
CA PRO H 884 18.08 71.36 11.24
C PRO H 884 17.45 72.58 11.90
N GLU H 885 18.34 73.39 12.50
CA GLU H 885 17.99 74.68 13.07
C GLU H 885 17.73 75.68 11.94
N GLU H 886 17.28 76.89 12.32
CA GLU H 886 16.80 77.91 11.38
C GLU H 886 17.92 78.39 10.45
N ASP H 887 19.15 78.49 10.97
CA ASP H 887 20.25 78.96 10.13
C ASP H 887 20.78 77.88 9.20
N GLU H 888 20.74 76.61 9.61
CA GLU H 888 21.17 75.52 8.73
C GLU H 888 20.19 75.31 7.57
N CYS H 889 18.90 75.61 7.79
CA CYS H 889 17.91 75.58 6.72
C CYS H 889 18.20 76.61 5.64
N GLN H 890 18.85 77.72 6.00
CA GLN H 890 19.17 78.77 5.03
C GLN H 890 20.31 78.37 4.09
N ASP H 891 21.07 77.34 4.43
CA ASP H 891 22.00 76.74 3.49
C ASP H 891 21.21 76.06 2.37
N GLU H 892 21.78 76.08 1.15
CA GLU H 892 21.04 75.70 -0.05
C GLU H 892 20.71 74.21 -0.11
N GLU H 893 21.50 73.36 0.55
CA GLU H 893 21.17 71.94 0.59
C GLU H 893 19.96 71.67 1.50
N ASN H 894 19.93 72.28 2.68
CA ASN H 894 18.83 72.12 3.61
C ASN H 894 17.70 73.11 3.37
N GLN H 895 17.75 73.87 2.27
CA GLN H 895 16.63 74.70 1.85
C GLN H 895 15.38 73.86 1.62
N LYS H 896 15.42 72.98 0.61
CA LYS H 896 14.28 72.15 0.26
C LYS H 896 13.97 71.09 1.32
N GLN H 897 14.96 70.71 2.14
CA GLN H 897 14.73 69.69 3.17
C GLN H 897 13.85 70.20 4.30
N CYS H 898 14.09 71.43 4.75
CA CYS H 898 13.25 72.02 5.80
C CYS H 898 11.86 72.39 5.29
N GLN H 899 11.68 72.56 3.98
CA GLN H 899 10.36 72.77 3.40
C GLN H 899 9.48 71.53 3.56
N ASP H 900 10.00 70.37 3.15
CA ASP H 900 9.21 69.14 3.10
C ASP H 900 8.86 68.64 4.49
N LEU H 901 9.83 68.64 5.41
CA LEU H 901 9.58 68.23 6.79
C LEU H 901 8.66 69.20 7.53
N GLY H 902 8.63 70.46 7.12
CA GLY H 902 7.70 71.42 7.70
C GLY H 902 6.30 71.32 7.13
N ALA H 903 6.21 71.04 5.82
CA ALA H 903 4.92 70.83 5.19
C ALA H 903 4.25 69.54 5.68
N PHE H 904 5.03 68.47 5.84
CA PHE H 904 4.53 67.19 6.33
C PHE H 904 4.02 67.28 7.76
N THR H 905 4.63 68.16 8.57
CA THR H 905 4.13 68.42 9.92
C THR H 905 2.72 69.00 9.86
N GLU H 906 2.50 69.98 8.99
CA GLU H 906 1.16 70.49 8.75
C GLU H 906 0.29 69.46 8.03
N SER H 907 0.86 68.68 7.11
CA SER H 907 0.09 67.71 6.33
C SER H 907 -0.48 66.59 7.20
N MET H 908 0.23 66.21 8.26
CA MET H 908 -0.21 65.08 9.07
C MET H 908 -1.04 65.45 10.28
N VAL H 909 -1.07 66.72 10.70
CA VAL H 909 -1.98 67.15 11.74
C VAL H 909 -3.23 67.79 11.16
N VAL H 910 -3.44 67.66 9.84
CA VAL H 910 -4.61 68.20 9.16
C VAL H 910 -5.34 67.13 8.36
N PHE H 911 -4.59 66.29 7.62
CA PHE H 911 -5.21 65.46 6.60
C PHE H 911 -5.18 63.95 6.85
N GLY H 912 -4.26 63.46 7.69
CA GLY H 912 -4.18 62.02 7.96
C GLY H 912 -3.70 61.21 6.76
N CYS H 913 -4.09 59.94 6.75
CA CYS H 913 -3.78 59.08 5.60
C CYS H 913 -5.06 58.83 4.81
N PRO H 914 -5.02 58.83 3.48
CA PRO H 914 -6.24 58.55 2.71
C PRO H 914 -6.44 57.11 2.30
N ASN H 915 -5.63 56.17 2.79
CA ASN H 915 -5.83 54.75 2.47
C ASN H 915 -7.04 54.20 3.22
N SER I 1 -3.43 -76.67 37.33
CA SER I 1 -2.25 -76.40 36.52
C SER I 1 -2.25 -74.96 36.02
N PRO I 2 -1.07 -74.44 35.67
CA PRO I 2 -1.00 -73.16 34.94
C PRO I 2 -1.73 -73.21 33.60
N MET I 3 -2.20 -72.04 33.17
CA MET I 3 -2.92 -71.90 31.91
C MET I 3 -2.11 -71.05 30.94
N TYR I 4 -1.97 -71.53 29.71
CA TYR I 4 -1.26 -70.82 28.64
C TYR I 4 -2.27 -70.08 27.77
N SER I 5 -1.84 -68.97 27.19
CA SER I 5 -2.76 -68.09 26.48
C SER I 5 -2.09 -67.45 25.28
N ILE I 6 -2.85 -67.30 24.19
CA ILE I 6 -2.36 -66.67 22.96
C ILE I 6 -3.36 -65.61 22.54
N ILE I 7 -2.86 -64.41 22.21
CA ILE I 7 -3.71 -63.31 21.77
C ILE I 7 -3.16 -62.79 20.44
N THR I 8 -4.05 -62.67 19.46
CA THR I 8 -3.73 -62.23 18.11
C THR I 8 -4.95 -61.46 17.62
N PRO I 9 -4.82 -60.68 16.53
CA PRO I 9 -6.01 -60.06 15.94
C PRO I 9 -7.00 -61.07 15.37
N ASN I 10 -8.23 -60.56 15.14
CA ASN I 10 -9.26 -61.34 14.44
C ASN I 10 -8.81 -61.71 13.04
N ILE I 11 -8.17 -60.77 12.35
CA ILE I 11 -7.89 -60.84 10.93
C ILE I 11 -6.41 -60.59 10.74
N LEU I 12 -5.74 -61.42 9.95
CA LEU I 12 -4.34 -61.24 9.61
C LEU I 12 -4.22 -60.81 8.16
N ARG I 13 -3.21 -60.00 7.88
CA ARG I 13 -3.05 -59.33 6.60
C ARG I 13 -1.84 -59.88 5.85
N LEU I 14 -1.97 -59.93 4.52
CA LEU I 14 -0.82 -60.24 3.68
C LEU I 14 0.10 -59.03 3.59
N GLU I 15 1.40 -59.32 3.43
CA GLU I 15 2.47 -58.36 3.12
C GLU I 15 2.63 -57.26 4.17
N SER I 16 2.38 -57.59 5.44
CA SER I 16 2.54 -56.61 6.51
C SER I 16 2.87 -57.33 7.81
N GLU I 17 3.42 -56.57 8.76
CA GLU I 17 3.81 -57.14 10.04
C GLU I 17 2.58 -57.42 10.90
N GLU I 18 2.62 -58.55 11.61
CA GLU I 18 1.55 -58.95 12.50
C GLU I 18 2.14 -59.28 13.87
N THR I 19 1.58 -58.67 14.91
CA THR I 19 2.04 -58.88 16.27
C THR I 19 1.37 -60.11 16.87
N MET I 20 2.16 -60.92 17.56
CA MET I 20 1.69 -62.14 18.21
C MET I 20 2.08 -62.09 19.69
N VAL I 21 1.10 -62.19 20.58
CA VAL I 21 1.30 -62.03 22.01
C VAL I 21 1.09 -63.37 22.69
N LEU I 22 2.14 -63.87 23.35
CA LEU I 22 2.12 -65.15 24.05
C LEU I 22 2.22 -64.90 25.54
N GLU I 23 1.36 -65.55 26.32
CA GLU I 23 1.40 -65.43 27.78
C GLU I 23 1.02 -66.75 28.44
N ALA I 24 1.61 -66.98 29.61
CA ALA I 24 1.19 -68.07 30.48
C ALA I 24 0.68 -67.48 31.80
N HIS I 25 -0.36 -68.07 32.34
CA HIS I 25 -1.02 -67.57 33.54
C HIS I 25 -0.83 -68.57 34.67
N ASP I 26 -0.52 -68.04 35.86
CA ASP I 26 -0.25 -68.78 37.11
C ASP I 26 0.91 -69.76 36.95
N ALA I 27 1.91 -69.41 36.13
CA ALA I 27 2.94 -70.35 35.74
C ALA I 27 4.10 -70.35 36.73
N GLN I 28 4.84 -71.47 36.73
CA GLN I 28 5.99 -71.66 37.60
C GLN I 28 7.17 -72.11 36.76
N GLY I 29 8.30 -71.41 36.90
CA GLY I 29 9.49 -71.74 36.13
C GLY I 29 9.39 -71.32 34.67
N ASP I 30 10.48 -71.57 33.95
CA ASP I 30 10.54 -71.25 32.53
C ASP I 30 9.76 -72.28 31.72
N VAL I 31 9.16 -71.83 30.62
CA VAL I 31 8.49 -72.72 29.69
C VAL I 31 8.85 -72.26 28.27
N PRO I 32 9.57 -73.07 27.50
CA PRO I 32 9.90 -72.69 26.13
C PRO I 32 8.68 -72.81 25.22
N VAL I 33 8.55 -71.86 24.28
CA VAL I 33 7.42 -71.78 23.37
C VAL I 33 7.94 -71.75 21.94
N THR I 34 7.47 -72.68 21.12
CA THR I 34 7.75 -72.69 19.69
C THR I 34 6.52 -72.24 18.93
N VAL I 35 6.75 -71.56 17.81
CA VAL I 35 5.70 -70.88 17.05
C VAL I 35 5.73 -71.42 15.63
N THR I 36 4.54 -71.72 15.08
CA THR I 36 4.43 -72.26 13.74
C THR I 36 3.13 -71.75 13.12
N VAL I 37 3.16 -71.39 11.84
CA VAL I 37 1.98 -70.97 11.08
C VAL I 37 1.74 -71.99 9.97
N HIS I 38 0.53 -72.53 9.92
CA HIS I 38 0.11 -73.45 8.87
C HIS I 38 -0.97 -72.81 8.02
N ASP I 39 -1.24 -73.45 6.88
CA ASP I 39 -2.35 -73.05 6.02
C ASP I 39 -3.63 -73.76 6.45
N PHE I 40 -4.75 -73.30 5.92
CA PHE I 40 -6.06 -73.85 6.24
C PHE I 40 -6.87 -73.87 4.95
N PRO I 41 -7.47 -75.02 4.57
CA PRO I 41 -7.38 -76.34 5.22
C PRO I 41 -6.10 -77.08 4.86
N GLY I 42 -5.87 -78.26 5.44
CA GLY I 42 -4.71 -79.04 5.12
C GLY I 42 -3.44 -78.52 5.75
N LYS I 43 -2.33 -79.11 5.32
CA LYS I 43 -1.00 -78.78 5.84
C LYS I 43 -0.02 -78.66 4.68
N LYS I 44 0.40 -77.44 4.39
CA LYS I 44 1.48 -77.17 3.45
C LYS I 44 2.66 -76.46 4.10
N LEU I 45 2.47 -75.90 5.31
CA LEU I 45 3.43 -75.15 6.13
C LEU I 45 3.92 -73.89 5.43
N VAL I 46 3.43 -72.73 5.88
CA VAL I 46 3.73 -71.47 5.21
C VAL I 46 4.77 -70.67 5.97
N LEU I 47 4.88 -70.87 7.29
CA LEU I 47 5.86 -70.15 8.09
C LEU I 47 6.18 -70.97 9.33
N SER I 48 7.46 -71.29 9.52
CA SER I 48 7.91 -72.10 10.64
C SER I 48 8.90 -71.39 11.55
N SER I 49 9.02 -70.06 11.44
CA SER I 49 10.00 -69.31 12.21
C SER I 49 9.49 -69.01 13.62
N GLU I 50 10.38 -68.39 14.41
CA GLU I 50 10.18 -67.76 15.72
C GLU I 50 9.99 -68.75 16.87
N LYS I 51 10.68 -68.48 17.98
CA LYS I 51 10.49 -69.17 19.25
C LYS I 51 10.97 -68.24 20.36
N THR I 52 10.49 -68.52 21.58
CA THR I 52 10.85 -67.73 22.76
C THR I 52 10.61 -68.58 24.00
N VAL I 53 11.06 -68.07 25.14
CA VAL I 53 10.91 -68.74 26.43
C VAL I 53 10.16 -67.81 27.37
N LEU I 54 9.01 -68.26 27.87
CA LEU I 54 8.26 -67.50 28.86
C LEU I 54 8.94 -67.65 30.22
N THR I 55 9.32 -66.51 30.82
CA THR I 55 10.10 -66.46 32.04
C THR I 55 9.27 -65.82 33.15
N PRO I 56 9.31 -66.37 34.37
CA PRO I 56 8.69 -65.68 35.53
C PRO I 56 9.27 -64.31 35.84
N ALA I 57 10.52 -64.04 35.46
CA ALA I 57 11.07 -62.68 35.54
C ALA I 57 10.34 -61.72 34.61
N THR I 58 9.80 -62.21 33.50
CA THR I 58 9.03 -61.40 32.57
C THR I 58 7.52 -61.59 32.75
N ASN I 59 7.10 -62.16 33.89
CA ASN I 59 5.70 -62.51 34.22
C ASN I 59 5.07 -63.42 33.17
N HIS I 60 5.88 -64.35 32.63
CA HIS I 60 5.52 -65.33 31.61
C HIS I 60 4.98 -64.66 30.34
N MET I 61 5.59 -63.56 29.95
CA MET I 61 5.20 -62.84 28.75
C MET I 61 6.21 -63.07 27.64
N GLY I 62 5.74 -62.89 26.40
CA GLY I 62 6.62 -62.99 25.26
C GLY I 62 5.94 -62.55 23.98
N ASN I 63 6.46 -61.50 23.36
CA ASN I 63 5.91 -60.99 22.11
C ASN I 63 6.89 -61.34 20.99
N VAL I 64 6.36 -61.90 19.90
CA VAL I 64 7.12 -62.21 18.70
C VAL I 64 6.34 -61.72 17.50
N THR I 65 7.05 -61.47 16.41
CA THR I 65 6.46 -60.92 15.20
C THR I 65 6.68 -61.89 14.05
N PHE I 66 5.85 -61.74 13.01
CA PHE I 66 5.98 -62.53 11.80
C PHE I 66 5.38 -61.73 10.65
N THR I 67 5.49 -62.30 9.44
CA THR I 67 5.02 -61.61 8.25
C THR I 67 4.39 -62.61 7.29
N ILE I 68 3.20 -62.31 6.80
CA ILE I 68 2.61 -63.08 5.72
C ILE I 68 2.92 -62.29 4.44
N PRO I 69 3.65 -65.45 3.52
CA PRO I 69 4.00 -64.81 2.25
C PRO I 69 2.78 -64.55 1.38
N ALA I 70 2.98 -63.76 0.33
CA ALA I 70 1.92 -63.54 -0.66
C ALA I 70 2.56 -63.89 -2.00
N ASN I 71 2.05 -64.96 -2.60
CA ASN I 71 2.59 -65.51 -3.83
C ASN I 71 1.38 -65.87 -4.68
N ARG I 72 1.62 -66.62 -5.76
CA ARG I 72 0.53 -67.09 -6.59
C ARG I 72 -0.35 -68.13 -5.90
N GLU I 73 0.19 -68.85 -4.90
CA GLU I 73 -0.60 -69.84 -4.16
C GLU I 73 -1.52 -69.17 -3.16
N PHE I 74 -1.09 -68.05 -2.57
CA PHE I 74 -1.91 -67.33 -1.59
C PHE I 74 -2.99 -66.49 -2.28
N LYS I 75 -2.62 -65.81 -3.38
CA LYS I 75 -3.45 -64.91 -4.18
C LYS I 75 -4.45 -65.67 -5.07
N SER I 76 -4.42 -67.01 -5.04
CA SER I 76 -5.22 -67.87 -5.91
C SER I 76 -6.71 -67.59 -5.80
N GLU I 77 -7.29 -67.79 -4.62
CA GLU I 77 -8.70 -67.47 -4.42
C GLU I 77 -8.86 -65.98 -4.18
N LYS I 78 -9.63 -65.32 -5.04
CA LYS I 78 -9.82 -63.87 -4.99
C LYS I 78 -11.22 -63.45 -4.56
N GLY I 79 -12.18 -64.37 -4.53
CA GLY I 79 -13.56 -63.97 -4.30
C GLY I 79 -14.19 -64.43 -3.01
N ARG I 80 -13.72 -65.55 -2.46
CA ARG I 80 -14.31 -66.17 -1.28
C ARG I 80 -13.27 -66.29 -0.18
N ASN I 81 -13.75 -66.58 1.03
CA ASN I 81 -12.92 -66.53 2.24
C ASN I 81 -11.92 -67.68 2.30
N LYS I 82 -10.77 -67.39 2.89
CA LYS I 82 -9.77 -68.40 3.22
C LYS I 82 -9.13 -68.03 4.55
N PHE I 83 -8.53 -69.04 5.19
CA PHE I 83 -8.11 -68.94 6.59
C PHE I 83 -6.71 -69.54 6.72
N VAL I 84 -6.09 -69.33 7.89
CA VAL I 84 -4.83 -69.98 8.27
C VAL I 84 -4.94 -70.45 9.71
N THR I 85 -3.94 -71.22 10.15
CA THR I 85 -3.93 -71.84 11.47
C THR I 85 -2.64 -71.47 12.18
N VAL I 86 -2.76 -70.85 13.36
CA VAL I 86 -1.61 -70.40 14.14
C VAL I 86 -1.37 -71.43 15.22
N GLN I 87 -0.12 -71.90 15.34
CA GLN I 87 0.24 -72.97 16.25
C GLN I 87 1.33 -72.48 17.20
N ALA I 88 1.11 -72.68 18.50
CA ALA I 88 2.09 -72.33 19.52
C ALA I 88 2.14 -73.43 20.56
N THR I 89 3.32 -74.00 20.78
CA THR I 89 3.51 -75.15 21.65
C THR I 89 4.20 -74.69 22.94
N PHE I 90 3.46 -74.71 24.04
CA PHE I 90 3.93 -74.23 25.34
C PHE I 90 4.50 -75.44 26.08
N GLY I 91 5.82 -75.59 26.05
CA GLY I 91 6.46 -76.76 26.62
C GLY I 91 6.11 -78.04 25.92
N THR I 92 5.18 -78.81 26.49
CA THR I 92 4.62 -79.99 25.84
C THR I 92 3.15 -79.82 25.48
N GLN I 93 2.54 -78.70 25.86
CA GLN I 93 1.12 -78.45 25.62
C GLN I 93 0.98 -77.46 24.46
N VAL I 94 0.29 -77.88 23.40
CA VAL I 94 0.10 -77.06 22.21
C VAL I 94 -1.26 -76.37 22.30
N VAL I 95 -1.29 -75.09 21.92
CA VAL I 95 -2.52 -74.31 21.82
C VAL I 95 -2.58 -73.73 20.41
N GLU I 96 -3.70 -73.95 19.72
CA GLU I 96 -3.81 -73.53 18.32
C GLU I 96 -5.21 -73.00 18.04
N LYS I 97 -5.29 -72.17 16.99
CA LYS I 97 -6.53 -71.47 16.66
C LYS I 97 -6.50 -71.07 15.19
N VAL I 98 -7.65 -71.21 14.52
CA VAL I 98 -7.80 -70.83 13.11
C VAL I 98 -8.16 -69.35 13.04
N VAL I 99 -7.47 -68.61 12.16
CA VAL I 99 -7.60 -67.16 12.07
C VAL I 99 -8.08 -66.80 10.67
N LEU I 100 -8.98 -65.82 10.59
CA LEU I 100 -9.42 -65.26 9.32
C LEU I 100 -8.33 -64.40 8.69
N VAL I 101 -8.27 -64.43 7.36
CA VAL I 101 -7.24 -63.72 6.60
C VAL I 101 -7.92 -62.73 5.67
N SER I 102 -7.43 -61.49 5.64
CA SER I 102 -7.79 -60.54 4.61
C SER I 102 -6.70 -60.49 3.56
N LEU I 103 -7.11 -60.30 2.31
CA LEU I 103 -6.20 -60.30 1.18
C LEU I 103 -5.65 -58.91 0.86
N GLN I 104 -6.00 -57.91 1.66
CA GLN I 104 -5.51 -56.56 1.45
C GLN I 104 -4.05 -56.45 1.89
N SER I 105 -3.30 -55.57 1.21
CA SER I 105 -1.87 -55.47 1.44
C SER I 105 -1.38 -54.06 1.74
N GLY I 106 -2.24 -53.05 1.72
CA GLY I 106 -1.78 -51.71 2.02
C GLY I 106 -2.80 -50.68 1.60
N TYR I 107 -2.30 -49.50 1.23
CA TYR I 107 -3.12 -48.37 0.82
C TYR I 107 -2.50 -47.70 -0.40
N LEU I 108 -3.37 -47.17 -1.26
CA LEU I 108 -2.95 -46.41 -2.43
C LEU I 108 -3.69 -45.07 -2.43
N PHE I 109 -2.94 -43.99 -2.56
CA PHE I 109 -3.51 -42.65 -2.68
C PHE I 109 -3.01 -42.00 -3.96
N ILE I 110 -3.93 -41.38 -4.70
CA ILE I 110 -3.67 -40.85 -6.02
C ILE I 110 -3.87 -39.34 -5.99
N GLN I 111 -2.86 -38.60 -6.44
CA GLN I 111 -2.91 -37.15 -6.54
C GLN I 111 -2.90 -36.77 -8.02
N THR I 112 -3.77 -35.84 -8.41
CA THR I 112 -3.75 -35.26 -9.74
C THR I 112 -3.41 -33.77 -9.61
N ASP I 113 -2.78 -33.21 -10.65
CA ASP I 113 -2.39 -31.81 -10.62
C ASP I 113 -3.59 -30.88 -10.70
N LYS I 114 -4.67 -31.31 -11.35
CA LYS I 114 -5.91 -30.55 -11.43
C LYS I 114 -7.06 -31.50 -11.15
N THR I 115 -8.22 -30.93 -10.85
CA THR I 115 -9.43 -31.73 -10.68
C THR I 115 -10.28 -31.78 -11.95
N ILE I 116 -9.92 -31.00 -12.96
CA ILE I 116 -10.66 -30.94 -14.22
C ILE I 116 -9.70 -30.46 -15.31
N TYR I 117 -9.82 -31.06 -16.51
CA TYR I 117 -8.86 -30.84 -17.58
C TYR I 117 -9.59 -30.50 -18.88
N THR I 118 -8.79 -29.93 -19.89
CA THR I 118 -9.23 -29.60 -21.24
C THR I 118 -8.86 -30.72 -22.21
N PRO I 119 -9.58 -30.87 -23.33
CA PRO I 119 -9.07 -31.74 -24.40
C PRO I 119 -7.79 -31.17 -25.00
N GLY I 120 -6.82 -32.07 -25.24
CA GLY I 120 -5.53 -31.63 -25.73
C GLY I 120 -4.57 -31.17 -24.67
N SER I 121 -4.75 -31.58 -23.42
CA SER I 121 -3.86 -31.20 -22.33
C SER I 121 -3.28 -32.44 -21.66
N THR I 122 -2.32 -32.18 -20.77
CA THR I 122 -1.56 -33.22 -20.08
C THR I 122 -2.12 -33.42 -18.68
N VAL I 123 -2.18 -34.67 -18.24
CA VAL I 123 -2.55 -35.02 -16.87
C VAL I 123 -1.29 -35.52 -16.17
N LEU I 124 -0.88 -34.82 -15.12
CA LEU I 124 0.25 -35.21 -14.29
C LEU I 124 -0.29 -35.83 -13.01
N TYR I 125 0.23 -37.00 -12.65
CA TYR I 125 -0.34 -37.74 -11.53
C TYR I 125 0.73 -38.52 -10.79
N ARG I 126 0.68 -38.44 -9.46
CA ARG I 126 1.60 -39.13 -8.56
C ARG I 126 0.80 -40.08 -7.68
N ILE I 127 1.25 -41.33 -7.57
CA ILE I 127 0.60 -42.35 -6.75
C ILE I 127 1.52 -42.70 -5.59
N PHE I 128 1.02 -42.54 -4.37
CA PHE I 128 1.77 -42.87 -3.17
C PHE I 128 1.40 -44.27 -2.70
N THR I 129 2.41 -45.11 -2.51
CA THR I 129 2.23 -46.52 -2.18
C THR I 129 2.71 -46.75 -0.75
N VAL I 130 1.78 -47.02 0.16
CA VAL I 130 2.10 -47.26 1.56
C VAL I 130 1.49 -48.58 2.00
N ASN I 131 2.06 -49.16 3.07
CA ASN I 131 1.49 -50.35 3.68
C ASN I 131 0.38 -49.98 4.66
N HIS I 132 0.01 -50.92 5.53
CA HIS I 132 -1.03 -50.67 6.53
C HIS I 132 -0.58 -49.70 7.62
N LYS I 133 0.73 -49.54 7.83
CA LYS I 133 1.28 -48.63 8.81
C LYS I 133 1.54 -47.23 8.25
N LEU I 134 1.06 -46.97 7.02
CA LEU I 134 1.20 -45.70 6.28
C LEU I 134 2.65 -45.33 5.99
N LEU I 135 3.60 -46.33 5.96
CA LEU I 135 5.01 -46.24 5.65
C LEU I 135 5.28 -46.69 4.21
N PRO I 136 6.24 -46.07 3.52
CA PRO I 136 6.45 -46.38 2.08
C PRO I 136 7.00 -47.78 1.85
N VAL I 137 6.33 -48.54 0.98
CA VAL I 137 6.67 -49.91 0.65
C VAL I 137 6.95 -49.96 -0.85
N GLY I 138 7.79 -50.91 -1.26
CA GLY I 138 8.10 -51.09 -2.67
C GLY I 138 7.42 -52.31 -3.27
N ARG I 139 6.33 -52.09 -4.00
CA ARG I 139 5.56 -53.16 -4.62
C ARG I 139 5.16 -52.75 -6.03
N THR I 140 4.67 -53.73 -6.78
CA THR I 140 4.19 -53.50 -8.15
C THR I 140 2.72 -53.14 -8.11
N VAL I 141 2.37 -52.05 -8.80
CA VAL I 141 1.00 -51.51 -8.82
C VAL I 141 0.49 -51.58 -10.25
N MET I 142 -0.78 -51.96 -10.40
CA MET I 142 -1.47 -51.96 -11.68
C MET I 142 -2.48 -50.83 -11.69
N VAL I 143 -2.29 -49.85 -12.57
CA VAL I 143 -3.11 -48.65 -12.64
C VAL I 143 -3.83 -48.64 -13.98
N ASN I 144 -5.10 -48.22 -13.98
CA ASN I 144 -5.91 -48.14 -15.19
C ASN I 144 -6.67 -46.81 -15.19
N ILE I 145 -6.86 -46.25 -16.39
CA ILE I 145 -7.60 -45.01 -16.58
C ILE I 145 -8.85 -45.30 -17.42
N GLU I 146 -10.02 -45.00 -16.88
CA GLU I 146 -11.29 -45.40 -17.48
C GLU I 146 -12.13 -44.20 -17.92
N ASN I 147 -12.99 -44.46 -18.89
CA ASN I 147 -13.81 -43.46 -19.58
C ASN I 147 -15.08 -43.22 -18.74
N PRO I 148 -16.02 -42.35 -19.18
CA PRO I 148 -17.28 -42.21 -18.41
C PRO I 148 -18.15 -43.46 -18.31
N GLU I 149 -18.19 -44.31 -19.32
CA GLU I 149 -18.97 -45.53 -19.23
C GLU I 149 -18.12 -46.74 -18.84
N GLY I 150 -16.86 -46.52 -18.48
CA GLY I 150 -16.05 -47.55 -17.86
C GLY I 150 -15.14 -48.34 -18.79
N ILE I 151 -14.55 -47.69 -19.78
CA ILE I 151 -13.67 -48.36 -20.74
C ILE I 151 -12.23 -47.96 -20.43
N PRO I 152 -11.36 -48.90 -20.07
CA PRO I 152 -9.94 -48.56 -19.83
C PRO I 152 -9.23 -48.16 -21.11
N VAL I 153 -8.62 -46.97 -21.10
CA VAL I 153 -7.96 -46.43 -22.28
C VAL I 153 -6.43 -46.46 -22.16
N LYS I 154 -5.88 -46.49 -20.94
CA LYS I 154 -4.44 -46.52 -20.76
C LYS I 154 -4.14 -47.22 -19.43
N GLN I 155 -3.15 -48.10 -19.44
CA GLN I 155 -2.86 -48.95 -18.30
C GLN I 155 -1.35 -49.07 -18.12
N ASP I 156 -0.92 -49.23 -16.87
CA ASP I 156 0.49 -49.27 -16.53
C ASP I 156 0.77 -50.38 -15.53
N SER I 157 2.05 -50.80 -15.50
CA SER I 157 2.53 -51.77 -14.53
C SER I 157 3.97 -51.41 -14.17
N LEU I 158 4.20 -51.06 -12.91
CA LEU I 158 5.52 -50.61 -12.48
C LEU I 158 5.66 -50.84 -10.98
N SER I 159 6.90 -51.09 -10.54
CA SER I 159 7.21 -51.28 -9.14
C SER I 159 7.81 -50.00 -8.56
N SER I 160 7.45 -49.69 -7.31
CA SER I 160 7.94 -48.51 -6.62
C SER I 160 9.13 -48.80 -5.72
N GLN I 161 9.77 -49.96 -5.89
CA GLN I 161 10.94 -50.32 -5.09
C GLN I 161 12.12 -49.41 -5.44
N ASN I 162 12.81 -48.94 -4.40
CA ASN I 162 13.96 -48.03 -4.38
C ASN I 162 13.62 -46.62 -4.88
N GLN I 163 12.34 -46.27 -4.96
CA GLN I 163 11.91 -44.94 -5.35
C GLN I 163 11.16 -44.24 -4.21
N LEU I 164 11.28 -44.79 -2.98
CA LEU I 164 10.68 -44.27 -1.74
C LEU I 164 9.15 -44.16 -1.85
N GLY I 165 8.54 -45.15 -2.50
CA GLY I 165 7.09 -45.27 -2.57
C GLY I 165 6.37 -44.19 -3.35
N VAL I 166 7.02 -43.58 -4.33
CA VAL I 166 6.44 -42.51 -5.15
C VAL I 166 6.57 -42.91 -6.61
N LEU I 167 5.45 -42.92 -7.32
CA LEU I 167 5.41 -43.23 -8.75
C LEU I 167 4.92 -42.02 -9.55
N PRO I 168 5.82 -41.17 -10.03
CA PRO I 168 5.40 -40.04 -10.87
C PRO I 168 5.22 -40.45 -12.34
N LEU I 169 4.03 -40.21 -12.89
CA LEU I 169 3.73 -40.60 -14.25
C LEU I 169 2.90 -39.51 -14.93
N SER I 170 2.70 -39.66 -16.24
CA SER I 170 2.05 -38.65 -17.05
C SER I 170 1.33 -39.32 -18.22
N TRP I 171 0.38 -38.59 -18.79
CA TRP I 171 -0.40 -39.04 -19.95
C TRP I 171 -1.07 -37.81 -20.57
N ASP I 172 -1.20 -37.83 -21.89
CA ASP I 172 -1.77 -36.73 -22.66
C ASP I 172 -3.20 -37.07 -23.08
N ILE I 173 -4.11 -36.14 -22.87
CA ILE I 173 -5.49 -36.32 -23.32
C ILE I 173 -5.56 -36.00 -24.82
N PRO I 174 -6.11 -36.89 -25.65
CA PRO I 174 -6.36 -36.53 -27.04
C PRO I 174 -7.50 -35.53 -27.16
N GLU I 175 -7.53 -34.82 -28.29
CA GLU I 175 -8.65 -33.91 -28.53
C GLU I 175 -9.92 -34.67 -28.91
N LEU I 176 -9.81 -35.89 -29.42
CA LEU I 176 -10.95 -36.76 -29.67
C LEU I 176 -11.25 -37.50 -28.37
N VAL I 177 -12.29 -37.07 -27.67
CA VAL I 177 -12.53 -37.51 -26.30
C VAL I 177 -13.99 -37.23 -25.99
N ASN I 178 -14.56 -38.01 -25.06
CA ASN I 178 -15.91 -37.80 -24.57
C ASN I 178 -15.87 -37.06 -23.23
N MET I 179 -16.46 -35.87 -23.21
CA MET I 179 -16.53 -35.07 -21.99
C MET I 179 -17.40 -35.74 -20.93
N GLY I 180 -17.01 -35.56 -19.68
CA GLY I 180 -17.72 -36.14 -18.57
C GLY I 180 -16.77 -36.50 -17.45
N GLN I 181 -17.20 -37.45 -16.62
CA GLN I 181 -16.43 -37.87 -15.47
C GLN I 181 -15.49 -38.99 -15.86
N TRP I 182 -14.20 -38.85 -15.58
CA TRP I 182 -13.21 -39.84 -15.91
C TRP I 182 -12.58 -40.38 -14.63
N LYS I 183 -12.28 -41.68 -14.63
CA LYS I 183 -11.92 -42.39 -13.42
C LYS I 183 -10.55 -43.05 -13.59
N ILE I 184 -9.71 -42.90 -12.57
CA ILE I 184 -8.43 -43.60 -12.48
C ILE I 184 -8.56 -44.67 -11.42
N ARG I 185 -8.28 -45.92 -11.77
CA ARG I 185 -8.37 -47.03 -10.84
C ARG I 185 -7.03 -47.73 -10.72
N ALA I 186 -6.68 -48.16 -9.51
CA ALA I 186 -5.38 -48.75 -9.25
C ALA I 186 -5.47 -49.86 -8.21
N TYR I 187 -4.57 -50.83 -8.32
CA TYR I 187 -4.46 -51.92 -7.36
C TYR I 187 -3.04 -52.49 -7.40
N TYR I 188 -2.60 -53.02 -6.25
CA TYR I 188 -1.33 -53.71 -6.15
C TYR I 188 -1.33 -55.02 -6.93
N GLU I 189 -0.12 -55.50 -7.24
CA GLU I 189 0.01 -56.79 -7.92
C GLU I 189 -0.37 -57.94 -7.00
N ASN I 190 0.03 -57.87 -5.73
CA ASN I 190 -0.21 -58.95 -4.79
C ASN I 190 -1.56 -58.84 -4.09
N SER I 191 -2.37 -57.84 -4.42
CA SER I 191 -3.75 -57.73 -3.91
C SER I 191 -4.63 -57.16 -5.02
N PRO I 192 -5.05 -58.00 -5.97
CA PRO I 192 -5.78 -57.48 -7.13
C PRO I 192 -7.24 -57.16 -6.85
N GLN I 193 -7.83 -57.73 -5.80
CA GLN I 193 -9.23 -57.49 -5.47
C GLN I 193 -9.45 -56.22 -4.65
N GLN I 194 -8.37 -55.61 -4.13
CA GLN I 194 -8.46 -54.35 -3.39
C GLN I 194 -8.16 -53.22 -4.36
N VAL I 195 -9.20 -52.54 -4.83
CA VAL I 195 -9.09 -51.55 -5.90
C VAL I 195 -9.34 -50.17 -5.32
N PHE I 196 -8.41 -49.26 -5.58
CA PHE I 196 -8.53 -47.85 -5.20
C PHE I 196 -8.91 -47.03 -6.42
N SER I 197 -9.55 -45.88 -6.18
CA SER I 197 -10.05 -45.06 -7.27
C SER I 197 -10.16 -43.59 -6.87
N THR I 198 -10.04 -42.72 -7.88
CA THR I 198 -10.34 -41.30 -7.76
C THR I 198 -10.75 -40.78 -9.14
N GLU I 199 -11.51 -39.68 -9.15
CA GLU I 199 -12.16 -39.21 -10.36
C GLU I 199 -11.68 -37.82 -10.76
N PHE I 200 -11.91 -37.48 -12.03
CA PHE I 200 -11.71 -36.14 -12.55
C PHE I 200 -12.65 -35.93 -13.73
N GLU I 201 -12.71 -34.68 -14.21
CA GLU I 201 -13.66 -34.26 -15.23
C GLU I 201 -12.90 -33.73 -16.44
N VAL I 202 -13.50 -33.89 -17.63
CA VAL I 202 -12.99 -33.32 -18.86
C VAL I 202 -14.09 -32.42 -19.43
N LYS I 203 -13.74 -31.18 -19.76
CA LYS I 203 -14.71 -30.20 -20.21
C LYS I 203 -14.00 -29.15 -21.07
N GLU I 204 -14.80 -28.32 -21.74
CA GLU I 204 -14.28 -27.20 -22.52
C GLU I 204 -14.55 -25.93 -21.72
N TYR I 205 -13.49 -25.32 -21.19
CA TYR I 205 -13.63 -24.23 -20.24
C TYR I 205 -12.54 -23.20 -20.44
N VAL I 206 -12.76 -22.03 -19.85
CA VAL I 206 -11.72 -21.09 -19.48
C VAL I 206 -11.95 -20.75 -18.02
N LEU I 207 -10.87 -20.39 -17.33
CA LEU I 207 -10.96 -20.14 -15.90
C LEU I 207 -11.66 -18.81 -15.63
N PRO I 208 -12.52 -18.75 -14.60
CA PRO I 208 -13.09 -17.46 -14.21
C PRO I 208 -12.07 -16.59 -13.48
N SER I 209 -12.45 -15.33 -13.29
CA SER I 209 -11.60 -14.37 -12.62
C SER I 209 -12.06 -14.03 -11.21
N PHE I 210 -13.17 -14.62 -10.76
CA PHE I 210 -13.69 -14.33 -9.44
C PHE I 210 -14.41 -15.55 -8.90
N GLU I 211 -14.62 -15.56 -7.59
CA GLU I 211 -15.31 -16.66 -6.92
C GLU I 211 -16.59 -16.14 -6.27
N VAL I 212 -17.59 -17.01 -6.21
CA VAL I 212 -18.87 -16.68 -5.58
C VAL I 212 -19.11 -17.68 -4.45
N ILE I 213 -19.36 -17.16 -3.25
CA ILE I 213 -19.68 -17.97 -2.09
C ILE I 213 -21.16 -17.77 -1.79
N VAL I 214 -21.88 -18.87 -1.62
CA VAL I 214 -23.29 -18.82 -1.25
C VAL I 214 -23.40 -19.33 0.19
N GLU I 215 -23.79 -18.45 1.10
CA GLU I 215 -23.76 -18.75 2.52
C GLU I 215 -25.15 -18.73 3.11
N PRO I 216 -25.74 -19.88 3.42
CA PRO I 216 -26.95 -19.88 4.26
C PRO I 216 -26.57 -19.46 5.67
N THR I 217 -27.48 -18.69 6.30
CA THR I 217 -27.29 -18.26 7.68
C THR I 217 -27.22 -19.45 8.63
N GLU I 218 -28.12 -20.41 8.45
CA GLU I 218 -28.04 -21.70 9.11
C GLU I 218 -27.94 -22.78 8.05
N LYS I 219 -27.14 -23.81 8.31
CA LYS I 219 -26.98 -24.93 7.39
C LYS I 219 -28.09 -25.98 7.50
N PHE I 220 -29.33 -25.51 7.67
CA PHE I 220 -30.56 -26.29 7.81
C PHE I 220 -31.71 -25.31 7.62
N TYR I 221 -32.92 -25.84 7.49
CA TYR I 221 -34.10 -25.01 7.52
C TYR I 221 -35.11 -25.59 8.50
N TYR I 222 -35.56 -24.76 9.42
CA TYR I 222 -36.64 -25.12 10.33
C TYR I 222 -37.95 -24.71 9.67
N ILE I 223 -38.88 -25.67 9.53
CA ILE I 223 -40.07 -25.55 8.68
C ILE I 223 -40.96 -24.40 9.12
N TYR I 224 -41.07 -24.20 10.43
CA TYR I 224 -41.94 -23.18 11.00
C TYR I 224 -41.26 -21.80 11.12
N ASN I 225 -40.12 -21.60 10.47
CA ASN I 225 -39.50 -20.28 10.44
C ASN I 225 -40.30 -19.41 9.49
N GLU I 226 -40.96 -18.39 10.04
CA GLU I 226 -41.81 -17.49 9.27
C GLU I 226 -41.02 -16.66 8.27
N LYS I 227 -39.78 -16.30 8.61
CA LYS I 227 -38.93 -15.55 7.70
C LYS I 227 -38.46 -16.42 6.54
N GLY I 228 -38.18 -17.68 6.80
CA GLY I 228 -37.67 -18.57 5.79
C GLY I 228 -36.17 -18.69 5.82
N LEU I 229 -35.64 -19.35 4.79
CA LEU I 229 -34.20 -19.60 4.69
C LEU I 229 -33.52 -18.40 4.05
N GLU I 230 -32.55 -17.83 4.77
CA GLU I 230 -31.76 -16.70 4.29
C GLU I 230 -30.43 -17.24 3.76
N VAL I 231 -30.08 -16.84 2.54
CA VAL I 231 -28.82 -17.25 1.91
C VAL I 231 -28.06 -15.99 1.53
N THR I 232 -26.92 -15.78 2.19
CA THR I 232 -26.08 -14.62 1.94
C THR I 232 -25.14 -14.94 0.78
N ILE I 233 -24.93 -13.97 -0.10
CA ILE I 233 -24.03 -14.10 -1.24
C ILE I 233 -22.78 -13.31 -0.95
N THR I 234 -21.61 -13.92 -1.19
CA THR I 234 -20.33 -13.24 -1.08
C THR I 234 -19.56 -13.51 -2.36
N ALA I 235 -19.07 -12.45 -3.00
CA ALA I 235 -18.37 -12.57 -4.25
C ALA I 235 -17.13 -11.69 -4.24
N ARG I 236 -15.99 -12.25 -4.63
CA ARG I 236 -14.74 -11.52 -4.66
C ARG I 236 -13.89 -12.08 -5.77
N PHE I 237 -12.96 -11.24 -6.26
CA PHE I 237 -12.00 -11.66 -7.26
C PHE I 237 -11.01 -12.66 -6.64
N LEU I 238 -10.33 -13.39 -7.52
CA LEU I 238 -9.46 -14.49 -7.07
C LEU I 238 -8.25 -13.98 -6.30
N TYR I 239 -7.81 -12.76 -6.57
CA TYR I 239 -6.71 -12.13 -5.84
C TYR I 239 -7.16 -11.41 -4.57
N GLY I 240 -8.45 -11.38 -4.29
CA GLY I 240 -8.94 -10.96 -2.99
C GLY I 240 -9.62 -9.60 -2.89
N LYS I 241 -10.05 -9.00 -3.99
CA LYS I 241 -10.73 -7.71 -3.96
C LYS I 241 -12.22 -7.88 -4.27
N LYS I 242 -13.00 -6.90 -3.83
CA LYS I 242 -14.46 -7.01 -3.83
C LYS I 242 -15.06 -6.91 -5.23
N VAL I 243 -16.13 -7.68 -5.46
CA VAL I 243 -16.79 -7.78 -6.75
C VAL I 243 -18.04 -6.91 -6.74
N GLU I 244 -18.21 -6.10 -7.78
CA GLU I 244 -19.42 -5.31 -7.98
C GLU I 244 -20.18 -5.92 -9.15
N GLY I 245 -21.42 -6.31 -8.90
CA GLY I 245 -22.20 -6.98 -9.93
C GLY I 245 -23.65 -7.13 -9.54
N THR I 246 -24.34 -8.02 -10.26
CA THR I 246 -25.74 -8.33 -9.99
C THR I 246 -25.94 -9.83 -10.07
N ALA I 247 -26.61 -10.40 -9.08
CA ALA I 247 -26.79 -11.85 -8.96
C ALA I 247 -28.21 -12.26 -9.30
N PHE I 248 -28.34 -13.39 -9.99
CA PHE I 248 -29.61 -14.07 -10.22
C PHE I 248 -29.54 -15.42 -9.53
N VAL I 249 -30.48 -15.69 -8.64
CA VAL I 249 -30.42 -16.83 -7.74
C VAL I 249 -31.78 -17.52 -7.74
N ILE I 250 -31.77 -18.86 -7.71
CA ILE I 250 -33.00 -19.64 -7.67
C ILE I 250 -32.82 -20.78 -6.67
N PHE I 251 -33.91 -21.16 -6.02
CA PHE I 251 -33.92 -22.20 -5.00
C PHE I 251 -34.53 -23.46 -5.61
N GLY I 252 -34.34 -24.58 -4.91
CA GLY I 252 -34.93 -25.84 -5.35
C GLY I 252 -34.92 -26.87 -4.24
N ILE I 253 -35.67 -27.96 -4.47
CA ILE I 253 -35.85 -29.02 -3.49
C ILE I 253 -35.30 -30.32 -4.06
N GLN I 254 -34.54 -31.05 -3.24
CA GLN I 254 -34.00 -32.35 -3.61
C GLN I 254 -34.68 -33.43 -2.78
N ASP I 255 -35.27 -34.42 -3.46
CA ASP I 255 -35.94 -35.55 -2.81
C ASP I 255 -35.21 -36.82 -3.23
N GLY I 256 -34.42 -37.37 -2.33
CA GLY I 256 -33.60 -38.53 -2.66
C GLY I 256 -32.51 -38.14 -3.65
N GLU I 257 -32.45 -38.87 -4.76
CA GLU I 257 -31.57 -38.52 -5.86
C GLU I 257 -32.24 -37.60 -6.86
N GLN I 258 -33.54 -37.34 -6.71
CA GLN I 258 -34.31 -36.54 -7.66
C GLN I 258 -34.45 -35.11 -7.14
N ARG I 259 -34.19 -34.14 -8.02
CA ARG I 259 -34.30 -32.73 -7.69
C ARG I 259 -35.53 -32.14 -8.36
N ILE I 260 -36.26 -31.31 -7.61
CA ILE I 260 -37.43 -30.59 -8.12
C ILE I 260 -37.16 -29.09 -7.97
N SER I 261 -37.42 -28.33 -9.03
CA SER I 261 -37.10 -26.91 -9.07
C SER I 261 -38.33 -26.05 -8.79
N LEU I 262 -38.13 -24.99 -8.01
CA LEU I 262 -39.17 -24.00 -7.76
C LEU I 262 -38.94 -22.81 -8.67
N PRO I 263 -39.82 -22.56 -9.66
CA PRO I 263 -39.55 -21.52 -10.67
C PRO I 263 -39.71 -20.08 -10.19
N GLU I 264 -40.71 -19.80 -9.36
CA GLU I 264 -41.00 -18.43 -8.94
C GLU I 264 -40.10 -17.96 -7.79
N SER I 265 -39.20 -18.81 -7.31
CA SER I 265 -38.22 -18.43 -6.30
C SER I 265 -37.07 -17.56 -6.85
N LEU I 266 -37.09 -17.23 -8.14
CA LEU I 266 -36.08 -16.38 -8.75
C LEU I 266 -36.14 -14.97 -8.21
N LYS I 267 -34.98 -14.42 -7.85
CA LYS I 267 -34.83 -13.04 -7.42
C LYS I 267 -33.66 -12.45 -8.21
N ARG I 268 -33.57 -11.13 -8.20
CA ARG I 268 -32.49 -10.42 -8.88
C ARG I 268 -31.93 -9.38 -7.91
N ILE I 269 -30.72 -9.61 -7.42
CA ILE I 269 -30.11 -8.69 -6.45
C ILE I 269 -28.78 -8.18 -6.99
N PRO I 270 -28.50 -6.89 -6.87
CA PRO I 270 -27.14 -6.41 -7.11
C PRO I 270 -26.17 -6.89 -6.03
N ILE I 271 -24.94 -7.14 -6.44
CA ILE I 271 -23.86 -7.50 -5.54
C ILE I 271 -23.01 -6.25 -5.32
N GLU I 272 -23.11 -5.67 -4.14
CA GLU I 272 -22.40 -4.43 -3.79
C GLU I 272 -21.54 -4.69 -2.57
N ASP I 273 -20.35 -4.04 -2.55
CA ASP I 273 -19.30 -4.23 -1.54
C ASP I 273 -18.82 -5.69 -1.48
N GLY I 274 -18.88 -6.39 -2.61
CA GLY I 274 -18.54 -7.81 -2.63
C GLY I 274 -19.55 -8.71 -1.97
N SER I 275 -20.82 -8.31 -1.90
CA SER I 275 -21.78 -9.08 -1.13
C SER I 275 -23.21 -8.83 -1.62
N GLY I 276 -24.08 -9.79 -1.29
CA GLY I 276 -25.50 -9.67 -1.49
C GLY I 276 -26.22 -10.62 -0.55
N GLU I 277 -27.55 -10.53 -0.55
CA GLU I 277 -28.32 -11.38 0.35
C GLU I 277 -29.69 -11.67 -0.28
N VAL I 278 -30.12 -12.91 -0.19
CA VAL I 278 -31.41 -13.33 -0.72
C VAL I 278 -32.08 -14.26 0.30
N VAL I 279 -33.40 -14.14 0.42
CA VAL I 279 -34.21 -14.91 1.35
C VAL I 279 -35.28 -15.64 0.57
N LEU I 280 -35.44 -16.94 0.84
CA LEU I 280 -36.61 -17.69 0.40
C LEU I 280 -37.60 -17.71 1.55
N SER I 281 -38.76 -17.07 1.37
CA SER I 281 -39.70 -16.94 2.47
C SER I 281 -40.48 -18.24 2.69
N ARG I 282 -41.16 -18.32 3.84
CA ARG I 282 -41.95 -19.50 4.17
C ARG I 282 -43.17 -19.62 3.26
N LYS I 283 -43.77 -18.48 2.89
CA LYS I 283 -44.98 -18.50 2.06
C LYS I 283 -44.68 -18.95 0.63
N VAL I 284 -43.54 -18.50 0.06
CA VAL I 284 -43.19 -18.82 -1.31
C VAL I 284 -42.84 -20.31 -1.46
N LEU I 285 -42.16 -20.88 -0.46
CA LEU I 285 -41.87 -22.32 -0.44
C LEU I 285 -43.15 -23.14 -0.33
N LEU I 286 -44.06 -22.74 0.58
CA LEU I 286 -45.35 -23.42 0.69
C LEU I 286 -46.23 -23.19 -0.54
N ASP I 287 -46.13 -22.01 -1.17
CA ASP I 287 -46.80 -21.80 -2.45
C ASP I 287 -46.14 -22.59 -3.56
N GLY I 288 -44.82 -22.80 -3.46
CA GLY I 288 -44.11 -23.58 -4.47
C GLY I 288 -44.51 -25.05 -4.45
N VAL I 289 -44.56 -25.65 -3.26
CA VAL I 289 -45.00 -27.03 -3.16
C VAL I 289 -46.52 -27.09 -3.33
N GLN I 290 -46.99 -28.20 -3.89
CA GLN I 290 -48.42 -28.42 -4.04
C GLN I 290 -49.02 -29.09 -2.82
N ASN I 291 -48.18 -29.55 -1.90
CA ASN I 291 -48.63 -30.15 -0.65
C ASN I 291 -48.73 -29.08 0.42
N PRO I 292 -49.92 -28.79 0.95
CA PRO I 292 -50.04 -27.77 1.99
C PRO I 292 -49.66 -28.24 3.39
N ARG I 293 -49.30 -29.52 3.58
CA ARG I 293 -48.77 -29.96 4.87
C ARG I 293 -47.32 -29.50 5.02
N ALA I 294 -47.02 -28.92 6.18
CA ALA I 294 -45.63 -28.65 6.54
C ALA I 294 -44.96 -29.89 7.12
N GLU I 295 -45.74 -30.90 7.50
CA GLU I 295 -45.18 -32.10 8.11
C GLU I 295 -44.44 -32.97 7.10
N ASP I 296 -44.89 -32.98 5.85
CA ASP I 296 -44.29 -33.82 4.81
C ASP I 296 -42.96 -33.30 4.30
N LEU I 297 -42.64 -32.03 4.56
CA LEU I 297 -41.39 -31.44 4.11
C LEU I 297 -40.18 -31.98 4.88
N VAL I 298 -40.41 -32.56 6.06
CA VAL I 298 -39.32 -33.07 6.91
C VAL I 298 -38.71 -34.31 6.27
N GLY I 299 -37.37 -34.39 6.30
CA GLY I 299 -36.63 -35.47 5.70
C GLY I 299 -36.07 -35.16 4.33
N LYS I 300 -36.61 -34.15 3.64
CA LYS I 300 -36.12 -33.76 2.34
C LYS I 300 -35.03 -32.70 2.50
N SER I 301 -34.44 -32.29 1.38
CA SER I 301 -33.34 -31.35 1.42
C SER I 301 -33.52 -30.28 0.35
N LEU I 302 -32.84 -29.15 0.56
CA LEU I 302 -32.89 -28.02 -0.36
C LEU I 302 -31.55 -27.87 -1.09
N TYR I 303 -31.59 -27.12 -2.18
CA TYR I 303 -30.38 -26.73 -2.90
C TYR I 303 -30.59 -25.33 -3.47
N VAL I 304 -29.48 -24.61 -3.64
CA VAL I 304 -29.47 -23.25 -4.18
C VAL I 304 -28.56 -23.25 -5.40
N SER I 305 -28.99 -22.58 -6.46
CA SER I 305 -28.16 -22.34 -7.64
C SER I 305 -28.19 -20.84 -7.94
N ALA I 306 -27.01 -20.23 -8.00
CA ALA I 306 -26.86 -18.80 -8.20
C ALA I 306 -26.05 -18.53 -9.46
N THR I 307 -26.35 -17.41 -10.12
CA THR I 307 -25.62 -16.97 -11.30
C THR I 307 -25.28 -15.50 -11.14
N VAL I 308 -23.99 -15.17 -11.04
CA VAL I 308 -23.52 -13.81 -10.78
C VAL I 308 -22.71 -13.34 -11.97
N ILE I 309 -22.99 -12.12 -12.43
CA ILE I 309 -22.27 -11.48 -13.55
C ILE I 309 -21.79 -10.12 -13.06
N LEU I 310 -20.55 -9.76 -13.41
CA LEU I 310 -20.00 -8.44 -13.11
C LEU I 310 -20.77 -7.34 -13.84
N HIS I 311 -20.65 -6.12 -13.32
CA HIS I 311 -21.24 -4.95 -13.96
C HIS I 311 -20.47 -4.48 -15.19
N SER I 312 -19.28 -5.02 -15.44
CA SER I 312 -18.67 -4.91 -16.75
C SER I 312 -19.28 -5.90 -17.74
N GLY I 313 -19.88 -6.99 -17.25
CA GLY I 313 -20.55 -7.95 -18.11
C GLY I 313 -19.64 -8.85 -18.91
N SER I 314 -18.41 -9.07 -18.45
CA SER I 314 -17.42 -9.82 -19.21
C SER I 314 -17.14 -11.20 -18.66
N ASP I 315 -17.67 -11.56 -17.49
CA ASP I 315 -17.42 -12.88 -16.91
C ASP I 315 -18.64 -13.29 -16.09
N MET I 316 -18.72 -14.59 -15.79
CA MET I 316 -19.88 -15.19 -15.15
C MET I 316 -19.44 -16.43 -14.38
N VAL I 317 -19.96 -16.60 -13.17
CA VAL I 317 -19.67 -17.75 -12.32
C VAL I 317 -21.00 -18.35 -11.87
N GLN I 318 -21.13 -19.67 -11.96
CA GLN I 318 -22.27 -20.39 -11.40
C GLN I 318 -21.77 -21.22 -10.22
N ALA I 319 -22.41 -21.02 -9.06
CA ALA I 319 -22.07 -21.71 -7.83
C ALA I 319 -23.27 -22.52 -7.36
N GLU I 320 -23.04 -23.42 -6.41
CA GLU I 320 -24.10 -24.27 -5.90
C GLU I 320 -23.84 -24.64 -4.44
N ARG I 321 -24.87 -24.45 -3.61
CA ARG I 321 -24.93 -25.01 -2.27
C ARG I 321 -26.09 -25.99 -2.26
N SER I 322 -25.87 -27.20 -1.74
CA SER I 322 -26.87 -28.26 -1.81
C SER I 322 -26.84 -29.11 -0.54
N GLY I 323 -27.91 -29.89 -0.37
CA GLY I 323 -27.99 -30.80 0.76
C GLY I 323 -28.44 -30.17 2.07
N ILE I 324 -29.15 -29.04 2.01
CA ILE I 324 -29.59 -28.31 3.20
C ILE I 324 -30.85 -28.97 3.77
N PRO I 325 -30.79 -29.55 4.98
CA PRO I 325 -31.93 -30.33 5.47
C PRO I 325 -33.07 -29.47 6.00
N ILE I 326 -34.29 -29.90 5.71
CA ILE I 326 -35.50 -29.34 6.31
C ILE I 326 -35.88 -30.23 7.47
N VAL I 327 -35.72 -29.72 8.70
CA VAL I 327 -35.81 -30.53 9.91
C VAL I 327 -36.61 -29.82 10.98
N THR I 328 -37.11 -30.62 11.94
CA THR I 328 -37.68 -30.10 13.18
C THR I 328 -36.60 -29.87 14.23
N SER I 329 -35.40 -30.36 13.99
CA SER I 329 -34.35 -30.42 15.01
C SER I 329 -33.06 -29.85 14.46
N PRO I 330 -32.50 -28.79 15.05
CA PRO I 330 -31.21 -28.26 14.60
C PRO I 330 -30.00 -29.07 15.04
N TYR I 331 -30.17 -30.27 15.62
CA TYR I 331 -29.07 -31.12 16.03
C TYR I 331 -29.48 -32.57 15.83
N GLN I 332 -28.47 -33.45 15.79
CA GLN I 332 -28.67 -34.88 15.63
C GLN I 332 -27.91 -35.60 16.74
N ILE I 333 -28.63 -36.34 17.58
CA ILE I 333 -28.04 -37.03 18.73
C ILE I 333 -27.78 -38.47 18.33
N HIS I 334 -26.58 -38.96 18.64
CA HIS I 334 -26.20 -40.34 18.31
C HIS I 334 -25.48 -40.96 19.50
N PHE I 335 -25.81 -42.22 19.79
CA PHE I 335 -25.08 -43.05 20.73
C PHE I 335 -23.94 -43.83 20.06
N THR I 336 -23.34 -43.28 19.00
CA THR I 336 -22.36 -44.02 18.20
C THR I 336 -21.06 -44.29 18.93
N LYS I 337 -20.66 -43.43 19.87
CA LYS I 337 -19.45 -43.62 20.65
C LYS I 337 -19.71 -44.19 22.04
N THR I 338 -20.94 -44.59 22.35
CA THR I 338 -21.28 -45.17 23.64
C THR I 338 -21.32 -46.68 23.51
N PRO I 339 -20.70 -47.43 24.43
CA PRO I 339 -20.88 -48.89 24.42
C PRO I 339 -22.31 -49.27 24.75
N LYS I 340 -22.76 -50.36 24.14
CA LYS I 340 -24.13 -50.81 24.29
C LYS I 340 -24.28 -51.87 25.37
N TYR I 341 -23.24 -52.09 26.17
CA TYR I 341 -23.23 -53.13 27.20
C TYR I 341 -22.82 -52.52 28.54
N PHE I 342 -23.69 -52.64 29.54
CA PHE I 342 -23.42 -52.06 30.85
C PHE I 342 -22.97 -53.12 31.84
N LYS I 343 -22.36 -52.64 32.93
CA LYS I 343 -21.95 -53.49 34.05
C LYS I 343 -22.97 -53.37 35.16
N PRO I 344 -23.67 -54.44 35.52
CA PRO I 344 -24.71 -54.34 36.58
C PRO I 344 -24.13 -54.04 37.96
N GLY I 345 -24.71 -53.03 38.60
CA GLY I 345 -24.32 -52.61 39.93
C GLY I 345 -23.06 -51.79 40.00
N MET I 346 -22.54 -51.31 38.87
CA MET I 346 -21.31 -50.54 38.79
C MET I 346 -21.63 -49.39 37.85
N PRO I 347 -21.27 -48.15 38.22
CA PRO I 347 -21.59 -46.97 37.38
C PRO I 347 -20.98 -47.03 35.98
N PHE I 348 -21.67 -46.39 35.04
CA PHE I 348 -21.42 -46.56 33.62
C PHE I 348 -21.31 -45.21 32.95
N ASP I 349 -20.39 -45.10 31.99
CA ASP I 349 -20.12 -43.84 31.32
C ASP I 349 -20.81 -43.79 29.96
N LEU I 350 -21.33 -42.61 29.62
CA LEU I 350 -22.01 -42.37 28.35
C LEU I 350 -21.24 -41.33 27.57
N MET I 351 -20.92 -41.65 26.31
CA MET I 351 -20.24 -40.73 25.40
C MET I 351 -21.21 -40.41 24.27
N VAL I 352 -21.78 -39.20 24.29
CA VAL I 352 -22.87 -38.84 23.39
C VAL I 352 -22.33 -37.96 22.28
N PHE I 353 -22.51 -38.41 21.03
CA PHE I 353 -22.02 -37.71 19.85
C PHE I 353 -23.16 -36.92 19.23
N VAL I 354 -23.01 -35.59 19.21
CA VAL I 354 -24.03 -34.67 18.71
C VAL I 354 -23.48 -33.96 17.48
N THR I 355 -24.27 -33.91 16.41
CA THR I 355 -23.87 -33.26 15.17
C THR I 355 -24.90 -32.21 14.77
N ASN I 356 -24.45 -31.32 13.88
CA ASN I 356 -25.32 -30.43 13.13
C ASN I 356 -26.06 -31.24 12.05
N PRO I 357 -27.16 -30.70 11.46
CA PRO I 357 -27.92 -31.49 10.46
C PRO I 357 -27.16 -31.93 9.21
N ASP I 358 -26.13 -31.19 8.80
CA ASP I 358 -25.28 -31.68 7.70
C ASP I 358 -24.43 -32.88 8.13
N GLY I 359 -24.06 -32.93 9.41
CA GLY I 359 -23.17 -33.97 9.93
C GLY I 359 -21.95 -33.45 10.64
N SER I 360 -21.68 -32.14 10.58
CA SER I 360 -20.55 -31.55 11.26
C SER I 360 -20.80 -31.52 12.77
N PRO I 361 -19.75 -31.64 13.59
CA PRO I 361 -19.96 -31.71 15.05
C PRO I 361 -20.41 -30.40 15.66
N ALA I 362 -21.35 -30.50 16.60
CA ALA I 362 -21.91 -29.35 17.30
C ALA I 362 -21.05 -29.00 18.50
N TYR I 363 -20.95 -27.69 18.77
CA TYR I 363 -20.04 -27.16 19.79
C TYR I 363 -20.84 -26.53 20.91
N ARG I 364 -20.62 -27.03 22.14
CA ARG I 364 -21.11 -26.45 23.40
C ARG I 364 -22.64 -26.40 23.47
N VAL I 365 -23.27 -27.51 23.09
CA VAL I 365 -24.71 -27.68 23.26
C VAL I 365 -24.95 -28.55 24.48
N PRO I 366 -25.80 -28.13 25.43
CA PRO I 366 -26.01 -28.95 26.63
C PRO I 366 -27.03 -30.05 26.38
N VAL I 367 -26.65 -31.29 26.69
CA VAL I 367 -27.59 -32.41 26.66
C VAL I 367 -27.70 -32.99 28.06
N ALA I 368 -28.82 -33.70 28.29
CA ALA I 368 -29.10 -34.26 29.59
C ALA I 368 -29.81 -35.60 29.42
N VAL I 369 -29.70 -36.46 30.43
CA VAL I 369 -30.47 -37.69 30.46
C VAL I 369 -31.94 -37.33 30.66
N GLN I 370 -32.84 -38.09 30.01
CA GLN I 370 -34.28 -37.91 30.19
C GLN I 370 -34.70 -38.17 31.63
N GLY I 371 -34.17 -39.22 32.24
CA GLY I 371 -34.36 -39.43 33.65
C GLY I 371 -33.50 -38.47 34.46
N GLU I 372 -34.14 -37.68 35.34
CA GLU I 372 -33.59 -36.66 36.25
C GLU I 372 -32.94 -35.49 35.53
N ASP I 373 -33.48 -34.30 35.76
CA ASP I 373 -33.00 -33.07 35.13
C ASP I 373 -31.67 -32.58 35.68
N THR I 374 -31.18 -33.17 36.79
CA THR I 374 -29.99 -32.64 37.44
C THR I 374 -28.70 -32.97 36.70
N VAL I 375 -28.66 -34.09 35.97
CA VAL I 375 -27.42 -34.53 35.32
C VAL I 375 -27.40 -33.94 33.91
N GLN I 376 -26.61 -32.88 33.75
CA GLN I 376 -26.48 -32.17 32.48
C GLN I 376 -25.01 -31.92 32.19
N SER I 377 -24.70 -31.78 30.91
CA SER I 377 -23.32 -31.56 30.46
C SER I 377 -23.34 -30.96 29.07
N LEU I 378 -22.29 -30.21 28.75
CA LEU I 378 -22.15 -29.54 27.47
C LEU I 378 -21.11 -30.27 26.62
N THR I 379 -21.28 -30.21 25.31
CA THR I 379 -20.38 -30.90 24.39
C THR I 379 -19.04 -30.18 24.32
N GLN I 380 -17.99 -30.98 24.06
CA GLN I 380 -16.65 -30.43 23.85
C GLN I 380 -16.45 -30.02 22.40
N GLY I 381 -15.19 -29.86 21.98
CA GLY I 381 -14.90 -29.38 20.64
C GLY I 381 -15.24 -30.36 19.54
N ASP I 382 -15.09 -31.66 19.80
CA ASP I 382 -15.37 -32.70 18.83
C ASP I 382 -16.82 -33.18 18.87
N GLY I 383 -17.70 -32.46 19.57
CA GLY I 383 -19.11 -32.82 19.60
C GLY I 383 -19.46 -33.94 20.54
N VAL I 384 -18.64 -34.22 21.54
CA VAL I 384 -18.87 -35.30 22.49
C VAL I 384 -19.16 -34.70 23.86
N ALA I 385 -20.21 -35.20 24.51
CA ALA I 385 -20.56 -34.81 25.88
C ALA I 385 -20.45 -36.02 26.79
N LYS I 386 -20.14 -35.77 28.05
CA LYS I 386 -19.93 -36.82 29.03
C LYS I 386 -21.09 -36.85 30.02
N LEU I 387 -21.80 -37.98 30.05
CA LEU I 387 -22.84 -38.24 31.04
C LEU I 387 -22.56 -39.58 31.69
N SER I 388 -23.14 -39.79 32.87
CA SER I 388 -22.94 -41.04 33.60
C SER I 388 -24.13 -41.30 34.50
N ILE I 389 -24.32 -42.58 34.81
CA ILE I 389 -25.38 -43.04 35.71
C ILE I 389 -24.72 -43.89 36.78
N ASN I 390 -25.46 -44.07 37.89
CA ASN I 390 -25.04 -44.95 38.98
C ASN I 390 -25.92 -46.19 38.89
N THR I 391 -25.39 -47.23 38.27
CA THR I 391 -26.21 -48.38 37.87
C THR I 391 -26.51 -49.29 39.05
N HIS I 392 -27.72 -49.82 39.06
CA HIS I 392 -28.24 -50.86 39.93
C HIS I 392 -27.92 -52.23 39.32
N PRO I 393 -27.90 -53.34 40.14
CA PRO I 393 -27.64 -54.67 39.59
C PRO I 393 -28.80 -55.33 38.85
N SER I 394 -29.43 -54.60 37.94
CA SER I 394 -30.55 -55.13 37.17
C SER I 394 -30.03 -56.04 36.06
N GLN I 395 -30.51 -57.28 36.03
CA GLN I 395 -30.23 -58.18 34.92
C GLN I 395 -31.13 -57.95 33.71
N LYS I 396 -32.09 -57.04 33.83
CA LYS I 396 -32.95 -56.56 32.75
C LYS I 396 -32.20 -55.46 31.98
N PRO I 397 -32.36 -55.40 30.66
CA PRO I 397 -31.78 -54.30 29.87
C PRO I 397 -32.26 -52.92 30.33
N LEU I 398 -31.38 -51.93 30.18
CA LEU I 398 -31.58 -50.59 30.73
C LEU I 398 -31.73 -49.60 29.58
N SER I 399 -32.92 -49.00 29.49
CA SER I 399 -33.18 -48.01 28.45
C SER I 399 -32.57 -46.67 28.85
N ILE I 400 -31.86 -46.04 27.91
CA ILE I 400 -31.18 -44.77 28.16
C ILE I 400 -31.64 -43.78 27.08
N THR I 401 -32.15 -42.63 27.52
CA THR I 401 -32.66 -41.60 26.63
C THR I 401 -32.01 -40.27 27.00
N VAL I 402 -31.46 -39.58 26.00
CA VAL I 402 -30.73 -38.33 26.21
C VAL I 402 -31.42 -37.23 25.39
N ARG I 403 -31.60 -36.05 26.01
CA ARG I 403 -32.33 -34.93 25.45
C ARG I 403 -31.54 -33.66 25.70
N THR I 404 -31.48 -32.77 24.70
CA THR I 404 -30.75 -31.52 24.87
C THR I 404 -31.58 -30.51 25.65
N LYS I 405 -30.86 -29.59 26.32
CA LYS I 405 -31.45 -28.59 27.20
C LYS I 405 -31.02 -27.18 26.82
N LYS I 406 -30.75 -26.94 25.54
CA LYS I 406 -30.25 -25.65 25.10
C LYS I 406 -31.35 -24.59 25.19
N GLN I 407 -30.99 -23.42 25.74
CA GLN I 407 -31.94 -22.37 26.09
C GLN I 407 -32.48 -21.71 24.83
N GLU I 408 -33.64 -21.05 24.99
CA GLU I 408 -34.49 -20.33 24.01
C GLU I 408 -35.25 -21.28 23.08
N LEU I 409 -34.69 -22.44 22.78
CA LEU I 409 -35.28 -23.40 21.85
C LEU I 409 -36.43 -24.15 22.51
N SER I 410 -37.51 -24.35 21.75
CA SER I 410 -38.69 -25.01 22.26
C SER I 410 -38.48 -26.52 22.36
N GLU I 411 -39.42 -27.20 23.02
CA GLU I 411 -39.32 -28.65 23.21
C GLU I 411 -39.50 -29.42 21.90
N ALA I 412 -40.24 -28.85 20.94
CA ALA I 412 -40.30 -29.44 19.60
C ALA I 412 -38.96 -29.31 18.88
N GLU I 413 -38.14 -28.32 19.25
CA GLU I 413 -36.81 -28.14 18.68
C GLU I 413 -35.73 -28.94 19.41
N GLN I 414 -35.99 -29.42 20.63
CA GLN I 414 -34.99 -30.21 21.33
C GLN I 414 -34.92 -31.61 20.75
N ALA I 415 -33.74 -31.98 20.25
CA ALA I 415 -33.47 -33.32 19.77
C ALA I 415 -33.46 -34.33 20.90
N THR I 416 -33.68 -35.59 20.55
CA THR I 416 -33.65 -36.70 21.51
C THR I 416 -33.27 -37.98 20.77
N ARG I 417 -32.79 -38.95 21.55
CA ARG I 417 -32.45 -40.25 21.02
C ARG I 417 -32.69 -41.28 22.12
N THR I 418 -33.14 -42.47 21.71
CA THR I 418 -33.50 -43.54 22.65
C THR I 418 -32.78 -44.82 22.23
N MET I 419 -32.11 -45.46 23.18
CA MET I 419 -31.44 -46.74 22.95
C MET I 419 -31.75 -47.67 24.11
N GLN I 420 -31.26 -48.91 24.01
CA GLN I 420 -31.37 -49.89 25.08
C GLN I 420 -30.05 -50.61 25.22
N ALA I 421 -29.42 -50.48 26.38
CA ALA I 421 -28.17 -51.14 26.69
C ALA I 421 -28.43 -52.52 27.30
N LEU I 422 -27.41 -53.38 27.24
CA LEU I 422 -27.53 -54.79 27.58
C LEU I 422 -26.64 -55.17 28.76
N PRO I 423 -27.05 -56.12 29.60
CA PRO I 423 -26.23 -56.44 30.78
C PRO I 423 -25.08 -57.38 30.47
N TYR I 424 -23.98 -57.16 31.18
CA TYR I 424 -22.84 -58.08 31.11
C TYR I 424 -23.20 -59.39 31.80
N SER I 425 -22.78 -60.50 31.18
CA SER I 425 -22.96 -61.84 31.73
C SER I 425 -21.62 -62.34 32.24
N THR I 426 -21.52 -62.54 33.56
CA THR I 426 -20.33 -63.13 34.15
C THR I 426 -20.36 -64.65 34.02
N VAL I 427 -19.20 -65.25 34.23
CA VAL I 427 -19.04 -66.70 34.11
C VAL I 427 -19.73 -67.38 35.28
N GLY I 428 -20.77 -68.16 34.98
CA GLY I 428 -21.54 -68.85 36.00
C GLY I 428 -22.35 -67.96 36.90
N ASN I 429 -22.66 -66.74 36.45
CA ASN I 429 -23.31 -65.66 37.23
C ASN I 429 -22.58 -65.41 38.55
N SER I 430 -21.24 -65.35 38.47
CA SER I 430 -20.42 -65.13 39.66
C SER I 430 -20.43 -63.68 40.14
N ASN I 431 -20.89 -62.76 39.28
CA ASN I 431 -20.96 -61.31 39.55
C ASN I 431 -19.61 -60.71 39.93
N ASN I 432 -18.55 -61.17 39.27
CA ASN I 432 -17.20 -60.63 39.45
C ASN I 432 -16.84 -59.89 38.17
N TYR I 433 -16.68 -58.56 38.27
CA TYR I 433 -16.57 -57.72 37.10
C TYR I 433 -15.23 -57.01 37.04
N LEU I 434 -14.96 -56.43 35.87
CA LEU I 434 -13.87 -55.49 35.66
C LEU I 434 -14.44 -54.21 35.08
N HIS I 435 -14.08 -53.07 35.68
CA HIS I 435 -14.58 -51.78 35.23
C HIS I 435 -13.40 -50.88 34.86
N LEU I 436 -13.45 -50.31 33.66
CA LEU I 436 -12.46 -49.36 33.20
C LEU I 436 -13.06 -47.96 33.15
N SER I 437 -12.24 -46.97 33.48
CA SER I 437 -12.66 -45.57 33.41
C SER I 437 -11.45 -44.73 33.07
N VAL I 438 -11.68 -43.63 32.34
CA VAL I 438 -10.59 -42.84 31.78
C VAL I 438 -11.10 -41.42 31.55
N LEU I 439 -10.16 -40.48 31.43
CA LEU I 439 -10.49 -39.10 31.08
C LEU I 439 -10.99 -39.02 29.64
N ARG I 440 -11.81 -38.02 29.36
CA ARG I 440 -12.30 -37.77 28.00
C ARG I 440 -11.85 -36.37 27.60
N THR I 441 -10.75 -36.30 26.85
CA THR I 441 -10.21 -35.07 26.30
C THR I 441 -9.76 -35.32 24.88
N GLU I 442 -9.52 -34.23 24.15
CA GLU I 442 -8.85 -34.33 22.86
C GLU I 442 -7.38 -34.67 23.09
N LEU I 443 -6.94 -35.80 22.57
CA LEU I 443 -5.60 -36.30 22.85
C LEU I 443 -4.62 -35.90 21.76
N ARG I 444 -3.61 -35.20 22.15
CA ARG I 444 -2.48 -34.81 21.34
C ARG I 444 -1.27 -35.66 21.71
N PRO I 445 -0.38 -35.93 20.76
CA PRO I 445 0.85 -36.67 21.08
C PRO I 445 1.76 -35.89 22.03
N GLY I 446 2.23 -36.57 23.07
CA GLY I 446 3.02 -35.97 24.11
C GLY I 446 2.30 -35.81 25.44
N GLU I 447 1.00 -36.03 25.47
CA GLU I 447 0.24 -35.95 26.72
C GLU I 447 0.21 -37.30 27.41
N THR I 448 -0.04 -37.27 28.71
CA THR I 448 -0.20 -38.49 29.49
C THR I 448 -1.68 -38.72 29.77
N LEU I 449 -2.07 -40.00 29.85
CA LEU I 449 -3.46 -40.36 30.07
C LEU I 449 -3.54 -41.40 31.18
N ASN I 450 -4.31 -41.09 32.21
CA ASN I 450 -4.41 -41.96 33.38
C ASN I 450 -5.48 -43.02 33.14
N VAL I 451 -5.08 -44.28 33.12
CA VAL I 451 -5.99 -45.41 32.94
C VAL I 451 -6.30 -45.99 34.30
N ASN I 452 -7.58 -46.20 34.60
CA ASN I 452 -8.03 -46.62 35.92
C ASN I 452 -8.64 -48.01 35.82
N PHE I 453 -8.18 -48.91 36.69
CA PHE I 453 -8.60 -50.31 36.73
C PHE I 453 -9.28 -50.56 38.07
N LEU I 454 -10.58 -50.84 38.04
CA LEU I 454 -11.34 -51.13 39.25
C LEU I 454 -11.69 -52.60 39.27
N LEU I 455 -11.35 -53.27 40.37
CA LEU I 455 -11.70 -54.67 40.56
C LEU I 455 -12.94 -54.78 41.42
N ARG I 456 -13.85 -55.69 41.03
CA ARG I 456 -15.03 -56.01 41.81
C ARG I 456 -15.12 -57.53 41.89
N MET I 457 -15.05 -58.04 43.12
CA MET I 457 -15.18 -59.45 43.48
C MET I 457 -15.24 -59.52 45.00
N ASP I 458 -15.64 -60.70 45.49
CA ASP I 458 -15.60 -60.98 46.92
C ASP I 458 -14.16 -61.05 47.40
N ARG I 459 -13.97 -60.74 48.69
CA ARG I 459 -12.62 -60.61 49.25
C ARG I 459 -11.91 -61.94 49.43
N ALA I 460 -12.61 -63.07 49.35
CA ALA I 460 -11.94 -64.37 49.41
C ALA I 460 -11.10 -64.63 48.16
N HIS I 461 -11.48 -64.05 47.03
CA HIS I 461 -10.73 -64.20 45.79
C HIS I 461 -9.95 -62.95 45.38
N GLU I 462 -9.99 -61.87 46.17
CA GLU I 462 -9.23 -60.68 45.81
C GLU I 462 -7.73 -60.88 45.98
N ALA I 463 -7.33 -61.77 46.89
CA ALA I 463 -5.92 -62.07 47.08
C ALA I 463 -5.37 -62.95 45.95
N LYS I 464 -6.24 -63.59 45.19
CA LYS I 464 -5.80 -64.42 44.06
C LYS I 464 -5.50 -63.61 42.81
N ILE I 465 -6.01 -62.38 42.71
CA ILE I 465 -5.76 -61.52 41.56
C ILE I 465 -4.50 -60.73 41.85
N ARG I 466 -3.40 -61.10 41.20
CA ARG I 466 -2.11 -60.49 41.43
C ARG I 466 -1.62 -59.65 40.26
N TYR I 467 -2.35 -59.63 39.14
CA TYR I 467 -1.90 -58.93 37.96
C TYR I 467 -3.09 -58.64 37.06
N TYR I 468 -2.91 -57.66 36.18
CA TYR I 468 -3.80 -57.43 35.06
C TYR I 468 -3.01 -57.63 33.77
N THR I 469 -3.71 -57.93 32.69
CA THR I 469 -3.10 -58.08 31.38
C THR I 469 -3.78 -57.13 30.41
N TYR I 470 -3.01 -56.24 29.79
CA TYR I 470 -3.54 -55.19 28.93
C TYR I 470 -2.93 -55.29 27.54
N LEU I 471 -3.66 -54.80 26.53
CA LEU I 471 -3.19 -54.74 25.17
C LEU I 471 -3.77 -53.51 24.49
N ILE I 472 -3.05 -53.00 23.49
CA ILE I 472 -3.46 -51.83 22.73
C ILE I 472 -3.66 -52.25 21.29
N MET I 473 -4.87 -52.04 20.77
CA MET I 473 -5.18 -52.25 19.36
C MET I 473 -5.25 -50.91 18.66
N ASN I 474 -4.45 -50.75 17.62
CA ASN I 474 -4.41 -49.51 16.84
C ASN I 474 -4.18 -49.87 15.38
N LYS I 475 -5.10 -49.41 14.52
CA LYS I 475 -5.03 -49.55 13.05
C LYS I 475 -4.96 -51.01 12.61
N GLY I 476 -5.67 -51.88 13.32
CA GLY I 476 -5.75 -53.28 12.95
C GLY I 476 -4.56 -54.13 13.30
N ARG I 477 -3.71 -53.69 14.22
CA ARG I 477 -2.61 -54.53 14.70
C ARG I 477 -2.29 -54.13 16.14
N LEU I 478 -1.70 -55.07 16.87
CA LEU I 478 -1.35 -54.86 18.28
C LEU I 478 -0.11 -53.98 18.37
N LEU I 479 -0.23 -52.86 19.06
CA LEU I 479 0.86 -51.90 19.18
C LEU I 479 1.69 -52.09 20.44
N LYS I 480 1.05 -52.39 21.57
CA LYS I 480 1.75 -52.51 22.84
C LYS I 480 0.89 -53.34 23.80
N ALA I 481 1.56 -54.05 24.70
CA ALA I 481 0.93 -54.96 25.66
C ALA I 481 1.88 -55.17 26.82
N GLY I 482 1.33 -55.62 27.94
CA GLY I 482 2.14 -55.86 29.12
C GLY I 482 1.30 -56.31 30.29
N ARG I 483 1.95 -56.37 31.46
CA ARG I 483 1.31 -56.73 32.71
C ARG I 483 1.35 -55.56 33.69
N GLN I 484 0.29 -55.43 34.48
CA GLN I 484 0.21 -54.47 35.58
C GLN I 484 -0.08 -55.23 36.87
N VAL I 485 0.90 -55.27 37.78
CA VAL I 485 0.78 -56.07 38.99
C VAL I 485 -0.15 -55.39 39.99
N ARG I 486 -0.70 -56.18 40.90
CA ARG I 486 -1.61 -55.69 41.92
C ARG I 486 -1.36 -56.43 43.23
N GLU I 487 -1.26 -55.65 44.37
CA GLU I 487 -1.14 -56.08 45.75
C GLU I 487 -2.52 -56.18 46.40
N PRO I 488 -2.71 -57.03 47.42
CA PRO I 488 -4.03 -57.16 48.06
C PRO I 488 -4.52 -55.90 48.75
N GLY I 489 -5.83 -55.68 48.69
CA GLY I 489 -6.47 -54.50 49.20
C GLY I 489 -6.47 -53.32 48.24
N GLN I 490 -5.73 -53.41 47.14
CA GLN I 490 -5.63 -52.32 46.17
C GLN I 490 -6.53 -52.64 44.97
N ASP I 491 -7.83 -52.49 45.21
CA ASP I 491 -8.83 -52.77 44.18
C ASP I 491 -8.76 -51.78 43.02
N LEU I 492 -8.29 -50.57 43.29
CA LEU I 492 -8.05 -49.57 42.25
C LEU I 492 -6.56 -49.42 42.08
N VAL I 493 -6.09 -49.47 40.82
CA VAL I 493 -4.73 -49.10 40.45
C VAL I 493 -4.83 -48.13 39.28
N VAL I 494 -3.79 -47.30 39.13
CA VAL I 494 -3.74 -46.28 38.10
C VAL I 494 -2.52 -46.56 37.23
N LEU I 495 -2.69 -46.50 35.92
CA LEU I 495 -1.58 -46.65 34.97
C LEU I 495 -1.54 -45.46 34.03
N PRO I 496 -0.51 -44.63 34.10
CA PRO I 496 -0.37 -43.54 33.12
C PRO I 496 0.08 -44.08 31.77
N LEU I 497 -0.51 -43.54 30.70
CA LEU I 497 -0.17 -43.91 29.34
C LEU I 497 0.21 -42.65 28.57
N SER I 498 1.43 -42.61 28.05
CA SER I 498 1.91 -41.49 27.27
C SER I 498 1.48 -41.67 25.83
N ILE I 499 0.88 -40.63 25.25
CA ILE I 499 0.39 -40.67 23.88
C ILE I 499 1.50 -40.24 22.94
N THR I 500 1.81 -41.10 21.97
CA THR I 500 2.72 -40.80 20.89
C THR I 500 1.93 -40.70 19.58
N THR I 501 2.67 -40.44 18.49
CA THR I 501 2.07 -40.33 17.16
C THR I 501 1.59 -41.65 16.59
N ASP I 502 1.94 -42.79 17.20
CA ASP I 502 1.48 -44.08 16.71
C ASP I 502 0.00 -44.32 17.02
N PHE I 503 -0.58 -43.59 17.97
CA PHE I 503 -1.94 -43.83 18.43
C PHE I 503 -2.98 -43.15 17.54
N ILE I 504 -2.54 -42.26 16.65
CA ILE I 504 -3.42 -41.55 15.70
C ILE I 504 -4.00 -42.55 14.71
N PRO I 505 -5.30 -42.47 14.35
CA PRO I 505 -6.37 -41.54 14.75
C PRO I 505 -7.28 -42.01 15.88
N SER I 506 -7.19 -43.27 16.26
CA SER I 506 -8.08 -43.91 17.20
C SER I 506 -7.49 -45.26 17.58
N PHE I 507 -7.70 -45.66 18.83
CA PHE I 507 -7.15 -46.92 19.31
C PHE I 507 -8.07 -47.50 20.37
N ARG I 508 -7.95 -48.81 20.56
CA ARG I 508 -8.71 -49.53 21.56
C ARG I 508 -7.77 -50.13 22.60
N LEU I 509 -8.15 -50.00 23.87
CA LEU I 509 -7.46 -50.62 24.99
C LEU I 509 -8.33 -51.75 25.52
N VAL I 510 -7.74 -52.93 25.69
CA VAL I 510 -8.42 -54.03 26.35
C VAL I 510 -7.64 -54.38 27.60
N ALA I 511 -8.33 -54.99 28.56
CA ALA I 511 -7.70 -55.43 29.80
C ALA I 511 -8.48 -56.59 30.37
N TYR I 512 -7.77 -57.51 31.03
CA TYR I 512 -8.43 -58.66 31.63
C TYR I 512 -7.63 -59.16 32.82
N TYR I 513 -8.28 -60.00 33.63
CA TYR I 513 -7.63 -60.79 34.68
C TYR I 513 -8.14 -62.22 34.61
N THR I 514 -7.49 -63.11 35.36
CA THR I 514 -7.88 -64.52 35.39
C THR I 514 -7.47 -65.15 36.72
N LEU I 515 -8.20 -66.19 37.09
CA LEU I 515 -8.03 -66.94 38.33
C LEU I 515 -8.85 -68.22 38.23
N ILE I 516 -8.68 -69.08 39.22
CA ILE I 516 -9.55 -70.24 39.41
C ILE I 516 -10.38 -69.96 40.65
N GLY I 517 -11.67 -69.69 40.44
CA GLY I 517 -12.57 -69.36 41.52
C GLY I 517 -13.81 -70.22 41.53
N ALA I 518 -14.85 -69.75 42.25
CA ALA I 518 -16.11 -70.45 42.53
C ALA I 518 -15.87 -71.83 43.12
N SER I 519 -16.20 -72.88 42.36
CA SER I 519 -16.00 -74.25 42.79
C SER I 519 -14.78 -74.90 42.15
N GLY I 520 -13.79 -74.11 41.77
CA GLY I 520 -12.61 -74.65 41.11
C GLY I 520 -12.74 -74.63 39.60
N GLN I 521 -13.13 -73.48 39.06
CA GLN I 521 -13.40 -73.32 37.65
C GLN I 521 -12.65 -72.11 37.13
N ARG I 522 -12.02 -72.26 35.95
CA ARG I 522 -11.27 -71.18 35.34
C ARG I 522 -12.22 -70.09 34.81
N GLU I 523 -11.97 -68.85 35.24
CA GLU I 523 -12.80 -67.70 34.90
C GLU I 523 -11.96 -66.60 34.28
N VAL I 524 -12.45 -66.02 33.18
CA VAL I 524 -11.83 -64.87 32.53
C VAL I 524 -12.83 -63.73 32.50
N VAL I 525 -12.42 -62.56 32.99
CA VAL I 525 -13.25 -61.35 32.99
C VAL I 525 -12.46 -60.25 32.29
N ALA I 526 -13.07 -59.59 31.30
CA ALA I 526 -12.39 -58.61 30.47
C ALA I 526 -13.24 -57.35 30.31
N ASP I 527 -12.60 -56.28 29.83
CA ASP I 527 -13.27 -55.01 29.54
C ASP I 527 -12.45 -54.25 28.52
N SER I 528 -13.12 -53.36 27.77
CA SER I 528 -12.47 -52.62 26.69
C SER I 528 -13.10 -51.24 26.51
N VAL I 529 -12.37 -50.36 25.82
CA VAL I 529 -12.80 -48.99 25.57
C VAL I 529 -12.09 -48.49 24.31
N TRP I 530 -12.78 -47.63 23.55
CA TRP I 530 -12.27 -47.02 22.32
C TRP I 530 -12.01 -45.55 22.55
N VAL I 531 -10.83 -45.08 22.13
CA VAL I 531 -10.38 -43.72 22.41
C VAL I 531 -10.07 -43.04 21.08
N ASP I 532 -10.56 -41.80 20.92
CA ASP I 532 -10.27 -41.01 19.72
C ASP I 532 -9.07 -40.11 19.98
N VAL I 533 -8.24 -39.96 18.94
CA VAL I 533 -7.03 -39.12 18.98
C VAL I 533 -7.25 -37.98 17.98
N LYS I 534 -6.73 -36.79 18.32
CA LYS I 534 -6.81 -35.61 17.45
C LYS I 534 -6.14 -35.88 16.11
N ASP I 535 -6.89 -35.67 15.03
CA ASP I 535 -6.40 -35.96 13.69
C ASP I 535 -5.36 -34.92 13.27
N SER I 536 -4.14 -35.39 13.04
CA SER I 536 -3.01 -34.54 12.68
C SER I 536 -2.02 -35.42 11.94
N CYS I 537 -0.96 -34.78 11.43
CA CYS I 537 0.12 -35.54 10.82
C CYS I 537 0.93 -36.26 11.88
N VAL I 538 1.48 -37.42 11.50
CA VAL I 538 2.48 -38.10 12.32
C VAL I 538 3.73 -37.23 12.42
N GLY I 539 4.21 -36.72 11.28
CA GLY I 539 5.22 -35.68 11.26
C GLY I 539 4.60 -34.31 11.38
N SER I 540 5.21 -33.33 10.70
CA SER I 540 4.74 -31.95 10.70
C SER I 540 5.33 -31.18 9.53
N LEU I 541 4.74 -31.30 8.34
CA LEU I 541 5.19 -30.54 7.18
C LEU I 541 4.45 -29.20 7.15
N VAL I 542 5.22 -28.11 7.09
CA VAL I 542 4.68 -26.76 7.06
C VAL I 542 5.31 -26.05 5.86
N VAL I 543 4.49 -25.31 5.11
CA VAL I 543 4.95 -24.50 3.99
C VAL I 543 4.57 -23.05 4.27
N LYS I 544 5.56 -22.15 4.23
CA LYS I 544 5.32 -20.74 4.50
C LYS I 544 6.19 -19.90 3.56
N SER I 545 6.05 -18.58 3.66
CA SER I 545 6.80 -17.63 2.85
C SER I 545 8.14 -17.33 3.50
N GLY I 546 9.19 -17.27 2.68
CA GLY I 546 10.50 -16.90 3.17
C GLY I 546 10.62 -15.40 3.41
N GLN I 547 10.04 -14.61 2.50
CA GLN I 547 10.00 -13.18 2.69
C GLN I 547 8.96 -12.80 3.75
N SER I 548 9.25 -11.72 4.47
CA SER I 548 8.36 -11.20 5.50
C SER I 548 7.73 -9.88 5.08
N GLU I 549 8.12 -9.34 3.94
CA GLU I 549 7.60 -8.08 3.42
C GLU I 549 7.41 -8.30 1.91
N ASP I 550 7.21 -7.19 1.17
CA ASP I 550 6.82 -7.18 -0.25
C ASP I 550 5.56 -8.01 -0.46
N ARG I 551 4.51 -7.66 0.29
CA ARG I 551 3.22 -8.32 0.17
C ARG I 551 2.62 -8.09 -1.19
N GLN I 552 1.96 -9.14 -1.72
CA GLN I 552 1.47 -9.30 -3.09
C GLN I 552 2.61 -9.06 -4.07
N PRO I 553 3.46 -10.04 -4.33
CA PRO I 553 4.57 -9.84 -5.27
C PRO I 553 4.09 -9.71 -6.71
N VAL I 554 5.01 -9.27 -7.56
CA VAL I 554 4.77 -8.92 -8.95
C VAL I 554 4.71 -10.24 -9.72
N PRO I 555 3.97 -10.34 -10.82
CA PRO I 555 4.07 -11.54 -11.68
C PRO I 555 5.48 -11.74 -12.23
N GLY I 556 5.99 -12.96 -12.06
CA GLY I 556 7.33 -13.30 -12.47
C GLY I 556 8.43 -13.03 -11.45
N GLN I 557 8.11 -12.38 -10.33
CA GLN I 557 9.10 -12.02 -9.32
C GLN I 557 9.66 -13.28 -8.65
N GLN I 558 10.93 -13.24 -8.29
CA GLN I 558 11.50 -14.32 -7.51
C GLN I 558 11.09 -14.18 -6.05
N MET I 559 10.62 -15.27 -5.45
CA MET I 559 10.35 -15.31 -4.02
C MET I 559 10.90 -16.60 -3.47
N THR I 560 11.07 -16.63 -2.15
CA THR I 560 11.67 -17.76 -1.45
C THR I 560 10.58 -18.62 -0.82
N LEU I 561 10.49 -19.87 -1.24
CA LEU I 561 9.59 -20.81 -0.61
C LEU I 561 10.32 -21.48 0.56
N LYS I 562 9.77 -21.31 1.76
CA LYS I 562 10.34 -21.89 2.96
C LYS I 562 9.55 -23.14 3.34
N ILE I 563 10.24 -24.25 3.53
CA ILE I 563 9.60 -25.54 3.82
C ILE I 563 10.26 -26.11 5.07
N GLU I 564 9.51 -26.17 6.16
CA GLU I 564 9.93 -26.81 7.40
C GLU I 564 9.28 -28.19 7.47
N GLY I 565 10.07 -29.20 7.84
CA GLY I 565 9.56 -30.55 7.89
C GLY I 565 10.54 -31.49 8.57
N ASP I 566 10.10 -32.74 8.72
CA ASP I 566 10.90 -33.78 9.38
C ASP I 566 12.14 -34.13 8.56
N HIS I 567 13.24 -34.38 9.27
CA HIS I 567 14.51 -34.70 8.64
C HIS I 567 14.46 -36.10 8.02
N GLY I 568 14.91 -36.20 6.76
CA GLY I 568 14.92 -37.45 6.04
C GLY I 568 13.72 -37.66 5.13
N ALA I 569 12.80 -36.71 5.07
CA ALA I 569 11.58 -36.86 4.30
C ALA I 569 11.74 -36.35 2.87
N ARG I 570 10.98 -36.95 1.96
CA ARG I 570 10.91 -36.53 0.57
C ARG I 570 9.58 -35.83 0.35
N VAL I 571 9.62 -34.63 -0.24
CA VAL I 571 8.44 -33.79 -0.39
C VAL I 571 8.17 -33.60 -1.88
N VAL I 572 6.90 -33.67 -2.26
CA VAL I 572 6.46 -33.41 -3.63
C VAL I 572 5.60 -32.14 -3.61
N LEU I 573 5.62 -31.41 -4.72
CA LEU I 573 5.00 -30.10 -4.81
C LEU I 573 4.09 -30.01 -6.03
N VAL I 574 3.06 -29.15 -5.91
CA VAL I 574 2.22 -28.73 -7.04
C VAL I 574 1.61 -27.39 -6.67
N ALA I 575 1.60 -26.45 -7.63
CA ALA I 575 1.00 -25.13 -7.45
C ALA I 575 -0.11 -24.94 -8.47
N VAL I 576 -1.32 -24.69 -7.98
CA VAL I 576 -2.54 -24.67 -8.80
C VAL I 576 -3.22 -23.31 -8.59
N ASP I 577 -3.77 -22.77 -9.68
CA ASP I 577 -4.68 -21.63 -9.58
C ASP I 577 -5.95 -22.06 -8.85
N LYS I 578 -6.44 -21.18 -7.96
CA LYS I 578 -7.67 -21.45 -7.21
C LYS I 578 -8.92 -21.43 -8.08
N GLY I 579 -8.86 -20.80 -9.27
CA GLY I 579 -9.99 -20.79 -10.19
C GLY I 579 -10.36 -22.15 -10.73
N VAL I 580 -9.39 -23.08 -10.75
CA VAL I 580 -9.68 -24.49 -11.01
C VAL I 580 -10.60 -25.05 -9.92
N PHE I 581 -10.32 -24.71 -8.67
CA PHE I 581 -11.09 -25.24 -7.54
C PHE I 581 -12.46 -24.56 -7.43
N VAL I 582 -12.59 -23.34 -7.93
CA VAL I 582 -13.90 -22.70 -8.01
C VAL I 582 -14.76 -23.40 -9.05
N LEU I 583 -14.14 -23.93 -10.12
CA LEU I 583 -14.89 -24.73 -11.09
C LEU I 583 -15.22 -26.11 -10.52
N ASN I 584 -14.23 -26.80 -9.95
CA ASN I 584 -14.45 -28.14 -9.42
C ASN I 584 -13.46 -28.39 -8.28
N LYS I 585 -13.95 -28.37 -7.04
CA LYS I 585 -13.13 -28.67 -5.88
C LYS I 585 -13.34 -30.09 -5.35
N LYS I 586 -13.98 -30.96 -6.12
CA LYS I 586 -14.20 -32.33 -5.68
C LYS I 586 -12.92 -33.15 -5.83
N ASN I 587 -12.84 -34.22 -5.04
CA ASN I 587 -11.78 -35.24 -4.99
C ASN I 587 -10.45 -34.69 -4.51
N LYS I 588 -10.45 -33.55 -3.82
CA LYS I 588 -9.23 -33.04 -3.21
C LYS I 588 -8.81 -33.90 -2.03
N LEU I 589 -7.56 -34.34 -2.03
CA LEU I 589 -7.04 -35.18 -0.95
C LEU I 589 -6.60 -34.30 0.23
N THR I 590 -6.86 -34.79 1.44
CA THR I 590 -6.40 -34.15 2.67
C THR I 590 -6.04 -35.22 3.68
N GLN I 591 -5.36 -34.78 4.74
CA GLN I 591 -4.89 -35.70 5.78
C GLN I 591 -6.03 -36.31 6.59
N SER I 592 -7.13 -35.55 6.78
CA SER I 592 -8.29 -36.07 7.51
C SER I 592 -8.99 -37.17 6.74
N LYS I 593 -9.04 -37.07 5.41
CA LYS I 593 -9.61 -38.13 4.60
C LYS I 593 -8.73 -39.38 4.57
N ILE I 594 -7.42 -39.21 4.77
CA ILE I 594 -6.53 -40.38 4.89
C ILE I 594 -6.85 -41.17 6.14
N TRP I 595 -6.95 -40.48 7.28
CA TRP I 595 -7.35 -41.13 8.53
C TRP I 595 -8.80 -41.64 8.47
N ASP I 596 -9.64 -41.01 7.64
CA ASP I 596 -10.99 -41.52 7.40
C ASP I 596 -10.95 -42.85 6.66
N VAL I 597 -10.00 -43.02 5.72
CA VAL I 597 -9.83 -44.29 5.01
C VAL I 597 -9.31 -45.36 5.98
N VAL I 598 -8.41 -44.98 6.88
CA VAL I 598 -7.86 -45.92 7.87
C VAL I 598 -8.92 -46.34 8.89
N GLU I 599 -9.74 -45.38 9.35
CA GLU I 599 -10.80 -45.70 10.31
C GLU I 599 -11.90 -46.54 9.68
N LYS I 600 -12.17 -46.37 8.38
CA LYS I 600 -13.08 -47.27 7.67
C LYS I 600 -12.48 -48.65 7.45
N ALA I 601 -11.16 -48.79 7.54
CA ALA I 601 -10.48 -50.07 7.43
C ALA I 601 -10.23 -50.72 8.80
N ASP I 602 -10.76 -50.14 9.87
CA ASP I 602 -10.59 -50.70 11.21
C ASP I 602 -11.41 -51.97 11.35
N ILE I 603 -10.84 -52.96 12.05
CA ILE I 603 -11.51 -54.25 12.22
C ILE I 603 -12.32 -54.32 13.51
N GLY I 604 -12.17 -53.36 14.42
CA GLY I 604 -13.01 -53.31 15.60
C GLY I 604 -14.33 -52.61 15.28
N CYS I 605 -15.40 -53.10 15.91
CA CYS I 605 -16.75 -52.71 15.53
C CYS I 605 -17.54 -51.99 16.61
N THR I 606 -17.03 -51.90 17.84
CA THR I 606 -17.83 -51.42 18.96
C THR I 606 -16.94 -50.48 19.78
N PRO I 607 -17.50 -49.41 20.38
CA PRO I 607 -16.72 -48.56 21.29
C PRO I 607 -16.37 -49.13 22.66
N GLY I 608 -16.09 -50.43 22.77
CA GLY I 608 -15.75 -51.04 24.04
C GLY I 608 -16.86 -51.92 24.55
N SER I 609 -16.59 -52.49 25.74
CA SER I 609 -17.45 -53.41 26.49
C SER I 609 -17.83 -54.64 25.69
N GLY I 610 -18.90 -55.31 26.08
CA GLY I 610 -19.32 -56.53 25.43
C GLY I 610 -20.22 -57.35 26.32
N LYS I 611 -20.77 -58.42 25.74
CA LYS I 611 -21.67 -59.28 26.50
C LYS I 611 -20.91 -60.15 27.48
N ASP I 612 -19.64 -60.45 27.20
CA ASP I 612 -18.80 -61.26 28.09
C ASP I 612 -17.34 -60.91 27.80
N TYR I 613 -16.43 -61.70 28.39
CA TYR I 613 -15.00 -61.54 28.12
C TYR I 613 -14.65 -61.83 26.67
N ALA I 614 -15.34 -62.80 26.05
CA ALA I 614 -15.06 -63.16 24.66
C ALA I 614 -15.58 -62.10 23.71
N GLY I 615 -16.75 -61.53 24.01
CA GLY I 615 -17.29 -60.44 23.22
C GLY I 615 -16.48 -59.16 23.31
N VAL I 616 -15.74 -58.99 24.42
CA VAL I 616 -14.84 -57.83 24.58
C VAL I 616 -13.72 -57.87 23.54
N PHE I 617 -13.06 -59.03 23.39
CA PHE I 617 -11.99 -59.18 22.42
C PHE I 617 -12.51 -59.15 20.99
N SER I 618 -13.65 -59.80 20.74
CA SER I 618 -14.20 -59.91 19.39
C SER I 618 -14.68 -58.56 18.86
N ASP I 619 -15.30 -57.75 19.72
CA ASP I 619 -15.72 -56.42 19.32
C ASP I 619 -14.53 -55.47 19.17
N ALA I 620 -13.48 -55.67 19.96
CA ALA I 620 -12.27 -54.87 19.80
C ALA I 620 -11.50 -55.26 18.55
N GLY I 621 -11.50 -56.54 18.20
CA GLY I 621 -10.80 -57.02 17.04
C GLY I 621 -9.75 -58.05 17.36
N LEU I 622 -9.86 -58.66 18.53
CA LEU I 622 -8.86 -59.60 19.02
C LEU I 622 -9.39 -61.03 19.09
N THR I 623 -8.46 -61.98 18.98
CA THR I 623 -8.73 -63.39 19.20
C THR I 623 -7.96 -63.85 20.43
N PHE I 624 -8.58 -64.73 21.20
CA PHE I 624 -8.00 -65.32 22.39
C PHE I 624 -8.27 -66.81 22.35
N THR I 625 -7.33 -67.59 22.90
CA THR I 625 -7.53 -69.02 23.07
C THR I 625 -6.64 -69.46 24.23
N SER I 626 -7.22 -70.18 25.19
CA SER I 626 -6.50 -70.59 26.38
C SER I 626 -6.34 -72.10 26.41
N SER I 627 -5.40 -72.57 27.24
CA SER I 627 -5.17 -74.00 27.37
C SER I 627 -6.25 -74.70 28.18
N SER I 628 -6.91 -73.98 29.08
CA SER I 628 -8.03 -74.58 29.82
C SER I 628 -9.25 -74.78 28.92
N GLY I 629 -9.43 -73.92 27.92
CA GLY I 629 -10.50 -74.10 26.96
C GLY I 629 -11.23 -72.83 26.59
N GLN I 630 -11.02 -71.78 27.38
CA GLN I 630 -11.73 -70.53 27.15
C GLN I 630 -11.15 -69.80 25.95
N GLN I 631 -12.00 -69.46 24.98
CA GLN I 631 -11.51 -68.86 23.75
C GLN I 631 -12.57 -67.92 23.21
N THR I 632 -12.17 -67.14 22.21
CA THR I 632 -13.05 -66.13 21.63
C THR I 632 -14.07 -66.77 20.70
N ALA I 633 -15.08 -65.98 20.37
CA ALA I 633 -16.07 -66.40 19.39
C ALA I 633 -15.45 -66.44 18.01
N GLN I 634 -15.96 -67.35 17.19
CA GLN I 634 -15.51 -67.48 15.81
C GLN I 634 -16.00 -66.30 14.97
N ARG I 635 -15.12 -65.78 14.11
CA ARG I 635 -15.49 -64.70 13.20
C ARG I 635 -14.99 -65.04 11.81
N ALA I 636 -15.91 -65.11 10.85
CA ALA I 636 -15.59 -65.45 9.47
C ALA I 636 -15.96 -64.35 8.50
N GLU I 637 -16.30 -63.16 8.99
CA GLU I 637 -16.65 -62.03 8.14
C GLU I 637 -15.68 -60.89 8.41
N LEU I 638 -15.09 -60.34 7.33
CA LEU I 638 -14.14 -59.25 7.47
C LEU I 638 -14.82 -57.97 7.95
N GLN I 639 -16.00 -57.67 7.40
CA GLN I 639 -16.71 -56.44 7.72
C GLN I 639 -17.36 -56.54 9.10
N CYS I 640 -17.76 -55.41 9.59
CA CYS I 640 -18.45 -55.28 10.86
C CYS I 640 -19.95 -55.49 10.65
N PRO I 641 -20.63 -56.08 11.64
CA PRO I 641 -22.09 -56.18 11.58
C PRO I 641 -22.77 -54.81 11.59
N GLN I 642 -23.84 -54.71 10.81
CA GLN I 642 -24.49 -53.42 10.62
C GLN I 642 -25.53 -53.19 11.72
N PRO I 643 -25.59 -51.97 12.25
CA PRO I 643 -26.64 -51.63 13.22
C PRO I 643 -28.03 -51.64 12.59
N ALA I 644 -29.04 -51.75 13.46
CA ALA I 644 -30.42 -51.85 13.02
C ALA I 644 -30.92 -50.55 12.40
N ALA I 645 -30.48 -49.41 12.95
CA ALA I 645 -30.79 -48.04 12.49
C ALA I 645 -32.29 -47.74 12.40
N LEU J 3 9.35 8.02 -28.90
CA LEU J 3 8.58 9.25 -28.98
C LEU J 3 8.83 10.14 -27.76
N ASP J 4 8.30 11.36 -27.79
CA ASP J 4 8.54 12.35 -26.76
C ASP J 4 7.38 12.47 -25.78
N GLU J 5 6.30 11.73 -25.98
CA GLU J 5 5.10 11.87 -25.17
C GLU J 5 5.22 11.08 -23.87
N ASP J 6 4.34 11.42 -22.92
CA ASP J 6 4.39 10.89 -21.57
C ASP J 6 3.77 9.51 -21.44
N ILE J 7 4.23 8.55 -22.24
CA ILE J 7 3.69 7.20 -22.21
C ILE J 7 4.78 6.23 -22.66
N ILE J 8 4.71 5.01 -22.12
CA ILE J 8 5.53 3.91 -22.60
C ILE J 8 5.17 3.60 -24.05
N ALA J 9 6.18 3.57 -24.91
CA ALA J 9 5.99 3.17 -26.30
C ALA J 9 5.65 1.69 -26.40
N GLU J 10 4.93 1.33 -27.48
CA GLU J 10 4.36 0.00 -27.65
C GLU J 10 5.44 -1.08 -27.79
N GLU J 11 6.58 -0.72 -28.38
CA GLU J 11 7.63 -1.69 -28.69
C GLU J 11 8.28 -2.25 -27.43
N ASN J 12 8.42 -1.43 -26.39
CA ASN J 12 9.02 -1.90 -25.15
C ASN J 12 7.99 -2.39 -24.15
N ILE J 13 6.70 -2.36 -24.48
CA ILE J 13 5.73 -3.10 -23.67
C ILE J 13 5.97 -4.57 -23.91
N VAL J 14 6.24 -5.31 -22.85
CA VAL J 14 6.52 -6.74 -22.96
C VAL J 14 5.32 -7.48 -22.41
N SER J 15 4.73 -8.34 -23.23
CA SER J 15 3.47 -8.98 -22.88
C SER J 15 3.71 -10.13 -21.93
N ARG J 16 2.76 -10.32 -21.02
CA ARG J 16 2.70 -11.54 -20.24
C ARG J 16 2.15 -12.65 -21.12
N SER J 17 2.76 -13.83 -21.03
CA SER J 17 2.40 -14.96 -21.88
C SER J 17 2.45 -16.30 -21.17
N GLU J 18 3.19 -16.42 -20.07
CA GLU J 18 3.26 -17.67 -19.31
C GLU J 18 2.00 -17.79 -18.46
N PHE J 19 0.93 -18.29 -19.08
CA PHE J 19 -0.29 -18.54 -18.32
C PHE J 19 -0.75 -19.98 -18.07
N PRO J 20 0.08 -20.99 -17.73
CA PRO J 20 -0.51 -22.30 -17.40
C PRO J 20 -1.15 -22.29 -16.02
N GLU J 21 -2.17 -23.14 -15.86
CA GLU J 21 -2.92 -23.15 -14.61
C GLU J 21 -2.14 -23.86 -13.50
N SER J 22 -1.57 -25.02 -13.81
CA SER J 22 -0.86 -25.82 -12.83
C SER J 22 0.61 -25.94 -13.20
N TRP J 23 1.47 -25.81 -12.20
CA TRP J 23 2.93 -25.85 -12.38
C TRP J 23 3.56 -26.19 -11.03
N LEU J 24 4.90 -26.01 -10.97
CA LEU J 24 5.75 -26.35 -9.81
C LEU J 24 5.60 -27.82 -9.44
N TRP J 25 5.76 -28.69 -10.44
CA TRP J 25 5.70 -30.15 -10.24
C TRP J 25 7.11 -30.64 -9.94
N ASN J 26 7.56 -30.38 -8.72
CA ASN J 26 8.93 -30.65 -8.33
C ASN J 26 8.97 -31.55 -7.10
N VAL J 27 10.13 -32.19 -6.91
CA VAL J 27 10.39 -33.10 -5.81
C VAL J 27 11.70 -32.67 -5.16
N GLU J 28 11.72 -32.60 -3.82
CA GLU J 28 12.93 -32.25 -3.07
C GLU J 28 12.97 -33.07 -1.78
N ASP J 29 14.19 -33.29 -1.28
CA ASP J 29 14.43 -34.09 -0.09
C ASP J 29 15.00 -33.21 1.01
N LEU J 30 14.40 -33.27 2.19
CA LEU J 30 14.84 -32.51 3.35
C LEU J 30 16.08 -33.19 3.94
N LYS J 31 17.26 -32.69 3.59
CA LYS J 31 18.53 -33.17 4.15
C LYS J 31 19.32 -32.04 4.79
N GLU J 32 18.70 -30.86 4.91
CA GLU J 32 19.24 -29.72 5.63
C GLU J 32 19.38 -30.04 7.12
N PRO J 33 20.24 -29.31 7.86
CA PRO J 33 20.48 -29.59 9.31
C PRO J 33 19.23 -29.53 10.17
N PRO J 34 18.96 -30.60 10.95
CA PRO J 34 17.72 -30.68 11.75
C PRO J 34 17.79 -29.83 13.01
N LYS J 35 17.03 -28.73 13.01
CA LYS J 35 16.86 -27.90 14.20
C LYS J 35 15.64 -28.42 14.93
N ASN J 36 15.87 -29.02 16.12
CA ASN J 36 14.88 -29.77 16.91
C ASN J 36 14.26 -30.91 16.09
N GLY J 37 15.07 -31.53 15.23
CA GLY J 37 14.58 -32.54 14.31
C GLY J 37 13.89 -32.03 13.07
N ILE J 38 13.82 -30.70 12.89
CA ILE J 38 13.10 -30.10 11.77
C ILE J 38 14.12 -29.49 10.81
N SER J 39 14.05 -29.89 9.54
CA SER J 39 14.91 -29.34 8.51
C SER J 39 14.20 -28.17 7.81
N THR J 40 14.93 -27.07 7.65
CA THR J 40 14.40 -25.85 7.04
C THR J 40 15.00 -25.72 5.65
N LYS J 41 14.18 -25.94 4.63
CA LYS J 41 14.63 -25.90 3.24
C LYS J 41 14.18 -24.59 2.59
N LEU J 42 15.10 -23.93 1.90
CA LEU J 42 14.82 -22.68 1.20
C LEU J 42 14.88 -22.93 -0.29
N MET J 43 13.76 -22.69 -0.99
CA MET J 43 13.66 -22.84 -2.43
C MET J 43 13.29 -21.50 -3.04
N ASN J 44 14.25 -20.86 -3.70
CA ASN J 44 13.99 -19.63 -4.44
C ASN J 44 13.42 -20.00 -5.81
N ILE J 45 12.22 -19.53 -6.10
CA ILE J 45 11.46 -20.01 -7.25
C ILE J 45 10.94 -18.82 -8.06
N PHE J 46 10.87 -19.02 -9.37
CA PHE J 46 10.27 -18.03 -10.27
C PHE J 46 8.76 -18.12 -10.20
N LEU J 47 8.10 -16.97 -10.18
CA LEU J 47 6.65 -16.94 -10.35
C LEU J 47 6.31 -16.90 -11.84
N LYS J 48 5.02 -17.07 -12.14
CA LYS J 48 4.53 -17.02 -13.50
C LYS J 48 3.76 -15.72 -13.75
N ASP J 49 3.11 -15.64 -14.91
CA ASP J 49 2.53 -14.39 -15.38
C ASP J 49 1.05 -14.24 -15.03
N SER J 50 0.37 -15.33 -14.68
CA SER J 50 -1.05 -15.28 -14.35
C SER J 50 -1.27 -14.53 -13.02
N ILE J 51 -2.28 -13.67 -13.01
CA ILE J 51 -2.59 -12.86 -11.84
C ILE J 51 -3.80 -13.46 -11.14
N THR J 52 -3.55 -14.04 -9.96
CA THR J 52 -4.52 -14.79 -9.16
C THR J 52 -3.86 -15.08 -7.82
N THR J 53 -4.61 -15.74 -6.93
CA THR J 53 -4.05 -16.33 -5.73
C THR J 53 -3.84 -17.82 -5.99
N TRP J 54 -2.60 -18.28 -5.84
CA TRP J 54 -2.27 -19.69 -6.06
C TRP J 54 -2.42 -20.47 -4.75
N GLU J 55 -2.85 -21.71 -4.87
CA GLU J 55 -2.96 -22.64 -3.75
C GLU J 55 -1.94 -23.75 -3.95
N ILE J 56 -0.99 -23.87 -3.04
CA ILE J 56 0.12 -24.82 -3.15
C ILE J 56 -0.18 -26.03 -2.28
N LEU J 57 -0.28 -27.20 -2.89
CA LEU J 57 -0.48 -28.45 -2.17
C LEU J 57 0.86 -29.16 -2.02
N ALA J 58 1.20 -29.53 -0.78
CA ALA J 58 2.45 -30.18 -0.48
C ALA J 58 2.20 -31.44 0.34
N VAL J 59 2.78 -32.55 -0.09
CA VAL J 59 2.70 -33.84 0.60
C VAL J 59 4.13 -34.35 0.80
N SER J 60 4.44 -34.77 2.02
CA SER J 60 5.76 -35.31 2.33
C SER J 60 5.67 -36.81 2.58
N MET J 61 6.79 -37.49 2.34
CA MET J 61 6.89 -38.94 2.52
C MET J 61 8.15 -39.26 3.32
N SER J 62 7.97 -39.82 4.51
CA SER J 62 9.06 -40.18 5.40
C SER J 62 9.07 -41.68 5.64
N ASP J 63 10.28 -42.27 5.67
CA ASP J 63 10.41 -43.70 5.91
C ASP J 63 10.16 -44.09 7.36
N LYS J 64 10.11 -43.13 8.28
CA LYS J 64 9.82 -43.39 9.68
C LYS J 64 8.61 -42.63 10.20
N LYS J 65 8.28 -41.47 9.62
CA LYS J 65 7.11 -40.69 10.04
C LYS J 65 5.96 -40.76 9.05
N GLY J 66 6.05 -41.60 8.02
CA GLY J 66 4.96 -41.83 7.09
C GLY J 66 4.61 -40.64 6.20
N ILE J 67 3.43 -40.76 5.59
CA ILE J 67 2.90 -39.72 4.71
C ILE J 67 2.33 -38.59 5.56
N CYS J 68 2.44 -37.36 5.05
CA CYS J 68 1.82 -36.20 5.68
C CYS J 68 1.37 -35.25 4.58
N VAL J 69 0.08 -34.96 4.56
CA VAL J 69 -0.49 -33.98 3.64
C VAL J 69 -0.56 -32.66 4.40
N ALA J 70 0.26 -31.70 3.98
CA ALA J 70 0.35 -30.44 4.68
C ALA J 70 -0.87 -29.58 4.39
N ASP J 71 -1.09 -28.58 5.25
CA ASP J 71 -2.11 -27.59 5.00
C ASP J 71 -1.71 -26.75 3.78
N PRO J 72 -2.66 -26.42 2.90
CA PRO J 72 -2.32 -25.66 1.69
C PRO J 72 -1.82 -24.24 1.98
N PHE J 73 -0.83 -23.83 1.21
CA PHE J 73 -0.20 -22.52 1.36
C PHE J 73 -0.64 -21.62 0.21
N GLU J 74 -1.11 -20.43 0.56
CA GLU J 74 -1.70 -19.49 -0.39
C GLU J 74 -0.76 -18.33 -0.64
N VAL J 75 -0.54 -18.02 -1.92
CA VAL J 75 0.29 -16.90 -2.35
C VAL J 75 -0.56 -16.04 -3.28
N THR J 76 -0.70 -14.76 -2.94
CA THR J 76 -1.47 -13.83 -3.75
C THR J 76 -0.50 -13.00 -4.59
N VAL J 77 -0.53 -13.20 -5.90
CA VAL J 77 0.27 -12.43 -6.85
C VAL J 77 -0.64 -11.40 -7.51
N MET J 78 -0.17 -10.15 -7.57
CA MET J 78 -1.04 -9.08 -8.06
C MET J 78 -0.19 -7.92 -8.59
N GLN J 79 -0.72 -7.23 -9.60
CA GLN J 79 -0.20 -5.97 -10.11
C GLN J 79 -1.30 -4.92 -9.96
N ASP J 80 -0.90 -3.67 -9.74
CA ASP J 80 -1.87 -2.59 -9.49
C ASP J 80 -2.69 -2.27 -10.73
N PHE J 81 -2.06 -2.28 -11.90
CA PHE J 81 -2.73 -2.06 -13.18
C PHE J 81 -2.35 -3.20 -14.11
N PHE J 82 -3.34 -3.84 -14.73
CA PHE J 82 -3.10 -4.98 -15.59
C PHE J 82 -4.29 -5.20 -16.50
N ILE J 83 -4.12 -6.10 -17.47
CA ILE J 83 -5.15 -6.51 -18.41
C ILE J 83 -5.42 -7.99 -18.20
N ASP J 84 -6.66 -8.40 -18.44
CA ASP J 84 -7.03 -9.80 -18.52
C ASP J 84 -7.85 -9.99 -19.78
N LEU J 85 -7.26 -10.64 -20.78
CA LEU J 85 -7.94 -10.90 -22.04
C LEU J 85 -8.66 -12.24 -21.91
N ARG J 86 -9.98 -12.21 -21.94
CA ARG J 86 -10.81 -13.38 -21.65
C ARG J 86 -11.32 -13.95 -22.98
N LEU J 87 -10.57 -14.88 -23.53
CA LEU J 87 -10.94 -15.53 -24.78
C LEU J 87 -11.90 -16.68 -24.52
N PRO J 88 -12.76 -17.00 -25.49
CA PRO J 88 -13.43 -18.31 -25.48
C PRO J 88 -12.43 -19.43 -25.72
N TYR J 89 -12.85 -20.64 -25.35
CA TYR J 89 -12.02 -21.83 -25.55
C TYR J 89 -11.80 -22.12 -27.03
N SER J 90 -12.85 -22.01 -27.83
CA SER J 90 -12.77 -22.27 -29.25
C SER J 90 -13.68 -21.30 -29.98
N VAL J 91 -13.29 -20.97 -31.22
CA VAL J 91 -14.03 -20.03 -32.05
C VAL J 91 -14.21 -20.65 -33.43
N VAL J 92 -15.32 -20.31 -34.07
CA VAL J 92 -15.58 -20.76 -35.43
C VAL J 92 -14.73 -19.92 -36.38
N ARG J 93 -14.04 -20.59 -37.30
CA ARG J 93 -13.22 -19.91 -38.30
C ARG J 93 -14.09 -19.08 -39.24
N ASN J 94 -13.62 -17.86 -39.54
CA ASN J 94 -14.21 -16.93 -40.52
C ASN J 94 -15.61 -16.50 -40.12
N GLU J 95 -15.81 -16.29 -38.82
CA GLU J 95 -16.99 -15.63 -38.29
C GLU J 95 -16.54 -14.61 -37.26
N GLN J 96 -16.99 -13.37 -37.45
CA GLN J 96 -16.56 -12.25 -36.62
C GLN J 96 -17.03 -12.40 -35.17
N VAL J 97 -16.08 -12.23 -34.23
CA VAL J 97 -16.32 -12.49 -32.82
C VAL J 97 -15.81 -11.31 -32.01
N GLU J 98 -16.31 -11.20 -30.78
CA GLU J 98 -15.95 -10.14 -29.86
C GLU J 98 -15.06 -10.70 -28.75
N ILE J 99 -13.93 -10.02 -28.50
CA ILE J 99 -13.06 -10.36 -27.40
C ILE J 99 -13.25 -9.30 -26.31
N ARG J 100 -13.07 -9.73 -25.06
CA ARG J 100 -13.31 -8.86 -23.91
C ARG J 100 -12.01 -8.74 -23.11
N ALA J 101 -11.36 -7.59 -23.22
CA ALA J 101 -10.17 -7.28 -22.44
C ALA J 101 -10.56 -6.38 -21.29
N VAL J 102 -10.33 -6.83 -20.05
CA VAL J 102 -10.72 -6.11 -18.86
C VAL J 102 -9.46 -5.51 -18.24
N LEU J 103 -9.49 -4.21 -18.00
CA LEU J 103 -8.36 -3.48 -17.44
C LEU J 103 -8.74 -3.01 -16.05
N TYR J 104 -7.84 -3.21 -15.09
CA TYR J 104 -8.16 -3.06 -13.68
C TYR J 104 -7.33 -1.93 -13.08
N ASN J 105 -7.97 -1.10 -12.26
CA ASN J 105 -7.35 0.02 -11.57
C ASN J 105 -7.69 -0.08 -10.10
N TYR J 106 -6.67 -0.24 -9.26
CA TYR J 106 -6.85 -0.42 -7.82
C TYR J 106 -6.16 0.67 -7.01
N ARG J 107 -6.01 1.86 -7.59
CA ARG J 107 -5.67 3.02 -6.78
C ARG J 107 -6.88 3.43 -5.96
N GLN J 108 -6.62 3.99 -4.78
CA GLN J 108 -7.70 4.37 -3.88
C GLN J 108 -8.26 5.76 -4.15
N ASN J 109 -7.55 6.57 -4.96
CA ASN J 109 -7.97 7.96 -5.18
C ASN J 109 -7.44 8.49 -6.50
N GLN J 110 -7.22 7.62 -7.48
CA GLN J 110 -6.58 8.02 -8.73
C GLN J 110 -7.23 7.31 -9.90
N GLU J 111 -7.86 8.08 -10.79
CA GLU J 111 -8.30 7.57 -12.08
C GLU J 111 -7.19 7.75 -13.11
N LEU J 112 -7.14 6.84 -14.07
CA LEU J 112 -5.99 6.70 -14.95
C LEU J 112 -6.37 6.86 -16.40
N LYS J 113 -5.56 7.62 -17.14
CA LYS J 113 -5.70 7.75 -18.58
C LYS J 113 -4.85 6.68 -19.25
N VAL J 114 -5.49 5.80 -20.01
CA VAL J 114 -4.86 4.61 -20.58
C VAL J 114 -5.00 4.65 -22.10
N ARG J 115 -3.90 4.47 -22.82
CA ARG J 115 -3.92 4.10 -24.23
C ARG J 115 -3.79 2.59 -24.32
N VAL J 116 -4.78 1.95 -24.93
CA VAL J 116 -4.82 0.50 -25.10
C VAL J 116 -4.85 0.22 -26.61
N GLU J 117 -4.15 -0.83 -27.02
CA GLU J 117 -3.96 -1.09 -28.45
C GLU J 117 -4.04 -2.59 -28.73
N LEU J 118 -4.79 -2.94 -29.77
CA LEU J 118 -4.79 -4.30 -30.31
C LEU J 118 -3.76 -4.40 -31.43
N LEU J 119 -2.88 -5.40 -31.34
CA LEU J 119 -1.78 -5.49 -32.28
C LEU J 119 -2.22 -6.18 -33.56
N HIS J 120 -1.42 -5.98 -34.62
CA HIS J 120 -1.65 -6.61 -35.89
C HIS J 120 -1.40 -8.12 -35.79
N ASN J 121 -2.19 -8.89 -36.54
CA ASN J 121 -2.09 -10.33 -36.51
C ASN J 121 -2.20 -10.82 -37.95
N PRO J 122 -1.24 -11.63 -38.42
CA PRO J 122 -1.42 -12.27 -39.73
C PRO J 122 -2.49 -13.33 -39.74
N ALA J 123 -2.84 -13.90 -38.58
CA ALA J 123 -3.86 -14.93 -38.48
C ALA J 123 -5.26 -14.38 -38.17
N PHE J 124 -5.39 -13.09 -37.87
CA PHE J 124 -6.67 -12.51 -37.49
C PHE J 124 -6.86 -11.15 -38.13
N CYS J 125 -7.97 -10.98 -38.84
CA CYS J 125 -8.30 -9.73 -39.51
C CYS J 125 -9.02 -8.78 -38.54
N SER J 126 -8.57 -7.52 -38.53
CA SER J 126 -9.16 -6.49 -37.71
C SER J 126 -8.84 -5.15 -38.35
N LEU J 127 -9.13 -4.05 -37.65
CA LEU J 127 -8.69 -2.74 -38.12
C LEU J 127 -7.20 -2.54 -37.94
N ALA J 128 -6.54 -3.35 -37.12
CA ALA J 128 -5.10 -3.23 -36.91
C ALA J 128 -4.37 -3.84 -38.10
N THR J 129 -3.68 -3.00 -38.85
CA THR J 129 -2.71 -3.41 -39.86
C THR J 129 -1.35 -2.87 -39.46
N THR J 130 -0.35 -3.11 -40.32
CA THR J 130 1.00 -2.64 -40.03
C THR J 130 1.11 -1.12 -40.14
N LYS J 131 0.39 -0.52 -41.09
CA LYS J 131 0.42 0.94 -41.25
C LYS J 131 -0.49 1.63 -40.23
N ARG J 132 -1.69 1.11 -40.02
CA ARG J 132 -2.72 1.77 -39.24
C ARG J 132 -3.04 0.92 -38.03
N ARG J 133 -2.81 1.48 -36.84
CA ARG J 133 -3.01 0.75 -35.60
C ARG J 133 -4.41 1.00 -35.04
N HIS J 134 -4.91 0.02 -34.30
CA HIS J 134 -6.24 0.07 -33.70
C HIS J 134 -6.05 0.36 -32.22
N GLN J 135 -6.12 1.65 -31.87
CA GLN J 135 -5.82 2.11 -30.53
C GLN J 135 -6.93 3.02 -30.03
N GLN J 136 -7.16 3.01 -28.71
CA GLN J 136 -8.17 3.83 -28.07
C GLN J 136 -7.60 4.49 -26.82
N THR J 137 -8.26 5.57 -26.39
CA THR J 137 -7.89 6.31 -25.18
C THR J 137 -9.11 6.34 -24.26
N VAL J 138 -9.02 5.67 -23.12
CA VAL J 138 -10.12 5.53 -22.18
C VAL J 138 -9.68 6.01 -20.80
N THR J 139 -10.65 6.06 -19.88
CA THR J 139 -10.43 6.49 -18.51
C THR J 139 -11.09 5.49 -17.57
N ILE J 140 -10.32 4.98 -16.61
CA ILE J 140 -10.79 3.99 -15.64
C ILE J 140 -10.90 4.68 -14.28
N PRO J 141 -12.08 4.71 -13.67
CA PRO J 141 -12.23 5.28 -12.30
C PRO J 141 -11.49 4.45 -11.27
N PRO J 142 -11.11 5.04 -10.13
CA PRO J 142 -10.39 4.27 -9.10
C PRO J 142 -11.28 3.26 -8.40
N LYS J 143 -10.64 2.18 -7.94
CA LYS J 143 -11.28 1.00 -7.31
C LYS J 143 -12.38 0.41 -8.20
N SER J 144 -12.12 0.35 -9.50
CA SER J 144 -13.10 -0.12 -10.46
C SER J 144 -12.39 -0.75 -11.65
N SER J 145 -13.17 -1.43 -12.49
CA SER J 145 -12.65 -2.07 -13.68
C SER J 145 -13.44 -1.59 -14.90
N LEU J 146 -12.75 -1.53 -16.05
CA LEU J 146 -13.36 -1.13 -17.31
C LEU J 146 -12.97 -2.16 -18.37
N SER J 147 -13.93 -2.53 -19.21
CA SER J 147 -13.73 -3.52 -20.27
C SER J 147 -13.75 -2.81 -21.62
N VAL J 148 -12.78 -3.17 -22.48
CA VAL J 148 -12.64 -2.57 -23.80
C VAL J 148 -12.90 -3.65 -24.84
N PRO J 149 -14.02 -3.60 -25.56
CA PRO J 149 -14.27 -4.59 -26.61
C PRO J 149 -13.48 -4.30 -27.88
N TYR J 150 -13.09 -5.38 -28.55
CA TYR J 150 -12.52 -5.34 -29.89
C TYR J 150 -13.23 -6.38 -30.75
N VAL J 151 -13.19 -6.19 -32.06
CA VAL J 151 -13.79 -7.13 -33.00
C VAL J 151 -12.71 -7.65 -33.93
N ILE J 152 -12.68 -8.97 -34.15
CA ILE J 152 -11.71 -9.64 -35.01
C ILE J 152 -12.42 -10.73 -35.80
N VAL J 153 -11.72 -11.24 -36.82
CA VAL J 153 -12.20 -12.34 -37.64
C VAL J 153 -11.09 -13.39 -37.68
N PRO J 154 -11.34 -14.65 -37.33
CA PRO J 154 -10.32 -15.69 -37.49
C PRO J 154 -10.11 -16.05 -38.96
N LEU J 155 -8.84 -16.23 -39.35
CA LEU J 155 -8.50 -16.49 -40.74
C LEU J 155 -7.94 -17.88 -41.00
N LYS J 156 -7.34 -18.54 -40.01
CA LYS J 156 -6.71 -19.83 -40.23
C LYS J 156 -6.88 -20.71 -38.99
N THR J 157 -7.04 -22.01 -39.23
CA THR J 157 -7.31 -22.98 -38.17
C THR J 157 -6.10 -23.17 -37.25
N GLY J 158 -6.37 -23.71 -36.08
CA GLY J 158 -5.32 -24.10 -35.15
C GLY J 158 -5.28 -23.21 -33.93
N LEU J 159 -4.26 -23.45 -33.10
CA LEU J 159 -4.00 -22.68 -31.89
C LEU J 159 -3.16 -21.47 -32.26
N GLN J 160 -3.81 -20.37 -32.57
CA GLN J 160 -3.14 -19.17 -33.06
C GLN J 160 -3.02 -18.11 -31.96
N GLU J 161 -2.11 -17.17 -32.21
CA GLU J 161 -1.66 -16.22 -31.19
C GLU J 161 -2.46 -14.91 -31.28
N VAL J 162 -2.85 -14.39 -30.12
CA VAL J 162 -3.53 -13.10 -30.00
C VAL J 162 -2.78 -12.28 -28.95
N GLU J 163 -2.48 -11.02 -29.29
CA GLU J 163 -1.65 -10.16 -28.44
C GLU J 163 -2.30 -8.78 -28.33
N VAL J 164 -2.40 -8.27 -27.10
CA VAL J 164 -2.89 -6.92 -26.81
C VAL J 164 -1.94 -6.26 -25.83
N LYS J 165 -1.94 -4.92 -25.85
CA LYS J 165 -1.08 -4.12 -24.98
C LYS J 165 -1.83 -2.88 -24.51
N ALA J 166 -1.33 -2.30 -23.42
CA ALA J 166 -1.87 -1.05 -22.88
C ALA J 166 -0.79 -0.38 -22.04
N ALA J 167 -0.81 0.95 -22.04
CA ALA J 167 0.11 1.75 -21.25
C ALA J 167 -0.61 3.01 -20.80
N VAL J 168 -0.27 3.48 -19.59
CA VAL J 168 -0.97 4.62 -19.00
C VAL J 168 -0.18 5.90 -19.24
N TYR J 169 -0.90 7.01 -19.34
CA TYR J 169 -0.28 8.32 -19.42
C TYR J 169 0.04 8.83 -18.03
N HIS J 170 1.10 9.63 -17.93
CA HIS J 170 1.67 10.31 -16.76
C HIS J 170 2.26 9.35 -15.70
N HIS J 171 2.26 8.04 -15.95
CA HIS J 171 2.97 7.06 -15.14
C HIS J 171 3.52 6.00 -16.07
N PHE J 172 4.57 5.33 -15.63
CA PHE J 172 5.24 4.33 -16.46
C PHE J 172 4.91 2.93 -15.98
N ILE J 173 3.61 2.66 -15.99
CA ILE J 173 3.04 1.36 -15.67
C ILE J 173 2.29 0.89 -16.90
N SER J 174 2.61 -0.33 -17.35
CA SER J 174 2.02 -0.86 -18.57
C SER J 174 1.83 -2.35 -18.42
N ASP J 175 1.02 -2.91 -19.31
CA ASP J 175 0.75 -4.34 -19.30
C ASP J 175 0.50 -4.79 -20.73
N GLY J 176 0.86 -6.04 -21.00
CA GLY J 176 0.57 -6.67 -22.28
C GLY J 176 0.14 -8.10 -22.06
N VAL J 177 -0.81 -8.59 -22.86
CA VAL J 177 -1.33 -9.94 -22.71
C VAL J 177 -1.23 -10.64 -24.06
N ARG J 178 -0.51 -11.77 -24.08
CA ARG J 178 -0.40 -12.62 -25.25
C ARG J 178 -0.91 -14.01 -24.87
N LYS J 179 -2.04 -14.41 -25.44
CA LYS J 179 -2.61 -15.74 -25.22
C LYS J 179 -2.91 -16.39 -26.56
N SER J 180 -3.16 -17.70 -26.50
CA SER J 180 -3.52 -18.47 -27.68
C SER J 180 -4.85 -19.17 -27.46
N LEU J 181 -5.67 -19.20 -28.51
CA LEU J 181 -6.98 -19.84 -28.47
C LEU J 181 -7.17 -20.64 -29.74
N LYS J 182 -8.04 -21.63 -29.66
CA LYS J 182 -8.20 -22.62 -30.73
C LYS J 182 -9.16 -22.10 -31.79
N VAL J 183 -8.71 -22.11 -33.05
CA VAL J 183 -9.56 -21.80 -34.19
C VAL J 183 -10.01 -23.12 -34.79
N VAL J 184 -11.30 -23.41 -34.67
CA VAL J 184 -11.88 -24.70 -35.06
C VAL J 184 -12.69 -24.50 -36.34
N PRO J 185 -12.49 -25.34 -37.36
CA PRO J 185 -13.38 -25.28 -38.53
C PRO J 185 -14.78 -25.76 -38.17
N GLU J 186 -15.76 -25.29 -38.94
CA GLU J 186 -17.17 -25.59 -38.66
C GLU J 186 -17.46 -27.07 -38.81
N GLY J 187 -18.32 -27.58 -37.92
CA GLY J 187 -18.52 -28.99 -37.77
C GLY J 187 -18.68 -29.42 -36.33
N ILE J 188 -18.87 -30.71 -36.09
CA ILE J 188 -19.26 -31.20 -34.77
C ILE J 188 -18.83 -32.66 -34.65
N ARG J 189 -18.77 -33.15 -33.41
CA ARG J 189 -18.37 -34.52 -33.13
C ARG J 189 -19.48 -35.50 -33.46
N MET J 190 -19.10 -36.62 -34.07
CA MET J 190 -19.99 -37.75 -34.29
C MET J 190 -19.28 -39.02 -33.84
N ASN J 191 -19.94 -39.81 -33.00
CA ASN J 191 -19.43 -41.12 -32.57
C ASN J 191 -20.42 -42.19 -33.04
N LYS J 192 -20.29 -42.58 -34.29
CA LYS J 192 -21.14 -43.61 -34.86
C LYS J 192 -20.52 -44.99 -34.63
N THR J 193 -21.35 -46.02 -34.80
CA THR J 193 -20.95 -47.40 -34.58
C THR J 193 -20.71 -48.07 -35.92
N VAL J 194 -19.54 -48.70 -36.08
CA VAL J 194 -19.22 -49.38 -37.33
C VAL J 194 -19.92 -50.74 -37.39
N ALA J 195 -19.63 -51.61 -36.43
CA ALA J 195 -20.21 -52.95 -36.41
C ALA J 195 -20.19 -53.48 -34.99
N VAL J 196 -21.19 -54.29 -34.67
CA VAL J 196 -21.24 -55.06 -33.43
C VAL J 196 -21.63 -56.49 -33.82
N ARG J 197 -20.71 -57.43 -33.64
CA ARG J 197 -20.89 -58.80 -34.12
C ARG J 197 -20.32 -59.77 -33.11
N THR J 198 -20.71 -61.03 -33.24
CA THR J 198 -20.36 -62.10 -32.32
C THR J 198 -19.18 -62.89 -32.86
N LEU J 199 -18.24 -63.23 -31.97
CA LEU J 199 -17.10 -64.07 -32.29
C LEU J 199 -17.26 -65.43 -31.61
N ASP J 200 -17.12 -66.50 -32.40
CA ASP J 200 -17.22 -67.87 -31.93
C ASP J 200 -16.53 -68.75 -32.97
N PRO J 201 -15.24 -69.05 -32.79
CA PRO J 201 -14.51 -69.85 -33.79
C PRO J 201 -14.99 -71.29 -33.93
N GLU J 202 -15.58 -71.87 -32.88
CA GLU J 202 -16.18 -73.19 -32.99
C GLU J 202 -17.46 -73.13 -33.82
N ARG J 203 -18.23 -72.04 -33.69
CA ARG J 203 -19.49 -71.89 -34.40
C ARG J 203 -19.32 -71.25 -35.78
N LEU J 204 -18.47 -70.23 -35.89
CA LEU J 204 -18.30 -69.47 -37.12
C LEU J 204 -16.95 -69.78 -37.74
N GLY J 205 -16.95 -69.97 -39.06
CA GLY J 205 -15.74 -70.31 -39.79
C GLY J 205 -15.39 -71.77 -39.83
N ARG J 206 -16.02 -72.61 -38.99
CA ARG J 206 -15.94 -74.06 -38.88
C ARG J 206 -14.59 -74.56 -38.36
N GLU J 207 -14.65 -75.47 -37.36
CA GLU J 207 -13.52 -76.22 -36.80
C GLU J 207 -12.50 -75.31 -36.12
N GLY J 208 -12.99 -74.46 -35.22
CA GLY J 208 -12.13 -73.72 -34.32
C GLY J 208 -11.36 -72.56 -34.91
N VAL J 209 -11.56 -72.24 -36.18
CA VAL J 209 -10.88 -71.13 -36.83
C VAL J 209 -11.93 -70.17 -37.41
N GLN J 210 -11.76 -68.88 -37.14
CA GLN J 210 -12.66 -67.85 -37.62
C GLN J 210 -11.87 -66.66 -38.15
N LYS J 211 -12.27 -66.17 -39.32
CA LYS J 211 -11.73 -64.95 -39.90
C LYS J 211 -12.87 -63.97 -40.14
N GLU J 212 -12.60 -62.69 -39.89
CA GLU J 212 -13.63 -61.66 -40.05
C GLU J 212 -12.93 -60.33 -40.35
N ASP J 213 -13.51 -59.55 -41.25
CA ASP J 213 -12.96 -58.27 -41.64
C ASP J 213 -13.77 -57.14 -41.03
N ILE J 214 -13.16 -55.96 -41.01
CA ILE J 214 -13.85 -54.72 -40.64
C ILE J 214 -13.60 -53.73 -41.76
N PRO J 215 -14.63 -53.29 -42.49
CA PRO J 215 -14.42 -52.22 -43.47
C PRO J 215 -14.22 -50.89 -42.77
N PRO J 216 -13.50 -49.96 -43.39
CA PRO J 216 -13.43 -48.60 -42.83
C PRO J 216 -14.77 -47.88 -43.01
N ALA J 217 -14.99 -46.87 -42.17
CA ALA J 217 -16.23 -46.12 -42.22
C ALA J 217 -16.27 -45.28 -43.49
N ASP J 218 -17.48 -45.16 -44.07
CA ASP J 218 -17.63 -44.43 -45.33
C ASP J 218 -17.43 -42.94 -45.12
N LEU J 219 -17.97 -42.41 -44.00
CA LEU J 219 -17.95 -41.05 -43.46
C LEU J 219 -17.83 -39.91 -44.49
N SER J 220 -18.80 -39.81 -45.40
CA SER J 220 -18.73 -38.82 -46.47
C SER J 220 -18.94 -37.40 -45.95
N ASP J 221 -19.50 -37.24 -44.76
CA ASP J 221 -19.68 -35.94 -44.13
C ASP J 221 -18.47 -35.47 -43.33
N GLN J 222 -17.33 -36.17 -43.44
CA GLN J 222 -16.14 -35.85 -42.66
C GLN J 222 -15.55 -34.50 -43.10
N VAL J 223 -15.17 -33.69 -42.11
CA VAL J 223 -14.48 -32.43 -42.36
C VAL J 223 -13.11 -32.74 -42.97
N PRO J 224 -12.69 -32.04 -44.03
CA PRO J 224 -11.39 -32.33 -44.66
C PRO J 224 -10.21 -32.04 -43.75
N ASP J 225 -9.25 -32.98 -43.72
CA ASP J 225 -7.99 -32.90 -42.98
C ASP J 225 -8.23 -32.81 -41.47
N THR J 226 -9.03 -33.74 -40.95
CA THR J 226 -9.27 -33.86 -39.52
C THR J 226 -9.00 -35.28 -39.05
N GLU J 227 -8.69 -35.39 -37.77
CA GLU J 227 -8.45 -36.69 -37.16
C GLU J 227 -9.75 -37.47 -37.02
N SER J 228 -9.62 -38.80 -36.99
CA SER J 228 -10.78 -39.68 -36.99
C SER J 228 -10.33 -40.98 -36.33
N GLU J 229 -10.56 -41.10 -35.03
CA GLU J 229 -10.12 -42.27 -34.31
C GLU J 229 -11.08 -43.43 -34.57
N THR J 230 -10.52 -44.63 -34.52
CA THR J 230 -11.29 -45.87 -34.58
C THR J 230 -11.08 -46.62 -33.28
N ARG J 231 -12.13 -46.71 -32.48
CA ARG J 231 -12.07 -47.36 -31.18
C ARG J 231 -12.56 -48.79 -31.33
N ILE J 232 -11.66 -49.75 -31.15
CA ILE J 232 -11.96 -51.17 -31.25
C ILE J 232 -12.06 -51.69 -29.82
N LEU J 233 -13.08 -52.49 -29.54
CA LEU J 233 -13.28 -53.02 -28.21
C LEU J 233 -13.58 -54.51 -28.27
N LEU J 234 -12.99 -55.26 -27.34
CA LEU J 234 -13.22 -56.70 -27.23
C LEU J 234 -13.57 -57.04 -25.78
N GLN J 235 -14.65 -57.80 -25.60
CA GLN J 235 -15.05 -58.27 -24.29
C GLN J 235 -15.58 -59.69 -24.44
N GLY J 236 -15.07 -60.61 -23.62
CA GLY J 236 -15.50 -61.98 -23.67
C GLY J 236 -16.89 -62.17 -23.08
N THR J 237 -17.40 -63.41 -23.24
CA THR J 237 -18.72 -63.76 -22.74
C THR J 237 -18.57 -64.51 -21.43
N PRO J 238 -18.98 -63.93 -20.29
CA PRO J 238 -18.90 -64.66 -19.00
C PRO J 238 -19.99 -65.70 -18.87
N VAL J 239 -19.57 -66.98 -18.84
CA VAL J 239 -20.49 -68.10 -18.70
C VAL J 239 -20.27 -68.76 -17.34
N ALA J 240 -21.37 -69.14 -16.69
CA ALA J 240 -21.33 -69.67 -15.33
C ALA J 240 -22.37 -70.78 -15.20
N GLN J 241 -22.66 -71.15 -13.94
CA GLN J 241 -23.54 -72.24 -13.48
C GLN J 241 -22.98 -73.60 -13.88
N MET J 242 -23.91 -74.56 -14.15
CA MET J 242 -23.70 -76.01 -14.29
C MET J 242 -23.28 -76.65 -12.95
N THR J 243 -23.55 -75.98 -11.84
CA THR J 243 -23.28 -76.52 -10.51
C THR J 243 -24.60 -76.72 -9.79
N GLU J 244 -24.85 -77.95 -9.34
CA GLU J 244 -26.01 -78.19 -8.51
C GLU J 244 -25.68 -77.84 -7.06
N ASP J 245 -26.74 -77.67 -6.27
CA ASP J 245 -26.57 -77.32 -4.86
C ASP J 245 -26.02 -78.50 -4.07
N ALA J 246 -25.04 -78.20 -3.22
CA ALA J 246 -24.51 -79.18 -2.29
C ALA J 246 -25.36 -79.19 -1.02
N VAL J 247 -25.06 -80.16 -0.14
CA VAL J 247 -25.76 -80.25 1.13
C VAL J 247 -25.29 -79.13 2.04
N ASP J 248 -26.26 -78.43 2.66
CA ASP J 248 -26.04 -77.19 3.42
C ASP J 248 -25.32 -77.39 4.77
N ALA J 249 -24.95 -78.64 5.11
CA ALA J 249 -24.23 -79.04 6.32
C ALA J 249 -24.98 -78.73 7.61
N GLU J 250 -26.30 -78.54 7.53
CA GLU J 250 -27.10 -78.34 8.73
C GLU J 250 -27.23 -79.63 9.53
N ARG J 251 -27.64 -80.71 8.87
CA ARG J 251 -27.83 -82.00 9.52
C ARG J 251 -26.61 -82.90 9.40
N LEU J 252 -25.51 -82.41 8.85
CA LEU J 252 -24.26 -83.16 8.80
C LEU J 252 -23.44 -83.04 10.07
N LYS J 253 -23.94 -82.32 11.08
CA LYS J 253 -23.22 -82.12 12.34
C LYS J 253 -23.22 -83.35 13.24
N HIS J 254 -23.96 -84.40 12.89
CA HIS J 254 -24.04 -85.60 13.71
C HIS J 254 -22.99 -86.63 13.34
N LEU J 255 -22.35 -86.49 12.16
CA LEU J 255 -21.40 -87.46 11.64
C LEU J 255 -20.04 -87.43 12.34
N ILE J 256 -19.82 -86.55 13.31
CA ILE J 256 -18.58 -86.55 14.09
C ILE J 256 -18.71 -87.64 15.16
N VAL J 257 -18.06 -88.79 14.92
CA VAL J 257 -18.11 -89.93 15.82
C VAL J 257 -16.68 -90.25 16.27
N THR J 258 -16.51 -90.50 17.58
CA THR J 258 -15.21 -90.86 18.13
C THR J 258 -14.92 -92.33 17.85
N PRO J 259 -13.77 -92.66 17.26
CA PRO J 259 -13.44 -94.07 17.01
C PRO J 259 -13.13 -94.82 18.31
N SER J 260 -13.66 -96.04 18.39
CA SER J 260 -13.51 -96.86 19.60
C SER J 260 -13.81 -98.31 19.23
N GLY J 261 -13.45 -99.22 20.14
CA GLY J 261 -13.78 -100.62 19.99
C GLY J 261 -12.77 -101.45 19.23
N CYS J 262 -13.23 -102.55 18.61
CA CYS J 262 -12.37 -103.42 17.82
C CYS J 262 -11.93 -102.73 16.52
N GLY J 263 -11.06 -103.42 15.77
CA GLY J 263 -10.47 -102.87 14.56
C GLY J 263 -11.49 -102.57 13.46
N GLU J 264 -12.43 -103.46 13.26
CA GLU J 264 -13.56 -103.15 12.38
C GLU J 264 -14.47 -102.09 12.99
N GLN J 265 -14.67 -102.12 14.31
CA GLN J 265 -15.47 -101.12 14.99
C GLN J 265 -14.78 -99.75 15.01
N ASN J 266 -13.44 -99.75 15.09
CA ASN J 266 -12.68 -98.51 14.93
C ASN J 266 -12.84 -97.94 13.52
N MET J 267 -12.97 -98.81 12.52
CA MET J 267 -13.21 -98.33 11.17
C MET J 267 -14.65 -97.84 10.99
N ILE J 268 -15.60 -98.38 11.74
CA ILE J 268 -16.98 -97.92 11.69
C ILE J 268 -17.11 -96.49 12.24
N GLY J 269 -16.50 -96.24 13.40
CA GLY J 269 -16.60 -94.94 14.02
C GLY J 269 -15.78 -93.87 13.32
N MET J 270 -14.66 -94.25 12.71
CA MET J 270 -13.84 -93.29 11.98
C MET J 270 -14.39 -92.98 10.59
N THR J 271 -15.24 -93.86 10.03
CA THR J 271 -15.87 -93.75 8.70
C THR J 271 -16.58 -92.42 8.43
N PRO J 272 -17.56 -91.93 9.24
CA PRO J 272 -18.17 -90.65 8.84
C PRO J 272 -17.30 -89.43 9.16
N THR J 273 -16.31 -89.56 10.04
CA THR J 273 -15.50 -88.42 10.44
C THR J 273 -14.52 -88.00 9.34
N VAL J 274 -13.94 -88.97 8.63
CA VAL J 274 -12.89 -88.68 7.65
C VAL J 274 -13.47 -88.06 6.38
N ILE J 275 -14.57 -88.62 5.88
CA ILE J 275 -15.16 -88.17 4.62
C ILE J 275 -15.85 -86.80 4.80
N ALA J 276 -16.35 -86.49 6.00
CA ALA J 276 -17.04 -85.22 6.22
C ALA J 276 -16.09 -84.03 6.19
N VAL J 277 -14.86 -84.21 6.67
CA VAL J 277 -13.85 -83.15 6.62
C VAL J 277 -13.50 -82.83 5.18
N HIS J 278 -13.28 -83.86 4.36
CA HIS J 278 -12.98 -83.66 2.93
C HIS J 278 -14.18 -83.10 2.17
N TYR J 279 -15.40 -83.46 2.56
CA TYR J 279 -16.59 -82.87 1.95
C TYR J 279 -16.71 -81.40 2.30
N LEU J 280 -16.56 -81.06 3.59
CA LEU J 280 -16.61 -79.67 4.01
C LEU J 280 -15.42 -78.84 3.56
N ASP J 281 -14.30 -79.49 3.21
CA ASP J 281 -13.19 -78.76 2.60
C ASP J 281 -13.54 -78.29 1.19
N GLU J 282 -14.05 -79.21 0.36
CA GLU J 282 -14.32 -78.87 -1.03
C GLU J 282 -15.61 -78.08 -1.23
N THR J 283 -16.56 -78.19 -0.30
CA THR J 283 -17.75 -77.35 -0.35
C THR J 283 -17.59 -76.04 0.40
N GLU J 284 -16.42 -75.84 1.05
CA GLU J 284 -16.01 -74.76 1.97
C GLU J 284 -17.12 -74.22 2.86
N GLN J 285 -17.87 -75.13 3.49
CA GLN J 285 -18.98 -74.79 4.35
C GLN J 285 -18.58 -74.73 5.83
N TRP J 286 -17.28 -74.52 6.10
CA TRP J 286 -16.80 -74.35 7.47
C TRP J 286 -17.25 -73.05 8.12
N GLU J 287 -17.70 -72.08 7.32
CA GLU J 287 -18.29 -70.84 7.84
C GLU J 287 -19.58 -71.13 8.62
N LYS J 288 -20.47 -71.93 8.04
CA LYS J 288 -21.71 -72.30 8.72
C LYS J 288 -21.47 -73.37 9.78
N PHE J 289 -20.56 -74.32 9.50
CA PHE J 289 -20.35 -75.46 10.36
C PHE J 289 -19.61 -75.08 11.64
N GLY J 290 -18.55 -74.29 11.50
CA GLY J 290 -17.68 -73.98 12.62
C GLY J 290 -16.25 -74.36 12.34
N LEU J 291 -15.38 -73.35 12.28
CA LEU J 291 -13.95 -73.55 12.00
C LEU J 291 -13.24 -74.28 13.13
N GLU J 292 -13.71 -74.11 14.36
CA GLU J 292 -13.14 -74.79 15.52
C GLU J 292 -13.34 -76.31 15.49
N LYS J 293 -14.32 -76.78 14.72
CA LYS J 293 -14.65 -78.21 14.72
C LYS J 293 -13.76 -79.01 13.77
N ARG J 294 -13.03 -78.37 12.86
CA ARG J 294 -12.08 -79.12 12.04
C ARG J 294 -10.86 -79.53 12.86
N GLN J 295 -10.41 -78.66 13.77
CA GLN J 295 -9.32 -79.00 14.68
C GLN J 295 -9.76 -80.05 15.68
N GLY J 296 -11.02 -79.98 16.12
CA GLY J 296 -11.57 -81.04 16.96
C GLY J 296 -11.72 -82.35 16.21
N ALA J 297 -12.09 -82.28 14.93
CA ALA J 297 -12.15 -83.51 14.12
C ALA J 297 -10.76 -84.01 13.76
N LEU J 298 -9.78 -83.12 13.60
CA LEU J 298 -8.41 -83.52 13.29
C LEU J 298 -7.79 -84.34 14.41
N GLU J 299 -8.13 -84.02 15.66
CA GLU J 299 -7.66 -84.81 16.79
C GLU J 299 -8.32 -86.18 16.83
N LEU J 300 -9.59 -86.26 16.43
CA LEU J 300 -10.30 -87.54 16.44
C LEU J 300 -9.89 -88.44 15.28
N ILE J 301 -9.59 -87.87 14.11
CA ILE J 301 -9.08 -88.64 12.98
C ILE J 301 -7.67 -89.15 13.29
N LYS J 302 -6.84 -88.32 13.92
CA LYS J 302 -5.52 -88.75 14.39
C LYS J 302 -5.64 -89.78 15.49
N LYS J 303 -6.68 -89.69 16.33
CA LYS J 303 -6.91 -90.71 17.35
C LYS J 303 -7.36 -92.03 16.74
N GLY J 304 -8.10 -91.97 15.64
CA GLY J 304 -8.53 -93.19 14.97
C GLY J 304 -7.39 -93.93 14.30
N TYR J 305 -6.49 -93.20 13.63
CA TYR J 305 -5.34 -93.80 12.97
C TYR J 305 -4.36 -94.41 13.96
N THR J 306 -4.22 -93.80 15.13
CA THR J 306 -3.38 -94.35 16.18
C THR J 306 -3.98 -95.64 16.75
N GLN J 307 -5.31 -95.66 16.92
CA GLN J 307 -5.98 -96.88 17.38
C GLN J 307 -6.06 -97.94 16.28
N GLN J 308 -6.06 -97.54 15.01
CA GLN J 308 -6.16 -98.52 13.92
C GLN J 308 -4.87 -99.31 13.75
N LEU J 309 -3.71 -98.67 13.95
CA LEU J 309 -2.43 -99.35 13.85
C LEU J 309 -2.16 -100.34 14.98
N ALA J 310 -2.97 -100.32 16.04
CA ALA J 310 -2.79 -101.28 17.14
C ALA J 310 -3.28 -102.68 16.78
N PHE J 311 -4.14 -102.81 15.75
CA PHE J 311 -4.67 -104.10 15.32
C PHE J 311 -3.98 -104.60 14.06
N ARG J 312 -2.81 -104.03 13.74
CA ARG J 312 -2.06 -104.43 12.55
C ARG J 312 -1.41 -105.79 12.75
N GLN J 313 -1.58 -106.66 11.76
CA GLN J 313 -0.88 -107.94 11.72
C GLN J 313 0.59 -107.69 11.35
N PRO J 314 1.51 -108.57 11.78
CA PRO J 314 2.94 -108.36 11.45
C PRO J 314 3.28 -108.46 9.97
N SER J 315 2.41 -109.04 9.14
CA SER J 315 2.58 -109.04 7.70
C SER J 315 1.85 -107.89 7.01
N SER J 316 1.52 -106.81 7.75
CA SER J 316 0.74 -105.65 7.31
C SER J 316 -0.64 -106.08 6.80
N ALA J 317 -1.46 -106.50 7.76
CA ALA J 317 -2.83 -106.91 7.50
C ALA J 317 -3.71 -106.48 8.66
N PHE J 318 -5.02 -106.52 8.45
CA PHE J 318 -5.98 -106.00 9.41
C PHE J 318 -7.05 -107.03 9.72
N ALA J 319 -7.50 -107.02 10.97
CA ALA J 319 -8.60 -107.86 11.44
C ALA J 319 -9.25 -107.19 12.64
N ALA J 320 -10.30 -107.83 13.16
CA ALA J 320 -10.94 -107.36 14.39
C ALA J 320 -10.03 -107.51 15.60
N PHE J 321 -9.35 -108.65 15.70
CA PHE J 321 -8.35 -108.89 16.73
C PHE J 321 -7.07 -109.39 16.07
N VAL J 322 -5.97 -109.37 16.83
CA VAL J 322 -4.75 -109.97 16.34
C VAL J 322 -4.81 -111.50 16.37
N LYS J 323 -5.70 -112.08 17.19
CA LYS J 323 -5.90 -113.52 17.21
C LYS J 323 -6.70 -113.99 16.01
N ARG J 324 -7.66 -113.18 15.56
CA ARG J 324 -8.51 -113.54 14.43
C ARG J 324 -7.70 -113.51 13.13
N ALA J 325 -8.08 -114.39 12.20
CA ALA J 325 -7.49 -114.41 10.87
C ALA J 325 -7.75 -113.08 10.16
N PRO J 326 -6.77 -112.57 9.39
CA PRO J 326 -6.90 -111.22 8.83
C PRO J 326 -7.92 -111.13 7.70
N SER J 327 -8.64 -110.02 7.68
CA SER J 327 -9.71 -109.80 6.73
C SER J 327 -9.19 -109.04 5.52
N THR J 328 -9.40 -109.61 4.33
CA THR J 328 -8.97 -108.98 3.08
C THR J 328 -9.84 -107.78 2.76
N TRP J 329 -11.16 -107.88 3.01
CA TRP J 329 -12.08 -106.77 2.77
C TRP J 329 -11.77 -105.59 3.70
N LEU J 330 -11.48 -105.87 4.97
CA LEU J 330 -11.11 -104.81 5.89
C LEU J 330 -9.77 -104.19 5.53
N THR J 331 -8.84 -105.01 5.01
CA THR J 331 -7.55 -104.50 4.56
C THR J 331 -7.68 -103.58 3.36
N ALA J 332 -8.59 -103.91 2.42
CA ALA J 332 -8.82 -103.04 1.27
C ALA J 332 -9.59 -101.79 1.66
N TYR J 333 -10.47 -101.88 2.67
CA TYR J 333 -11.28 -100.74 3.08
C TYR J 333 -10.43 -99.67 3.77
N VAL J 334 -9.44 -100.09 4.56
CA VAL J 334 -8.52 -99.15 5.21
C VAL J 334 -7.66 -98.44 4.16
N VAL J 335 -7.24 -99.17 3.12
CA VAL J 335 -6.50 -98.60 1.99
C VAL J 335 -7.36 -97.57 1.24
N LYS J 336 -8.66 -97.84 1.11
CA LYS J 336 -9.58 -96.85 0.55
C LYS J 336 -9.75 -95.65 1.48
N VAL J 337 -9.81 -95.88 2.79
CA VAL J 337 -9.99 -94.80 3.75
C VAL J 337 -8.69 -93.98 3.88
N PHE J 338 -7.55 -94.65 4.03
CA PHE J 338 -6.28 -93.95 4.23
C PHE J 338 -5.80 -93.22 2.97
N SER J 339 -6.30 -93.60 1.78
CA SER J 339 -6.00 -92.84 0.56
C SER J 339 -6.62 -91.45 0.60
N LEU J 340 -7.73 -91.29 1.31
CA LEU J 340 -8.29 -89.97 1.54
C LEU J 340 -7.64 -89.30 2.74
N ALA J 341 -7.12 -90.09 3.68
CA ALA J 341 -6.57 -89.54 4.91
C ALA J 341 -5.15 -89.02 4.74
N VAL J 342 -4.48 -89.29 3.60
CA VAL J 342 -3.16 -88.69 3.37
C VAL J 342 -3.25 -87.20 3.08
N ASN J 343 -4.43 -86.72 2.69
CA ASN J 343 -4.69 -85.28 2.63
C ASN J 343 -5.03 -84.68 3.99
N LEU J 344 -5.14 -85.52 5.03
CA LEU J 344 -5.51 -85.08 6.38
C LEU J 344 -4.45 -85.41 7.42
N ILE J 345 -4.02 -86.67 7.49
CA ILE J 345 -3.07 -87.13 8.50
C ILE J 345 -1.89 -87.81 7.82
N ALA J 346 -0.85 -88.07 8.61
CA ALA J 346 0.40 -88.67 8.12
C ALA J 346 0.28 -90.19 8.18
N ILE J 347 -0.24 -90.77 7.11
CA ILE J 347 -0.31 -92.22 6.96
C ILE J 347 1.08 -92.75 6.63
N ASP J 348 1.49 -93.82 7.32
CA ASP J 348 2.78 -94.45 7.07
C ASP J 348 2.78 -95.12 5.69
N SER J 349 3.70 -94.71 4.83
CA SER J 349 3.73 -95.20 3.45
C SER J 349 4.22 -96.64 3.36
N GLN J 350 5.14 -97.04 4.25
CA GLN J 350 5.64 -98.40 4.24
C GLN J 350 4.60 -99.40 4.74
N VAL J 351 3.74 -98.98 5.67
CA VAL J 351 2.66 -99.83 6.15
C VAL J 351 1.54 -99.91 5.11
N LEU J 352 1.21 -98.78 4.49
CA LEU J 352 0.12 -98.72 3.51
C LEU J 352 0.46 -99.49 2.25
N CYS J 353 1.65 -99.25 1.67
CA CYS J 353 2.09 -100.05 0.54
C CYS J 353 2.54 -101.45 0.97
N GLY J 354 2.84 -101.64 2.25
CA GLY J 354 2.97 -102.98 2.78
C GLY J 354 1.64 -103.71 2.84
N ALA J 355 0.56 -102.98 3.12
CA ALA J 355 -0.77 -103.57 3.06
C ALA J 355 -1.17 -103.87 1.62
N VAL J 356 -0.75 -103.01 0.67
CA VAL J 356 -1.04 -103.25 -0.75
C VAL J 356 -0.24 -104.45 -1.27
N LYS J 357 1.03 -104.58 -0.85
CA LYS J 357 1.85 -105.72 -1.25
C LYS J 357 1.34 -107.02 -0.65
N TRP J 358 0.80 -106.98 0.57
CA TRP J 358 0.22 -108.16 1.17
C TRP J 358 -1.07 -108.58 0.48
N LEU J 359 -1.82 -107.63 -0.09
CA LEU J 359 -3.03 -107.98 -0.81
C LEU J 359 -2.72 -108.61 -2.16
N ILE J 360 -1.69 -108.11 -2.86
CA ILE J 360 -1.36 -108.58 -4.21
C ILE J 360 -0.78 -109.99 -4.15
N LEU J 361 0.19 -110.21 -3.27
CA LEU J 361 0.93 -111.47 -3.27
C LEU J 361 0.12 -112.59 -2.62
N GLU J 362 -0.50 -112.32 -1.48
CA GLU J 362 -1.17 -113.37 -0.72
C GLU J 362 -2.63 -113.57 -1.14
N LYS J 363 -3.35 -112.50 -1.46
CA LYS J 363 -4.80 -112.55 -1.52
C LYS J 363 -5.35 -112.31 -2.93
N GLN J 364 -4.53 -112.50 -3.96
CA GLN J 364 -5.01 -112.43 -5.34
C GLN J 364 -4.72 -113.75 -6.04
N LYS J 365 -5.74 -114.30 -6.68
CA LYS J 365 -5.59 -115.48 -7.50
C LYS J 365 -4.86 -115.10 -8.81
N PRO J 366 -4.20 -116.07 -9.46
CA PRO J 366 -3.47 -115.76 -10.71
C PRO J 366 -4.34 -115.30 -11.90
N ASP J 367 -5.66 -115.48 -11.87
CA ASP J 367 -6.50 -115.01 -12.95
C ASP J 367 -7.10 -113.63 -12.69
N GLY J 368 -6.87 -113.05 -11.51
CA GLY J 368 -7.35 -111.71 -11.19
C GLY J 368 -8.36 -111.62 -10.07
N VAL J 369 -8.86 -112.74 -9.54
CA VAL J 369 -9.91 -112.73 -8.54
C VAL J 369 -9.31 -112.54 -7.16
N PHE J 370 -9.86 -111.58 -6.41
CA PHE J 370 -9.54 -111.42 -4.99
C PHE J 370 -10.51 -112.26 -4.16
N GLN J 371 -9.99 -112.91 -3.12
CA GLN J 371 -10.77 -113.80 -2.29
C GLN J 371 -10.63 -113.41 -0.82
N GLU J 372 -11.76 -113.35 -0.11
CA GLU J 372 -11.77 -113.07 1.32
C GLU J 372 -11.74 -114.37 2.10
N ASP J 373 -10.84 -114.44 3.10
CA ASP J 373 -10.65 -115.64 3.91
C ASP J 373 -11.19 -115.50 5.33
N ALA J 374 -11.69 -114.32 5.70
CA ALA J 374 -12.27 -114.07 7.01
C ALA J 374 -13.25 -112.92 6.91
N PRO J 375 -14.53 -113.20 6.67
CA PRO J 375 -15.54 -112.13 6.62
C PRO J 375 -15.69 -111.46 7.97
N VAL J 376 -16.10 -110.19 7.93
CA VAL J 376 -16.13 -109.32 9.10
C VAL J 376 -17.18 -109.79 10.10
N ILE J 377 -16.95 -109.45 11.38
CA ILE J 377 -17.89 -109.80 12.43
C ILE J 377 -19.19 -109.01 12.26
N HIS J 378 -19.09 -107.69 12.16
CA HIS J 378 -20.25 -106.86 11.86
C HIS J 378 -20.56 -107.01 10.38
N GLN J 379 -21.46 -107.92 10.06
CA GLN J 379 -21.86 -108.17 8.68
C GLN J 379 -22.75 -107.08 8.10
N GLU J 380 -23.17 -106.10 8.91
CA GLU J 380 -23.99 -105.00 8.41
C GLU J 380 -23.15 -103.90 7.77
N MET J 381 -21.87 -103.79 8.10
CA MET J 381 -21.06 -102.68 7.63
C MET J 381 -20.56 -102.85 6.20
N ILE J 382 -20.75 -104.03 5.60
CA ILE J 382 -20.32 -104.23 4.20
C ILE J 382 -21.38 -103.79 3.21
N GLY J 383 -22.58 -103.44 3.67
CA GLY J 383 -23.59 -102.83 2.81
C GLY J 383 -24.16 -103.80 1.80
N GLY J 384 -24.18 -103.38 0.53
CA GLY J 384 -24.65 -104.20 -0.57
C GLY J 384 -23.75 -105.38 -0.93
N LEU J 385 -22.53 -105.41 -0.40
CA LEU J 385 -21.61 -106.53 -0.57
C LEU J 385 -21.99 -107.76 0.25
N ARG J 386 -22.95 -107.64 1.18
CA ARG J 386 -23.41 -108.80 1.94
C ARG J 386 -24.19 -109.77 1.07
N ASN J 387 -24.82 -109.27 0.01
CA ASN J 387 -25.54 -110.12 -0.94
C ASN J 387 -24.56 -111.03 -1.69
N ASN J 388 -24.85 -112.33 -1.66
CA ASN J 388 -23.97 -113.34 -2.24
C ASN J 388 -24.16 -113.54 -3.73
N ASN J 389 -25.18 -112.95 -4.33
CA ASN J 389 -25.36 -113.06 -5.77
C ASN J 389 -24.33 -112.19 -6.48
N GLU J 390 -23.56 -112.82 -7.39
CA GLU J 390 -22.47 -112.19 -8.16
C GLU J 390 -21.42 -111.58 -7.24
N LYS J 391 -21.10 -112.32 -6.16
CA LYS J 391 -20.23 -111.79 -5.11
C LYS J 391 -18.76 -111.75 -5.54
N ASP J 392 -18.32 -112.70 -6.37
CA ASP J 392 -16.92 -112.76 -6.78
C ASP J 392 -16.57 -111.64 -7.75
N MET J 393 -17.53 -111.22 -8.57
CA MET J 393 -17.33 -110.09 -9.45
C MET J 393 -17.32 -108.77 -8.68
N ALA J 394 -18.22 -108.64 -7.70
CA ALA J 394 -18.35 -107.39 -6.94
C ALA J 394 -17.19 -107.17 -6.00
N LEU J 395 -16.72 -108.23 -5.33
CA LEU J 395 -15.59 -108.11 -4.41
C LEU J 395 -14.30 -107.80 -5.17
N THR J 396 -14.15 -108.35 -6.37
CA THR J 396 -13.00 -108.04 -7.23
C THR J 396 -13.01 -106.57 -7.64
N ALA J 397 -14.21 -106.02 -7.88
CA ALA J 397 -14.31 -104.61 -8.25
C ALA J 397 -14.04 -103.68 -7.08
N PHE J 398 -14.41 -104.08 -5.86
CA PHE J 398 -14.22 -103.22 -4.68
C PHE J 398 -12.75 -103.04 -4.34
N VAL J 399 -11.97 -104.13 -4.36
CA VAL J 399 -10.55 -104.04 -4.03
C VAL J 399 -9.79 -103.33 -5.14
N LEU J 400 -10.22 -103.51 -6.40
CA LEU J 400 -9.56 -102.87 -7.54
C LEU J 400 -9.72 -101.35 -7.50
N ILE J 401 -10.88 -100.86 -7.07
CA ILE J 401 -11.09 -99.43 -6.87
C ILE J 401 -10.19 -98.91 -5.75
N SER J 402 -10.05 -99.70 -4.67
CA SER J 402 -9.21 -99.30 -3.54
C SER J 402 -7.72 -99.31 -3.90
N LEU J 403 -7.29 -100.26 -4.73
CA LEU J 403 -5.88 -100.31 -5.12
C LEU J 403 -5.55 -99.24 -6.16
N GLN J 404 -6.46 -98.96 -7.09
CA GLN J 404 -6.23 -97.92 -8.09
C GLN J 404 -6.26 -96.52 -7.48
N GLU J 405 -7.01 -96.32 -6.40
CA GLU J 405 -6.97 -95.03 -5.71
C GLU J 405 -5.71 -94.87 -4.88
N ALA J 406 -5.09 -95.96 -4.44
CA ALA J 406 -3.80 -95.92 -3.77
C ALA J 406 -2.66 -96.26 -4.72
N LYS J 407 -2.87 -96.11 -6.03
CA LYS J 407 -1.85 -96.46 -6.99
C LYS J 407 -0.69 -95.47 -6.97
N ASP J 408 -1.00 -94.17 -6.84
CA ASP J 408 0.00 -93.10 -6.94
C ASP J 408 1.03 -93.16 -5.82
N ILE J 409 0.63 -93.63 -4.64
CA ILE J 409 1.58 -93.78 -3.54
C ILE J 409 2.41 -95.05 -3.71
N CYS J 410 1.78 -96.15 -4.13
CA CYS J 410 2.42 -97.46 -4.08
C CYS J 410 2.87 -97.99 -5.44
N GLU J 411 2.86 -97.17 -6.50
CA GLU J 411 3.45 -97.61 -7.77
C GLU J 411 4.96 -97.70 -7.65
N GLU J 412 5.57 -96.84 -6.84
CA GLU J 412 7.02 -96.87 -6.65
C GLU J 412 7.44 -98.01 -5.73
N GLN J 413 6.63 -98.34 -4.73
CA GLN J 413 7.04 -99.34 -3.76
C GLN J 413 6.85 -100.76 -4.28
N VAL J 414 5.75 -101.01 -4.99
CA VAL J 414 5.43 -102.32 -5.53
C VAL J 414 5.28 -102.19 -7.04
N ASN J 415 6.19 -102.81 -7.79
CA ASN J 415 6.13 -102.75 -9.24
C ASN J 415 5.14 -103.74 -9.83
N SER J 416 4.62 -104.68 -9.04
CA SER J 416 3.62 -105.62 -9.51
C SER J 416 2.20 -105.16 -9.27
N LEU J 417 2.01 -103.91 -8.84
CA LEU J 417 0.67 -103.33 -8.70
C LEU J 417 -0.10 -103.17 -10.01
N PRO J 418 0.44 -102.60 -11.12
CA PRO J 418 -0.40 -102.46 -12.32
C PRO J 418 -0.71 -103.77 -13.03
N GLY J 419 0.18 -104.77 -12.92
CA GLY J 419 -0.15 -106.09 -13.43
C GLY J 419 -1.25 -106.78 -12.64
N SER J 420 -1.35 -106.48 -11.35
CA SER J 420 -2.49 -106.92 -10.54
C SER J 420 -3.79 -106.26 -11.01
N ILE J 421 -3.70 -105.00 -11.43
CA ILE J 421 -4.86 -104.27 -11.94
C ILE J 421 -5.31 -104.84 -13.28
N THR J 422 -4.36 -105.20 -14.15
CA THR J 422 -4.66 -105.76 -15.47
C THR J 422 -5.30 -107.15 -15.36
N LYS J 423 -4.80 -107.99 -14.46
CA LYS J 423 -5.34 -109.33 -14.25
C LYS J 423 -6.78 -109.28 -13.74
N ALA J 424 -7.05 -108.37 -12.80
CA ALA J 424 -8.42 -108.18 -12.32
C ALA J 424 -9.30 -107.56 -13.40
N GLY J 425 -8.73 -106.68 -14.24
CA GLY J 425 -9.50 -106.04 -15.29
C GLY J 425 -9.92 -106.99 -16.39
N ASP J 426 -9.05 -107.94 -16.74
CA ASP J 426 -9.39 -108.96 -17.74
C ASP J 426 -10.50 -109.88 -17.24
N PHE J 427 -10.52 -110.18 -15.95
CA PHE J 427 -11.56 -111.03 -15.38
C PHE J 427 -12.92 -110.31 -15.35
N LEU J 428 -12.94 -109.03 -15.00
CA LEU J 428 -14.20 -108.30 -14.90
C LEU J 428 -14.77 -107.98 -16.27
N GLU J 429 -13.92 -107.64 -17.25
CA GLU J 429 -14.37 -107.31 -18.60
C GLU J 429 -14.98 -108.50 -19.32
N ALA J 430 -14.39 -109.70 -19.12
CA ALA J 430 -14.88 -110.89 -19.81
C ALA J 430 -16.22 -111.35 -19.25
N ASN J 431 -16.43 -111.18 -17.95
CA ASN J 431 -17.67 -111.62 -17.29
C ASN J 431 -18.60 -110.45 -16.98
N TYR J 432 -18.47 -109.31 -17.68
CA TYR J 432 -19.28 -108.13 -17.36
C TYR J 432 -20.72 -108.30 -17.81
N MET J 433 -20.94 -108.84 -19.01
CA MET J 433 -22.27 -108.88 -19.61
C MET J 433 -23.19 -109.89 -18.93
N ASN J 434 -22.64 -110.84 -18.17
CA ASN J 434 -23.43 -111.83 -17.46
C ASN J 434 -24.08 -111.30 -16.18
N LEU J 435 -23.71 -110.10 -15.74
CA LEU J 435 -24.21 -109.56 -14.48
C LEU J 435 -25.67 -109.12 -14.62
N GLN J 436 -26.42 -109.25 -13.53
CA GLN J 436 -27.85 -108.94 -13.48
C GLN J 436 -28.20 -107.88 -12.46
N ARG J 437 -27.52 -107.86 -11.32
CA ARG J 437 -27.77 -106.85 -10.30
C ARG J 437 -27.28 -105.48 -10.75
N SER J 438 -28.08 -104.45 -10.45
CA SER J 438 -27.67 -103.08 -10.72
C SER J 438 -26.51 -102.65 -9.82
N TYR J 439 -26.40 -103.25 -8.64
CA TYR J 439 -25.29 -102.99 -7.73
C TYR J 439 -23.96 -103.46 -8.32
N THR J 440 -23.93 -104.68 -8.86
CA THR J 440 -22.71 -105.26 -9.39
C THR J 440 -22.27 -104.58 -10.69
N VAL J 441 -23.24 -104.13 -11.51
CA VAL J 441 -22.93 -103.41 -12.74
C VAL J 441 -22.33 -102.04 -12.41
N ALA J 442 -22.84 -101.38 -11.35
CA ALA J 442 -22.37 -100.04 -10.99
C ALA J 442 -20.96 -100.08 -10.41
N ILE J 443 -20.66 -101.03 -9.53
CA ILE J 443 -19.33 -101.08 -8.91
C ILE J 443 -18.28 -101.57 -9.91
N ALA J 444 -18.65 -102.43 -10.86
CA ALA J 444 -17.71 -102.82 -11.91
C ALA J 444 -17.50 -101.72 -12.92
N GLY J 445 -18.49 -100.84 -13.09
CA GLY J 445 -18.37 -99.74 -14.04
C GLY J 445 -17.31 -98.72 -13.65
N TYR J 446 -17.23 -98.38 -12.35
CA TYR J 446 -16.23 -97.42 -11.90
C TYR J 446 -14.82 -97.99 -11.94
N ALA J 447 -14.67 -99.31 -11.74
CA ALA J 447 -13.36 -99.92 -11.85
C ALA J 447 -12.87 -99.97 -13.30
N LEU J 448 -13.77 -100.29 -14.23
CA LEU J 448 -13.41 -100.33 -15.65
C LEU J 448 -13.17 -98.95 -16.23
N ALA J 449 -13.84 -97.91 -15.69
CA ALA J 449 -13.69 -96.57 -16.21
C ALA J 449 -12.33 -95.97 -15.87
N GLN J 450 -11.74 -96.35 -14.73
CA GLN J 450 -10.39 -95.90 -14.40
C GLN J 450 -9.35 -96.51 -15.33
N MET J 451 -9.57 -97.75 -15.77
CA MET J 451 -8.71 -98.35 -16.78
C MET J 451 -9.07 -97.92 -18.19
N GLY J 452 -10.30 -97.44 -18.40
CA GLY J 452 -10.74 -97.06 -19.73
C GLY J 452 -11.41 -98.15 -20.53
N ARG J 453 -11.91 -99.19 -19.87
CA ARG J 453 -12.47 -100.36 -20.55
C ARG J 453 -13.99 -100.38 -20.56
N LEU J 454 -14.64 -99.41 -19.91
CA LEU J 454 -16.11 -99.32 -19.92
C LEU J 454 -16.51 -98.54 -21.17
N LYS J 455 -16.55 -99.25 -22.30
CA LYS J 455 -16.91 -98.66 -23.58
C LYS J 455 -17.78 -99.63 -24.36
N GLY J 456 -18.47 -99.10 -25.36
CA GLY J 456 -19.29 -99.87 -26.27
C GLY J 456 -20.49 -100.57 -25.64
N PRO J 457 -20.54 -101.90 -25.73
CA PRO J 457 -21.66 -102.63 -25.12
C PRO J 457 -21.61 -102.65 -23.60
N LEU J 458 -20.41 -102.60 -23.02
CA LEU J 458 -20.28 -102.50 -21.57
C LEU J 458 -20.76 -101.14 -21.06
N LEU J 459 -20.55 -100.09 -21.83
CA LEU J 459 -21.07 -98.77 -21.48
C LEU J 459 -22.58 -98.71 -21.67
N ASN J 460 -23.10 -99.31 -22.74
CA ASN J 460 -24.53 -99.28 -23.03
C ASN J 460 -25.32 -100.07 -22.00
N LYS J 461 -24.79 -101.22 -21.55
CA LYS J 461 -25.41 -101.96 -20.47
C LYS J 461 -25.36 -101.17 -19.16
N PHE J 462 -24.27 -100.41 -18.95
CA PHE J 462 -24.15 -99.54 -17.78
C PHE J 462 -25.18 -98.41 -17.82
N LEU J 463 -25.45 -97.85 -19.00
CA LEU J 463 -26.45 -96.78 -19.11
C LEU J 463 -27.87 -97.32 -18.95
N THR J 464 -28.18 -98.43 -19.61
CA THR J 464 -29.53 -99.01 -19.57
C THR J 464 -29.84 -99.69 -18.24
N THR J 465 -28.84 -99.94 -17.40
CA THR J 465 -29.07 -100.42 -16.04
C THR J 465 -29.81 -99.37 -15.22
N ALA J 466 -29.55 -98.10 -15.49
CA ALA J 466 -30.26 -97.00 -14.84
C ALA J 466 -31.73 -96.97 -15.22
N LYS J 467 -32.58 -96.65 -14.25
CA LYS J 467 -34.01 -96.52 -14.45
C LYS J 467 -34.41 -95.09 -14.13
N ASP J 468 -35.30 -94.53 -14.96
CA ASP J 468 -35.76 -93.13 -14.96
C ASP J 468 -34.65 -92.10 -15.16
N LYS J 469 -33.49 -92.54 -15.66
CA LYS J 469 -32.31 -91.73 -15.99
C LYS J 469 -31.79 -90.90 -14.81
N ASN J 470 -31.87 -91.47 -13.59
CA ASN J 470 -31.33 -90.78 -12.42
C ASN J 470 -30.89 -91.69 -11.29
N ARG J 471 -31.02 -93.01 -11.40
CA ARG J 471 -30.67 -93.91 -10.31
C ARG J 471 -30.39 -95.29 -10.89
N TRP J 472 -29.56 -96.06 -10.18
CA TRP J 472 -29.30 -97.46 -10.51
C TRP J 472 -29.92 -98.28 -9.38
N GLU J 473 -31.17 -98.70 -9.56
CA GLU J 473 -31.94 -99.29 -8.50
C GLU J 473 -32.02 -100.81 -8.64
N ASP J 474 -32.04 -101.48 -7.49
CA ASP J 474 -32.29 -102.90 -7.29
C ASP J 474 -33.52 -103.08 -6.42
N PRO J 475 -34.23 -104.21 -6.53
CA PRO J 475 -35.35 -104.47 -5.61
C PRO J 475 -34.87 -104.70 -4.19
N GLY J 476 -35.57 -104.08 -3.24
CA GLY J 476 -35.20 -104.18 -1.85
C GLY J 476 -35.09 -102.83 -1.16
N LYS J 477 -34.17 -102.72 -0.20
CA LYS J 477 -33.99 -101.50 0.57
C LYS J 477 -33.42 -100.37 -0.29
N GLN J 478 -33.80 -99.14 0.06
CA GLN J 478 -33.27 -97.95 -0.60
C GLN J 478 -31.82 -97.67 -0.26
N LEU J 479 -31.30 -98.26 0.83
CA LEU J 479 -29.91 -98.06 1.24
C LEU J 479 -28.94 -98.65 0.23
N TYR J 480 -29.27 -99.83 -0.31
CA TYR J 480 -28.43 -100.46 -1.33
C TYR J 480 -28.49 -99.70 -2.65
N ASN J 481 -29.63 -99.08 -2.95
CA ASN J 481 -29.79 -98.36 -4.22
C ASN J 481 -28.97 -97.07 -4.23
N VAL J 482 -28.96 -96.33 -3.12
CA VAL J 482 -28.15 -95.12 -3.00
C VAL J 482 -26.67 -95.48 -2.94
N GLU J 483 -26.34 -96.61 -2.29
CA GLU J 483 -24.98 -97.16 -2.31
C GLU J 483 -24.54 -97.51 -3.72
N ALA J 484 -25.44 -98.05 -4.53
CA ALA J 484 -25.11 -98.39 -5.91
C ALA J 484 -24.98 -97.13 -6.78
N THR J 485 -25.88 -96.15 -6.57
CA THR J 485 -25.86 -94.91 -7.33
C THR J 485 -24.61 -94.06 -7.02
N SER J 486 -24.05 -94.22 -5.81
CA SER J 486 -22.86 -93.49 -5.41
C SER J 486 -21.63 -93.89 -6.23
N TYR J 487 -21.46 -95.19 -6.51
CA TYR J 487 -20.37 -95.62 -7.39
C TYR J 487 -20.57 -95.17 -8.83
N ALA J 488 -21.83 -95.17 -9.29
CA ALA J 488 -22.12 -94.85 -10.68
C ALA J 488 -21.94 -93.36 -10.98
N LEU J 489 -22.18 -92.49 -9.99
CA LEU J 489 -21.89 -91.06 -10.16
C LEU J 489 -20.38 -90.82 -10.27
N LEU J 490 -19.58 -91.60 -9.54
CA LEU J 490 -18.14 -91.56 -9.68
C LEU J 490 -17.67 -92.05 -11.05
N ALA J 491 -18.41 -93.01 -11.64
CA ALA J 491 -18.09 -93.48 -12.97
C ALA J 491 -18.37 -92.42 -14.02
N LEU J 492 -19.49 -91.70 -13.89
CA LEU J 492 -19.82 -90.61 -14.80
C LEU J 492 -18.82 -89.45 -14.71
N LEU J 493 -18.31 -89.19 -13.51
CA LEU J 493 -17.26 -88.18 -13.35
C LEU J 493 -15.93 -88.67 -13.91
N GLN J 494 -15.65 -89.98 -13.80
CA GLN J 494 -14.44 -90.54 -14.39
C GLN J 494 -14.54 -90.57 -15.92
N LEU J 495 -15.72 -90.91 -16.45
CA LEU J 495 -15.92 -90.93 -17.90
C LEU J 495 -16.02 -89.52 -18.50
N LYS J 496 -16.22 -88.50 -17.65
CA LYS J 496 -16.33 -87.08 -18.02
C LYS J 496 -17.49 -86.83 -18.97
N ASP J 497 -18.62 -87.50 -18.71
CA ASP J 497 -19.87 -87.29 -19.42
C ASP J 497 -20.82 -86.59 -18.45
N PHE J 498 -20.94 -85.27 -18.60
CA PHE J 498 -21.68 -84.44 -17.64
C PHE J 498 -23.09 -84.12 -18.11
N ASP J 499 -23.55 -84.70 -19.21
CA ASP J 499 -24.95 -84.52 -19.58
C ASP J 499 -25.87 -85.36 -18.71
N PHE J 500 -25.39 -86.50 -18.22
CA PHE J 500 -26.17 -87.42 -17.41
C PHE J 500 -26.01 -87.19 -15.92
N VAL J 501 -25.03 -86.37 -15.51
CA VAL J 501 -24.73 -86.11 -14.11
C VAL J 501 -25.78 -85.26 -13.36
N PRO J 502 -26.27 -84.09 -13.84
CA PRO J 502 -27.20 -83.28 -13.00
C PRO J 502 -28.54 -83.93 -12.66
N PRO J 503 -29.15 -84.83 -13.48
CA PRO J 503 -30.26 -85.62 -12.91
C PRO J 503 -29.88 -86.55 -11.77
N VAL J 504 -28.65 -87.08 -11.75
CA VAL J 504 -28.25 -87.99 -10.69
C VAL J 504 -28.05 -87.24 -9.37
N VAL J 505 -27.38 -86.09 -9.43
CA VAL J 505 -27.10 -85.30 -8.22
C VAL J 505 -28.38 -84.69 -7.66
N ARG J 506 -29.28 -84.23 -8.55
CA ARG J 506 -30.60 -83.76 -8.13
C ARG J 506 -31.43 -84.88 -7.51
N TRP J 507 -31.27 -86.11 -8.01
CA TRP J 507 -31.95 -87.25 -7.40
C TRP J 507 -31.38 -87.57 -6.02
N LEU J 508 -30.06 -87.43 -5.85
CA LEU J 508 -29.43 -87.69 -4.57
C LEU J 508 -29.82 -86.65 -3.52
N ASN J 509 -29.99 -85.40 -3.94
CA ASN J 509 -30.44 -84.37 -3.00
C ASN J 509 -31.90 -84.54 -2.62
N GLU J 510 -32.73 -85.04 -3.56
CA GLU J 510 -34.15 -85.24 -3.27
C GLU J 510 -34.40 -86.42 -2.35
N GLN J 511 -33.49 -87.41 -2.31
CA GLN J 511 -33.65 -88.52 -1.38
C GLN J 511 -33.43 -88.09 0.06
N ARG J 512 -32.61 -87.06 0.26
CA ARG J 512 -32.27 -86.45 1.56
C ARG J 512 -31.68 -87.50 2.51
N TYR J 513 -30.62 -88.14 2.05
CA TYR J 513 -29.93 -89.16 2.83
C TYR J 513 -28.80 -88.52 3.61
N TYR J 514 -28.79 -88.71 4.92
CA TYR J 514 -27.84 -88.04 5.80
C TYR J 514 -26.92 -89.02 6.51
N GLY J 515 -26.97 -90.30 6.15
CA GLY J 515 -26.06 -91.28 6.72
C GLY J 515 -26.41 -91.64 8.15
N GLY J 516 -25.55 -92.48 8.73
CA GLY J 516 -25.76 -93.01 10.06
C GLY J 516 -26.80 -94.11 10.11
N GLY J 517 -26.76 -94.88 11.18
CA GLY J 517 -27.72 -95.95 11.38
C GLY J 517 -27.07 -97.33 11.26
N TYR J 518 -27.84 -98.33 11.66
CA TYR J 518 -27.44 -99.72 11.56
C TYR J 518 -27.28 -100.14 10.09
N GLY J 519 -26.10 -100.62 9.74
CA GLY J 519 -25.83 -101.08 8.39
C GLY J 519 -25.73 -99.98 7.35
N SER J 520 -25.04 -98.89 7.67
CA SER J 520 -24.97 -97.72 6.81
C SER J 520 -23.55 -97.34 6.42
N THR J 521 -22.56 -98.20 6.72
CA THR J 521 -21.15 -97.80 6.63
C THR J 521 -20.69 -97.58 5.18
N GLN J 522 -21.03 -98.52 4.29
CA GLN J 522 -20.65 -98.38 2.88
C GLN J 522 -21.46 -97.30 2.19
N ALA J 523 -22.75 -97.18 2.51
CA ALA J 523 -23.63 -96.24 1.85
C ALA J 523 -23.27 -94.79 2.18
N THR J 524 -22.97 -94.51 3.46
CA THR J 524 -22.65 -93.16 3.90
C THR J 524 -21.32 -92.68 3.34
N PHE J 525 -20.31 -93.55 3.34
CA PHE J 525 -18.96 -93.16 2.92
C PHE J 525 -18.89 -92.86 1.42
N MET J 526 -19.60 -93.64 0.60
CA MET J 526 -19.51 -93.44 -0.84
C MET J 526 -20.37 -92.29 -1.35
N VAL J 527 -21.50 -92.00 -0.68
CA VAL J 527 -22.39 -90.95 -1.19
C VAL J 527 -21.78 -89.57 -0.97
N PHE J 528 -20.98 -89.39 0.09
CA PHE J 528 -20.37 -88.08 0.32
C PHE J 528 -19.09 -87.91 -0.47
N GLN J 529 -18.40 -89.01 -0.77
CA GLN J 529 -17.25 -88.97 -1.68
C GLN J 529 -17.71 -88.65 -3.10
N ALA J 530 -18.88 -89.15 -3.50
CA ALA J 530 -19.45 -88.83 -4.80
C ALA J 530 -19.85 -87.37 -4.89
N LEU J 531 -20.52 -86.85 -3.85
CA LEU J 531 -20.85 -85.42 -3.80
C LEU J 531 -19.61 -84.55 -3.64
N ALA J 532 -18.54 -85.08 -3.02
CA ALA J 532 -17.28 -84.34 -2.98
C ALA J 532 -16.63 -84.30 -4.35
N GLN J 533 -16.59 -85.42 -5.06
CA GLN J 533 -16.00 -85.44 -6.39
C GLN J 533 -16.88 -84.75 -7.42
N TYR J 534 -18.19 -84.63 -7.16
CA TYR J 534 -19.04 -83.75 -7.99
C TYR J 534 -18.59 -82.30 -7.88
N GLN J 535 -18.27 -81.84 -6.68
CA GLN J 535 -17.54 -80.59 -6.52
C GLN J 535 -16.04 -80.84 -6.74
N LYS J 536 -15.18 -80.32 -5.84
CA LYS J 536 -13.71 -80.44 -5.87
C LYS J 536 -13.11 -79.95 -7.18
N ASP J 537 -13.31 -80.71 -8.26
CA ASP J 537 -13.12 -80.23 -9.62
C ASP J 537 -14.49 -80.16 -10.29
N ALA J 538 -15.30 -79.21 -9.83
CA ALA J 538 -16.70 -79.10 -10.23
C ALA J 538 -16.83 -78.68 -11.70
N PRO J 539 -17.83 -79.20 -12.42
CA PRO J 539 -18.08 -78.72 -13.78
C PRO J 539 -18.56 -77.28 -13.79
N ASP J 540 -18.19 -76.58 -14.85
CA ASP J 540 -18.47 -75.15 -14.96
C ASP J 540 -18.50 -74.81 -16.45
N HIS J 541 -19.26 -73.76 -16.79
CA HIS J 541 -19.52 -73.45 -18.18
C HIS J 541 -18.32 -72.85 -18.91
N GLN J 542 -17.30 -72.39 -18.19
CA GLN J 542 -16.19 -71.72 -18.83
C GLN J 542 -15.26 -72.74 -19.50
N GLU J 543 -14.81 -72.40 -20.70
CA GLU J 543 -13.84 -73.20 -21.43
C GLU J 543 -12.99 -72.29 -22.33
N LEU J 544 -12.86 -71.02 -21.94
CA LEU J 544 -12.25 -69.99 -22.77
C LEU J 544 -10.76 -70.25 -23.00
N ASN J 545 -10.35 -70.16 -24.26
CA ASN J 545 -9.00 -70.49 -24.69
C ASN J 545 -8.76 -69.74 -26.00
N LEU J 546 -9.39 -68.57 -26.12
CA LEU J 546 -9.38 -67.83 -27.37
C LEU J 546 -8.03 -67.17 -27.62
N ASP J 547 -7.56 -67.29 -28.86
CA ASP J 547 -6.36 -66.62 -29.35
C ASP J 547 -6.78 -65.74 -30.51
N VAL J 548 -6.82 -64.43 -30.30
CA VAL J 548 -7.31 -63.47 -31.27
C VAL J 548 -6.16 -62.55 -31.68
N SER J 549 -6.00 -62.33 -32.99
CA SER J 549 -4.97 -61.47 -33.55
C SER J 549 -5.57 -60.55 -34.60
N LEU J 550 -4.95 -59.37 -34.75
CA LEU J 550 -5.39 -58.36 -35.70
C LEU J 550 -4.28 -58.05 -36.69
N GLN J 551 -4.68 -57.72 -37.92
CA GLN J 551 -3.75 -57.30 -38.97
C GLN J 551 -3.99 -55.81 -39.24
N LEU J 552 -3.02 -54.99 -38.86
CA LEU J 552 -3.19 -53.54 -38.81
C LEU J 552 -3.08 -52.94 -40.22
N PRO J 553 -3.63 -51.74 -40.43
CA PRO J 553 -3.32 -51.02 -41.68
C PRO J 553 -1.88 -50.54 -41.76
N SER J 554 -1.29 -50.17 -40.63
CA SER J 554 0.14 -49.86 -40.61
C SER J 554 0.98 -51.13 -40.76
N ARG J 555 0.54 -52.22 -40.11
CA ARG J 555 1.01 -53.60 -40.30
C ARG J 555 2.48 -53.79 -39.92
N SER J 556 3.02 -52.92 -39.05
CA SER J 556 4.36 -53.16 -38.54
C SER J 556 4.40 -54.31 -37.53
N SER J 557 3.27 -54.59 -36.88
CA SER J 557 3.15 -55.71 -35.97
C SER J 557 1.69 -56.13 -35.93
N LYS J 558 1.45 -57.32 -35.37
CA LYS J 558 0.10 -57.86 -35.21
C LYS J 558 -0.25 -57.87 -33.73
N ILE J 559 -1.26 -57.09 -33.36
CA ILE J 559 -1.73 -57.05 -31.96
C ILE J 559 -2.41 -58.38 -31.64
N THR J 560 -1.93 -59.04 -30.58
CA THR J 560 -2.42 -60.37 -30.21
C THR J 560 -2.63 -60.42 -28.70
N HIS J 561 -3.80 -60.90 -28.27
CA HIS J 561 -4.14 -61.05 -26.87
C HIS J 561 -4.73 -62.44 -26.62
N ARG J 562 -4.96 -62.75 -25.35
CA ARG J 562 -5.56 -64.01 -24.96
C ARG J 562 -6.70 -63.77 -23.98
N ILE J 563 -7.71 -64.63 -24.04
CA ILE J 563 -8.87 -64.57 -23.17
C ILE J 563 -9.00 -65.91 -22.45
N HIS J 564 -8.99 -65.87 -21.12
CA HIS J 564 -9.20 -67.06 -20.31
C HIS J 564 -10.27 -66.72 -19.29
N TRP J 565 -10.32 -67.46 -18.18
CA TRP J 565 -11.40 -67.27 -17.21
C TRP J 565 -11.19 -66.02 -16.37
N GLU J 566 -9.94 -65.71 -16.00
CA GLU J 566 -9.65 -64.50 -15.24
C GLU J 566 -9.85 -63.22 -16.04
N SER J 567 -9.90 -63.30 -17.37
CA SER J 567 -10.14 -62.14 -18.23
C SER J 567 -11.45 -62.27 -19.00
N ALA J 568 -12.42 -63.03 -18.46
CA ALA J 568 -13.69 -63.25 -19.14
C ALA J 568 -14.50 -61.96 -19.26
N SER J 569 -14.62 -61.20 -18.17
CA SER J 569 -15.31 -59.92 -18.18
C SER J 569 -14.35 -58.74 -18.32
N LEU J 570 -13.12 -58.99 -18.79
CA LEU J 570 -12.14 -57.93 -18.95
C LEU J 570 -12.28 -57.27 -20.31
N LEU J 571 -12.20 -55.94 -20.31
CA LEU J 571 -12.30 -55.15 -21.53
C LEU J 571 -10.91 -54.94 -22.11
N ARG J 572 -10.81 -55.06 -23.43
CA ARG J 572 -9.56 -54.81 -24.16
C ARG J 572 -9.87 -53.83 -25.28
N SER J 573 -9.16 -52.70 -25.30
CA SER J 573 -9.45 -51.65 -26.26
C SER J 573 -8.18 -51.13 -26.91
N GLU J 574 -8.31 -50.68 -28.16
CA GLU J 574 -7.22 -50.09 -28.92
C GLU J 574 -7.72 -48.91 -29.74
N GLU J 575 -6.84 -47.93 -29.94
CA GLU J 575 -7.15 -46.69 -30.61
C GLU J 575 -6.23 -46.49 -31.81
N THR J 576 -6.79 -45.96 -32.90
CA THR J 576 -6.01 -45.50 -34.04
C THR J 576 -6.26 -44.00 -34.22
N LYS J 577 -5.51 -43.40 -35.15
CA LYS J 577 -5.69 -42.00 -35.49
C LYS J 577 -6.18 -41.78 -36.91
N GLU J 578 -6.58 -42.83 -37.61
CA GLU J 578 -6.99 -42.71 -39.01
C GLU J 578 -7.98 -43.82 -39.35
N ASN J 579 -9.03 -43.45 -40.09
CA ASN J 579 -10.07 -44.40 -40.48
C ASN J 579 -9.53 -45.37 -41.50
N GLU J 580 -9.36 -46.63 -41.11
CA GLU J 580 -8.88 -47.65 -42.03
C GLU J 580 -9.46 -49.00 -41.64
N GLY J 581 -9.50 -49.90 -42.63
CA GLY J 581 -9.96 -51.26 -42.39
C GLY J 581 -8.84 -52.16 -41.91
N PHE J 582 -9.25 -53.32 -41.40
CA PHE J 582 -8.32 -54.29 -40.82
C PHE J 582 -8.98 -55.66 -40.81
N THR J 583 -8.23 -56.66 -40.36
CA THR J 583 -8.63 -58.05 -40.37
C THR J 583 -8.60 -58.60 -38.94
N VAL J 584 -9.63 -59.36 -38.56
CA VAL J 584 -9.70 -60.03 -37.27
C VAL J 584 -9.55 -61.53 -37.50
N THR J 585 -8.67 -62.16 -36.74
CA THR J 585 -8.46 -63.61 -36.82
C THR J 585 -8.59 -64.18 -35.41
N ALA J 586 -9.54 -65.11 -35.24
CA ALA J 586 -9.80 -65.73 -33.95
C ALA J 586 -9.70 -67.25 -34.05
N GLU J 587 -9.09 -67.86 -33.04
CA GLU J 587 -8.91 -69.30 -32.99
C GLU J 587 -9.12 -69.81 -31.57
N GLY J 588 -9.85 -70.90 -31.42
CA GLY J 588 -9.96 -71.60 -30.17
C GLY J 588 -11.38 -71.67 -29.64
N LYS J 589 -11.53 -72.44 -28.57
CA LYS J 589 -12.81 -72.54 -27.88
C LYS J 589 -13.11 -71.27 -27.11
N GLY J 590 -14.39 -70.97 -26.96
CA GLY J 590 -14.84 -69.78 -26.27
C GLY J 590 -15.71 -68.91 -27.15
N GLN J 591 -16.09 -67.76 -26.59
CA GLN J 591 -16.98 -66.83 -27.27
C GLN J 591 -16.75 -65.42 -26.74
N GLY J 592 -16.85 -64.43 -27.62
CA GLY J 592 -16.68 -63.03 -27.23
C GLY J 592 -17.48 -62.07 -28.08
N THR J 593 -17.27 -60.78 -27.89
CA THR J 593 -18.00 -59.73 -28.59
C THR J 593 -17.03 -58.70 -29.14
N LEU J 594 -17.16 -58.38 -30.42
CA LEU J 594 -16.39 -57.32 -31.06
C LEU J 594 -17.27 -56.09 -31.25
N SER J 595 -16.72 -54.92 -30.94
CA SER J 595 -17.40 -53.66 -31.18
C SER J 595 -16.39 -52.63 -31.66
N VAL J 596 -16.75 -51.91 -32.73
CA VAL J 596 -15.88 -50.92 -33.36
C VAL J 596 -16.66 -49.61 -33.48
N VAL J 597 -16.10 -48.53 -32.93
CA VAL J 597 -16.73 -47.22 -32.90
C VAL J 597 -15.75 -46.21 -33.47
N THR J 598 -16.21 -45.36 -34.39
CA THR J 598 -15.40 -44.28 -34.95
C THR J 598 -15.88 -42.93 -34.42
N MET J 599 -14.93 -42.06 -34.07
CA MET J 599 -15.24 -40.71 -33.63
C MET J 599 -14.45 -39.73 -34.47
N TYR J 600 -15.15 -38.72 -35.01
CA TYR J 600 -14.54 -37.81 -35.98
C TYR J 600 -15.33 -36.51 -35.99
N HIS J 601 -14.78 -35.54 -36.72
CA HIS J 601 -15.48 -34.28 -36.99
C HIS J 601 -16.27 -34.42 -38.29
N ALA J 602 -17.59 -34.28 -38.19
CA ALA J 602 -18.46 -34.31 -39.35
C ALA J 602 -18.94 -32.90 -39.67
N LYS J 603 -19.12 -32.64 -40.97
CA LYS J 603 -19.58 -31.34 -41.44
C LYS J 603 -20.99 -31.04 -40.94
N ALA J 604 -21.22 -29.76 -40.61
CA ALA J 604 -22.47 -29.34 -39.97
C ALA J 604 -23.66 -29.47 -40.91
N LYS J 605 -24.83 -29.72 -40.31
CA LYS J 605 -26.05 -29.98 -41.07
C LYS J 605 -26.90 -28.72 -41.16
N ASP J 606 -26.27 -27.65 -41.68
CA ASP J 606 -26.82 -26.28 -41.76
C ASP J 606 -27.26 -25.76 -40.40
N GLN J 607 -26.56 -26.17 -39.34
CA GLN J 607 -26.91 -25.79 -37.99
C GLN J 607 -26.54 -24.33 -37.75
N LEU J 608 -27.52 -23.53 -37.36
CA LEU J 608 -27.29 -22.13 -37.07
C LEU J 608 -26.94 -22.01 -35.59
N THR J 609 -25.84 -21.30 -35.31
CA THR J 609 -25.43 -21.04 -33.93
C THR J 609 -26.45 -20.19 -33.19
N CYS J 610 -27.22 -19.36 -33.91
CA CYS J 610 -28.36 -18.63 -33.37
C CYS J 610 -29.62 -19.49 -33.36
N ASN J 611 -29.51 -20.73 -32.86
CA ASN J 611 -30.68 -21.57 -32.68
C ASN J 611 -31.54 -21.03 -31.55
N LYS J 612 -32.85 -21.08 -31.75
CA LYS J 612 -33.95 -20.66 -30.86
C LYS J 612 -34.08 -19.15 -30.69
N PHE J 613 -33.32 -18.34 -31.43
CA PHE J 613 -33.40 -16.90 -31.27
C PHE J 613 -33.41 -16.20 -32.63
N ASP J 614 -34.41 -15.33 -32.83
CA ASP J 614 -34.48 -14.44 -33.99
C ASP J 614 -34.02 -13.06 -33.56
N LEU J 615 -32.72 -12.80 -33.62
CA LEU J 615 -32.15 -11.56 -33.12
C LEU J 615 -31.97 -10.58 -34.27
N LYS J 616 -32.54 -9.38 -34.12
CA LYS J 616 -32.47 -8.33 -35.14
C LYS J 616 -31.96 -7.05 -34.50
N VAL J 617 -30.97 -6.42 -35.13
CA VAL J 617 -30.35 -5.19 -34.66
C VAL J 617 -30.39 -4.18 -35.80
N THR J 618 -30.81 -2.95 -35.51
CA THR J 618 -30.97 -1.90 -36.52
C THR J 618 -30.33 -0.62 -36.03
N ILE J 619 -29.39 -0.08 -36.81
CA ILE J 619 -28.79 1.22 -36.54
C ILE J 619 -29.18 2.16 -37.69
N LYS J 620 -29.73 3.32 -37.34
CA LYS J 620 -30.21 4.29 -38.31
C LYS J 620 -29.95 5.68 -37.75
N PRO J 621 -29.56 6.64 -38.58
CA PRO J 621 -29.46 8.03 -38.11
C PRO J 621 -30.85 8.59 -37.87
N ALA J 622 -30.95 9.43 -36.83
CA ALA J 622 -32.21 10.08 -36.55
C ALA J 622 -32.48 11.14 -37.63
N PRO J 623 -33.73 11.21 -38.14
CA PRO J 623 -34.01 12.12 -39.26
C PRO J 623 -33.93 13.60 -38.90
N GLU J 624 -35.05 14.18 -38.46
CA GLU J 624 -35.06 15.55 -37.99
C GLU J 624 -35.81 15.69 -36.68
N THR J 625 -36.16 14.57 -36.02
CA THR J 625 -36.90 14.61 -34.76
C THR J 625 -36.12 15.28 -33.63
N GLU J 626 -34.79 15.14 -33.62
CA GLU J 626 -33.97 15.90 -32.71
C GLU J 626 -33.56 17.25 -33.30
N LYS J 627 -33.33 17.30 -34.61
CA LYS J 627 -32.75 18.50 -35.23
C LYS J 627 -33.77 19.62 -35.45
N ARG J 628 -35.06 19.31 -35.59
CA ARG J 628 -36.07 20.36 -35.78
C ARG J 628 -36.29 21.24 -34.54
N PRO J 629 -36.38 20.73 -33.25
CA PRO J 629 -36.44 21.68 -32.13
C PRO J 629 -35.10 22.24 -31.66
N GLN J 630 -34.15 22.40 -32.59
CA GLN J 630 -32.85 23.08 -32.41
C GLN J 630 -31.96 22.36 -31.40
N ASP J 631 -32.10 21.04 -31.29
CA ASP J 631 -31.19 20.20 -30.55
C ASP J 631 -30.20 19.50 -31.45
N ALA J 632 -30.07 19.96 -32.71
CA ALA J 632 -29.33 19.31 -33.80
C ALA J 632 -27.89 18.94 -33.46
N LYS J 633 -27.55 17.69 -33.76
CA LYS J 633 -26.22 17.14 -33.56
C LYS J 633 -26.10 15.91 -34.45
N ASN J 634 -24.92 15.30 -34.45
CA ASN J 634 -24.74 14.01 -35.10
C ASN J 634 -25.46 12.93 -34.28
N THR J 635 -26.57 12.42 -34.79
CA THR J 635 -27.45 11.57 -34.00
C THR J 635 -27.83 10.31 -34.76
N MET J 636 -27.82 9.18 -34.04
CA MET J 636 -28.27 7.90 -34.56
C MET J 636 -29.09 7.19 -33.49
N ILE J 637 -29.98 6.31 -33.93
CA ILE J 637 -30.90 5.59 -33.05
C ILE J 637 -30.67 4.10 -33.28
N LEU J 638 -30.50 3.34 -32.20
CA LEU J 638 -30.30 1.90 -32.25
C LEU J 638 -31.56 1.18 -31.80
N GLU J 639 -32.03 0.24 -32.62
CA GLU J 639 -33.23 -0.54 -32.33
C GLU J 639 -32.88 -2.02 -32.29
N ILE J 640 -33.29 -2.71 -31.23
CA ILE J 640 -33.03 -4.14 -31.02
C ILE J 640 -34.36 -4.84 -30.85
N CYS J 641 -34.51 -6.01 -31.48
CA CYS J 641 -35.71 -6.82 -31.36
C CYS J 641 -35.32 -8.30 -31.30
N THR J 642 -36.08 -9.09 -30.56
CA THR J 642 -35.85 -10.53 -30.52
C THR J 642 -37.15 -11.29 -30.25
N ARG J 643 -37.12 -12.58 -30.57
CA ARG J 643 -38.22 -13.52 -30.36
C ARG J 643 -37.63 -14.90 -30.11
N TYR J 644 -38.22 -15.63 -29.17
CA TYR J 644 -37.84 -17.01 -28.89
C TYR J 644 -38.57 -17.96 -29.85
N ARG J 645 -37.90 -19.04 -30.23
CA ARG J 645 -38.47 -19.99 -31.19
C ARG J 645 -39.09 -21.21 -30.54
N GLY J 646 -38.93 -21.40 -29.24
CA GLY J 646 -39.42 -22.59 -28.57
C GLY J 646 -40.93 -22.63 -28.44
N ASP J 647 -41.41 -23.74 -27.86
CA ASP J 647 -42.83 -24.00 -27.75
C ASP J 647 -43.51 -23.13 -26.69
N GLN J 648 -42.73 -22.54 -25.77
CA GLN J 648 -43.27 -21.65 -24.75
C GLN J 648 -42.40 -20.40 -24.69
N ASP J 649 -42.91 -19.40 -23.95
CA ASP J 649 -42.14 -18.18 -23.73
C ASP J 649 -40.90 -18.46 -22.89
N ALA J 650 -39.76 -17.94 -23.35
CA ALA J 650 -38.55 -18.04 -22.57
C ALA J 650 -38.60 -17.03 -21.43
N THR J 651 -38.00 -17.41 -20.30
CA THR J 651 -38.08 -16.59 -19.10
C THR J 651 -37.07 -15.44 -19.11
N MET J 652 -36.35 -15.25 -18.01
CA MET J 652 -35.50 -14.07 -17.88
C MET J 652 -34.25 -14.20 -18.74
N SER J 653 -33.98 -13.17 -19.55
CA SER J 653 -32.82 -13.13 -20.41
C SER J 653 -32.13 -11.78 -20.24
N ILE J 654 -30.89 -11.70 -20.74
CA ILE J 654 -30.00 -10.58 -20.45
C ILE J 654 -29.45 -10.07 -21.78
N LEU J 655 -29.42 -8.74 -21.95
CA LEU J 655 -28.91 -8.10 -23.15
C LEU J 655 -27.50 -7.59 -22.88
N ASP J 656 -26.53 -8.08 -23.66
CA ASP J 656 -25.16 -7.61 -23.61
C ASP J 656 -24.92 -6.72 -24.83
N ILE J 657 -24.83 -5.41 -24.61
CA ILE J 657 -24.71 -4.44 -25.70
C ILE J 657 -23.37 -3.73 -25.52
N SER J 658 -22.65 -3.57 -26.64
CA SER J 658 -21.40 -2.83 -26.66
C SER J 658 -21.56 -1.68 -27.65
N MET J 659 -21.18 -0.48 -27.22
CA MET J 659 -21.30 0.69 -28.07
C MET J 659 -20.27 0.65 -29.20
N MET J 660 -20.60 1.34 -30.30
CA MET J 660 -19.60 1.71 -31.28
C MET J 660 -18.64 2.72 -30.64
N THR J 661 -17.40 2.73 -31.12
CA THR J 661 -16.35 3.51 -30.47
C THR J 661 -16.61 5.02 -30.62
N GLY J 662 -16.44 5.72 -29.51
CA GLY J 662 -16.79 7.13 -29.50
C GLY J 662 -18.26 7.43 -29.48
N PHE J 663 -19.12 6.46 -29.19
CA PHE J 663 -20.55 6.71 -29.12
C PHE J 663 -21.03 6.56 -27.68
N ALA J 664 -21.85 7.51 -27.25
CA ALA J 664 -22.43 7.55 -25.92
C ALA J 664 -23.94 7.57 -26.04
N PRO J 665 -24.66 6.72 -25.32
CA PRO J 665 -26.12 6.70 -25.44
C PRO J 665 -26.78 7.89 -24.78
N ASP J 666 -27.96 8.21 -25.26
CA ASP J 666 -28.81 9.18 -24.58
C ASP J 666 -29.34 8.52 -23.31
N THR J 667 -29.14 9.20 -22.17
CA THR J 667 -29.39 8.59 -20.87
C THR J 667 -30.88 8.42 -20.61
N ASP J 668 -31.67 9.47 -20.90
CA ASP J 668 -33.09 9.53 -20.53
C ASP J 668 -33.95 8.50 -21.25
N ASP J 669 -33.51 7.99 -22.41
CA ASP J 669 -34.23 6.90 -23.05
C ASP J 669 -34.13 5.62 -22.24
N LEU J 670 -32.97 5.36 -21.63
CA LEU J 670 -32.80 4.17 -20.81
C LEU J 670 -33.49 4.30 -19.46
N LYS J 671 -33.76 5.53 -19.01
CA LYS J 671 -34.56 5.76 -17.81
C LYS J 671 -35.99 5.25 -18.00
N GLN J 672 -36.55 5.45 -19.20
CA GLN J 672 -37.86 4.90 -19.53
C GLN J 672 -37.84 3.38 -19.58
N LEU J 673 -36.74 2.80 -20.06
CA LEU J 673 -36.65 1.34 -20.17
C LEU J 673 -36.45 0.68 -18.81
N ALA J 674 -35.65 1.29 -17.93
CA ALA J 674 -35.34 0.69 -16.63
C ALA J 674 -36.56 0.65 -15.70
N ASN J 675 -37.37 1.71 -15.69
CA ASN J 675 -38.55 1.75 -14.84
C ASN J 675 -39.76 1.04 -15.45
N GLY J 676 -39.67 0.64 -16.71
CA GLY J 676 -40.76 -0.08 -17.34
C GLY J 676 -40.97 -1.46 -16.76
N VAL J 677 -42.20 -1.97 -16.92
CA VAL J 677 -42.56 -3.29 -16.41
C VAL J 677 -41.81 -4.38 -17.18
N ASP J 678 -41.48 -5.47 -16.47
CA ASP J 678 -40.70 -6.63 -16.92
C ASP J 678 -39.27 -6.26 -17.34
N ARG J 679 -38.78 -5.08 -16.94
CA ARG J 679 -37.47 -4.57 -17.37
C ARG J 679 -36.80 -3.87 -16.19
N TYR J 680 -35.47 -3.95 -16.16
CA TYR J 680 -34.68 -3.36 -15.09
C TYR J 680 -33.26 -3.16 -15.58
N ILE J 681 -32.64 -2.07 -15.13
CA ILE J 681 -31.21 -1.80 -15.33
C ILE J 681 -30.59 -1.60 -13.96
N SER J 682 -29.47 -2.30 -13.71
CA SER J 682 -28.78 -2.25 -12.42
C SER J 682 -28.25 -0.85 -12.13
N LYS J 683 -28.28 -0.48 -10.84
CA LYS J 683 -28.06 0.90 -10.41
C LYS J 683 -26.63 1.38 -10.69
N TYR J 684 -25.64 0.55 -10.32
CA TYR J 684 -24.23 0.87 -10.52
C TYR J 684 -23.89 1.06 -12.00
N GLU J 685 -24.55 0.34 -12.90
CA GLU J 685 -24.43 0.61 -14.32
C GLU J 685 -25.20 1.88 -14.71
N LEU J 686 -26.38 2.08 -14.12
CA LEU J 686 -27.31 3.12 -14.59
C LEU J 686 -26.84 4.52 -14.26
N ASP J 687 -26.36 4.76 -13.03
CA ASP J 687 -26.13 6.13 -12.59
C ASP J 687 -24.84 6.73 -13.15
N LYS J 688 -23.92 5.91 -13.64
CA LYS J 688 -22.66 6.39 -14.19
C LYS J 688 -22.90 7.08 -15.52
N ALA J 689 -23.29 6.30 -16.53
CA ALA J 689 -23.74 6.73 -17.86
C ALA J 689 -22.70 7.56 -18.61
N PHE J 690 -23.18 8.34 -19.58
CA PHE J 690 -22.46 9.39 -20.33
C PHE J 690 -21.29 8.76 -21.11
N SER J 691 -20.13 9.41 -21.12
CA SER J 691 -19.03 9.03 -22.02
C SER J 691 -18.35 7.73 -21.64
N ASP J 692 -18.27 7.43 -20.34
CA ASP J 692 -17.62 6.18 -19.91
C ASP J 692 -18.52 4.96 -20.05
N ARG J 693 -19.72 5.10 -20.61
CA ARG J 693 -20.60 3.95 -20.88
C ARG J 693 -20.21 3.38 -22.24
N ASN J 694 -19.62 2.18 -22.24
CA ASN J 694 -19.31 1.46 -23.46
C ASN J 694 -20.02 0.11 -23.54
N THR J 695 -20.09 -0.61 -22.42
CA THR J 695 -20.84 -1.86 -22.34
C THR J 695 -22.08 -1.63 -21.48
N LEU J 696 -23.22 -2.08 -21.97
CA LEU J 696 -24.51 -1.87 -21.33
C LEU J 696 -25.15 -3.21 -21.02
N ILE J 697 -25.71 -3.34 -19.82
CA ILE J 697 -26.34 -4.57 -19.36
C ILE J 697 -27.81 -4.28 -19.10
N ILE J 698 -28.69 -4.96 -19.85
CA ILE J 698 -30.14 -4.79 -19.75
C ILE J 698 -30.74 -6.16 -19.49
N TYR J 699 -31.62 -6.24 -18.49
CA TYR J 699 -32.29 -7.48 -18.12
C TYR J 699 -33.76 -7.42 -18.53
N LEU J 700 -34.20 -8.45 -19.25
CA LEU J 700 -35.60 -8.60 -19.61
C LEU J 700 -36.18 -9.79 -18.85
N ASP J 701 -37.38 -9.61 -18.28
CA ASP J 701 -37.97 -10.65 -17.45
C ASP J 701 -38.59 -11.77 -18.28
N LYS J 702 -39.03 -11.48 -19.49
CA LYS J 702 -39.60 -12.49 -20.38
C LYS J 702 -39.50 -11.97 -21.81
N VAL J 703 -39.49 -12.92 -22.75
CA VAL J 703 -39.58 -12.62 -24.18
C VAL J 703 -40.69 -13.47 -24.77
N SER J 704 -41.49 -12.85 -25.64
CA SER J 704 -42.58 -13.59 -26.27
C SER J 704 -42.05 -14.53 -27.34
N HIS J 705 -42.75 -15.66 -27.51
CA HIS J 705 -42.38 -16.62 -28.53
C HIS J 705 -43.19 -16.46 -29.82
N SER J 706 -44.25 -15.65 -29.78
CA SER J 706 -45.13 -15.46 -30.93
C SER J 706 -44.72 -14.25 -31.78
N GLU J 707 -44.28 -13.17 -31.13
CA GLU J 707 -43.92 -11.94 -31.82
C GLU J 707 -42.73 -11.30 -31.12
N ASP J 708 -42.19 -10.26 -31.75
CA ASP J 708 -40.94 -9.67 -31.31
C ASP J 708 -41.15 -8.69 -30.15
N ASP J 709 -40.23 -8.71 -29.20
CA ASP J 709 -40.14 -7.69 -28.16
C ASP J 709 -38.99 -6.75 -28.48
N CYS J 710 -39.22 -5.45 -28.34
CA CYS J 710 -38.28 -4.46 -28.85
C CYS J 710 -38.08 -3.34 -27.85
N LEU J 711 -37.00 -2.59 -28.09
CA LEU J 711 -36.66 -1.37 -27.36
C LEU J 711 -35.72 -0.56 -28.23
N ALA J 712 -35.54 0.72 -27.89
CA ALA J 712 -34.70 1.60 -28.70
C ALA J 712 -34.18 2.75 -27.86
N PHE J 713 -33.02 3.28 -28.26
CA PHE J 713 -32.43 4.45 -27.63
C PHE J 713 -31.48 5.13 -28.62
N LYS J 714 -31.16 6.39 -28.34
CA LYS J 714 -30.33 7.22 -29.20
C LYS J 714 -28.86 7.04 -28.86
N VAL J 715 -27.99 7.28 -29.85
CA VAL J 715 -26.54 7.34 -29.66
C VAL J 715 -26.00 8.54 -30.42
N HIS J 716 -24.89 9.09 -29.93
CA HIS J 716 -24.25 10.26 -30.53
C HIS J 716 -22.74 10.07 -30.50
N GLN J 717 -22.07 10.49 -31.57
CA GLN J 717 -20.62 10.40 -31.63
C GLN J 717 -20.00 11.61 -30.95
N TYR J 718 -18.88 11.39 -30.25
CA TYR J 718 -18.14 12.49 -29.65
C TYR J 718 -16.64 12.45 -29.89
N PHE J 719 -16.12 11.43 -30.58
CA PHE J 719 -14.68 11.18 -30.60
C PHE J 719 -13.99 11.70 -31.85
N ASN J 720 -14.73 11.80 -32.97
CA ASN J 720 -14.29 12.30 -34.28
C ASN J 720 -13.15 11.43 -34.83
N VAL J 721 -13.52 10.20 -35.18
CA VAL J 721 -12.57 9.22 -35.72
C VAL J 721 -13.23 8.53 -36.92
N GLU J 722 -12.44 8.24 -37.95
CA GLU J 722 -12.87 7.46 -39.09
C GLU J 722 -12.53 5.98 -38.88
N LEU J 723 -13.16 5.13 -39.68
CA LEU J 723 -13.14 3.65 -39.56
C LEU J 723 -13.55 3.22 -38.15
N ILE J 724 -14.81 3.51 -37.83
CA ILE J 724 -15.34 3.23 -36.50
C ILE J 724 -15.50 1.73 -36.28
N GLN J 725 -15.32 1.31 -35.04
CA GLN J 725 -15.54 -0.09 -34.69
C GLN J 725 -17.04 -0.37 -34.63
N PRO J 726 -17.50 -1.45 -35.24
CA PRO J 726 -18.92 -1.82 -35.12
C PRO J 726 -19.28 -2.26 -33.71
N GLY J 727 -20.56 -2.12 -33.37
CA GLY J 727 -21.06 -2.57 -32.09
C GLY J 727 -21.58 -4.00 -32.15
N ALA J 728 -21.99 -4.51 -31.00
CA ALA J 728 -22.43 -5.89 -30.89
C ALA J 728 -23.52 -6.02 -29.84
N VAL J 729 -24.45 -6.94 -30.09
CA VAL J 729 -25.52 -7.29 -29.16
C VAL J 729 -25.56 -8.81 -29.03
N LYS J 730 -25.43 -9.32 -27.81
CA LYS J 730 -25.49 -10.75 -27.54
C LYS J 730 -26.66 -11.06 -26.62
N VAL J 731 -27.37 -12.16 -26.90
CA VAL J 731 -28.52 -12.58 -26.12
C VAL J 731 -28.26 -13.99 -25.56
N TYR J 732 -28.69 -14.20 -24.32
CA TYR J 732 -28.58 -15.48 -23.61
C TYR J 732 -29.49 -15.42 -22.39
N ALA J 733 -29.60 -16.56 -21.71
CA ALA J 733 -30.35 -16.67 -20.47
C ALA J 733 -29.41 -16.98 -19.32
N TYR J 734 -29.89 -16.76 -18.10
CA TYR J 734 -29.05 -16.92 -16.91
C TYR J 734 -28.75 -18.39 -16.58
N TYR J 735 -29.61 -19.31 -17.02
CA TYR J 735 -29.38 -20.73 -16.78
C TYR J 735 -28.57 -21.39 -17.89
N ASN J 736 -28.34 -20.70 -19.00
CA ASN J 736 -27.63 -21.29 -20.13
C ASN J 736 -26.98 -20.16 -20.93
N LEU J 737 -25.65 -20.07 -20.85
CA LEU J 737 -24.88 -19.10 -21.63
C LEU J 737 -24.47 -19.65 -22.98
N GLU J 738 -24.36 -20.98 -23.10
CA GLU J 738 -23.80 -21.62 -24.29
C GLU J 738 -24.71 -21.45 -25.51
N GLU J 739 -25.99 -21.79 -25.39
CA GLU J 739 -26.92 -21.45 -26.47
C GLU J 739 -27.18 -19.95 -26.46
N SER J 740 -26.79 -19.29 -27.54
CA SER J 740 -26.76 -17.83 -27.58
C SER J 740 -26.85 -17.38 -29.03
N CYS J 741 -26.89 -16.05 -29.22
CA CYS J 741 -26.97 -15.46 -30.54
C CYS J 741 -26.36 -14.06 -30.48
N THR J 742 -25.61 -13.69 -31.51
CA THR J 742 -24.89 -12.43 -31.52
C THR J 742 -24.96 -11.81 -32.91
N ARG J 743 -25.39 -10.54 -32.97
CA ARG J 743 -25.45 -9.78 -34.22
C ARG J 743 -24.70 -8.48 -34.06
N PHE J 744 -24.16 -7.97 -35.16
CA PHE J 744 -23.38 -6.75 -35.18
C PHE J 744 -24.11 -5.68 -35.98
N TYR J 745 -23.58 -4.46 -35.94
CA TYR J 745 -24.18 -3.35 -36.66
C TYR J 745 -23.12 -2.29 -36.95
N HIS J 746 -23.27 -1.66 -38.11
CA HIS J 746 -22.38 -0.60 -38.61
C HIS J 746 -23.24 0.24 -39.54
N PRO J 747 -23.00 1.57 -39.61
CA PRO J 747 -23.84 2.41 -40.49
C PRO J 747 -23.62 2.29 -41.99
N GLU J 748 -22.94 1.25 -42.47
CA GLU J 748 -22.74 1.02 -43.90
C GLU J 748 -22.93 -0.45 -44.24
N LYS J 749 -22.46 -1.33 -43.37
CA LYS J 749 -22.54 -2.77 -43.58
C LYS J 749 -23.79 -3.31 -42.90
N GLU J 750 -24.49 -4.21 -43.59
CA GLU J 750 -25.81 -4.69 -43.14
C GLU J 750 -25.70 -5.54 -41.88
N ASP J 751 -24.84 -6.55 -41.88
CA ASP J 751 -24.64 -7.37 -40.69
C ASP J 751 -23.51 -6.87 -39.81
N GLY J 752 -22.87 -5.75 -40.17
CA GLY J 752 -21.79 -5.19 -39.38
C GLY J 752 -20.53 -6.04 -39.34
N LYS J 753 -20.33 -6.90 -40.32
CA LYS J 753 -19.21 -7.82 -40.36
C LYS J 753 -18.08 -7.30 -41.23
N LEU J 754 -18.18 -6.04 -41.65
CA LEU J 754 -17.21 -5.29 -42.46
C LEU J 754 -17.06 -6.00 -43.82
N ASN J 755 -15.87 -6.00 -44.42
CA ASN J 755 -15.67 -6.52 -45.77
C ASN J 755 -14.59 -7.60 -45.77
N LYS J 756 -14.91 -8.73 -46.39
CA LYS J 756 -13.95 -9.83 -46.56
C LYS J 756 -14.05 -10.39 -47.97
N LEU J 757 -12.96 -10.98 -48.42
CA LEU J 757 -12.90 -11.74 -49.67
C LEU J 757 -12.66 -13.21 -49.32
N CYS J 758 -13.28 -14.12 -50.07
CA CYS J 758 -13.08 -15.55 -49.81
C CYS J 758 -13.25 -16.34 -51.10
N ARG J 759 -12.32 -17.25 -51.34
CA ARG J 759 -12.41 -18.23 -52.42
C ARG J 759 -12.55 -19.60 -51.78
N ASP J 760 -13.73 -20.21 -51.92
CA ASP J 760 -14.16 -21.46 -51.30
C ASP J 760 -14.00 -21.39 -49.79
N GLU J 761 -12.95 -21.99 -49.24
CA GLU J 761 -12.68 -21.99 -47.81
C GLU J 761 -11.61 -21.01 -47.38
N LEU J 762 -10.81 -20.48 -48.30
CA LEU J 762 -9.66 -19.65 -47.98
C LEU J 762 -10.05 -18.18 -48.07
N CYS J 763 -10.14 -17.50 -46.93
CA CYS J 763 -10.61 -16.12 -46.86
C CYS J 763 -9.49 -15.16 -46.47
N ARG J 764 -9.68 -13.88 -46.80
CA ARG J 764 -8.69 -12.83 -46.55
C ARG J 764 -9.36 -11.60 -45.96
N CYS J 765 -8.59 -10.87 -45.13
CA CYS J 765 -8.97 -9.57 -44.61
C CYS J 765 -9.15 -8.56 -45.75
N ALA J 766 -10.12 -7.66 -45.61
CA ALA J 766 -10.39 -6.72 -46.70
C ALA J 766 -10.97 -5.39 -46.25
N GLU J 767 -10.67 -4.93 -45.03
CA GLU J 767 -11.11 -3.58 -44.61
C GLU J 767 -10.06 -2.55 -44.97
N GLU J 768 -9.94 -2.32 -46.26
CA GLU J 768 -8.85 -1.55 -46.84
C GLU J 768 -9.43 -0.67 -47.93
N ASN J 769 -8.62 0.23 -48.45
CA ASN J 769 -8.95 0.84 -49.73
C ASN J 769 -8.77 -0.20 -50.84
N CYS J 770 -9.43 0.05 -51.98
CA CYS J 770 -9.39 -0.92 -53.07
C CYS J 770 -7.99 -1.01 -53.69
N PHE J 771 -7.35 0.14 -53.92
CA PHE J 771 -5.92 0.26 -54.22
C PHE J 771 -5.55 1.73 -54.05
N ILE J 772 -4.25 2.01 -54.10
CA ILE J 772 -3.77 3.40 -53.97
C ILE J 772 -4.03 4.15 -55.27
N GLN J 773 -5.28 4.52 -55.50
CA GLN J 773 -5.66 5.26 -56.69
C GLN J 773 -5.17 6.70 -56.60
N LYS J 774 -4.56 7.18 -57.67
CA LYS J 774 -4.16 8.58 -57.77
C LYS J 774 -5.13 9.31 -58.69
N SER J 775 -5.28 10.60 -58.45
CA SER J 775 -6.31 11.41 -59.09
C SER J 775 -5.83 12.08 -60.37
N ASP J 776 -4.85 11.46 -61.07
CA ASP J 776 -4.24 11.90 -62.35
C ASP J 776 -3.47 13.22 -62.31
N ASP J 777 -3.53 13.96 -61.19
CA ASP J 777 -2.85 15.24 -61.07
C ASP J 777 -1.35 15.06 -60.84
N LYS J 778 -0.95 13.98 -60.16
CA LYS J 778 0.46 13.72 -59.90
C LYS J 778 1.04 13.01 -61.12
N VAL J 779 1.37 13.80 -62.14
CA VAL J 779 2.06 13.32 -63.33
C VAL J 779 3.56 13.44 -63.12
N THR J 780 3.97 13.82 -61.91
CA THR J 780 5.37 13.86 -61.53
C THR J 780 5.94 12.46 -61.34
N LEU J 781 6.06 11.72 -62.45
CA LEU J 781 6.48 10.32 -62.42
C LEU J 781 7.91 10.16 -61.97
N GLU J 782 8.78 11.14 -62.29
CA GLU J 782 10.19 11.11 -61.89
C GLU J 782 10.36 11.06 -60.36
N GLU J 783 9.48 11.72 -59.63
CA GLU J 783 9.43 11.51 -58.18
C GLU J 783 8.78 10.17 -57.83
N ARG J 784 7.69 9.82 -58.51
CA ARG J 784 6.93 8.60 -58.19
C ARG J 784 7.72 7.33 -58.47
N LEU J 785 8.45 7.31 -59.58
CA LEU J 785 9.24 6.12 -59.93
C LEU J 785 10.48 6.00 -59.04
N ASP J 786 11.08 7.14 -58.66
CA ASP J 786 12.18 7.12 -57.70
C ASP J 786 11.73 6.64 -56.32
N LYS J 787 10.49 6.95 -55.92
CA LYS J 787 9.92 6.42 -54.69
C LYS J 787 9.48 4.97 -54.79
N ALA J 788 9.46 4.39 -55.99
CA ALA J 788 9.19 2.96 -56.12
C ALA J 788 10.37 2.08 -55.72
N CYS J 789 11.55 2.67 -55.52
CA CYS J 789 12.73 1.97 -55.01
C CYS J 789 12.78 1.92 -53.49
N GLU J 790 11.65 2.07 -52.82
CA GLU J 790 11.55 1.93 -51.39
C GLU J 790 11.50 0.45 -51.02
N PRO J 791 11.98 0.07 -49.82
CA PRO J 791 12.08 -1.36 -49.46
C PRO J 791 10.75 -2.11 -49.33
N GLY J 792 9.60 -1.43 -49.34
CA GLY J 792 8.33 -2.12 -49.26
C GLY J 792 7.92 -2.85 -50.53
N VAL J 793 8.51 -2.47 -51.67
CA VAL J 793 8.11 -3.04 -52.96
C VAL J 793 8.84 -4.35 -53.17
N ASP J 794 8.09 -5.44 -53.32
CA ASP J 794 8.64 -6.78 -53.47
C ASP J 794 8.60 -7.31 -54.90
N TYR J 795 7.90 -6.62 -55.82
CA TYR J 795 7.89 -6.97 -57.23
C TYR J 795 7.47 -5.74 -58.02
N VAL J 796 8.02 -5.62 -59.23
CA VAL J 796 7.58 -4.62 -60.21
C VAL J 796 7.37 -5.36 -61.52
N TYR J 797 6.13 -5.40 -62.02
CA TYR J 797 5.79 -6.18 -63.19
C TYR J 797 5.14 -5.29 -64.24
N LYS J 798 5.41 -5.61 -65.51
CA LYS J 798 4.68 -5.06 -66.66
C LYS J 798 3.79 -6.16 -67.21
N THR J 799 2.48 -5.90 -67.21
CA THR J 799 1.50 -6.93 -67.56
C THR J 799 0.56 -6.43 -68.66
N ARG J 800 -0.26 -7.35 -69.17
CA ARG J 800 -1.32 -7.06 -70.12
C ARG J 800 -2.52 -7.95 -69.80
N LEU J 801 -3.68 -7.34 -69.61
CA LEU J 801 -4.88 -8.07 -69.22
C LEU J 801 -5.49 -8.78 -70.42
N VAL J 802 -5.95 -10.02 -70.21
CA VAL J 802 -6.50 -10.85 -71.29
C VAL J 802 -8.01 -11.07 -71.12
N LYS J 803 -8.42 -11.60 -69.98
CA LYS J 803 -9.82 -12.01 -69.80
C LYS J 803 -10.24 -11.78 -68.36
N VAL J 804 -11.47 -11.29 -68.19
CA VAL J 804 -12.05 -11.00 -66.87
C VAL J 804 -13.26 -11.91 -66.67
N GLN J 805 -13.37 -12.49 -65.47
CA GLN J 805 -14.51 -13.32 -65.09
C GLN J 805 -15.01 -12.92 -63.71
N LEU J 806 -16.30 -12.64 -63.60
CA LEU J 806 -16.91 -12.39 -62.31
C LEU J 806 -17.11 -13.69 -61.54
N SER J 807 -17.30 -13.56 -60.23
CA SER J 807 -17.55 -14.71 -59.37
C SER J 807 -18.49 -14.34 -58.23
N ASN J 808 -18.36 -15.03 -57.10
CA ASN J 808 -19.22 -14.85 -55.93
C ASN J 808 -19.01 -13.49 -55.28
N ASP J 809 -18.00 -13.35 -54.42
CA ASP J 809 -17.66 -12.06 -53.83
C ASP J 809 -16.33 -11.53 -54.35
N PHE J 810 -15.88 -12.04 -55.51
CA PHE J 810 -14.62 -11.62 -56.10
C PHE J 810 -14.75 -11.67 -57.61
N ASP J 811 -13.70 -11.21 -58.30
CA ASP J 811 -13.57 -11.45 -59.73
C ASP J 811 -12.08 -11.55 -60.07
N GLU J 812 -11.77 -12.39 -61.05
CA GLU J 812 -10.40 -12.71 -61.41
C GLU J 812 -10.03 -12.03 -62.73
N TYR J 813 -8.77 -11.60 -62.82
CA TYR J 813 -8.25 -10.87 -63.98
C TYR J 813 -7.05 -11.65 -64.49
N ILE J 814 -7.20 -12.26 -65.67
CA ILE J 814 -6.16 -13.08 -66.26
C ILE J 814 -5.21 -12.16 -67.03
N MET J 815 -3.99 -12.02 -66.53
CA MET J 815 -3.00 -11.13 -67.12
C MET J 815 -1.76 -11.91 -67.55
N ALA J 816 -1.06 -11.37 -68.54
CA ALA J 816 0.17 -11.95 -69.06
C ALA J 816 1.36 -11.09 -68.66
N ILE J 817 2.32 -11.69 -67.98
CA ILE J 817 3.49 -10.96 -67.48
C ILE J 817 4.50 -10.83 -68.61
N GLU J 818 4.90 -9.59 -68.91
CA GLU J 818 5.80 -9.32 -70.04
C GLU J 818 7.28 -9.32 -69.63
N GLN J 819 7.61 -8.75 -68.47
CA GLN J 819 8.99 -8.72 -68.01
C GLN J 819 9.03 -8.53 -66.49
N THR J 820 10.00 -9.17 -65.85
CA THR J 820 10.21 -9.01 -64.42
C THR J 820 11.19 -7.86 -64.22
N ILE J 821 10.65 -6.68 -63.90
CA ILE J 821 11.46 -5.47 -63.83
C ILE J 821 12.28 -5.45 -62.54
N LYS J 822 11.66 -5.74 -61.40
CA LYS J 822 12.34 -5.78 -60.12
C LYS J 822 11.85 -6.96 -59.31
N SER J 823 12.79 -7.74 -58.78
CA SER J 823 12.60 -8.75 -57.71
C SER J 823 11.62 -9.83 -58.18
N GLY J 824 10.57 -10.12 -57.41
CA GLY J 824 9.59 -11.11 -57.82
C GLY J 824 9.29 -12.15 -56.77
N SER J 825 10.37 -12.75 -56.22
CA SER J 825 10.44 -13.80 -55.19
C SER J 825 9.99 -15.18 -55.68
N ASP J 826 9.44 -15.26 -56.87
CA ASP J 826 9.09 -16.52 -57.52
C ASP J 826 9.86 -16.61 -58.84
N GLU J 827 9.59 -17.68 -59.58
CA GLU J 827 10.22 -17.87 -60.88
C GLU J 827 9.71 -16.85 -61.88
N VAL J 828 10.61 -16.43 -62.78
CA VAL J 828 10.27 -15.35 -63.71
C VAL J 828 9.27 -15.82 -64.76
N GLN J 829 9.41 -17.06 -65.25
CA GLN J 829 8.65 -17.69 -66.33
C GLN J 829 8.60 -16.84 -67.60
N VAL J 830 7.85 -15.73 -67.56
CA VAL J 830 7.78 -14.64 -68.55
C VAL J 830 7.12 -15.10 -69.84
N GLY J 831 5.91 -14.62 -70.10
CA GLY J 831 5.18 -14.95 -71.29
C GLY J 831 4.02 -15.92 -71.14
N GLN J 832 3.42 -16.02 -69.96
CA GLN J 832 2.31 -16.94 -69.72
C GLN J 832 1.28 -16.27 -68.82
N GLN J 833 0.13 -16.94 -68.67
CA GLN J 833 -0.99 -16.38 -67.92
C GLN J 833 -0.70 -16.33 -66.43
N ARG J 834 -1.00 -15.20 -65.80
CA ARG J 834 -0.86 -15.01 -64.37
C ARG J 834 -2.13 -14.36 -63.84
N THR J 835 -2.80 -15.03 -62.91
CA THR J 835 -4.14 -14.64 -62.48
C THR J 835 -4.05 -13.62 -61.34
N PHE J 836 -4.75 -12.49 -61.51
CA PHE J 836 -4.86 -11.47 -60.48
C PHE J 836 -6.31 -11.35 -60.05
N ILE J 837 -6.55 -11.22 -58.75
CA ILE J 837 -7.90 -11.28 -58.19
C ILE J 837 -8.13 -10.03 -57.33
N SER J 838 -9.27 -9.40 -57.50
CA SER J 838 -9.72 -8.24 -56.76
C SER J 838 -11.08 -8.55 -56.13
N PRO J 839 -11.44 -7.87 -55.03
CA PRO J 839 -12.83 -7.95 -54.55
C PRO J 839 -13.81 -7.38 -55.56
N ILE J 840 -14.99 -8.00 -55.63
CA ILE J 840 -16.00 -7.59 -56.61
C ILE J 840 -16.66 -6.26 -56.23
N LYS J 841 -16.50 -5.82 -54.98
CA LYS J 841 -16.93 -4.50 -54.56
C LYS J 841 -15.95 -3.40 -54.98
N CYS J 842 -14.82 -3.75 -55.58
CA CYS J 842 -13.83 -2.80 -56.06
C CYS J 842 -13.94 -2.54 -57.56
N ARG J 843 -14.97 -3.08 -58.22
CA ARG J 843 -15.23 -2.74 -59.62
C ARG J 843 -15.61 -1.28 -59.79
N GLU J 844 -16.29 -0.71 -58.79
CA GLU J 844 -16.70 0.70 -58.83
C GLU J 844 -15.51 1.65 -58.74
N ALA J 845 -14.43 1.23 -58.08
CA ALA J 845 -13.27 2.10 -57.89
C ALA J 845 -12.50 2.31 -59.19
N LEU J 846 -12.21 1.23 -59.91
CA LEU J 846 -11.45 1.31 -61.15
C LEU J 846 -11.74 0.06 -61.97
N LYS J 847 -12.21 0.25 -63.19
CA LYS J 847 -12.45 -0.87 -64.11
C LYS J 847 -11.25 -1.04 -65.03
N LEU J 848 -10.59 -2.19 -64.91
CA LEU J 848 -9.54 -2.55 -65.86
C LEU J 848 -10.16 -3.02 -67.17
N GLU J 849 -9.45 -2.77 -68.26
CA GLU J 849 -9.90 -3.12 -69.59
C GLU J 849 -8.96 -4.15 -70.21
N GLU J 850 -9.53 -5.12 -70.91
CA GLU J 850 -8.77 -6.20 -71.55
C GLU J 850 -7.92 -5.66 -72.70
N LYS J 851 -6.90 -6.45 -73.06
CA LYS J 851 -5.95 -6.31 -74.19
C LYS J 851 -4.93 -5.17 -74.02
N LYS J 852 -5.16 -4.25 -73.09
CA LYS J 852 -4.26 -3.15 -72.84
C LYS J 852 -3.14 -3.57 -71.90
N HIS J 853 -2.00 -2.89 -72.01
CA HIS J 853 -0.86 -3.15 -71.13
C HIS J 853 -1.00 -2.37 -69.83
N TYR J 854 -0.42 -2.93 -68.76
CA TYR J 854 -0.48 -2.33 -67.43
C TYR J 854 0.82 -2.54 -66.67
N LEU J 855 1.24 -1.50 -65.94
CA LEU J 855 2.43 -1.56 -65.08
C LEU J 855 1.98 -1.61 -63.63
N MET J 856 2.52 -2.57 -62.86
CA MET J 856 2.04 -2.87 -61.51
C MET J 856 3.22 -3.06 -60.55
N TRP J 857 2.96 -2.82 -59.26
CA TRP J 857 3.89 -3.18 -58.18
C TRP J 857 3.11 -3.40 -56.88
N GLY J 858 3.69 -4.22 -56.01
CA GLY J 858 3.06 -4.55 -54.73
C GLY J 858 4.06 -4.99 -53.66
N LEU J 859 3.58 -5.79 -52.71
CA LEU J 859 4.41 -6.23 -51.57
C LEU J 859 4.16 -7.72 -51.30
N SER J 860 4.87 -8.25 -50.31
CA SER J 860 4.95 -9.69 -50.09
C SER J 860 3.66 -10.31 -49.54
N SER J 861 2.74 -9.52 -49.01
CA SER J 861 1.48 -10.07 -48.52
C SER J 861 0.43 -10.20 -49.62
N ASP J 862 0.71 -9.68 -50.81
CA ASP J 862 -0.27 -9.73 -51.90
C ASP J 862 -0.35 -11.12 -52.52
N PHE J 863 0.79 -11.76 -52.81
CA PHE J 863 0.73 -13.12 -53.33
C PHE J 863 0.41 -14.10 -52.21
N TRP J 864 -0.43 -15.08 -52.52
CA TRP J 864 -1.21 -15.76 -51.51
C TRP J 864 -1.47 -17.19 -51.94
N GLY J 865 -1.84 -18.03 -50.97
CA GLY J 865 -2.08 -19.43 -51.24
C GLY J 865 -0.82 -20.26 -51.13
N GLU J 866 -0.92 -21.47 -51.66
CA GLU J 866 0.15 -22.47 -51.60
C GLU J 866 0.70 -22.72 -53.00
N LYS J 867 2.00 -23.00 -53.06
CA LYS J 867 2.65 -23.34 -54.32
C LYS J 867 2.12 -24.67 -54.85
N PRO J 868 1.97 -24.82 -56.19
CA PRO J 868 2.19 -23.85 -57.27
C PRO J 868 0.94 -23.04 -57.60
N ASN J 869 -0.13 -23.17 -56.80
CA ASN J 869 -1.38 -22.43 -56.99
C ASN J 869 -1.34 -21.04 -56.35
N LEU J 870 -0.19 -20.37 -56.36
CA LEU J 870 -0.07 -19.03 -55.81
C LEU J 870 -0.92 -18.02 -56.60
N SER J 871 -1.55 -17.11 -55.87
CA SER J 871 -2.48 -16.15 -56.45
C SER J 871 -2.14 -14.76 -55.94
N TYR J 872 -2.07 -13.80 -56.86
CA TYR J 872 -1.73 -12.42 -56.54
C TYR J 872 -3.03 -11.63 -56.36
N ILE J 873 -3.26 -11.16 -55.13
CA ILE J 873 -4.50 -10.48 -54.77
C ILE J 873 -4.25 -8.97 -54.78
N ILE J 874 -5.20 -8.23 -55.34
CA ILE J 874 -5.13 -6.76 -55.42
C ILE J 874 -5.64 -6.15 -54.12
N GLY J 875 -4.85 -5.29 -53.52
CA GLY J 875 -5.20 -4.67 -52.25
C GLY J 875 -4.85 -3.20 -52.15
N LYS J 876 -4.88 -2.64 -50.94
CA LYS J 876 -4.63 -1.21 -50.76
C LYS J 876 -3.19 -0.81 -51.03
N ASP J 877 -2.24 -1.74 -50.85
CA ASP J 877 -0.84 -1.47 -51.12
C ASP J 877 -0.46 -1.75 -52.57
N THR J 878 -1.37 -2.36 -53.33
CA THR J 878 -1.12 -2.66 -54.73
C THR J 878 -1.37 -1.42 -55.57
N TRP J 879 -0.53 -1.19 -56.57
CA TRP J 879 -0.61 -0.02 -57.44
C TRP J 879 -0.70 -0.47 -58.89
N VAL J 880 -1.63 0.12 -59.64
CA VAL J 880 -1.89 -0.22 -61.03
C VAL J 880 -2.00 1.08 -61.84
N GLU J 881 -1.32 1.12 -62.99
CA GLU J 881 -1.49 2.21 -63.95
C GLU J 881 -1.37 1.64 -65.35
N HIS J 882 -2.20 2.15 -66.26
CA HIS J 882 -2.16 1.72 -67.66
C HIS J 882 -0.89 2.19 -68.34
N TRP J 883 -0.20 1.26 -69.00
CA TRP J 883 0.89 1.61 -69.91
C TRP J 883 0.31 1.58 -71.31
N PRO J 884 0.18 2.72 -71.98
CA PRO J 884 -0.44 2.77 -73.30
C PRO J 884 0.37 2.06 -74.39
N GLU J 885 -0.33 1.77 -75.48
CA GLU J 885 0.27 1.23 -76.69
C GLU J 885 1.07 2.33 -77.41
N GLU J 886 1.75 1.96 -78.50
CA GLU J 886 2.67 2.84 -79.20
C GLU J 886 1.97 4.04 -79.83
N ASP J 887 0.75 3.83 -80.33
CA ASP J 887 0.04 4.93 -80.98
C ASP J 887 -0.55 5.91 -79.97
N GLU J 888 -0.93 5.45 -78.78
CA GLU J 888 -1.43 6.34 -77.74
C GLU J 888 -0.32 7.21 -77.15
N CYS J 889 0.93 6.73 -77.16
CA CYS J 889 2.08 7.50 -76.70
C CYS J 889 2.32 8.77 -77.51
N GLN J 890 1.94 8.77 -78.79
CA GLN J 890 2.14 9.95 -79.63
C GLN J 890 1.16 11.08 -79.32
N ASP J 891 0.09 10.82 -78.58
CA ASP J 891 -0.71 11.89 -78.03
C ASP J 891 0.11 12.67 -77.01
N GLU J 892 -0.14 13.98 -76.95
CA GLU J 892 0.72 14.91 -76.21
C GLU J 892 0.64 14.71 -74.70
N GLU J 893 -0.49 14.20 -74.20
CA GLU J 893 -0.60 13.88 -72.78
C GLU J 893 0.24 12.65 -72.44
N ASN J 894 0.17 11.61 -73.25
CA ASN J 894 0.92 10.38 -73.04
C ASN J 894 2.32 10.43 -73.67
N GLN J 895 2.73 11.58 -74.20
CA GLN J 895 4.10 11.80 -74.65
C GLN J 895 5.07 11.59 -73.49
N LYS J 896 5.00 12.46 -72.47
CA LYS J 896 5.92 12.40 -71.33
C LYS J 896 5.68 11.17 -70.45
N GLN J 897 4.48 10.58 -70.48
CA GLN J 897 4.20 9.42 -69.64
C GLN J 897 4.92 8.18 -70.15
N CYS J 898 4.96 7.96 -71.46
CA CYS J 898 5.70 6.84 -72.03
C CYS J 898 7.21 7.03 -71.92
N GLN J 899 7.69 8.27 -71.79
CA GLN J 899 9.11 8.53 -71.54
C GLN J 899 9.55 8.01 -70.19
N ASP J 900 8.85 8.41 -69.12
CA ASP J 900 9.28 8.14 -67.75
C ASP J 900 9.16 6.65 -67.40
N LEU J 901 8.04 6.04 -67.78
CA LEU J 901 7.86 4.60 -67.55
C LEU J 901 8.82 3.77 -68.40
N GLY J 902 9.27 4.30 -69.53
CA GLY J 902 10.29 3.65 -70.34
C GLY J 902 11.67 3.88 -69.78
N ALA J 903 11.90 5.08 -69.23
CA ALA J 903 13.17 5.36 -68.57
C ALA J 903 13.33 4.54 -67.30
N PHE J 904 12.26 4.42 -66.50
CA PHE J 904 12.28 3.62 -65.29
C PHE J 904 12.45 2.13 -65.56
N THR J 905 11.91 1.64 -66.68
CA THR J 905 12.10 0.25 -67.09
C THR J 905 13.56 -0.07 -67.36
N GLU J 906 14.24 0.81 -68.10
CA GLU J 906 15.69 0.68 -68.24
C GLU J 906 16.41 0.94 -66.92
N SER J 907 15.87 1.82 -66.06
CA SER J 907 16.53 2.18 -64.80
C SER J 907 16.58 1.03 -63.81
N MET J 908 15.56 0.18 -63.78
CA MET J 908 15.49 -0.82 -62.73
C MET J 908 16.11 -2.16 -63.12
N VAL J 909 16.36 -2.40 -64.41
CA VAL J 909 17.15 -3.54 -64.83
C VAL J 909 18.60 -3.16 -65.07
N VAL J 910 19.01 -1.97 -64.64
CA VAL J 910 20.40 -1.53 -64.75
C VAL J 910 20.95 -1.07 -63.41
N PHE J 911 20.18 -0.26 -62.66
CA PHE J 911 20.76 0.47 -61.54
C PHE J 911 20.27 0.06 -60.16
N GLY J 912 19.09 -0.55 -60.04
CA GLY J 912 18.59 -0.93 -58.72
C GLY J 912 18.23 0.27 -57.87
N CYS J 913 18.28 0.07 -56.55
CA CYS J 913 18.05 1.12 -55.59
C CYS J 913 19.36 1.54 -54.94
N PRO J 914 19.58 2.82 -54.67
CA PRO J 914 20.80 3.24 -53.96
C PRO J 914 20.68 3.33 -52.44
N ASN J 915 19.57 2.87 -51.86
CA ASN J 915 19.43 2.87 -50.41
C ASN J 915 20.28 1.79 -49.76
N LYS K 1 22.78 -20.25 -28.57
CA LYS K 1 24.01 -19.60 -28.14
C LYS K 1 25.15 -19.98 -29.08
N ILE K 2 26.30 -20.40 -28.55
CA ILE K 2 27.39 -20.99 -29.33
C ILE K 2 28.27 -21.83 -28.41
N VAL K 3 28.45 -23.11 -28.75
CA VAL K 3 29.27 -24.00 -27.93
C VAL K 3 30.70 -23.94 -28.43
N LEU K 4 31.64 -23.87 -27.48
CA LEU K 4 33.07 -23.85 -27.77
C LEU K 4 33.68 -25.15 -27.27
N ASP K 5 33.95 -26.08 -28.18
CA ASP K 5 34.57 -27.35 -27.84
C ASP K 5 35.92 -27.49 -28.53
N PRO K 6 36.91 -28.13 -27.89
CA PRO K 6 38.21 -28.33 -28.55
C PRO K 6 38.16 -29.24 -29.77
N SER K 7 37.17 -30.12 -29.87
CA SER K 7 36.90 -30.89 -31.08
C SER K 7 35.97 -30.16 -32.04
N GLY K 8 36.00 -28.83 -32.04
CA GLY K 8 34.99 -28.05 -32.74
C GLY K 8 35.15 -28.09 -34.25
N SER K 9 34.03 -28.31 -34.93
CA SER K 9 33.93 -28.27 -36.39
C SER K 9 32.76 -27.34 -36.67
N MET K 10 33.07 -26.06 -36.89
CA MET K 10 32.06 -25.01 -36.90
C MET K 10 32.26 -24.13 -38.11
N ASN K 11 31.17 -23.80 -38.80
CA ASN K 11 31.21 -22.86 -39.91
C ASN K 11 30.62 -21.53 -39.46
N ILE K 12 31.37 -20.45 -39.67
CA ILE K 12 30.96 -19.10 -39.27
C ILE K 12 30.84 -18.26 -40.53
N TYR K 13 29.60 -17.92 -40.89
CA TYR K 13 29.31 -17.14 -42.08
C TYR K 13 29.13 -15.67 -41.67
N LEU K 14 29.90 -14.77 -42.29
CA LEU K 14 29.85 -13.35 -41.99
C LEU K 14 29.33 -12.60 -43.21
N VAL K 15 28.17 -11.95 -43.07
CA VAL K 15 27.54 -11.19 -44.13
C VAL K 15 27.40 -9.74 -43.65
N LEU K 16 27.82 -8.79 -44.48
CA LEU K 16 27.85 -7.37 -44.13
C LEU K 16 27.20 -6.56 -45.25
N ASP K 17 26.20 -5.76 -44.90
CA ASP K 17 25.58 -4.88 -45.87
C ASP K 17 26.51 -3.71 -46.19
N GLY K 18 26.57 -3.36 -47.49
CA GLY K 18 27.44 -2.31 -47.97
C GLY K 18 26.66 -1.30 -48.78
N SER K 19 25.34 -1.28 -48.57
CA SER K 19 24.46 -0.32 -49.21
C SER K 19 24.72 1.09 -48.71
N GLY K 20 24.19 2.07 -49.45
CA GLY K 20 24.30 3.49 -49.11
C GLY K 20 23.58 3.90 -47.84
N SER K 21 22.70 3.05 -47.31
CA SER K 21 22.00 3.26 -46.05
C SER K 21 22.88 3.04 -44.82
N ILE K 22 24.11 2.56 -44.99
CA ILE K 22 24.94 2.20 -43.85
C ILE K 22 25.79 3.36 -43.37
N GLY K 23 26.55 3.98 -44.27
CA GLY K 23 27.51 4.99 -43.85
C GLY K 23 28.85 4.36 -43.54
N ALA K 24 29.94 5.04 -43.91
CA ALA K 24 31.27 4.45 -43.84
C ALA K 24 31.74 4.26 -42.40
N SER K 25 31.47 5.23 -41.53
CA SER K 25 31.90 5.13 -40.15
C SER K 25 31.03 4.17 -39.33
N ASN K 26 29.78 3.91 -39.74
CA ASN K 26 29.04 2.79 -39.16
C ASN K 26 29.54 1.45 -39.72
N PHE K 27 29.96 1.44 -40.99
CA PHE K 27 30.58 0.27 -41.59
C PHE K 27 31.91 -0.06 -40.91
N THR K 28 32.65 0.98 -40.51
CA THR K 28 33.90 0.79 -39.79
C THR K 28 33.64 0.22 -38.39
N GLY K 29 32.60 0.73 -37.72
CA GLY K 29 32.16 0.12 -36.46
C GLY K 29 31.65 -1.30 -36.63
N ALA K 30 31.07 -1.60 -37.79
CA ALA K 30 30.66 -2.97 -38.10
C ALA K 30 31.86 -3.89 -38.27
N LYS K 31 32.92 -3.40 -38.93
CA LYS K 31 34.12 -4.22 -39.10
C LYS K 31 34.88 -4.42 -37.79
N LYS K 32 35.03 -3.36 -37.00
CA LYS K 32 35.70 -3.44 -35.69
C LYS K 32 34.95 -4.36 -34.72
N CYS K 33 33.63 -4.47 -34.84
CA CYS K 33 32.87 -5.47 -34.10
C CYS K 33 33.27 -6.89 -34.51
N LEU K 34 33.45 -7.12 -35.81
CA LEU K 34 33.77 -8.46 -36.29
C LEU K 34 35.20 -8.87 -35.98
N VAL K 35 36.14 -7.90 -36.00
CA VAL K 35 37.56 -8.20 -35.79
C VAL K 35 37.82 -8.64 -34.35
N ASN K 36 37.20 -7.95 -33.38
CA ASN K 36 37.27 -8.38 -31.99
C ASN K 36 36.58 -9.72 -31.76
N LEU K 37 35.58 -10.04 -32.57
CA LEU K 37 34.89 -11.33 -32.45
C LEU K 37 35.77 -12.49 -32.91
N ILE K 38 36.42 -12.35 -34.07
CA ILE K 38 37.28 -13.39 -34.63
C ILE K 38 38.47 -13.66 -33.71
N GLU K 39 39.04 -12.60 -33.12
CA GLU K 39 40.14 -12.72 -32.17
C GLU K 39 39.69 -13.43 -30.89
N LYS K 40 38.47 -13.14 -30.42
CA LYS K 40 37.97 -13.78 -29.22
C LYS K 40 37.63 -15.26 -29.44
N VAL K 41 37.20 -15.62 -30.66
CA VAL K 41 36.98 -17.03 -30.99
C VAL K 41 38.30 -17.79 -31.01
N ALA K 42 39.33 -17.21 -31.62
CA ALA K 42 40.65 -17.83 -31.67
C ALA K 42 41.36 -17.86 -30.33
N SER K 43 40.93 -17.04 -29.35
CA SER K 43 41.52 -17.09 -28.02
C SER K 43 41.20 -18.37 -27.26
N TYR K 44 40.12 -19.07 -27.64
CA TYR K 44 39.77 -20.34 -27.02
C TYR K 44 40.60 -21.51 -27.56
N GLY K 45 41.12 -21.38 -28.79
CA GLY K 45 41.79 -22.47 -29.46
C GLY K 45 40.92 -23.24 -30.42
N VAL K 46 39.69 -22.81 -30.65
CA VAL K 46 38.80 -23.45 -31.60
C VAL K 46 39.15 -22.92 -32.99
N LYS K 47 39.17 -23.82 -33.98
CA LYS K 47 39.42 -23.45 -35.38
C LYS K 47 38.13 -23.59 -36.17
N PRO K 48 37.39 -22.51 -36.39
CA PRO K 48 36.22 -22.58 -37.27
C PRO K 48 36.58 -22.28 -38.72
N ARG K 49 35.62 -22.55 -39.60
CA ARG K 49 35.76 -22.23 -41.02
C ARG K 49 35.01 -20.92 -41.29
N TYR K 50 35.75 -19.90 -41.70
CA TYR K 50 35.18 -18.56 -41.88
C TYR K 50 34.75 -18.33 -43.33
N GLY K 51 33.57 -17.75 -43.48
CA GLY K 51 33.09 -17.29 -44.78
C GLY K 51 32.82 -15.80 -44.73
N LEU K 52 33.26 -15.09 -45.76
CA LEU K 52 33.17 -13.63 -45.81
C LEU K 52 32.47 -13.19 -47.08
N VAL K 53 31.33 -12.52 -46.94
CA VAL K 53 30.51 -12.06 -48.05
C VAL K 53 30.10 -10.63 -47.77
N THR K 54 30.41 -9.72 -48.69
CA THR K 54 29.83 -8.38 -48.69
C THR K 54 28.91 -8.23 -49.90
N TYR K 55 27.76 -7.62 -49.70
CA TYR K 55 26.73 -7.56 -50.72
C TYR K 55 26.16 -6.16 -50.86
N ALA K 56 25.68 -5.86 -52.06
CA ALA K 56 24.87 -4.68 -52.29
C ALA K 56 23.71 -5.06 -53.21
N THR K 57 23.76 -4.69 -54.50
CA THR K 57 22.88 -5.35 -55.46
C THR K 57 23.34 -6.77 -55.68
N TYR K 58 24.66 -6.98 -55.71
CA TYR K 58 25.22 -8.29 -55.92
C TYR K 58 26.17 -8.67 -54.80
N PRO K 59 26.09 -9.90 -54.31
CA PRO K 59 27.05 -10.36 -53.31
C PRO K 59 28.42 -10.63 -53.93
N LYS K 60 29.45 -10.38 -53.12
CA LYS K 60 30.83 -10.67 -53.47
C LYS K 60 31.38 -11.59 -52.39
N ILE K 61 31.84 -12.77 -52.80
CA ILE K 61 32.34 -13.78 -51.86
C ILE K 61 33.85 -13.60 -51.73
N TRP K 62 34.30 -13.29 -50.52
CA TRP K 62 35.72 -13.04 -50.29
C TRP K 62 36.45 -14.30 -49.83
N VAL K 63 35.90 -14.99 -48.83
CA VAL K 63 36.48 -16.20 -48.29
C VAL K 63 35.41 -17.29 -48.35
N LYS K 64 35.76 -18.43 -48.93
CA LYS K 64 34.87 -19.58 -48.97
C LYS K 64 35.26 -20.57 -47.89
N VAL K 65 34.26 -21.20 -47.28
CA VAL K 65 34.50 -22.18 -46.22
C VAL K 65 35.14 -23.46 -46.73
N SER K 66 35.08 -23.74 -48.03
CA SER K 66 35.76 -24.89 -48.60
C SER K 66 37.28 -24.74 -48.58
N GLU K 67 37.77 -23.49 -48.62
CA GLU K 67 39.19 -23.23 -48.66
C GLU K 67 39.85 -23.54 -47.31
N ALA K 68 41.10 -24.00 -47.38
CA ALA K 68 41.87 -24.25 -46.16
C ALA K 68 42.26 -22.96 -45.46
N ASP K 69 42.34 -21.85 -46.19
CA ASP K 69 42.57 -20.53 -45.63
C ASP K 69 41.42 -19.98 -44.80
N SER K 70 40.24 -20.63 -44.84
CA SER K 70 39.11 -20.23 -44.03
C SER K 70 39.31 -20.51 -42.54
N SER K 71 40.25 -21.38 -42.19
CA SER K 71 40.54 -21.69 -40.79
C SER K 71 41.65 -20.82 -40.21
N ASN K 72 42.15 -19.85 -40.97
CA ASN K 72 43.20 -18.95 -40.51
C ASN K 72 42.50 -17.67 -40.03
N ALA K 73 42.54 -17.44 -38.71
CA ALA K 73 41.93 -16.24 -38.15
C ALA K 73 42.69 -14.98 -38.55
N ASP K 74 44.01 -15.06 -38.64
CA ASP K 74 44.82 -13.90 -39.02
C ASP K 74 44.62 -13.51 -40.48
N TRP K 75 44.46 -14.50 -41.36
CA TRP K 75 44.29 -14.21 -42.79
C TRP K 75 42.92 -13.60 -43.07
N VAL K 76 41.87 -14.13 -42.44
CA VAL K 76 40.51 -13.60 -42.60
C VAL K 76 40.41 -12.19 -42.02
N THR K 77 41.16 -11.93 -40.93
CA THR K 77 41.25 -10.57 -40.38
C THR K 77 41.90 -9.61 -41.38
N LYS K 78 42.93 -10.06 -42.09
CA LYS K 78 43.57 -9.24 -43.11
C LYS K 78 42.66 -9.00 -44.32
N GLN K 79 41.89 -10.03 -44.73
CA GLN K 79 40.96 -9.87 -45.84
C GLN K 79 39.81 -8.93 -45.50
N LEU K 80 39.30 -9.01 -44.26
CA LEU K 80 38.21 -8.14 -43.84
C LEU K 80 38.66 -6.68 -43.70
N ASN K 81 39.89 -6.47 -43.21
CA ASN K 81 40.43 -5.14 -43.00
C ASN K 81 40.64 -4.39 -44.31
N GLU K 82 40.96 -5.11 -45.39
CA GLU K 82 41.22 -4.49 -46.68
C GLU K 82 39.92 -4.03 -47.35
N ILE K 83 38.78 -4.63 -47.01
CA ILE K 83 37.49 -4.30 -47.63
C ILE K 83 37.07 -2.89 -47.28
N ASN K 84 36.74 -2.12 -48.32
CA ASN K 84 36.33 -0.72 -48.20
C ASN K 84 34.83 -0.62 -48.41
N TYR K 85 34.25 0.45 -47.86
CA TYR K 85 32.82 0.72 -48.03
C TYR K 85 32.49 1.06 -49.48
N GLU K 86 33.30 1.91 -50.10
CA GLU K 86 33.13 2.33 -51.49
C GLU K 86 33.69 1.35 -52.50
N ASP K 87 33.94 0.10 -52.11
CA ASP K 87 34.42 -0.92 -53.03
C ASP K 87 33.36 -1.28 -54.06
N HIS K 88 32.13 -1.47 -53.62
CA HIS K 88 30.98 -1.69 -54.49
C HIS K 88 29.86 -0.71 -54.19
N LYS K 89 30.23 0.57 -53.99
CA LYS K 89 29.25 1.63 -53.77
C LYS K 89 28.41 1.90 -55.01
N LEU K 90 28.97 1.70 -56.20
CA LEU K 90 28.26 1.99 -57.44
C LEU K 90 27.15 0.98 -57.74
N LYS K 91 27.14 -0.17 -57.06
CA LYS K 91 26.07 -1.15 -57.15
C LYS K 91 25.13 -1.11 -55.95
N SER K 92 24.89 0.08 -55.37
CA SER K 92 24.36 0.26 -54.00
C SER K 92 23.01 -0.33 -53.61
N GLY K 93 22.66 -1.51 -54.11
CA GLY K 93 21.42 -2.17 -53.72
C GLY K 93 21.47 -2.72 -52.32
N THR K 94 20.36 -3.36 -51.94
CA THR K 94 20.32 -4.14 -50.70
C THR K 94 19.55 -5.42 -51.04
N ASN K 95 20.29 -6.43 -51.50
CA ASN K 95 19.74 -7.69 -51.97
C ASN K 95 20.20 -8.78 -51.00
N THR K 96 19.49 -8.86 -49.87
CA THR K 96 19.84 -9.84 -48.83
C THR K 96 19.47 -11.26 -49.27
N LYS K 97 18.49 -11.41 -50.17
CA LYS K 97 18.03 -12.73 -50.61
C LYS K 97 19.10 -13.48 -51.37
N LYS K 98 19.87 -12.80 -52.23
CA LYS K 98 20.94 -13.46 -52.97
C LYS K 98 22.12 -13.78 -52.07
N ALA K 99 22.36 -12.95 -51.05
CA ALA K 99 23.47 -13.19 -50.12
C ALA K 99 23.22 -14.43 -49.25
N LEU K 100 21.96 -14.65 -48.85
CA LEU K 100 21.62 -15.86 -48.11
C LEU K 100 21.71 -17.10 -48.99
N GLN K 101 21.35 -16.97 -50.27
CA GLN K 101 21.47 -18.06 -51.23
C GLN K 101 22.94 -18.41 -51.50
N ALA K 102 23.84 -17.43 -51.40
CA ALA K 102 25.27 -17.71 -51.49
C ALA K 102 25.76 -18.49 -50.28
N VAL K 103 25.23 -18.18 -49.09
CA VAL K 103 25.51 -18.96 -47.89
C VAL K 103 24.88 -20.36 -48.00
N TYR K 104 23.69 -20.43 -48.61
CA TYR K 104 23.04 -21.72 -48.88
C TYR K 104 23.86 -22.59 -49.82
N SER K 105 24.55 -21.98 -50.79
CA SER K 105 25.41 -22.74 -51.68
C SER K 105 26.67 -23.25 -50.98
N MET K 106 27.14 -22.54 -49.95
CA MET K 106 28.31 -22.95 -49.20
C MET K 106 28.04 -24.23 -48.40
N MET K 107 26.91 -24.26 -47.68
CA MET K 107 26.56 -25.46 -46.92
C MET K 107 26.04 -26.58 -47.81
N SER K 108 25.60 -26.28 -49.03
CA SER K 108 25.08 -27.31 -49.92
C SER K 108 26.20 -28.20 -50.45
N TRP K 109 26.04 -29.49 -50.28
CA TRP K 109 26.94 -30.50 -50.81
C TRP K 109 26.66 -30.69 -52.30
N PRO K 110 27.64 -31.19 -53.06
CA PRO K 110 27.34 -31.59 -54.44
C PRO K 110 26.53 -32.88 -54.45
N ASP K 111 25.67 -32.98 -55.47
CA ASP K 111 24.75 -34.10 -55.78
C ASP K 111 23.79 -34.27 -54.60
N ASP K 112 23.51 -35.51 -54.18
CA ASP K 112 22.55 -35.80 -53.13
C ASP K 112 23.20 -36.41 -51.89
N VAL K 113 24.53 -36.44 -51.83
CA VAL K 113 25.22 -37.12 -50.73
C VAL K 113 26.02 -36.11 -49.90
N PRO K 114 25.67 -35.89 -48.63
CA PRO K 114 26.49 -35.03 -47.79
C PRO K 114 27.76 -35.73 -47.38
N PRO K 115 28.87 -35.00 -47.24
CA PRO K 115 30.07 -35.58 -46.63
C PRO K 115 29.83 -35.86 -45.15
N GLU K 116 30.54 -36.88 -44.64
CA GLU K 116 30.37 -37.33 -43.27
C GLU K 116 30.83 -36.26 -42.28
N GLY K 117 30.10 -36.13 -41.18
CA GLY K 117 30.25 -35.01 -40.29
C GLY K 117 29.32 -33.85 -40.58
N TRP K 118 28.28 -34.05 -41.41
CA TRP K 118 27.32 -33.00 -41.68
C TRP K 118 26.46 -32.70 -40.45
N ASN K 119 26.06 -33.75 -39.72
CA ASN K 119 25.35 -33.55 -38.47
C ASN K 119 26.30 -33.24 -37.32
N ARG K 120 27.60 -33.52 -37.49
CA ARG K 120 28.58 -33.13 -36.48
C ARG K 120 28.84 -31.62 -36.53
N THR K 121 28.76 -31.02 -37.72
CA THR K 121 29.20 -29.64 -37.92
C THR K 121 28.17 -28.64 -37.41
N ARG K 122 28.63 -27.65 -36.64
CA ARG K 122 27.81 -26.52 -36.22
C ARG K 122 27.88 -25.42 -37.27
N HIS K 123 26.77 -24.68 -37.41
CA HIS K 123 26.72 -23.56 -38.34
C HIS K 123 26.26 -22.30 -37.62
N VAL K 124 26.96 -21.18 -37.87
CA VAL K 124 26.67 -19.89 -37.25
C VAL K 124 26.62 -18.84 -38.35
N ILE K 125 25.53 -18.06 -38.39
CA ILE K 125 25.33 -17.02 -39.39
C ILE K 125 25.19 -15.67 -38.69
N ILE K 126 25.94 -14.69 -39.15
CA ILE K 126 25.95 -13.33 -38.58
C ILE K 126 25.67 -12.34 -39.70
N LEU K 127 24.63 -11.53 -39.53
CA LEU K 127 24.22 -10.54 -40.52
C LEU K 127 24.27 -9.15 -39.91
N MET K 128 24.81 -8.19 -40.66
CA MET K 128 24.78 -6.78 -40.28
C MET K 128 24.09 -6.03 -41.40
N THR K 129 22.96 -5.39 -41.09
CA THR K 129 22.20 -4.67 -42.09
C THR K 129 21.38 -3.57 -41.43
N ASP K 130 20.80 -2.71 -42.27
CA ASP K 130 19.92 -1.64 -41.81
C ASP K 130 18.48 -2.11 -41.63
N GLY K 131 18.16 -3.32 -42.06
CA GLY K 131 16.79 -3.78 -42.03
C GLY K 131 15.93 -3.23 -43.14
N LEU K 132 16.53 -2.75 -44.22
CA LEU K 132 15.82 -2.14 -45.34
C LEU K 132 16.30 -2.78 -46.64
N HIS K 133 16.00 -4.07 -46.81
CA HIS K 133 16.33 -4.74 -48.06
C HIS K 133 15.35 -4.31 -49.15
N ASN K 134 15.90 -3.96 -50.32
CA ASN K 134 15.09 -3.41 -51.39
C ASN K 134 15.19 -4.16 -52.72
N MET K 135 16.19 -5.01 -52.89
CA MET K 135 16.37 -5.75 -54.13
C MET K 135 16.16 -7.24 -53.88
N GLY K 136 15.74 -7.95 -54.93
CA GLY K 136 15.55 -9.39 -54.84
C GLY K 136 14.30 -9.78 -54.08
N GLY K 137 14.09 -11.10 -54.00
CA GLY K 137 12.92 -11.66 -53.35
C GLY K 137 12.92 -11.60 -51.83
N ASP K 138 12.04 -12.39 -51.22
CA ASP K 138 11.95 -12.44 -49.77
C ASP K 138 13.15 -13.18 -49.18
N PRO K 139 13.83 -12.62 -48.17
CA PRO K 139 14.95 -13.34 -47.56
C PRO K 139 14.54 -14.47 -46.62
N ILE K 140 13.28 -14.48 -46.14
CA ILE K 140 12.83 -15.46 -45.16
C ILE K 140 12.72 -16.86 -45.76
N THR K 141 12.36 -16.96 -47.05
CA THR K 141 12.16 -18.28 -47.66
C THR K 141 13.47 -19.02 -47.90
N VAL K 142 14.62 -18.33 -47.96
CA VAL K 142 15.90 -19.02 -48.05
C VAL K 142 16.26 -19.64 -46.71
N ILE K 143 15.81 -19.02 -45.61
CA ILE K 143 16.04 -19.56 -44.27
C ILE K 143 15.24 -20.84 -44.07
N ASP K 144 14.00 -20.88 -44.57
CA ASP K 144 13.20 -22.10 -44.56
C ASP K 144 13.84 -23.22 -45.38
N GLU K 145 14.53 -22.87 -46.46
CA GLU K 145 15.32 -23.85 -47.20
C GLU K 145 16.54 -24.30 -46.41
N ILE K 146 17.19 -23.37 -45.69
CA ILE K 146 18.33 -23.71 -44.84
C ILE K 146 17.88 -24.60 -43.67
N ARG K 147 16.72 -24.29 -43.08
CA ARG K 147 16.10 -25.16 -42.07
C ARG K 147 15.78 -26.53 -42.63
N ASP K 148 15.31 -26.60 -43.88
CA ASP K 148 15.00 -27.88 -44.51
C ASP K 148 16.26 -28.64 -44.90
N LEU K 149 17.31 -27.92 -45.30
CA LEU K 149 18.56 -28.56 -45.72
C LEU K 149 19.30 -29.19 -44.54
N LEU K 150 19.36 -28.48 -43.42
CA LEU K 150 20.08 -28.94 -42.24
C LEU K 150 19.23 -29.81 -41.31
N TYR K 151 17.95 -30.05 -41.69
CA TYR K 151 17.00 -30.91 -40.96
C TYR K 151 16.77 -30.41 -39.54
N ILE K 152 16.52 -29.10 -39.43
CA ILE K 152 16.37 -28.44 -38.14
C ILE K 152 14.92 -27.99 -37.99
N GLY K 153 14.30 -28.41 -36.89
CA GLY K 153 12.90 -28.12 -36.64
C GLY K 153 11.92 -28.89 -37.48
N LYS K 154 12.38 -29.92 -38.20
CA LYS K 154 11.51 -30.71 -39.07
C LYS K 154 11.22 -32.09 -38.52
N ASP K 155 11.71 -32.42 -37.32
CA ASP K 155 11.48 -33.71 -36.71
C ASP K 155 11.34 -33.54 -35.21
N ARG K 156 10.33 -34.21 -34.64
CA ARG K 156 10.12 -34.17 -33.20
C ARG K 156 11.17 -35.00 -32.46
N LYS K 157 11.59 -36.12 -33.06
CA LYS K 157 12.53 -37.03 -32.41
C LYS K 157 13.93 -36.41 -32.32
N ASN K 158 14.35 -35.68 -33.35
CA ASN K 158 15.67 -35.08 -33.40
C ASN K 158 15.53 -33.67 -33.95
N PRO K 159 15.29 -32.68 -33.08
CA PRO K 159 14.96 -31.32 -33.57
C PRO K 159 16.14 -30.57 -34.14
N ARG K 160 17.36 -30.81 -33.63
CA ARG K 160 18.63 -30.27 -34.14
C ARG K 160 18.70 -28.74 -34.10
N GLU K 161 18.04 -28.13 -33.12
CA GLU K 161 18.02 -26.68 -33.01
C GLU K 161 19.32 -26.09 -32.47
N ASP K 162 20.18 -26.92 -31.87
CA ASP K 162 21.44 -26.45 -31.30
C ASP K 162 22.55 -26.33 -32.32
N TYR K 163 22.28 -26.58 -33.59
CA TYR K 163 23.32 -26.57 -34.62
C TYR K 163 23.27 -25.32 -35.50
N LEU K 164 22.32 -24.43 -35.26
CA LEU K 164 22.19 -23.20 -36.05
C LEU K 164 21.75 -22.07 -35.15
N ASP K 165 22.50 -20.97 -35.18
CA ASP K 165 22.15 -19.76 -34.43
C ASP K 165 22.36 -18.55 -35.33
N VAL K 166 21.38 -17.66 -35.35
CA VAL K 166 21.36 -16.52 -36.27
C VAL K 166 21.33 -15.24 -35.46
N TYR K 167 22.33 -14.39 -35.65
CA TYR K 167 22.41 -13.08 -35.00
C TYR K 167 22.35 -11.98 -36.06
N VAL K 168 21.60 -10.92 -35.78
CA VAL K 168 21.43 -9.79 -36.69
C VAL K 168 21.85 -8.52 -35.96
N PHE K 169 22.68 -7.70 -36.62
CA PHE K 169 23.19 -6.46 -36.06
C PHE K 169 22.56 -5.28 -36.79
N GLY K 170 21.91 -4.40 -36.04
CA GLY K 170 21.38 -3.17 -36.62
C GLY K 170 22.41 -2.06 -36.70
N VAL K 171 23.00 -1.89 -37.88
CA VAL K 171 24.04 -0.89 -38.09
C VAL K 171 23.45 0.26 -38.90
N GLY K 172 24.24 1.31 -39.06
CA GLY K 172 23.80 2.49 -39.76
C GLY K 172 23.08 3.46 -38.83
N PRO K 173 22.92 4.71 -39.26
CA PRO K 173 22.17 5.67 -38.45
C PRO K 173 20.69 5.36 -38.34
N LEU K 174 20.07 5.02 -39.46
CA LEU K 174 18.65 4.68 -39.49
C LEU K 174 18.53 3.18 -39.65
N VAL K 175 17.60 2.57 -38.90
CA VAL K 175 17.50 1.13 -38.80
C VAL K 175 16.02 0.76 -38.68
N ASN K 176 15.64 -0.36 -39.29
CA ASN K 176 14.29 -0.91 -39.21
C ASN K 176 14.34 -2.18 -38.38
N GLN K 177 13.69 -2.15 -37.22
CA GLN K 177 13.73 -3.29 -36.31
C GLN K 177 12.80 -4.42 -36.74
N VAL K 178 11.70 -4.08 -37.44
CA VAL K 178 10.64 -5.04 -37.77
C VAL K 178 11.17 -6.12 -38.72
N ASN K 179 11.91 -5.72 -39.75
CA ASN K 179 12.57 -6.67 -40.63
C ASN K 179 13.66 -7.44 -39.91
N ILE K 180 14.41 -6.76 -39.03
CA ILE K 180 15.52 -7.38 -38.30
C ILE K 180 15.00 -8.41 -37.29
N ASN K 181 13.87 -8.12 -36.63
CA ASN K 181 13.28 -9.06 -35.68
C ASN K 181 12.74 -10.31 -36.38
N ALA K 182 12.18 -10.15 -37.57
CA ALA K 182 11.70 -11.29 -38.34
C ALA K 182 12.86 -12.14 -38.86
N LEU K 183 13.99 -11.52 -39.22
CA LEU K 183 15.13 -12.25 -39.77
C LEU K 183 15.82 -13.08 -38.69
N ALA K 184 15.99 -12.52 -37.50
CA ALA K 184 16.79 -13.13 -36.44
C ALA K 184 16.15 -14.41 -35.90
N SER K 185 16.99 -15.31 -35.41
CA SER K 185 16.51 -16.51 -34.74
C SER K 185 15.88 -16.16 -33.40
N LYS K 186 14.85 -16.90 -33.03
CA LYS K 186 14.07 -16.63 -31.83
C LYS K 186 14.17 -17.84 -30.92
N LYS K 187 14.88 -17.69 -29.81
CA LYS K 187 15.08 -18.76 -28.84
C LYS K 187 14.86 -18.20 -27.44
N ASP K 188 14.40 -19.07 -26.54
CA ASP K 188 14.14 -18.67 -25.16
C ASP K 188 15.46 -18.38 -24.44
N ASN K 189 15.53 -17.18 -23.86
CA ASN K 189 16.64 -16.71 -23.01
C ASN K 189 17.96 -16.69 -23.77
N GLU K 190 17.93 -16.21 -25.01
CA GLU K 190 19.12 -16.06 -25.87
C GLU K 190 18.95 -14.78 -26.66
N GLN K 191 19.92 -13.87 -26.57
CA GLN K 191 19.84 -12.60 -27.27
C GLN K 191 20.35 -12.74 -28.70
N HIS K 192 19.50 -12.38 -29.67
CA HIS K 192 19.86 -12.48 -31.07
C HIS K 192 19.71 -11.18 -31.85
N VAL K 193 19.19 -10.12 -31.24
CA VAL K 193 18.95 -8.84 -31.91
C VAL K 193 19.81 -7.77 -31.22
N PHE K 194 20.54 -7.00 -32.02
CA PHE K 194 21.37 -5.91 -31.50
C PHE K 194 21.10 -4.63 -32.27
N LYS K 195 21.08 -3.51 -31.54
CA LYS K 195 20.71 -2.22 -32.09
C LYS K 195 21.95 -1.39 -32.42
N VAL K 196 21.75 -0.10 -32.69
CA VAL K 196 22.85 0.79 -33.03
C VAL K 196 23.69 1.12 -31.80
N LYS K 197 23.03 1.27 -30.64
CA LYS K 197 23.76 1.55 -29.41
C LYS K 197 24.47 0.30 -28.87
N ASP K 198 24.08 -0.90 -29.33
CA ASP K 198 24.76 -2.13 -28.93
C ASP K 198 26.17 -2.25 -29.50
N MET K 199 26.53 -1.46 -30.52
CA MET K 199 27.86 -1.50 -31.12
C MET K 199 28.96 -1.06 -30.16
N GLU K 200 28.63 -0.27 -29.14
CA GLU K 200 29.58 0.04 -28.08
C GLU K 200 29.45 -0.99 -26.97
N ASN K 201 30.55 -1.16 -26.22
CA ASN K 201 30.74 -2.16 -25.16
C ASN K 201 30.57 -3.58 -25.72
N LEU K 202 31.60 -3.98 -26.49
CA LEU K 202 31.57 -5.23 -27.24
C LEU K 202 31.63 -6.45 -26.33
N GLU K 203 32.36 -6.35 -25.21
CA GLU K 203 32.53 -7.46 -24.28
C GLU K 203 31.21 -7.91 -23.64
N ASP K 204 30.27 -6.98 -23.47
CA ASP K 204 28.95 -7.36 -22.97
C ASP K 204 28.14 -8.06 -24.05
N VAL K 205 28.30 -7.65 -25.31
CA VAL K 205 27.59 -8.27 -26.42
C VAL K 205 28.07 -9.71 -26.62
N PHE K 206 29.38 -9.93 -26.50
CA PHE K 206 29.93 -11.28 -26.63
C PHE K 206 29.55 -12.17 -25.45
N TYR K 207 29.36 -11.58 -24.27
CA TYR K 207 29.05 -12.36 -23.06
C TYR K 207 27.67 -13.02 -23.11
N GLN K 208 26.74 -12.42 -23.86
CA GLN K 208 25.39 -12.99 -23.89
C GLN K 208 25.29 -14.19 -24.82
N MET K 209 26.01 -14.16 -25.93
CA MET K 209 25.89 -15.22 -26.93
C MET K 209 26.81 -16.41 -26.65
N ILE K 210 27.94 -16.19 -26.00
CA ILE K 210 28.93 -17.24 -25.82
C ILE K 210 28.47 -18.21 -24.73
N ASP K 211 28.53 -19.51 -25.02
CA ASP K 211 28.32 -20.57 -24.04
C ASP K 211 29.63 -21.31 -23.87
N GLU K 212 30.21 -21.23 -22.68
CA GLU K 212 31.51 -21.84 -22.35
C GLU K 212 31.35 -23.22 -21.72
N SER K 213 30.47 -24.06 -22.27
CA SER K 213 30.16 -25.35 -21.65
C SER K 213 31.34 -26.31 -21.67
N GLN K 214 32.01 -26.43 -22.82
CA GLN K 214 33.13 -27.34 -22.97
C GLN K 214 34.47 -26.64 -22.80
N SER K 215 34.47 -25.38 -22.36
CA SER K 215 35.69 -24.58 -22.22
C SER K 215 35.74 -23.94 -20.84
N LEU K 216 35.37 -24.69 -19.80
CA LEU K 216 35.32 -24.15 -18.45
C LEU K 216 36.71 -24.00 -17.85
N SER K 217 37.59 -24.97 -18.07
CA SER K 217 38.84 -25.09 -17.34
C SER K 217 40.01 -24.40 -18.02
N LEU K 218 39.76 -23.55 -19.02
CA LEU K 218 40.85 -22.88 -19.73
C LEU K 218 41.49 -21.80 -18.85
N CYS K 219 42.81 -21.80 -18.80
CA CYS K 219 43.52 -20.85 -17.96
C CYS K 219 43.62 -19.49 -18.63
N GLY K 220 43.69 -18.45 -17.80
CA GLY K 220 43.98 -17.09 -18.24
C GLY K 220 42.97 -16.47 -19.16
N MET K 221 41.68 -16.66 -18.89
CA MET K 221 40.61 -16.12 -19.72
C MET K 221 39.69 -15.27 -18.86
N VAL K 222 39.47 -14.03 -19.29
CA VAL K 222 38.88 -12.98 -18.49
C VAL K 222 37.56 -12.55 -19.14
N TRP K 223 36.53 -12.30 -18.32
CA TRP K 223 35.33 -11.61 -18.78
C TRP K 223 35.44 -10.14 -18.44
N GLU K 224 35.58 -9.31 -19.47
CA GLU K 224 35.79 -7.86 -19.34
C GLU K 224 34.52 -7.07 -19.57
N HIS K 225 33.35 -7.69 -19.47
CA HIS K 225 32.09 -6.98 -19.66
C HIS K 225 31.84 -6.04 -18.47
N ARG K 226 31.15 -4.92 -18.77
CA ARG K 226 31.03 -3.79 -17.83
C ARG K 226 30.29 -4.18 -16.56
N LYS K 227 29.32 -5.09 -16.66
CA LYS K 227 28.66 -5.62 -15.46
C LYS K 227 29.54 -6.56 -14.66
N GLY K 228 30.68 -7.00 -15.19
CA GLY K 228 31.56 -7.88 -14.46
C GLY K 228 32.20 -7.22 -13.27
N THR K 229 32.39 -8.02 -12.22
CA THR K 229 32.97 -7.55 -10.97
C THR K 229 34.49 -7.65 -11.04
N ASP K 230 35.14 -7.54 -9.87
CA ASP K 230 36.60 -7.70 -9.79
C ASP K 230 37.05 -9.10 -10.20
N TYR K 231 36.23 -10.10 -9.91
CA TYR K 231 36.55 -11.50 -10.14
C TYR K 231 36.16 -11.98 -11.52
N HIS K 232 35.28 -11.27 -12.21
CA HIS K 232 35.20 -11.43 -13.66
C HIS K 232 36.44 -10.89 -14.34
N LYS K 233 37.01 -9.80 -13.80
CA LYS K 233 38.24 -9.25 -14.34
C LYS K 233 39.47 -10.05 -13.94
N GLN K 234 39.46 -10.70 -12.79
CA GLN K 234 40.56 -11.56 -12.36
C GLN K 234 39.99 -12.83 -11.76
N PRO K 235 39.75 -13.87 -12.58
CA PRO K 235 39.23 -15.13 -12.02
C PRO K 235 40.23 -15.88 -11.15
N TRP K 236 41.53 -15.67 -11.34
CA TRP K 236 42.54 -16.37 -10.56
C TRP K 236 42.81 -15.73 -9.21
N GLN K 237 42.35 -14.48 -9.01
CA GLN K 237 42.74 -13.68 -7.85
C GLN K 237 42.15 -14.24 -6.56
N ALA K 238 43.02 -14.58 -5.63
CA ALA K 238 42.64 -15.16 -4.34
C ALA K 238 43.14 -14.25 -3.23
N LYS K 239 42.26 -13.94 -2.28
CA LYS K 239 42.59 -13.10 -1.14
C LYS K 239 42.88 -14.02 0.05
N ILE K 240 44.07 -13.88 0.63
CA ILE K 240 44.52 -14.75 1.71
C ILE K 240 44.69 -13.90 2.97
N SER K 241 43.98 -14.26 4.02
CA SER K 241 44.04 -13.55 5.29
C SER K 241 44.59 -14.49 6.36
N VAL K 242 45.62 -14.04 7.06
CA VAL K 242 46.21 -14.78 8.17
C VAL K 242 45.88 -14.03 9.45
N ILE K 243 44.98 -14.59 10.25
CA ILE K 243 44.62 -14.04 11.55
C ILE K 243 45.01 -15.09 12.58
N ARG K 244 45.99 -14.75 13.42
CA ARG K 244 46.54 -15.65 14.41
C ARG K 244 46.81 -14.79 15.64
N PRO K 245 46.61 -15.33 16.85
CA PRO K 245 46.96 -14.57 18.07
C PRO K 245 48.45 -14.23 18.13
N SER K 246 48.73 -13.08 18.76
CA SER K 246 50.01 -12.35 18.86
C SER K 246 50.48 -11.77 17.53
N LYS K 247 50.51 -12.58 16.47
CA LYS K 247 50.83 -12.06 15.13
C LYS K 247 49.78 -11.08 14.64
N GLY K 248 48.50 -11.34 14.94
CA GLY K 248 47.44 -10.46 14.50
C GLY K 248 47.00 -10.76 13.08
N HIS K 249 46.09 -9.93 12.59
CA HIS K 249 45.57 -10.10 11.23
C HIS K 249 46.59 -9.62 10.21
N GLU K 250 46.73 -10.40 9.13
CA GLU K 250 47.58 -10.01 8.02
C GLU K 250 46.95 -10.54 6.75
N SER K 251 47.02 -9.75 5.69
CA SER K 251 46.35 -10.06 4.43
C SER K 251 47.36 -10.10 3.30
N CYS K 252 47.25 -11.11 2.44
CA CYS K 252 48.10 -11.25 1.27
C CYS K 252 47.24 -11.75 0.11
N MET K 253 47.84 -11.78 -1.07
CA MET K 253 47.14 -12.19 -2.27
C MET K 253 47.65 -13.55 -2.74
N GLY K 254 46.85 -14.19 -3.61
CA GLY K 254 47.24 -15.45 -4.20
C GLY K 254 46.64 -15.59 -5.58
N ALA K 255 47.05 -16.64 -6.27
CA ALA K 255 46.60 -16.91 -7.63
C ALA K 255 46.30 -18.39 -7.79
N VAL K 256 45.10 -18.69 -8.29
CA VAL K 256 44.69 -20.07 -8.52
C VAL K 256 45.50 -20.65 -9.67
N VAL K 257 46.06 -21.84 -9.45
CA VAL K 257 46.80 -22.53 -10.50
C VAL K 257 46.20 -23.89 -10.86
N SER K 258 45.38 -24.49 -10.00
CA SER K 258 44.77 -25.78 -10.27
C SER K 258 43.48 -25.90 -9.45
N GLU K 259 42.85 -27.08 -9.54
CA GLU K 259 41.62 -27.32 -8.79
C GLU K 259 41.87 -27.38 -7.29
N TYR K 260 43.05 -27.85 -6.88
CA TYR K 260 43.39 -27.93 -5.47
C TYR K 260 44.47 -26.95 -5.04
N PHE K 261 45.07 -26.21 -5.96
CA PHE K 261 46.28 -25.46 -5.63
C PHE K 261 46.16 -23.98 -5.98
N VAL K 262 46.70 -23.16 -5.09
CA VAL K 262 46.80 -21.71 -5.25
C VAL K 262 48.26 -21.34 -4.96
N LEU K 263 48.85 -20.49 -5.82
CA LEU K 263 50.23 -20.05 -5.67
C LEU K 263 50.28 -18.67 -5.04
N THR K 264 51.17 -18.50 -4.06
CA THR K 264 51.36 -17.23 -3.36
C THR K 264 52.77 -17.23 -2.76
N ALA K 265 53.11 -16.13 -2.10
CA ALA K 265 54.43 -16.00 -1.49
C ALA K 265 54.50 -16.78 -0.17
N ALA K 266 55.73 -17.04 0.25
CA ALA K 266 55.98 -17.81 1.45
C ALA K 266 56.16 -16.94 2.70
N HIS K 267 56.64 -15.71 2.54
CA HIS K 267 56.91 -14.85 3.69
C HIS K 267 55.65 -14.33 4.37
N CYS K 268 54.50 -14.38 3.68
CA CYS K 268 53.22 -14.08 4.33
C CYS K 268 52.90 -15.09 5.42
N PHE K 269 53.29 -16.35 5.22
CA PHE K 269 53.15 -17.39 6.22
C PHE K 269 54.49 -17.63 6.91
N THR K 270 54.49 -18.60 7.83
CA THR K 270 55.71 -19.16 8.39
C THR K 270 55.40 -20.60 8.77
N VAL K 271 56.41 -21.30 9.28
CA VAL K 271 56.22 -22.68 9.74
C VAL K 271 55.34 -22.70 10.98
N ASP K 272 55.38 -21.63 11.78
CA ASP K 272 54.56 -21.53 12.98
C ASP K 272 53.11 -21.20 12.68
N ASP K 273 52.83 -20.58 11.54
CA ASP K 273 51.46 -20.30 11.12
C ASP K 273 50.73 -21.62 10.85
N LYS K 274 49.59 -21.80 11.50
CA LYS K 274 48.84 -23.03 11.38
C LYS K 274 47.75 -22.89 10.31
N GLU K 275 47.28 -24.05 9.84
CA GLU K 275 46.33 -24.09 8.72
C GLU K 275 44.97 -23.51 9.08
N HIS K 276 44.57 -23.59 10.35
CA HIS K 276 43.29 -23.02 10.75
C HIS K 276 43.32 -21.50 10.81
N SER K 277 44.51 -20.90 10.93
CA SER K 277 44.66 -19.46 11.01
C SER K 277 44.78 -18.80 9.64
N ILE K 278 44.69 -19.57 8.56
CA ILE K 278 44.81 -19.05 7.20
C ILE K 278 43.47 -19.22 6.51
N LYS K 279 42.94 -18.12 5.98
CA LYS K 279 41.67 -18.10 5.26
C LYS K 279 41.90 -17.61 3.85
N VAL K 280 41.34 -18.32 2.87
CA VAL K 280 41.48 -17.98 1.45
C VAL K 280 40.07 -17.85 0.86
N SER K 281 39.84 -16.75 0.14
CA SER K 281 38.59 -16.52 -0.56
C SER K 281 38.90 -16.19 -2.02
N VAL K 282 38.42 -17.02 -2.93
CA VAL K 282 38.76 -16.91 -4.36
C VAL K 282 37.68 -16.11 -5.09
N GLY K 283 36.45 -16.63 -5.12
CA GLY K 283 35.35 -16.01 -5.82
C GLY K 283 34.80 -14.73 -5.21
N GLY K 284 35.34 -14.28 -4.08
CA GLY K 284 34.85 -13.10 -3.42
C GLY K 284 33.84 -13.36 -2.34
N GLU K 285 33.49 -14.62 -2.12
CA GLU K 285 32.55 -14.99 -1.07
C GLU K 285 33.14 -14.75 0.31
N LYS K 286 32.26 -14.44 1.26
CA LYS K 286 32.67 -14.33 2.65
C LYS K 286 32.92 -15.69 3.28
N ARG K 287 32.48 -16.77 2.64
CA ARG K 287 32.77 -18.13 3.06
C ARG K 287 34.21 -18.44 2.66
N ASP K 288 35.11 -18.42 3.64
CA ASP K 288 36.52 -18.67 3.38
C ASP K 288 36.77 -20.16 3.20
N LEU K 289 37.64 -20.48 2.24
CA LEU K 289 37.96 -21.87 1.96
C LEU K 289 38.92 -22.41 3.00
N GLU K 290 38.69 -23.64 3.43
CA GLU K 290 39.59 -24.31 4.36
C GLU K 290 40.72 -24.98 3.59
N ILE K 291 41.90 -24.99 4.19
CA ILE K 291 43.09 -25.51 3.55
C ILE K 291 43.53 -26.79 4.25
N GLU K 292 44.35 -27.57 3.54
CA GLU K 292 44.87 -28.84 4.05
C GLU K 292 46.31 -28.73 4.53
N VAL K 293 47.19 -28.18 3.70
CA VAL K 293 48.62 -28.07 4.02
C VAL K 293 49.18 -26.93 3.18
N VAL K 294 50.26 -26.34 3.65
CA VAL K 294 50.95 -25.27 2.93
C VAL K 294 52.35 -25.78 2.60
N LEU K 295 52.67 -25.81 1.31
CA LEU K 295 53.92 -26.40 0.82
C LEU K 295 54.94 -25.30 0.59
N PHE K 296 55.87 -25.16 1.54
CA PHE K 296 56.99 -24.25 1.35
C PHE K 296 58.00 -24.87 0.39
N HIS K 297 58.66 -24.01 -0.37
CA HIS K 297 59.75 -24.44 -1.24
C HIS K 297 60.92 -24.94 -0.40
N PRO K 298 61.59 -26.02 -0.82
CA PRO K 298 62.67 -26.60 0.00
C PRO K 298 63.89 -25.71 0.18
N ASN K 299 64.18 -24.83 -0.77
CA ASN K 299 65.32 -23.94 -0.67
C ASN K 299 64.97 -22.60 -0.01
N TYR K 300 63.76 -22.45 0.52
CA TYR K 300 63.36 -21.22 1.18
C TYR K 300 63.94 -21.15 2.59
N ASN K 301 64.49 -19.98 2.93
CA ASN K 301 65.05 -19.74 4.27
C ASN K 301 65.12 -18.23 4.44
N ILE K 302 64.30 -17.69 5.35
CA ILE K 302 64.33 -16.25 5.57
C ILE K 302 65.55 -15.85 6.41
N ASN K 303 66.08 -16.76 7.23
CA ASN K 303 67.22 -16.50 8.09
C ASN K 303 68.46 -17.25 7.59
N GLY K 304 68.64 -17.29 6.27
CA GLY K 304 69.78 -17.99 5.70
C GLY K 304 71.10 -17.27 5.98
N LYS K 305 71.12 -15.95 5.82
CA LYS K 305 72.31 -15.15 6.09
C LYS K 305 72.07 -14.21 7.27
N LYS K 306 71.28 -14.67 8.25
CA LYS K 306 70.97 -13.87 9.43
C LYS K 306 72.19 -13.73 10.34
N GLU K 307 72.97 -14.80 10.48
CA GLU K 307 74.20 -14.74 11.26
C GLU K 307 75.29 -13.90 10.59
N ALA K 308 75.23 -13.75 9.26
CA ALA K 308 76.20 -12.93 8.56
C ALA K 308 75.97 -11.44 8.79
N GLY K 309 74.72 -11.01 8.91
CA GLY K 309 74.41 -9.62 9.15
C GLY K 309 73.32 -9.07 8.26
N ILE K 310 72.63 -9.96 7.57
CA ILE K 310 71.51 -9.60 6.69
C ILE K 310 70.22 -9.93 7.42
N PRO K 311 69.32 -8.95 7.65
CA PRO K 311 68.14 -9.19 8.52
C PRO K 311 67.10 -10.14 7.94
N GLU K 312 66.70 -9.94 6.69
CA GLU K 312 65.72 -10.81 6.05
C GLU K 312 66.24 -11.18 4.66
N PHE K 313 66.06 -12.45 4.30
CA PHE K 313 66.57 -13.01 3.04
C PHE K 313 65.41 -13.61 2.27
N TYR K 314 65.12 -13.05 1.10
CA TYR K 314 63.89 -13.31 0.36
C TYR K 314 64.10 -14.23 -0.84
N ASP K 315 65.13 -15.07 -0.82
CA ASP K 315 65.34 -16.01 -1.91
C ASP K 315 64.34 -17.15 -1.82
N TYR K 316 63.82 -17.56 -2.99
CA TYR K 316 62.82 -18.61 -3.18
C TYR K 316 61.55 -18.36 -2.38
N ASP K 317 60.91 -17.23 -2.68
CA ASP K 317 59.73 -16.78 -1.94
C ASP K 317 58.45 -17.18 -2.68
N VAL K 318 58.24 -18.50 -2.74
CA VAL K 318 57.06 -19.07 -3.37
C VAL K 318 56.54 -20.20 -2.50
N ALA K 319 55.23 -20.45 -2.59
CA ALA K 319 54.60 -21.52 -1.83
C ALA K 319 53.30 -21.93 -2.52
N LEU K 320 52.93 -23.19 -2.35
CA LEU K 320 51.69 -23.74 -2.87
C LEU K 320 50.80 -24.18 -1.72
N ILE K 321 49.54 -23.74 -1.74
CA ILE K 321 48.56 -24.10 -0.73
C ILE K 321 47.64 -25.15 -1.33
N LYS K 322 47.37 -26.20 -0.57
CA LYS K 322 46.41 -27.23 -0.99
C LYS K 322 45.10 -27.02 -0.24
N LEU K 323 44.01 -26.89 -0.99
CA LEU K 323 42.69 -26.71 -0.39
C LEU K 323 42.19 -28.03 0.20
N LYS K 324 41.27 -27.90 1.16
CA LYS K 324 40.60 -29.07 1.70
C LYS K 324 39.63 -29.68 0.70
N ASN K 325 38.91 -28.83 -0.03
CA ASN K 325 38.01 -29.27 -1.09
C ASN K 325 38.34 -28.51 -2.36
N LYS K 326 38.24 -29.19 -3.51
CA LYS K 326 38.67 -28.61 -4.76
C LYS K 326 37.67 -27.58 -5.27
N LEU K 327 38.18 -26.66 -6.07
CA LEU K 327 37.33 -25.65 -6.69
C LEU K 327 36.61 -26.22 -7.92
N LYS K 328 35.50 -25.58 -8.26
CA LYS K 328 34.79 -25.84 -9.50
C LYS K 328 34.87 -24.58 -10.34
N TYR K 329 35.48 -24.68 -11.52
CA TYR K 329 35.77 -23.52 -12.34
C TYR K 329 34.49 -22.89 -12.90
N GLY K 330 34.53 -21.58 -13.02
CA GLY K 330 33.37 -20.84 -13.48
C GLY K 330 33.76 -19.51 -14.10
N GLN K 331 32.77 -18.62 -14.19
CA GLN K 331 32.99 -17.32 -14.81
C GLN K 331 33.82 -16.40 -13.93
N THR K 332 33.86 -16.63 -12.62
CA THR K 332 34.66 -15.84 -11.70
C THR K 332 35.81 -16.61 -11.08
N ILE K 333 35.98 -17.88 -11.42
CA ILE K 333 37.01 -18.76 -10.84
C ILE K 333 37.62 -19.55 -12.00
N ARG K 334 38.88 -19.26 -12.33
CA ARG K 334 39.63 -19.93 -13.39
C ARG K 334 41.10 -19.84 -13.02
N PRO K 335 41.92 -20.83 -13.35
CA PRO K 335 43.34 -20.74 -13.01
C PRO K 335 44.07 -19.79 -13.94
N ILE K 336 45.29 -19.42 -13.53
CA ILE K 336 46.17 -18.61 -14.34
C ILE K 336 47.21 -19.54 -14.96
N CYS K 337 47.62 -19.24 -16.19
CA CYS K 337 48.53 -20.13 -16.90
C CYS K 337 49.94 -20.03 -16.33
N LEU K 338 50.62 -21.15 -16.34
CA LEU K 338 52.00 -21.26 -15.93
C LEU K 338 52.85 -21.50 -17.15
N PRO K 339 54.06 -20.92 -17.20
CA PRO K 339 54.91 -21.10 -18.39
C PRO K 339 55.38 -22.53 -18.57
N CYS K 340 55.61 -22.87 -19.85
CA CYS K 340 56.03 -24.21 -20.32
C CYS K 340 55.02 -25.28 -19.93
N THR K 341 53.75 -25.01 -20.24
CA THR K 341 52.67 -25.98 -20.16
C THR K 341 51.95 -26.03 -21.50
N GLU K 342 51.21 -27.13 -21.72
CA GLU K 342 50.42 -27.27 -22.95
C GLU K 342 49.27 -26.27 -23.01
N GLY K 343 48.77 -25.83 -21.85
CA GLY K 343 47.78 -24.76 -21.84
C GLY K 343 48.35 -23.43 -22.30
N THR K 344 49.60 -23.15 -21.93
CA THR K 344 50.27 -21.93 -22.37
C THR K 344 50.56 -21.95 -23.87
N THR K 345 50.84 -23.14 -24.41
CA THR K 345 51.07 -23.30 -25.85
C THR K 345 49.79 -22.99 -26.64
N ARG K 346 48.66 -23.51 -26.18
CA ARG K 346 47.38 -23.21 -26.83
C ARG K 346 46.95 -21.77 -26.56
N ALA K 347 47.41 -21.17 -25.46
CA ALA K 347 47.11 -19.77 -25.19
C ALA K 347 47.90 -18.85 -26.12
N LEU K 348 49.18 -19.16 -26.33
CA LEU K 348 50.02 -18.38 -27.24
C LEU K 348 49.88 -18.78 -28.70
N ARG K 349 49.02 -19.78 -28.98
CA ARG K 349 48.67 -20.26 -30.33
C ARG K 349 49.90 -20.77 -31.09
N LEU K 350 50.74 -21.50 -30.40
CA LEU K 350 51.98 -22.09 -30.89
C LEU K 350 51.71 -23.50 -31.41
N PRO K 351 52.58 -24.03 -32.28
CA PRO K 351 52.51 -25.46 -32.61
C PRO K 351 52.88 -26.30 -31.40
N PRO K 352 52.39 -27.55 -31.33
CA PRO K 352 52.63 -28.37 -30.13
C PRO K 352 54.07 -28.83 -29.94
N THR K 353 54.91 -28.75 -30.95
CA THR K 353 56.33 -29.10 -30.85
C THR K 353 57.18 -27.92 -30.38
N THR K 354 56.57 -26.81 -29.98
CA THR K 354 57.30 -25.66 -29.46
C THR K 354 57.92 -25.99 -28.10
N THR K 355 59.19 -25.66 -27.94
CA THR K 355 59.94 -26.02 -26.74
C THR K 355 59.71 -25.01 -25.63
N CYS K 356 60.18 -25.37 -24.43
CA CYS K 356 60.11 -24.49 -23.27
C CYS K 356 61.02 -23.26 -23.41
N GLN K 357 62.12 -23.40 -24.13
CA GLN K 357 63.04 -22.28 -24.33
C GLN K 357 62.45 -21.25 -25.29
N GLN K 358 61.70 -21.71 -26.30
CA GLN K 358 61.05 -20.80 -27.24
C GLN K 358 59.98 -19.95 -26.56
N GLN K 359 59.28 -20.53 -25.57
CA GLN K 359 58.35 -19.74 -24.78
C GLN K 359 59.07 -18.77 -23.85
N LYS K 360 60.25 -19.15 -23.35
CA LYS K 360 61.05 -18.25 -22.51
C LYS K 360 61.55 -17.05 -23.29
N GLU K 361 61.85 -17.23 -24.58
CA GLU K 361 62.30 -16.13 -25.44
C GLU K 361 61.18 -15.11 -25.66
N GLU K 362 59.95 -15.58 -25.86
CA GLU K 362 58.84 -14.68 -26.16
C GLU K 362 58.36 -13.94 -24.91
N LEU K 363 58.26 -14.64 -23.77
CA LEU K 363 57.69 -14.04 -22.56
C LEU K 363 58.65 -13.04 -21.93
N LEU K 364 59.95 -13.32 -21.93
CA LEU K 364 60.95 -12.44 -21.32
C LEU K 364 62.03 -12.04 -22.33
N PRO K 365 61.75 -11.06 -23.20
CA PRO K 365 62.84 -10.50 -24.00
C PRO K 365 63.65 -9.49 -23.19
N ALA K 366 64.88 -9.27 -23.63
CA ALA K 366 65.82 -8.37 -22.93
C ALA K 366 65.49 -6.91 -23.25
N GLN K 367 64.36 -6.46 -22.69
CA GLN K 367 63.84 -5.12 -22.93
C GLN K 367 62.89 -4.79 -21.77
N ASP K 368 62.29 -3.61 -21.83
CA ASP K 368 61.21 -3.28 -20.90
C ASP K 368 59.95 -4.01 -21.31
N ILE K 369 59.42 -4.85 -20.42
CA ILE K 369 58.30 -5.74 -20.71
C ILE K 369 57.08 -5.22 -19.99
N LYS K 370 55.98 -5.08 -20.73
CA LYS K 370 54.71 -4.64 -20.13
C LYS K 370 54.15 -5.70 -19.20
N ALA K 371 53.65 -5.26 -18.04
CA ALA K 371 53.15 -6.16 -17.02
C ALA K 371 52.11 -5.44 -16.17
N LEU K 372 51.48 -6.19 -15.28
CA LEU K 372 50.49 -5.63 -14.36
C LEU K 372 50.33 -6.53 -13.15
N PHE K 373 49.91 -5.92 -12.04
CA PHE K 373 49.56 -6.64 -10.81
C PHE K 373 48.25 -6.08 -10.27
N VAL K 374 47.77 -6.69 -9.19
CA VAL K 374 46.48 -6.35 -8.58
C VAL K 374 46.74 -5.71 -7.23
N SER K 375 46.00 -4.66 -6.91
CA SER K 375 46.11 -3.95 -5.64
C SER K 375 44.71 -3.61 -5.12
N GLU K 376 44.62 -3.37 -3.82
CA GLU K 376 43.37 -3.02 -3.18
C GLU K 376 43.28 -1.52 -2.94
N GLU K 377 42.13 -0.94 -3.27
CA GLU K 377 41.84 0.46 -2.96
C GLU K 377 40.42 0.54 -2.43
N GLU K 378 40.29 0.76 -1.11
CA GLU K 378 39.03 0.80 -0.36
C GLU K 378 38.21 -0.48 -0.57
N LYS K 379 38.86 -1.61 -0.25
CA LYS K 379 38.33 -2.98 -0.31
C LYS K 379 37.96 -3.42 -1.73
N LYS K 380 38.44 -2.73 -2.76
CA LYS K 380 38.12 -3.04 -4.14
C LYS K 380 39.42 -3.33 -4.89
N LEU K 381 39.42 -4.43 -5.64
CA LEU K 381 40.59 -4.81 -6.41
C LEU K 381 40.68 -3.96 -7.68
N THR K 382 41.89 -3.51 -7.98
CA THR K 382 42.14 -2.70 -9.17
C THR K 382 43.49 -3.09 -9.75
N ARG K 383 43.69 -2.76 -11.02
CA ARG K 383 44.89 -3.10 -11.75
C ARG K 383 45.89 -1.95 -11.72
N LYS K 384 47.18 -2.30 -11.64
CA LYS K 384 48.27 -1.34 -11.69
C LYS K 384 49.26 -1.83 -12.74
N GLU K 385 49.48 -1.05 -13.79
CA GLU K 385 50.36 -1.45 -14.88
C GLU K 385 51.80 -1.04 -14.57
N VAL K 386 52.73 -1.98 -14.73
CA VAL K 386 54.15 -1.77 -14.47
C VAL K 386 54.96 -2.24 -15.67
N TYR K 387 56.27 -2.08 -15.59
CA TYR K 387 57.21 -2.53 -16.61
C TYR K 387 58.27 -3.40 -15.96
N ILE K 388 58.58 -4.54 -16.59
CA ILE K 388 59.67 -5.40 -16.14
C ILE K 388 60.96 -4.91 -16.77
N LYS K 389 61.92 -4.52 -15.93
CA LYS K 389 63.17 -3.94 -16.43
C LYS K 389 64.17 -5.06 -16.69
N ASN K 390 64.05 -5.66 -17.87
CA ASN K 390 64.94 -6.74 -18.31
C ASN K 390 65.96 -6.28 -19.34
N GLY K 391 65.91 -5.02 -19.75
CA GLY K 391 66.83 -4.52 -20.76
C GLY K 391 68.17 -4.06 -20.22
N ASP K 392 68.69 -2.97 -20.76
CA ASP K 392 69.97 -2.43 -20.30
C ASP K 392 69.84 -1.78 -18.91
N LYS K 393 68.63 -1.34 -18.56
CA LYS K 393 68.34 -0.76 -17.25
C LYS K 393 68.10 -1.81 -16.15
N LYS K 394 68.34 -3.10 -16.45
CA LYS K 394 68.23 -4.15 -15.44
C LYS K 394 69.27 -3.99 -14.35
N GLY K 395 70.50 -3.63 -14.73
CA GLY K 395 71.54 -3.38 -13.74
C GLY K 395 71.27 -2.16 -12.88
N SER K 396 70.73 -1.10 -13.49
CA SER K 396 70.33 0.09 -12.72
C SER K 396 69.13 -0.19 -11.83
N CYS K 397 68.27 -1.14 -12.22
CA CYS K 397 67.14 -1.52 -11.38
C CYS K 397 67.60 -2.30 -10.15
N GLU K 398 68.64 -3.13 -10.31
CA GLU K 398 69.18 -3.85 -9.16
C GLU K 398 69.97 -2.94 -8.22
N ARG K 399 70.62 -1.91 -8.77
CA ARG K 399 71.48 -1.04 -7.97
C ARG K 399 70.69 -0.15 -7.01
N ASP K 400 69.43 0.15 -7.34
CA ASP K 400 68.57 0.94 -6.47
C ASP K 400 68.11 0.20 -5.21
N ALA K 401 68.36 -1.11 -5.10
CA ALA K 401 68.08 -1.87 -3.88
C ALA K 401 69.05 -1.55 -2.73
N GLN K 402 70.10 -0.75 -2.97
CA GLN K 402 70.97 -0.28 -1.90
C GLN K 402 70.21 0.65 -0.94
N TYR K 403 69.21 1.36 -1.42
CA TYR K 403 68.41 2.26 -0.58
C TYR K 403 67.33 1.54 0.23
N ALA K 404 67.31 0.21 0.25
CA ALA K 404 66.39 -0.52 1.11
C ALA K 404 66.83 -0.40 2.56
N PRO K 405 65.93 -0.05 3.48
CA PRO K 405 66.32 0.06 4.90
C PRO K 405 66.66 -1.30 5.50
N GLY K 406 67.75 -1.34 6.25
CA GLY K 406 68.32 -2.57 6.75
C GLY K 406 69.39 -3.16 5.85
N TYR K 407 69.50 -2.68 4.61
CA TYR K 407 70.45 -3.18 3.63
C TYR K 407 71.28 -2.06 3.03
N ASP K 408 71.41 -0.93 3.74
CA ASP K 408 72.11 0.23 3.20
C ASP K 408 73.60 -0.01 3.06
N LYS K 409 74.21 -0.67 4.03
CA LYS K 409 75.65 -0.89 4.05
C LYS K 409 76.03 -2.33 3.75
N VAL K 410 75.09 -3.15 3.27
CA VAL K 410 75.44 -4.47 2.76
C VAL K 410 76.21 -4.30 1.47
N LYS K 411 77.42 -4.87 1.43
CA LYS K 411 78.39 -4.53 0.38
C LYS K 411 78.02 -5.17 -0.96
N ASP K 412 77.67 -6.45 -0.95
CA ASP K 412 77.50 -7.21 -2.19
C ASP K 412 76.07 -7.06 -2.67
N ILE K 413 75.91 -6.58 -3.91
CA ILE K 413 74.57 -6.43 -4.47
C ILE K 413 74.05 -7.78 -4.97
N SER K 414 74.96 -8.67 -5.42
CA SER K 414 74.56 -9.97 -5.93
C SER K 414 74.12 -10.92 -4.82
N GLU K 415 74.52 -10.66 -3.57
CA GLU K 415 74.13 -11.51 -2.46
C GLU K 415 72.67 -11.30 -2.09
N VAL K 416 72.26 -10.04 -1.90
CA VAL K 416 70.88 -9.79 -1.48
C VAL K 416 69.91 -9.85 -2.66
N VAL K 417 70.37 -9.54 -3.87
CA VAL K 417 69.54 -9.59 -5.06
C VAL K 417 69.99 -10.81 -5.86
N THR K 418 69.23 -11.89 -5.75
CA THR K 418 69.51 -13.15 -6.41
C THR K 418 69.00 -13.11 -7.86
N PRO K 419 69.41 -14.05 -8.71
CA PRO K 419 68.80 -14.15 -10.06
C PRO K 419 67.33 -14.55 -10.08
N ARG K 420 66.72 -14.96 -8.95
CA ARG K 420 65.29 -15.22 -8.88
C ARG K 420 64.47 -13.94 -9.04
N PHE K 421 65.04 -12.79 -8.68
CA PHE K 421 64.28 -11.55 -8.65
C PHE K 421 64.14 -10.94 -10.05
N LEU K 422 62.90 -10.62 -10.42
CA LEU K 422 62.62 -9.74 -11.56
C LEU K 422 62.27 -8.36 -11.03
N CYS K 423 62.74 -7.33 -11.72
CA CYS K 423 62.74 -5.98 -11.19
C CYS K 423 61.74 -5.12 -11.95
N THR K 424 60.80 -4.53 -11.22
CA THR K 424 59.87 -3.53 -11.71
C THR K 424 60.01 -2.26 -10.87
N GLY K 425 59.15 -1.28 -11.14
CA GLY K 425 59.21 -0.02 -10.43
C GLY K 425 60.06 1.03 -11.14
N GLY K 426 60.03 2.23 -10.59
CA GLY K 426 60.78 3.35 -11.15
C GLY K 426 59.92 4.24 -12.02
N VAL K 427 60.60 5.19 -12.66
CA VAL K 427 59.94 6.16 -13.53
C VAL K 427 60.41 6.08 -14.98
N SER K 428 61.31 5.14 -15.31
CA SER K 428 61.76 4.95 -16.67
C SER K 428 61.47 3.53 -17.12
N PRO K 429 60.78 3.31 -18.25
CA PRO K 429 60.30 4.28 -19.25
C PRO K 429 59.04 5.05 -18.86
N TYR K 430 58.22 4.49 -17.97
CA TYR K 430 57.04 5.16 -17.46
C TYR K 430 56.91 4.88 -15.98
N ALA K 431 56.12 5.70 -15.29
CA ALA K 431 55.96 5.61 -13.85
C ALA K 431 55.20 4.35 -13.46
N ASP K 432 55.84 3.48 -12.68
CA ASP K 432 55.25 2.24 -12.22
C ASP K 432 54.88 2.37 -10.77
N PRO K 433 53.63 2.06 -10.39
CA PRO K 433 53.24 2.11 -8.98
C PRO K 433 53.93 1.03 -8.16
N ASN K 434 54.12 1.34 -6.88
CA ASN K 434 54.77 0.42 -5.95
C ASN K 434 53.73 -0.23 -5.06
N THR K 435 54.01 -1.47 -4.66
CA THR K 435 53.02 -2.29 -3.98
C THR K 435 52.83 -1.86 -2.52
N CYS K 436 51.62 -2.02 -2.03
CA CYS K 436 51.39 -2.03 -0.59
C CYS K 436 51.79 -3.38 -0.01
N ARG K 437 51.91 -3.42 1.32
CA ARG K 437 52.27 -4.68 1.98
C ARG K 437 51.12 -5.68 2.00
N GLY K 438 49.87 -5.21 1.84
CA GLY K 438 48.76 -6.10 1.59
C GLY K 438 48.74 -6.68 0.19
N ASP K 439 49.41 -6.03 -0.77
CA ASP K 439 49.47 -6.51 -2.14
C ASP K 439 50.47 -7.64 -2.35
N ALA K 440 51.24 -8.01 -1.32
CA ALA K 440 52.27 -9.02 -1.45
C ALA K 440 51.67 -10.40 -1.67
N GLY K 441 52.40 -11.26 -2.37
CA GLY K 441 51.96 -12.60 -2.70
C GLY K 441 51.24 -12.75 -4.02
N GLY K 442 50.83 -11.64 -4.64
CA GLY K 442 50.10 -11.69 -5.88
C GLY K 442 50.93 -12.11 -7.07
N PRO K 443 50.28 -12.35 -8.21
CA PRO K 443 51.01 -12.73 -9.42
C PRO K 443 51.45 -11.53 -10.24
N LEU K 444 52.50 -11.75 -11.04
CA LEU K 444 52.94 -10.80 -12.05
C LEU K 444 52.44 -11.28 -13.41
N ILE K 445 51.62 -10.45 -14.06
CA ILE K 445 50.78 -10.87 -15.18
C ILE K 445 51.26 -10.18 -16.45
N VAL K 446 51.43 -10.95 -17.53
CA VAL K 446 51.81 -10.44 -18.83
C VAL K 446 50.73 -10.86 -19.83
N HIS K 447 50.29 -9.92 -20.66
CA HIS K 447 49.18 -10.13 -21.60
C HIS K 447 49.73 -10.37 -23.01
N LYS K 448 49.36 -11.51 -23.59
CA LYS K 448 49.73 -11.88 -24.96
C LYS K 448 48.58 -12.65 -25.59
N ARG K 449 48.12 -12.19 -26.76
CA ARG K 449 47.14 -12.88 -27.63
C ARG K 449 45.80 -13.13 -26.92
N SER K 450 45.22 -12.06 -26.36
CA SER K 450 43.94 -12.01 -25.64
C SER K 450 43.88 -12.94 -24.42
N ARG K 451 45.03 -13.39 -23.91
CA ARG K 451 45.13 -14.23 -22.73
C ARG K 451 46.12 -13.61 -21.77
N PHE K 452 46.17 -14.16 -20.55
CA PHE K 452 46.99 -13.61 -19.49
C PHE K 452 47.85 -14.71 -18.90
N ILE K 453 49.16 -14.46 -18.83
CA ILE K 453 50.14 -15.45 -18.38
C ILE K 453 50.80 -14.90 -17.12
N GLN K 454 51.01 -15.78 -16.13
CA GLN K 454 51.76 -15.40 -14.94
C GLN K 454 53.25 -15.67 -15.20
N VAL K 455 54.07 -14.66 -14.92
CA VAL K 455 55.52 -14.81 -15.01
C VAL K 455 56.22 -14.60 -13.68
N GLY K 456 55.50 -14.14 -12.64
CA GLY K 456 56.16 -13.91 -11.37
C GLY K 456 55.19 -13.89 -10.21
N VAL K 457 55.79 -13.82 -9.01
CA VAL K 457 55.06 -13.72 -7.74
C VAL K 457 55.62 -12.50 -7.00
N ILE K 458 54.72 -11.66 -6.48
CA ILE K 458 55.11 -10.43 -5.80
C ILE K 458 55.86 -10.76 -4.50
N SER K 459 57.06 -10.20 -4.35
CA SER K 459 57.91 -10.46 -3.21
C SER K 459 58.06 -9.26 -2.29
N TRP K 460 58.99 -8.36 -2.60
CA TRP K 460 59.28 -7.24 -1.70
C TRP K 460 59.65 -6.01 -2.52
N GLY K 461 59.54 -4.86 -1.87
CA GLY K 461 59.88 -3.58 -2.48
C GLY K 461 60.94 -2.85 -1.67
N VAL K 462 61.68 -1.98 -2.36
CA VAL K 462 62.78 -1.24 -1.74
C VAL K 462 62.24 -0.22 -0.75
N VAL K 463 61.33 0.64 -1.21
CA VAL K 463 60.73 1.68 -0.37
C VAL K 463 59.26 1.32 -0.18
N ASP K 464 58.83 1.29 1.09
CA ASP K 464 57.44 1.01 1.41
C ASP K 464 56.68 2.33 1.32
N VAL K 465 56.14 2.59 0.13
CA VAL K 465 55.37 3.81 -0.12
C VAL K 465 53.99 3.80 0.52
N CYS K 466 53.58 2.68 1.10
CA CYS K 466 52.26 2.45 1.69
C CYS K 466 52.41 2.16 3.18
N LYS K 467 53.26 2.95 3.86
CA LYS K 467 53.58 2.71 5.26
C LYS K 467 52.44 3.12 6.19
N ASN K 468 51.77 4.23 5.86
CA ASN K 468 50.60 4.73 6.59
C ASN K 468 49.30 4.09 6.10
N GLN K 469 49.36 2.80 5.72
CA GLN K 469 48.33 1.94 5.13
C GLN K 469 47.59 2.51 3.90
N LYS K 470 48.13 3.59 3.32
CA LYS K 470 47.61 4.28 2.16
C LYS K 470 48.80 4.57 1.25
N ARG K 471 48.58 4.44 -0.06
CA ARG K 471 49.58 4.81 -1.04
C ARG K 471 49.45 6.27 -1.48
N GLN K 472 48.96 7.14 -0.59
CA GLN K 472 48.68 8.53 -0.92
C GLN K 472 49.97 9.32 -1.02
N LYS K 473 49.97 10.30 -1.94
CA LYS K 473 50.98 11.34 -2.18
C LYS K 473 52.27 10.77 -2.79
N GLN K 474 53.05 11.64 -3.42
CA GLN K 474 54.20 11.19 -4.20
C GLN K 474 55.36 10.78 -3.29
N VAL K 475 56.26 9.99 -3.87
CA VAL K 475 57.35 9.33 -3.17
C VAL K 475 58.62 9.53 -4.00
N PRO K 476 59.83 9.23 -3.49
CA PRO K 476 61.01 9.22 -4.37
C PRO K 476 60.92 8.22 -5.51
N ALA K 477 61.61 8.56 -6.60
CA ALA K 477 61.49 7.85 -7.86
C ALA K 477 62.30 6.57 -7.92
N HIS K 478 63.23 6.35 -6.99
CA HIS K 478 64.07 5.16 -7.00
C HIS K 478 63.46 4.00 -6.20
N ALA K 479 62.15 4.00 -6.01
CA ALA K 479 61.47 2.93 -5.31
C ALA K 479 61.20 1.79 -6.30
N ARG K 480 61.89 0.67 -6.10
CA ARG K 480 61.75 -0.49 -6.98
C ARG K 480 61.09 -1.64 -6.24
N ASP K 481 60.43 -2.51 -6.99
CA ASP K 481 59.82 -3.73 -6.46
C ASP K 481 60.44 -4.95 -7.11
N PHE K 482 60.55 -6.03 -6.34
CA PHE K 482 61.18 -7.26 -6.80
C PHE K 482 60.16 -8.39 -6.79
N HIS K 483 60.28 -9.30 -7.77
CA HIS K 483 59.32 -10.38 -7.97
C HIS K 483 60.05 -11.68 -8.31
N ILE K 484 59.57 -12.79 -7.77
CA ILE K 484 60.23 -14.09 -7.92
C ILE K 484 59.90 -14.65 -9.31
N ASN K 485 60.95 -14.91 -10.11
CA ASN K 485 60.77 -15.45 -11.46
C ASN K 485 60.31 -16.90 -11.39
N LEU K 486 59.30 -17.23 -12.21
CA LEU K 486 58.74 -18.58 -12.22
C LEU K 486 59.64 -19.57 -12.95
N PHE K 487 60.48 -19.10 -13.87
CA PHE K 487 61.38 -19.99 -14.62
C PHE K 487 62.45 -20.58 -13.71
N GLN K 488 62.80 -19.90 -12.63
CA GLN K 488 63.81 -20.41 -11.71
C GLN K 488 63.25 -21.56 -10.86
N VAL K 489 61.98 -21.48 -10.47
CA VAL K 489 61.35 -22.48 -9.62
C VAL K 489 60.47 -23.43 -10.42
N LEU K 490 60.63 -23.46 -11.74
CA LEU K 490 59.84 -24.35 -12.59
C LEU K 490 60.00 -25.86 -12.35
N PRO K 491 61.20 -26.44 -12.08
CA PRO K 491 61.22 -27.88 -11.73
C PRO K 491 60.48 -28.26 -10.45
N TRP K 492 60.46 -27.38 -9.43
CA TRP K 492 59.70 -27.67 -8.23
C TRP K 492 58.20 -27.62 -8.50
N LEU K 493 57.75 -26.65 -9.30
CA LEU K 493 56.33 -26.55 -9.66
C LEU K 493 55.91 -27.71 -10.56
N LYS K 494 56.76 -28.11 -11.50
CA LYS K 494 56.46 -29.26 -12.36
C LYS K 494 56.45 -30.56 -11.57
N GLU K 495 57.31 -30.68 -10.54
CA GLU K 495 57.30 -31.88 -9.70
C GLU K 495 56.05 -31.96 -8.85
N LYS K 496 55.61 -30.83 -8.28
CA LYS K 496 54.45 -30.86 -7.40
C LYS K 496 53.13 -30.95 -8.17
N LEU K 497 53.02 -30.22 -9.28
CA LEU K 497 51.74 -30.09 -9.98
C LEU K 497 51.61 -31.00 -11.20
N GLN K 498 52.49 -32.00 -11.36
CA GLN K 498 52.25 -32.99 -12.41
C GLN K 498 51.15 -33.97 -12.05
N ASP K 499 50.82 -34.09 -10.75
CA ASP K 499 49.68 -34.88 -10.32
C ASP K 499 48.35 -34.16 -10.54
N GLU K 500 48.38 -32.86 -10.82
CA GLU K 500 47.18 -32.09 -11.10
C GLU K 500 46.80 -32.07 -12.57
N ASP K 501 47.66 -32.63 -13.44
CA ASP K 501 47.49 -32.75 -14.89
C ASP K 501 47.27 -31.38 -15.55
N LEU K 502 48.35 -30.60 -15.53
CA LEU K 502 48.39 -29.30 -16.17
C LEU K 502 49.06 -29.32 -17.53
N GLY K 503 49.61 -30.47 -17.95
CA GLY K 503 50.22 -30.62 -19.25
C GLY K 503 51.58 -29.97 -19.40
N PHE K 504 52.51 -30.28 -18.50
CA PHE K 504 53.86 -29.76 -18.59
C PHE K 504 54.61 -30.40 -19.76
N LEU K 505 55.44 -29.61 -20.43
CA LEU K 505 56.21 -30.09 -21.57
C LEU K 505 57.35 -31.00 -21.13
N LYS L 1 -20.42 32.30 20.00
CA LYS L 1 -21.47 32.26 18.99
C LYS L 1 -22.40 33.46 19.22
N ILE L 2 -23.72 33.23 19.27
CA ILE L 2 -24.69 34.23 19.72
C ILE L 2 -25.95 33.48 20.15
N VAL L 3 -26.39 33.70 21.39
CA VAL L 3 -27.60 33.06 21.89
C VAL L 3 -28.78 33.98 21.59
N LEU L 4 -29.87 33.39 21.11
CA LEU L 4 -31.10 34.10 20.81
C LEU L 4 -32.15 33.63 21.81
N ASP L 5 -32.43 34.46 22.80
CA ASP L 5 -33.46 34.16 23.78
C ASP L 5 -34.56 35.20 23.70
N PRO L 6 -35.83 34.81 23.91
CA PRO L 6 -36.93 35.79 23.91
C PRO L 6 -36.86 36.82 25.03
N SER L 7 -36.17 36.51 26.13
CA SER L 7 -35.85 37.47 27.18
C SER L 7 -34.54 38.21 26.89
N GLY L 8 -34.20 38.38 25.61
CA GLY L 8 -32.87 38.86 25.26
C GLY L 8 -32.68 40.34 25.54
N SER L 9 -31.54 40.67 26.15
CA SER L 9 -31.11 42.04 26.40
C SER L 9 -29.70 42.08 25.82
N MET L 10 -29.59 42.51 24.56
CA MET L 10 -28.35 42.36 23.81
C MET L 10 -28.03 43.66 23.11
N ASN L 11 -26.77 44.07 23.18
CA ASN L 11 -26.30 45.23 22.43
C ASN L 11 -25.49 44.74 21.23
N ILE L 12 -25.85 45.22 20.04
CA ILE L 12 -25.20 44.83 18.81
C ILE L 12 -24.54 46.08 18.24
N TYR L 13 -23.22 46.13 18.31
CA TYR L 13 -22.44 47.27 17.83
C TYR L 13 -21.96 47.00 16.42
N LEU L 14 -22.30 47.91 15.50
CA LEU L 14 -21.96 47.79 14.08
C LEU L 14 -20.96 48.89 13.73
N VAL L 15 -19.75 48.49 13.34
CA VAL L 15 -18.70 49.43 12.95
C VAL L 15 -18.30 49.13 11.50
N LEU L 16 -18.26 50.18 10.68
CA LEU L 16 -18.00 50.05 9.25
C LEU L 16 -16.91 51.02 8.84
N ASP L 17 -15.84 50.50 8.24
CA ASP L 17 -14.78 51.36 7.72
C ASP L 17 -15.25 52.09 6.47
N GLY L 18 -14.90 53.38 6.38
CA GLY L 18 -15.32 54.20 5.27
C GLY L 18 -14.12 54.86 4.62
N SER L 19 -12.93 54.30 4.85
CA SER L 19 -11.70 54.76 4.24
C SER L 19 -11.70 54.47 2.73
N GLY L 20 -10.75 55.12 2.03
CA GLY L 20 -10.56 54.94 0.60
C GLY L 20 -10.08 53.56 0.18
N SER L 21 -9.63 52.74 1.13
CA SER L 21 -9.20 51.37 0.89
C SER L 21 -10.37 50.41 0.67
N ILE L 22 -11.61 50.83 0.88
CA ILE L 22 -12.75 49.93 0.79
C ILE L 22 -13.33 49.88 -0.62
N GLY L 23 -13.66 51.03 -1.19
CA GLY L 23 -14.37 51.04 -2.46
C GLY L 23 -15.86 51.02 -2.25
N ALA L 24 -16.59 51.76 -3.09
CA ALA L 24 -18.03 51.98 -2.89
C ALA L 24 -18.84 50.71 -3.10
N SER L 25 -18.49 49.90 -4.11
CA SER L 25 -19.24 48.68 -4.35
C SER L 25 -18.90 47.56 -3.37
N ASN L 26 -17.71 47.60 -2.73
CA ASN L 26 -17.47 46.75 -1.58
C ASN L 26 -18.18 47.29 -0.34
N PHE L 27 -18.29 48.62 -0.23
CA PHE L 27 -19.04 49.26 0.86
C PHE L 27 -20.53 48.91 0.79
N THR L 28 -21.07 48.82 -0.43
CA THR L 28 -22.46 48.46 -0.62
C THR L 28 -22.69 46.99 -0.28
N GLY L 29 -21.76 46.12 -0.67
CA GLY L 29 -21.80 44.73 -0.23
C GLY L 29 -21.64 44.56 1.27
N ALA L 30 -20.91 45.47 1.91
CA ALA L 30 -20.82 45.47 3.37
C ALA L 30 -22.16 45.85 4.01
N LYS L 31 -22.87 46.80 3.40
CA LYS L 31 -24.17 47.21 3.93
C LYS L 31 -25.23 46.12 3.71
N LYS L 32 -25.25 45.51 2.53
CA LYS L 32 -26.17 44.41 2.22
C LYS L 32 -25.95 43.19 3.11
N CYS L 33 -24.70 42.98 3.56
CA CYS L 33 -24.43 41.97 4.58
C CYS L 33 -25.14 42.29 5.89
N LEU L 34 -25.12 43.57 6.30
CA LEU L 34 -25.70 43.94 7.58
C LEU L 34 -27.23 43.95 7.55
N VAL L 35 -27.83 44.36 6.42
CA VAL L 35 -29.27 44.51 6.31
C VAL L 35 -29.97 43.14 6.38
N ASN L 36 -29.42 42.15 5.67
CA ASN L 36 -29.93 40.78 5.78
C ASN L 36 -29.68 40.19 7.18
N LEU L 37 -28.63 40.64 7.85
CA LEU L 37 -28.35 40.18 9.20
C LEU L 37 -29.34 40.75 10.20
N ILE L 38 -29.62 42.07 10.10
CA ILE L 38 -30.60 42.72 10.98
C ILE L 38 -32.00 42.14 10.78
N GLU L 39 -32.34 41.85 9.52
CA GLU L 39 -33.63 41.23 9.18
C GLU L 39 -33.74 39.81 9.71
N LYS L 40 -32.64 39.04 9.65
CA LYS L 40 -32.67 37.67 10.16
C LYS L 40 -32.72 37.62 11.68
N VAL L 41 -32.10 38.59 12.37
CA VAL L 41 -32.21 38.69 13.83
C VAL L 41 -33.64 39.04 14.24
N ALA L 42 -34.27 39.99 13.53
CA ALA L 42 -35.65 40.39 13.80
C ALA L 42 -36.67 39.30 13.46
N SER L 43 -36.29 38.31 12.64
CA SER L 43 -37.17 37.18 12.38
C SER L 43 -37.36 36.27 13.59
N TYR L 44 -36.43 36.30 14.56
CA TYR L 44 -36.58 35.47 15.76
C TYR L 44 -37.54 36.07 16.77
N GLY L 45 -37.71 37.39 16.77
CA GLY L 45 -38.49 38.06 17.79
C GLY L 45 -37.68 38.64 18.94
N VAL L 46 -36.36 38.61 18.87
CA VAL L 46 -35.51 39.22 19.87
C VAL L 46 -35.38 40.70 19.56
N LYS L 47 -35.42 41.55 20.59
CA LYS L 47 -35.24 42.98 20.44
C LYS L 47 -33.89 43.40 21.00
N PRO L 48 -32.85 43.54 20.19
CA PRO L 48 -31.58 44.06 20.67
C PRO L 48 -31.49 45.57 20.52
N ARG L 49 -30.46 46.14 21.14
CA ARG L 49 -30.15 47.56 21.03
C ARG L 49 -29.04 47.73 20.00
N TYR L 50 -29.34 48.43 18.91
CA TYR L 50 -28.40 48.56 17.81
C TYR L 50 -27.58 49.84 17.94
N GLY L 51 -26.27 49.71 17.69
CA GLY L 51 -25.41 50.88 17.58
C GLY L 51 -24.75 50.93 16.21
N LEU L 52 -24.73 52.09 15.58
CA LEU L 52 -24.23 52.24 14.22
C LEU L 52 -23.17 53.33 14.20
N VAL L 53 -21.95 52.96 13.83
CA VAL L 53 -20.80 53.86 13.78
C VAL L 53 -20.08 53.64 12.46
N THR L 54 -19.90 54.71 11.68
CA THR L 54 -19.00 54.69 10.55
C THR L 54 -17.83 55.62 10.85
N TYR L 55 -16.61 55.17 10.52
CA TYR L 55 -15.42 55.88 10.91
C TYR L 55 -14.47 56.01 9.73
N ALA L 56 -13.68 57.07 9.76
CA ALA L 56 -12.57 57.21 8.85
C ALA L 56 -11.36 57.75 9.63
N THR L 57 -11.03 59.04 9.50
CA THR L 57 -10.15 59.64 10.50
C THR L 57 -10.90 59.81 11.81
N TYR L 58 -12.16 60.19 11.72
CA TYR L 58 -12.97 60.38 12.91
C TYR L 58 -14.26 59.56 12.80
N PRO L 59 -14.65 58.91 13.89
CA PRO L 59 -15.93 58.19 13.89
C PRO L 59 -17.12 59.12 13.89
N LYS L 60 -18.18 58.67 13.23
CA LYS L 60 -19.46 59.34 13.23
C LYS L 60 -20.49 58.37 13.75
N ILE L 61 -21.16 58.73 14.83
CA ILE L 61 -22.12 57.84 15.49
C ILE L 61 -23.51 58.16 14.96
N TRP L 62 -24.14 57.16 14.33
CA TRP L 62 -25.45 57.33 13.73
C TRP L 62 -26.56 56.94 14.69
N VAL L 63 -26.45 55.77 15.32
CA VAL L 63 -27.44 55.27 16.26
C VAL L 63 -26.70 54.92 17.56
N LYS L 64 -27.20 55.45 18.67
CA LYS L 64 -26.66 55.14 19.99
C LYS L 64 -27.56 54.11 20.65
N VAL L 65 -26.94 53.21 21.42
CA VAL L 65 -27.69 52.16 22.10
C VAL L 65 -28.53 52.69 23.26
N SER L 66 -28.26 53.90 23.74
CA SER L 66 -29.07 54.52 24.78
C SER L 66 -30.44 54.94 24.28
N GLU L 67 -30.57 55.25 23.00
CA GLU L 67 -31.84 55.71 22.45
C GLU L 67 -32.86 54.58 22.37
N ALA L 68 -34.14 54.94 22.53
CA ALA L 68 -35.22 53.96 22.41
C ALA L 68 -35.40 53.50 20.96
N ASP L 69 -35.01 54.33 19.99
CA ASP L 69 -35.02 53.97 18.58
C ASP L 69 -33.96 52.94 18.20
N SER L 70 -33.03 52.60 19.11
CA SER L 70 -32.04 51.56 18.84
C SER L 70 -32.65 50.17 18.81
N SER L 71 -33.84 49.97 19.37
CA SER L 71 -34.52 48.68 19.34
C SER L 71 -35.45 48.52 18.13
N ASN L 72 -35.46 49.48 17.22
CA ASN L 72 -36.30 49.42 16.02
C ASN L 72 -35.41 48.92 14.89
N ALA L 73 -35.67 47.70 14.41
CA ALA L 73 -34.92 47.14 13.30
C ALA L 73 -35.19 47.89 12.00
N ASP L 74 -36.44 48.32 11.80
CA ASP L 74 -36.82 49.04 10.57
C ASP L 74 -36.16 50.41 10.49
N TRP L 75 -36.04 51.10 11.63
CA TRP L 75 -35.45 52.43 11.63
C TRP L 75 -33.94 52.38 11.40
N VAL L 76 -33.26 51.42 12.03
CA VAL L 76 -31.80 51.27 11.89
C VAL L 76 -31.42 50.88 10.46
N THR L 77 -32.27 50.06 9.81
CA THR L 77 -32.08 49.72 8.39
C THR L 77 -32.21 50.96 7.50
N LYS L 78 -33.17 51.84 7.82
CA LYS L 78 -33.34 53.08 7.07
C LYS L 78 -32.17 54.03 7.28
N GLN L 79 -31.64 54.10 8.52
CA GLN L 79 -30.48 54.94 8.78
C GLN L 79 -29.22 54.39 8.10
N LEU L 80 -29.06 53.07 8.06
CA LEU L 80 -27.89 52.47 7.42
C LEU L 80 -27.92 52.63 5.91
N ASN L 81 -29.11 52.52 5.30
CA ASN L 81 -29.26 52.63 3.85
C ASN L 81 -28.98 54.05 3.36
N GLU L 82 -29.26 55.07 4.18
CA GLU L 82 -29.05 56.46 3.76
C GLU L 82 -27.56 56.82 3.74
N ILE L 83 -26.73 56.11 4.51
CA ILE L 83 -25.30 56.40 4.60
C ILE L 83 -24.63 56.10 3.25
N ASN L 84 -23.89 57.08 2.74
CA ASN L 84 -23.20 57.00 1.48
C ASN L 84 -21.71 56.80 1.74
N TYR L 85 -21.01 56.22 0.76
CA TYR L 85 -19.58 56.04 0.87
C TYR L 85 -18.84 57.37 0.86
N GLU L 86 -19.25 58.27 -0.04
CA GLU L 86 -18.66 59.60 -0.17
C GLU L 86 -19.24 60.62 0.82
N ASP L 87 -19.91 60.17 1.89
CA ASP L 87 -20.41 61.07 2.91
C ASP L 87 -19.27 61.70 3.71
N HIS L 88 -18.31 60.89 4.14
CA HIS L 88 -17.10 61.37 4.80
C HIS L 88 -15.86 60.84 4.10
N LYS L 89 -15.88 60.87 2.76
CA LYS L 89 -14.72 60.47 1.95
C LYS L 89 -13.55 61.43 2.14
N LEU L 90 -13.84 62.70 2.41
CA LEU L 90 -12.84 63.74 2.56
C LEU L 90 -12.02 63.60 3.84
N LYS L 91 -12.45 62.79 4.80
CA LYS L 91 -11.71 62.51 6.01
C LYS L 91 -11.09 61.11 6.00
N SER L 92 -10.68 60.58 4.84
CA SER L 92 -10.46 59.16 4.60
C SER L 92 -9.40 58.40 5.42
N GLY L 93 -9.32 58.65 6.73
CA GLY L 93 -8.39 57.94 7.58
C GLY L 93 -8.83 56.51 7.87
N THR L 94 -8.02 55.83 8.67
CA THR L 94 -8.41 54.53 9.22
C THR L 94 -7.95 54.55 10.69
N ASN L 95 -8.81 55.07 11.56
CA ASN L 95 -8.52 55.26 12.98
C ASN L 95 -9.45 54.32 13.74
N THR L 96 -9.08 53.04 13.80
CA THR L 96 -9.90 52.03 14.45
C THR L 96 -9.90 52.19 15.97
N LYS L 97 -8.83 52.78 16.52
CA LYS L 97 -8.68 52.93 17.97
C LYS L 97 -9.72 53.89 18.55
N LYS L 98 -10.04 54.97 17.83
CA LYS L 98 -11.03 55.92 18.31
C LYS L 98 -12.45 55.36 18.20
N ALA L 99 -12.72 54.52 17.19
CA ALA L 99 -14.04 53.91 17.04
C ALA L 99 -14.31 52.89 18.15
N LEU L 100 -13.29 52.14 18.56
CA LEU L 100 -13.43 51.22 19.69
C LEU L 100 -13.64 51.96 21.00
N GLN L 101 -12.98 53.11 21.16
CA GLN L 101 -13.19 53.96 22.34
C GLN L 101 -14.59 54.57 22.34
N ALA L 102 -15.17 54.80 21.16
CA ALA L 102 -16.55 55.25 21.07
C ALA L 102 -17.52 54.14 21.48
N VAL L 103 -17.21 52.89 21.10
CA VAL L 103 -17.98 51.75 21.57
C VAL L 103 -17.74 51.53 23.07
N TYR L 104 -16.50 51.78 23.53
CA TYR L 104 -16.17 51.76 24.96
C TYR L 104 -16.94 52.80 25.74
N SER L 105 -17.20 53.98 25.14
CA SER L 105 -18.00 55.00 25.80
C SER L 105 -19.48 54.62 25.86
N MET L 106 -19.95 53.83 24.89
CA MET L 106 -21.34 53.37 24.88
C MET L 106 -21.62 52.41 26.03
N MET L 107 -20.74 51.42 26.21
CA MET L 107 -20.89 50.48 27.31
C MET L 107 -20.53 51.09 28.66
N SER L 108 -19.79 52.20 28.67
CA SER L 108 -19.40 52.84 29.92
C SER L 108 -20.60 53.53 30.56
N TRP L 109 -20.84 53.20 31.81
CA TRP L 109 -21.85 53.83 32.64
C TRP L 109 -21.32 55.17 33.17
N PRO L 110 -22.21 56.09 33.55
CA PRO L 110 -21.74 57.27 34.28
C PRO L 110 -21.35 56.93 35.70
N ASP L 111 -20.36 57.66 36.21
CA ASP L 111 -19.77 57.60 37.56
C ASP L 111 -19.21 56.19 37.80
N ASP L 112 -19.42 55.61 38.98
CA ASP L 112 -18.87 54.31 39.34
C ASP L 112 -19.95 53.26 39.50
N VAL L 113 -21.19 53.55 39.14
CA VAL L 113 -22.30 52.63 39.37
C VAL L 113 -22.90 52.19 38.04
N PRO L 114 -22.77 50.91 37.69
CA PRO L 114 -23.44 50.40 36.49
C PRO L 114 -24.92 50.22 36.73
N PRO L 115 -25.77 50.40 35.71
CA PRO L 115 -27.18 50.02 35.85
C PRO L 115 -27.34 48.52 35.98
N GLU L 116 -28.39 48.12 36.69
CA GLU L 116 -28.65 46.71 36.97
C GLU L 116 -29.03 45.98 35.69
N GLY L 117 -28.58 44.73 35.57
CA GLY L 117 -28.63 44.01 34.33
C GLY L 117 -27.38 44.12 33.50
N TRP L 118 -26.28 44.61 34.09
CA TRP L 118 -25.01 44.69 33.38
C TRP L 118 -24.43 43.30 33.12
N ASN L 119 -24.54 42.40 34.10
CA ASN L 119 -24.15 41.03 33.91
C ASN L 119 -25.20 40.23 33.16
N ARG L 120 -26.45 40.74 33.13
CA ARG L 120 -27.48 40.12 32.32
C ARG L 120 -27.27 40.40 30.82
N THR L 121 -26.73 41.58 30.50
CA THR L 121 -26.71 42.04 29.11
C THR L 121 -25.60 41.36 28.31
N ARG L 122 -25.95 40.87 27.13
CA ARG L 122 -25.00 40.34 26.16
C ARG L 122 -24.51 41.47 25.27
N HIS L 123 -23.26 41.39 24.85
CA HIS L 123 -22.67 42.39 23.97
C HIS L 123 -22.08 41.73 22.72
N VAL L 124 -22.36 42.31 21.56
CA VAL L 124 -21.93 41.81 20.26
C VAL L 124 -21.30 42.96 19.50
N ILE L 125 -20.08 42.76 18.99
CA ILE L 125 -19.35 43.77 18.23
C ILE L 125 -19.05 43.21 16.85
N ILE L 126 -19.37 43.98 15.81
CA ILE L 126 -19.18 43.58 14.42
C ILE L 126 -18.36 44.66 13.72
N LEU L 127 -17.22 44.27 13.16
CA LEU L 127 -16.30 45.18 12.48
C LEU L 127 -16.13 44.77 11.03
N MET L 128 -16.17 45.74 10.11
CA MET L 128 -15.83 45.53 8.71
C MET L 128 -14.73 46.52 8.35
N THR L 129 -13.57 46.01 7.98
CA THR L 129 -12.43 46.85 7.63
C THR L 129 -11.50 46.10 6.69
N ASP L 130 -10.52 46.83 6.15
CA ASP L 130 -9.50 46.24 5.29
C ASP L 130 -8.33 45.64 6.06
N GLY L 131 -8.28 45.85 7.38
CA GLY L 131 -7.15 45.39 8.15
C GLY L 131 -5.92 46.27 8.04
N LEU L 132 -6.08 47.52 7.65
CA LEU L 132 -4.96 48.44 7.46
C LEU L 132 -5.25 49.75 8.21
N HIS L 133 -5.26 49.67 9.54
CA HIS L 133 -5.43 50.88 10.34
C HIS L 133 -4.13 51.70 10.32
N ASN L 134 -4.26 53.00 10.06
CA ASN L 134 -3.10 53.85 9.91
C ASN L 134 -3.09 55.07 10.81
N MET L 135 -4.23 55.43 11.40
CA MET L 135 -4.32 56.59 12.29
C MET L 135 -4.58 56.12 13.72
N GLY L 136 -4.12 56.93 14.68
CA GLY L 136 -4.32 56.62 16.08
C GLY L 136 -3.43 55.49 16.57
N GLY L 137 -3.58 55.19 17.85
CA GLY L 137 -2.78 54.16 18.48
C GLY L 137 -3.15 52.74 18.13
N ASP L 138 -2.69 51.80 18.93
CA ASP L 138 -3.01 50.40 18.71
C ASP L 138 -4.47 50.14 19.07
N PRO L 139 -5.23 49.45 18.22
CA PRO L 139 -6.63 49.16 18.55
C PRO L 139 -6.81 48.07 19.58
N ILE L 140 -5.79 47.23 19.80
CA ILE L 140 -5.91 46.08 20.68
C ILE L 140 -6.06 46.50 22.14
N THR L 141 -5.47 47.62 22.54
CA THR L 141 -5.51 48.04 23.94
C THR L 141 -6.89 48.55 24.38
N VAL L 142 -7.74 48.98 23.44
CA VAL L 142 -9.11 49.36 23.82
C VAL L 142 -9.94 48.11 24.08
N ILE L 143 -9.62 47.01 23.39
CA ILE L 143 -10.29 45.73 23.60
C ILE L 143 -9.95 45.16 24.98
N ASP L 144 -8.68 45.32 25.40
CA ASP L 144 -8.26 44.94 26.76
C ASP L 144 -8.97 45.77 27.82
N GLU L 145 -9.26 47.05 27.53
CA GLU L 145 -10.10 47.83 28.42
C GLU L 145 -11.54 47.35 28.40
N ILE L 146 -12.05 46.95 27.22
CA ILE L 146 -13.39 46.39 27.09
C ILE L 146 -13.48 45.05 27.83
N ARG L 147 -12.43 44.22 27.71
CA ARG L 147 -12.31 43.00 28.50
C ARG L 147 -12.26 43.29 30.00
N ASP L 148 -11.54 44.35 30.40
CA ASP L 148 -11.44 44.70 31.81
C ASP L 148 -12.73 45.33 32.33
N LEU L 149 -13.43 46.09 31.48
CA LEU L 149 -14.67 46.75 31.89
C LEU L 149 -15.78 45.75 32.13
N LEU L 150 -15.91 44.76 31.25
CA LEU L 150 -16.99 43.78 31.33
C LEU L 150 -16.66 42.58 32.20
N TYR L 151 -15.46 42.55 32.80
CA TYR L 151 -14.99 41.51 33.75
C TYR L 151 -14.99 40.13 33.09
N ILE L 152 -14.42 40.06 31.89
CA ILE L 152 -14.43 38.85 31.08
C ILE L 152 -13.01 38.31 30.97
N GLY L 153 -12.84 37.04 31.34
CA GLY L 153 -11.52 36.42 31.36
C GLY L 153 -10.60 36.90 32.47
N LYS L 154 -11.11 37.65 33.43
CA LYS L 154 -10.33 38.19 34.54
C LYS L 154 -10.59 37.46 35.84
N ASP L 155 -11.44 36.43 35.83
CA ASP L 155 -11.75 35.66 37.03
C ASP L 155 -11.88 34.19 36.65
N ARG L 156 -11.28 33.31 37.43
CA ARG L 156 -11.38 31.88 37.18
C ARG L 156 -12.75 31.34 37.59
N LYS L 157 -13.33 31.89 38.67
CA LYS L 157 -14.59 31.40 39.21
C LYS L 157 -15.76 31.72 38.29
N ASN L 158 -15.74 32.90 37.65
CA ASN L 158 -16.82 33.33 36.76
C ASN L 158 -16.15 33.97 35.55
N PRO L 159 -15.83 33.17 34.53
CA PRO L 159 -15.01 33.69 33.41
C PRO L 159 -15.74 34.65 32.50
N ARG L 160 -17.06 34.47 32.33
CA ARG L 160 -17.98 35.37 31.60
C ARG L 160 -17.61 35.53 30.13
N GLU L 161 -17.04 34.50 29.52
CA GLU L 161 -16.63 34.57 28.12
C GLU L 161 -17.82 34.47 27.15
N ASP L 162 -18.98 34.03 27.62
CA ASP L 162 -20.15 33.87 26.77
C ASP L 162 -20.94 35.16 26.57
N TYR L 163 -20.47 36.28 27.09
CA TYR L 163 -21.21 37.54 27.02
C TYR L 163 -20.63 38.51 25.99
N LEU L 164 -19.55 38.15 25.32
CA LEU L 164 -18.94 39.03 24.33
C LEU L 164 -18.41 38.19 23.17
N ASP L 165 -18.81 38.56 21.95
CA ASP L 165 -18.34 37.93 20.74
C ASP L 165 -17.99 39.01 19.73
N VAL L 166 -16.82 38.88 19.10
CA VAL L 166 -16.29 39.90 18.20
C VAL L 166 -16.06 39.25 16.84
N TYR L 167 -16.74 39.76 15.82
CA TYR L 167 -16.59 39.27 14.46
C TYR L 167 -16.01 40.38 13.59
N VAL L 168 -15.08 40.00 12.70
CA VAL L 168 -14.41 40.93 11.79
C VAL L 168 -14.62 40.42 10.36
N PHE L 169 -15.02 41.33 9.47
CA PHE L 169 -15.30 41.03 8.07
C PHE L 169 -14.22 41.68 7.21
N GLY L 170 -13.57 40.88 6.36
CA GLY L 170 -12.62 41.41 5.41
C GLY L 170 -13.25 41.92 4.14
N VAL L 171 -13.46 43.23 4.06
CA VAL L 171 -14.08 43.85 2.90
C VAL L 171 -13.01 44.61 2.12
N GLY L 172 -13.40 45.13 0.96
CA GLY L 172 -12.49 45.81 0.08
C GLY L 172 -11.77 44.85 -0.85
N PRO L 173 -11.16 45.38 -1.92
CA PRO L 173 -10.39 44.50 -2.82
C PRO L 173 -9.13 43.97 -2.19
N LEU L 174 -8.36 44.81 -1.50
CA LEU L 174 -7.14 44.40 -0.84
C LEU L 174 -7.38 44.35 0.65
N VAL L 175 -6.86 43.31 1.30
CA VAL L 175 -7.19 43.01 2.68
C VAL L 175 -5.93 42.46 3.36
N ASN L 176 -5.76 42.82 4.63
CA ASN L 176 -4.66 42.32 5.46
C ASN L 176 -5.26 41.41 6.52
N GLN L 177 -4.91 40.13 6.45
CA GLN L 177 -5.48 39.15 7.38
C GLN L 177 -4.81 39.22 8.75
N VAL L 178 -3.53 39.62 8.80
CA VAL L 178 -2.72 39.55 10.02
C VAL L 178 -3.26 40.48 11.09
N ASN L 179 -3.60 41.71 10.71
CA ASN L 179 -4.24 42.64 11.63
C ASN L 179 -5.66 42.18 11.98
N ILE L 180 -6.38 41.64 11.01
CA ILE L 180 -7.77 41.21 11.21
C ILE L 180 -7.85 40.01 12.14
N ASN L 181 -6.89 39.07 12.01
CA ASN L 181 -6.86 37.88 12.88
C ASN L 181 -6.54 38.25 14.33
N ALA L 182 -5.68 39.24 14.55
CA ALA L 182 -5.40 39.71 15.90
C ALA L 182 -6.58 40.45 16.50
N LEU L 183 -7.34 41.18 15.68
CA LEU L 183 -8.47 41.96 16.17
C LEU L 183 -9.63 41.05 16.60
N ALA L 184 -9.92 40.02 15.83
CA ALA L 184 -11.08 39.17 16.06
C ALA L 184 -10.93 38.33 17.33
N SER L 185 -12.07 38.04 17.95
CA SER L 185 -12.08 37.15 19.10
C SER L 185 -11.78 35.73 18.65
N LYS L 186 -11.11 34.97 19.53
CA LYS L 186 -10.62 33.65 19.21
C LYS L 186 -11.25 32.66 20.18
N LYS L 187 -12.14 31.81 19.65
CA LYS L 187 -12.83 30.81 20.45
C LYS L 187 -12.82 29.47 19.72
N ASP L 188 -12.83 28.39 20.50
CA ASP L 188 -12.80 27.04 19.95
C ASP L 188 -14.09 26.70 19.23
N ASN L 189 -13.96 26.27 17.97
CA ASN L 189 -15.05 25.79 17.11
C ASN L 189 -16.12 26.86 16.90
N GLU L 190 -15.66 28.10 16.67
CA GLU L 190 -16.53 29.24 16.41
C GLU L 190 -15.84 30.10 15.35
N GLN L 191 -16.53 30.38 14.25
CA GLN L 191 -15.94 31.15 13.15
C GLN L 191 -16.12 32.64 13.42
N HIS L 192 -15.02 33.39 13.45
CA HIS L 192 -15.05 34.83 13.69
C HIS L 192 -14.36 35.65 12.62
N VAL L 193 -13.71 35.03 11.63
CA VAL L 193 -12.98 35.74 10.59
C VAL L 193 -13.63 35.42 9.26
N PHE L 194 -13.91 36.46 8.46
CA PHE L 194 -14.51 36.29 7.15
C PHE L 194 -13.71 37.08 6.12
N LYS L 195 -13.54 36.49 4.94
CA LYS L 195 -12.70 37.04 3.89
C LYS L 195 -13.56 37.76 2.85
N VAL L 196 -12.96 38.10 1.71
CA VAL L 196 -13.67 38.84 0.66
C VAL L 196 -14.66 37.92 -0.06
N LYS L 197 -14.30 36.65 -0.25
CA LYS L 197 -15.21 35.71 -0.90
C LYS L 197 -16.34 35.27 0.02
N ASP L 198 -16.19 35.47 1.34
CA ASP L 198 -17.25 35.16 2.29
C ASP L 198 -18.46 36.08 2.18
N MET L 199 -18.34 37.24 1.52
CA MET L 199 -19.45 38.17 1.37
C MET L 199 -20.59 37.62 0.51
N GLU L 200 -20.32 36.63 -0.33
CA GLU L 200 -21.35 35.92 -1.05
C GLU L 200 -21.80 34.72 -0.22
N ASN L 201 -23.06 34.29 -0.47
CA ASN L 201 -23.77 33.23 0.26
C ASN L 201 -23.86 33.57 1.75
N LEU L 202 -24.75 34.54 2.02
CA LEU L 202 -24.87 35.15 3.34
C LEU L 202 -25.46 34.18 4.37
N GLU L 203 -26.38 33.31 3.93
CA GLU L 203 -27.03 32.35 4.82
C GLU L 203 -26.06 31.35 5.43
N ASP L 204 -24.97 31.03 4.72
CA ASP L 204 -23.94 30.16 5.28
C ASP L 204 -23.10 30.88 6.33
N VAL L 205 -22.87 32.18 6.14
CA VAL L 205 -22.11 32.98 7.10
C VAL L 205 -22.88 33.10 8.41
N PHE L 206 -24.19 33.34 8.31
CA PHE L 206 -25.03 33.48 9.50
C PHE L 206 -25.20 32.15 10.23
N TYR L 207 -25.13 31.03 9.50
CA TYR L 207 -25.33 29.70 10.07
C TYR L 207 -24.19 29.31 11.01
N GLN L 208 -22.99 29.85 10.79
CA GLN L 208 -21.86 29.50 11.64
C GLN L 208 -21.89 30.26 12.96
N MET L 209 -22.33 31.50 12.95
CA MET L 209 -22.28 32.31 14.15
C MET L 209 -23.50 32.11 15.04
N ILE L 210 -24.66 31.82 14.47
CA ILE L 210 -25.91 31.75 15.25
C ILE L 210 -25.96 30.45 16.04
N ASP L 211 -26.27 30.55 17.33
CA ASP L 211 -26.57 29.41 18.18
C ASP L 211 -28.04 29.49 18.57
N GLU L 212 -28.82 28.51 18.14
CA GLU L 212 -30.26 28.47 18.38
C GLU L 212 -30.61 27.68 19.62
N SER L 213 -29.87 27.88 20.71
CA SER L 213 -30.05 27.10 21.93
C SER L 213 -31.40 27.37 22.59
N GLN L 214 -31.78 28.64 22.70
CA GLN L 214 -33.04 29.01 23.31
C GLN L 214 -34.13 29.28 22.28
N SER L 215 -33.88 28.98 21.00
CA SER L 215 -34.82 29.27 19.92
C SER L 215 -35.03 28.03 19.04
N LEU L 216 -35.16 26.86 19.66
CA LEU L 216 -35.30 25.62 18.91
C LEU L 216 -36.69 25.46 18.32
N SER L 217 -37.73 25.81 19.08
CA SER L 217 -39.11 25.46 18.76
C SER L 217 -39.85 26.52 17.95
N LEU L 218 -39.13 27.49 17.38
CA LEU L 218 -39.78 28.55 16.60
C LEU L 218 -40.31 28.00 15.28
N CYS L 219 -41.56 28.31 14.98
CA CYS L 219 -42.20 27.81 13.76
C CYS L 219 -41.79 28.63 12.56
N GLY L 220 -41.78 27.98 11.39
CA GLY L 220 -41.60 28.62 10.11
C GLY L 220 -40.27 29.32 9.92
N MET L 221 -39.18 28.70 10.37
CA MET L 221 -37.85 29.28 10.24
C MET L 221 -36.95 28.30 9.51
N VAL L 222 -36.30 28.78 8.46
CA VAL L 222 -35.63 27.96 7.46
C VAL L 222 -34.15 28.29 7.47
N TRP L 223 -33.32 27.26 7.34
CA TRP L 223 -31.90 27.44 7.06
C TRP L 223 -31.68 27.28 5.56
N GLU L 224 -31.35 28.39 4.89
CA GLU L 224 -31.20 28.45 3.45
C GLU L 224 -29.73 28.39 3.02
N HIS L 225 -28.85 27.90 3.89
CA HIS L 225 -27.44 27.81 3.54
C HIS L 225 -27.23 26.72 2.47
N ARG L 226 -26.21 26.93 1.62
CA ARG L 226 -26.02 26.14 0.40
C ARG L 226 -25.73 24.67 0.70
N LYS L 227 -25.03 24.40 1.81
CA LYS L 227 -24.86 23.03 2.27
C LYS L 227 -26.12 22.42 2.86
N GLY L 228 -27.17 23.21 3.09
CA GLY L 228 -28.40 22.67 3.63
C GLY L 228 -29.11 21.74 2.66
N THR L 229 -29.71 20.70 3.22
CA THR L 229 -30.41 19.68 2.44
C THR L 229 -31.84 20.13 2.20
N ASP L 230 -32.69 19.21 1.74
CA ASP L 230 -34.12 19.50 1.53
C ASP L 230 -34.82 19.82 2.85
N TYR L 231 -34.38 19.22 3.94
CA TYR L 231 -35.00 19.39 5.24
C TYR L 231 -34.41 20.54 6.03
N HIS L 232 -33.22 21.02 5.66
CA HIS L 232 -32.82 22.35 6.09
C HIS L 232 -33.67 23.41 5.39
N LYS L 233 -34.02 23.16 4.11
CA LYS L 233 -34.88 24.05 3.35
C LYS L 233 -36.34 23.94 3.77
N GLN L 234 -36.77 22.76 4.20
CA GLN L 234 -38.14 22.56 4.69
C GLN L 234 -38.11 21.68 5.93
N PRO L 235 -37.99 22.29 7.12
CA PRO L 235 -38.00 21.48 8.35
C PRO L 235 -39.35 20.83 8.67
N TRP L 236 -40.45 21.41 8.19
CA TRP L 236 -41.77 20.86 8.48
C TRP L 236 -42.17 19.73 7.56
N GLN L 237 -41.46 19.55 6.44
CA GLN L 237 -41.90 18.64 5.39
C GLN L 237 -41.81 17.19 5.84
N ALA L 238 -42.94 16.51 5.81
CA ALA L 238 -43.05 15.11 6.24
C ALA L 238 -43.53 14.27 5.08
N LYS L 239 -42.85 13.15 4.86
CA LYS L 239 -43.20 12.21 3.79
C LYS L 239 -43.99 11.07 4.40
N ILE L 240 -45.20 10.84 3.87
CA ILE L 240 -46.13 9.85 4.43
C ILE L 240 -46.37 8.78 3.37
N SER L 241 -46.07 7.53 3.72
CA SER L 241 -46.28 6.40 2.83
C SER L 241 -47.28 5.43 3.43
N VAL L 242 -48.30 5.07 2.66
CA VAL L 242 -49.30 4.09 3.06
C VAL L 242 -49.08 2.84 2.21
N ILE L 243 -48.61 1.77 2.83
CA ILE L 243 -48.41 0.48 2.17
C ILE L 243 -49.31 -0.53 2.86
N ARG L 244 -50.31 -1.01 2.13
CA ARG L 244 -51.32 -1.94 2.64
C ARG L 244 -51.60 -2.93 1.52
N PRO L 245 -51.82 -4.21 1.86
CA PRO L 245 -52.20 -5.19 0.82
C PRO L 245 -53.50 -4.85 0.12
N SER L 246 -53.57 -5.26 -1.17
CA SER L 246 -54.57 -4.97 -2.20
C SER L 246 -54.58 -3.50 -2.65
N LYS L 247 -54.62 -2.56 -1.70
CA LYS L 247 -54.50 -1.14 -2.01
C LYS L 247 -53.13 -0.82 -2.62
N GLY L 248 -52.07 -1.44 -2.09
CA GLY L 248 -50.73 -1.18 -2.58
C GLY L 248 -50.12 0.05 -1.95
N HIS L 249 -48.92 0.38 -2.42
CA HIS L 249 -48.19 1.53 -1.91
C HIS L 249 -48.77 2.83 -2.45
N GLU L 250 -48.89 3.82 -1.57
CA GLU L 250 -49.32 5.15 -1.96
C GLU L 250 -48.61 6.14 -1.05
N SER L 251 -48.19 7.27 -1.62
CA SER L 251 -47.38 8.25 -0.91
C SER L 251 -48.07 9.61 -0.92
N CYS L 252 -48.05 10.29 0.22
CA CYS L 252 -48.59 11.63 0.36
C CYS L 252 -47.64 12.46 1.23
N MET L 253 -47.92 13.76 1.29
CA MET L 253 -47.05 14.69 2.01
C MET L 253 -47.75 15.19 3.27
N GLY L 254 -46.96 15.76 4.18
CA GLY L 254 -47.49 16.32 5.40
C GLY L 254 -46.64 17.48 5.88
N ALA L 255 -47.14 18.13 6.93
CA ALA L 255 -46.47 19.28 7.53
C ALA L 255 -46.52 19.16 9.04
N VAL L 256 -45.36 19.33 9.69
CA VAL L 256 -45.28 19.27 11.14
C VAL L 256 -45.97 20.48 11.75
N VAL L 257 -46.84 20.25 12.72
CA VAL L 257 -47.50 21.32 13.45
C VAL L 257 -47.21 21.29 14.94
N SER L 258 -46.81 20.15 15.51
CA SER L 258 -46.55 20.06 16.94
C SER L 258 -45.55 18.92 17.18
N GLU L 259 -45.26 18.69 18.46
CA GLU L 259 -44.35 17.61 18.85
C GLU L 259 -44.95 16.24 18.57
N TYR L 260 -46.28 16.11 18.68
CA TYR L 260 -46.96 14.85 18.43
C TYR L 260 -47.80 14.86 17.17
N PHE L 261 -47.95 15.99 16.48
CA PHE L 261 -48.97 16.11 15.45
C PHE L 261 -48.42 16.59 14.10
N VAL L 262 -48.96 16.00 13.02
CA VAL L 262 -48.66 16.37 11.64
C VAL L 262 -50.00 16.55 10.91
N LEU L 263 -50.11 17.62 10.13
CA LEU L 263 -51.32 17.92 9.36
C LEU L 263 -51.14 17.50 7.91
N THR L 264 -52.15 16.83 7.36
CA THR L 264 -52.15 16.37 5.96
C THR L 264 -53.60 16.19 5.52
N ALA L 265 -53.79 15.78 4.26
CA ALA L 265 -55.12 15.57 3.73
C ALA L 265 -55.70 14.25 4.22
N ALA L 266 -57.03 14.14 4.14
CA ALA L 266 -57.74 12.96 4.61
C ALA L 266 -57.99 11.92 3.53
N HIS L 267 -58.09 12.34 2.26
CA HIS L 267 -58.42 11.42 1.18
C HIS L 267 -57.26 10.47 0.85
N CYS L 268 -56.05 10.79 1.28
CA CYS L 268 -54.93 9.84 1.18
C CYS L 268 -55.18 8.60 2.02
N PHE L 269 -55.86 8.76 3.16
CA PHE L 269 -56.23 7.65 4.01
C PHE L 269 -57.72 7.32 3.82
N THR L 270 -58.17 6.32 4.57
CA THR L 270 -59.58 6.00 4.72
C THR L 270 -59.77 5.39 6.10
N VAL L 271 -61.02 5.07 6.43
CA VAL L 271 -61.32 4.43 7.72
C VAL L 271 -60.76 3.01 7.76
N ASP L 272 -60.64 2.34 6.62
CA ASP L 272 -60.14 0.97 6.58
C ASP L 272 -58.61 0.88 6.71
N ASP L 273 -57.88 1.95 6.38
CA ASP L 273 -56.43 1.98 6.52
C ASP L 273 -56.00 1.90 7.99
N LYS L 274 -55.08 0.98 8.28
CA LYS L 274 -54.63 0.73 9.64
C LYS L 274 -53.39 1.54 9.98
N GLU L 275 -53.18 1.74 11.29
CA GLU L 275 -52.09 2.58 11.78
C GLU L 275 -50.71 1.96 11.54
N HIS L 276 -50.62 0.63 11.54
CA HIS L 276 -49.34 -0.02 11.27
C HIS L 276 -48.94 0.06 9.81
N SER L 277 -49.89 0.31 8.92
CA SER L 277 -49.63 0.42 7.48
C SER L 277 -49.23 1.83 7.05
N ILE L 278 -49.13 2.78 7.98
CA ILE L 278 -48.79 4.16 7.68
C ILE L 278 -47.44 4.47 8.30
N LYS L 279 -46.50 4.94 7.47
CA LYS L 279 -45.15 5.29 7.89
C LYS L 279 -44.87 6.74 7.53
N VAL L 280 -44.30 7.49 8.48
CA VAL L 280 -43.98 8.91 8.29
C VAL L 280 -42.49 9.12 8.57
N SER L 281 -41.80 9.80 7.66
CA SER L 281 -40.41 10.18 7.83
C SER L 281 -40.28 11.68 7.61
N VAL L 282 -39.87 12.40 8.65
CA VAL L 282 -39.85 13.86 8.62
C VAL L 282 -38.47 14.38 8.26
N GLY L 283 -37.47 14.11 9.11
CA GLY L 283 -36.11 14.59 8.92
C GLY L 283 -35.32 13.95 7.80
N GLY L 284 -35.91 13.01 7.07
CA GLY L 284 -35.24 12.32 6.00
C GLY L 284 -34.61 11.00 6.39
N GLU L 285 -34.72 10.61 7.65
CA GLU L 285 -34.20 9.32 8.10
C GLU L 285 -35.02 8.18 7.50
N LYS L 286 -34.34 7.05 7.28
CA LYS L 286 -35.00 5.83 6.85
C LYS L 286 -35.78 5.18 7.98
N ARG L 287 -35.55 5.58 9.23
CA ARG L 287 -36.31 5.11 10.37
C ARG L 287 -37.66 5.82 10.36
N ASP L 288 -38.70 5.11 9.94
CA ASP L 288 -40.02 5.68 9.86
C ASP L 288 -40.66 5.73 11.25
N LEU L 289 -41.34 6.83 11.54
CA LEU L 289 -41.98 7.01 12.83
C LEU L 289 -43.28 6.22 12.92
N GLU L 290 -43.50 5.60 14.08
CA GLU L 290 -44.76 4.91 14.33
C GLU L 290 -45.79 5.91 14.83
N ILE L 291 -47.04 5.68 14.46
CA ILE L 291 -48.13 6.60 14.77
C ILE L 291 -49.06 5.95 15.78
N GLU L 292 -49.85 6.78 16.46
CA GLU L 292 -50.80 6.31 17.45
C GLU L 292 -52.22 6.27 16.91
N VAL L 293 -52.70 7.37 16.32
CA VAL L 293 -54.07 7.47 15.83
C VAL L 293 -54.10 8.54 14.75
N VAL L 294 -55.07 8.44 13.84
CA VAL L 294 -55.29 9.43 12.79
C VAL L 294 -56.67 10.04 13.01
N LEU L 295 -56.70 11.36 13.20
CA LEU L 295 -57.94 12.07 13.57
C LEU L 295 -58.54 12.69 12.32
N PHE L 296 -59.58 12.04 11.79
CA PHE L 296 -60.34 12.59 10.68
C PHE L 296 -61.23 13.71 11.16
N HIS L 297 -61.45 14.69 10.28
CA HIS L 297 -62.41 15.75 10.57
C HIS L 297 -63.82 15.17 10.61
N PRO L 298 -64.67 15.61 11.55
CA PRO L 298 -66.00 14.99 11.71
C PRO L 298 -66.94 15.21 10.53
N ASN L 299 -66.81 16.31 9.78
CA ASN L 299 -67.68 16.59 8.65
C ASN L 299 -67.14 16.07 7.32
N TYR L 300 -66.05 15.30 7.34
CA TYR L 300 -65.52 14.73 6.12
C TYR L 300 -66.32 13.51 5.68
N ASN L 301 -66.61 13.44 4.38
CA ASN L 301 -67.35 12.32 3.80
C ASN L 301 -67.06 12.33 2.30
N ILE L 302 -66.33 11.32 1.83
CA ILE L 302 -66.03 11.22 0.41
C ILE L 302 -67.26 10.76 -0.37
N ASN L 303 -68.18 10.04 0.28
CA ASN L 303 -69.39 9.54 -0.35
C ASN L 303 -70.62 10.29 0.15
N GLY L 304 -70.49 11.61 0.33
CA GLY L 304 -71.60 12.41 0.82
C GLY L 304 -72.72 12.55 -0.20
N LYS L 305 -72.37 12.83 -1.45
CA LYS L 305 -73.33 12.96 -2.54
C LYS L 305 -73.14 11.85 -3.58
N LYS L 306 -72.77 10.65 -3.11
CA LYS L 306 -72.57 9.52 -4.01
C LYS L 306 -73.89 9.00 -4.55
N GLU L 307 -74.93 8.97 -3.72
CA GLU L 307 -76.26 8.56 -4.18
C GLU L 307 -76.87 9.58 -5.13
N ALA L 308 -76.48 10.85 -5.03
CA ALA L 308 -76.98 11.87 -5.94
C ALA L 308 -76.34 11.77 -7.32
N GLY L 309 -75.07 11.38 -7.40
CA GLY L 309 -74.41 11.24 -8.68
C GLY L 309 -73.02 11.85 -8.74
N ILE L 310 -72.47 12.21 -7.60
CA ILE L 310 -71.12 12.77 -7.50
C ILE L 310 -70.19 11.66 -7.02
N PRO L 311 -69.15 11.28 -7.79
CA PRO L 311 -68.33 10.10 -7.44
C PRO L 311 -67.49 10.26 -6.19
N GLU L 312 -66.74 11.36 -6.08
CA GLU L 312 -65.90 11.64 -4.93
C GLU L 312 -66.14 13.07 -4.47
N PHE L 313 -66.19 13.26 -3.15
CA PHE L 313 -66.55 14.55 -2.55
C PHE L 313 -65.43 14.96 -1.60
N TYR L 314 -64.76 16.06 -1.92
CA TYR L 314 -63.51 16.41 -1.25
C TYR L 314 -63.67 17.54 -0.24
N ASP L 315 -64.87 17.74 0.30
CA ASP L 315 -65.05 18.76 1.33
C ASP L 315 -64.48 18.29 2.65
N TYR L 316 -63.82 19.22 3.36
CA TYR L 316 -63.16 19.02 4.65
C TYR L 316 -62.10 17.91 4.58
N ASP L 317 -61.14 18.12 3.69
CA ASP L 317 -60.12 17.12 3.40
C ASP L 317 -58.85 17.41 4.20
N VAL L 318 -58.99 17.31 5.53
CA VAL L 318 -57.90 17.54 6.47
C VAL L 318 -57.94 16.47 7.56
N ALA L 319 -56.77 16.19 8.13
CA ALA L 319 -56.65 15.20 9.20
C ALA L 319 -55.39 15.46 10.01
N LEU L 320 -55.44 15.08 11.28
CA LEU L 320 -54.31 15.18 12.20
C LEU L 320 -53.86 13.79 12.62
N ILE L 321 -52.57 13.52 12.50
CA ILE L 321 -51.99 12.24 12.90
C ILE L 321 -51.23 12.42 14.21
N LYS L 322 -51.42 11.48 15.14
CA LYS L 322 -50.71 11.50 16.41
C LYS L 322 -49.59 10.46 16.38
N LEU L 323 -48.38 10.90 16.69
CA LEU L 323 -47.22 10.02 16.75
C LEU L 323 -47.24 9.16 18.01
N LYS L 324 -46.54 8.02 17.93
CA LYS L 324 -46.34 7.20 19.13
C LYS L 324 -45.36 7.86 20.09
N ASN L 325 -44.29 8.44 19.57
CA ASN L 325 -43.31 9.17 20.36
C ASN L 325 -43.13 10.56 19.77
N LYS L 326 -42.95 11.54 20.65
CA LYS L 326 -42.90 12.94 20.22
C LYS L 326 -41.57 13.25 19.54
N LEU L 327 -41.60 14.26 18.66
CA LEU L 327 -40.40 14.70 18.00
C LEU L 327 -39.57 15.62 18.89
N LYS L 328 -38.29 15.69 18.57
CA LYS L 328 -37.37 16.63 19.19
C LYS L 328 -36.91 17.57 18.10
N TYR L 329 -37.23 18.86 18.26
CA TYR L 329 -36.99 19.85 17.21
C TYR L 329 -35.50 20.10 17.00
N GLY L 330 -35.15 20.39 15.77
CA GLY L 330 -33.77 20.59 15.40
C GLY L 330 -33.66 21.46 14.17
N GLN L 331 -32.49 21.40 13.54
CA GLN L 331 -32.21 22.21 12.36
C GLN L 331 -32.95 21.72 11.13
N THR L 332 -33.36 20.45 11.13
CA THR L 332 -34.13 19.86 10.03
C THR L 332 -35.55 19.49 10.42
N ILE L 333 -35.96 19.76 11.67
CA ILE L 333 -37.28 19.39 12.19
C ILE L 333 -37.81 20.59 12.98
N ARG L 334 -38.82 21.27 12.46
CA ARG L 334 -39.47 22.40 13.09
C ARG L 334 -40.91 22.47 12.58
N PRO L 335 -41.86 22.91 13.41
CA PRO L 335 -43.25 23.00 12.93
C PRO L 335 -43.46 24.21 12.02
N ILE L 336 -44.59 24.20 11.33
CA ILE L 336 -45.01 25.32 10.49
C ILE L 336 -46.09 26.09 11.24
N CYS L 337 -46.10 27.41 11.09
CA CYS L 337 -47.03 28.26 11.85
C CYS L 337 -48.45 28.12 11.32
N LEU L 338 -49.41 28.21 12.25
CA LEU L 338 -50.82 28.16 11.98
C LEU L 338 -51.45 29.53 12.23
N PRO L 339 -52.42 29.95 11.41
CA PRO L 339 -53.05 31.27 11.60
C PRO L 339 -53.87 31.35 12.88
N CYS L 340 -53.95 32.59 13.39
CA CYS L 340 -54.62 32.96 14.65
C CYS L 340 -54.04 32.20 15.85
N THR L 341 -52.70 32.23 15.92
CA THR L 341 -51.95 31.77 17.08
C THR L 341 -51.00 32.88 17.51
N GLU L 342 -50.53 32.79 18.76
CA GLU L 342 -49.55 33.75 19.28
C GLU L 342 -48.20 33.63 18.58
N GLY L 343 -47.87 32.43 18.08
CA GLY L 343 -46.66 32.27 17.29
C GLY L 343 -46.72 33.01 15.96
N THR L 344 -47.90 33.04 15.34
CA THR L 344 -48.11 33.76 14.10
C THR L 344 -48.00 35.27 14.30
N THR L 345 -48.43 35.75 15.46
CA THR L 345 -48.30 37.16 15.81
C THR L 345 -46.84 37.57 15.94
N ARG L 346 -46.04 36.75 16.62
CA ARG L 346 -44.61 37.02 16.74
C ARG L 346 -43.87 36.78 15.42
N ALA L 347 -44.39 35.91 14.55
CA ALA L 347 -43.77 35.71 13.23
C ALA L 347 -44.02 36.90 12.31
N LEU L 348 -45.25 37.42 12.31
CA LEU L 348 -45.60 38.59 11.50
C LEU L 348 -45.22 39.91 12.16
N ARG L 349 -44.64 39.86 13.38
CA ARG L 349 -44.14 41.03 14.14
C ARG L 349 -45.26 42.02 14.45
N LEU L 350 -46.39 41.48 14.83
CA LEU L 350 -47.61 42.20 15.18
C LEU L 350 -47.63 42.47 16.68
N PRO L 351 -48.41 43.47 17.14
CA PRO L 351 -48.65 43.61 18.57
C PRO L 351 -49.48 42.44 19.09
N PRO L 352 -49.37 42.11 20.38
CA PRO L 352 -50.08 40.92 20.90
C PRO L 352 -51.59 41.09 20.98
N THR L 353 -52.12 42.32 20.87
CA THR L 353 -53.54 42.56 20.84
C THR L 353 -54.14 42.45 19.44
N THR L 354 -53.36 41.99 18.46
CA THR L 354 -53.86 41.79 17.10
C THR L 354 -54.87 40.63 17.08
N THR L 355 -56.02 40.86 16.44
CA THR L 355 -57.11 39.91 16.44
C THR L 355 -56.92 38.86 15.34
N CYS L 356 -57.79 37.83 15.39
CA CYS L 356 -57.78 36.79 14.37
C CYS L 356 -58.25 37.31 13.01
N GLN L 357 -59.12 38.31 13.01
CA GLN L 357 -59.60 38.88 11.74
C GLN L 357 -58.53 39.74 11.07
N GLN L 358 -57.72 40.47 11.86
CA GLN L 358 -56.65 41.29 11.32
C GLN L 358 -55.57 40.44 10.66
N GLN L 359 -55.29 39.26 11.20
CA GLN L 359 -54.38 38.34 10.54
C GLN L 359 -55.00 37.74 9.30
N LYS L 360 -56.32 37.53 9.30
CA LYS L 360 -57.03 37.03 8.11
C LYS L 360 -56.99 38.06 6.99
N GLU L 361 -57.03 39.35 7.33
CA GLU L 361 -56.94 40.41 6.33
C GLU L 361 -55.56 40.45 5.67
N GLU L 362 -54.50 40.26 6.45
CA GLU L 362 -53.14 40.35 5.92
C GLU L 362 -52.76 39.12 5.09
N LEU L 363 -53.11 37.92 5.58
CA LEU L 363 -52.68 36.69 4.91
C LEU L 363 -53.43 36.44 3.61
N LEU L 364 -54.73 36.77 3.56
CA LEU L 364 -55.55 36.53 2.37
C LEU L 364 -56.20 37.82 1.88
N PRO L 365 -55.47 38.67 1.14
CA PRO L 365 -56.13 39.77 0.45
C PRO L 365 -56.80 39.29 -0.84
N ALA L 366 -57.80 40.05 -1.27
CA ALA L 366 -58.59 39.72 -2.46
C ALA L 366 -57.82 40.10 -3.73
N GLN L 367 -56.77 39.32 -4.00
CA GLN L 367 -55.85 39.57 -5.10
C GLN L 367 -55.15 38.26 -5.42
N ASP L 368 -54.24 38.30 -6.40
CA ASP L 368 -53.35 37.18 -6.63
C ASP L 368 -52.27 37.18 -5.55
N ILE L 369 -52.20 36.11 -4.76
CA ILE L 369 -51.31 36.02 -3.61
C ILE L 369 -50.20 35.03 -3.94
N LYS L 370 -48.95 35.44 -3.70
CA LYS L 370 -47.81 34.55 -3.90
C LYS L 370 -47.82 33.41 -2.89
N ALA L 371 -47.53 32.22 -3.38
CA ALA L 371 -47.56 31.01 -2.56
C ALA L 371 -46.60 29.99 -3.15
N LEU L 372 -46.43 28.87 -2.45
CA LEU L 372 -45.56 27.80 -2.94
C LEU L 372 -45.94 26.47 -2.29
N PHE L 373 -45.62 25.39 -3.00
CA PHE L 373 -45.76 24.04 -2.48
C PHE L 373 -44.50 23.24 -2.82
N VAL L 374 -44.43 22.01 -2.30
CA VAL L 374 -43.27 21.14 -2.44
C VAL L 374 -43.64 19.96 -3.32
N SER L 375 -42.71 19.56 -4.19
CA SER L 375 -42.90 18.42 -5.08
C SER L 375 -41.62 17.59 -5.15
N GLU L 376 -41.77 16.34 -5.55
CA GLU L 376 -40.66 15.41 -5.69
C GLU L 376 -40.25 15.27 -7.15
N GLU L 377 -38.94 15.32 -7.41
CA GLU L 377 -38.38 15.04 -8.73
C GLU L 377 -37.13 14.19 -8.55
N GLU L 378 -37.23 12.90 -8.93
CA GLU L 378 -36.19 11.87 -8.79
C GLU L 378 -35.71 11.75 -7.34
N LYS L 379 -36.68 11.50 -6.45
CA LYS L 379 -36.53 11.27 -5.01
C LYS L 379 -35.95 12.47 -4.26
N LYS L 380 -35.96 13.67 -4.86
CA LYS L 380 -35.43 14.87 -4.24
C LYS L 380 -36.54 15.91 -4.14
N LEU L 381 -36.68 16.52 -2.96
CA LEU L 381 -37.70 17.53 -2.74
C LEU L 381 -37.28 18.86 -3.36
N THR L 382 -38.24 19.53 -4.01
CA THR L 382 -38.00 20.84 -4.61
C THR L 382 -39.24 21.70 -4.45
N ARG L 383 -39.05 23.01 -4.60
CA ARG L 383 -40.10 24.00 -4.41
C ARG L 383 -40.75 24.37 -5.75
N LYS L 384 -42.05 24.62 -5.71
CA LYS L 384 -42.81 25.07 -6.86
C LYS L 384 -43.63 26.30 -6.46
N GLU L 385 -43.38 27.44 -7.11
CA GLU L 385 -44.07 28.69 -6.78
C GLU L 385 -45.36 28.81 -7.58
N VAL L 386 -46.46 29.12 -6.90
CA VAL L 386 -47.78 29.28 -7.51
C VAL L 386 -48.39 30.59 -7.04
N TYR L 387 -49.59 30.89 -7.54
CA TYR L 387 -50.35 32.07 -7.15
C TYR L 387 -51.74 31.64 -6.71
N ILE L 388 -52.20 32.18 -5.57
CA ILE L 388 -53.56 31.94 -5.08
C ILE L 388 -54.49 32.95 -5.73
N LYS L 389 -55.50 32.45 -6.46
CA LYS L 389 -56.41 33.30 -7.21
C LYS L 389 -57.57 33.70 -6.30
N ASN L 390 -57.34 34.75 -5.52
CA ASN L 390 -58.34 35.29 -4.60
C ASN L 390 -58.94 36.60 -5.11
N GLY L 391 -58.47 37.10 -6.25
CA GLY L 391 -58.97 38.37 -6.78
C GLY L 391 -60.22 38.26 -7.62
N ASP L 392 -60.29 39.05 -8.70
CA ASP L 392 -61.44 39.01 -9.59
C ASP L 392 -61.46 37.74 -10.42
N LYS L 393 -60.29 37.14 -10.67
CA LYS L 393 -60.18 35.88 -11.40
C LYS L 393 -60.46 34.65 -10.54
N LYS L 394 -60.96 34.83 -9.31
CA LYS L 394 -61.32 33.71 -8.46
C LYS L 394 -62.50 32.93 -9.05
N GLY L 395 -63.47 33.65 -9.62
CA GLY L 395 -64.59 32.98 -10.28
C GLY L 395 -64.17 32.23 -11.53
N SER L 396 -63.25 32.79 -12.30
CA SER L 396 -62.70 32.09 -13.46
C SER L 396 -61.85 30.89 -13.05
N CYS L 397 -61.24 30.95 -11.87
CA CYS L 397 -60.49 29.80 -11.36
C CYS L 397 -61.43 28.67 -10.96
N GLU L 398 -62.59 29.01 -10.41
CA GLU L 398 -63.59 28.01 -10.05
C GLU L 398 -64.27 27.41 -11.29
N ARG L 399 -64.43 28.22 -12.34
CA ARG L 399 -65.17 27.77 -13.54
C ARG L 399 -64.39 26.73 -14.34
N ASP L 400 -63.06 26.75 -14.27
CA ASP L 400 -62.24 25.74 -14.96
C ASP L 400 -62.32 24.36 -14.32
N ALA L 401 -62.93 24.21 -13.15
CA ALA L 401 -63.21 22.90 -12.55
C ALA L 401 -64.33 22.14 -13.26
N GLN L 402 -65.02 22.77 -14.22
CA GLN L 402 -65.98 22.08 -15.08
C GLN L 402 -65.30 21.03 -15.94
N TYR L 403 -64.03 21.26 -16.31
CA TYR L 403 -63.24 20.34 -17.12
C TYR L 403 -62.62 19.20 -16.29
N ALA L 404 -62.99 19.04 -15.03
CA ALA L 404 -62.51 17.92 -14.24
C ALA L 404 -63.18 16.63 -14.71
N PRO L 405 -62.42 15.56 -14.96
CA PRO L 405 -63.02 14.30 -15.41
C PRO L 405 -63.88 13.64 -14.34
N GLY L 406 -65.04 13.16 -14.76
CA GLY L 406 -66.05 12.65 -13.87
C GLY L 406 -67.07 13.68 -13.43
N TYR L 407 -66.81 14.97 -13.68
CA TYR L 407 -67.66 16.06 -13.23
C TYR L 407 -68.02 17.00 -14.37
N ASP L 408 -67.99 16.50 -15.61
CA ASP L 408 -68.22 17.34 -16.79
C ASP L 408 -69.66 17.84 -16.88
N LYS L 409 -70.62 16.98 -16.57
CA LYS L 409 -72.03 17.30 -16.72
C LYS L 409 -72.75 17.55 -15.40
N VAL L 410 -72.00 17.70 -14.30
CA VAL L 410 -72.58 18.12 -13.03
C VAL L 410 -72.96 19.60 -13.14
N LYS L 411 -74.23 19.91 -12.86
CA LYS L 411 -74.78 21.21 -13.21
C LYS L 411 -74.29 22.32 -12.29
N ASP L 412 -74.33 22.09 -10.97
CA ASP L 412 -74.09 23.15 -9.99
C ASP L 412 -72.60 23.24 -9.69
N ILE L 413 -72.03 24.43 -9.90
CA ILE L 413 -70.62 24.64 -9.62
C ILE L 413 -70.37 24.89 -8.12
N SER L 414 -71.33 25.50 -7.42
CA SER L 414 -71.15 25.80 -5.99
C SER L 414 -71.26 24.56 -5.12
N GLU L 415 -71.86 23.47 -5.61
CA GLU L 415 -71.99 22.26 -4.83
C GLU L 415 -70.66 21.54 -4.68
N VAL L 416 -69.97 21.30 -5.80
CA VAL L 416 -68.71 20.56 -5.75
C VAL L 416 -67.56 21.44 -5.26
N VAL L 417 -67.64 22.74 -5.48
CA VAL L 417 -66.61 23.67 -5.05
C VAL L 417 -67.16 24.44 -3.86
N THR L 418 -66.76 24.01 -2.66
CA THR L 418 -67.20 24.60 -1.42
C THR L 418 -66.36 25.86 -1.15
N PRO L 419 -66.77 26.72 -0.20
CA PRO L 419 -65.88 27.83 0.21
C PRO L 419 -64.60 27.39 0.93
N ARG L 420 -64.43 26.12 1.27
CA ARG L 420 -63.19 25.60 1.84
C ARG L 420 -62.04 25.63 0.84
N PHE L 421 -62.34 25.53 -0.46
CA PHE L 421 -61.30 25.41 -1.46
C PHE L 421 -60.67 26.76 -1.80
N LEU L 422 -59.34 26.82 -1.76
CA LEU L 422 -58.56 27.92 -2.32
C LEU L 422 -57.99 27.47 -3.66
N CYS L 423 -58.00 28.38 -4.64
CA CYS L 423 -57.76 28.01 -6.03
C CYS L 423 -56.42 28.54 -6.51
N THR L 424 -55.56 27.64 -6.98
CA THR L 424 -54.32 27.97 -7.67
C THR L 424 -54.32 27.33 -9.05
N GLY L 425 -53.20 27.44 -9.75
CA GLY L 425 -53.07 26.92 -11.10
C GLY L 425 -53.42 27.94 -12.16
N GLY L 426 -53.17 27.56 -13.42
CA GLY L 426 -53.42 28.42 -14.55
C GLY L 426 -52.18 29.15 -15.02
N VAL L 427 -52.39 30.05 -15.98
CA VAL L 427 -51.31 30.84 -16.58
C VAL L 427 -51.47 32.34 -16.37
N SER L 428 -52.50 32.77 -15.65
CA SER L 428 -52.69 34.18 -15.35
C SER L 428 -52.71 34.39 -13.85
N PRO L 429 -51.87 35.28 -13.29
CA PRO L 429 -50.91 36.19 -13.93
C PRO L 429 -49.61 35.55 -14.42
N TYR L 430 -49.23 34.41 -13.84
CA TYR L 430 -48.06 33.67 -14.27
C TYR L 430 -48.38 32.19 -14.22
N ALA L 431 -47.56 31.39 -14.92
CA ALA L 431 -47.79 29.96 -15.03
C ALA L 431 -47.51 29.27 -13.70
N ASP L 432 -48.53 28.61 -13.15
CA ASP L 432 -48.44 27.93 -11.89
C ASP L 432 -48.38 26.43 -12.13
N PRO L 433 -47.37 25.73 -11.57
CA PRO L 433 -47.33 24.28 -11.73
C PRO L 433 -48.45 23.58 -10.98
N ASN L 434 -48.84 22.43 -11.52
CA ASN L 434 -49.91 21.62 -10.97
C ASN L 434 -49.31 20.41 -10.26
N THR L 435 -50.00 19.95 -9.22
CA THR L 435 -49.46 18.92 -8.35
C THR L 435 -49.51 17.55 -9.02
N CYS L 436 -48.52 16.73 -8.70
CA CYS L 436 -48.65 15.30 -8.92
C CYS L 436 -49.54 14.71 -7.84
N ARG L 437 -50.00 13.47 -8.05
CA ARG L 437 -50.86 12.86 -7.04
C ARG L 437 -50.07 12.40 -5.83
N GLY L 438 -48.75 12.23 -5.97
CA GLY L 438 -47.88 12.06 -4.82
C GLY L 438 -47.66 13.33 -4.03
N ASP L 439 -47.90 14.50 -4.64
CA ASP L 439 -47.75 15.78 -3.95
C ASP L 439 -48.93 16.12 -3.05
N ALA L 440 -49.98 15.30 -3.04
CA ALA L 440 -51.18 15.58 -2.26
C ALA L 440 -50.91 15.47 -0.77
N GLY L 441 -51.68 16.25 0.01
CA GLY L 441 -51.54 16.27 1.44
C GLY L 441 -50.59 17.33 1.97
N GLY L 442 -49.77 17.93 1.11
CA GLY L 442 -48.79 18.91 1.53
C GLY L 442 -49.40 20.24 1.95
N PRO L 443 -48.57 21.13 2.50
CA PRO L 443 -49.06 22.45 2.89
C PRO L 443 -48.99 23.46 1.75
N LEU L 444 -49.86 24.47 1.86
CA LEU L 444 -49.81 25.65 1.00
C LEU L 444 -49.16 26.77 1.80
N ILE L 445 -48.02 27.27 1.32
CA ILE L 445 -47.10 28.06 2.13
C ILE L 445 -47.03 29.48 1.59
N VAL L 446 -47.14 30.46 2.48
CA VAL L 446 -47.02 31.88 2.15
C VAL L 446 -45.87 32.48 2.96
N HIS L 447 -45.01 33.26 2.31
CA HIS L 447 -43.83 33.84 2.92
C HIS L 447 -44.06 35.31 3.28
N LYS L 448 -43.88 35.65 4.56
CA LYS L 448 -44.01 37.01 5.05
C LYS L 448 -43.00 37.25 6.16
N ARG L 449 -42.19 38.31 6.00
CA ARG L 449 -41.24 38.82 7.03
C ARG L 449 -40.20 37.78 7.44
N SER L 450 -39.53 37.19 6.45
CA SER L 450 -38.48 36.17 6.59
C SER L 450 -38.95 34.89 7.30
N ARG L 451 -40.26 34.67 7.38
CA ARG L 451 -40.85 33.49 8.00
C ARG L 451 -41.84 32.89 7.00
N PHE L 452 -42.31 31.69 7.31
CA PHE L 452 -43.16 30.94 6.38
C PHE L 452 -44.40 30.48 7.12
N ILE L 453 -45.57 30.79 6.55
CA ILE L 453 -46.87 30.53 7.17
C ILE L 453 -47.64 29.58 6.27
N GLN L 454 -48.32 28.60 6.88
CA GLN L 454 -49.24 27.73 6.14
C GLN L 454 -50.62 28.34 6.13
N VAL L 455 -51.22 28.44 4.95
CA VAL L 455 -52.60 28.88 4.80
C VAL L 455 -53.49 27.81 4.21
N GLY L 456 -52.94 26.69 3.74
CA GLY L 456 -53.77 25.67 3.15
C GLY L 456 -53.13 24.30 3.13
N VAL L 457 -53.94 23.32 2.73
CA VAL L 457 -53.53 21.92 2.60
C VAL L 457 -53.88 21.49 1.18
N ILE L 458 -52.93 20.83 0.50
CA ILE L 458 -53.11 20.40 -0.89
C ILE L 458 -54.20 19.33 -0.97
N SER L 459 -55.19 19.57 -1.83
CA SER L 459 -56.34 18.68 -1.97
C SER L 459 -56.34 17.95 -3.30
N TRP L 460 -56.87 18.60 -4.34
CA TRP L 460 -57.03 17.93 -5.63
C TRP L 460 -56.83 18.92 -6.76
N GLY L 461 -56.56 18.38 -7.95
CA GLY L 461 -56.38 19.17 -9.14
C GLY L 461 -57.37 18.77 -10.23
N VAL L 462 -57.64 19.72 -11.13
CA VAL L 462 -58.62 19.50 -12.19
C VAL L 462 -58.10 18.49 -13.21
N VAL L 463 -56.92 18.75 -13.78
CA VAL L 463 -56.32 17.87 -14.77
C VAL L 463 -55.09 17.24 -14.14
N ASP L 464 -55.00 15.92 -14.23
CA ASP L 464 -53.85 15.19 -13.68
C ASP L 464 -52.75 15.26 -14.74
N VAL L 465 -51.90 16.29 -14.62
CA VAL L 465 -50.78 16.51 -15.52
C VAL L 465 -49.63 15.52 -15.31
N CYS L 466 -49.70 14.71 -14.25
CA CYS L 466 -48.68 13.78 -13.83
C CYS L 466 -49.23 12.35 -13.87
N LYS L 467 -49.92 12.00 -14.95
CA LYS L 467 -50.61 10.71 -15.04
C LYS L 467 -49.62 9.56 -15.29
N ASN L 468 -48.62 9.80 -16.13
CA ASN L 468 -47.55 8.83 -16.44
C ASN L 468 -46.40 8.89 -15.43
N GLN L 469 -46.72 9.09 -14.13
CA GLN L 469 -45.84 9.28 -12.95
C GLN L 469 -44.73 10.33 -13.10
N LYS L 470 -44.81 11.16 -14.14
CA LYS L 470 -43.85 12.22 -14.47
C LYS L 470 -44.67 13.44 -14.84
N ARG L 471 -44.21 14.62 -14.44
CA ARG L 471 -44.83 15.88 -14.86
C ARG L 471 -44.21 16.42 -16.14
N GLN L 472 -43.75 15.55 -17.03
CA GLN L 472 -43.05 15.94 -18.24
C GLN L 472 -44.04 16.47 -19.27
N LYS L 473 -43.57 17.45 -20.08
CA LYS L 473 -44.21 18.06 -21.25
C LYS L 473 -45.39 18.95 -20.89
N GLN L 474 -45.75 19.85 -21.80
CA GLN L 474 -46.75 20.87 -21.52
C GLN L 474 -48.16 20.29 -21.53
N VAL L 475 -49.07 21.03 -20.91
CA VAL L 475 -50.44 20.61 -20.65
C VAL L 475 -51.36 21.76 -21.03
N PRO L 476 -52.69 21.58 -21.12
CA PRO L 476 -53.59 22.73 -21.27
C PRO L 476 -53.51 23.72 -20.12
N ALA L 477 -53.81 24.98 -20.44
CA ALA L 477 -53.59 26.10 -19.53
C ALA L 477 -54.70 26.26 -18.49
N HIS L 478 -55.85 25.61 -18.67
CA HIS L 478 -56.96 25.72 -17.75
C HIS L 478 -56.94 24.67 -16.64
N ALA L 479 -55.77 24.08 -16.36
CA ALA L 479 -55.62 23.09 -15.30
C ALA L 479 -55.40 23.82 -13.97
N ARG L 480 -56.35 23.71 -13.06
CA ARG L 480 -56.27 24.37 -11.77
C ARG L 480 -56.13 23.35 -10.64
N ASP L 481 -55.56 23.79 -9.52
CA ASP L 481 -55.43 22.99 -8.32
C ASP L 481 -56.18 23.66 -7.17
N PHE L 482 -56.75 22.84 -6.29
CA PHE L 482 -57.56 23.33 -5.18
C PHE L 482 -56.94 22.95 -3.83
N HIS L 483 -57.10 23.84 -2.85
CA HIS L 483 -56.49 23.69 -1.54
C HIS L 483 -57.46 24.08 -0.44
N ILE L 484 -57.46 23.32 0.66
CA ILE L 484 -58.41 23.52 1.75
C ILE L 484 -57.98 24.72 2.60
N ASN L 485 -58.85 25.72 2.70
CA ASN L 485 -58.55 26.91 3.50
C ASN L 485 -58.54 26.57 4.98
N LEU L 486 -57.50 27.03 5.69
CA LEU L 486 -57.35 26.73 7.11
C LEU L 486 -58.28 27.55 8.00
N PHE L 487 -58.72 28.73 7.53
CA PHE L 487 -59.62 29.58 8.30
C PHE L 487 -61.00 28.95 8.47
N GLN L 488 -61.41 28.09 7.55
CA GLN L 488 -62.72 27.44 7.66
C GLN L 488 -62.73 26.39 8.75
N VAL L 489 -61.63 25.66 8.92
CA VAL L 489 -61.54 24.57 9.88
C VAL L 489 -60.82 24.99 11.16
N LEU L 490 -60.69 26.30 11.39
CA LEU L 490 -60.04 26.80 12.60
C LEU L 490 -60.70 26.42 13.94
N PRO L 491 -62.05 26.38 14.10
CA PRO L 491 -62.58 25.84 15.38
C PRO L 491 -62.26 24.38 15.66
N TRP L 492 -62.17 23.52 14.62
CA TRP L 492 -61.79 22.14 14.87
C TRP L 492 -60.31 22.01 15.26
N LEU L 493 -59.44 22.79 14.61
CA LEU L 493 -58.02 22.76 14.94
C LEU L 493 -57.74 23.34 16.31
N LYS L 494 -58.40 24.45 16.66
CA LYS L 494 -58.24 25.04 17.99
C LYS L 494 -58.79 24.14 19.09
N GLU L 495 -59.87 23.38 18.80
CA GLU L 495 -60.40 22.43 19.78
C GLU L 495 -59.45 21.28 20.02
N LYS L 496 -58.85 20.75 18.95
CA LYS L 496 -57.97 19.60 19.10
C LYS L 496 -56.57 19.99 19.60
N LEU L 497 -56.02 21.10 19.13
CA LEU L 497 -54.63 21.44 19.40
C LEU L 497 -54.47 22.45 20.54
N GLN L 498 -55.52 22.72 21.33
CA GLN L 498 -55.32 23.53 22.52
C GLN L 498 -54.61 22.76 23.62
N ASP L 499 -54.63 21.43 23.57
CA ASP L 499 -53.87 20.61 24.51
C ASP L 499 -52.39 20.53 24.17
N GLU L 500 -51.99 20.96 22.97
CA GLU L 500 -50.60 20.99 22.57
C GLU L 500 -49.90 22.30 22.89
N ASP L 501 -50.65 23.31 23.37
CA ASP L 501 -50.17 24.63 23.79
C ASP L 501 -49.48 25.36 22.64
N LEU L 502 -50.30 25.74 21.66
CA LEU L 502 -49.85 26.51 20.52
C LEU L 502 -50.18 28.00 20.64
N GLY L 503 -50.91 28.39 21.68
CA GLY L 503 -51.23 29.79 21.92
C GLY L 503 -52.27 30.36 20.98
N PHE L 504 -53.43 29.70 20.88
CA PHE L 504 -54.51 30.19 20.04
C PHE L 504 -55.15 31.44 20.64
N LEU L 505 -55.52 32.38 19.77
CA LEU L 505 -56.15 33.61 20.19
C LEU L 505 -57.59 33.39 20.64
N THR M 3 -19.47 21.86 -36.78
CA THR M 3 -18.02 21.86 -36.59
C THR M 3 -17.52 20.45 -36.36
N SER M 4 -16.20 20.29 -36.36
CA SER M 4 -15.60 19.01 -36.01
C SER M 4 -15.79 18.77 -34.53
N LEU M 5 -16.22 17.55 -34.18
CA LEU M 5 -16.44 17.17 -32.80
C LEU M 5 -15.11 17.12 -32.04
N PRO M 6 -15.13 17.37 -30.72
CA PRO M 6 -13.88 17.39 -29.92
C PRO M 6 -13.13 16.05 -29.94
N THR M 7 -11.81 16.13 -29.99
CA THR M 7 -11.01 14.95 -30.19
C THR M 7 -10.57 14.37 -28.86
N SER M 8 -10.79 13.05 -28.70
CA SER M 8 -10.34 12.14 -27.64
C SER M 8 -10.29 12.71 -26.22
N ASN M 9 -9.10 13.14 -25.81
CA ASN M 9 -8.78 13.51 -24.44
C ASN M 9 -9.32 14.88 -24.06
N GLU M 10 -9.62 15.74 -25.05
CA GLU M 10 -10.05 17.11 -24.80
C GLU M 10 -11.40 17.17 -24.08
N TYR M 11 -12.34 16.29 -24.49
CA TYR M 11 -13.61 16.19 -23.78
C TYR M 11 -13.45 15.56 -22.40
N GLN M 12 -12.48 14.65 -22.25
CA GLN M 12 -12.32 13.95 -20.97
C GLN M 12 -11.68 14.86 -19.94
N ASN M 13 -10.68 15.65 -20.34
CA ASN M 13 -10.04 16.60 -19.44
C ASN M 13 -10.98 17.74 -19.08
N GLU M 14 -11.85 18.15 -20.01
CA GLU M 14 -12.84 19.18 -19.71
C GLU M 14 -13.87 18.67 -18.70
N LYS M 15 -14.26 17.39 -18.83
CA LYS M 15 -15.16 16.74 -17.87
C LYS M 15 -14.57 16.71 -16.46
N LEU M 16 -13.27 16.42 -16.36
CA LEU M 16 -12.59 16.44 -15.06
C LEU M 16 -12.48 17.85 -14.49
N ALA M 17 -12.28 18.85 -15.36
CA ALA M 17 -12.19 20.23 -14.90
C ALA M 17 -13.55 20.76 -14.42
N ASN M 18 -14.63 20.36 -15.09
CA ASN M 18 -15.98 20.77 -14.68
C ASN M 18 -16.36 20.16 -13.33
N GLU M 19 -15.93 18.93 -13.06
CA GLU M 19 -16.13 18.31 -11.76
C GLU M 19 -15.37 19.06 -10.66
N LEU M 20 -14.12 19.43 -10.94
CA LEU M 20 -13.31 20.16 -9.95
C LEU M 20 -13.81 21.59 -9.75
N LYS M 21 -14.31 22.23 -10.81
CA LYS M 21 -14.88 23.57 -10.71
C LYS M 21 -16.14 23.60 -9.85
N SER M 22 -16.93 22.53 -9.89
CA SER M 22 -18.18 22.46 -9.14
C SER M 22 -17.95 22.42 -7.63
N LEU M 23 -16.94 21.67 -7.17
CA LEU M 23 -16.64 21.61 -5.75
C LEU M 23 -16.01 22.89 -5.23
N LEU M 24 -15.23 23.59 -6.05
CA LEU M 24 -14.56 24.82 -5.64
C LEU M 24 -15.52 25.98 -5.45
N ASP M 25 -16.71 25.93 -6.07
CA ASP M 25 -17.70 26.98 -5.90
C ASP M 25 -18.25 27.00 -4.47
N GLU M 26 -18.38 25.83 -3.85
CA GLU M 26 -18.85 25.69 -2.49
C GLU M 26 -17.72 25.44 -1.49
N LEU M 27 -16.46 25.61 -1.92
CA LEU M 27 -15.33 25.47 -1.00
C LEU M 27 -15.36 26.54 0.08
N ASN M 28 -15.61 27.80 -0.32
CA ASN M 28 -15.75 28.91 0.61
C ASN M 28 -16.92 28.71 1.57
N VAL M 29 -17.97 28.02 1.12
CA VAL M 29 -19.08 27.65 2.00
C VAL M 29 -18.63 26.56 2.97
N ASN M 30 -17.89 25.57 2.46
CA ASN M 30 -17.46 24.44 3.28
C ASN M 30 -16.34 24.81 4.25
N GLU M 31 -15.36 25.61 3.80
CA GLU M 31 -14.34 26.17 4.67
C GLU M 31 -14.95 27.00 5.80
N LEU M 32 -16.02 27.73 5.47
CA LEU M 32 -16.82 28.40 6.49
C LEU M 32 -17.50 27.40 7.42
N ALA M 33 -18.13 26.36 6.85
CA ALA M 33 -18.96 25.41 7.60
C ALA M 33 -18.18 24.64 8.66
N THR M 34 -16.87 24.44 8.47
CA THR M 34 -15.99 23.91 9.50
C THR M 34 -15.69 24.89 10.62
N GLY M 35 -16.04 26.17 10.45
CA GLY M 35 -15.76 27.18 11.47
C GLY M 35 -16.50 26.92 12.77
N SER M 36 -17.71 26.40 12.69
CA SER M 36 -18.46 26.00 13.89
C SER M 36 -18.26 24.53 14.24
N LEU M 37 -17.33 23.85 13.56
CA LEU M 37 -17.01 22.45 13.82
C LEU M 37 -15.63 22.34 14.45
N ASN M 38 -15.25 21.09 14.76
CA ASN M 38 -14.00 20.78 15.44
C ASN M 38 -12.79 21.12 14.56
N THR M 39 -11.65 21.34 15.23
CA THR M 39 -10.42 21.78 14.59
C THR M 39 -9.81 20.77 13.62
N TYR M 40 -10.23 19.50 13.67
CA TYR M 40 -9.76 18.51 12.69
C TYR M 40 -10.28 18.83 11.29
N TYR M 41 -11.59 19.12 11.19
CA TYR M 41 -12.20 19.46 9.90
C TYR M 41 -11.59 20.73 9.32
N LYS M 42 -11.42 21.76 10.14
CA LYS M 42 -10.77 23.00 9.74
C LYS M 42 -9.30 22.78 9.34
N ARG M 43 -8.63 21.81 9.96
CA ARG M 43 -7.28 21.46 9.54
C ARG M 43 -7.29 20.74 8.20
N THR M 44 -8.26 19.84 7.99
CA THR M 44 -8.24 18.96 6.83
C THR M 44 -8.62 19.70 5.55
N ILE M 45 -9.62 20.58 5.63
CA ILE M 45 -10.18 21.17 4.41
C ILE M 45 -9.23 22.23 3.83
N LYS M 46 -8.54 23.00 4.68
CA LYS M 46 -7.59 24.00 4.18
C LYS M 46 -6.34 23.35 3.60
N ILE M 47 -5.97 22.17 4.10
CA ILE M 47 -4.93 21.39 3.44
C ILE M 47 -5.44 20.84 2.12
N SER M 48 -6.68 20.32 2.09
CA SER M 48 -7.26 19.77 0.87
C SER M 48 -7.69 20.84 -0.11
N GLY M 49 -7.96 22.06 0.34
CA GLY M 49 -8.45 23.10 -0.55
C GLY M 49 -7.43 23.60 -1.56
N GLN M 50 -6.18 23.79 -1.13
CA GLN M 50 -5.14 24.25 -2.04
C GLN M 50 -4.77 23.19 -3.08
N LYS M 51 -4.90 21.91 -2.71
CA LYS M 51 -4.64 20.83 -3.64
C LYS M 51 -5.60 20.89 -4.82
N ALA M 52 -6.87 21.22 -4.55
CA ALA M 52 -7.84 21.39 -5.63
C ALA M 52 -7.60 22.68 -6.41
N MET M 53 -7.25 23.77 -5.70
CA MET M 53 -7.02 25.07 -6.34
C MET M 53 -5.82 25.04 -7.30
N TYR M 54 -4.72 24.38 -6.90
CA TYR M 54 -3.58 24.28 -7.80
C TYR M 54 -3.87 23.35 -8.96
N ALA M 55 -4.61 22.27 -8.72
CA ALA M 55 -4.85 21.25 -9.75
C ALA M 55 -5.64 21.81 -10.93
N LEU M 56 -6.61 22.69 -10.65
CA LEU M 56 -7.42 23.28 -11.72
C LEU M 56 -6.58 24.21 -12.59
N LYS M 57 -5.77 25.07 -11.99
CA LYS M 57 -4.99 26.01 -12.80
C LYS M 57 -3.74 25.39 -13.42
N SER M 58 -3.19 24.33 -12.84
CA SER M 58 -2.05 23.66 -13.46
C SER M 58 -2.45 22.69 -14.56
N LYS M 59 -3.70 22.20 -14.52
CA LYS M 59 -4.30 21.24 -15.47
C LYS M 59 -3.53 19.92 -15.53
N ASP M 60 -2.87 19.55 -14.44
CA ASP M 60 -2.21 18.25 -14.35
C ASP M 60 -3.27 17.20 -14.06
N PHE M 61 -3.23 16.10 -14.84
CA PHE M 61 -4.25 15.06 -14.73
C PHE M 61 -4.15 14.29 -13.42
N LYS M 62 -2.92 14.04 -12.96
CA LYS M 62 -2.69 13.28 -11.73
C LYS M 62 -3.24 14.00 -10.50
N LYS M 63 -2.97 15.30 -10.39
CA LYS M 63 -3.42 16.07 -9.24
C LYS M 63 -4.92 16.33 -9.28
N MET M 64 -5.46 16.59 -10.49
CA MET M 64 -6.90 16.82 -10.64
C MET M 64 -7.72 15.58 -10.31
N SER M 65 -7.17 14.41 -10.57
CA SER M 65 -7.84 13.17 -10.16
C SER M 65 -7.84 13.03 -8.65
N GLU M 66 -6.66 13.17 -8.02
CA GLU M 66 -6.52 12.94 -6.58
C GLU M 66 -7.28 13.97 -5.76
N ALA M 67 -7.13 15.26 -6.09
CA ALA M 67 -7.79 16.33 -5.35
C ALA M 67 -9.31 16.30 -5.49
N LYS M 68 -9.83 15.75 -6.60
CA LYS M 68 -11.28 15.58 -6.74
C LYS M 68 -11.83 14.62 -5.70
N TYR M 69 -11.22 13.43 -5.58
CA TYR M 69 -11.69 12.46 -4.60
C TYR M 69 -11.27 12.83 -3.17
N GLN M 70 -10.19 13.58 -3.01
CA GLN M 70 -9.79 14.04 -1.67
C GLN M 70 -10.75 15.11 -1.15
N LEU M 71 -11.09 16.11 -1.97
CA LEU M 71 -12.02 17.15 -1.56
C LEU M 71 -13.45 16.60 -1.41
N GLN M 72 -13.78 15.54 -2.14
CA GLN M 72 -15.07 14.89 -1.94
C GLN M 72 -15.13 14.17 -0.59
N LYS M 73 -14.00 13.64 -0.12
CA LYS M 73 -13.96 12.88 1.13
C LYS M 73 -14.20 13.78 2.34
N ILE M 74 -13.53 14.93 2.38
CA ILE M 74 -13.73 15.88 3.48
C ILE M 74 -15.12 16.51 3.42
N TYR M 75 -15.69 16.66 2.21
CA TYR M 75 -17.05 17.16 2.05
C TYR M 75 -18.06 16.17 2.63
N ASN M 76 -17.83 14.87 2.47
CA ASN M 76 -18.67 13.86 3.10
C ASN M 76 -18.53 13.88 4.62
N GLU M 77 -17.31 14.15 5.11
CA GLU M 77 -17.08 14.23 6.55
C GLU M 77 -17.76 15.45 7.16
N ILE M 78 -17.79 16.58 6.44
CA ILE M 78 -18.47 17.79 6.91
C ILE M 78 -19.98 17.59 6.94
N ASP M 79 -20.53 16.96 5.88
CA ASP M 79 -21.96 16.68 5.80
C ASP M 79 -22.41 15.72 6.90
N GLU M 80 -21.62 14.69 7.19
CA GLU M 80 -21.91 13.82 8.33
C GLU M 80 -21.68 14.54 9.66
N ALA M 81 -20.76 15.50 9.72
CA ALA M 81 -20.58 16.29 10.93
C ALA M 81 -21.77 17.18 11.20
N LEU M 82 -22.28 17.87 10.17
CA LEU M 82 -23.39 18.80 10.33
C LEU M 82 -24.69 18.07 10.65
N LYS M 83 -24.86 16.85 10.14
CA LYS M 83 -26.03 16.07 10.51
C LYS M 83 -25.93 15.55 11.94
N SER M 84 -24.73 15.13 12.36
CA SER M 84 -24.56 14.61 13.72
C SER M 84 -24.52 15.71 14.77
N LYS M 85 -24.06 16.92 14.41
CA LYS M 85 -24.04 18.02 15.35
C LYS M 85 -25.43 18.60 15.56
N TYR M 86 -26.30 18.48 14.55
CA TYR M 86 -27.65 19.07 14.47
C TYR M 86 -27.55 20.59 14.63
N THR N 3 32.33 33.76 -9.10
CA THR N 3 30.90 33.87 -9.39
C THR N 3 30.07 33.50 -8.17
N SER N 4 28.76 33.74 -8.27
CA SER N 4 27.84 33.33 -7.22
C SER N 4 27.69 31.81 -7.23
N LEU N 5 27.75 31.22 -6.04
CA LEU N 5 27.58 29.78 -5.87
C LEU N 5 26.15 29.36 -6.25
N PRO N 6 25.96 28.11 -6.72
CA PRO N 6 24.61 27.65 -7.10
C PRO N 6 23.62 27.66 -5.93
N THR N 7 22.41 28.10 -6.22
CA THR N 7 21.40 28.33 -5.20
C THR N 7 20.50 27.11 -5.06
N SER N 8 20.32 26.69 -3.79
CA SER N 8 19.39 25.67 -3.27
C SER N 8 19.12 24.46 -4.16
N ASN N 9 18.02 24.52 -4.92
CA ASN N 9 17.50 23.37 -5.65
C ASN N 9 18.28 23.02 -6.91
N GLU N 10 19.04 23.98 -7.47
CA GLU N 10 19.78 23.74 -8.71
C GLU N 10 20.88 22.70 -8.51
N TYR N 11 21.57 22.75 -7.38
CA TYR N 11 22.56 21.73 -7.06
C TYR N 11 21.91 20.38 -6.76
N GLN N 12 20.72 20.39 -6.15
CA GLN N 12 20.07 19.13 -5.77
C GLN N 12 19.47 18.42 -6.98
N ASN N 13 18.85 19.19 -7.89
CA ASN N 13 18.28 18.60 -9.09
C ASN N 13 19.36 18.11 -10.06
N GLU N 14 20.49 18.81 -10.12
CA GLU N 14 21.59 18.37 -10.98
C GLU N 14 22.22 17.09 -10.46
N LYS N 15 22.35 16.96 -9.13
CA LYS N 15 22.82 15.73 -8.50
C LYS N 15 21.89 14.56 -8.80
N LEU N 16 20.58 14.79 -8.77
CA LEU N 16 19.61 13.76 -9.13
C LEU N 16 19.71 13.41 -10.62
N ALA N 17 19.98 14.40 -11.46
CA ALA N 17 20.16 14.14 -12.88
C ALA N 17 21.46 13.38 -13.15
N ASN N 18 22.53 13.70 -12.40
CA ASN N 18 23.79 12.98 -12.53
C ASN N 18 23.69 11.54 -12.07
N GLU N 19 22.90 11.29 -11.01
CA GLU N 19 22.64 9.93 -10.56
C GLU N 19 21.86 9.13 -11.60
N LEU N 20 20.86 9.76 -12.22
CA LEU N 20 20.07 9.08 -13.24
C LEU N 20 20.88 8.85 -14.52
N LYS N 21 21.77 9.79 -14.85
CA LYS N 21 22.63 9.67 -16.03
C LYS N 21 23.62 8.52 -15.90
N SER N 22 24.08 8.25 -14.67
CA SER N 22 25.04 7.16 -14.41
C SER N 22 24.40 5.80 -14.67
N LEU N 23 23.14 5.63 -14.27
CA LEU N 23 22.44 4.36 -14.52
C LEU N 23 22.08 4.19 -15.98
N LEU N 24 21.78 5.29 -16.68
CA LEU N 24 21.42 5.23 -18.10
C LEU N 24 22.61 4.88 -19.00
N ASP N 25 23.85 5.13 -18.54
CA ASP N 25 25.03 4.79 -19.33
C ASP N 25 25.18 3.27 -19.48
N GLU N 26 24.80 2.52 -18.45
CA GLU N 26 24.87 1.07 -18.48
C GLU N 26 23.51 0.42 -18.71
N LEU N 27 22.51 1.19 -19.13
CA LEU N 27 21.19 0.63 -19.43
C LEU N 27 21.26 -0.30 -20.63
N ASN N 28 21.96 0.13 -21.69
CA ASN N 28 22.19 -0.71 -22.87
C ASN N 28 22.99 -1.96 -22.55
N VAL N 29 23.88 -1.90 -21.56
CA VAL N 29 24.61 -3.08 -21.10
C VAL N 29 23.68 -4.01 -20.30
N ASN N 30 22.84 -3.43 -19.43
CA ASN N 30 21.98 -4.22 -18.56
C ASN N 30 20.80 -4.85 -19.31
N GLU N 31 20.17 -4.09 -20.21
CA GLU N 31 19.12 -4.61 -21.10
C GLU N 31 19.64 -5.75 -21.97
N LEU N 32 20.90 -5.63 -22.40
CA LEU N 32 21.58 -6.73 -23.09
C LEU N 32 21.74 -7.94 -22.17
N ALA N 33 22.19 -7.70 -20.93
CA ALA N 33 22.53 -8.76 -19.97
C ALA N 33 21.35 -9.65 -19.61
N THR N 34 20.12 -9.13 -19.72
CA THR N 34 18.89 -9.91 -19.60
C THR N 34 18.64 -10.80 -20.81
N GLY N 35 19.38 -10.61 -21.90
CA GLY N 35 19.16 -11.41 -23.11
C GLY N 35 19.44 -12.88 -22.94
N SER N 36 20.44 -13.22 -22.12
CA SER N 36 20.71 -14.61 -21.79
C SER N 36 20.02 -15.06 -20.52
N LEU N 37 19.14 -14.22 -19.96
CA LEU N 37 18.41 -14.53 -18.75
C LEU N 37 16.93 -14.74 -19.08
N ASN N 38 16.15 -15.05 -18.05
CA ASN N 38 14.72 -15.37 -18.17
C ASN N 38 13.92 -14.16 -18.66
N THR N 39 12.75 -14.44 -19.27
CA THR N 39 11.89 -13.43 -19.86
C THR N 39 11.30 -12.46 -18.85
N TYR N 40 11.34 -12.78 -17.55
CA TYR N 40 10.91 -11.85 -16.51
C TYR N 40 11.83 -10.63 -16.45
N TYR N 41 13.14 -10.85 -16.46
CA TYR N 41 14.12 -9.76 -16.43
C TYR N 41 14.01 -8.88 -17.67
N LYS N 42 13.92 -9.51 -18.85
CA LYS N 42 13.75 -8.81 -20.12
C LYS N 42 12.44 -8.02 -20.17
N ARG N 43 11.39 -8.52 -19.50
CA ARG N 43 10.15 -7.75 -19.40
C ARG N 43 10.31 -6.57 -18.44
N THR N 44 11.02 -6.77 -17.33
CA THR N 44 11.06 -5.77 -16.27
C THR N 44 11.92 -4.58 -16.65
N ILE N 45 13.08 -4.81 -17.28
CA ILE N 45 14.03 -3.73 -17.51
C ILE N 45 13.58 -2.82 -18.66
N LYS N 46 12.93 -3.39 -19.69
CA LYS N 46 12.44 -2.58 -20.80
C LYS N 46 11.26 -1.73 -20.38
N ILE N 47 10.48 -2.19 -19.40
CA ILE N 47 9.48 -1.35 -18.76
C ILE N 47 10.14 -0.29 -17.88
N SER N 48 11.15 -0.69 -17.08
CA SER N 48 11.80 0.23 -16.17
C SER N 48 12.76 1.20 -16.87
N GLY N 49 13.25 0.85 -18.06
CA GLY N 49 14.23 1.70 -18.74
C GLY N 49 13.65 3.01 -19.26
N GLN N 50 12.45 2.95 -19.85
CA GLN N 50 11.80 4.14 -20.39
C GLN N 50 11.39 5.13 -19.31
N LYS N 51 11.11 4.63 -18.11
CA LYS N 51 10.80 5.50 -16.97
C LYS N 51 11.98 6.41 -16.64
N ALA N 52 13.20 5.89 -16.72
CA ALA N 52 14.39 6.69 -16.47
C ALA N 52 14.71 7.62 -17.64
N MET N 53 14.55 7.12 -18.88
CA MET N 53 14.88 7.91 -20.08
C MET N 53 14.01 9.17 -20.21
N TYR N 54 12.72 9.04 -19.94
CA TYR N 54 11.84 10.21 -19.98
C TYR N 54 12.09 11.14 -18.81
N ALA N 55 12.43 10.60 -17.63
CA ALA N 55 12.58 11.41 -16.42
C ALA N 55 13.72 12.40 -16.55
N LEU N 56 14.82 11.99 -17.19
CA LEU N 56 15.99 12.86 -17.34
C LEU N 56 15.69 14.05 -18.26
N LYS N 57 15.05 13.80 -19.40
CA LYS N 57 14.80 14.91 -20.32
C LYS N 57 13.62 15.78 -19.88
N SER N 58 12.67 15.23 -19.12
CA SER N 58 11.55 16.05 -18.65
C SER N 58 11.92 16.87 -17.42
N LYS N 59 12.93 16.43 -16.66
CA LYS N 59 13.44 17.07 -15.44
C LYS N 59 12.38 17.20 -14.35
N ASP N 60 11.39 16.32 -14.34
CA ASP N 60 10.41 16.27 -13.28
C ASP N 60 11.04 15.58 -12.07
N PHE N 61 10.90 16.18 -10.89
CA PHE N 61 11.54 15.66 -9.70
C PHE N 61 10.93 14.34 -9.23
N LYS N 62 9.60 14.22 -9.33
CA LYS N 62 8.89 13.04 -8.86
C LYS N 62 9.28 11.79 -9.64
N LYS N 63 9.34 11.91 -10.96
CA LYS N 63 9.68 10.75 -11.80
C LYS N 63 11.16 10.42 -11.71
N MET N 64 12.03 11.43 -11.64
CA MET N 64 13.47 11.20 -11.53
C MET N 64 13.85 10.53 -10.21
N SER N 65 13.12 10.83 -9.14
CA SER N 65 13.34 10.15 -7.87
C SER N 65 12.92 8.69 -7.94
N GLU N 66 11.70 8.43 -8.43
CA GLU N 66 11.15 7.07 -8.46
C GLU N 66 11.91 6.16 -9.42
N ALA N 67 12.21 6.66 -10.63
CA ALA N 67 12.92 5.86 -11.64
C ALA N 67 14.35 5.54 -11.22
N LYS N 68 14.96 6.39 -10.40
CA LYS N 68 16.29 6.11 -9.87
C LYS N 68 16.29 4.87 -8.98
N TYR N 69 15.37 4.79 -8.02
CA TYR N 69 15.29 3.62 -7.15
C TYR N 69 14.65 2.42 -7.86
N GLN N 70 13.79 2.65 -8.85
CA GLN N 70 13.22 1.55 -9.61
C GLN N 70 14.26 0.89 -10.51
N LEU N 71 15.04 1.69 -11.23
CA LEU N 71 16.10 1.12 -12.08
C LEU N 71 17.24 0.55 -11.26
N GLN N 72 17.44 1.05 -10.02
CA GLN N 72 18.42 0.45 -9.13
C GLN N 72 17.98 -0.93 -8.67
N LYS N 73 16.67 -1.13 -8.48
CA LYS N 73 16.15 -2.39 -7.96
C LYS N 73 16.27 -3.53 -8.98
N ILE N 74 15.93 -3.26 -10.24
CA ILE N 74 16.07 -4.28 -11.29
C ILE N 74 17.55 -4.54 -11.58
N TYR N 75 18.41 -3.54 -11.42
CA TYR N 75 19.86 -3.74 -11.56
C TYR N 75 20.40 -4.67 -10.49
N ASN N 76 19.89 -4.55 -9.25
CA ASN N 76 20.27 -5.46 -8.19
C ASN N 76 19.75 -6.88 -8.45
N GLU N 77 18.55 -7.00 -9.03
CA GLU N 77 18.02 -8.31 -9.36
C GLU N 77 18.78 -8.95 -10.51
N ILE N 78 19.24 -8.15 -11.47
CA ILE N 78 20.08 -8.65 -12.57
C ILE N 78 21.45 -9.08 -12.04
N ASP N 79 22.03 -8.29 -11.13
CA ASP N 79 23.30 -8.65 -10.48
C ASP N 79 23.17 -9.94 -9.69
N GLU N 80 22.07 -10.13 -8.97
CA GLU N 80 21.83 -11.40 -8.29
C GLU N 80 21.52 -12.52 -9.28
N ALA N 81 20.91 -12.19 -10.44
CA ALA N 81 20.63 -13.21 -11.46
C ALA N 81 21.92 -13.75 -12.09
N LEU N 82 22.83 -12.86 -12.48
CA LEU N 82 24.06 -13.28 -13.13
C LEU N 82 25.00 -14.01 -12.18
N LYS N 83 24.96 -13.68 -10.88
CA LYS N 83 25.73 -14.42 -9.90
C LYS N 83 25.15 -15.81 -9.66
N SER N 84 23.82 -15.93 -9.62
CA SER N 84 23.21 -17.24 -9.41
C SER N 84 23.24 -18.11 -10.66
N LYS N 85 23.23 -17.52 -11.85
CA LYS N 85 23.30 -18.28 -13.09
C LYS N 85 24.72 -18.79 -13.35
N TYR N 86 25.73 -18.06 -12.85
CA TYR N 86 27.17 -18.27 -13.07
C TYR N 86 27.50 -18.23 -14.56
C1 FUC O . -5.90 128.80 -9.71
C2 FUC O . -5.44 129.72 -10.86
C3 FUC O . -6.54 129.81 -11.95
C4 FUC O . -7.89 130.27 -11.35
C5 FUC O . -8.28 129.33 -10.17
C6 FUC O . -9.47 129.86 -9.37
O2 FUC O . -4.20 129.34 -11.42
O3 FUC O . -6.14 130.75 -12.98
O4 FUC O . -7.79 131.60 -10.90
O5 FUC O . -7.18 129.14 -9.21
C2 BGC O . -6.61 128.97 -14.74
C3 BGC O . -7.13 128.76 -16.12
C4 BGC O . -8.35 129.56 -16.49
C5 BGC O . -8.17 131.05 -16.12
C6 BGC O . -9.47 131.77 -16.35
C1 BGC O . -6.52 130.44 -14.35
O2 BGC O . -5.29 128.38 -14.67
O3 BGC O . -7.43 127.35 -16.30
O4 BGC O . -8.56 129.47 -17.90
O5 BGC O . -7.79 131.18 -14.70
O6 BGC O . -9.34 133.09 -15.87
C1 FUC P . 36.45 92.98 12.75
C2 FUC P . 34.97 93.41 12.98
C3 FUC P . 34.18 93.57 11.64
C4 FUC P . 34.44 92.40 10.66
C5 FUC P . 35.95 92.18 10.48
C6 FUC P . 36.28 90.95 9.64
O2 FUC P . 34.88 94.58 13.77
O3 FUC P . 32.74 93.65 11.87
O4 FUC P . 33.84 91.21 11.16
O5 FUC P . 36.62 91.99 11.75
C2 BGC P . 30.75 95.08 11.62
C3 BGC P . 30.33 96.48 11.35
C4 BGC P . 30.81 97.49 12.35
C5 BGC P . 32.30 97.34 12.69
C6 BGC P . 32.57 98.03 13.99
C1 BGC P . 32.28 95.01 11.73
O2 BGC P . 30.29 94.23 10.56
O3 BGC P . 28.87 96.53 11.28
O4 BGC P . 30.59 98.79 11.82
O5 BGC P . 32.75 95.94 12.82
O6 BGC P . 33.84 97.66 14.45
C1 NAG Q . -8.47 85.53 10.08
C2 NAG Q . -7.11 86.29 10.23
C3 NAG Q . -7.18 87.37 11.32
C4 NAG Q . -8.38 88.30 11.15
C5 NAG Q . -9.67 87.48 10.97
C6 NAG Q . -10.88 88.33 10.64
C7 NAG Q . -5.73 84.56 11.44
C8 NAG Q . -4.45 83.78 11.35
N2 NAG Q . -5.96 85.40 10.41
O3 NAG Q . -5.98 88.13 11.31
O4 NAG Q . -8.51 89.09 12.34
O5 NAG Q . -9.55 86.51 9.92
O6 NAG Q . -10.55 89.58 10.05
O7 NAG Q . -6.49 84.42 12.39
C1 NAG Q . -8.47 90.56 12.44
C2 NAG Q . -7.40 91.40 11.59
C3 NAG Q . -7.66 92.95 11.63
C4 NAG Q . -9.14 93.31 11.58
C5 NAG Q . -9.89 92.50 12.62
C6 NAG Q . -11.36 92.84 12.69
C7 NAG Q . -5.09 91.14 12.81
C8 NAG Q . -5.55 91.65 14.17
N2 NAG Q . -5.99 91.04 11.77
O3 NAG Q . -6.96 93.58 10.55
O4 NAG Q . -9.29 94.70 11.85
O5 NAG Q . -9.79 91.12 12.26
O6 NAG Q . -11.79 93.58 11.56
O7 NAG Q . -3.94 90.76 12.65
C1 FUC Q . -10.77 89.60 8.62
C2 FUC Q . -11.17 91.02 8.15
C3 FUC Q . -11.46 91.02 6.63
C4 FUC Q . -12.50 89.95 6.26
C5 FUC Q . -12.02 88.58 6.77
C6 FUC Q . -13.06 87.46 6.58
O2 FUC Q . -10.16 91.98 8.47
O3 FUC Q . -11.98 92.29 6.22
O4 FUC Q . -13.75 90.27 6.85
O5 FUC Q . -11.71 88.61 8.19
C1 FUC R . 70.41 16.42 -157.14
C2 FUC R . 69.65 15.07 -157.14
C3 FUC R . 68.60 15.02 -158.29
C4 FUC R . 69.23 15.39 -159.66
C5 FUC R . 69.97 16.74 -159.55
C6 FUC R . 70.78 17.10 -160.78
O2 FUC R . 69.04 14.80 -155.88
O3 FUC R . 68.02 13.71 -158.38
O4 FUC R . 70.14 14.38 -160.06
O5 FUC R . 70.92 16.76 -158.42
C2 BGC R . 66.40 12.61 -159.82
C3 BGC R . 64.98 12.54 -160.29
C4 BGC R . 63.96 12.70 -159.21
C5 BGC R . 64.25 13.91 -158.31
C6 BGC R . 63.27 13.94 -157.17
C1 BGC R . 66.67 13.78 -158.88
O2 BGC R . 67.26 12.72 -160.97
O3 BGC R . 64.77 11.25 -160.93
O4 BGC R . 62.66 12.87 -159.81
O5 BGC R . 65.63 13.88 -157.79
O6 BGC R . 63.57 15.01 -156.32
C1 FUC S . 41.20 26.70 -118.28
C2 FUC S . 40.73 27.90 -119.16
C3 FUC S . 41.72 29.09 -119.08
C4 FUC S . 43.19 28.63 -119.34
C5 FUC S . 43.55 27.32 -118.58
C6 FUC S . 44.79 26.65 -119.13
O2 FUC S . 39.40 28.30 -118.86
O3 FUC S . 41.40 30.06 -120.08
O4 FUC S . 43.42 28.48 -120.74
O5 FUC S . 42.50 26.30 -118.61
C2 BGC S . 40.62 31.74 -118.35
C3 BGC S . 40.58 33.20 -118.03
C4 BGC S . 41.88 33.95 -118.22
C5 BGC S . 42.58 33.59 -119.53
C6 BGC S . 43.96 34.20 -119.54
C1 BGC S . 41.34 31.45 -119.67
O2 BGC S . 39.26 31.27 -118.44
O3 BGC S . 40.15 33.37 -116.65
O4 BGC S . 41.60 35.35 -118.22
O5 BGC S . 42.69 32.13 -119.70
O6 BGC S . 44.29 34.60 -120.85
C1 FUC T . -11.61 7.60 -98.90
C2 FUC T . -10.13 7.10 -98.98
C3 FUC T . -9.11 8.23 -98.62
C4 FUC T . -9.53 9.01 -97.35
C5 FUC T . -10.98 9.48 -97.45
C6 FUC T . -11.49 10.10 -96.16
O2 FUC T . -9.84 6.54 -100.26
O3 FUC T . -7.79 7.67 -98.40
O4 FUC T . -9.36 8.20 -96.19
O5 FUC T . -11.89 8.38 -97.75
C2 BGC T . -5.45 7.79 -99.17
C3 BGC T . -4.59 8.24 -100.32
C4 BGC T . -4.97 7.67 -101.66
C5 BGC T . -6.48 7.74 -101.92
C6 BGC T . -6.81 6.84 -103.08
C1 BGC T . -6.92 8.01 -99.50
O2 BGC T . -5.09 8.53 -97.99
O3 BGC T . -3.20 7.91 -100.03
O4 BGC T . -4.29 8.42 -102.66
O5 BGC T . -7.28 7.28 -100.77
O6 BGC T . -8.19 6.60 -103.10
C1 NAG U . 28.95 0.84 -80.14
C2 NAG U . 27.93 1.12 -81.28
C3 NAG U . 28.14 0.15 -82.46
C4 NAG U . 29.57 0.18 -82.98
C5 NAG U . 30.57 -0.04 -81.84
C6 NAG U . 32.01 0.20 -82.25
C7 NAG U . 25.83 0.15 -80.29
C8 NAG U . 24.41 0.50 -79.93
N2 NAG U . 26.54 1.15 -80.83
O3 NAG U . 27.23 0.46 -83.51
O4 NAG U . 29.73 -0.86 -83.94
O5 NAG U . 30.32 0.81 -80.70
O6 NAG U . 32.12 1.10 -83.35
O7 NAG U . 26.28 -0.97 -80.08
C1 NAG U . 30.10 -0.63 -85.34
C2 NAG U . 29.52 0.63 -86.10
C3 NAG U . 30.20 0.89 -87.48
C4 NAG U . 31.72 0.70 -87.43
C5 NAG U . 32.04 -0.66 -86.81
C6 NAG U . 33.52 -0.95 -86.75
C7 NAG U . 27.05 0.04 -86.74
C8 NAG U . 27.35 -1.24 -87.52
N2 NAG U . 28.05 0.75 -86.15
O3 NAG U . 29.88 2.20 -87.93
O4 NAG U . 32.26 0.76 -88.74
O5 NAG U . 31.55 -0.67 -85.46
O6 NAG U . 34.29 0.22 -86.96
O7 NAG U . 25.88 0.41 -86.61
C1 FUC U . 32.51 2.45 -82.95
C2 FUC U . 33.39 3.09 -84.06
C3 FUC U . 33.90 4.47 -83.59
C4 FUC U . 34.60 4.38 -82.22
C5 FUC U . 33.64 3.75 -81.20
C6 FUC U . 34.31 3.47 -79.85
O2 FUC U . 32.71 3.18 -85.30
O3 FUC U . 34.85 5.00 -84.53
O4 FUC U . 35.77 3.59 -82.34
O5 FUC U . 33.11 2.48 -81.66
C1 NAG V . -29.95 -23.14 49.47
C2 NAG V . -29.51 -23.72 48.11
C3 NAG V . -29.84 -22.73 46.98
C4 NAG V . -31.31 -22.34 47.01
C5 NAG V . -31.63 -21.74 48.39
C6 NAG V . -33.07 -21.34 48.56
C7 NAG V . -27.58 -25.16 48.60
C8 NAG V . -26.10 -25.27 48.56
N2 NAG V . -28.09 -24.01 48.13
O3 NAG V . -29.51 -23.31 45.72
O4 NAG V . -31.60 -21.39 45.98
O5 NAG V . -31.34 -22.73 49.40
O6 NAG V . -33.20 -19.93 48.48
O7 NAG V . -28.30 -26.05 49.04
C1 NAG V . -32.46 -21.99 44.96
C2 NAG V . -32.77 -20.98 43.84
C3 NAG V . -33.59 -21.64 42.72
C4 NAG V . -32.93 -22.93 42.24
C5 NAG V . -32.71 -23.85 43.44
C6 NAG V . -32.04 -25.15 43.08
C7 NAG V . -33.43 -18.61 43.84
C8 NAG V . -34.25 -17.55 44.52
N2 NAG V . -33.49 -19.83 44.38
O3 NAG V . -33.75 -20.75 41.62
O4 NAG V . -33.75 -23.58 41.29
O5 NAG V . -31.87 -23.19 44.39
O6 NAG V . -30.63 -24.98 43.03
O7 NAG V . -32.74 -18.37 42.85
C1 NAG W . 14.61 18.29 49.71
C2 NAG W . 14.99 17.53 51.01
C3 NAG W . 14.14 16.25 51.14
C4 NAG W . 14.30 15.34 49.92
C5 NAG W . 14.32 16.15 48.62
C6 NAG W . 13.51 15.55 47.49
C7 NAG W . 17.44 18.02 51.11
C8 NAG W . 18.80 17.38 51.07
N2 NAG W . 16.40 17.17 51.02
O3 NAG W . 12.77 16.62 51.31
O4 NAG W . 15.53 14.62 50.06
O5 NAG W . 13.77 17.45 48.87
O6 NAG W . 13.68 16.32 46.30
O7 NAG W . 17.30 19.24 51.23
C1 NAG W . 15.40 13.26 49.57
C2 NAG W . 16.60 12.97 48.67
C3 NAG W . 16.50 11.57 48.09
C4 NAG W . 16.30 10.53 49.19
C5 NAG W . 15.12 10.92 50.09
C6 NAG W . 14.94 10.00 51.28
C7 NAG W . 17.80 14.71 47.35
C8 NAG W . 19.00 14.49 48.23
N2 NAG W . 16.71 13.96 47.60
O3 NAG W . 17.69 11.26 47.35
O4 NAG W . 16.01 9.27 48.58
O5 NAG W . 15.31 12.25 50.61
O6 NAG W . 13.62 10.08 51.76
O7 NAG W . 17.81 15.52 46.43
C1 NAG X . 8.41 -57.11 22.28
C2 NAG X . 8.19 -55.73 22.95
C3 NAG X . 9.03 -54.65 22.28
C4 NAG X . 10.50 -55.07 22.21
C5 NAG X . 10.59 -56.39 21.45
C6 NAG X . 11.99 -56.93 21.31
C7 NAG X . 5.93 -55.70 23.88
C8 NAG X . 4.51 -55.26 23.67
N2 NAG X . 6.78 -55.38 22.92
O3 NAG X . 8.89 -53.43 22.98
O4 NAG X . 11.29 -54.06 21.57
O5 NAG X . 9.84 -57.38 22.17
O6 NAG X . 12.47 -56.75 19.98
O7 NAG X . 6.27 -56.32 24.89
C1 NAG X . 12.18 -53.42 22.53
C2 NAG X . 13.02 -52.34 21.82
C3 NAG X . 13.86 -51.56 22.84
C4 NAG X . 13.01 -51.05 24.00
C5 NAG X . 12.27 -52.23 24.63
C6 NAG X . 11.36 -51.83 25.76
C7 NAG X . 14.25 -52.28 19.71
C8 NAG X . 15.14 -53.05 18.77
N2 NAG X . 13.87 -52.93 20.81
O3 NAG X . 14.54 -50.46 22.22
O4 NAG X . 13.83 -50.42 24.98
O5 NAG X . 11.44 -52.83 23.63
O6 NAG X . 10.13 -51.31 25.27
O7 NAG X . 13.90 -51.12 19.47
C1 NAG Y . -21.18 -40.15 -28.14
C2 NAG Y . -22.09 -41.35 -27.74
C3 NAG Y . -21.68 -41.87 -26.36
C4 NAG Y . -21.79 -40.78 -25.30
C5 NAG Y . -21.18 -39.46 -25.82
C6 NAG Y . -20.27 -38.76 -24.83
C7 NAG Y . -24.23 -40.71 -28.84
C8 NAG Y . -25.65 -40.31 -28.58
N2 NAG Y . -23.49 -40.96 -27.74
O3 NAG Y . -20.36 -42.38 -26.41
O4 NAG Y . -23.17 -40.59 -25.00
O5 NAG Y . -20.40 -39.72 -26.99
O6 NAG Y . -20.11 -37.39 -25.19
O7 NAG Y . -23.78 -40.81 -29.98
C1 NAG Y . -23.35 -40.28 -23.60
C2 NAG Y . -24.32 -39.09 -23.49
C3 NAG Y . -24.51 -38.72 -22.02
C4 NAG Y . -24.96 -39.94 -21.21
C5 NAG Y . -23.99 -41.11 -21.42
C6 NAG Y . -24.46 -42.37 -20.73
C7 NAG Y . -24.55 -37.28 -25.16
C8 NAG Y . -25.97 -37.75 -25.40
N2 NAG Y . -23.84 -37.94 -24.25
O3 NAG Y . -25.49 -37.69 -21.91
O4 NAG Y . -24.97 -39.61 -19.82
O5 NAG Y . -23.87 -41.40 -22.82
O6 NAG Y . -23.41 -43.34 -20.70
O7 NAG Y . -24.09 -36.31 -25.77
C1 NAG Z . 26.33 5.52 -37.06
C2 NAG Z . 25.96 5.79 -35.56
C3 NAG Z . 26.98 6.70 -34.82
C4 NAG Z . 27.70 7.75 -35.68
C5 NAG Z . 27.98 7.29 -37.11
C6 NAG Z . 29.13 6.30 -37.22
C7 NAG Z . 23.90 7.26 -35.78
C8 NAG Z . 22.52 7.44 -35.25
N2 NAG Z . 24.58 6.21 -35.30
O3 NAG Z . 27.93 5.89 -34.16
O4 NAG Z . 26.98 8.97 -35.83
O5 NAG Z . 26.81 6.71 -37.67
O6 NAG Z . 30.15 6.57 -36.27
O7 NAG Z . 24.36 8.01 -36.65
C1 NAG Z . 26.38 9.57 -34.66
C2 NAG Z . 27.37 10.47 -33.86
C3 NAG Z . 26.71 11.76 -33.39
C4 NAG Z . 26.22 12.56 -34.59
C5 NAG Z . 25.24 11.75 -35.44
C6 NAG Z . 25.61 11.73 -36.90
C7 NAG Z . 27.93 9.13 -31.67
C8 NAG Z . 26.50 8.99 -31.16
N2 NAG Z . 28.19 9.79 -32.84
O3 NAG Z . 27.64 12.52 -32.62
O4 NAG Z . 25.57 13.76 -34.16
O5 NAG Z . 25.14 10.36 -35.00
O6 NAG Z . 24.52 11.34 -37.72
O7 NAG Z . 28.86 8.66 -31.02
C1 NAG AA . 24.62 -38.25 -38.40
C2 NAG AA . 24.73 -39.00 -37.02
C3 NAG AA . 23.40 -39.01 -36.22
C4 NAG AA . 22.14 -39.27 -37.04
C5 NAG AA . 22.41 -39.42 -38.53
C6 NAG AA . 21.17 -39.39 -39.39
C7 NAG AA . 26.53 -40.72 -36.82
C8 NAG AA . 27.42 -39.66 -36.22
N2 NAG AA . 25.28 -40.34 -37.16
O3 NAG AA . 23.27 -37.77 -35.51
O4 NAG AA . 21.35 -40.36 -36.56
O5 NAG AA . 23.22 -38.30 -38.90
O6 NAG AA . 21.07 -40.57 -40.17
O7 NAG AA . 26.91 -41.87 -36.99
C1 NAG AA . 22.06 -41.57 -36.16
C2 NAG AA . 21.38 -42.13 -34.92
C3 NAG AA . 22.12 -43.40 -34.46
C4 NAG AA . 22.23 -44.41 -35.60
C5 NAG AA . 22.84 -43.75 -36.85
C6 NAG AA . 22.84 -44.65 -38.06
C7 NAG AA . 20.23 -40.80 -33.16
C8 NAG AA . 18.94 -41.50 -33.55
N2 NAG AA . 21.33 -41.15 -33.84
O3 NAG AA . 21.41 -43.98 -33.36
O4 NAG AA . 23.06 -45.49 -35.21
O5 NAG AA . 22.10 -42.57 -37.20
O6 NAG AA . 21.75 -44.36 -38.93
O7 NAG AA . 20.26 -39.97 -32.26
C1 NAG BA . -14.66 44.26 -3.92
C2 NAG BA . -14.56 42.75 -4.34
C3 NAG BA . -15.44 42.38 -5.57
C4 NAG BA . -15.66 43.51 -6.60
C5 NAG BA . -15.74 44.90 -6.00
C6 NAG BA . -17.05 45.20 -5.29
C7 NAG BA . -12.20 42.61 -5.24
C8 NAG BA . -10.96 41.76 -5.20
N2 NAG BA . -13.22 42.19 -4.46
O3 NAG BA . -16.70 41.90 -5.10
O4 NAG BA . -14.62 43.60 -7.56
O5 NAG BA . -14.66 45.09 -5.07
O6 NAG BA . -18.13 44.55 -5.93
O7 NAG BA . -12.25 43.64 -5.92
C1 NAG BA . -14.17 42.38 -8.21
C2 NAG BA . -15.02 41.98 -9.44
C3 NAG BA . -14.15 41.47 -10.59
C4 NAG BA . -13.20 42.58 -11.03
C5 NAG BA . -12.31 43.04 -9.87
C6 NAG BA . -12.32 44.55 -9.69
C7 NAG BA . -16.44 39.89 -8.70
C8 NAG BA . -15.26 39.00 -8.29
N2 NAG BA . -16.21 41.15 -9.18
O3 NAG BA . -14.98 41.08 -11.68
O4 NAG BA . -12.37 42.13 -12.10
O5 NAG BA . -12.71 42.46 -8.60
O6 NAG BA . -11.25 45.00 -8.87
O7 NAG BA . -17.58 39.47 -8.59
C1 NAG CA . -24.87 40.29 38.56
C2 NAG CA . -25.46 38.89 38.98
C3 NAG CA . -24.37 37.79 39.17
C4 NAG CA . -23.08 38.26 39.87
C5 NAG CA . -23.07 39.74 40.19
C6 NAG CA . -21.71 40.26 40.59
C7 NAG CA . -27.65 39.02 40.17
C8 NAG CA . -28.33 38.90 38.83
N2 NAG CA . -26.31 39.00 40.16
O3 NAG CA . -24.04 37.22 37.90
O4 NAG CA . -22.75 37.47 41.03
O5 NAG CA . -23.45 40.41 38.98
O6 NAG CA . -21.77 40.83 41.90
O7 NAG CA . -28.29 39.13 41.20
C1 NAG CA . -23.84 37.17 41.94
C2 NAG CA . -23.64 35.75 42.46
C3 NAG CA . -24.77 35.38 43.44
C4 NAG CA . -24.88 36.42 44.54
C5 NAG CA . -24.99 37.83 43.96
C6 NAG CA . -24.95 38.91 45.03
C7 NAG CA . -22.60 33.89 41.18
C8 NAG CA . -21.49 33.86 42.20
N2 NAG CA . -23.58 34.79 41.36
O3 NAG CA . -24.52 34.09 43.98
O4 NAG CA . -26.04 36.15 45.32
O5 NAG CA . -23.91 38.09 43.06
O6 NAG CA . -23.67 39.52 45.12
O7 NAG CA . -22.61 33.12 40.22
C1 MAN DA . 6.09 104.19 -3.61
C2 MAN DA . 7.09 103.22 -3.00
C3 MAN DA . 6.56 102.69 -1.65
C4 MAN DA . 5.16 102.09 -1.76
C5 MAN DA . 4.17 103.01 -2.51
C6 MAN DA . 3.53 104.09 -1.65
O2 MAN DA . 8.26 103.90 -2.64
O3 MAN DA . 6.61 103.68 -0.65
O4 MAN DA . 5.32 100.92 -2.48
O5 MAN DA . 4.78 103.68 -3.68
O6 MAN DA . 2.58 104.80 -2.45
C1 MAN EA . 0.01 112.12 -3.31
C2 MAN EA . 1.04 111.44 -2.44
C3 MAN EA . 0.67 111.48 -0.95
C4 MAN EA . -0.76 111.02 -0.68
C5 MAN EA . -1.79 111.67 -1.64
C6 MAN EA . -2.19 113.08 -1.25
O2 MAN EA . 2.24 112.15 -2.51
O3 MAN EA . 0.94 112.73 -0.35
O4 MAN EA . -0.75 109.65 -0.87
O5 MAN EA . -1.31 111.66 -3.05
O6 MAN EA . -3.19 113.54 -2.16
C1 MAN FA . 5.44 87.55 0.93
C2 MAN FA . 6.41 88.56 1.56
C3 MAN FA . 5.82 89.99 1.56
C4 MAN FA . 4.35 90.06 2.06
C5 MAN FA . 3.46 88.97 1.41
C6 MAN FA . 3.02 89.29 -0.02
O2 MAN FA . 7.64 88.64 0.83
O3 MAN FA . 5.99 90.66 0.33
O4 MAN FA . 4.37 89.86 3.43
O5 MAN FA . 4.13 87.65 1.43
O6 MAN FA . 2.13 88.27 -0.47
C1 MAN GA . -0.78 83.03 -4.65
C2 MAN GA . 0.15 84.25 -4.82
C3 MAN GA . -0.33 85.22 -5.94
C4 MAN GA . -1.84 85.52 -5.89
C5 MAN GA . -2.69 84.24 -5.73
C6 MAN GA . -2.88 83.44 -7.04
O2 MAN GA . 1.46 83.87 -5.19
O3 MAN GA . 0.07 84.80 -7.23
O4 MAN GA . -2.06 86.33 -4.78
O5 MAN GA . -2.16 83.34 -4.68
O6 MAN GA . -4.13 82.77 -7.00
C1 MAN HA . -22.83 92.96 -17.08
C2 MAN HA . -23.72 91.77 -16.90
C3 MAN HA . -24.84 92.17 -15.94
C4 MAN HA . -25.65 93.41 -16.40
C5 MAN HA . -24.71 94.58 -16.86
C6 MAN HA . -24.26 95.48 -15.72
O2 MAN HA . -23.06 90.77 -16.13
O3 MAN HA . -24.35 92.38 -14.63
O4 MAN HA . -26.40 92.99 -17.47
O5 MAN HA . -23.46 94.15 -17.51
O6 MAN HA . -23.40 96.49 -16.25
C1 MAN IA . -11.47 108.53 -12.68
C2 MAN IA . -12.63 107.70 -12.11
C3 MAN IA . -13.22 108.31 -10.85
C4 MAN IA . -13.54 109.82 -10.99
C5 MAN IA . -12.36 110.62 -11.61
C6 MAN IA . -11.24 110.95 -10.62
O2 MAN IA . -12.17 106.41 -11.72
O3 MAN IA . -12.45 108.02 -9.68
O4 MAN IA . -14.64 109.91 -11.84
O5 MAN IA . -11.77 109.92 -12.78
O6 MAN IA . -10.37 111.92 -11.20
C1 MAN JA . -18.85 103.72 -14.72
C2 MAN JA . -19.86 102.68 -14.22
C3 MAN JA . -20.94 103.32 -13.33
C4 MAN JA . -21.57 104.57 -13.94
C5 MAN JA . -20.50 105.57 -14.46
C6 MAN JA . -19.86 106.44 -13.36
O2 MAN JA . -19.23 101.75 -13.40
O3 MAN JA . -20.47 103.56 -12.02
O4 MAN JA . -22.34 104.16 -15.01
O5 MAN JA . -19.42 104.90 -15.23
O6 MAN JA . -18.83 107.21 -13.95
C1 MAN KA . 50.78 125.28 18.34
C2 MAN KA . 51.11 126.78 18.45
C3 MAN KA . 52.18 127.22 17.44
C4 MAN KA . 51.91 126.72 16.01
C5 MAN KA . 51.55 125.21 15.97
C6 MAN KA . 52.77 124.28 16.06
O2 MAN KA . 51.67 127.10 19.70
O3 MAN KA . 53.50 126.93 17.88
O4 MAN KA . 50.83 127.45 15.53
O5 MAN KA . 50.58 124.82 17.02
O6 MAN KA . 52.35 122.93 15.82
C1 MAN LA . 53.03 117.32 17.17
C2 MAN LA . 53.63 118.61 17.75
C3 MAN LA . 55.07 118.85 17.24
C4 MAN LA . 55.20 118.73 15.72
C5 MAN LA . 54.49 117.46 15.15
C6 MAN LA . 55.29 116.18 15.27
O2 MAN LA . 53.74 118.54 19.16
O3 MAN LA . 56.01 118.02 17.91
O4 MAN LA . 54.60 119.87 15.18
O5 MAN LA . 53.18 117.22 15.76
O6 MAN LA . 54.54 115.12 14.67
C1 MAN MA . 22.51 18.99 -98.65
C2 MAN MA . 21.10 18.62 -98.27
C3 MAN MA . 21.04 17.20 -97.67
C4 MAN MA . 22.04 17.01 -96.51
C5 MAN MA . 23.47 17.50 -96.89
C6 MAN MA . 24.27 16.51 -97.73
O2 MAN MA . 20.31 18.54 -99.40
O3 MAN MA . 21.17 16.19 -98.67
O4 MAN MA . 21.57 17.79 -95.46
O5 MAN MA . 23.44 18.81 -97.60
O6 MAN MA . 25.50 17.10 -98.11
C1 MAN NA . 30.41 18.79 -105.46
C2 MAN NA . 29.37 17.75 -105.08
C3 MAN NA . 29.70 16.41 -105.74
C4 MAN NA . 31.13 15.93 -105.49
C5 MAN NA . 32.18 17.06 -105.75
C6 MAN NA . 32.54 17.25 -107.22
O2 MAN NA . 28.13 18.10 -105.63
O3 MAN NA . 29.38 16.41 -107.12
O4 MAN NA . 31.22 15.55 -104.16
O5 MAN NA . 31.74 18.37 -105.22
O6 MAN NA . 33.45 18.35 -107.33
C1 MAN OA . 58.87 35.11 -131.01
C2 MAN OA . 57.93 35.71 -129.99
C3 MAN OA . 58.27 37.21 -129.79
C4 MAN OA . 58.47 38.01 -131.11
C5 MAN OA . 59.27 37.20 -132.17
C6 MAN OA . 60.79 37.25 -131.95
O2 MAN OA . 58.14 35.10 -128.72
O3 MAN OA . 59.38 37.40 -128.94
O4 MAN OA . 57.23 38.35 -131.63
O5 MAN OA . 58.83 35.81 -132.22
O6 MAN OA . 61.42 36.46 -132.95
C1 MAN PA . 65.47 35.49 -136.91
C2 MAN PA . 65.47 36.15 -135.56
C3 MAN PA . 66.45 37.36 -135.56
C4 MAN PA . 66.28 38.31 -136.78
C5 MAN PA . 66.08 37.53 -138.10
C6 MAN PA . 67.40 37.10 -138.73
O2 MAN PA . 65.96 35.28 -134.57
O3 MAN PA . 67.82 36.94 -135.44
O4 MAN PA . 65.17 39.14 -136.56
O5 MAN PA . 65.18 36.38 -137.94
O6 MAN PA . 67.15 36.32 -139.89
C1 MAN QA . 69.74 31.66 -143.28
C2 MAN QA . 69.80 32.38 -141.95
C3 MAN QA . 71.28 32.56 -141.56
C4 MAN QA . 72.08 33.32 -142.64
C5 MAN QA . 71.82 32.78 -144.07
C6 MAN QA . 72.77 31.65 -144.48
O2 MAN QA . 69.24 31.58 -140.93
O3 MAN QA . 71.91 31.30 -141.28
O4 MAN QA . 71.73 34.69 -142.58
O5 MAN QA . 70.39 32.37 -144.29
O6 MAN QA . 72.46 31.21 -145.80
C1 MAN RA . 17.80 11.88 -83.81
C2 MAN RA . 17.01 11.63 -85.11
C3 MAN RA . 17.91 11.73 -86.37
C4 MAN RA . 19.23 10.94 -86.22
C5 MAN RA . 19.96 11.24 -84.89
C6 MAN RA . 20.72 12.58 -84.85
O2 MAN RA . 15.98 12.60 -85.30
O3 MAN RA . 18.14 13.08 -86.76
O4 MAN RA . 18.92 9.58 -86.25
O5 MAN RA . 19.04 11.19 -83.74
O6 MAN RA . 21.35 12.69 -83.60
C1 MAN SA . 23.51 15.07 -77.01
C2 MAN SA . 22.98 15.55 -78.37
C3 MAN SA . 23.88 16.65 -78.98
C4 MAN SA . 25.38 16.28 -78.96
C5 MAN SA . 25.84 15.78 -77.56
C6 MAN SA . 26.07 16.88 -76.53
O2 MAN SA . 21.69 16.14 -78.23
O3 MAN SA . 23.64 17.93 -78.42
O4 MAN SA . 25.60 15.26 -79.91
O5 MAN SA . 24.90 14.79 -77.00
O6 MAN SA . 26.97 16.38 -75.54
C1 MAN TA . 49.15 24.42 -78.20
C2 MAN TA . 49.32 24.06 -76.72
C3 MAN TA . 50.57 23.18 -76.54
C4 MAN TA . 51.83 23.80 -77.13
C5 MAN TA . 51.63 24.33 -78.58
C6 MAN TA . 51.75 23.25 -79.65
O2 MAN TA . 48.27 23.23 -76.30
O3 MAN TA . 50.37 21.87 -77.03
O4 MAN TA . 52.17 24.86 -76.31
O5 MAN TA . 50.32 24.99 -78.79
O6 MAN TA . 51.67 23.86 -80.93
C1 MAN UA . 41.70 24.80 -97.17
C2 MAN UA . 42.44 23.81 -96.25
C3 MAN UA . 42.98 22.58 -97.00
C4 MAN UA . 43.72 22.93 -98.30
C5 MAN UA . 42.91 23.92 -99.18
C6 MAN UA . 41.79 23.26 -99.98
O2 MAN UA . 41.57 23.31 -95.25
O3 MAN UA . 41.99 21.59 -97.21
O4 MAN UA . 44.93 23.55 -97.94
O5 MAN UA . 42.37 25.05 -98.40
O6 MAN UA . 41.12 24.26 -100.75
C1 MAN VA . 47.87 24.41 -90.31
C2 MAN VA . 48.46 23.53 -89.20
C3 MAN VA . 49.54 22.57 -89.72
C4 MAN VA . 50.58 23.25 -90.63
C5 MAN VA . 49.92 24.14 -91.72
C6 MAN VA . 49.36 23.34 -92.92
O2 MAN VA . 47.45 22.70 -88.65
O3 MAN VA . 48.98 21.41 -90.33
O4 MAN VA . 51.36 24.07 -89.81
O5 MAN VA . 48.84 24.99 -91.16
O6 MAN VA . 48.75 24.25 -93.82
C1 MAN WA . -17.88 13.79 -133.51
C2 MAN WA . -17.93 14.12 -135.01
C3 MAN WA . -18.62 15.47 -135.30
C4 MAN WA . -18.17 16.60 -134.37
C5 MAN WA . -18.14 16.19 -132.89
C6 MAN WA . -19.52 16.19 -132.22
O2 MAN WA . -18.71 13.18 -135.72
O3 MAN WA . -20.03 15.36 -135.36
O4 MAN WA . -16.89 16.93 -134.75
O5 MAN WA . -17.50 14.87 -132.69
O6 MAN WA . -19.39 15.86 -130.83
C1 MAN XA . -21.82 13.31 -126.64
C2 MAN XA . -21.90 13.23 -128.16
C3 MAN XA . -23.19 13.87 -128.68
C4 MAN XA . -23.40 15.30 -128.16
C5 MAN XA . -23.17 15.41 -126.62
C6 MAN XA . -24.38 15.01 -125.77
O2 MAN XA . -21.99 11.88 -128.56
O3 MAN XA . -24.33 13.06 -128.44
O4 MAN XA . -22.46 16.08 -128.80
O5 MAN XA . -22.01 14.62 -126.15
O6 MAN XA . -24.15 15.40 -124.42
MG MG YA . 20.66 -0.49 -48.06
MG MG ZA . -8.52 52.61 5.14
#